data_3GPT
#
_entry.id   3GPT
#
_cell.length_a   134.000
_cell.length_b   301.260
_cell.length_c   143.810
_cell.angle_alpha   90.00
_cell.angle_beta   112.56
_cell.angle_gamma   90.00
#
_symmetry.space_group_name_H-M   'P 1 21 1'
#
loop_
_entity.id
_entity.type
_entity.pdbx_description
1 polymer 'Proteasome component Y7'
2 polymer 'Proteasome component Y13'
3 polymer 'Proteasome component PRE6'
4 polymer 'Proteasome component PUP2'
5 polymer 'Proteasome component PRE5'
6 polymer 'Proteasome component C1'
7 polymer 'Proteasome component C7-alpha'
8 polymer 'Proteasome component PUP1'
9 polymer 'Proteasome component PUP3'
10 polymer 'Proteasome component C11'
11 polymer 'Proteasome component PRE2'
12 polymer 'Proteasome component C5'
13 polymer 'Proteasome component PRE4'
14 polymer 'Proteasome component PRE3'
15 non-polymer (2R,3S,4R)-2-[(S)-(1S)-cyclohex-2-en-1-yl(hydroxy)methyl]-4-(2-fluoroethyl)-3-hydroxy-3-methyl-5-oxopyrrolidine-2-carbaldehyde
16 water water
#
loop_
_entity_poly.entity_id
_entity_poly.type
_entity_poly.pdbx_seq_one_letter_code
_entity_poly.pdbx_strand_id
1 'polypeptide(L)'
;MTDRYSFSLTTFSPSGKLGQIDYALTAVKQGVTSLGIKATNGVVIATEKKSSSPLAMSETLSKVSLLTPDIGAVYSGMGP
DYRVLVDKSRKVAHTSYKRIYGEYPPTKLLVSEVAKIMQEATQSGGVRPFGVSLLIAGHDEFNGFSLYQVDPSGSYFPWK
ATAIGKGSVAAKTFLEKRWNDELELEDAIHIALLTLKESVEGEFNGDTIELAIIGDENPDLLGYTGIPTDKGPRFRKLTS
QEINDRLEAL
;
A,O
2 'polypeptide(L)'
;GSRRYDSRTTIFSPEGRLYQVEYALESISHAGTAIGIMASDGIVLAAERKVTSTLLEQDTSTEKLYKLNDKIAVAVAGLT
ADAEILINTARIHAQNYLKTYNEDIPVEILVRRLSDIKQGYTQHGGLRPFGVSFIYAGYDDRYGYQLYTSNPSGNYTGWK
AISVGANTSAAQTLLQMDYKDDMKVDDAIELALKTLSKTTDSSALTYDRLEFATIRKGANDGEVYQKIFKPQEIKDILVK
TGIT
;
B,P
3 'polypeptide(L)'
;GYDRALSIFSPDGHIFQVEYALEAVKRGTCAVGVKGKNCVVLGCERRSTLKLQDTRITPSKVSKIDSHVVLSFSGLNADS
RILIEKARVEAQSHRLTLEDPVTVEYLTRYVAGVQQRYTQSGGVRPFGVSTLIAGFDPRDDEPKLYQTEPSGIYSSWSAQ
TIGRNSKTVREFLEKNYDRKEPPATVEECVKLTVRSLLEVVQTGAKNIEITVVKPDSDIVALSSEEINQYVTQIEQEKQE
Q
;
C,Q
4 'polypeptide(L)'
;DRGVSTFSPEGRLFQVEYSLEAIKLGSTAIGIATKEGVVLGVEKRATSPLLESDSIEKIVEIDRHIGCAMSGLTADARSM
IEHARTAAVTHNLYYDEDINVESLTQSVCDLALRFGEGASGEERLMSRPFGVALLIAGHDADDGYQLFHAEPSGTFYRYN
AKAIGSGSEGAQAELLNEWHSSLTLKEAELLVLKILKQVMEEKLDENNAQLSCITKQDGFKIYDNEKTAELIKELKEKEA
AE
;
D,R
5 'polypeptide(L)'
;FRNNYDGDTVTFSPTGRLFQVEYALEAIKQGSVTVGLRSNTHAVLVALKRNADELSSYQKKIIKCDEHMGLSLAGLAPDA
RVLSNYLRQQCNYSSLVFNRKLAVERAGHLLCDKAQKNTQSYGGRPYGVGLLIIGYDKSGAHLLEFQPSGNVTELYGTAI
GARSQGAKTYLERTLDTFIKIDGNPDELIKAGVEAISQSLRDESLTVDNLSIAIVGKDTPFTIYDGEAVAKYI
;
E,S
6 'polypeptide(L)'
;GTGYDLSNSVFSPDGRNFQVEYAVKAVENGTTSIGIKCNDGVVFAVEKLITSKLLVPQKNVKIQVVDRHIGCVYSGLIPD
GRHLVNRGREEAASFKKLYKTPIPIPAFADRLGQYVQAHTLYNSVRPFGVSTIFGGVDKNGAHLYMLEPSGSYWGYKGAA
TGKGRQSAKAELEKLVDHHPEGLSAREAVKQAAKIIYLAHEDNKEKDFELEISWCSLSETNGLHKFVKGDLLQEAIDFAQ
KEIN
;
F,T
7 'polypeptide(L)'
;AGYDRHITIFSPEGRLYQVEYAFKATNQTNINSLAVRGKDCTVVISQKKVPDKLLDPTTVSYIFCISRTIGMVVNGPIPD
ARNAALRAKAEAAEFRYKYGYDMPCDVLAKRMANLSQIYTQRAYMRPLGVILTFVSVDEELGPSIYKTDPAGYYVGYKAT
ATGPKQQEITTNLENHFKKSKIDHINEESWEKVVEFAITHMIDALGTEFSKNDLEVGVATKDKFFTLSAENIEERLVAIA
EQD
;
G,U
8 'polypeptide(L)'
;TTIVGVKFNNGVVIAADTRSTQGPIVADKNCAKLHRISPKIWCAGAGTAADTEAVTQLIGSNIELHSLYTSREPRVVSAL
QMLKQHLFKYQGHIGAYLIVAGVDPTGSHLFSIHAHGSTDVGYYLSLGSGSLAAMAVLESHWKQDLTKEEAIKLASDAIQ
AGIWNDLGSGSNVDVCVMEIGKDAEYLRNYLTPNVREEKQKSYKFPRGTTAVLKESIVNICD
;
H,V
9 'polypeptide(L)'
;SDPSSINGGIVVAMTGKDCVAIACDLRLGSQSLGVSNKFEKIFHYGHVFLGITGLATDVTTLNEMFRYKTNLYKLKEERA
IEPETFTQLVSSSLYERRFGPYFVGPVVAGINSKSGKPFIAGFDLIGCIDEAKDFIVSGTASDQLFGMCESLYEPNLEPE
DLFETISQALLNAADRDALSGWGAVVYIIKKDEVVKRYLKMRQD
;
I,W
10 'polypeptide(L)'
;MDIILGIRVQDSVILASSKAVTRGISVLKDSDDKTRQLSPHTLMSFAGEAGDTVQFAEYIQANIQLYSIREDYELSPQAV
SSFVRQELAKSIRSRRPYQVNVLIGGYDKKKNKPELYQIDYLGTKVELPYGAHGYSGFYTFSLLDHHYRPDMTTEEGLDL
LKLCVQELEKRMPMDFKGVIVKIVDKDGIRQVDDFQAQ
;
J,X
11 'polypeptide(L)'
;TTTLAFRFQGGIIVAVDSRATAGNWVASQTVKKVIEINPFLLGTMAGGAADCQFWETWLGSQCRLHELREKERISVAAAS
KILSNLVYQYKGAGLSMGTMICGYTRKEGPTIYYVDSDGTRLKGDIFCVGSGQTFAYGVLDSNYKWDLSVEDALYLGKRS
ILAAAHRDAYSGGSVNLYHVTEDGWIYHGNHDVGELFWKVKEEEGSFNNVIG
;
K,Y
12 'polypeptide(L)'
;QFNPYGDNGGTILGIAGEDFAVLAGDTRNITDYSINSRYEPKVFDCGDNIVMSANGFAADGDALVKRFKNSVKWYHFDHN
DKKLSINSAARNIQHLLYGKRFFPYYVHTIIAGLDEDGKGAVYSFDPVGSYEREQCRAGGAAASLIMPFLDNQVNFKNQY
EPGTNGKVKKPLKYLSVEEVIKLVRDSFTSATERHIQVGDGLEILIVTKDGVRKEFYELKRD
;
L,Z
13 'polypeptide(L)'
;TQQPIVTGTSVISMKYDNGVIIAADNLGSYGSLLRFNGVERLIPVGDNTVVGISGDISDMQHIERLLKDLVTENAYDNPL
ADAEEALEPSYIFEYLATVMYQRRSKMNPLWNAIIVAGVQSNGDQFLRYVNLLGVTYSSPTLATGFGAHMANPLLRKVVD
RESDIPKTTVQVAEEAIVNAMRVLYYRDARSSRNFSLAIIDKNTGLTFKKNLQVENMKWDFAKDIKGYGTQKI
;
M,1
14 'polypeptide(L)'
;TSIMAVTFKDGVILGADSRTTTGAYIANRVTDKLTRVHDKIWCCRSGSAADTQAIADIVQYHLELYTSQYGTPSTETAAS
VFKELCYENKDNLTAGIIVAGYDDKNKGEVYTIPLGGSVHKLPYAIAGSGSTFIYGYCDKNFRENMSKEETVDFIKHSLS
QAIKWDGSSGGVIRMVVLTAAGVERLIFYPDEYEQL
;
N,2
#
loop_
_chem_comp.id
_chem_comp.type
_chem_comp.name
_chem_comp.formula
GPT non-polymer (2R,3S,4R)-2-[(S)-(1S)-cyclohex-2-en-1-yl(hydroxy)methyl]-4-(2-fluoroethyl)-3-hydroxy-3-methyl-5-oxopyrrolidine-2-carbaldehyde 'C15 H22 F N O4'
#
# COMPACT_ATOMS: atom_id res chain seq x y z
N MET A 1 25.07 -44.71 21.21
CA MET A 1 26.10 -43.64 21.22
C MET A 1 25.75 -42.65 22.34
N THR A 2 26.04 -41.37 22.09
CA THR A 2 25.77 -40.29 23.03
C THR A 2 26.54 -40.51 24.34
N ASP A 3 27.41 -39.56 24.65
CA ASP A 3 28.20 -39.64 25.88
C ASP A 3 27.21 -39.81 27.02
N ARG A 4 27.21 -40.98 27.64
CA ARG A 4 26.30 -41.22 28.75
C ARG A 4 27.03 -41.14 30.08
N TYR A 5 28.25 -40.62 30.02
CA TYR A 5 29.08 -40.45 31.21
C TYR A 5 28.87 -39.03 31.72
N SER A 6 27.70 -38.79 32.29
CA SER A 6 27.35 -37.47 32.82
C SER A 6 27.61 -37.31 34.31
N PHE A 7 28.33 -38.27 34.89
CA PHE A 7 28.68 -38.23 36.31
C PHE A 7 30.18 -38.02 36.44
N SER A 8 30.62 -37.49 37.60
CA SER A 8 32.03 -37.24 37.82
C SER A 8 32.89 -38.50 37.79
N LEU A 9 34.10 -38.36 37.28
CA LEU A 9 35.04 -39.49 37.25
C LEU A 9 36.07 -39.28 38.36
N THR A 10 36.06 -38.08 38.94
CA THR A 10 36.92 -37.70 40.06
C THR A 10 35.96 -37.48 41.23
N THR A 11 36.19 -38.16 42.33
CA THR A 11 35.32 -38.00 43.50
C THR A 11 36.15 -38.11 44.77
N PHE A 12 35.55 -37.75 45.91
CA PHE A 12 36.26 -37.81 47.19
C PHE A 12 36.33 -39.22 47.76
N SER A 13 37.50 -39.58 48.29
CA SER A 13 37.67 -40.89 48.91
C SER A 13 37.47 -40.65 50.41
N PRO A 14 37.21 -41.71 51.18
CA PRO A 14 36.99 -41.57 52.63
C PRO A 14 38.02 -40.72 53.36
N SER A 15 39.24 -40.64 52.82
CA SER A 15 40.29 -39.86 53.44
C SER A 15 40.25 -38.39 53.06
N GLY A 16 39.44 -38.05 52.06
CA GLY A 16 39.34 -36.68 51.61
C GLY A 16 40.19 -36.36 50.40
N LYS A 17 40.82 -37.39 49.85
CA LYS A 17 41.67 -37.22 48.67
C LYS A 17 40.84 -37.31 47.40
N LEU A 18 41.31 -36.66 46.35
CA LEU A 18 40.65 -36.72 45.07
C LEU A 18 41.66 -37.50 44.22
N GLY A 19 41.53 -38.82 44.27
CA GLY A 19 42.42 -39.73 43.55
C GLY A 19 42.92 -39.30 42.19
N GLN A 20 42.01 -39.02 41.27
CA GLN A 20 42.38 -38.65 39.92
C GLN A 20 43.30 -37.43 39.86
N ILE A 21 43.16 -36.51 40.80
CA ILE A 21 44.04 -35.33 40.83
C ILE A 21 45.43 -35.75 41.29
N ASP A 22 45.46 -36.62 42.30
CA ASP A 22 46.73 -37.12 42.83
C ASP A 22 47.49 -37.85 41.74
N TYR A 23 46.78 -38.75 41.06
CA TYR A 23 47.38 -39.52 39.99
C TYR A 23 47.86 -38.60 38.87
N ALA A 24 47.07 -37.59 38.54
CA ALA A 24 47.48 -36.66 37.50
C ALA A 24 48.80 -36.02 37.94
N LEU A 25 48.89 -35.64 39.21
CA LEU A 25 50.12 -35.03 39.74
C LEU A 25 51.27 -36.01 39.61
N THR A 26 50.99 -37.31 39.80
CA THR A 26 52.02 -38.34 39.68
C THR A 26 52.55 -38.35 38.24
N ALA A 27 51.65 -38.22 37.27
CA ALA A 27 52.05 -38.19 35.87
C ALA A 27 52.96 -36.99 35.64
N VAL A 28 52.64 -35.87 36.27
CA VAL A 28 53.45 -34.66 36.13
C VAL A 28 54.87 -34.91 36.65
N LYS A 29 54.98 -35.63 37.76
CA LYS A 29 56.26 -35.95 38.37
C LYS A 29 57.20 -36.74 37.45
N GLN A 30 56.62 -37.61 36.63
CA GLN A 30 57.41 -38.42 35.71
C GLN A 30 57.83 -37.57 34.53
N GLY A 31 57.18 -36.43 34.35
CA GLY A 31 57.50 -35.57 33.22
C GLY A 31 58.86 -34.90 33.28
N VAL A 32 59.35 -34.50 32.12
CA VAL A 32 60.64 -33.84 32.03
C VAL A 32 60.61 -32.52 32.80
N THR A 33 61.72 -32.21 33.46
CA THR A 33 61.82 -30.99 34.25
C THR A 33 61.67 -29.72 33.42
N SER A 34 60.97 -28.73 33.97
CA SER A 34 60.81 -27.43 33.33
C SER A 34 60.82 -26.41 34.48
N LEU A 35 61.25 -25.19 34.19
CA LEU A 35 61.34 -24.20 35.24
C LEU A 35 61.13 -22.77 34.76
N GLY A 36 61.03 -21.86 35.72
CA GLY A 36 60.85 -20.45 35.40
C GLY A 36 61.52 -19.56 36.44
N ILE A 37 62.11 -18.46 35.99
CA ILE A 37 62.75 -17.53 36.90
C ILE A 37 62.39 -16.12 36.52
N LYS A 38 61.99 -15.34 37.52
CA LYS A 38 61.61 -13.97 37.29
C LYS A 38 62.80 -13.05 37.61
N ALA A 39 63.12 -12.14 36.69
CA ALA A 39 64.19 -11.18 36.90
C ALA A 39 63.51 -9.83 37.11
N THR A 40 64.27 -8.76 37.26
CA THR A 40 63.67 -7.45 37.48
C THR A 40 63.12 -6.86 36.18
N ASN A 41 63.69 -7.26 35.07
CA ASN A 41 63.25 -6.74 33.79
C ASN A 41 62.92 -7.85 32.79
N GLY A 42 62.42 -8.98 33.29
CA GLY A 42 62.07 -10.07 32.41
C GLY A 42 61.78 -11.36 33.16
N VAL A 43 61.38 -12.39 32.41
CA VAL A 43 61.10 -13.69 33.00
C VAL A 43 61.60 -14.71 32.00
N VAL A 44 62.11 -15.83 32.50
CA VAL A 44 62.60 -16.86 31.62
C VAL A 44 61.96 -18.19 31.97
N ILE A 45 61.61 -18.97 30.95
CA ILE A 45 61.04 -20.28 31.16
C ILE A 45 61.83 -21.21 30.25
N ALA A 46 62.16 -22.38 30.77
CA ALA A 46 62.95 -23.33 30.00
C ALA A 46 62.62 -24.76 30.33
N THR A 47 62.99 -25.66 29.44
CA THR A 47 62.75 -27.08 29.63
C THR A 47 63.66 -27.83 28.69
N GLU A 48 63.73 -29.15 28.85
CA GLU A 48 64.56 -29.98 27.99
C GLU A 48 63.74 -30.56 26.86
N LYS A 49 64.30 -30.56 25.65
CA LYS A 49 63.61 -31.15 24.50
C LYS A 49 64.02 -32.61 24.41
N LYS A 50 63.35 -33.44 25.21
CA LYS A 50 63.59 -34.87 25.28
C LYS A 50 63.18 -35.60 23.99
N SER A 51 63.99 -35.45 22.94
CA SER A 51 63.70 -36.08 21.66
C SER A 51 63.47 -37.59 21.83
N SER A 52 62.29 -38.06 21.42
CA SER A 52 61.94 -39.47 21.57
C SER A 52 62.57 -40.41 20.55
N SER A 53 63.44 -39.87 19.69
CA SER A 53 64.14 -40.63 18.66
C SER A 53 65.01 -39.67 17.86
N PRO A 54 66.21 -40.11 17.47
CA PRO A 54 67.09 -39.24 16.69
C PRO A 54 66.56 -38.94 15.30
N LEU A 55 65.58 -39.73 14.85
CA LEU A 55 64.97 -39.52 13.53
C LEU A 55 63.91 -38.42 13.61
N ALA A 56 63.43 -38.17 14.83
CA ALA A 56 62.43 -37.14 15.04
C ALA A 56 63.09 -35.79 14.91
N MET A 57 62.36 -34.82 14.38
CA MET A 57 62.88 -33.47 14.24
C MET A 57 62.34 -32.67 15.43
N SER A 58 63.19 -32.54 16.45
CA SER A 58 62.83 -31.85 17.67
C SER A 58 62.27 -30.43 17.52
N GLU A 59 62.65 -29.72 16.45
CA GLU A 59 62.15 -28.36 16.25
C GLU A 59 60.64 -28.36 16.01
N THR A 60 60.16 -29.36 15.27
CA THR A 60 58.74 -29.48 14.96
C THR A 60 57.91 -29.78 16.20
N LEU A 61 58.49 -29.56 17.37
CA LEU A 61 57.79 -29.81 18.61
C LEU A 61 58.23 -28.80 19.65
N SER A 62 57.43 -27.75 19.84
CA SER A 62 57.76 -26.72 20.80
C SER A 62 57.06 -26.96 22.12
N LYS A 63 57.84 -27.09 23.18
CA LYS A 63 57.28 -27.28 24.51
C LYS A 63 56.99 -25.91 25.09
N VAL A 64 57.68 -24.89 24.57
CA VAL A 64 57.49 -23.51 25.02
C VAL A 64 56.58 -22.84 24.00
N SER A 65 55.38 -22.49 24.43
CA SER A 65 54.38 -21.88 23.53
C SER A 65 53.99 -20.44 23.85
N LEU A 66 53.81 -19.66 22.79
CA LEU A 66 53.37 -18.28 22.94
C LEU A 66 51.84 -18.31 23.07
N LEU A 67 51.30 -17.69 24.11
CA LEU A 67 49.85 -17.66 24.31
C LEU A 67 49.31 -16.31 23.80
N THR A 68 49.96 -15.22 24.20
CA THR A 68 49.61 -13.88 23.74
C THR A 68 50.98 -13.29 23.43
N PRO A 69 51.02 -12.13 22.77
CA PRO A 69 52.36 -11.59 22.49
C PRO A 69 53.20 -11.20 23.72
N ASP A 70 52.63 -11.25 24.92
CA ASP A 70 53.38 -10.91 26.14
C ASP A 70 53.27 -12.05 27.15
N ILE A 71 52.82 -13.23 26.71
CA ILE A 71 52.69 -14.36 27.62
C ILE A 71 53.07 -15.68 26.94
N GLY A 72 53.83 -16.50 27.65
CA GLY A 72 54.26 -17.79 27.12
C GLY A 72 54.07 -18.84 28.17
N ALA A 73 54.05 -20.11 27.74
CA ALA A 73 53.87 -21.21 28.65
C ALA A 73 54.82 -22.37 28.38
N VAL A 74 55.03 -23.18 29.41
CA VAL A 74 55.86 -24.36 29.32
C VAL A 74 55.18 -25.35 30.27
N TYR A 75 55.59 -26.61 30.24
CA TYR A 75 54.93 -27.59 31.10
C TYR A 75 55.78 -28.81 31.44
N SER A 76 55.14 -29.73 32.15
CA SER A 76 55.71 -31.00 32.56
C SER A 76 54.54 -31.95 32.74
N GLY A 77 54.65 -33.12 32.13
CA GLY A 77 53.59 -34.09 32.21
C GLY A 77 53.25 -34.61 30.83
N MET A 78 51.96 -34.71 30.54
CA MET A 78 51.50 -35.21 29.25
C MET A 78 51.42 -34.17 28.14
N GLY A 79 52.38 -34.22 27.23
CA GLY A 79 52.43 -33.29 26.12
C GLY A 79 51.13 -33.13 25.36
N PRO A 80 50.44 -34.21 24.99
CA PRO A 80 49.17 -34.05 24.25
C PRO A 80 48.17 -33.18 25.01
N ASP A 81 48.06 -33.40 26.33
CA ASP A 81 47.14 -32.62 27.17
C ASP A 81 47.56 -31.14 27.14
N TYR A 82 48.86 -30.89 27.15
CA TYR A 82 49.37 -29.52 27.11
C TYR A 82 49.03 -28.87 25.78
N ARG A 83 49.23 -29.61 24.70
CA ARG A 83 48.96 -29.08 23.37
C ARG A 83 47.53 -28.57 23.24
N VAL A 84 46.54 -29.37 23.68
CA VAL A 84 45.16 -28.91 23.56
C VAL A 84 44.92 -27.76 24.52
N LEU A 85 45.57 -27.78 25.68
CA LEU A 85 45.41 -26.69 26.65
C LEU A 85 45.90 -25.36 26.07
N VAL A 86 46.95 -25.44 25.25
CA VAL A 86 47.49 -24.24 24.62
C VAL A 86 46.50 -23.71 23.58
N ASP A 87 45.90 -24.62 22.81
CA ASP A 87 44.94 -24.20 21.81
C ASP A 87 43.78 -23.48 22.50
N LYS A 88 43.32 -24.05 23.63
CA LYS A 88 42.23 -23.46 24.37
C LYS A 88 42.61 -22.16 25.03
N SER A 89 43.85 -22.06 25.51
CA SER A 89 44.28 -20.83 26.18
C SER A 89 44.41 -19.69 25.19
N ARG A 90 44.93 -19.99 24.00
CA ARG A 90 45.06 -18.96 22.98
C ARG A 90 43.68 -18.46 22.58
N LYS A 91 42.71 -19.37 22.54
CA LYS A 91 41.37 -18.98 22.14
C LYS A 91 40.61 -18.19 23.18
N VAL A 92 40.72 -18.58 24.45
CA VAL A 92 40.00 -17.88 25.50
C VAL A 92 40.54 -16.46 25.69
N ALA A 93 41.82 -16.28 25.39
CA ALA A 93 42.43 -14.97 25.53
C ALA A 93 41.71 -14.01 24.60
N HIS A 94 41.18 -14.56 23.52
CA HIS A 94 40.45 -13.75 22.53
C HIS A 94 38.97 -13.64 22.89
N THR A 95 38.28 -14.78 22.88
CA THR A 95 36.86 -14.80 23.17
C THR A 95 36.45 -14.18 24.48
N SER A 96 37.26 -14.35 25.51
CA SER A 96 36.90 -13.80 26.81
C SER A 96 37.62 -12.54 27.22
N TYR A 97 38.38 -11.94 26.32
CA TYR A 97 39.09 -10.73 26.68
C TYR A 97 39.38 -9.78 25.52
N LYS A 98 40.17 -10.22 24.55
CA LYS A 98 40.49 -9.33 23.46
C LYS A 98 39.26 -8.88 22.67
N ARG A 99 38.30 -9.78 22.46
CA ARG A 99 37.09 -9.41 21.72
C ARG A 99 36.17 -8.51 22.54
N ILE A 100 36.42 -8.42 23.83
CA ILE A 100 35.59 -7.58 24.70
C ILE A 100 36.24 -6.23 24.95
N TYR A 101 37.51 -6.24 25.36
CA TYR A 101 38.24 -5.02 25.69
C TYR A 101 39.22 -4.53 24.65
N GLY A 102 39.41 -5.27 23.57
CA GLY A 102 40.34 -4.81 22.55
C GLY A 102 41.80 -4.78 22.95
N GLU A 103 42.14 -5.55 23.98
CA GLU A 103 43.52 -5.63 24.42
C GLU A 103 43.71 -7.04 24.96
N TYR A 104 44.95 -7.51 25.02
CA TYR A 104 45.22 -8.85 25.51
C TYR A 104 45.06 -8.91 27.02
N PRO A 105 44.66 -10.07 27.54
CA PRO A 105 44.47 -10.20 28.98
C PRO A 105 45.76 -10.10 29.77
N PRO A 106 45.68 -9.68 31.03
CA PRO A 106 46.88 -9.58 31.86
C PRO A 106 47.19 -11.01 32.31
N THR A 107 48.47 -11.32 32.52
CA THR A 107 48.89 -12.67 32.90
C THR A 107 48.04 -13.41 33.94
N LYS A 108 47.71 -12.73 35.04
CA LYS A 108 46.92 -13.37 36.08
C LYS A 108 45.54 -13.82 35.62
N LEU A 109 44.88 -13.02 34.78
CA LEU A 109 43.55 -13.38 34.32
C LEU A 109 43.54 -14.54 33.33
N LEU A 110 44.48 -14.54 32.39
CA LEU A 110 44.55 -15.64 31.43
C LEU A 110 44.86 -16.91 32.22
N VAL A 111 45.75 -16.78 33.22
CA VAL A 111 46.11 -17.93 34.05
C VAL A 111 44.84 -18.44 34.72
N SER A 112 44.01 -17.49 35.15
CA SER A 112 42.75 -17.80 35.80
C SER A 112 41.79 -18.56 34.86
N GLU A 113 41.83 -18.20 33.58
CA GLU A 113 41.00 -18.86 32.59
C GLU A 113 41.47 -20.29 32.41
N VAL A 114 42.78 -20.45 32.19
CA VAL A 114 43.37 -21.77 32.00
C VAL A 114 43.02 -22.66 33.18
N ALA A 115 43.24 -22.11 34.38
CA ALA A 115 42.98 -22.80 35.63
C ALA A 115 41.54 -23.29 35.71
N LYS A 116 40.60 -22.46 35.27
CA LYS A 116 39.20 -22.82 35.30
C LYS A 116 38.98 -24.03 34.40
N ILE A 117 39.52 -23.97 33.20
CA ILE A 117 39.41 -25.07 32.25
C ILE A 117 39.89 -26.37 32.89
N MET A 118 40.99 -26.28 33.63
CA MET A 118 41.55 -27.44 34.28
C MET A 118 40.68 -27.90 35.45
N GLN A 119 40.15 -26.95 36.20
CA GLN A 119 39.30 -27.29 37.34
C GLN A 119 38.09 -28.07 36.85
N GLU A 120 37.51 -27.63 35.74
CA GLU A 120 36.34 -28.30 35.20
C GLU A 120 36.56 -29.76 34.83
N ALA A 121 37.78 -30.11 34.42
CA ALA A 121 38.08 -31.50 34.05
C ALA A 121 38.22 -32.35 35.32
N THR A 122 38.06 -31.69 36.44
CA THR A 122 38.16 -32.31 37.76
C THR A 122 36.77 -32.59 38.34
N GLN A 123 35.75 -32.02 37.71
CA GLN A 123 34.39 -32.16 38.21
C GLN A 123 33.32 -32.47 37.14
N SER A 124 33.47 -31.92 35.93
CA SER A 124 32.51 -32.19 34.86
C SER A 124 32.32 -33.68 34.65
N GLY A 125 31.20 -34.04 34.05
CA GLY A 125 30.94 -35.44 33.82
C GLY A 125 31.75 -36.09 32.72
N GLY A 126 32.12 -37.36 32.95
CA GLY A 126 32.84 -38.14 31.96
C GLY A 126 34.25 -37.78 31.53
N VAL A 127 34.98 -37.00 32.30
CA VAL A 127 36.35 -36.66 31.93
C VAL A 127 37.33 -36.96 33.04
N ARG A 128 38.62 -36.91 32.71
CA ARG A 128 39.69 -37.13 33.68
C ARG A 128 40.42 -35.81 33.76
N PRO A 129 41.14 -35.54 34.86
CA PRO A 129 41.85 -34.26 34.94
C PRO A 129 42.97 -34.22 33.92
N PHE A 130 43.50 -33.03 33.64
CA PHE A 130 44.61 -32.90 32.72
C PHE A 130 45.86 -33.38 33.46
N GLY A 131 46.68 -34.19 32.80
CA GLY A 131 47.89 -34.68 33.42
C GLY A 131 49.07 -33.75 33.20
N VAL A 132 48.90 -32.48 33.52
CA VAL A 132 50.01 -31.54 33.34
C VAL A 132 50.03 -30.42 34.37
N SER A 133 51.20 -29.80 34.48
CA SER A 133 51.40 -28.64 35.35
C SER A 133 52.00 -27.64 34.39
N LEU A 134 51.51 -26.42 34.41
CA LEU A 134 52.05 -25.42 33.51
C LEU A 134 52.74 -24.32 34.31
N LEU A 135 53.61 -23.59 33.62
CA LEU A 135 54.31 -22.46 34.18
C LEU A 135 54.08 -21.41 33.11
N ILE A 136 53.35 -20.36 33.47
CA ILE A 136 53.04 -19.28 32.55
C ILE A 136 53.79 -18.04 32.97
N ALA A 137 54.49 -17.45 32.01
CA ALA A 137 55.25 -16.24 32.29
C ALA A 137 54.74 -15.17 31.36
N GLY A 138 54.50 -13.98 31.90
CA GLY A 138 54.01 -12.90 31.09
C GLY A 138 54.27 -11.52 31.63
N HIS A 139 53.75 -10.53 30.92
CA HIS A 139 53.88 -9.15 31.31
C HIS A 139 52.68 -8.33 30.85
N ASP A 140 52.25 -7.42 31.72
CA ASP A 140 51.14 -6.53 31.38
C ASP A 140 51.41 -5.22 32.09
N GLU A 141 51.02 -4.13 31.44
CA GLU A 141 51.25 -2.78 31.93
C GLU A 141 51.03 -2.50 33.42
N PHE A 142 49.93 -2.96 33.99
CA PHE A 142 49.67 -2.66 35.39
C PHE A 142 50.17 -3.68 36.41
N ASN A 143 50.70 -4.81 35.96
CA ASN A 143 51.19 -5.84 36.88
C ASN A 143 52.67 -6.14 36.68
N GLY A 144 53.25 -5.62 35.61
CA GLY A 144 54.65 -5.87 35.34
C GLY A 144 54.88 -7.31 34.92
N PHE A 145 56.02 -7.86 35.32
CA PHE A 145 56.33 -9.25 34.98
C PHE A 145 55.79 -10.19 36.03
N SER A 146 55.39 -11.38 35.61
CA SER A 146 54.89 -12.36 36.55
C SER A 146 55.15 -13.79 36.07
N LEU A 147 55.09 -14.73 37.01
CA LEU A 147 55.31 -16.14 36.74
C LEU A 147 54.30 -16.94 37.55
N TYR A 148 53.58 -17.85 36.90
CA TYR A 148 52.58 -18.64 37.61
C TYR A 148 52.69 -20.13 37.33
N GLN A 149 52.21 -20.92 38.28
CA GLN A 149 52.18 -22.37 38.14
C GLN A 149 50.71 -22.78 38.23
N VAL A 150 50.28 -23.66 37.34
CA VAL A 150 48.90 -24.14 37.35
C VAL A 150 48.96 -25.66 37.42
N ASP A 151 48.34 -26.24 38.45
CA ASP A 151 48.35 -27.68 38.64
C ASP A 151 47.06 -28.33 38.14
N PRO A 152 47.07 -29.67 38.00
CA PRO A 152 45.93 -30.46 37.52
C PRO A 152 44.61 -30.16 38.23
N SER A 153 44.67 -29.68 39.47
CA SER A 153 43.46 -29.39 40.23
C SER A 153 42.86 -28.06 39.76
N GLY A 154 43.68 -27.24 39.13
CA GLY A 154 43.23 -25.95 38.67
C GLY A 154 43.78 -24.85 39.57
N SER A 155 44.46 -25.26 40.64
CA SER A 155 45.05 -24.30 41.55
C SER A 155 46.27 -23.68 40.90
N TYR A 156 46.52 -22.41 41.20
CA TYR A 156 47.68 -21.75 40.63
C TYR A 156 48.28 -20.82 41.67
N PHE A 157 49.58 -20.56 41.55
CA PHE A 157 50.27 -19.69 42.50
C PHE A 157 51.40 -18.93 41.80
N PRO A 158 51.68 -17.70 42.26
CA PRO A 158 52.73 -16.88 41.67
C PRO A 158 54.08 -17.25 42.28
N TRP A 159 55.12 -17.22 41.46
CA TRP A 159 56.48 -17.55 41.91
C TRP A 159 57.53 -16.52 41.53
N LYS A 160 58.63 -16.55 42.26
CA LYS A 160 59.76 -15.68 41.99
C LYS A 160 60.60 -16.56 41.07
N ALA A 161 60.54 -17.86 41.36
CA ALA A 161 61.25 -18.88 40.60
C ALA A 161 60.76 -20.24 41.07
N THR A 162 60.76 -21.22 40.18
CA THR A 162 60.33 -22.56 40.56
C THR A 162 60.56 -23.58 39.45
N ALA A 163 60.37 -24.86 39.77
CA ALA A 163 60.56 -25.92 38.80
C ALA A 163 59.51 -26.99 39.03
N ILE A 164 59.20 -27.76 38.00
CA ILE A 164 58.22 -28.82 38.08
C ILE A 164 58.73 -30.04 37.32
N GLY A 165 58.12 -31.18 37.55
CA GLY A 165 58.53 -32.40 36.88
C GLY A 165 59.59 -33.18 37.62
N LYS A 166 60.18 -34.15 36.92
CA LYS A 166 61.23 -35.04 37.42
C LYS A 166 62.08 -34.56 38.60
N GLY A 167 63.01 -33.65 38.36
CA GLY A 167 63.87 -33.20 39.43
C GLY A 167 63.54 -31.84 40.00
N SER A 168 62.25 -31.59 40.20
CA SER A 168 61.79 -30.31 40.73
C SER A 168 62.34 -30.04 42.12
N VAL A 169 62.30 -31.05 42.99
CA VAL A 169 62.79 -30.91 44.36
C VAL A 169 64.22 -30.36 44.38
N ALA A 170 65.11 -31.02 43.65
CA ALA A 170 66.50 -30.60 43.57
C ALA A 170 66.61 -29.22 42.95
N ALA A 171 66.00 -29.05 41.77
CA ALA A 171 66.03 -27.78 41.06
C ALA A 171 65.49 -26.62 41.90
N LYS A 172 64.41 -26.83 42.63
CA LYS A 172 63.87 -25.76 43.45
C LYS A 172 64.93 -25.36 44.48
N THR A 173 65.53 -26.35 45.11
CA THR A 173 66.57 -26.10 46.10
C THR A 173 67.71 -25.29 45.49
N PHE A 174 68.12 -25.65 44.28
CA PHE A 174 69.20 -24.93 43.63
C PHE A 174 68.82 -23.50 43.28
N LEU A 175 67.54 -23.28 42.98
CA LEU A 175 67.08 -21.94 42.63
C LEU A 175 67.03 -21.03 43.86
N GLU A 176 66.63 -21.57 45.00
CA GLU A 176 66.53 -20.78 46.22
C GLU A 176 67.89 -20.21 46.64
N LYS A 177 68.95 -20.91 46.27
CA LYS A 177 70.30 -20.47 46.61
C LYS A 177 70.78 -19.31 45.74
N ARG A 178 70.41 -19.33 44.47
CA ARG A 178 70.86 -18.32 43.54
C ARG A 178 69.92 -17.13 43.28
N TRP A 179 68.67 -17.21 43.76
CA TRP A 179 67.72 -16.12 43.49
C TRP A 179 67.72 -14.96 44.47
N ASN A 180 67.61 -13.75 43.91
CA ASN A 180 67.53 -12.53 44.71
C ASN A 180 66.70 -11.54 43.89
N ASP A 181 66.12 -10.55 44.57
CA ASP A 181 65.27 -9.58 43.90
C ASP A 181 66.00 -8.49 43.10
N GLU A 182 67.22 -8.79 42.67
CA GLU A 182 67.98 -7.82 41.88
C GLU A 182 68.56 -8.40 40.60
N LEU A 183 68.19 -9.65 40.32
CA LEU A 183 68.66 -10.33 39.11
C LEU A 183 68.18 -9.61 37.85
N GLU A 184 69.08 -9.48 36.88
CA GLU A 184 68.76 -8.85 35.60
C GLU A 184 68.34 -10.06 34.74
N LEU A 185 67.69 -9.83 33.60
CA LEU A 185 67.25 -10.95 32.78
C LEU A 185 68.36 -11.93 32.38
N GLU A 186 69.52 -11.41 31.97
CA GLU A 186 70.64 -12.25 31.57
C GLU A 186 71.12 -13.15 32.70
N ASP A 187 71.07 -12.62 33.93
CA ASP A 187 71.46 -13.37 35.10
C ASP A 187 70.51 -14.55 35.26
N ALA A 188 69.22 -14.27 35.16
CA ALA A 188 68.20 -15.29 35.29
C ALA A 188 68.36 -16.36 34.21
N ILE A 189 68.66 -15.95 32.99
CA ILE A 189 68.86 -16.92 31.90
C ILE A 189 70.01 -17.85 32.28
N HIS A 190 71.10 -17.24 32.73
CA HIS A 190 72.29 -17.97 33.15
C HIS A 190 71.91 -18.97 34.26
N ILE A 191 71.22 -18.48 35.27
CA ILE A 191 70.81 -19.35 36.37
C ILE A 191 69.92 -20.48 35.87
N ALA A 192 69.11 -20.18 34.87
CA ALA A 192 68.20 -21.16 34.30
C ALA A 192 69.01 -22.28 33.66
N LEU A 193 70.03 -21.90 32.89
CA LEU A 193 70.86 -22.89 32.21
C LEU A 193 71.59 -23.80 33.21
N LEU A 194 72.07 -23.22 34.30
CA LEU A 194 72.77 -23.99 35.32
C LEU A 194 71.83 -24.96 36.01
N THR A 195 70.62 -24.50 36.31
CA THR A 195 69.64 -25.35 36.98
C THR A 195 69.21 -26.49 36.08
N LEU A 196 69.05 -26.18 34.80
CA LEU A 196 68.62 -27.18 33.84
C LEU A 196 69.69 -28.23 33.56
N LYS A 197 70.96 -27.85 33.70
CA LYS A 197 72.05 -28.78 33.43
C LYS A 197 72.03 -29.96 34.39
N GLU A 198 71.68 -29.72 35.64
CA GLU A 198 71.63 -30.79 36.63
C GLU A 198 70.56 -31.83 36.34
N SER A 199 69.54 -31.43 35.57
CA SER A 199 68.42 -32.32 35.24
C SER A 199 68.60 -33.05 33.92
N VAL A 200 69.58 -32.64 33.12
CA VAL A 200 69.81 -33.27 31.83
C VAL A 200 70.87 -34.38 31.89
N GLU A 201 70.51 -35.54 31.37
CA GLU A 201 71.39 -36.70 31.35
C GLU A 201 72.42 -36.63 30.22
N GLY A 202 71.93 -36.53 28.99
CA GLY A 202 72.82 -36.49 27.84
C GLY A 202 73.29 -35.13 27.35
N GLU A 203 73.23 -34.94 26.04
CA GLU A 203 73.66 -33.70 25.41
C GLU A 203 72.93 -32.48 25.96
N PHE A 204 73.68 -31.41 26.18
CA PHE A 204 73.13 -30.17 26.72
C PHE A 204 73.55 -28.99 25.85
N ASN A 205 72.76 -28.70 24.82
CA ASN A 205 73.06 -27.60 23.91
C ASN A 205 71.78 -26.92 23.42
N GLY A 206 71.93 -25.97 22.49
CA GLY A 206 70.80 -25.25 21.96
C GLY A 206 69.84 -26.06 21.11
N ASP A 207 70.10 -27.35 20.95
CA ASP A 207 69.23 -28.21 20.16
C ASP A 207 68.48 -29.19 21.06
N THR A 208 68.90 -29.28 22.31
CA THR A 208 68.28 -30.19 23.25
C THR A 208 67.55 -29.43 24.36
N ILE A 209 67.76 -28.13 24.40
CA ILE A 209 67.13 -27.27 25.38
C ILE A 209 66.25 -26.28 24.65
N GLU A 210 65.14 -25.91 25.27
CA GLU A 210 64.21 -24.95 24.70
C GLU A 210 64.07 -23.84 25.74
N LEU A 211 64.20 -22.60 25.30
CA LEU A 211 64.11 -21.50 26.25
C LEU A 211 63.50 -20.24 25.63
N ALA A 212 62.65 -19.57 26.41
CA ALA A 212 61.99 -18.35 25.96
C ALA A 212 61.95 -17.33 27.10
N ILE A 213 61.77 -16.07 26.75
CA ILE A 213 61.73 -15.02 27.75
C ILE A 213 60.58 -14.05 27.51
N ILE A 214 60.23 -13.31 28.55
CA ILE A 214 59.23 -12.26 28.44
C ILE A 214 60.12 -11.10 28.88
N GLY A 215 60.47 -10.22 27.93
CA GLY A 215 61.34 -9.10 28.26
C GLY A 215 60.90 -7.81 27.60
N ASP A 216 61.83 -7.14 26.93
CA ASP A 216 61.49 -5.89 26.26
C ASP A 216 60.67 -6.14 25.01
N GLU A 217 60.09 -5.07 24.49
CA GLU A 217 59.29 -5.15 23.28
C GLU A 217 60.21 -5.30 22.06
N ASN A 218 59.88 -6.26 21.20
CA ASN A 218 60.66 -6.53 19.99
C ASN A 218 59.95 -5.89 18.80
N PRO A 219 60.19 -4.59 18.55
CA PRO A 219 59.55 -3.89 17.43
C PRO A 219 59.88 -4.54 16.10
N ASP A 220 60.94 -5.34 16.10
CA ASP A 220 61.40 -6.02 14.90
C ASP A 220 60.58 -7.28 14.62
N LEU A 221 59.85 -7.76 15.62
CA LEU A 221 59.03 -8.96 15.47
C LEU A 221 57.55 -8.62 15.24
N LEU A 222 57.26 -7.33 15.13
CA LEU A 222 55.88 -6.88 14.94
C LEU A 222 55.31 -7.19 13.55
N GLY A 223 56.08 -6.89 12.51
CA GLY A 223 55.64 -7.16 11.16
C GLY A 223 55.14 -5.94 10.42
N TYR A 224 55.01 -4.82 11.12
CA TYR A 224 54.53 -3.60 10.49
C TYR A 224 54.96 -2.38 11.30
N THR A 225 54.89 -1.21 10.66
CA THR A 225 55.25 0.04 11.31
C THR A 225 54.17 1.05 10.99
N GLY A 226 54.07 2.10 11.81
CA GLY A 226 53.07 3.11 11.54
C GLY A 226 52.17 3.46 12.73
N ILE A 227 52.18 2.61 13.75
CA ILE A 227 51.36 2.87 14.93
C ILE A 227 52.26 2.95 16.16
N PRO A 228 52.56 4.18 16.60
CA PRO A 228 53.41 4.43 17.77
C PRO A 228 53.10 3.58 19.00
N THR A 229 51.83 3.35 19.28
CA THR A 229 51.44 2.57 20.44
C THR A 229 51.69 1.06 20.34
N ASP A 230 52.00 0.57 19.16
CA ASP A 230 52.29 -0.85 18.96
C ASP A 230 53.80 -1.01 18.82
N LYS A 231 54.46 -1.45 19.88
CA LYS A 231 55.91 -1.60 19.87
C LYS A 231 56.49 -3.01 19.66
N GLY A 232 55.64 -4.02 19.64
CA GLY A 232 56.13 -5.38 19.43
C GLY A 232 55.94 -6.30 20.61
N PRO A 233 56.00 -7.62 20.40
CA PRO A 233 55.83 -8.63 21.45
C PRO A 233 56.99 -8.69 22.46
N ARG A 234 56.67 -9.00 23.72
CA ARG A 234 57.70 -9.11 24.74
C ARG A 234 58.16 -10.56 24.84
N PHE A 235 57.36 -11.46 24.29
CA PHE A 235 57.67 -12.88 24.30
C PHE A 235 58.65 -13.19 23.18
N ARG A 236 59.73 -13.89 23.51
CA ARG A 236 60.67 -14.28 22.48
C ARG A 236 61.34 -15.59 22.80
N LYS A 237 61.29 -16.51 21.86
CA LYS A 237 61.90 -17.80 22.02
C LYS A 237 63.37 -17.62 21.61
N LEU A 238 64.29 -18.14 22.41
CA LEU A 238 65.69 -18.00 22.04
C LEU A 238 66.03 -19.00 20.96
N THR A 239 67.03 -18.67 20.14
CA THR A 239 67.45 -19.55 19.07
C THR A 239 68.50 -20.53 19.59
N SER A 240 68.65 -21.65 18.89
CA SER A 240 69.64 -22.64 19.28
C SER A 240 70.99 -21.94 19.47
N GLN A 241 71.34 -21.09 18.52
CA GLN A 241 72.60 -20.35 18.54
C GLN A 241 72.70 -19.43 19.75
N GLU A 242 71.64 -18.70 20.05
CA GLU A 242 71.66 -17.78 21.18
C GLU A 242 71.90 -18.55 22.47
N ILE A 243 71.42 -19.79 22.52
CA ILE A 243 71.59 -20.61 23.71
C ILE A 243 73.04 -21.03 23.84
N ASN A 244 73.61 -21.58 22.76
CA ASN A 244 75.00 -22.01 22.77
C ASN A 244 75.94 -20.89 23.18
N ASP A 245 75.71 -19.69 22.65
CA ASP A 245 76.56 -18.56 22.99
C ASP A 245 76.64 -18.39 24.49
N ARG A 246 75.50 -18.56 25.17
CA ARG A 246 75.45 -18.42 26.61
C ARG A 246 75.95 -19.64 27.35
N LEU A 247 76.03 -20.78 26.68
CA LEU A 247 76.50 -22.00 27.32
C LEU A 247 78.02 -22.01 27.48
N GLU A 248 78.70 -21.21 26.66
CA GLU A 248 80.16 -21.11 26.73
C GLU A 248 80.58 -20.28 27.93
N ALA A 249 79.66 -19.44 28.41
CA ALA A 249 79.91 -18.60 29.57
C ALA A 249 79.31 -19.29 30.79
N LEU A 250 79.08 -20.60 30.66
CA LEU A 250 78.49 -21.42 31.72
C LEU A 250 79.46 -21.64 32.88
N GLY B 1 27.11 -51.09 29.90
CA GLY B 1 26.80 -49.63 29.89
C GLY B 1 27.75 -48.79 30.73
N SER B 2 27.36 -47.54 30.98
CA SER B 2 28.17 -46.61 31.77
C SER B 2 27.91 -46.75 33.26
N ARG B 3 26.70 -47.16 33.63
CA ARG B 3 26.30 -47.34 35.02
C ARG B 3 27.41 -47.96 35.85
N ARG B 4 28.12 -48.90 35.24
CA ARG B 4 29.21 -49.62 35.89
C ARG B 4 30.25 -48.71 36.56
N TYR B 5 30.56 -47.58 35.93
CA TYR B 5 31.57 -46.66 36.44
C TYR B 5 31.04 -45.46 37.21
N ASP B 6 29.73 -45.43 37.48
CA ASP B 6 29.10 -44.33 38.21
C ASP B 6 29.27 -44.48 39.71
N SER B 7 29.98 -43.54 40.33
CA SER B 7 30.22 -43.54 41.77
C SER B 7 28.99 -43.19 42.57
N ARG B 8 27.99 -42.59 41.93
CA ARG B 8 26.75 -42.18 42.60
C ARG B 8 27.08 -41.20 43.74
N THR B 9 27.52 -40.02 43.34
CA THR B 9 27.92 -38.98 44.28
C THR B 9 26.80 -38.38 45.13
N THR B 10 25.54 -38.71 44.84
CA THR B 10 24.47 -38.12 45.62
C THR B 10 23.55 -39.07 46.34
N ILE B 11 24.09 -40.04 47.06
CA ILE B 11 23.19 -40.94 47.76
C ILE B 11 23.40 -40.95 49.27
N PHE B 12 22.41 -41.47 49.97
CA PHE B 12 22.44 -41.56 51.42
C PHE B 12 23.16 -42.81 51.88
N SER B 13 23.79 -42.73 53.04
CA SER B 13 24.44 -43.89 53.64
C SER B 13 23.32 -44.54 54.44
N PRO B 14 23.51 -45.77 54.93
CA PRO B 14 22.43 -46.38 55.70
C PRO B 14 22.07 -45.55 56.94
N GLU B 15 22.99 -44.68 57.33
CA GLU B 15 22.79 -43.81 58.49
C GLU B 15 22.15 -42.47 58.13
N GLY B 16 21.85 -42.27 56.84
CA GLY B 16 21.24 -41.02 56.43
C GLY B 16 22.24 -39.88 56.31
N ARG B 17 23.47 -40.21 55.92
CA ARG B 17 24.51 -39.20 55.73
C ARG B 17 24.88 -39.20 54.26
N LEU B 18 25.38 -38.08 53.77
CA LEU B 18 25.77 -37.98 52.37
C LEU B 18 27.28 -38.24 52.25
N TYR B 19 27.62 -39.41 51.76
CA TYR B 19 29.01 -39.82 51.59
C TYR B 19 29.94 -38.71 51.14
N GLN B 20 29.74 -38.21 49.92
CA GLN B 20 30.58 -37.17 49.36
C GLN B 20 30.71 -35.90 50.18
N VAL B 21 29.63 -35.46 50.82
CA VAL B 21 29.71 -34.26 51.64
C VAL B 21 30.66 -34.55 52.80
N GLU B 22 30.45 -35.70 53.44
CA GLU B 22 31.26 -36.12 54.56
C GLU B 22 32.74 -36.23 54.17
N TYR B 23 32.99 -36.80 53.00
CA TYR B 23 34.36 -36.96 52.55
C TYR B 23 34.98 -35.63 52.14
N ALA B 24 34.15 -34.71 51.65
CA ALA B 24 34.64 -33.41 51.26
C ALA B 24 35.03 -32.64 52.53
N LEU B 25 34.23 -32.78 53.58
CA LEU B 25 34.52 -32.11 54.85
C LEU B 25 35.84 -32.65 55.40
N GLU B 26 36.04 -33.95 55.23
CA GLU B 26 37.29 -34.58 55.68
C GLU B 26 38.43 -33.90 54.94
N SER B 27 38.22 -33.67 53.65
CA SER B 27 39.23 -33.02 52.83
C SER B 27 39.52 -31.61 53.36
N ILE B 28 38.45 -30.90 53.73
CA ILE B 28 38.60 -29.54 54.25
C ILE B 28 39.36 -29.46 55.57
N SER B 29 39.20 -30.47 56.41
CA SER B 29 39.85 -30.50 57.70
C SER B 29 41.37 -30.48 57.61
N HIS B 30 41.92 -30.66 56.41
CA HIS B 30 43.37 -30.65 56.21
C HIS B 30 43.81 -29.34 55.59
N ALA B 31 42.87 -28.44 55.41
CA ALA B 31 43.13 -27.14 54.81
C ALA B 31 43.57 -26.13 55.85
N GLY B 32 44.43 -25.20 55.44
CA GLY B 32 44.90 -24.17 56.36
C GLY B 32 43.71 -23.56 57.07
N THR B 33 43.85 -23.36 58.39
CA THR B 33 42.78 -22.80 59.18
C THR B 33 42.42 -21.35 58.87
N ALA B 34 41.13 -21.05 58.90
CA ALA B 34 40.64 -19.71 58.64
C ALA B 34 39.74 -19.33 59.83
N ILE B 35 39.86 -18.09 60.28
CA ILE B 35 39.08 -17.63 61.41
C ILE B 35 38.29 -16.35 61.15
N GLY B 36 37.09 -16.30 61.72
CA GLY B 36 36.24 -15.14 61.57
C GLY B 36 35.78 -14.66 62.94
N ILE B 37 35.98 -13.37 63.20
CA ILE B 37 35.56 -12.80 64.48
C ILE B 37 34.85 -11.47 64.28
N MET B 38 33.63 -11.39 64.78
CA MET B 38 32.83 -10.19 64.66
C MET B 38 32.82 -9.34 65.93
N ALA B 39 33.19 -8.07 65.78
CA ALA B 39 33.25 -7.11 66.88
C ALA B 39 32.14 -6.08 66.72
N SER B 40 32.01 -5.21 67.72
CA SER B 40 30.96 -4.18 67.68
C SER B 40 31.24 -3.16 66.57
N ASP B 41 32.51 -2.91 66.29
CA ASP B 41 32.90 -1.94 65.28
C ASP B 41 33.58 -2.56 64.05
N GLY B 42 33.27 -3.81 63.73
CA GLY B 42 33.89 -4.43 62.57
C GLY B 42 34.05 -5.93 62.62
N ILE B 43 34.63 -6.49 61.56
CA ILE B 43 34.85 -7.93 61.45
C ILE B 43 36.30 -8.22 61.06
N VAL B 44 36.84 -9.31 61.58
CA VAL B 44 38.21 -9.71 61.29
C VAL B 44 38.25 -11.09 60.65
N LEU B 45 39.01 -11.17 59.55
CA LEU B 45 39.20 -12.43 58.84
C LEU B 45 40.69 -12.73 58.80
N ALA B 46 41.05 -13.90 59.28
CA ALA B 46 42.45 -14.31 59.31
C ALA B 46 42.55 -15.77 58.90
N ALA B 47 43.54 -16.08 58.08
CA ALA B 47 43.73 -17.45 57.62
C ALA B 47 45.20 -17.80 57.52
N GLU B 48 45.49 -19.08 57.68
CA GLU B 48 46.85 -19.60 57.62
C GLU B 48 47.10 -20.21 56.24
N ARG B 49 48.16 -19.75 55.58
CA ARG B 49 48.52 -20.25 54.26
C ARG B 49 49.11 -21.65 54.38
N LYS B 50 48.48 -22.62 53.73
CA LYS B 50 48.95 -23.99 53.77
C LYS B 50 50.10 -24.11 52.76
N VAL B 51 51.23 -24.67 53.20
CA VAL B 51 52.41 -24.86 52.35
C VAL B 51 52.94 -23.54 51.75
N THR B 52 54.24 -23.30 51.97
CA THR B 52 54.89 -22.11 51.45
C THR B 52 56.35 -22.39 51.16
N SER B 53 56.97 -21.54 50.34
CA SER B 53 58.37 -21.68 49.96
C SER B 53 59.04 -20.32 49.98
N THR B 54 60.37 -20.32 49.99
CA THR B 54 61.14 -19.09 50.00
C THR B 54 60.84 -18.35 48.71
N LEU B 55 60.71 -19.11 47.63
CA LEU B 55 60.47 -18.57 46.30
C LEU B 55 59.02 -18.19 45.98
N LEU B 56 58.06 -18.61 46.81
CA LEU B 56 56.67 -18.27 46.57
C LEU B 56 56.57 -16.74 46.61
N GLU B 57 55.83 -16.17 45.66
CA GLU B 57 55.65 -14.73 45.57
C GLU B 57 54.44 -14.36 46.42
N GLN B 58 54.68 -13.93 47.65
CA GLN B 58 53.57 -13.58 48.54
C GLN B 58 52.84 -12.27 48.22
N ASP B 59 53.58 -11.30 47.71
CA ASP B 59 52.98 -10.00 47.37
C ASP B 59 51.84 -10.13 46.35
N THR B 60 52.01 -11.04 45.40
CA THR B 60 51.02 -11.25 44.34
C THR B 60 50.09 -12.42 44.67
N SER B 61 50.31 -13.05 45.82
CA SER B 61 49.50 -14.20 46.20
C SER B 61 48.22 -13.90 47.01
N THR B 62 47.27 -14.81 46.87
CA THR B 62 45.97 -14.75 47.54
C THR B 62 45.38 -16.13 47.35
N GLU B 63 45.19 -16.85 48.45
CA GLU B 63 44.64 -18.19 48.37
C GLU B 63 43.56 -18.41 49.40
N LYS B 64 43.30 -17.41 50.22
CA LYS B 64 42.29 -17.60 51.25
C LYS B 64 41.30 -16.45 51.44
N LEU B 65 41.71 -15.23 51.14
CA LEU B 65 40.84 -14.07 51.31
C LEU B 65 40.44 -13.44 50.00
N TYR B 66 39.14 -13.44 49.72
CA TYR B 66 38.61 -12.89 48.48
C TYR B 66 37.50 -11.87 48.66
N LYS B 67 37.57 -10.83 47.85
CA LYS B 67 36.57 -9.79 47.90
C LYS B 67 35.43 -10.23 46.97
N LEU B 68 34.22 -10.27 47.50
CA LEU B 68 33.06 -10.65 46.70
C LEU B 68 32.33 -9.38 46.27
N ASN B 69 32.25 -8.46 47.22
CA ASN B 69 31.55 -7.19 47.06
C ASN B 69 32.41 -6.13 47.70
N ASP B 70 31.93 -4.89 47.74
CA ASP B 70 32.70 -3.85 48.42
C ASP B 70 32.32 -3.92 49.89
N LYS B 71 31.31 -4.73 50.21
CA LYS B 71 30.83 -4.87 51.57
C LYS B 71 30.84 -6.30 52.08
N ILE B 72 31.28 -7.23 51.24
CA ILE B 72 31.32 -8.63 51.62
C ILE B 72 32.61 -9.28 51.15
N ALA B 73 33.17 -10.15 51.98
CA ALA B 73 34.39 -10.88 51.65
C ALA B 73 34.30 -12.29 52.24
N VAL B 74 35.12 -13.20 51.76
CA VAL B 74 35.10 -14.56 52.28
C VAL B 74 36.49 -15.10 52.55
N ALA B 75 36.57 -16.02 53.50
CA ALA B 75 37.82 -16.68 53.82
C ALA B 75 37.56 -18.11 53.35
N VAL B 76 38.52 -18.67 52.63
CA VAL B 76 38.40 -20.00 52.05
C VAL B 76 39.18 -21.12 52.76
N ALA B 77 38.56 -22.30 52.83
CA ALA B 77 39.19 -23.48 53.41
C ALA B 77 38.79 -24.66 52.52
N GLY B 78 39.73 -25.16 51.73
CA GLY B 78 39.46 -26.27 50.84
C GLY B 78 40.20 -26.12 49.52
N LEU B 79 39.65 -26.70 48.45
CA LEU B 79 40.23 -26.62 47.11
C LEU B 79 40.09 -25.21 46.56
N THR B 80 41.22 -24.53 46.39
CA THR B 80 41.20 -23.16 45.87
C THR B 80 40.51 -23.03 44.51
N ALA B 81 40.80 -23.94 43.60
CA ALA B 81 40.19 -23.91 42.27
C ALA B 81 38.66 -24.04 42.36
N ASP B 82 38.18 -24.90 43.26
CA ASP B 82 36.75 -25.06 43.45
C ASP B 82 36.20 -23.74 43.99
N ALA B 83 36.90 -23.17 44.97
CA ALA B 83 36.50 -21.92 45.58
C ALA B 83 36.32 -20.80 44.55
N GLU B 84 37.30 -20.64 43.66
CA GLU B 84 37.20 -19.59 42.65
C GLU B 84 35.96 -19.75 41.77
N ILE B 85 35.56 -20.98 41.48
CA ILE B 85 34.36 -21.16 40.67
C ILE B 85 33.17 -20.52 41.40
N LEU B 86 33.02 -20.86 42.68
CA LEU B 86 31.93 -20.35 43.47
C LEU B 86 32.02 -18.85 43.72
N ILE B 87 33.24 -18.36 43.95
CA ILE B 87 33.46 -16.94 44.20
C ILE B 87 33.03 -16.14 42.98
N ASN B 88 33.35 -16.64 41.80
CA ASN B 88 32.96 -15.93 40.60
C ASN B 88 31.45 -15.83 40.42
N THR B 89 30.74 -16.93 40.66
CA THR B 89 29.30 -16.86 40.48
C THR B 89 28.70 -15.99 41.58
N ALA B 90 29.31 -16.01 42.77
CA ALA B 90 28.80 -15.18 43.86
C ALA B 90 28.97 -13.71 43.49
N ARG B 91 30.11 -13.38 42.90
CA ARG B 91 30.36 -12.00 42.49
C ARG B 91 29.32 -11.56 41.46
N ILE B 92 28.85 -12.51 40.67
CA ILE B 92 27.86 -12.20 39.64
C ILE B 92 26.47 -12.04 40.23
N HIS B 93 26.12 -12.88 41.19
CA HIS B 93 24.80 -12.77 41.81
C HIS B 93 24.67 -11.41 42.49
N ALA B 94 25.75 -10.95 43.11
CA ALA B 94 25.73 -9.66 43.79
C ALA B 94 25.41 -8.52 42.83
N GLN B 95 26.02 -8.57 41.65
CA GLN B 95 25.79 -7.55 40.64
C GLN B 95 24.40 -7.65 40.04
N ASN B 96 23.87 -8.87 39.91
CA ASN B 96 22.52 -9.03 39.35
C ASN B 96 21.53 -8.36 40.28
N TYR B 97 21.74 -8.58 41.57
CA TYR B 97 20.89 -8.00 42.60
C TYR B 97 20.99 -6.47 42.53
N LEU B 98 22.22 -5.95 42.46
CA LEU B 98 22.42 -4.51 42.39
C LEU B 98 21.73 -3.91 41.18
N LYS B 99 21.86 -4.55 40.02
CA LYS B 99 21.22 -4.02 38.81
C LYS B 99 19.71 -4.07 38.90
N THR B 100 19.19 -5.09 39.56
CA THR B 100 17.74 -5.25 39.68
C THR B 100 17.06 -4.29 40.66
N TYR B 101 17.64 -4.14 41.84
CA TYR B 101 17.06 -3.32 42.88
C TYR B 101 17.78 -2.01 43.17
N ASN B 102 18.95 -1.83 42.58
CA ASN B 102 19.73 -0.62 42.82
C ASN B 102 20.07 -0.46 44.29
N GLU B 103 20.38 -1.59 44.92
CA GLU B 103 20.79 -1.66 46.31
C GLU B 103 21.79 -2.79 46.42
N ASP B 104 22.82 -2.63 47.27
CA ASP B 104 23.82 -3.69 47.43
C ASP B 104 23.09 -4.86 48.05
N ILE B 105 23.48 -6.06 47.66
CA ILE B 105 22.84 -7.29 48.15
C ILE B 105 23.05 -7.54 49.64
N PRO B 106 21.95 -7.79 50.37
CA PRO B 106 22.03 -8.07 51.81
C PRO B 106 22.95 -9.28 51.96
N VAL B 107 23.77 -9.32 53.01
CA VAL B 107 24.71 -10.41 53.18
C VAL B 107 24.11 -11.81 53.16
N GLU B 108 23.03 -12.03 53.89
CA GLU B 108 22.45 -13.35 53.91
C GLU B 108 21.91 -13.82 52.56
N ILE B 109 21.28 -12.91 51.81
CA ILE B 109 20.74 -13.29 50.51
C ILE B 109 21.85 -13.91 49.68
N LEU B 110 23.02 -13.26 49.65
CA LEU B 110 24.15 -13.76 48.90
C LEU B 110 24.65 -15.10 49.43
N VAL B 111 24.73 -15.24 50.75
CA VAL B 111 25.21 -16.48 51.36
C VAL B 111 24.24 -17.64 51.09
N ARG B 112 22.95 -17.37 51.15
CA ARG B 112 21.95 -18.40 50.92
C ARG B 112 22.01 -18.92 49.49
N ARG B 113 22.19 -18.00 48.55
CA ARG B 113 22.25 -18.35 47.14
C ARG B 113 23.44 -19.26 46.89
N LEU B 114 24.61 -18.86 47.37
CA LEU B 114 25.80 -19.67 47.20
C LEU B 114 25.65 -21.04 47.86
N SER B 115 24.99 -21.06 49.02
CA SER B 115 24.78 -22.32 49.74
C SER B 115 23.80 -23.20 48.97
N ASP B 116 22.87 -22.58 48.24
CA ASP B 116 21.89 -23.30 47.46
C ASP B 116 22.57 -23.97 46.26
N ILE B 117 23.57 -23.29 45.69
CA ILE B 117 24.31 -23.84 44.55
C ILE B 117 24.98 -25.11 45.06
N LYS B 118 25.64 -25.01 46.21
CA LYS B 118 26.31 -26.14 46.83
C LYS B 118 25.34 -27.29 47.11
N GLN B 119 24.18 -26.97 47.68
CA GLN B 119 23.19 -28.00 47.99
C GLN B 119 22.77 -28.76 46.75
N GLY B 120 22.74 -28.08 45.61
CA GLY B 120 22.36 -28.73 44.38
C GLY B 120 23.26 -29.89 44.02
N TYR B 121 24.58 -29.68 44.11
CA TYR B 121 25.54 -30.72 43.79
C TYR B 121 25.38 -31.90 44.74
N THR B 122 24.51 -31.71 45.73
CA THR B 122 24.24 -32.71 46.75
C THR B 122 23.02 -33.58 46.46
N GLN B 123 22.10 -33.09 45.64
CA GLN B 123 20.87 -33.83 45.38
C GLN B 123 20.61 -34.29 43.96
N HIS B 124 21.34 -33.73 43.00
CA HIS B 124 21.15 -34.13 41.62
C HIS B 124 22.35 -33.80 40.75
N GLY B 125 22.41 -34.40 39.55
CA GLY B 125 23.49 -34.12 38.65
C GLY B 125 24.63 -35.13 38.61
N GLY B 126 24.74 -35.96 39.65
CA GLY B 126 25.80 -36.96 39.69
C GLY B 126 27.24 -36.46 39.70
N LEU B 127 27.46 -35.20 40.08
CA LEU B 127 28.81 -34.65 40.12
C LEU B 127 29.31 -34.58 41.56
N ARG B 128 30.63 -34.47 41.73
CA ARG B 128 31.18 -34.38 43.08
C ARG B 128 30.85 -32.98 43.62
N PRO B 129 30.76 -32.84 44.93
CA PRO B 129 30.47 -31.54 45.54
C PRO B 129 31.73 -30.68 45.49
N PHE B 130 31.61 -29.41 45.85
CA PHE B 130 32.79 -28.55 45.87
C PHE B 130 33.48 -28.81 47.21
N GLY B 131 34.79 -29.02 47.19
CA GLY B 131 35.50 -29.27 48.42
C GLY B 131 35.86 -27.93 49.04
N VAL B 132 34.82 -27.18 49.42
CA VAL B 132 35.05 -25.87 49.97
C VAL B 132 34.13 -25.49 51.13
N SER B 133 34.69 -24.70 52.04
CA SER B 133 33.97 -24.16 53.18
C SER B 133 34.31 -22.68 53.21
N PHE B 134 33.30 -21.83 53.40
CA PHE B 134 33.49 -20.39 53.42
C PHE B 134 33.10 -19.76 54.75
N ILE B 135 33.77 -18.65 55.06
CA ILE B 135 33.43 -17.85 56.22
C ILE B 135 33.13 -16.55 55.50
N TYR B 136 31.92 -16.03 55.65
CA TYR B 136 31.57 -14.78 54.99
C TYR B 136 31.54 -13.64 56.00
N ALA B 137 32.24 -12.56 55.67
CA ALA B 137 32.28 -11.37 56.53
C ALA B 137 31.69 -10.23 55.71
N GLY B 138 30.59 -9.66 56.17
CA GLY B 138 30.00 -8.57 55.41
C GLY B 138 29.20 -7.61 56.26
N TYR B 139 28.70 -6.57 55.60
CA TYR B 139 27.91 -5.55 56.26
C TYR B 139 26.78 -5.03 55.38
N ASP B 140 25.60 -4.90 55.96
CA ASP B 140 24.47 -4.33 55.25
C ASP B 140 23.71 -3.50 56.26
N ASP B 141 22.80 -2.65 55.78
CA ASP B 141 22.07 -1.77 56.68
C ASP B 141 20.85 -2.38 57.37
N ARG B 142 20.72 -3.71 57.33
CA ARG B 142 19.58 -4.34 58.01
C ARG B 142 20.06 -5.10 59.24
N TYR B 143 21.24 -5.70 59.14
CA TYR B 143 21.79 -6.45 60.25
C TYR B 143 23.18 -5.99 60.62
N GLY B 144 23.68 -4.96 59.92
CA GLY B 144 25.01 -4.49 60.21
C GLY B 144 26.05 -5.58 59.98
N TYR B 145 27.06 -5.64 60.84
CA TYR B 145 28.12 -6.63 60.73
C TYR B 145 27.60 -8.05 60.89
N GLN B 146 27.97 -8.92 59.97
CA GLN B 146 27.54 -10.32 59.99
C GLN B 146 28.67 -11.27 59.63
N LEU B 147 28.62 -12.45 60.24
CA LEU B 147 29.60 -13.48 60.00
C LEU B 147 28.83 -14.77 59.73
N TYR B 148 29.11 -15.39 58.59
CA TYR B 148 28.44 -16.63 58.22
C TYR B 148 29.43 -17.69 57.80
N THR B 149 28.93 -18.91 57.66
CA THR B 149 29.76 -20.02 57.26
C THR B 149 28.93 -21.01 56.45
N SER B 150 29.52 -21.52 55.37
CA SER B 150 28.85 -22.51 54.53
C SER B 150 29.87 -23.60 54.23
N ASN B 151 29.40 -24.83 54.07
CA ASN B 151 30.28 -25.95 53.79
C ASN B 151 29.71 -26.77 52.63
N PRO B 152 30.41 -27.84 52.20
CA PRO B 152 29.95 -28.69 51.09
C PRO B 152 28.48 -29.11 51.07
N SER B 153 27.86 -29.28 52.22
CA SER B 153 26.46 -29.70 52.29
C SER B 153 25.48 -28.65 51.83
N GLY B 154 25.89 -27.39 51.90
CA GLY B 154 25.01 -26.31 51.50
C GLY B 154 24.33 -25.69 52.71
N ASN B 155 24.73 -26.13 53.89
CA ASN B 155 24.17 -25.59 55.11
C ASN B 155 24.97 -24.36 55.51
N TYR B 156 24.32 -23.38 56.11
CA TYR B 156 25.02 -22.18 56.55
C TYR B 156 24.45 -21.70 57.87
N THR B 157 25.29 -21.02 58.65
CA THR B 157 24.89 -20.51 59.95
C THR B 157 25.64 -19.21 60.26
N GLY B 158 25.12 -18.44 61.21
CA GLY B 158 25.75 -17.18 61.59
C GLY B 158 26.54 -17.32 62.88
N TRP B 159 27.62 -16.56 63.00
CA TRP B 159 28.46 -16.65 64.19
C TRP B 159 28.99 -15.32 64.67
N LYS B 160 29.50 -15.31 65.91
CA LYS B 160 30.11 -14.13 66.49
C LYS B 160 31.60 -14.33 66.24
N ALA B 161 31.99 -15.61 66.23
CA ALA B 161 33.37 -16.02 65.98
C ALA B 161 33.28 -17.46 65.50
N ILE B 162 34.13 -17.84 64.55
CA ILE B 162 34.09 -19.20 64.03
C ILE B 162 35.35 -19.49 63.22
N SER B 163 35.59 -20.76 62.94
CA SER B 163 36.75 -21.18 62.18
C SER B 163 36.40 -22.35 61.28
N VAL B 164 37.15 -22.50 60.20
CA VAL B 164 36.97 -23.59 59.27
C VAL B 164 38.35 -24.13 58.90
N GLY B 165 38.38 -25.38 58.46
CA GLY B 165 39.65 -25.98 58.09
C GLY B 165 40.20 -26.91 59.15
N ALA B 166 41.51 -26.89 59.30
CA ALA B 166 42.17 -27.75 60.27
C ALA B 166 42.02 -27.29 61.72
N ASN B 167 41.97 -28.26 62.62
CA ASN B 167 41.87 -27.99 64.06
C ASN B 167 40.80 -26.97 64.44
N THR B 168 39.58 -27.15 63.95
CA THR B 168 38.51 -26.22 64.28
C THR B 168 38.00 -26.51 65.68
N SER B 169 38.09 -27.77 66.09
CA SER B 169 37.65 -28.18 67.42
C SER B 169 38.48 -27.40 68.45
N ALA B 170 39.79 -27.45 68.30
CA ALA B 170 40.70 -26.74 69.20
C ALA B 170 40.46 -25.24 69.08
N ALA B 171 40.51 -24.74 67.85
CA ALA B 171 40.33 -23.31 67.58
C ALA B 171 39.02 -22.76 68.13
N GLN B 172 37.96 -23.55 68.02
CA GLN B 172 36.65 -23.14 68.49
C GLN B 172 36.63 -22.99 70.01
N THR B 173 37.22 -23.97 70.70
CA THR B 173 37.27 -23.93 72.17
C THR B 173 38.03 -22.70 72.65
N LEU B 174 39.12 -22.36 71.96
CA LEU B 174 39.91 -21.19 72.37
C LEU B 174 39.11 -19.91 72.18
N LEU B 175 38.38 -19.83 71.07
CA LEU B 175 37.57 -18.66 70.76
C LEU B 175 36.43 -18.51 71.74
N GLN B 176 35.76 -19.62 72.03
CA GLN B 176 34.64 -19.62 72.96
C GLN B 176 35.14 -19.24 74.36
N MET B 177 36.42 -19.47 74.59
CA MET B 177 37.04 -19.18 75.86
C MET B 177 37.32 -17.69 76.09
N ASP B 178 37.80 -16.98 75.07
CA ASP B 178 38.12 -15.57 75.23
C ASP B 178 37.27 -14.53 74.51
N TYR B 179 36.21 -14.96 73.85
CA TYR B 179 35.36 -14.01 73.12
C TYR B 179 34.44 -13.26 74.08
N LYS B 180 34.20 -11.99 73.79
CA LYS B 180 33.29 -11.20 74.62
C LYS B 180 32.49 -10.24 73.73
N ASP B 181 31.17 -10.31 73.85
CA ASP B 181 30.23 -9.51 73.07
C ASP B 181 30.62 -8.05 72.81
N ASP B 182 31.19 -7.39 73.81
CA ASP B 182 31.58 -6.00 73.67
C ASP B 182 32.99 -5.80 73.11
N MET B 183 33.54 -6.83 72.47
CA MET B 183 34.88 -6.73 71.90
C MET B 183 34.99 -5.60 70.90
N LYS B 184 36.21 -5.24 70.57
CA LYS B 184 36.47 -4.18 69.63
C LYS B 184 37.35 -4.82 68.54
N VAL B 185 37.29 -4.28 67.32
CA VAL B 185 38.06 -4.80 66.20
C VAL B 185 39.51 -5.16 66.55
N ASP B 186 40.18 -4.27 67.26
CA ASP B 186 41.56 -4.50 67.65
C ASP B 186 41.71 -5.68 68.60
N ASP B 187 40.71 -5.87 69.46
CA ASP B 187 40.72 -6.99 70.39
C ASP B 187 40.58 -8.26 69.56
N ALA B 188 39.63 -8.25 68.64
CA ALA B 188 39.35 -9.38 67.76
C ALA B 188 40.55 -9.75 66.92
N ILE B 189 41.24 -8.73 66.40
CA ILE B 189 42.42 -8.95 65.58
C ILE B 189 43.43 -9.77 66.37
N GLU B 190 43.63 -9.36 67.62
CA GLU B 190 44.55 -10.01 68.53
C GLU B 190 44.10 -11.43 68.87
N LEU B 191 42.82 -11.60 69.14
CA LEU B 191 42.29 -12.92 69.50
C LEU B 191 42.50 -13.90 68.34
N ALA B 192 42.25 -13.44 67.12
CA ALA B 192 42.41 -14.26 65.93
C ALA B 192 43.84 -14.78 65.80
N LEU B 193 44.80 -13.86 65.89
CA LEU B 193 46.21 -14.23 65.79
C LEU B 193 46.64 -15.21 66.87
N LYS B 194 46.17 -14.98 68.08
CA LYS B 194 46.52 -15.86 69.20
C LYS B 194 45.99 -17.26 68.94
N THR B 195 44.73 -17.33 68.50
CA THR B 195 44.09 -18.61 68.23
C THR B 195 44.82 -19.43 67.17
N LEU B 196 45.17 -18.78 66.06
CA LEU B 196 45.89 -19.47 64.99
C LEU B 196 47.25 -19.91 65.50
N SER B 197 47.86 -19.02 66.27
CA SER B 197 49.18 -19.25 66.85
C SER B 197 49.23 -20.53 67.69
N LYS B 198 48.12 -20.87 68.33
CA LYS B 198 48.07 -22.06 69.16
C LYS B 198 47.64 -23.32 68.43
N THR B 199 46.96 -23.18 67.30
CA THR B 199 46.49 -24.34 66.55
C THR B 199 47.38 -24.68 65.35
N THR B 200 48.28 -23.78 64.98
CA THR B 200 49.18 -24.01 63.85
C THR B 200 49.85 -25.37 63.98
N ASP B 201 50.02 -26.05 62.85
CA ASP B 201 50.70 -27.33 62.85
C ASP B 201 52.14 -27.06 62.47
N SER B 202 52.47 -25.78 62.33
CA SER B 202 53.82 -25.37 61.95
C SER B 202 54.60 -24.91 63.17
N SER B 203 55.88 -24.65 62.97
CA SER B 203 56.76 -24.21 64.05
C SER B 203 56.24 -22.91 64.64
N ALA B 204 56.53 -21.81 63.96
CA ALA B 204 56.10 -20.50 64.41
C ALA B 204 55.06 -19.94 63.45
N LEU B 205 54.47 -18.81 63.83
CA LEU B 205 53.46 -18.16 63.01
C LEU B 205 54.05 -16.87 62.47
N THR B 206 54.58 -16.93 61.25
CA THR B 206 55.18 -15.77 60.62
C THR B 206 54.20 -15.08 59.67
N TYR B 207 54.56 -13.88 59.20
CA TYR B 207 53.69 -13.13 58.32
C TYR B 207 53.54 -13.76 56.94
N ASP B 208 54.61 -14.35 56.43
CA ASP B 208 54.59 -14.99 55.11
C ASP B 208 53.65 -16.20 55.04
N ARG B 209 53.05 -16.56 56.16
CA ARG B 209 52.14 -17.70 56.21
C ARG B 209 50.73 -17.25 56.61
N LEU B 210 50.47 -15.96 56.45
CA LEU B 210 49.16 -15.43 56.85
C LEU B 210 48.53 -14.46 55.87
N GLU B 211 47.21 -14.39 55.93
CA GLU B 211 46.43 -13.46 55.13
C GLU B 211 45.53 -12.82 56.19
N PHE B 212 45.33 -11.52 56.09
CA PHE B 212 44.53 -10.83 57.08
C PHE B 212 43.64 -9.76 56.46
N ALA B 213 42.42 -9.65 56.96
CA ALA B 213 41.49 -8.65 56.43
C ALA B 213 40.53 -8.16 57.50
N THR B 214 40.04 -6.93 57.32
CA THR B 214 39.09 -6.34 58.26
C THR B 214 38.04 -5.55 57.49
N ILE B 215 36.81 -5.58 57.99
CA ILE B 215 35.72 -4.81 57.39
C ILE B 215 35.32 -3.86 58.50
N ARG B 216 35.70 -2.59 58.36
CA ARG B 216 35.36 -1.58 59.37
C ARG B 216 34.58 -0.42 58.79
N LYS B 217 33.96 0.35 59.67
CA LYS B 217 33.17 1.49 59.23
C LYS B 217 33.88 2.78 59.65
N GLY B 218 35.11 2.96 59.14
CA GLY B 218 35.91 4.14 59.45
C GLY B 218 35.14 5.36 59.92
N ALA B 219 35.17 5.60 61.24
CA ALA B 219 34.46 6.72 61.86
C ALA B 219 34.53 8.01 61.04
N ASN B 220 35.74 8.34 60.58
CA ASN B 220 35.94 9.55 59.78
C ASN B 220 35.55 9.27 58.32
N ASP B 221 34.26 9.05 58.09
CA ASP B 221 33.73 8.78 56.75
C ASP B 221 32.23 8.50 56.80
N GLY B 222 31.84 7.39 57.40
CA GLY B 222 30.43 7.03 57.48
C GLY B 222 30.06 5.83 56.63
N GLU B 223 31.02 5.37 55.82
CA GLU B 223 30.81 4.23 54.92
C GLU B 223 31.64 3.02 55.40
N VAL B 224 31.44 1.87 54.73
CA VAL B 224 32.16 0.64 55.08
C VAL B 224 33.43 0.45 54.25
N TYR B 225 34.52 0.06 54.90
CA TYR B 225 35.79 -0.15 54.22
C TYR B 225 36.41 -1.52 54.48
N GLN B 226 36.76 -2.23 53.42
CA GLN B 226 37.40 -3.53 53.53
C GLN B 226 38.89 -3.32 53.40
N LYS B 227 39.66 -3.97 54.26
CA LYS B 227 41.10 -3.82 54.22
C LYS B 227 41.75 -5.20 54.15
N ILE B 228 42.42 -5.48 53.05
CA ILE B 228 43.10 -6.76 52.91
C ILE B 228 44.56 -6.46 53.14
N PHE B 229 45.01 -6.66 54.36
CA PHE B 229 46.39 -6.37 54.76
C PHE B 229 47.44 -6.87 53.79
N LYS B 230 48.51 -6.08 53.64
CA LYS B 230 49.63 -6.41 52.76
C LYS B 230 50.69 -7.12 53.60
N PRO B 231 51.56 -7.91 52.95
CA PRO B 231 52.61 -8.62 53.69
C PRO B 231 53.19 -7.82 54.86
N GLN B 232 53.70 -6.63 54.57
CA GLN B 232 54.31 -5.77 55.60
C GLN B 232 53.31 -5.39 56.70
N GLU B 233 52.05 -5.20 56.33
CA GLU B 233 51.03 -4.83 57.30
C GLU B 233 50.78 -5.97 58.28
N ILE B 234 50.87 -7.20 57.78
CA ILE B 234 50.67 -8.37 58.62
C ILE B 234 51.87 -8.51 59.55
N LYS B 235 53.06 -8.33 58.99
CA LYS B 235 54.31 -8.42 59.75
C LYS B 235 54.27 -7.47 60.94
N ASP B 236 53.72 -6.26 60.73
CA ASP B 236 53.62 -5.25 61.77
C ASP B 236 52.70 -5.70 62.90
N ILE B 237 51.42 -5.85 62.57
CA ILE B 237 50.40 -6.28 63.52
C ILE B 237 50.85 -7.55 64.27
N LEU B 238 51.76 -8.30 63.66
CA LEU B 238 52.25 -9.54 64.26
C LEU B 238 53.24 -9.25 65.40
N VAL B 239 54.04 -8.21 65.24
CA VAL B 239 55.01 -7.84 66.27
C VAL B 239 54.27 -7.13 67.41
N LYS B 240 53.37 -6.23 67.03
CA LYS B 240 52.59 -5.45 67.99
C LYS B 240 51.85 -6.36 68.96
N THR B 241 51.05 -7.28 68.43
CA THR B 241 50.27 -8.20 69.27
C THR B 241 51.15 -9.11 70.13
N GLY B 242 52.46 -8.94 70.03
CA GLY B 242 53.36 -9.76 70.83
C GLY B 242 53.60 -11.17 70.32
N ILE B 243 53.97 -11.29 69.05
CA ILE B 243 54.27 -12.58 68.47
C ILE B 243 55.56 -12.40 67.65
N THR B 244 55.93 -11.14 67.43
CA THR B 244 57.12 -10.76 66.66
C THR B 244 57.17 -11.49 65.32
N GLY C 1 21.06 -34.49 31.99
CA GLY C 1 21.86 -35.64 31.47
C GLY C 1 21.90 -36.81 32.44
N TYR C 2 22.24 -36.53 33.71
CA TYR C 2 22.31 -37.60 34.70
C TYR C 2 20.90 -38.04 35.09
N ASP C 3 20.58 -39.31 34.85
CA ASP C 3 19.26 -39.81 35.20
C ASP C 3 19.27 -41.21 35.80
N ARG C 4 20.33 -41.54 36.53
CA ARG C 4 20.45 -42.84 37.17
C ARG C 4 19.34 -43.03 38.20
N ALA C 5 18.73 -44.21 38.22
CA ALA C 5 17.68 -44.48 39.19
C ALA C 5 18.36 -44.76 40.53
N LEU C 6 18.31 -43.78 41.43
CA LEU C 6 18.91 -43.90 42.75
C LEU C 6 17.94 -44.47 43.77
N SER C 7 16.65 -44.22 43.56
CA SER C 7 15.60 -44.73 44.44
C SER C 7 14.89 -45.86 43.74
N ILE C 8 15.28 -47.09 44.06
CA ILE C 8 14.65 -48.25 43.44
C ILE C 8 14.24 -49.27 44.49
N PHE C 9 13.54 -50.32 44.08
CA PHE C 9 13.10 -51.34 45.00
C PHE C 9 14.17 -52.39 45.26
N SER C 10 14.20 -52.90 46.50
CA SER C 10 15.13 -53.96 46.87
C SER C 10 14.25 -55.20 47.00
N PRO C 11 14.85 -56.40 47.00
CA PRO C 11 14.12 -57.68 47.11
C PRO C 11 12.94 -57.76 48.08
N ASP C 12 13.07 -57.15 49.25
CA ASP C 12 12.03 -57.17 50.26
C ASP C 12 10.95 -56.09 50.07
N GLY C 13 11.04 -55.34 48.97
CA GLY C 13 10.07 -54.29 48.70
C GLY C 13 10.32 -52.94 49.34
N HIS C 14 11.57 -52.65 49.68
CA HIS C 14 11.92 -51.37 50.30
C HIS C 14 12.70 -50.47 49.35
N ILE C 15 12.60 -49.17 49.56
CA ILE C 15 13.35 -48.22 48.77
C ILE C 15 14.36 -47.70 49.76
N PHE C 16 15.56 -48.26 49.75
CA PHE C 16 16.55 -47.85 50.72
C PHE C 16 16.90 -46.37 50.78
N GLN C 17 16.98 -45.70 49.63
CA GLN C 17 17.30 -44.28 49.65
C GLN C 17 16.23 -43.45 50.37
N VAL C 18 14.97 -43.88 50.30
CA VAL C 18 13.91 -43.17 51.02
C VAL C 18 14.05 -43.53 52.50
N GLU C 19 14.34 -44.80 52.76
CA GLU C 19 14.52 -45.30 54.11
C GLU C 19 15.66 -44.55 54.81
N TYR C 20 16.76 -44.38 54.09
CA TYR C 20 17.91 -43.69 54.64
C TYR C 20 17.65 -42.20 54.79
N ALA C 21 16.71 -41.70 53.99
CA ALA C 21 16.34 -40.29 54.07
C ALA C 21 15.70 -40.08 55.44
N LEU C 22 14.96 -41.08 55.92
CA LEU C 22 14.33 -41.00 57.24
C LEU C 22 15.39 -40.98 58.33
N GLU C 23 16.45 -41.76 58.15
CA GLU C 23 17.53 -41.80 59.13
C GLU C 23 18.13 -40.42 59.30
N ALA C 24 18.12 -39.63 58.23
CA ALA C 24 18.64 -38.28 58.29
C ALA C 24 17.70 -37.43 59.14
N VAL C 25 16.41 -37.75 59.09
CA VAL C 25 15.43 -37.01 59.87
C VAL C 25 15.59 -37.32 61.35
N LYS C 26 15.81 -38.60 61.66
CA LYS C 26 15.98 -39.05 63.05
C LYS C 26 17.19 -38.35 63.68
N ARG C 27 18.13 -37.96 62.84
CA ARG C 27 19.34 -37.30 63.29
C ARG C 27 19.16 -35.81 63.54
N GLY C 28 18.16 -35.21 62.89
CA GLY C 28 17.94 -33.78 63.05
C GLY C 28 17.37 -33.38 64.40
N THR C 29 17.49 -32.10 64.73
CA THR C 29 16.98 -31.58 65.99
C THR C 29 15.48 -31.83 66.06
N CYS C 30 14.98 -32.05 67.28
CA CYS C 30 13.57 -32.32 67.49
C CYS C 30 12.62 -31.16 67.21
N ALA C 31 11.46 -31.49 66.66
CA ALA C 31 10.44 -30.51 66.35
C ALA C 31 9.10 -31.06 66.81
N VAL C 32 8.27 -30.20 67.36
CA VAL C 32 6.97 -30.63 67.85
C VAL C 32 5.91 -29.59 67.51
N GLY C 33 4.68 -30.06 67.41
CA GLY C 33 3.57 -29.17 67.13
C GLY C 33 2.35 -29.69 67.85
N VAL C 34 1.63 -28.79 68.52
CA VAL C 34 0.42 -29.18 69.23
C VAL C 34 -0.64 -28.15 68.92
N LYS C 35 -1.84 -28.61 68.59
CA LYS C 35 -2.90 -27.67 68.31
C LYS C 35 -3.81 -27.50 69.50
N GLY C 36 -4.11 -26.23 69.81
CA GLY C 36 -4.99 -25.92 70.91
C GLY C 36 -6.42 -25.85 70.38
N LYS C 37 -7.26 -25.10 71.05
CA LYS C 37 -8.64 -24.99 70.61
C LYS C 37 -8.75 -23.80 69.65
N ASN C 38 -7.78 -22.88 69.77
CA ASN C 38 -7.77 -21.68 68.95
C ASN C 38 -6.35 -21.25 68.55
N CYS C 39 -5.46 -22.22 68.38
CA CYS C 39 -4.09 -21.91 67.99
C CYS C 39 -3.29 -23.17 67.79
N VAL C 40 -2.10 -23.02 67.22
CA VAL C 40 -1.20 -24.16 67.01
C VAL C 40 0.17 -23.65 67.41
N VAL C 41 0.90 -24.46 68.17
CA VAL C 41 2.24 -24.06 68.60
C VAL C 41 3.28 -24.96 67.99
N LEU C 42 4.42 -24.38 67.62
CA LEU C 42 5.51 -25.13 67.04
C LEU C 42 6.80 -24.91 67.82
N GLY C 43 7.31 -25.97 68.40
CA GLY C 43 8.54 -25.87 69.17
C GLY C 43 9.64 -26.72 68.54
N CYS C 44 10.86 -26.22 68.61
CA CYS C 44 12.03 -26.91 68.06
C CYS C 44 13.15 -26.83 69.08
N GLU C 45 14.12 -27.74 68.98
CA GLU C 45 15.25 -27.72 69.90
C GLU C 45 16.47 -27.13 69.18
N ARG C 46 17.41 -26.59 69.95
CA ARG C 46 18.62 -26.02 69.36
C ARG C 46 19.84 -26.83 69.75
N ARG C 47 20.54 -27.33 68.75
CA ARG C 47 21.74 -28.14 68.95
C ARG C 47 22.73 -27.35 69.81
N SER C 48 23.81 -28.01 70.23
CA SER C 48 24.85 -27.37 71.05
C SER C 48 26.23 -27.94 70.75
N THR C 49 26.37 -28.62 69.61
CA THR C 49 27.66 -29.19 69.19
C THR C 49 28.69 -28.06 69.17
N LEU C 50 28.21 -26.85 68.86
CA LEU C 50 29.01 -25.63 68.82
C LEU C 50 28.11 -24.49 69.31
N LYS C 51 28.67 -23.63 70.16
CA LYS C 51 27.91 -22.50 70.68
C LYS C 51 28.81 -21.28 70.67
N LEU C 52 28.35 -20.23 69.98
CA LEU C 52 29.08 -18.97 69.84
C LEU C 52 28.43 -18.33 68.62
N GLN C 53 27.26 -18.85 68.30
CA GLN C 53 26.46 -18.42 67.16
C GLN C 53 25.80 -17.07 67.34
N ASP C 54 25.45 -16.47 66.21
CA ASP C 54 24.77 -15.18 66.19
C ASP C 54 23.31 -15.48 65.90
N THR C 55 22.53 -15.65 66.96
CA THR C 55 21.10 -15.95 66.87
C THR C 55 20.28 -14.97 66.03
N ARG C 56 20.73 -13.73 65.94
CA ARG C 56 20.03 -12.72 65.15
C ARG C 56 19.90 -13.18 63.70
N ILE C 57 21.05 -13.46 63.11
CA ILE C 57 21.15 -13.85 61.71
C ILE C 57 21.10 -15.33 61.35
N THR C 58 21.42 -16.23 62.29
CA THR C 58 21.37 -17.66 61.97
C THR C 58 19.93 -18.09 61.68
N PRO C 59 19.72 -18.74 60.52
CA PRO C 59 18.39 -19.20 60.12
C PRO C 59 17.63 -19.96 61.21
N SER C 60 16.39 -19.53 61.46
CA SER C 60 15.53 -20.13 62.47
C SER C 60 14.91 -21.41 61.91
N LYS C 61 14.39 -22.26 62.79
CA LYS C 61 13.81 -23.54 62.38
C LYS C 61 12.36 -23.48 61.87
N VAL C 62 11.63 -22.44 62.26
CA VAL C 62 10.25 -22.30 61.82
C VAL C 62 10.22 -21.24 60.72
N SER C 63 9.63 -21.58 59.57
CA SER C 63 9.56 -20.63 58.47
C SER C 63 8.15 -20.33 58.01
N LYS C 64 7.88 -19.06 57.74
CA LYS C 64 6.58 -18.64 57.24
C LYS C 64 6.51 -18.93 55.76
N ILE C 65 5.45 -19.61 55.33
CA ILE C 65 5.29 -19.92 53.92
C ILE C 65 4.44 -18.78 53.34
N ASP C 66 3.47 -18.33 54.12
CA ASP C 66 2.62 -17.21 53.76
C ASP C 66 2.28 -16.57 55.12
N SER C 67 1.48 -15.51 55.15
CA SER C 67 1.19 -14.86 56.42
C SER C 67 0.32 -15.67 57.39
N HIS C 68 -0.26 -16.75 56.92
CA HIS C 68 -1.12 -17.57 57.78
C HIS C 68 -0.63 -19.01 57.93
N VAL C 69 0.53 -19.34 57.36
CA VAL C 69 1.04 -20.70 57.43
C VAL C 69 2.52 -20.79 57.71
N VAL C 70 2.91 -21.71 58.59
CA VAL C 70 4.32 -21.87 58.90
C VAL C 70 4.77 -23.32 58.71
N LEU C 71 6.07 -23.48 58.57
CA LEU C 71 6.64 -24.81 58.37
C LEU C 71 7.92 -25.01 59.19
N SER C 72 7.98 -26.14 59.89
CA SER C 72 9.16 -26.50 60.67
C SER C 72 9.59 -27.86 60.14
N PHE C 73 10.80 -28.29 60.48
CA PHE C 73 11.30 -29.55 59.97
C PHE C 73 12.42 -30.16 60.81
N SER C 74 12.76 -31.40 60.49
CA SER C 74 13.85 -32.13 61.13
C SER C 74 14.55 -32.81 59.96
N GLY C 75 15.87 -32.72 59.92
CA GLY C 75 16.63 -33.34 58.85
C GLY C 75 17.70 -32.42 58.30
N LEU C 76 18.04 -32.61 57.03
CA LEU C 76 19.04 -31.80 56.37
C LEU C 76 18.53 -30.38 56.19
N ASN C 77 19.26 -29.41 56.72
CA ASN C 77 18.88 -28.01 56.62
C ASN C 77 18.90 -27.53 55.19
N ALA C 78 19.98 -27.87 54.48
CA ALA C 78 20.11 -27.46 53.10
C ALA C 78 18.90 -27.93 52.31
N ASP C 79 18.47 -29.18 52.53
CA ASP C 79 17.32 -29.72 51.82
C ASP C 79 16.03 -28.96 52.11
N SER C 80 15.82 -28.59 53.37
CA SER C 80 14.60 -27.89 53.74
C SER C 80 14.42 -26.58 52.96
N ARG C 81 15.52 -25.84 52.76
CA ARG C 81 15.44 -24.58 52.03
C ARG C 81 14.76 -24.75 50.68
N ILE C 82 15.11 -25.82 49.97
CA ILE C 82 14.52 -26.07 48.66
C ILE C 82 13.01 -26.20 48.75
N LEU C 83 12.55 -26.99 49.70
CA LEU C 83 11.11 -27.17 49.90
C LEU C 83 10.44 -25.87 50.35
N ILE C 84 11.10 -25.14 51.24
CA ILE C 84 10.54 -23.88 51.72
C ILE C 84 10.32 -22.91 50.58
N GLU C 85 11.33 -22.76 49.74
CA GLU C 85 11.24 -21.86 48.60
C GLU C 85 10.11 -22.27 47.65
N LYS C 86 10.02 -23.56 47.34
CA LYS C 86 8.98 -24.03 46.43
C LYS C 86 7.59 -23.79 47.00
N ALA C 87 7.46 -23.99 48.31
CA ALA C 87 6.20 -23.80 49.00
C ALA C 87 5.77 -22.34 48.94
N ARG C 88 6.73 -21.44 49.20
CA ARG C 88 6.45 -20.02 49.17
C ARG C 88 6.05 -19.56 47.78
N VAL C 89 6.75 -20.07 46.77
CA VAL C 89 6.43 -19.74 45.39
C VAL C 89 5.01 -20.22 45.08
N GLU C 90 4.71 -21.46 45.44
CA GLU C 90 3.39 -22.02 45.18
C GLU C 90 2.29 -21.25 45.90
N ALA C 91 2.59 -20.74 47.07
CA ALA C 91 1.63 -19.99 47.86
C ALA C 91 1.22 -18.72 47.11
N GLN C 92 2.18 -18.03 46.50
CA GLN C 92 1.89 -16.81 45.76
C GLN C 92 1.16 -17.13 44.45
N SER C 93 1.55 -18.23 43.83
CA SER C 93 0.93 -18.65 42.58
C SER C 93 -0.55 -18.92 42.81
N HIS C 94 -0.84 -19.66 43.87
CA HIS C 94 -2.20 -20.00 44.23
C HIS C 94 -3.07 -18.74 44.46
N ARG C 95 -2.50 -17.73 45.12
CA ARG C 95 -3.20 -16.48 45.39
C ARG C 95 -3.45 -15.71 44.11
N LEU C 96 -2.50 -15.80 43.18
CA LEU C 96 -2.58 -15.12 41.91
C LEU C 96 -3.62 -15.73 40.97
N THR C 97 -3.75 -17.05 40.98
CA THR C 97 -4.71 -17.70 40.08
C THR C 97 -6.09 -17.98 40.70
N LEU C 98 -6.14 -18.36 41.97
CA LEU C 98 -7.40 -18.66 42.64
C LEU C 98 -7.97 -17.44 43.38
N GLU C 99 -7.14 -16.42 43.56
CA GLU C 99 -7.54 -15.22 44.28
C GLU C 99 -7.95 -15.56 45.71
N ASP C 100 -7.16 -16.45 46.32
CA ASP C 100 -7.38 -16.91 47.68
C ASP C 100 -6.10 -17.58 48.20
N PRO C 101 -5.70 -17.29 49.44
CA PRO C 101 -4.48 -17.95 49.92
C PRO C 101 -4.73 -19.45 50.09
N VAL C 102 -3.66 -20.22 50.14
CA VAL C 102 -3.76 -21.68 50.28
C VAL C 102 -4.30 -22.15 51.62
N THR C 103 -4.98 -23.29 51.60
CA THR C 103 -5.46 -23.91 52.83
C THR C 103 -4.20 -24.62 53.32
N VAL C 104 -4.16 -25.00 54.59
CA VAL C 104 -2.98 -25.67 55.14
C VAL C 104 -2.81 -27.06 54.52
N GLU C 105 -3.92 -27.73 54.26
CA GLU C 105 -3.88 -29.05 53.66
C GLU C 105 -3.39 -28.96 52.21
N TYR C 106 -3.76 -27.90 51.51
CA TYR C 106 -3.32 -27.72 50.13
C TYR C 106 -1.80 -27.56 50.10
N LEU C 107 -1.30 -26.63 50.91
CA LEU C 107 0.13 -26.37 50.98
C LEU C 107 0.91 -27.62 51.36
N THR C 108 0.32 -28.43 52.25
CA THR C 108 0.92 -29.66 52.72
C THR C 108 0.97 -30.68 51.59
N ARG C 109 -0.16 -30.82 50.90
CA ARG C 109 -0.25 -31.75 49.78
C ARG C 109 0.77 -31.37 48.69
N TYR C 110 1.05 -30.08 48.55
CA TYR C 110 2.00 -29.63 47.56
C TYR C 110 3.41 -30.04 47.96
N VAL C 111 3.82 -29.70 49.18
CA VAL C 111 5.15 -30.06 49.66
C VAL C 111 5.35 -31.57 49.59
N ALA C 112 4.34 -32.31 49.99
CA ALA C 112 4.40 -33.77 49.97
C ALA C 112 4.58 -34.33 48.56
N GLY C 113 3.92 -33.70 47.59
CA GLY C 113 4.03 -34.15 46.22
C GLY C 113 5.45 -33.95 45.70
N VAL C 114 6.06 -32.83 46.08
CA VAL C 114 7.42 -32.55 45.65
C VAL C 114 8.33 -33.61 46.25
N GLN C 115 8.08 -33.97 47.51
CA GLN C 115 8.90 -34.99 48.15
C GLN C 115 8.72 -36.35 47.50
N GLN C 116 7.48 -36.70 47.20
CA GLN C 116 7.22 -37.99 46.57
C GLN C 116 7.95 -38.05 45.23
N ARG C 117 7.83 -36.99 44.45
CA ARG C 117 8.44 -36.91 43.13
C ARG C 117 9.96 -37.19 43.18
N TYR C 118 10.62 -36.69 44.21
CA TYR C 118 12.05 -36.92 44.32
C TYR C 118 12.39 -38.36 44.73
N THR C 119 11.37 -39.22 44.83
CA THR C 119 11.63 -40.61 45.19
C THR C 119 11.49 -41.53 43.97
N GLN C 120 10.95 -40.99 42.88
CA GLN C 120 10.87 -41.81 41.67
C GLN C 120 11.16 -41.03 40.40
N SER C 121 12.21 -40.23 40.47
CA SER C 121 12.72 -39.43 39.35
C SER C 121 14.21 -39.74 39.23
N GLY C 122 14.67 -39.98 38.01
CA GLY C 122 16.08 -40.30 37.85
C GLY C 122 17.03 -39.17 38.18
N GLY C 123 18.24 -39.53 38.59
CA GLY C 123 19.26 -38.54 38.90
C GLY C 123 19.13 -37.72 40.15
N VAL C 124 18.15 -38.03 41.00
CA VAL C 124 17.98 -37.26 42.24
C VAL C 124 17.75 -38.15 43.45
N ARG C 125 18.20 -37.71 44.62
CA ARG C 125 17.97 -38.45 45.85
C ARG C 125 16.79 -37.81 46.59
N PRO C 126 16.12 -38.57 47.45
CA PRO C 126 14.98 -38.04 48.19
C PRO C 126 15.42 -36.95 49.16
N PHE C 127 14.47 -36.15 49.65
CA PHE C 127 14.78 -35.10 50.62
C PHE C 127 15.00 -35.76 51.97
N GLY C 128 16.05 -35.34 52.68
CA GLY C 128 16.29 -35.89 54.01
C GLY C 128 15.59 -34.98 55.00
N VAL C 129 14.30 -34.79 54.78
CA VAL C 129 13.50 -33.91 55.60
C VAL C 129 12.08 -34.37 55.87
N SER C 130 11.59 -34.04 57.05
CA SER C 130 10.21 -34.32 57.46
C SER C 130 9.72 -32.96 57.91
N THR C 131 8.47 -32.63 57.63
CA THR C 131 7.98 -31.32 58.02
C THR C 131 6.69 -31.33 58.82
N LEU C 132 6.48 -30.22 59.50
CA LEU C 132 5.28 -29.96 60.27
C LEU C 132 4.82 -28.65 59.67
N ILE C 133 3.59 -28.66 59.15
CA ILE C 133 3.02 -27.48 58.54
C ILE C 133 1.76 -27.12 59.33
N ALA C 134 1.72 -25.89 59.85
CA ALA C 134 0.59 -25.46 60.64
C ALA C 134 0.07 -24.08 60.28
N GLY C 135 -1.20 -23.86 60.56
CA GLY C 135 -1.81 -22.57 60.27
C GLY C 135 -3.32 -22.64 60.30
N PHE C 136 -3.95 -21.62 59.73
CA PHE C 136 -5.40 -21.53 59.67
C PHE C 136 -5.85 -21.24 58.24
N ASP C 137 -6.81 -22.02 57.74
CA ASP C 137 -7.34 -21.80 56.42
C ASP C 137 -7.91 -20.39 56.39
N PRO C 138 -7.87 -19.72 55.23
CA PRO C 138 -8.41 -18.36 55.11
C PRO C 138 -9.84 -18.27 55.66
N ARG C 139 -10.09 -17.26 56.48
CA ARG C 139 -11.41 -17.04 57.07
C ARG C 139 -11.90 -18.21 57.93
N ASP C 140 -10.98 -19.00 58.46
CA ASP C 140 -11.35 -20.14 59.30
C ASP C 140 -10.61 -20.01 60.62
N ASP C 141 -11.21 -20.54 61.68
CA ASP C 141 -10.62 -20.46 63.01
C ASP C 141 -10.21 -21.82 63.57
N GLU C 142 -10.43 -22.87 62.80
CA GLU C 142 -10.05 -24.20 63.24
C GLU C 142 -8.56 -24.42 62.98
N PRO C 143 -7.80 -24.74 64.03
CA PRO C 143 -6.35 -24.98 63.88
C PRO C 143 -6.00 -26.18 63.01
N LYS C 144 -4.89 -26.06 62.27
CA LYS C 144 -4.45 -27.13 61.37
C LYS C 144 -2.99 -27.51 61.60
N LEU C 145 -2.74 -28.81 61.66
CA LEU C 145 -1.38 -29.32 61.86
C LEU C 145 -1.20 -30.57 61.01
N TYR C 146 -0.23 -30.53 60.12
CA TYR C 146 0.05 -31.65 59.23
C TYR C 146 1.52 -32.02 59.29
N GLN C 147 1.83 -33.24 58.88
CA GLN C 147 3.20 -33.71 58.86
C GLN C 147 3.50 -34.41 57.52
N THR C 148 4.72 -34.20 57.02
CA THR C 148 5.13 -34.84 55.77
C THR C 148 6.48 -35.49 56.02
N GLU C 149 6.78 -36.53 55.26
CA GLU C 149 8.05 -37.25 55.38
C GLU C 149 8.65 -37.51 54.00
N PRO C 150 9.94 -37.88 53.94
CA PRO C 150 10.63 -38.14 52.67
C PRO C 150 9.85 -38.90 51.59
N SER C 151 9.08 -39.91 51.98
CA SER C 151 8.33 -40.69 51.01
C SER C 151 7.25 -39.90 50.29
N GLY C 152 6.82 -38.79 50.89
CA GLY C 152 5.76 -38.01 50.28
C GLY C 152 4.41 -38.23 50.98
N ILE C 153 4.41 -39.10 52.00
CA ILE C 153 3.20 -39.38 52.77
C ILE C 153 2.94 -38.22 53.72
N TYR C 154 1.67 -37.88 53.93
CA TYR C 154 1.33 -36.81 54.84
C TYR C 154 -0.02 -37.08 55.51
N SER C 155 -0.29 -36.37 56.61
CA SER C 155 -1.55 -36.50 57.36
C SER C 155 -1.64 -35.45 58.45
N SER C 156 -2.83 -35.27 59.04
CA SER C 156 -2.96 -34.27 60.10
C SER C 156 -2.91 -34.90 61.49
N TRP C 157 -2.34 -34.15 62.42
CA TRP C 157 -2.16 -34.61 63.79
C TRP C 157 -2.70 -33.61 64.80
N SER C 158 -3.14 -34.12 65.95
CA SER C 158 -3.64 -33.26 67.03
C SER C 158 -2.37 -32.67 67.60
N ALA C 159 -1.33 -33.49 67.61
CA ALA C 159 -0.01 -33.12 68.10
C ALA C 159 0.94 -34.15 67.49
N GLN C 160 2.17 -33.71 67.21
CA GLN C 160 3.15 -34.60 66.61
C GLN C 160 4.55 -34.05 66.81
N THR C 161 5.54 -34.94 66.67
CA THR C 161 6.93 -34.56 66.84
C THR C 161 7.76 -35.36 65.84
N ILE C 162 8.90 -34.81 65.46
CA ILE C 162 9.81 -35.46 64.51
C ILE C 162 11.23 -35.14 64.92
N GLY C 163 12.17 -35.98 64.49
CA GLY C 163 13.56 -35.72 64.83
C GLY C 163 14.07 -36.65 65.91
N ARG C 164 15.28 -36.39 66.39
CA ARG C 164 15.88 -37.24 67.41
C ARG C 164 15.08 -37.25 68.71
N ASN C 165 14.94 -38.43 69.29
CA ASN C 165 14.22 -38.62 70.54
C ASN C 165 12.75 -38.23 70.42
N SER C 166 12.24 -38.17 69.20
CA SER C 166 10.84 -37.83 69.00
C SER C 166 10.00 -38.99 69.51
N LYS C 167 10.63 -40.16 69.67
CA LYS C 167 9.95 -41.35 70.18
C LYS C 167 9.51 -41.00 71.61
N THR C 168 10.45 -40.44 72.35
CA THR C 168 10.25 -40.03 73.74
C THR C 168 9.16 -38.99 73.90
N VAL C 169 9.33 -37.85 73.25
CA VAL C 169 8.36 -36.77 73.34
C VAL C 169 6.99 -37.14 72.78
N ARG C 170 6.93 -38.09 71.85
CA ARG C 170 5.63 -38.47 71.31
C ARG C 170 4.84 -39.17 72.41
N GLU C 171 5.53 -40.04 73.15
CA GLU C 171 4.91 -40.78 74.26
C GLU C 171 4.32 -39.79 75.23
N PHE C 172 5.13 -38.80 75.58
CA PHE C 172 4.69 -37.76 76.49
C PHE C 172 3.37 -37.18 75.99
N LEU C 173 3.35 -36.76 74.73
CA LEU C 173 2.15 -36.19 74.13
C LEU C 173 0.99 -37.17 74.06
N GLU C 174 1.27 -38.46 73.88
CA GLU C 174 0.21 -39.45 73.81
C GLU C 174 -0.49 -39.66 75.15
N LYS C 175 0.24 -39.40 76.24
CA LYS C 175 -0.33 -39.56 77.57
C LYS C 175 -0.43 -38.23 78.28
N ASN C 176 -0.54 -37.16 77.51
CA ASN C 176 -0.66 -35.82 78.08
C ASN C 176 -1.51 -34.91 77.20
N TYR C 177 -2.05 -35.48 76.11
CA TYR C 177 -2.89 -34.72 75.20
C TYR C 177 -4.26 -35.38 75.10
N ASP C 178 -5.28 -34.63 75.48
CA ASP C 178 -6.66 -35.11 75.44
C ASP C 178 -7.41 -34.42 74.32
N ARG C 179 -7.87 -35.20 73.34
CA ARG C 179 -8.61 -34.63 72.23
C ARG C 179 -9.94 -34.09 72.72
N LYS C 180 -10.39 -34.60 73.87
CA LYS C 180 -11.66 -34.16 74.46
C LYS C 180 -11.53 -32.70 74.85
N GLU C 181 -10.42 -32.35 75.50
CA GLU C 181 -10.19 -30.98 75.93
C GLU C 181 -8.81 -30.48 75.54
N PRO C 182 -8.64 -30.07 74.28
CA PRO C 182 -7.34 -29.57 73.80
C PRO C 182 -6.98 -28.30 74.56
N PRO C 183 -5.68 -28.01 74.68
CA PRO C 183 -5.22 -26.81 75.39
C PRO C 183 -6.07 -25.59 74.99
N ALA C 184 -7.14 -25.35 75.74
CA ALA C 184 -8.05 -24.24 75.45
C ALA C 184 -7.42 -22.85 75.47
N THR C 185 -6.13 -22.75 75.74
CA THR C 185 -5.48 -21.45 75.77
C THR C 185 -4.11 -21.43 75.10
N VAL C 186 -3.74 -20.27 74.57
CA VAL C 186 -2.45 -20.11 73.94
C VAL C 186 -1.40 -20.45 74.99
N GLU C 187 -1.63 -19.99 76.22
CA GLU C 187 -0.70 -20.23 77.31
C GLU C 187 -0.56 -21.69 77.71
N GLU C 188 -1.67 -22.37 77.98
CA GLU C 188 -1.55 -23.77 78.37
C GLU C 188 -1.13 -24.66 77.20
N CYS C 189 -1.28 -24.15 75.98
CA CYS C 189 -0.87 -24.90 74.80
C CYS C 189 0.64 -24.78 74.65
N VAL C 190 1.14 -23.57 74.88
CA VAL C 190 2.58 -23.33 74.80
C VAL C 190 3.28 -24.10 75.89
N LYS C 191 2.62 -24.24 77.03
CA LYS C 191 3.17 -24.96 78.17
C LYS C 191 3.34 -26.43 77.82
N LEU C 192 2.27 -27.04 77.31
CA LEU C 192 2.33 -28.44 76.94
C LEU C 192 3.45 -28.70 75.92
N THR C 193 3.70 -27.72 75.07
CA THR C 193 4.75 -27.84 74.06
C THR C 193 6.14 -27.78 74.68
N VAL C 194 6.33 -26.89 75.66
CA VAL C 194 7.62 -26.78 76.31
C VAL C 194 7.85 -28.01 77.20
N ARG C 195 6.80 -28.48 77.85
CA ARG C 195 6.91 -29.65 78.71
C ARG C 195 7.42 -30.82 77.90
N SER C 196 6.79 -31.06 76.75
CA SER C 196 7.17 -32.17 75.87
C SER C 196 8.62 -32.07 75.39
N LEU C 197 9.11 -30.85 75.19
CA LEU C 197 10.49 -30.68 74.73
C LEU C 197 11.48 -30.92 75.87
N LEU C 198 11.12 -30.48 77.07
CA LEU C 198 11.99 -30.66 78.22
C LEU C 198 12.25 -32.13 78.52
N GLU C 199 11.43 -33.01 77.94
CA GLU C 199 11.60 -34.43 78.12
C GLU C 199 12.85 -34.90 77.40
N VAL C 200 13.33 -34.08 76.46
CA VAL C 200 14.51 -34.43 75.68
C VAL C 200 15.58 -33.35 75.55
N VAL C 201 15.21 -32.09 75.74
CA VAL C 201 16.18 -31.01 75.61
C VAL C 201 17.18 -30.91 76.77
N GLN C 202 16.80 -31.44 77.93
CA GLN C 202 17.67 -31.42 79.11
C GLN C 202 18.12 -29.99 79.38
N THR C 203 17.30 -29.26 80.13
CA THR C 203 17.58 -27.86 80.49
C THR C 203 18.24 -27.09 79.36
N GLY C 204 17.42 -26.38 78.59
CA GLY C 204 17.93 -25.60 77.49
C GLY C 204 17.05 -24.39 77.20
N ALA C 205 17.14 -23.38 78.06
CA ALA C 205 16.35 -22.18 77.89
C ALA C 205 16.66 -21.55 76.52
N LYS C 206 17.94 -21.56 76.15
CA LYS C 206 18.37 -21.01 74.87
C LYS C 206 18.41 -22.11 73.81
N ASN C 207 17.98 -23.31 74.19
CA ASN C 207 17.95 -24.45 73.29
C ASN C 207 16.50 -24.79 72.91
N ILE C 208 15.57 -23.89 73.24
CA ILE C 208 14.15 -24.11 72.94
C ILE C 208 13.48 -22.85 72.40
N GLU C 209 12.94 -22.95 71.19
CA GLU C 209 12.25 -21.83 70.58
C GLU C 209 10.81 -22.19 70.23
N ILE C 210 9.89 -21.30 70.61
CA ILE C 210 8.47 -21.49 70.36
C ILE C 210 7.95 -20.43 69.39
N THR C 211 6.92 -20.79 68.64
CA THR C 211 6.26 -19.89 67.70
C THR C 211 4.77 -20.17 67.82
N VAL C 212 3.99 -19.12 68.04
CA VAL C 212 2.55 -19.28 68.18
C VAL C 212 1.80 -18.76 66.98
N VAL C 213 0.89 -19.58 66.46
CA VAL C 213 0.11 -19.19 65.31
C VAL C 213 -1.37 -19.16 65.69
N LYS C 214 -2.00 -18.00 65.46
CA LYS C 214 -3.41 -17.80 65.76
C LYS C 214 -4.12 -17.50 64.44
N PRO C 215 -5.46 -17.54 64.44
CA PRO C 215 -6.26 -17.27 63.23
C PRO C 215 -5.94 -15.89 62.62
N ASP C 216 -6.32 -15.72 61.36
CA ASP C 216 -6.11 -14.46 60.65
C ASP C 216 -4.68 -13.93 60.60
N SER C 217 -3.74 -14.80 60.21
CA SER C 217 -2.34 -14.41 60.05
C SER C 217 -1.67 -13.83 61.29
N ASP C 218 -2.09 -14.26 62.47
CA ASP C 218 -1.49 -13.77 63.69
C ASP C 218 -0.40 -14.77 64.08
N ILE C 219 0.83 -14.47 63.70
CA ILE C 219 1.96 -15.35 63.98
C ILE C 219 3.04 -14.58 64.71
N VAL C 220 3.61 -15.20 65.75
CA VAL C 220 4.65 -14.57 66.54
C VAL C 220 5.55 -15.59 67.22
N ALA C 221 6.83 -15.24 67.33
CA ALA C 221 7.81 -16.10 67.98
C ALA C 221 8.15 -15.55 69.35
N LEU C 222 8.19 -16.43 70.36
CA LEU C 222 8.50 -16.00 71.71
C LEU C 222 9.99 -15.71 71.86
N SER C 223 10.33 -14.94 72.89
CA SER C 223 11.72 -14.59 73.16
C SER C 223 12.22 -15.50 74.28
N SER C 224 13.54 -15.55 74.45
CA SER C 224 14.14 -16.39 75.48
C SER C 224 13.42 -16.30 76.82
N GLU C 225 13.20 -15.07 77.28
CA GLU C 225 12.53 -14.82 78.55
C GLU C 225 11.17 -15.48 78.60
N GLU C 226 10.29 -15.05 77.70
CA GLU C 226 8.93 -15.58 77.64
C GLU C 226 8.96 -17.09 77.77
N ILE C 227 9.92 -17.72 77.09
CA ILE C 227 10.01 -19.17 77.14
C ILE C 227 10.63 -19.60 78.48
N ASN C 228 11.74 -18.96 78.84
CA ASN C 228 12.44 -19.26 80.09
C ASN C 228 11.44 -19.23 81.25
N GLN C 229 10.44 -18.36 81.12
CA GLN C 229 9.41 -18.23 82.15
C GLN C 229 8.58 -19.49 82.22
N TYR C 230 8.26 -20.05 81.05
CA TYR C 230 7.48 -21.28 80.99
C TYR C 230 8.28 -22.42 81.61
N VAL C 231 9.57 -22.46 81.32
CA VAL C 231 10.45 -23.49 81.86
C VAL C 231 10.41 -23.44 83.40
N THR C 232 10.67 -22.25 83.92
CA THR C 232 10.69 -22.00 85.36
C THR C 232 9.42 -22.48 86.06
N GLN C 233 8.28 -22.05 85.55
CA GLN C 233 7.01 -22.43 86.14
C GLN C 233 6.81 -23.94 86.09
N ILE C 234 7.46 -24.60 85.13
CA ILE C 234 7.32 -26.05 84.98
C ILE C 234 8.19 -26.86 85.95
N GLU C 235 9.42 -26.40 86.19
CA GLU C 235 10.30 -27.11 87.09
C GLU C 235 9.74 -27.10 88.51
N GLN C 236 8.91 -26.11 88.79
CA GLN C 236 8.28 -26.00 90.10
C GLN C 236 7.16 -27.02 90.22
N GLU C 237 6.45 -27.26 89.11
CA GLU C 237 5.36 -28.23 89.11
C GLU C 237 5.92 -29.57 89.60
N LYS C 238 7.18 -29.81 89.29
CA LYS C 238 7.87 -31.03 89.67
C LYS C 238 8.29 -31.00 91.15
N GLN C 239 9.12 -30.03 91.49
CA GLN C 239 9.61 -29.86 92.86
C GLN C 239 8.48 -29.78 93.89
N GLU C 240 7.38 -29.13 93.52
CA GLU C 240 6.24 -28.99 94.41
C GLU C 240 5.60 -30.37 94.59
N GLN C 241 6.44 -31.39 94.61
CA GLN C 241 6.00 -32.77 94.76
C GLN C 241 7.22 -33.67 94.98
N ASP D 1 26.14 -51.81 38.67
CA ASP D 1 25.03 -52.53 39.39
C ASP D 1 24.21 -53.38 38.42
N ARG D 2 22.90 -53.12 38.35
CA ARG D 2 22.02 -53.87 37.46
C ARG D 2 20.84 -52.99 37.02
N GLY D 3 20.52 -53.02 35.73
CA GLY D 3 19.43 -52.22 35.20
C GLY D 3 18.11 -52.37 35.94
N VAL D 4 17.32 -51.29 35.96
CA VAL D 4 16.03 -51.31 36.63
C VAL D 4 14.97 -52.02 35.81
N SER D 5 15.29 -52.32 34.56
CA SER D 5 14.34 -53.02 33.70
C SER D 5 14.95 -54.32 33.21
N THR D 6 15.65 -55.01 34.10
CA THR D 6 16.29 -56.27 33.81
C THR D 6 15.33 -57.44 34.05
N PHE D 7 15.46 -58.49 33.26
CA PHE D 7 14.64 -59.68 33.40
C PHE D 7 15.36 -60.70 34.28
N SER D 8 14.60 -61.42 35.09
CA SER D 8 15.18 -62.45 35.94
C SER D 8 15.32 -63.67 35.04
N PRO D 9 16.06 -64.69 35.48
CA PRO D 9 16.19 -65.87 34.62
C PRO D 9 14.87 -66.60 34.40
N GLU D 10 13.88 -66.30 35.24
CA GLU D 10 12.55 -66.93 35.12
C GLU D 10 11.60 -66.12 34.25
N GLY D 11 12.10 -65.05 33.64
CA GLY D 11 11.26 -64.22 32.78
C GLY D 11 10.39 -63.19 33.48
N ARG D 12 10.86 -62.71 34.63
CA ARG D 12 10.10 -61.71 35.37
C ARG D 12 10.97 -60.45 35.53
N LEU D 13 10.31 -59.30 35.66
CA LEU D 13 11.03 -58.04 35.83
C LEU D 13 11.25 -57.82 37.32
N PHE D 14 12.51 -57.83 37.73
CA PHE D 14 12.88 -57.65 39.13
C PHE D 14 12.17 -56.52 39.85
N GLN D 15 12.30 -55.31 39.32
CA GLN D 15 11.66 -54.17 39.95
C GLN D 15 10.16 -54.32 40.13
N VAL D 16 9.50 -55.01 39.21
CA VAL D 16 8.07 -55.19 39.32
C VAL D 16 7.74 -56.20 40.43
N GLU D 17 8.49 -57.30 40.48
CA GLU D 17 8.27 -58.31 41.51
C GLU D 17 8.57 -57.71 42.89
N TYR D 18 9.66 -56.96 43.01
CA TYR D 18 10.00 -56.35 44.30
C TYR D 18 8.93 -55.33 44.66
N SER D 19 8.32 -54.75 43.63
CA SER D 19 7.27 -53.77 43.81
C SER D 19 6.09 -54.43 44.51
N LEU D 20 5.74 -55.61 44.01
CA LEU D 20 4.65 -56.40 44.57
C LEU D 20 4.87 -56.72 46.05
N GLU D 21 6.12 -56.82 46.48
CA GLU D 21 6.42 -57.10 47.87
C GLU D 21 6.05 -55.93 48.77
N ALA D 22 6.30 -54.71 48.30
CA ALA D 22 5.97 -53.53 49.08
C ALA D 22 4.46 -53.46 49.23
N ILE D 23 3.75 -53.87 48.19
CA ILE D 23 2.30 -53.84 48.20
C ILE D 23 1.70 -54.84 49.19
N LYS D 24 2.42 -55.91 49.47
CA LYS D 24 1.95 -56.90 50.43
C LYS D 24 1.99 -56.31 51.84
N LEU D 25 2.92 -55.39 52.06
CA LEU D 25 3.07 -54.74 53.35
C LEU D 25 2.06 -53.63 53.56
N GLY D 26 1.28 -53.32 52.53
CA GLY D 26 0.31 -52.25 52.63
C GLY D 26 -0.95 -52.60 53.38
N SER D 27 -1.75 -51.57 53.68
CA SER D 27 -3.02 -51.75 54.37
C SER D 27 -3.97 -52.51 53.49
N THR D 28 -4.86 -53.28 54.09
CA THR D 28 -5.83 -54.07 53.35
C THR D 28 -6.89 -53.21 52.67
N ALA D 29 -7.28 -53.62 51.47
CA ALA D 29 -8.31 -52.94 50.70
C ALA D 29 -9.13 -54.05 50.04
N ILE D 30 -10.45 -53.92 50.06
CA ILE D 30 -11.32 -54.94 49.48
C ILE D 30 -12.42 -54.32 48.64
N GLY D 31 -12.79 -55.02 47.57
CA GLY D 31 -13.85 -54.56 46.70
C GLY D 31 -14.78 -55.70 46.33
N ILE D 32 -16.09 -55.41 46.33
CA ILE D 32 -17.10 -56.41 45.97
C ILE D 32 -18.05 -55.83 44.93
N ALA D 33 -18.19 -56.52 43.81
CA ALA D 33 -19.07 -56.05 42.75
C ALA D 33 -20.37 -56.85 42.76
N THR D 34 -21.51 -56.17 42.71
CA THR D 34 -22.83 -56.80 42.71
C THR D 34 -23.68 -56.12 41.64
N LYS D 35 -24.87 -56.67 41.38
CA LYS D 35 -25.75 -56.08 40.38
C LYS D 35 -26.45 -54.83 40.92
N GLU D 36 -26.09 -54.44 42.13
CA GLU D 36 -26.67 -53.26 42.78
C GLU D 36 -25.59 -52.23 43.05
N GLY D 37 -24.38 -52.50 42.57
CA GLY D 37 -23.30 -51.56 42.80
C GLY D 37 -22.03 -52.27 43.26
N VAL D 38 -20.98 -51.49 43.47
CA VAL D 38 -19.71 -52.07 43.91
C VAL D 38 -19.31 -51.39 45.20
N VAL D 39 -18.85 -52.19 46.15
CA VAL D 39 -18.42 -51.67 47.45
C VAL D 39 -16.91 -51.71 47.52
N LEU D 40 -16.34 -50.68 48.13
CA LEU D 40 -14.90 -50.57 48.27
C LEU D 40 -14.60 -50.19 49.71
N GLY D 41 -13.82 -51.01 50.38
CA GLY D 41 -13.48 -50.74 51.78
C GLY D 41 -11.99 -50.83 52.02
N VAL D 42 -11.51 -50.09 53.01
CA VAL D 42 -10.09 -50.07 53.32
C VAL D 42 -9.82 -50.00 54.81
N GLU D 43 -8.60 -50.40 55.18
CA GLU D 43 -8.13 -50.34 56.55
C GLU D 43 -7.34 -49.04 56.66
N LYS D 44 -7.78 -48.13 57.52
CA LYS D 44 -7.07 -46.87 57.70
C LYS D 44 -5.65 -47.14 58.19
N ARG D 45 -5.53 -47.90 59.28
CA ARG D 45 -4.27 -48.24 59.90
C ARG D 45 -3.40 -47.04 60.29
N ALA D 46 -3.89 -46.21 61.20
CA ALA D 46 -3.13 -45.05 61.65
C ALA D 46 -1.96 -45.57 62.49
N THR D 47 -0.85 -44.83 62.50
CA THR D 47 0.34 -45.25 63.24
C THR D 47 0.48 -44.69 64.66
N SER D 48 -0.46 -43.85 65.06
CA SER D 48 -0.42 -43.27 66.40
C SER D 48 -1.78 -42.70 66.75
N PRO D 49 -2.15 -42.73 68.02
CA PRO D 49 -3.45 -42.21 68.45
C PRO D 49 -3.62 -40.70 68.23
N LEU D 50 -2.51 -39.99 68.08
CA LEU D 50 -2.55 -38.55 67.85
C LEU D 50 -2.85 -38.21 66.39
N LEU D 51 -2.73 -39.19 65.51
CA LEU D 51 -3.01 -39.01 64.09
C LEU D 51 -4.52 -38.96 63.88
N GLU D 52 -5.00 -37.87 63.28
CA GLU D 52 -6.41 -37.71 63.02
C GLU D 52 -6.81 -38.65 61.87
N SER D 53 -7.45 -39.76 62.24
CA SER D 53 -7.86 -40.80 61.31
C SER D 53 -8.58 -40.38 60.02
N ASP D 54 -9.36 -39.31 60.06
CA ASP D 54 -10.07 -38.91 58.85
C ASP D 54 -9.21 -38.20 57.82
N SER D 55 -7.95 -37.95 58.14
CA SER D 55 -7.06 -37.32 57.17
C SER D 55 -6.40 -38.43 56.34
N ILE D 56 -6.79 -39.67 56.60
CA ILE D 56 -6.27 -40.84 55.89
C ILE D 56 -7.21 -41.05 54.72
N GLU D 57 -6.71 -40.82 53.50
CA GLU D 57 -7.50 -40.95 52.29
C GLU D 57 -7.01 -42.06 51.38
N LYS D 58 -7.57 -43.25 51.53
CA LYS D 58 -7.16 -44.38 50.72
C LYS D 58 -8.24 -44.81 49.76
N ILE D 59 -9.34 -44.07 49.77
CA ILE D 59 -10.45 -44.30 48.83
C ILE D 59 -10.69 -42.93 48.19
N VAL D 60 -10.58 -42.82 46.87
CA VAL D 60 -10.78 -41.54 46.20
C VAL D 60 -11.66 -41.64 44.97
N GLU D 61 -12.29 -40.52 44.62
CA GLU D 61 -13.15 -40.43 43.45
C GLU D 61 -12.34 -40.09 42.18
N ILE D 62 -12.61 -40.81 41.11
CA ILE D 62 -11.97 -40.58 39.83
C ILE D 62 -12.92 -39.69 39.03
N ASP D 63 -14.19 -40.08 39.03
CA ASP D 63 -15.25 -39.34 38.36
C ASP D 63 -16.53 -39.81 39.07
N ARG D 64 -17.68 -39.25 38.74
CA ARG D 64 -18.94 -39.62 39.40
C ARG D 64 -19.29 -41.11 39.30
N HIS D 65 -18.84 -41.76 38.24
CA HIS D 65 -19.14 -43.17 38.02
C HIS D 65 -17.94 -44.07 38.27
N ILE D 66 -16.86 -43.52 38.81
CA ILE D 66 -15.67 -44.33 39.07
C ILE D 66 -14.98 -43.91 40.36
N GLY D 67 -14.67 -44.91 41.18
CA GLY D 67 -13.98 -44.66 42.43
C GLY D 67 -12.83 -45.65 42.54
N CYS D 68 -11.90 -45.41 43.45
CA CYS D 68 -10.80 -46.34 43.56
C CYS D 68 -10.17 -46.41 44.95
N ALA D 69 -9.65 -47.60 45.27
CA ALA D 69 -9.02 -47.84 46.56
C ALA D 69 -7.58 -48.24 46.29
N MET D 70 -6.69 -47.89 47.22
CA MET D 70 -5.27 -48.16 47.06
C MET D 70 -4.65 -48.93 48.22
N SER D 71 -3.53 -49.58 47.95
CA SER D 71 -2.80 -50.35 48.95
C SER D 71 -1.31 -50.39 48.61
N GLY D 72 -0.47 -50.04 49.57
CA GLY D 72 0.97 -50.04 49.35
C GLY D 72 1.56 -48.68 49.63
N LEU D 73 2.55 -48.27 48.84
CA LEU D 73 3.16 -46.95 49.02
C LEU D 73 2.16 -45.95 48.47
N THR D 74 1.20 -45.56 49.31
CA THR D 74 0.13 -44.66 48.89
C THR D 74 0.54 -43.32 48.31
N ALA D 75 1.70 -42.79 48.70
CA ALA D 75 2.13 -41.51 48.14
C ALA D 75 2.30 -41.66 46.62
N ASP D 76 2.65 -42.88 46.18
CA ASP D 76 2.86 -43.19 44.76
C ASP D 76 1.58 -43.14 43.94
N ALA D 77 0.44 -43.19 44.62
CA ALA D 77 -0.83 -43.21 43.90
C ALA D 77 -1.36 -41.85 43.49
N ARG D 78 -0.84 -40.77 44.06
CA ARG D 78 -1.34 -39.45 43.72
C ARG D 78 -1.29 -39.10 42.24
N SER D 79 -0.14 -39.31 41.59
CA SER D 79 -0.03 -39.00 40.17
C SER D 79 -0.90 -39.94 39.35
N MET D 80 -1.14 -41.14 39.88
CA MET D 80 -1.99 -42.11 39.19
C MET D 80 -3.45 -41.65 39.24
N ILE D 81 -3.86 -41.13 40.39
CA ILE D 81 -5.22 -40.65 40.56
C ILE D 81 -5.41 -39.45 39.64
N GLU D 82 -4.41 -38.56 39.67
CA GLU D 82 -4.40 -37.34 38.86
C GLU D 82 -4.55 -37.70 37.39
N HIS D 83 -3.74 -38.64 36.93
CA HIS D 83 -3.80 -39.07 35.54
C HIS D 83 -5.20 -39.59 35.24
N ALA D 84 -5.74 -40.39 36.16
CA ALA D 84 -7.07 -40.98 36.00
C ALA D 84 -8.16 -39.93 35.89
N ARG D 85 -8.15 -38.96 36.79
CA ARG D 85 -9.15 -37.92 36.77
C ARG D 85 -9.07 -37.11 35.48
N THR D 86 -7.84 -36.81 35.05
CA THR D 86 -7.64 -36.05 33.84
C THR D 86 -8.13 -36.84 32.64
N ALA D 87 -7.83 -38.12 32.63
CA ALA D 87 -8.26 -39.00 31.54
C ALA D 87 -9.78 -39.04 31.43
N ALA D 88 -10.47 -39.16 32.56
CA ALA D 88 -11.92 -39.23 32.55
C ALA D 88 -12.54 -37.92 32.11
N VAL D 89 -12.06 -36.82 32.67
CA VAL D 89 -12.58 -35.49 32.30
C VAL D 89 -12.26 -35.21 30.83
N THR D 90 -11.03 -35.50 30.42
CA THR D 90 -10.64 -35.26 29.04
C THR D 90 -11.55 -36.04 28.09
N HIS D 91 -11.84 -37.29 28.42
CA HIS D 91 -12.70 -38.10 27.56
C HIS D 91 -14.05 -37.42 27.39
N ASN D 92 -14.58 -36.91 28.50
CA ASN D 92 -15.86 -36.26 28.45
C ASN D 92 -15.84 -35.00 27.62
N LEU D 93 -14.74 -34.27 27.65
CA LEU D 93 -14.63 -33.05 26.86
C LEU D 93 -14.59 -33.39 25.36
N TYR D 94 -13.86 -34.45 25.01
CA TYR D 94 -13.75 -34.87 23.61
C TYR D 94 -14.96 -35.62 23.07
N TYR D 95 -15.67 -36.37 23.92
CA TYR D 95 -16.80 -37.15 23.42
C TYR D 95 -18.17 -36.88 24.01
N ASP D 96 -18.26 -35.91 24.91
CA ASP D 96 -19.55 -35.58 25.51
C ASP D 96 -20.21 -36.85 26.06
N GLU D 97 -19.48 -37.60 26.88
CA GLU D 97 -19.99 -38.82 27.46
C GLU D 97 -19.02 -39.27 28.57
N ASP D 98 -19.41 -40.31 29.30
CA ASP D 98 -18.60 -40.85 30.38
C ASP D 98 -17.61 -41.83 29.80
N ILE D 99 -16.43 -41.89 30.39
CA ILE D 99 -15.39 -42.81 29.95
C ILE D 99 -15.78 -44.18 30.51
N ASN D 100 -15.55 -45.24 29.73
CA ASN D 100 -15.84 -46.59 30.20
C ASN D 100 -14.84 -46.96 31.29
N VAL D 101 -15.30 -47.68 32.32
CA VAL D 101 -14.43 -48.08 33.42
C VAL D 101 -13.19 -48.81 32.97
N GLU D 102 -13.33 -49.68 31.97
CA GLU D 102 -12.21 -50.46 31.47
C GLU D 102 -11.18 -49.59 30.76
N SER D 103 -11.65 -48.59 30.01
CA SER D 103 -10.77 -47.68 29.29
C SER D 103 -9.99 -46.84 30.28
N LEU D 104 -10.68 -46.37 31.31
CA LEU D 104 -10.05 -45.56 32.34
C LEU D 104 -8.95 -46.40 33.00
N THR D 105 -9.27 -47.66 33.27
CA THR D 105 -8.29 -48.55 33.90
C THR D 105 -7.09 -48.81 32.99
N GLN D 106 -7.38 -49.12 31.72
CA GLN D 106 -6.33 -49.37 30.74
C GLN D 106 -5.38 -48.17 30.62
N SER D 107 -5.94 -46.97 30.73
CA SER D 107 -5.14 -45.75 30.65
C SER D 107 -4.21 -45.60 31.84
N VAL D 108 -4.70 -45.92 33.03
CA VAL D 108 -3.89 -45.84 34.23
C VAL D 108 -2.77 -46.88 34.14
N CYS D 109 -3.12 -48.08 33.67
CA CYS D 109 -2.16 -49.15 33.55
C CYS D 109 -1.09 -48.87 32.50
N ASP D 110 -1.34 -47.91 31.62
CA ASP D 110 -0.36 -47.59 30.59
C ASP D 110 0.85 -46.86 31.17
N LEU D 111 0.69 -46.28 32.35
CA LEU D 111 1.80 -45.58 33.00
C LEU D 111 2.73 -46.58 33.67
N ALA D 112 2.15 -47.68 34.13
CA ALA D 112 2.86 -48.74 34.84
C ALA D 112 4.28 -49.07 34.41
N LEU D 113 4.44 -49.59 33.19
CA LEU D 113 5.77 -49.98 32.74
C LEU D 113 6.65 -48.85 32.19
N ARG D 114 6.20 -47.60 32.33
CA ARG D 114 6.96 -46.45 31.86
C ARG D 114 8.05 -46.05 32.84
N PHE D 115 9.00 -46.94 33.08
CA PHE D 115 10.10 -46.64 33.98
C PHE D 115 11.39 -47.18 33.38
N GLY D 116 12.52 -46.68 33.88
CA GLY D 116 13.81 -47.12 33.37
C GLY D 116 14.81 -45.99 33.30
N GLU D 117 16.02 -46.28 32.83
CA GLU D 117 17.07 -45.26 32.71
C GLU D 117 17.37 -44.93 31.25
N GLY D 118 16.43 -45.28 30.36
CA GLY D 118 16.60 -45.02 28.94
C GLY D 118 16.16 -46.18 28.06
N ALA D 119 14.95 -46.69 28.29
CA ALA D 119 14.40 -47.81 27.53
C ALA D 119 13.96 -47.40 26.11
N SER D 120 14.58 -48.02 25.11
CA SER D 120 14.30 -47.74 23.70
C SER D 120 12.87 -48.11 23.26
N GLY D 121 11.94 -47.17 23.46
CA GLY D 121 10.56 -47.39 23.07
C GLY D 121 9.73 -46.12 23.07
N GLU D 122 10.26 -45.07 23.70
CA GLU D 122 9.62 -43.76 23.79
C GLU D 122 10.44 -42.94 24.79
N GLU D 123 9.77 -42.29 25.75
CA GLU D 123 10.49 -41.52 26.76
C GLU D 123 9.95 -41.78 28.18
N ARG D 124 10.12 -43.02 28.63
CA ARG D 124 9.68 -43.46 29.96
C ARG D 124 10.55 -42.88 31.06
N LEU D 125 10.28 -41.63 31.44
CA LEU D 125 11.05 -40.98 32.47
C LEU D 125 10.45 -41.17 33.87
N MET D 126 10.75 -42.33 34.46
CA MET D 126 10.29 -42.66 35.80
C MET D 126 11.35 -43.68 36.25
N SER D 127 12.00 -43.41 37.37
CA SER D 127 13.08 -44.26 37.84
C SER D 127 12.72 -45.65 38.35
N ARG D 128 11.48 -45.84 38.79
CA ARG D 128 11.06 -47.13 39.34
C ARG D 128 9.57 -47.31 39.13
N PRO D 129 9.09 -48.55 39.25
CA PRO D 129 7.65 -48.82 39.08
C PRO D 129 6.90 -48.22 40.26
N PHE D 130 5.57 -48.15 40.15
CA PHE D 130 4.77 -47.63 41.27
C PHE D 130 4.77 -48.71 42.34
N GLY D 131 4.80 -48.30 43.60
CA GLY D 131 4.79 -49.28 44.68
C GLY D 131 3.41 -49.36 45.33
N VAL D 132 2.37 -49.29 44.52
CA VAL D 132 1.02 -49.34 45.03
C VAL D 132 0.09 -50.00 44.03
N ALA D 133 -0.89 -50.75 44.53
CA ALA D 133 -1.86 -51.40 43.65
C ALA D 133 -3.17 -50.67 43.86
N LEU D 134 -4.05 -50.74 42.87
CA LEU D 134 -5.32 -50.05 42.98
C LEU D 134 -6.51 -50.94 42.61
N LEU D 135 -7.64 -50.64 43.22
CA LEU D 135 -8.88 -51.33 42.90
C LEU D 135 -9.73 -50.23 42.29
N ILE D 136 -9.99 -50.31 40.99
CA ILE D 136 -10.81 -49.30 40.34
C ILE D 136 -12.19 -49.91 40.19
N ALA D 137 -13.20 -49.20 40.72
CA ALA D 137 -14.58 -49.67 40.65
C ALA D 137 -15.49 -48.59 40.05
N GLY D 138 -16.44 -49.02 39.23
CA GLY D 138 -17.34 -48.06 38.65
C GLY D 138 -18.47 -48.70 37.86
N HIS D 139 -19.19 -47.86 37.13
CA HIS D 139 -20.30 -48.31 36.31
C HIS D 139 -20.37 -47.55 35.00
N ASP D 140 -20.76 -48.25 33.95
CA ASP D 140 -20.94 -47.65 32.64
C ASP D 140 -22.02 -48.45 31.92
N ALA D 141 -22.77 -47.80 31.04
CA ALA D 141 -23.87 -48.41 30.31
C ALA D 141 -23.63 -49.73 29.58
N ASP D 142 -22.41 -49.96 29.10
CA ASP D 142 -22.12 -51.17 28.34
C ASP D 142 -21.82 -52.44 29.14
N ASP D 143 -21.09 -52.31 30.24
CA ASP D 143 -20.73 -53.48 31.05
C ASP D 143 -21.13 -53.36 32.51
N GLY D 144 -22.10 -52.50 32.80
CA GLY D 144 -22.57 -52.33 34.16
C GLY D 144 -21.49 -52.11 35.20
N TYR D 145 -21.73 -52.60 36.40
CA TYR D 145 -20.81 -52.48 37.51
C TYR D 145 -19.55 -53.30 37.31
N GLN D 146 -18.40 -52.70 37.62
CA GLN D 146 -17.13 -53.38 37.43
C GLN D 146 -16.08 -53.10 38.49
N LEU D 147 -15.25 -54.10 38.74
CA LEU D 147 -14.18 -54.01 39.71
C LEU D 147 -12.91 -54.45 39.00
N PHE D 148 -11.86 -53.63 39.08
CA PHE D 148 -10.60 -53.94 38.43
C PHE D 148 -9.45 -53.85 39.42
N HIS D 149 -8.44 -54.68 39.21
CA HIS D 149 -7.25 -54.67 40.03
C HIS D 149 -6.11 -54.24 39.09
N ALA D 150 -5.55 -53.07 39.35
CA ALA D 150 -4.46 -52.52 38.54
C ALA D 150 -3.15 -52.64 39.30
N GLU D 151 -2.21 -53.40 38.75
CA GLU D 151 -0.91 -53.62 39.39
C GLU D 151 0.20 -52.87 38.68
N PRO D 152 1.34 -52.66 39.37
CA PRO D 152 2.52 -51.96 38.85
C PRO D 152 3.14 -52.70 37.66
N SER D 153 2.53 -53.83 37.32
CA SER D 153 3.01 -54.64 36.20
C SER D 153 2.34 -54.16 34.91
N GLY D 154 1.37 -53.26 35.05
CA GLY D 154 0.67 -52.76 33.90
C GLY D 154 -0.52 -53.62 33.52
N THR D 155 -0.65 -54.77 34.17
CA THR D 155 -1.76 -55.66 33.88
C THR D 155 -2.91 -55.40 34.84
N PHE D 156 -4.13 -55.53 34.36
CA PHE D 156 -5.30 -55.30 35.19
C PHE D 156 -6.30 -56.40 34.95
N TYR D 157 -6.79 -56.97 36.03
CA TYR D 157 -7.76 -58.04 35.96
C TYR D 157 -9.09 -57.56 36.47
N ARG D 158 -10.16 -58.14 35.94
CA ARG D 158 -11.49 -57.78 36.39
C ARG D 158 -11.86 -58.86 37.41
N TYR D 159 -12.51 -58.47 38.51
CA TYR D 159 -12.90 -59.42 39.55
C TYR D 159 -14.33 -59.21 39.98
N ASN D 160 -14.91 -60.23 40.60
CA ASN D 160 -16.26 -60.13 41.15
C ASN D 160 -16.04 -59.61 42.56
N ALA D 161 -14.86 -59.95 43.10
CA ALA D 161 -14.47 -59.52 44.44
C ALA D 161 -12.94 -59.64 44.49
N LYS D 162 -12.30 -58.73 45.22
CA LYS D 162 -10.85 -58.78 45.32
C LYS D 162 -10.32 -58.03 46.53
N ALA D 163 -9.27 -58.58 47.11
CA ALA D 163 -8.63 -57.99 48.29
C ALA D 163 -7.15 -57.83 47.98
N ILE D 164 -6.57 -56.72 48.42
CA ILE D 164 -5.16 -56.45 48.20
C ILE D 164 -4.60 -55.91 49.49
N GLY D 165 -3.30 -56.09 49.70
CA GLY D 165 -2.69 -55.60 50.93
C GLY D 165 -2.26 -56.74 51.84
N SER D 166 -1.80 -56.38 53.04
CA SER D 166 -1.33 -57.38 53.99
C SER D 166 -2.22 -58.59 54.24
N GLY D 167 -3.52 -58.40 54.36
CA GLY D 167 -4.37 -59.56 54.60
C GLY D 167 -5.03 -60.17 53.38
N SER D 168 -4.52 -59.86 52.19
CA SER D 168 -5.12 -60.34 50.94
C SER D 168 -5.29 -61.84 50.73
N GLU D 169 -4.25 -62.65 50.93
CA GLU D 169 -4.39 -64.09 50.73
C GLU D 169 -5.50 -64.66 51.59
N GLY D 170 -5.55 -64.23 52.84
CA GLY D 170 -6.59 -64.70 53.74
C GLY D 170 -7.94 -64.17 53.29
N ALA D 171 -8.05 -62.85 53.18
CA ALA D 171 -9.29 -62.20 52.76
C ALA D 171 -9.83 -62.71 51.44
N GLN D 172 -8.94 -63.02 50.51
CA GLN D 172 -9.34 -63.51 49.19
C GLN D 172 -10.00 -64.86 49.30
N ALA D 173 -9.45 -65.72 50.15
CA ALA D 173 -10.00 -67.06 50.36
C ALA D 173 -11.43 -66.93 50.89
N GLU D 174 -11.63 -65.95 51.76
CA GLU D 174 -12.93 -65.68 52.33
C GLU D 174 -13.91 -65.27 51.23
N LEU D 175 -13.49 -64.28 50.42
CA LEU D 175 -14.33 -63.78 49.33
C LEU D 175 -14.70 -64.90 48.36
N LEU D 176 -13.85 -65.91 48.27
CA LEU D 176 -14.09 -67.04 47.38
C LEU D 176 -15.40 -67.75 47.75
N ASN D 177 -15.58 -67.98 49.05
CA ASN D 177 -16.75 -68.69 49.57
C ASN D 177 -17.99 -67.83 49.74
N GLU D 178 -17.80 -66.57 50.13
CA GLU D 178 -18.91 -65.67 50.38
C GLU D 178 -19.57 -65.06 49.15
N TRP D 179 -18.80 -64.84 48.08
CA TRP D 179 -19.35 -64.21 46.88
C TRP D 179 -20.21 -65.10 46.00
N HIS D 180 -21.36 -64.55 45.59
CA HIS D 180 -22.26 -65.22 44.68
C HIS D 180 -22.93 -64.14 43.83
N SER D 181 -23.31 -64.51 42.60
CA SER D 181 -23.91 -63.58 41.65
C SER D 181 -25.19 -62.86 42.03
N SER D 182 -25.70 -63.10 43.24
CA SER D 182 -26.95 -62.43 43.63
C SER D 182 -26.87 -61.62 44.91
N LEU D 183 -25.65 -61.34 45.37
CA LEU D 183 -25.46 -60.54 46.58
C LEU D 183 -26.13 -59.18 46.42
N THR D 184 -26.64 -58.64 47.52
CA THR D 184 -27.25 -57.33 47.47
C THR D 184 -26.17 -56.36 47.92
N LEU D 185 -26.34 -55.07 47.67
CA LEU D 185 -25.35 -54.09 48.06
C LEU D 185 -25.11 -54.18 49.57
N LYS D 186 -26.20 -54.28 50.33
CA LYS D 186 -26.11 -54.37 51.79
C LYS D 186 -25.30 -55.57 52.25
N GLU D 187 -25.48 -56.70 51.57
CA GLU D 187 -24.74 -57.90 51.91
C GLU D 187 -23.26 -57.66 51.66
N ALA D 188 -22.95 -57.04 50.53
CA ALA D 188 -21.57 -56.76 50.17
C ALA D 188 -20.92 -55.86 51.21
N GLU D 189 -21.65 -54.84 51.65
CA GLU D 189 -21.14 -53.92 52.65
C GLU D 189 -20.70 -54.67 53.91
N LEU D 190 -21.63 -55.42 54.51
CA LEU D 190 -21.34 -56.21 55.71
C LEU D 190 -20.22 -57.20 55.47
N LEU D 191 -20.24 -57.81 54.29
CA LEU D 191 -19.24 -58.80 53.91
C LEU D 191 -17.84 -58.21 53.85
N VAL D 192 -17.73 -56.95 53.41
CA VAL D 192 -16.44 -56.29 53.33
C VAL D 192 -16.01 -55.90 54.74
N LEU D 193 -16.98 -55.42 55.51
CA LEU D 193 -16.73 -55.01 56.87
C LEU D 193 -16.25 -56.20 57.71
N LYS D 194 -16.83 -57.36 57.46
CA LYS D 194 -16.47 -58.57 58.19
C LYS D 194 -15.06 -59.05 57.85
N ILE D 195 -14.72 -59.09 56.56
CA ILE D 195 -13.39 -59.56 56.17
C ILE D 195 -12.30 -58.61 56.67
N LEU D 196 -12.58 -57.32 56.66
CA LEU D 196 -11.59 -56.35 57.15
C LEU D 196 -11.34 -56.62 58.62
N LYS D 197 -12.41 -56.91 59.34
CA LYS D 197 -12.33 -57.18 60.77
C LYS D 197 -11.47 -58.41 61.07
N GLN D 198 -11.53 -59.42 60.21
CA GLN D 198 -10.74 -60.63 60.41
C GLN D 198 -9.24 -60.43 60.19
N VAL D 199 -8.86 -59.70 59.14
CA VAL D 199 -7.44 -59.49 58.84
C VAL D 199 -6.79 -58.30 59.55
N MET D 200 -7.58 -57.34 60.01
CA MET D 200 -7.02 -56.17 60.67
C MET D 200 -6.43 -56.49 62.05
N GLU D 201 -5.26 -55.91 62.34
CA GLU D 201 -4.60 -56.12 63.62
C GLU D 201 -5.44 -55.47 64.72
N GLU D 202 -5.99 -54.30 64.42
CA GLU D 202 -6.82 -53.56 65.36
C GLU D 202 -8.28 -54.00 65.30
N LYS D 203 -9.03 -53.63 66.33
CA LYS D 203 -10.45 -53.95 66.37
C LYS D 203 -11.16 -52.95 65.48
N LEU D 204 -11.71 -53.44 64.38
CA LEU D 204 -12.40 -52.58 63.44
C LEU D 204 -13.50 -51.77 64.09
N ASP D 205 -13.53 -50.48 63.76
CA ASP D 205 -14.53 -49.54 64.24
C ASP D 205 -14.72 -48.52 63.12
N GLU D 206 -15.60 -47.55 63.29
CA GLU D 206 -15.83 -46.58 62.23
C GLU D 206 -14.73 -45.53 62.07
N ASN D 207 -13.61 -45.71 62.77
CA ASN D 207 -12.51 -44.76 62.67
C ASN D 207 -11.23 -45.29 62.03
N ASN D 208 -11.03 -46.61 62.10
CA ASN D 208 -9.83 -47.17 61.51
C ASN D 208 -10.16 -47.97 60.26
N ALA D 209 -11.39 -47.83 59.77
CA ALA D 209 -11.85 -48.51 58.57
C ALA D 209 -12.83 -47.60 57.86
N GLN D 210 -12.89 -47.71 56.54
CA GLN D 210 -13.77 -46.86 55.76
C GLN D 210 -14.41 -47.59 54.58
N LEU D 211 -15.71 -47.36 54.40
CA LEU D 211 -16.48 -47.96 53.31
C LEU D 211 -16.89 -46.93 52.26
N SER D 212 -17.24 -47.43 51.09
CA SER D 212 -17.68 -46.58 50.00
C SER D 212 -18.30 -47.47 48.94
N CYS D 213 -19.00 -46.86 48.01
CA CYS D 213 -19.62 -47.62 46.94
C CYS D 213 -19.88 -46.70 45.77
N ILE D 214 -20.33 -47.29 44.68
CA ILE D 214 -20.68 -46.55 43.50
C ILE D 214 -21.89 -47.27 42.90
N THR D 215 -22.95 -46.50 42.69
CA THR D 215 -24.18 -47.02 42.12
C THR D 215 -24.56 -46.16 40.92
N LYS D 216 -25.22 -46.76 39.95
CA LYS D 216 -25.63 -46.04 38.75
C LYS D 216 -26.43 -44.80 39.12
N GLN D 217 -27.29 -44.91 40.13
CA GLN D 217 -28.11 -43.79 40.54
C GLN D 217 -27.42 -42.63 41.25
N ASP D 218 -26.62 -42.92 42.28
CA ASP D 218 -25.98 -41.84 43.01
C ASP D 218 -24.47 -41.73 42.80
N GLY D 219 -23.92 -42.60 41.97
CA GLY D 219 -22.50 -42.55 41.71
C GLY D 219 -21.63 -42.98 42.87
N PHE D 220 -20.40 -42.46 42.89
CA PHE D 220 -19.44 -42.78 43.92
C PHE D 220 -19.62 -41.95 45.19
N LYS D 221 -19.75 -42.65 46.31
CA LYS D 221 -19.91 -41.99 47.60
C LYS D 221 -19.04 -42.67 48.65
N ILE D 222 -18.48 -41.85 49.53
CA ILE D 222 -17.67 -42.37 50.62
C ILE D 222 -18.59 -42.29 51.86
N TYR D 223 -18.87 -43.44 52.48
CA TYR D 223 -19.74 -43.47 53.66
C TYR D 223 -19.09 -42.69 54.79
N ASP D 224 -19.87 -41.83 55.44
CA ASP D 224 -19.36 -41.08 56.57
C ASP D 224 -19.35 -42.01 57.78
N ASN D 225 -18.47 -41.72 58.73
CA ASN D 225 -18.32 -42.55 59.92
C ASN D 225 -19.61 -43.05 60.56
N GLU D 226 -20.58 -42.15 60.77
CA GLU D 226 -21.84 -42.54 61.38
C GLU D 226 -22.55 -43.65 60.60
N LYS D 227 -22.59 -43.52 59.29
CA LYS D 227 -23.24 -44.52 58.45
C LYS D 227 -22.56 -45.88 58.58
N THR D 228 -21.23 -45.86 58.65
CA THR D 228 -20.46 -47.09 58.77
C THR D 228 -20.58 -47.69 60.17
N ALA D 229 -20.56 -46.84 61.19
CA ALA D 229 -20.68 -47.31 62.57
C ALA D 229 -21.92 -48.19 62.73
N GLU D 230 -23.03 -47.76 62.12
CA GLU D 230 -24.28 -48.50 62.19
C GLU D 230 -24.14 -49.84 61.50
N LEU D 231 -23.55 -49.84 60.31
CA LEU D 231 -23.37 -51.09 59.58
C LEU D 231 -22.49 -52.04 60.39
N ILE D 232 -21.54 -51.50 61.13
CA ILE D 232 -20.64 -52.31 61.94
C ILE D 232 -21.45 -52.97 63.06
N LYS D 233 -22.30 -52.17 63.70
CA LYS D 233 -23.16 -52.65 64.77
C LYS D 233 -24.07 -53.76 64.23
N GLU D 234 -24.58 -53.56 63.03
CA GLU D 234 -25.46 -54.53 62.40
C GLU D 234 -24.73 -55.84 62.10
N LEU D 235 -23.44 -55.74 61.83
CA LEU D 235 -22.64 -56.93 61.52
C LEU D 235 -22.41 -57.76 62.78
N LYS D 236 -22.10 -57.07 63.87
CA LYS D 236 -21.86 -57.73 65.15
C LYS D 236 -23.09 -58.52 65.59
N GLU D 237 -24.26 -57.94 65.36
CA GLU D 237 -25.52 -58.57 65.74
C GLU D 237 -25.82 -59.82 64.92
N LYS D 238 -25.61 -59.76 63.62
CA LYS D 238 -25.88 -60.92 62.79
C LYS D 238 -24.88 -62.02 63.08
N GLU D 239 -23.68 -61.66 63.53
CA GLU D 239 -22.64 -62.65 63.85
C GLU D 239 -22.97 -63.33 65.17
N ALA D 240 -23.31 -62.52 66.17
CA ALA D 240 -23.67 -63.04 67.48
C ALA D 240 -24.98 -63.82 67.39
N ALA D 241 -25.65 -63.73 66.24
CA ALA D 241 -26.92 -64.42 66.02
C ALA D 241 -26.77 -65.91 65.72
N GLU D 242 -25.52 -66.36 65.61
CA GLU D 242 -25.22 -67.76 65.35
C GLU D 242 -23.76 -67.94 64.97
N PHE E 1 29.80 -67.67 35.32
CA PHE E 1 29.49 -67.52 33.87
C PHE E 1 28.29 -66.59 33.67
N ARG E 2 27.22 -67.14 33.09
CA ARG E 2 25.98 -66.43 32.80
C ARG E 2 25.75 -65.16 33.60
N ASN E 3 25.82 -65.28 34.92
CA ASN E 3 25.60 -64.14 35.81
C ASN E 3 26.38 -62.87 35.44
N ASN E 4 27.56 -63.03 34.87
CA ASN E 4 28.39 -61.89 34.50
C ASN E 4 28.04 -61.30 33.14
N TYR E 5 27.25 -62.02 32.35
CA TYR E 5 26.91 -61.55 31.02
C TYR E 5 25.42 -61.33 30.76
N ASP E 6 24.60 -61.38 31.80
CA ASP E 6 23.17 -61.20 31.62
C ASP E 6 22.58 -59.98 32.34
N GLY E 7 23.43 -59.00 32.64
CA GLY E 7 22.97 -57.81 33.34
C GLY E 7 22.25 -56.79 32.46
N ASP E 8 22.36 -56.97 31.14
CA ASP E 8 21.73 -56.09 30.16
C ASP E 8 21.80 -56.69 28.76
N THR E 9 21.04 -56.14 27.82
CA THR E 9 20.98 -56.66 26.45
C THR E 9 22.12 -56.23 25.56
N VAL E 10 22.98 -55.35 26.05
CA VAL E 10 24.08 -54.87 25.23
C VAL E 10 25.35 -55.70 25.45
N THR E 11 25.21 -56.88 26.05
CA THR E 11 26.36 -57.72 26.35
C THR E 11 26.28 -59.13 25.81
N PHE E 12 27.27 -59.50 25.01
CA PHE E 12 27.34 -60.84 24.44
C PHE E 12 28.02 -61.74 25.48
N SER E 13 27.61 -62.99 25.56
CA SER E 13 28.26 -63.93 26.48
C SER E 13 29.45 -64.48 25.69
N PRO E 14 30.37 -65.19 26.36
CA PRO E 14 31.53 -65.75 25.66
C PRO E 14 31.19 -66.71 24.50
N THR E 15 29.99 -67.28 24.51
CA THR E 15 29.59 -68.19 23.44
C THR E 15 28.72 -67.51 22.38
N GLY E 16 28.51 -66.21 22.53
CA GLY E 16 27.71 -65.46 21.56
C GLY E 16 26.22 -65.40 21.86
N ARG E 17 25.85 -65.60 23.12
CA ARG E 17 24.44 -65.56 23.49
C ARG E 17 24.06 -64.21 24.10
N LEU E 18 22.75 -63.95 24.11
CA LEU E 18 22.20 -62.72 24.67
C LEU E 18 21.17 -63.16 25.69
N PHE E 19 21.62 -63.32 26.93
CA PHE E 19 20.77 -63.79 28.01
C PHE E 19 19.50 -62.99 28.28
N GLN E 20 19.61 -61.67 28.33
CA GLN E 20 18.42 -60.87 28.58
C GLN E 20 17.34 -61.22 27.56
N VAL E 21 17.76 -61.45 26.33
CA VAL E 21 16.82 -61.81 25.28
C VAL E 21 16.27 -63.18 25.62
N GLU E 22 17.16 -64.09 26.00
CA GLU E 22 16.74 -65.44 26.34
C GLU E 22 15.79 -65.46 27.53
N TYR E 23 16.05 -64.62 28.53
CA TYR E 23 15.17 -64.55 29.70
C TYR E 23 13.80 -64.03 29.28
N ALA E 24 13.80 -63.10 28.33
CA ALA E 24 12.54 -62.55 27.83
C ALA E 24 11.75 -63.70 27.21
N LEU E 25 12.43 -64.50 26.40
CA LEU E 25 11.80 -65.65 25.75
C LEU E 25 11.16 -66.54 26.80
N GLU E 26 11.78 -66.61 27.97
CA GLU E 26 11.28 -67.45 29.05
C GLU E 26 9.92 -66.95 29.54
N ALA E 27 9.64 -65.67 29.35
CA ALA E 27 8.36 -65.12 29.78
C ALA E 27 7.25 -65.66 28.89
N ILE E 28 7.59 -65.97 27.65
CA ILE E 28 6.61 -66.50 26.70
C ILE E 28 6.22 -67.91 27.12
N LYS E 29 7.23 -68.74 27.39
CA LYS E 29 6.98 -70.12 27.79
C LYS E 29 6.06 -70.18 29.01
N GLN E 30 6.20 -69.22 29.90
CA GLN E 30 5.39 -69.14 31.11
C GLN E 30 3.96 -68.70 30.76
N GLY E 31 3.78 -68.12 29.58
CA GLY E 31 2.48 -67.65 29.16
C GLY E 31 1.52 -68.75 28.75
N SER E 32 0.22 -68.46 28.85
CA SER E 32 -0.81 -69.42 28.47
C SER E 32 -0.68 -69.78 27.00
N VAL E 33 -1.09 -70.99 26.64
CA VAL E 33 -0.98 -71.44 25.26
C VAL E 33 -1.98 -70.81 24.30
N THR E 34 -1.54 -70.65 23.07
CA THR E 34 -2.36 -70.09 22.00
C THR E 34 -1.91 -70.76 20.70
N VAL E 35 -2.87 -71.03 19.82
CA VAL E 35 -2.59 -71.71 18.55
C VAL E 35 -3.03 -70.93 17.33
N GLY E 36 -2.28 -71.09 16.24
CA GLY E 36 -2.61 -70.44 14.99
C GLY E 36 -2.43 -71.41 13.83
N LEU E 37 -3.35 -71.37 12.87
CA LEU E 37 -3.28 -72.24 11.71
C LEU E 37 -4.12 -71.66 10.58
N ARG E 38 -3.80 -72.04 9.35
CA ARG E 38 -4.52 -71.52 8.21
C ARG E 38 -4.72 -72.53 7.09
N SER E 39 -5.73 -72.27 6.27
CA SER E 39 -6.02 -73.09 5.10
C SER E 39 -5.61 -72.14 3.97
N ASN E 40 -6.25 -72.23 2.80
CA ASN E 40 -5.89 -71.34 1.71
C ASN E 40 -6.93 -70.24 1.60
N THR E 41 -7.98 -70.34 2.41
CA THR E 41 -9.04 -69.34 2.40
C THR E 41 -9.21 -68.63 3.74
N HIS E 42 -8.71 -69.23 4.83
CA HIS E 42 -8.85 -68.61 6.16
C HIS E 42 -7.64 -68.83 7.05
N ALA E 43 -7.58 -68.06 8.12
CA ALA E 43 -6.52 -68.16 9.12
C ALA E 43 -7.26 -68.09 10.44
N VAL E 44 -6.89 -68.95 11.39
CA VAL E 44 -7.56 -68.97 12.68
C VAL E 44 -6.63 -68.85 13.86
N LEU E 45 -7.11 -68.19 14.89
CA LEU E 45 -6.36 -68.01 16.12
C LEU E 45 -7.21 -68.57 17.24
N VAL E 46 -6.63 -69.51 17.99
CA VAL E 46 -7.30 -70.14 19.13
C VAL E 46 -6.39 -69.90 20.32
N ALA E 47 -6.90 -69.25 21.35
CA ALA E 47 -6.07 -68.98 22.50
C ALA E 47 -6.76 -69.32 23.81
N LEU E 48 -5.99 -69.91 24.72
CA LEU E 48 -6.49 -70.29 26.03
C LEU E 48 -6.29 -69.11 27.00
N LYS E 49 -7.39 -68.49 27.40
CA LYS E 49 -7.32 -67.36 28.33
C LYS E 49 -7.12 -67.88 29.74
N ARG E 50 -6.13 -67.33 30.43
CA ARG E 50 -5.82 -67.73 31.80
C ARG E 50 -6.46 -66.78 32.80
N ASN E 51 -6.91 -67.32 33.94
CA ASN E 51 -7.54 -66.50 34.97
C ASN E 51 -6.71 -66.51 36.25
N ALA E 52 -6.76 -65.42 37.01
CA ALA E 52 -6.01 -65.31 38.25
C ALA E 52 -6.66 -66.11 39.38
N ASP E 53 -7.90 -65.72 39.72
CA ASP E 53 -8.70 -66.39 40.76
C ASP E 53 -9.92 -66.93 40.04
N GLU E 54 -10.84 -67.51 40.80
CA GLU E 54 -12.07 -68.02 40.22
C GLU E 54 -13.09 -66.90 40.33
N LEU E 55 -12.59 -65.76 40.81
CA LEU E 55 -13.39 -64.54 40.97
C LEU E 55 -12.89 -63.54 39.94
N SER E 56 -11.85 -63.92 39.20
CA SER E 56 -11.26 -63.06 38.18
C SER E 56 -11.69 -63.44 36.77
N SER E 57 -11.39 -62.54 35.84
CA SER E 57 -11.71 -62.72 34.43
C SER E 57 -10.60 -63.53 33.79
N TYR E 58 -10.82 -63.96 32.55
CA TYR E 58 -9.82 -64.70 31.80
C TYR E 58 -9.22 -63.74 30.77
N GLN E 59 -8.13 -63.09 31.15
CA GLN E 59 -7.42 -62.09 30.33
C GLN E 59 -7.45 -62.31 28.82
N LYS E 60 -7.87 -61.28 28.08
CA LYS E 60 -7.96 -61.36 26.62
C LYS E 60 -6.59 -61.60 26.01
N LYS E 61 -6.52 -62.51 25.04
CA LYS E 61 -5.24 -62.81 24.41
C LYS E 61 -5.19 -62.54 22.91
N ILE E 62 -6.26 -61.93 22.38
CA ILE E 62 -6.29 -61.62 20.95
C ILE E 62 -6.64 -60.15 20.67
N ILE E 63 -5.83 -59.50 19.84
CA ILE E 63 -6.07 -58.10 19.49
C ILE E 63 -6.17 -57.95 17.98
N LYS E 64 -7.20 -57.23 17.56
CA LYS E 64 -7.43 -56.95 16.14
C LYS E 64 -6.54 -55.76 15.77
N CYS E 65 -5.82 -55.86 14.66
CA CYS E 65 -4.94 -54.77 14.25
C CYS E 65 -5.51 -53.95 13.10
N ASP E 66 -6.42 -54.58 12.35
CA ASP E 66 -7.08 -53.95 11.21
C ASP E 66 -8.17 -54.92 10.76
N GLU E 67 -8.98 -54.51 9.79
CA GLU E 67 -10.05 -55.37 9.30
C GLU E 67 -9.55 -56.68 8.70
N HIS E 68 -8.29 -56.70 8.30
CA HIS E 68 -7.72 -57.87 7.67
C HIS E 68 -6.56 -58.49 8.44
N MET E 69 -6.29 -58.01 9.65
CA MET E 69 -5.17 -58.54 10.42
C MET E 69 -5.39 -58.51 11.94
N GLY E 70 -4.74 -59.42 12.63
CA GLY E 70 -4.87 -59.50 14.08
C GLY E 70 -3.88 -60.49 14.63
N LEU E 71 -3.74 -60.54 15.95
CA LEU E 71 -2.77 -61.47 16.52
C LEU E 71 -3.21 -62.02 17.89
N SER E 72 -2.43 -62.97 18.39
CA SER E 72 -2.65 -63.58 19.70
C SER E 72 -1.32 -63.42 20.44
N LEU E 73 -1.39 -63.23 21.76
CA LEU E 73 -0.20 -63.01 22.58
C LEU E 73 0.03 -64.06 23.68
N ALA E 74 1.29 -64.21 24.08
CA ALA E 74 1.70 -65.12 25.14
C ALA E 74 2.88 -64.49 25.88
N GLY E 75 2.64 -63.99 27.08
CA GLY E 75 3.70 -63.36 27.85
C GLY E 75 3.25 -62.05 28.48
N LEU E 76 4.12 -61.05 28.52
CA LEU E 76 3.76 -59.76 29.12
C LEU E 76 2.69 -59.08 28.29
N ALA E 77 1.48 -59.00 28.86
CA ALA E 77 0.36 -58.37 28.18
C ALA E 77 0.67 -56.94 27.73
N PRO E 78 1.22 -56.11 28.63
CA PRO E 78 1.54 -54.73 28.26
C PRO E 78 2.36 -54.63 26.98
N ASP E 79 3.39 -55.47 26.85
CA ASP E 79 4.23 -55.46 25.66
C ASP E 79 3.43 -55.80 24.40
N ALA E 80 2.42 -56.65 24.55
CA ALA E 80 1.60 -57.03 23.42
C ALA E 80 0.77 -55.83 22.98
N ARG E 81 0.33 -55.05 23.96
CA ARG E 81 -0.45 -53.86 23.70
C ARG E 81 0.40 -52.85 22.94
N VAL E 82 1.65 -52.68 23.39
CA VAL E 82 2.56 -51.74 22.73
C VAL E 82 2.84 -52.16 21.30
N LEU E 83 3.09 -53.44 21.10
CA LEU E 83 3.39 -53.98 19.77
C LEU E 83 2.21 -54.01 18.81
N SER E 84 1.03 -54.33 19.33
CA SER E 84 -0.15 -54.39 18.47
C SER E 84 -0.54 -52.95 18.09
N ASN E 85 -0.36 -52.05 19.04
CA ASN E 85 -0.69 -50.65 18.79
C ASN E 85 0.18 -50.16 17.64
N TYR E 86 1.47 -50.51 17.69
CA TYR E 86 2.40 -50.13 16.64
C TYR E 86 1.94 -50.73 15.32
N LEU E 87 1.50 -51.98 15.37
CA LEU E 87 1.00 -52.66 14.17
C LEU E 87 -0.26 -51.97 13.64
N ARG E 88 -1.11 -51.54 14.55
CA ARG E 88 -2.33 -50.85 14.14
C ARG E 88 -2.00 -49.56 13.40
N GLN E 89 -0.97 -48.86 13.88
CA GLN E 89 -0.56 -47.61 13.25
C GLN E 89 0.03 -47.86 11.88
N GLN E 90 0.84 -48.91 11.76
CA GLN E 90 1.46 -49.25 10.49
C GLN E 90 0.41 -49.65 9.48
N CYS E 91 -0.62 -50.36 9.93
CA CYS E 91 -1.70 -50.78 9.02
C CYS E 91 -2.42 -49.53 8.57
N ASN E 92 -2.66 -48.64 9.52
CA ASN E 92 -3.35 -47.38 9.30
C ASN E 92 -2.59 -46.51 8.31
N TYR E 93 -1.29 -46.36 8.53
CA TYR E 93 -0.46 -45.55 7.65
C TYR E 93 -0.57 -46.05 6.21
N SER E 94 -0.48 -47.36 6.02
CA SER E 94 -0.57 -47.94 4.69
C SER E 94 -1.88 -47.57 4.00
N SER E 95 -2.98 -47.64 4.75
CA SER E 95 -4.28 -47.31 4.19
C SER E 95 -4.43 -45.82 3.86
N LEU E 96 -4.12 -44.96 4.83
CA LEU E 96 -4.26 -43.51 4.62
C LEU E 96 -3.35 -42.95 3.53
N VAL E 97 -2.08 -43.32 3.55
CA VAL E 97 -1.14 -42.80 2.58
C VAL E 97 -1.16 -43.48 1.21
N PHE E 98 -1.27 -44.81 1.19
CA PHE E 98 -1.27 -45.53 -0.07
C PHE E 98 -2.59 -46.19 -0.45
N ASN E 99 -3.60 -46.08 0.41
CA ASN E 99 -4.91 -46.69 0.10
C ASN E 99 -4.65 -48.18 -0.17
N ARG E 100 -3.75 -48.74 0.63
CA ARG E 100 -3.32 -50.12 0.47
C ARG E 100 -3.33 -50.87 1.79
N LYS E 101 -3.89 -52.08 1.79
CA LYS E 101 -3.90 -52.87 3.01
C LYS E 101 -2.50 -53.45 3.21
N LEU E 102 -2.00 -53.34 4.43
CA LEU E 102 -0.67 -53.81 4.76
C LEU E 102 -0.50 -55.33 4.59
N ALA E 103 0.54 -55.71 3.86
CA ALA E 103 0.84 -57.12 3.64
C ALA E 103 1.29 -57.76 4.94
N VAL E 104 0.75 -58.93 5.24
CA VAL E 104 1.09 -59.63 6.47
C VAL E 104 2.59 -59.82 6.59
N GLU E 105 3.24 -60.08 5.46
CA GLU E 105 4.68 -60.28 5.46
C GLU E 105 5.42 -58.99 5.81
N ARG E 106 4.85 -57.86 5.42
CA ARG E 106 5.44 -56.55 5.69
C ARG E 106 5.31 -56.26 7.19
N ALA E 107 4.16 -56.59 7.75
CA ALA E 107 3.92 -56.38 9.17
C ALA E 107 4.96 -57.17 9.97
N GLY E 108 5.24 -58.39 9.53
CA GLY E 108 6.21 -59.22 10.21
C GLY E 108 7.58 -58.56 10.20
N HIS E 109 7.93 -57.98 9.06
CA HIS E 109 9.23 -57.30 8.94
C HIS E 109 9.29 -56.10 9.89
N LEU E 110 8.20 -55.36 9.99
CA LEU E 110 8.14 -54.20 10.86
C LEU E 110 8.29 -54.58 12.32
N LEU E 111 7.62 -55.64 12.73
CA LEU E 111 7.70 -56.09 14.12
C LEU E 111 9.11 -56.55 14.43
N CYS E 112 9.69 -57.33 13.52
CA CYS E 112 11.05 -57.80 13.72
C CYS E 112 11.97 -56.61 13.98
N ASP E 113 11.88 -55.61 13.11
CA ASP E 113 12.71 -54.43 13.23
C ASP E 113 12.48 -53.65 14.53
N LYS E 114 11.23 -53.52 14.95
CA LYS E 114 10.94 -52.78 16.18
C LYS E 114 11.51 -53.49 17.40
N ALA E 115 11.45 -54.82 17.38
CA ALA E 115 11.95 -55.60 18.51
C ALA E 115 13.47 -55.60 18.52
N GLN E 116 14.08 -55.67 17.34
CA GLN E 116 15.53 -55.71 17.25
C GLN E 116 16.21 -54.54 17.95
N LYS E 117 15.62 -53.35 17.83
CA LYS E 117 16.19 -52.15 18.44
C LYS E 117 16.33 -52.26 19.95
N ASN E 118 15.43 -53.03 20.55
CA ASN E 118 15.42 -53.26 21.98
C ASN E 118 16.32 -54.42 22.39
N THR E 119 17.35 -54.71 21.60
CA THR E 119 18.27 -55.80 21.93
C THR E 119 19.72 -55.42 21.61
N GLN E 120 19.93 -54.20 21.12
CA GLN E 120 21.27 -53.75 20.77
C GLN E 120 21.65 -52.42 21.45
N SER E 121 20.70 -51.85 22.19
CA SER E 121 20.91 -50.57 22.87
C SER E 121 20.78 -50.61 24.38
N TYR E 122 21.67 -49.90 25.05
CA TYR E 122 21.70 -49.82 26.51
C TYR E 122 20.45 -49.12 27.05
N GLY E 123 20.02 -49.53 28.24
CA GLY E 123 18.85 -48.90 28.85
C GLY E 123 17.50 -49.52 28.55
N GLY E 124 17.35 -50.11 27.37
CA GLY E 124 16.09 -50.73 27.02
C GLY E 124 16.05 -52.18 27.45
N ARG E 125 14.95 -52.84 27.20
CA ARG E 125 14.82 -54.24 27.54
C ARG E 125 14.10 -54.88 26.38
N PRO E 126 14.33 -56.18 26.17
CA PRO E 126 13.65 -56.85 25.05
C PRO E 126 12.17 -56.94 25.39
N TYR E 127 11.34 -57.17 24.39
CA TYR E 127 9.92 -57.32 24.66
C TYR E 127 9.78 -58.70 25.27
N GLY E 128 8.89 -58.84 26.25
CA GLY E 128 8.71 -60.14 26.88
C GLY E 128 7.40 -60.79 26.48
N VAL E 129 7.15 -60.88 25.18
CA VAL E 129 5.92 -61.47 24.72
C VAL E 129 6.07 -62.11 23.34
N GLY E 130 5.27 -63.15 23.09
CA GLY E 130 5.29 -63.84 21.82
C GLY E 130 4.01 -63.49 21.10
N LEU E 131 4.04 -63.50 19.78
CA LEU E 131 2.85 -63.14 19.04
C LEU E 131 2.63 -64.03 17.84
N LEU E 132 1.35 -64.33 17.59
CA LEU E 132 0.97 -65.13 16.42
C LEU E 132 0.09 -64.19 15.61
N ILE E 133 0.53 -63.87 14.40
CA ILE E 133 -0.23 -62.96 13.54
C ILE E 133 -0.88 -63.66 12.37
N ILE E 134 -2.18 -63.44 12.20
CA ILE E 134 -2.90 -64.02 11.09
C ILE E 134 -3.52 -62.89 10.28
N GLY E 135 -3.64 -63.11 8.98
CA GLY E 135 -4.22 -62.10 8.13
C GLY E 135 -4.54 -62.62 6.74
N TYR E 136 -5.37 -61.87 6.03
CA TYR E 136 -5.75 -62.23 4.66
C TYR E 136 -5.45 -60.99 3.81
N ASP E 137 -4.47 -61.08 2.93
CA ASP E 137 -4.12 -59.96 2.09
C ASP E 137 -4.17 -60.30 0.60
N LYS E 138 -3.44 -59.56 -0.22
CA LYS E 138 -3.46 -59.82 -1.67
C LYS E 138 -2.79 -61.12 -2.10
N SER E 139 -2.34 -61.92 -1.14
CA SER E 139 -1.72 -63.20 -1.48
C SER E 139 -2.34 -64.32 -0.65
N GLY E 140 -3.56 -64.07 -0.16
CA GLY E 140 -4.27 -65.08 0.61
C GLY E 140 -4.14 -65.06 2.12
N ALA E 141 -4.30 -66.24 2.71
CA ALA E 141 -4.22 -66.41 4.15
C ALA E 141 -2.77 -66.46 4.61
N HIS E 142 -2.52 -65.96 5.81
CA HIS E 142 -1.16 -65.94 6.35
C HIS E 142 -1.15 -66.11 7.86
N LEU E 143 -0.10 -66.80 8.34
CA LEU E 143 0.09 -67.00 9.77
C LEU E 143 1.57 -66.74 10.06
N LEU E 144 1.81 -65.88 11.05
CA LEU E 144 3.17 -65.52 11.42
C LEU E 144 3.44 -65.76 12.90
N GLU E 145 4.67 -66.16 13.22
CA GLU E 145 5.04 -66.34 14.61
C GLU E 145 6.14 -65.33 14.93
N PHE E 146 5.88 -64.50 15.93
CA PHE E 146 6.83 -63.47 16.34
C PHE E 146 7.47 -63.77 17.68
N GLN E 147 8.80 -63.72 17.72
CA GLN E 147 9.53 -63.94 18.96
C GLN E 147 10.29 -62.66 19.31
N PRO E 148 10.39 -62.33 20.62
CA PRO E 148 11.06 -61.14 21.15
C PRO E 148 12.49 -60.96 20.65
N SER E 149 13.09 -62.05 20.20
CA SER E 149 14.45 -61.98 19.68
C SER E 149 14.40 -61.15 18.40
N GLY E 150 13.19 -61.02 17.86
CA GLY E 150 12.99 -60.26 16.64
C GLY E 150 12.78 -61.21 15.46
N ASN E 151 12.86 -62.52 15.72
CA ASN E 151 12.66 -63.50 14.69
C ASN E 151 11.19 -63.73 14.40
N VAL E 152 10.80 -63.51 13.14
CA VAL E 152 9.42 -63.69 12.70
C VAL E 152 9.39 -64.73 11.59
N THR E 153 8.51 -65.72 11.71
CA THR E 153 8.45 -66.80 10.72
C THR E 153 7.03 -67.05 10.21
N GLU E 154 6.93 -67.31 8.90
CA GLU E 154 5.62 -67.61 8.32
C GLU E 154 5.43 -69.12 8.34
N LEU E 155 4.26 -69.55 8.84
CA LEU E 155 3.95 -70.96 8.97
C LEU E 155 2.52 -71.31 8.55
N TYR E 156 2.23 -72.60 8.45
CA TYR E 156 0.88 -73.06 8.09
C TYR E 156 0.12 -73.10 9.40
N GLY E 157 0.88 -73.32 10.48
CA GLY E 157 0.29 -73.37 11.81
C GLY E 157 1.38 -73.48 12.87
N THR E 158 1.01 -73.19 14.12
CA THR E 158 1.96 -73.26 15.23
C THR E 158 1.31 -72.90 16.55
N ALA E 159 2.10 -72.97 17.62
CA ALA E 159 1.60 -72.64 18.96
C ALA E 159 2.74 -72.13 19.83
N ILE E 160 2.42 -71.24 20.76
CA ILE E 160 3.41 -70.69 21.69
C ILE E 160 2.79 -70.66 23.07
N GLY E 161 3.63 -70.67 24.10
CA GLY E 161 3.16 -70.67 25.46
C GLY E 161 3.52 -71.98 26.16
N ALA E 162 2.96 -72.17 27.35
CA ALA E 162 3.21 -73.38 28.12
C ALA E 162 2.61 -74.60 27.44
N ARG E 163 3.36 -75.70 27.42
CA ARG E 163 2.88 -76.95 26.83
C ARG E 163 2.47 -76.79 25.38
N SER E 164 2.95 -75.72 24.75
CA SER E 164 2.64 -75.44 23.36
C SER E 164 3.11 -76.58 22.44
N GLN E 165 4.16 -77.28 22.87
CA GLN E 165 4.73 -78.37 22.09
C GLN E 165 3.67 -79.42 21.75
N GLY E 166 2.66 -79.54 22.60
CA GLY E 166 1.61 -80.50 22.33
C GLY E 166 0.92 -80.17 21.02
N ALA E 167 0.26 -79.01 21.01
CA ALA E 167 -0.46 -78.54 19.84
C ALA E 167 0.42 -78.51 18.59
N LYS E 168 1.68 -78.12 18.77
CA LYS E 168 2.60 -78.03 17.66
C LYS E 168 2.84 -79.37 16.94
N THR E 169 3.11 -80.43 17.70
CA THR E 169 3.32 -81.74 17.08
C THR E 169 2.05 -82.19 16.37
N TYR E 170 0.91 -81.93 17.01
CA TYR E 170 -0.39 -82.29 16.45
C TYR E 170 -0.58 -81.65 15.08
N LEU E 171 -0.34 -80.34 15.00
CA LEU E 171 -0.50 -79.61 13.75
C LEU E 171 0.53 -80.06 12.72
N GLU E 172 1.72 -80.39 13.17
CA GLU E 172 2.79 -80.83 12.26
C GLU E 172 2.41 -82.20 11.69
N ARG E 173 1.39 -82.80 12.30
CA ARG E 173 0.88 -84.11 11.91
C ARG E 173 -0.36 -83.91 11.03
N THR E 174 -1.28 -83.10 11.53
CA THR E 174 -2.55 -82.79 10.84
C THR E 174 -2.37 -81.91 9.61
N LEU E 175 -1.15 -81.39 9.43
CA LEU E 175 -0.85 -80.51 8.30
C LEU E 175 -1.65 -80.74 7.03
N ASP E 176 -1.30 -81.78 6.29
CA ASP E 176 -1.97 -82.13 5.04
C ASP E 176 -3.49 -82.04 5.11
N THR E 177 -4.04 -82.26 6.29
CA THR E 177 -5.49 -82.21 6.48
C THR E 177 -6.07 -80.80 6.50
N PHE E 178 -5.80 -80.05 7.57
CA PHE E 178 -6.34 -78.70 7.71
C PHE E 178 -5.97 -77.70 6.61
N ILE E 179 -4.77 -77.82 6.04
CA ILE E 179 -4.35 -76.90 4.99
C ILE E 179 -5.30 -76.88 3.80
N LYS E 180 -6.18 -77.88 3.74
CA LYS E 180 -7.13 -77.98 2.65
C LYS E 180 -8.55 -77.62 3.08
N ILE E 181 -8.70 -77.18 4.32
CA ILE E 181 -10.02 -76.80 4.82
C ILE E 181 -10.40 -75.43 4.28
N ASP E 182 -10.62 -75.36 2.97
CA ASP E 182 -10.98 -74.11 2.31
C ASP E 182 -12.50 -74.00 2.19
N GLY E 183 -13.01 -72.78 2.33
CA GLY E 183 -14.44 -72.58 2.21
C GLY E 183 -15.25 -73.06 3.41
N ASN E 184 -14.58 -73.50 4.45
CA ASN E 184 -15.30 -73.97 5.63
C ASN E 184 -14.64 -73.55 6.94
N PRO E 185 -14.99 -72.36 7.44
CA PRO E 185 -14.44 -71.83 8.69
C PRO E 185 -14.63 -72.75 9.90
N ASP E 186 -15.87 -73.15 10.17
CA ASP E 186 -16.17 -74.02 11.30
C ASP E 186 -15.20 -75.19 11.40
N GLU E 187 -14.85 -75.78 10.27
CA GLU E 187 -13.93 -76.90 10.28
C GLU E 187 -12.55 -76.42 10.71
N LEU E 188 -12.06 -75.36 10.08
CA LEU E 188 -10.74 -74.83 10.44
C LEU E 188 -10.66 -74.55 11.95
N ILE E 189 -11.69 -73.91 12.50
CA ILE E 189 -11.69 -73.59 13.94
C ILE E 189 -11.66 -74.86 14.76
N LYS E 190 -12.54 -75.81 14.44
CA LYS E 190 -12.59 -77.07 15.16
C LYS E 190 -11.20 -77.69 15.17
N ALA E 191 -10.51 -77.66 14.03
CA ALA E 191 -9.16 -78.20 13.94
C ALA E 191 -8.23 -77.40 14.84
N GLY E 192 -8.54 -76.12 15.00
CA GLY E 192 -7.74 -75.25 15.84
C GLY E 192 -7.94 -75.61 17.30
N VAL E 193 -9.17 -75.91 17.68
CA VAL E 193 -9.49 -76.28 19.06
C VAL E 193 -8.94 -77.67 19.38
N GLU E 194 -8.75 -78.50 18.35
CA GLU E 194 -8.24 -79.84 18.53
C GLU E 194 -6.74 -79.80 18.75
N ALA E 195 -6.09 -78.80 18.15
CA ALA E 195 -4.65 -78.65 18.30
C ALA E 195 -4.37 -78.09 19.68
N ILE E 196 -5.21 -77.16 20.11
CA ILE E 196 -5.00 -76.53 21.40
C ILE E 196 -5.29 -77.45 22.57
N SER E 197 -6.32 -78.28 22.45
CA SER E 197 -6.66 -79.21 23.51
C SER E 197 -5.50 -80.18 23.74
N GLN E 198 -4.61 -80.26 22.76
CA GLN E 198 -3.44 -81.12 22.83
C GLN E 198 -2.38 -80.52 23.76
N SER E 199 -2.68 -79.37 24.35
CA SER E 199 -1.75 -78.70 25.26
C SER E 199 -2.39 -78.47 26.62
N LEU E 200 -3.59 -79.05 26.79
CA LEU E 200 -4.30 -78.95 28.05
C LEU E 200 -3.61 -79.88 29.04
N ARG E 201 -4.14 -79.95 30.25
CA ARG E 201 -3.55 -80.79 31.29
C ARG E 201 -4.28 -80.44 32.58
N ASP E 202 -4.19 -79.16 32.92
CA ASP E 202 -4.84 -78.61 34.10
C ASP E 202 -6.34 -78.89 34.03
N GLU E 203 -7.03 -78.14 33.18
CA GLU E 203 -8.46 -78.27 33.02
C GLU E 203 -8.84 -78.60 31.58
N SER E 204 -10.03 -78.18 31.21
CA SER E 204 -10.58 -78.36 29.87
C SER E 204 -11.18 -77.02 29.46
N LEU E 205 -10.99 -76.65 28.20
CA LEU E 205 -11.49 -75.37 27.69
C LEU E 205 -13.00 -75.19 27.90
N THR E 206 -13.36 -74.17 28.66
CA THR E 206 -14.76 -73.86 28.95
C THR E 206 -15.28 -72.72 28.06
N VAL E 207 -16.42 -72.15 28.43
CA VAL E 207 -17.02 -71.09 27.64
C VAL E 207 -16.37 -69.71 27.86
N ASP E 208 -16.08 -69.38 29.12
CA ASP E 208 -15.46 -68.10 29.42
C ASP E 208 -13.94 -68.24 29.46
N ASN E 209 -13.48 -69.40 29.00
CA ASN E 209 -12.06 -69.73 28.98
C ASN E 209 -11.49 -69.85 27.55
N LEU E 210 -12.37 -70.08 26.57
CA LEU E 210 -11.93 -70.21 25.19
C LEU E 210 -12.11 -68.90 24.44
N SER E 211 -11.15 -68.62 23.56
CA SER E 211 -11.14 -67.41 22.74
C SER E 211 -10.70 -67.79 21.32
N ILE E 212 -11.51 -67.42 20.33
CA ILE E 212 -11.21 -67.74 18.94
C ILE E 212 -11.32 -66.50 18.07
N ALA E 213 -10.47 -66.44 17.04
CA ALA E 213 -10.47 -65.32 16.12
C ALA E 213 -10.25 -65.87 14.72
N ILE E 214 -10.95 -65.30 13.74
CA ILE E 214 -10.79 -65.74 12.36
C ILE E 214 -10.77 -64.59 11.35
N VAL E 215 -10.12 -64.83 10.22
CA VAL E 215 -10.02 -63.86 9.13
C VAL E 215 -9.88 -64.63 7.81
N GLY E 216 -10.36 -64.06 6.71
CA GLY E 216 -10.25 -64.73 5.43
C GLY E 216 -11.02 -64.09 4.30
N LYS E 217 -10.88 -64.69 3.11
CA LYS E 217 -11.53 -64.25 1.87
C LYS E 217 -12.62 -63.21 2.01
N ASP E 218 -13.76 -63.59 2.58
CA ASP E 218 -14.84 -62.63 2.76
C ASP E 218 -15.20 -62.47 4.22
N THR E 219 -14.19 -62.63 5.07
CA THR E 219 -14.38 -62.53 6.50
C THR E 219 -13.41 -61.57 7.18
N PRO E 220 -13.91 -60.40 7.62
CA PRO E 220 -13.01 -59.47 8.29
C PRO E 220 -12.64 -60.02 9.67
N PHE E 221 -11.36 -59.89 10.04
CA PHE E 221 -10.88 -60.38 11.33
C PHE E 221 -11.90 -60.07 12.43
N THR E 222 -12.45 -61.13 13.01
CA THR E 222 -13.44 -60.98 14.09
C THR E 222 -13.10 -61.90 15.26
N ILE E 223 -13.45 -61.48 16.47
CA ILE E 223 -13.15 -62.26 17.65
C ILE E 223 -14.39 -62.85 18.32
N TYR E 224 -14.34 -64.14 18.61
CA TYR E 224 -15.45 -64.83 19.28
C TYR E 224 -15.03 -65.25 20.68
N ASP E 225 -15.85 -64.87 21.66
CA ASP E 225 -15.60 -65.21 23.07
C ASP E 225 -16.90 -65.59 23.76
N GLY E 226 -16.80 -66.47 24.75
CA GLY E 226 -17.97 -66.91 25.49
C GLY E 226 -18.98 -67.72 24.70
N GLU E 227 -20.26 -67.38 24.87
CA GLU E 227 -21.36 -68.06 24.19
C GLU E 227 -21.03 -68.35 22.73
N ALA E 228 -20.42 -67.38 22.06
CA ALA E 228 -20.05 -67.50 20.66
C ALA E 228 -19.10 -68.66 20.36
N VAL E 229 -18.38 -69.14 21.37
CA VAL E 229 -17.47 -70.27 21.15
C VAL E 229 -18.05 -71.56 21.72
N ALA E 230 -19.22 -71.45 22.35
CA ALA E 230 -19.90 -72.60 22.93
C ALA E 230 -20.01 -73.77 21.95
N LYS E 231 -20.42 -73.47 20.72
CA LYS E 231 -20.58 -74.52 19.70
C LYS E 231 -19.28 -75.17 19.26
N TYR E 232 -18.20 -74.97 20.00
CA TYR E 232 -16.91 -75.56 19.65
C TYR E 232 -16.33 -76.36 20.81
N ILE E 233 -16.94 -76.24 21.99
CA ILE E 233 -16.48 -76.93 23.19
C ILE E 233 -16.96 -78.39 23.18
N GLY F 1 44.28 -57.55 35.47
CA GLY F 1 43.19 -58.38 36.07
C GLY F 1 42.28 -59.02 35.01
N THR F 2 40.97 -58.96 35.23
CA THR F 2 39.99 -59.52 34.30
C THR F 2 38.82 -58.57 34.13
N GLY F 3 37.79 -59.04 33.42
CA GLY F 3 36.61 -58.23 33.19
C GLY F 3 36.68 -57.37 31.95
N TYR F 4 37.74 -57.54 31.16
CA TYR F 4 37.89 -56.76 29.95
C TYR F 4 36.88 -57.15 28.88
N ASP F 5 36.22 -58.28 29.08
CA ASP F 5 35.24 -58.78 28.12
C ASP F 5 33.78 -58.47 28.51
N LEU F 6 33.58 -57.60 29.49
CA LEU F 6 32.23 -57.28 29.93
C LEU F 6 31.65 -56.02 29.29
N SER F 7 32.52 -55.16 28.80
CA SER F 7 32.08 -53.91 28.17
C SER F 7 32.55 -53.92 26.71
N ASN F 8 31.71 -53.44 25.80
CA ASN F 8 32.00 -53.45 24.37
C ASN F 8 33.20 -52.71 23.79
N SER F 9 33.48 -51.48 24.18
CA SER F 9 34.62 -50.84 23.51
C SER F 9 35.96 -50.93 24.23
N VAL F 10 36.09 -51.88 25.14
CA VAL F 10 37.32 -52.01 25.92
C VAL F 10 38.44 -52.85 25.30
N PHE F 11 39.64 -52.30 25.32
CA PHE F 11 40.83 -53.00 24.83
C PHE F 11 41.32 -53.91 25.95
N SER F 12 41.54 -55.19 25.66
CA SER F 12 42.08 -56.10 26.66
C SER F 12 43.59 -55.86 26.65
N PRO F 13 44.31 -56.37 27.66
CA PRO F 13 45.77 -56.16 27.70
C PRO F 13 46.53 -56.55 26.42
N ASP F 14 45.99 -57.47 25.64
CA ASP F 14 46.64 -57.88 24.40
C ASP F 14 46.08 -57.12 23.18
N GLY F 15 45.34 -56.05 23.45
CA GLY F 15 44.77 -55.23 22.39
C GLY F 15 43.55 -55.74 21.65
N ARG F 16 42.78 -56.62 22.27
CA ARG F 16 41.58 -57.17 21.63
C ARG F 16 40.29 -56.62 22.19
N ASN F 17 39.22 -56.78 21.43
CA ASN F 17 37.90 -56.32 21.85
C ASN F 17 37.03 -57.57 21.97
N PHE F 18 37.15 -58.24 23.10
CA PHE F 18 36.42 -59.49 23.34
C PHE F 18 34.94 -59.51 22.95
N GLN F 19 34.23 -58.41 23.15
CA GLN F 19 32.81 -58.40 22.79
C GLN F 19 32.62 -58.65 21.30
N VAL F 20 33.54 -58.15 20.48
CA VAL F 20 33.44 -58.33 19.04
C VAL F 20 33.70 -59.81 18.75
N GLU F 21 34.65 -60.39 19.47
CA GLU F 21 34.99 -61.80 19.29
C GLU F 21 33.82 -62.68 19.69
N TYR F 22 33.08 -62.30 20.73
CA TYR F 22 31.92 -63.07 21.14
C TYR F 22 30.82 -62.95 20.10
N ALA F 23 30.78 -61.79 19.43
CA ALA F 23 29.77 -61.59 18.40
C ALA F 23 30.06 -62.60 17.29
N VAL F 24 31.34 -62.74 16.96
CA VAL F 24 31.77 -63.68 15.93
C VAL F 24 31.21 -65.08 16.23
N LYS F 25 31.20 -65.45 17.51
CA LYS F 25 30.68 -66.75 17.91
C LYS F 25 29.22 -66.88 17.47
N ALA F 26 28.46 -65.80 17.64
CA ALA F 26 27.05 -65.81 17.25
C ALA F 26 26.95 -66.08 15.75
N VAL F 27 27.93 -65.60 15.00
CA VAL F 27 27.97 -65.77 13.55
C VAL F 27 28.29 -67.22 13.15
N GLU F 28 29.30 -67.78 13.81
CA GLU F 28 29.73 -69.15 13.52
C GLU F 28 28.65 -70.15 13.87
N ASN F 29 27.75 -69.74 14.75
CA ASN F 29 26.66 -70.61 15.17
C ASN F 29 25.50 -70.50 14.20
N GLY F 30 25.63 -69.59 13.26
CA GLY F 30 24.57 -69.39 12.29
C GLY F 30 24.65 -70.24 11.04
N THR F 31 23.59 -70.17 10.25
CA THR F 31 23.47 -70.88 8.99
C THR F 31 24.60 -70.48 8.07
N THR F 32 24.92 -71.34 7.10
CA THR F 32 25.99 -71.02 6.18
C THR F 32 25.43 -70.26 4.97
N SER F 33 26.20 -69.27 4.51
CA SER F 33 25.80 -68.47 3.36
C SER F 33 27.08 -68.12 2.60
N ILE F 34 26.96 -67.93 1.29
CA ILE F 34 28.13 -67.65 0.47
C ILE F 34 27.88 -66.68 -0.67
N GLY F 35 28.96 -66.40 -1.40
CA GLY F 35 28.90 -65.52 -2.54
C GLY F 35 30.01 -65.92 -3.48
N ILE F 36 29.73 -65.89 -4.77
CA ILE F 36 30.72 -66.23 -5.79
C ILE F 36 30.73 -65.16 -6.85
N LYS F 37 31.88 -64.54 -7.05
CA LYS F 37 32.03 -63.51 -8.06
C LYS F 37 32.29 -64.18 -9.41
N CYS F 38 31.52 -63.83 -10.44
CA CYS F 38 31.73 -64.41 -11.76
C CYS F 38 32.30 -63.38 -12.74
N ASN F 39 32.41 -63.78 -14.01
CA ASN F 39 32.99 -62.89 -15.02
C ASN F 39 32.29 -61.57 -15.29
N ASP F 40 31.01 -61.45 -14.89
CA ASP F 40 30.28 -60.20 -15.11
C ASP F 40 29.20 -59.97 -14.06
N GLY F 41 29.33 -60.61 -12.90
CA GLY F 41 28.35 -60.44 -11.85
C GLY F 41 28.71 -61.20 -10.60
N VAL F 42 27.72 -61.41 -9.74
CA VAL F 42 27.93 -62.12 -8.50
C VAL F 42 26.70 -62.96 -8.20
N VAL F 43 26.92 -64.05 -7.47
CA VAL F 43 25.84 -64.96 -7.09
C VAL F 43 25.87 -65.08 -5.58
N PHE F 44 24.68 -65.12 -4.98
CA PHE F 44 24.54 -65.26 -3.54
C PHE F 44 23.66 -66.47 -3.29
N ALA F 45 23.98 -67.23 -2.25
CA ALA F 45 23.20 -68.41 -1.89
C ALA F 45 23.31 -68.64 -0.40
N VAL F 46 22.29 -69.25 0.18
CA VAL F 46 22.29 -69.50 1.61
C VAL F 46 21.47 -70.74 1.99
N GLU F 47 21.81 -71.31 3.14
CA GLU F 47 21.14 -72.48 3.69
C GLU F 47 19.97 -72.05 4.57
N LYS F 48 18.79 -72.62 4.35
CA LYS F 48 17.64 -72.27 5.17
C LYS F 48 17.17 -73.52 5.92
N LEU F 49 17.60 -73.70 7.16
CA LEU F 49 17.20 -74.86 7.95
C LEU F 49 15.68 -74.98 8.11
N ILE F 50 15.15 -76.16 7.79
CA ILE F 50 13.72 -76.41 7.90
C ILE F 50 13.40 -76.96 9.29
N THR F 51 13.12 -76.07 10.23
CA THR F 51 12.80 -76.47 11.60
C THR F 51 11.67 -77.49 11.67
N SER F 52 10.73 -77.40 10.74
CA SER F 52 9.60 -78.33 10.72
C SER F 52 8.82 -78.18 9.43
N LYS F 53 7.87 -79.10 9.22
CA LYS F 53 7.03 -79.10 8.03
C LYS F 53 6.08 -77.90 8.05
N LEU F 54 5.98 -77.25 9.19
CA LEU F 54 5.09 -76.10 9.35
C LEU F 54 5.56 -74.83 8.64
N LEU F 55 6.88 -74.69 8.45
CA LEU F 55 7.41 -73.53 7.75
C LEU F 55 6.96 -73.55 6.30
N VAL F 56 6.22 -72.52 5.88
CA VAL F 56 5.76 -72.46 4.50
C VAL F 56 6.99 -72.41 3.60
N PRO F 57 7.09 -73.33 2.64
CA PRO F 57 8.24 -73.37 1.73
C PRO F 57 8.35 -72.14 0.83
N GLN F 58 9.59 -71.72 0.58
CA GLN F 58 9.87 -70.58 -0.27
C GLN F 58 9.48 -69.21 0.31
N LYS F 59 8.80 -69.21 1.45
CA LYS F 59 8.32 -67.95 2.04
C LYS F 59 9.26 -67.08 2.87
N ASN F 60 9.97 -67.66 3.83
CA ASN F 60 10.85 -66.86 4.67
C ASN F 60 12.17 -66.49 3.99
N VAL F 61 12.09 -65.59 2.99
CA VAL F 61 13.26 -65.17 2.24
C VAL F 61 14.33 -64.54 3.11
N LYS F 62 15.59 -64.88 2.84
CA LYS F 62 16.69 -64.34 3.64
C LYS F 62 17.53 -63.32 2.90
N ILE F 63 17.80 -63.59 1.62
CA ILE F 63 18.60 -62.66 0.84
C ILE F 63 17.85 -61.35 0.68
N GLN F 64 18.58 -60.23 0.78
CA GLN F 64 17.94 -58.93 0.64
C GLN F 64 18.59 -58.06 -0.39
N VAL F 65 17.79 -57.24 -1.06
CA VAL F 65 18.30 -56.33 -2.07
C VAL F 65 18.39 -54.92 -1.48
N VAL F 66 19.40 -54.20 -1.93
CA VAL F 66 19.60 -52.82 -1.51
C VAL F 66 19.63 -52.04 -2.81
N ASP F 67 18.76 -51.04 -2.91
CA ASP F 67 18.64 -50.24 -4.13
C ASP F 67 18.13 -51.25 -5.16
N ARG F 68 18.72 -51.26 -6.35
CA ARG F 68 18.27 -52.22 -7.34
C ARG F 68 19.40 -53.08 -7.89
N HIS F 69 20.63 -52.78 -7.48
CA HIS F 69 21.78 -53.52 -7.97
C HIS F 69 22.64 -54.24 -6.92
N ILE F 70 22.25 -54.19 -5.64
CA ILE F 70 23.05 -54.84 -4.61
C ILE F 70 22.33 -56.00 -3.92
N GLY F 71 23.05 -57.10 -3.71
CA GLY F 71 22.47 -58.23 -3.02
C GLY F 71 23.18 -58.40 -1.69
N CYS F 72 22.44 -58.77 -0.65
CA CYS F 72 23.02 -58.97 0.68
C CYS F 72 22.49 -60.21 1.35
N VAL F 73 23.41 -60.99 1.92
CA VAL F 73 23.04 -62.18 2.65
C VAL F 73 23.97 -62.21 3.85
N TYR F 74 23.50 -62.76 4.97
CA TYR F 74 24.29 -62.81 6.19
C TYR F 74 24.02 -64.02 7.07
N SER F 75 24.98 -64.30 7.97
CA SER F 75 24.89 -65.42 8.90
C SER F 75 25.02 -64.87 10.31
N GLY F 76 24.18 -65.38 11.21
CA GLY F 76 24.22 -64.93 12.60
C GLY F 76 22.85 -64.58 13.08
N LEU F 77 22.73 -63.47 13.81
CA LEU F 77 21.44 -63.03 14.32
C LEU F 77 20.72 -62.32 13.18
N ILE F 78 19.70 -62.96 12.64
CA ILE F 78 18.96 -62.42 11.52
C ILE F 78 18.49 -60.99 11.72
N PRO F 79 17.88 -60.67 12.86
CA PRO F 79 17.42 -59.29 13.10
C PRO F 79 18.55 -58.28 12.96
N ASP F 80 19.76 -58.65 13.38
CA ASP F 80 20.88 -57.73 13.24
C ASP F 80 21.15 -57.53 11.74
N GLY F 81 20.92 -58.59 10.97
CA GLY F 81 21.13 -58.53 9.54
C GLY F 81 20.21 -57.53 8.90
N ARG F 82 18.91 -57.64 9.20
CA ARG F 82 17.93 -56.71 8.66
C ARG F 82 18.28 -55.27 9.03
N HIS F 83 18.65 -55.08 10.29
CA HIS F 83 19.03 -53.76 10.79
C HIS F 83 20.10 -53.15 9.89
N LEU F 84 21.15 -53.93 9.63
CA LEU F 84 22.25 -53.46 8.80
C LEU F 84 21.81 -53.14 7.36
N VAL F 85 20.87 -53.91 6.82
CA VAL F 85 20.41 -53.67 5.45
C VAL F 85 19.54 -52.42 5.39
N ASN F 86 18.77 -52.17 6.44
CA ASN F 86 17.95 -50.98 6.49
C ASN F 86 18.88 -49.77 6.40
N ARG F 87 19.95 -49.81 7.18
CA ARG F 87 20.90 -48.71 7.15
C ARG F 87 21.48 -48.61 5.74
N GLY F 88 21.86 -49.77 5.18
CA GLY F 88 22.42 -49.79 3.84
C GLY F 88 21.51 -49.13 2.83
N ARG F 89 20.21 -49.41 2.94
CA ARG F 89 19.22 -48.83 2.04
C ARG F 89 19.15 -47.30 2.18
N GLU F 90 19.22 -46.80 3.42
CA GLU F 90 19.18 -45.35 3.63
C GLU F 90 20.46 -44.76 3.05
N GLU F 91 21.56 -45.44 3.32
CA GLU F 91 22.87 -45.01 2.86
C GLU F 91 22.87 -44.93 1.32
N ALA F 92 22.25 -45.91 0.66
CA ALA F 92 22.20 -45.94 -0.79
C ALA F 92 21.29 -44.86 -1.37
N ALA F 93 20.11 -44.68 -0.77
CA ALA F 93 19.16 -43.67 -1.23
C ALA F 93 19.76 -42.27 -1.09
N SER F 94 20.47 -42.05 0.01
CA SER F 94 21.10 -40.77 0.26
C SER F 94 22.16 -40.48 -0.79
N PHE F 95 22.91 -41.52 -1.15
CA PHE F 95 23.97 -41.38 -2.16
C PHE F 95 23.38 -41.03 -3.51
N LYS F 96 22.35 -41.75 -3.92
CA LYS F 96 21.70 -41.52 -5.20
C LYS F 96 21.05 -40.15 -5.25
N LYS F 97 20.40 -39.77 -4.16
CA LYS F 97 19.72 -38.49 -4.08
C LYS F 97 20.67 -37.33 -4.35
N LEU F 98 21.87 -37.39 -3.80
CA LEU F 98 22.83 -36.30 -3.98
C LEU F 98 23.64 -36.41 -5.27
N TYR F 99 24.10 -37.60 -5.60
CA TYR F 99 24.93 -37.81 -6.79
C TYR F 99 24.22 -38.35 -8.05
N LYS F 100 22.94 -38.68 -7.93
CA LYS F 100 22.15 -39.17 -9.07
C LYS F 100 22.43 -40.61 -9.45
N THR F 101 23.70 -40.95 -9.57
CA THR F 101 24.10 -42.31 -9.94
C THR F 101 23.92 -43.30 -8.78
N PRO F 102 23.44 -44.52 -9.07
CA PRO F 102 23.29 -45.48 -7.97
C PRO F 102 24.67 -45.74 -7.37
N ILE F 103 24.70 -46.00 -6.06
CA ILE F 103 25.95 -46.19 -5.33
C ILE F 103 26.86 -47.35 -5.74
N PRO F 104 28.14 -47.04 -6.01
CA PRO F 104 29.15 -48.02 -6.41
C PRO F 104 29.30 -49.04 -5.28
N ILE F 105 29.56 -50.30 -5.59
CA ILE F 105 29.69 -51.31 -4.54
C ILE F 105 30.81 -51.02 -3.54
N PRO F 106 31.97 -50.53 -4.02
CA PRO F 106 33.03 -50.25 -3.06
C PRO F 106 32.53 -49.20 -2.07
N ALA F 107 31.96 -48.12 -2.59
CA ALA F 107 31.43 -47.04 -1.76
C ALA F 107 30.38 -47.59 -0.78
N PHE F 108 29.51 -48.46 -1.28
CA PHE F 108 28.47 -49.03 -0.44
C PHE F 108 29.09 -49.85 0.68
N ALA F 109 30.15 -50.58 0.37
CA ALA F 109 30.80 -51.41 1.37
C ALA F 109 31.35 -50.58 2.51
N ASP F 110 32.03 -49.48 2.21
CA ASP F 110 32.58 -48.66 3.29
C ASP F 110 31.46 -48.07 4.12
N ARG F 111 30.31 -47.79 3.51
CA ARG F 111 29.20 -47.24 4.26
C ARG F 111 28.79 -48.26 5.31
N LEU F 112 28.67 -49.52 4.91
CA LEU F 112 28.30 -50.57 5.86
C LEU F 112 29.42 -50.77 6.84
N GLY F 113 30.65 -50.69 6.33
CA GLY F 113 31.83 -50.86 7.16
C GLY F 113 31.94 -49.85 8.27
N GLN F 114 31.79 -48.57 7.93
CA GLN F 114 31.90 -47.50 8.92
C GLN F 114 30.80 -47.63 9.98
N TYR F 115 29.61 -47.97 9.54
CA TYR F 115 28.49 -48.14 10.45
C TYR F 115 28.74 -49.27 11.45
N VAL F 116 29.24 -50.40 10.96
CA VAL F 116 29.50 -51.54 11.84
C VAL F 116 30.69 -51.26 12.75
N GLN F 117 31.70 -50.58 12.22
CA GLN F 117 32.88 -50.22 13.01
C GLN F 117 32.43 -49.31 14.16
N ALA F 118 31.45 -48.46 13.87
CA ALA F 118 30.92 -47.52 14.85
C ALA F 118 30.33 -48.24 16.06
N HIS F 119 29.83 -49.46 15.85
CA HIS F 119 29.26 -50.22 16.97
C HIS F 119 30.31 -50.97 17.80
N THR F 120 31.57 -50.57 17.66
CA THR F 120 32.65 -51.16 18.44
C THR F 120 33.40 -50.01 19.11
N LEU F 121 32.81 -48.81 19.08
CA LEU F 121 33.41 -47.62 19.68
C LEU F 121 32.84 -47.21 21.04
N TYR F 122 31.67 -47.74 21.40
CA TYR F 122 31.02 -47.38 22.65
C TYR F 122 30.51 -48.58 23.42
N ASN F 123 30.31 -48.44 24.73
CA ASN F 123 29.79 -49.53 25.52
C ASN F 123 28.29 -49.39 25.67
N SER F 124 27.72 -48.42 24.98
CA SER F 124 26.29 -48.21 25.04
C SER F 124 25.59 -49.01 23.95
N VAL F 125 26.38 -49.62 23.07
CA VAL F 125 25.85 -50.47 22.02
C VAL F 125 26.60 -51.80 22.02
N ARG F 126 26.02 -52.75 21.32
CA ARG F 126 26.55 -54.09 21.18
C ARG F 126 26.99 -54.26 19.72
N PRO F 127 28.05 -55.04 19.47
CA PRO F 127 28.50 -55.22 18.09
C PRO F 127 27.45 -56.02 17.30
N PHE F 128 27.54 -55.98 15.97
CA PHE F 128 26.60 -56.72 15.13
C PHE F 128 26.86 -58.23 15.17
N GLY F 129 25.80 -59.00 15.39
CA GLY F 129 25.95 -60.44 15.43
C GLY F 129 25.81 -61.14 14.10
N VAL F 130 26.42 -60.59 13.05
CA VAL F 130 26.35 -61.19 11.72
C VAL F 130 27.57 -60.84 10.88
N SER F 131 27.87 -61.70 9.91
CA SER F 131 28.93 -61.46 8.94
C SER F 131 28.08 -61.33 7.68
N THR F 132 28.38 -60.36 6.85
CA THR F 132 27.56 -60.14 5.67
C THR F 132 28.29 -60.26 4.34
N ILE F 133 27.70 -61.02 3.42
CA ILE F 133 28.25 -61.19 2.07
C ILE F 133 27.30 -60.38 1.20
N PHE F 134 27.85 -59.45 0.44
CA PHE F 134 27.04 -58.59 -0.40
C PHE F 134 27.90 -58.13 -1.56
N GLY F 135 27.23 -57.57 -2.58
CA GLY F 135 27.95 -57.09 -3.74
C GLY F 135 26.99 -56.83 -4.87
N GLY F 136 27.54 -56.46 -6.03
CA GLY F 136 26.70 -56.19 -7.18
C GLY F 136 27.54 -55.74 -8.34
N VAL F 137 26.90 -55.08 -9.31
CA VAL F 137 27.58 -54.59 -10.51
C VAL F 137 27.45 -53.08 -10.62
N ASP F 138 28.53 -52.41 -11.00
CA ASP F 138 28.46 -50.97 -11.14
C ASP F 138 29.29 -50.50 -12.34
N LYS F 139 29.44 -49.18 -12.45
CA LYS F 139 30.17 -48.54 -13.53
C LYS F 139 31.36 -49.34 -14.04
N ASN F 140 32.12 -49.99 -13.16
CA ASN F 140 33.25 -50.78 -13.63
C ASN F 140 33.39 -52.20 -13.12
N GLY F 141 32.35 -53.01 -13.37
CA GLY F 141 32.44 -54.40 -12.98
C GLY F 141 31.58 -54.90 -11.85
N ALA F 142 31.86 -56.12 -11.44
CA ALA F 142 31.15 -56.76 -10.35
C ALA F 142 32.09 -56.76 -9.17
N HIS F 143 31.51 -56.75 -7.97
CA HIS F 143 32.31 -56.76 -6.76
C HIS F 143 31.62 -57.63 -5.71
N LEU F 144 32.41 -58.42 -5.00
CA LEU F 144 31.89 -59.27 -3.93
C LEU F 144 32.57 -58.82 -2.65
N TYR F 145 31.82 -58.81 -1.56
CA TYR F 145 32.36 -58.37 -0.28
C TYR F 145 31.81 -59.17 0.89
N MET F 146 32.59 -59.21 1.97
CA MET F 146 32.18 -59.86 3.20
C MET F 146 32.63 -58.95 4.35
N LEU F 147 31.69 -58.62 5.23
CA LEU F 147 31.92 -57.73 6.36
C LEU F 147 31.74 -58.45 7.70
N GLU F 148 32.75 -58.36 8.55
CA GLU F 148 32.75 -59.00 9.87
C GLU F 148 32.22 -58.08 10.98
N PRO F 149 31.85 -58.65 12.14
CA PRO F 149 31.33 -57.85 13.26
C PRO F 149 32.30 -56.76 13.72
N SER F 150 33.56 -56.85 13.33
CA SER F 150 34.53 -55.82 13.73
C SER F 150 34.47 -54.60 12.83
N GLY F 151 33.78 -54.73 11.70
CA GLY F 151 33.71 -53.65 10.75
C GLY F 151 34.69 -53.91 9.62
N SER F 152 35.50 -54.94 9.80
CA SER F 152 36.49 -55.34 8.81
C SER F 152 35.79 -55.94 7.58
N TYR F 153 36.30 -55.63 6.40
CA TYR F 153 35.75 -56.16 5.15
C TYR F 153 36.81 -56.06 4.07
N TRP F 154 36.69 -56.92 3.06
CA TRP F 154 37.62 -56.92 1.94
C TRP F 154 36.83 -57.37 0.71
N GLY F 155 37.43 -57.16 -0.47
CA GLY F 155 36.81 -57.62 -1.70
C GLY F 155 37.18 -59.10 -1.85
N TYR F 156 36.25 -59.91 -2.34
CA TYR F 156 36.49 -61.35 -2.49
C TYR F 156 36.22 -61.93 -3.87
N LYS F 157 36.85 -63.07 -4.14
CA LYS F 157 36.67 -63.84 -5.37
C LYS F 157 35.51 -64.77 -5.06
N GLY F 158 35.50 -65.23 -3.81
CA GLY F 158 34.47 -66.12 -3.33
C GLY F 158 34.50 -65.92 -1.84
N ALA F 159 33.38 -66.14 -1.17
CA ALA F 159 33.33 -65.93 0.27
C ALA F 159 32.23 -66.75 0.90
N ALA F 160 32.43 -67.08 2.18
CA ALA F 160 31.45 -67.86 2.91
C ALA F 160 31.60 -67.59 4.39
N THR F 161 30.52 -67.84 5.13
CA THR F 161 30.51 -67.63 6.57
C THR F 161 29.43 -68.53 7.17
N GLY F 162 29.47 -68.72 8.48
CA GLY F 162 28.48 -69.55 9.13
C GLY F 162 28.99 -70.94 9.49
N LYS F 163 28.07 -71.79 9.91
CA LYS F 163 28.37 -73.16 10.32
C LYS F 163 29.36 -73.92 9.44
N GLY F 164 29.07 -74.01 8.15
CA GLY F 164 29.97 -74.74 7.25
C GLY F 164 30.90 -73.91 6.40
N ARG F 165 31.39 -72.80 6.95
CA ARG F 165 32.27 -71.93 6.19
C ARG F 165 33.52 -72.64 5.65
N GLN F 166 34.07 -73.57 6.44
CA GLN F 166 35.27 -74.29 6.03
C GLN F 166 35.05 -75.12 4.75
N SER F 167 34.00 -75.93 4.75
CA SER F 167 33.67 -76.75 3.57
C SER F 167 33.58 -75.81 2.38
N ALA F 168 32.79 -74.76 2.56
CA ALA F 168 32.57 -73.77 1.51
C ALA F 168 33.87 -73.16 1.02
N LYS F 169 34.66 -72.60 1.93
CA LYS F 169 35.93 -72.00 1.53
C LYS F 169 36.76 -73.01 0.77
N ALA F 170 36.76 -74.25 1.24
CA ALA F 170 37.52 -75.31 0.58
C ALA F 170 37.01 -75.43 -0.86
N GLU F 171 35.70 -75.56 -1.01
CA GLU F 171 35.08 -75.67 -2.32
C GLU F 171 35.35 -74.44 -3.18
N LEU F 172 35.24 -73.26 -2.56
CA LEU F 172 35.50 -72.02 -3.26
C LEU F 172 36.94 -71.94 -3.75
N GLU F 173 37.90 -72.29 -2.90
CA GLU F 173 39.31 -72.25 -3.27
C GLU F 173 39.58 -73.15 -4.47
N LYS F 174 38.87 -74.28 -4.55
CA LYS F 174 39.04 -75.20 -5.66
C LYS F 174 38.70 -74.47 -6.96
N LEU F 175 37.49 -73.91 -6.99
CA LEU F 175 37.02 -73.18 -8.14
C LEU F 175 38.00 -72.09 -8.57
N VAL F 176 38.59 -71.38 -7.61
CA VAL F 176 39.53 -70.33 -7.94
C VAL F 176 40.73 -70.83 -8.74
N ASP F 177 41.33 -71.93 -8.29
CA ASP F 177 42.48 -72.49 -8.97
C ASP F 177 42.12 -73.10 -10.33
N HIS F 178 41.00 -73.79 -10.39
CA HIS F 178 40.55 -74.44 -11.61
C HIS F 178 39.88 -73.52 -12.62
N HIS F 179 39.80 -72.23 -12.32
CA HIS F 179 39.15 -71.29 -13.23
C HIS F 179 39.78 -69.91 -13.20
N PRO F 180 41.06 -69.80 -13.58
CA PRO F 180 41.75 -68.51 -13.58
C PRO F 180 41.17 -67.54 -14.61
N GLU F 181 40.37 -68.08 -15.53
CA GLU F 181 39.75 -67.27 -16.58
C GLU F 181 38.41 -66.67 -16.15
N GLY F 182 37.83 -67.22 -15.09
CA GLY F 182 36.56 -66.70 -14.60
C GLY F 182 35.36 -67.59 -14.86
N LEU F 183 34.54 -67.77 -13.85
CA LEU F 183 33.33 -68.58 -13.95
C LEU F 183 32.25 -67.71 -14.58
N SER F 184 31.20 -68.31 -15.11
CA SER F 184 30.13 -67.53 -15.71
C SER F 184 28.96 -67.47 -14.74
N ALA F 185 28.07 -66.52 -14.94
CA ALA F 185 26.92 -66.36 -14.06
C ALA F 185 26.15 -67.67 -13.98
N ARG F 186 25.87 -68.26 -15.14
CA ARG F 186 25.13 -69.53 -15.22
C ARG F 186 25.86 -70.61 -14.42
N GLU F 187 27.17 -70.70 -14.61
CA GLU F 187 27.98 -71.69 -13.90
C GLU F 187 28.05 -71.43 -12.41
N ALA F 188 28.29 -70.17 -12.04
CA ALA F 188 28.38 -69.77 -10.64
C ALA F 188 27.12 -70.15 -9.85
N VAL F 189 25.96 -70.07 -10.49
CA VAL F 189 24.71 -70.42 -9.84
C VAL F 189 24.73 -71.89 -9.41
N LYS F 190 25.01 -72.78 -10.35
CA LYS F 190 25.07 -74.22 -10.07
C LYS F 190 26.14 -74.48 -9.02
N GLN F 191 27.34 -73.96 -9.28
CA GLN F 191 28.46 -74.14 -8.36
C GLN F 191 28.03 -73.74 -6.96
N ALA F 192 27.27 -72.64 -6.87
CA ALA F 192 26.78 -72.15 -5.59
C ALA F 192 25.84 -73.17 -4.95
N ALA F 193 24.87 -73.66 -5.71
CA ALA F 193 23.93 -74.66 -5.22
C ALA F 193 24.67 -75.86 -4.62
N LYS F 194 25.79 -76.23 -5.22
CA LYS F 194 26.58 -77.36 -4.74
C LYS F 194 27.29 -77.02 -3.43
N ILE F 195 28.11 -75.98 -3.45
CA ILE F 195 28.86 -75.56 -2.27
C ILE F 195 27.94 -75.54 -1.04
N ILE F 196 26.70 -75.13 -1.24
CA ILE F 196 25.77 -75.08 -0.12
C ILE F 196 25.36 -76.48 0.31
N TYR F 197 25.07 -77.36 -0.66
CA TYR F 197 24.69 -78.73 -0.34
C TYR F 197 25.81 -79.41 0.42
N LEU F 198 27.03 -79.23 -0.08
CA LEU F 198 28.21 -79.81 0.55
C LEU F 198 28.33 -79.26 1.97
N ALA F 199 28.45 -77.94 2.08
CA ALA F 199 28.58 -77.29 3.37
C ALA F 199 27.45 -77.62 4.33
N HIS F 200 26.37 -78.23 3.82
CA HIS F 200 25.25 -78.57 4.68
C HIS F 200 25.51 -79.79 5.57
N GLU F 201 26.61 -80.50 5.31
CA GLU F 201 26.96 -81.68 6.09
C GLU F 201 27.22 -81.35 7.57
N ASP F 202 27.71 -80.15 7.82
CA ASP F 202 28.01 -79.68 9.18
C ASP F 202 26.70 -79.35 9.89
N ASN F 203 25.59 -79.86 9.35
CA ASN F 203 24.27 -79.60 9.89
C ASN F 203 23.30 -80.60 9.28
N LYS F 204 23.87 -81.68 8.77
CA LYS F 204 23.14 -82.77 8.11
C LYS F 204 21.94 -83.31 8.89
N GLU F 205 21.86 -82.98 10.17
CA GLU F 205 20.76 -83.44 11.02
C GLU F 205 19.39 -82.89 10.61
N LYS F 206 19.36 -81.60 10.26
CA LYS F 206 18.11 -80.93 9.88
C LYS F 206 18.00 -80.79 8.36
N ASP F 207 16.77 -80.83 7.85
CA ASP F 207 16.54 -80.68 6.42
C ASP F 207 16.62 -79.18 6.13
N PHE F 208 16.81 -78.81 4.87
CA PHE F 208 16.92 -77.39 4.53
C PHE F 208 16.29 -76.98 3.20
N GLU F 209 16.32 -75.68 2.94
CA GLU F 209 15.77 -75.12 1.71
C GLU F 209 16.84 -74.22 1.10
N LEU F 210 17.11 -74.39 -0.19
CA LEU F 210 18.12 -73.59 -0.87
C LEU F 210 17.58 -72.28 -1.41
N GLU F 211 18.37 -71.22 -1.32
CA GLU F 211 18.00 -69.90 -1.81
C GLU F 211 19.17 -69.29 -2.55
N ILE F 212 18.93 -68.82 -3.76
CA ILE F 212 19.99 -68.23 -4.58
C ILE F 212 19.50 -66.95 -5.24
N SER F 213 20.42 -66.04 -5.49
CA SER F 213 20.11 -64.78 -6.14
C SER F 213 21.36 -64.40 -6.91
N TRP F 214 21.22 -63.50 -7.88
CA TRP F 214 22.37 -63.10 -8.67
C TRP F 214 22.18 -61.73 -9.31
N CYS F 215 23.31 -61.14 -9.70
CA CYS F 215 23.34 -59.84 -10.35
C CYS F 215 24.42 -59.99 -11.43
N SER F 216 23.98 -60.10 -12.68
CA SER F 216 24.91 -60.26 -13.81
C SER F 216 24.62 -59.28 -14.93
N LEU F 217 25.67 -58.65 -15.44
CA LEU F 217 25.54 -57.67 -16.51
C LEU F 217 24.84 -58.24 -17.73
N SER F 218 25.04 -59.52 -18.00
CA SER F 218 24.42 -60.14 -19.16
C SER F 218 23.15 -60.94 -18.84
N GLU F 219 23.13 -61.56 -17.67
CA GLU F 219 21.98 -62.37 -17.28
C GLU F 219 20.82 -61.64 -16.62
N THR F 220 21.08 -60.50 -16.00
CA THR F 220 20.03 -59.75 -15.31
C THR F 220 20.04 -58.26 -15.61
N ASN F 221 20.94 -57.83 -16.49
CA ASN F 221 21.05 -56.42 -16.84
C ASN F 221 21.69 -55.59 -15.75
N GLY F 222 22.42 -56.26 -14.86
CA GLY F 222 23.08 -55.54 -13.78
C GLY F 222 22.15 -55.29 -12.62
N LEU F 223 20.97 -55.92 -12.64
CA LEU F 223 20.01 -55.77 -11.57
C LEU F 223 20.03 -57.04 -10.74
N HIS F 224 19.79 -56.92 -9.45
CA HIS F 224 19.77 -58.08 -8.57
C HIS F 224 18.42 -58.77 -8.71
N LYS F 225 18.44 -60.09 -8.86
CA LYS F 225 17.21 -60.86 -8.98
C LYS F 225 17.39 -62.21 -8.32
N PHE F 226 16.28 -62.82 -7.94
CA PHE F 226 16.32 -64.12 -7.29
C PHE F 226 16.20 -65.22 -8.33
N VAL F 227 16.86 -66.34 -8.05
CA VAL F 227 16.81 -67.49 -8.94
C VAL F 227 15.53 -68.25 -8.60
N LYS F 228 14.64 -68.40 -9.57
CA LYS F 228 13.37 -69.09 -9.35
C LYS F 228 13.09 -70.14 -10.42
N GLY F 229 12.01 -70.89 -10.20
CA GLY F 229 11.58 -71.91 -11.13
C GLY F 229 12.61 -72.87 -11.71
N ASP F 230 12.53 -73.06 -13.03
CA ASP F 230 13.42 -73.96 -13.76
C ASP F 230 14.90 -73.80 -13.44
N LEU F 231 15.41 -72.58 -13.59
CA LEU F 231 16.82 -72.30 -13.33
C LEU F 231 17.21 -72.74 -11.92
N LEU F 232 16.28 -72.60 -10.98
CA LEU F 232 16.54 -72.98 -9.60
C LEU F 232 16.62 -74.50 -9.48
N GLN F 233 15.58 -75.18 -9.97
CA GLN F 233 15.54 -76.64 -9.91
C GLN F 233 16.75 -77.26 -10.60
N GLU F 234 17.14 -76.67 -11.72
CA GLU F 234 18.28 -77.12 -12.50
C GLU F 234 19.55 -77.13 -11.65
N ALA F 235 19.72 -76.10 -10.83
CA ALA F 235 20.90 -76.01 -9.97
C ALA F 235 20.74 -76.96 -8.79
N ILE F 236 19.51 -77.14 -8.31
CA ILE F 236 19.26 -78.05 -7.20
C ILE F 236 19.71 -79.44 -7.59
N ASP F 237 19.32 -79.85 -8.80
CA ASP F 237 19.67 -81.16 -9.31
C ASP F 237 21.19 -81.28 -9.48
N PHE F 238 21.79 -80.30 -10.16
CA PHE F 238 23.24 -80.31 -10.37
C PHE F 238 23.98 -80.56 -9.07
N ALA F 239 23.35 -80.17 -7.96
CA ALA F 239 23.93 -80.35 -6.63
C ALA F 239 23.60 -81.74 -6.10
N GLN F 240 22.32 -82.09 -6.11
CA GLN F 240 21.85 -83.39 -5.65
C GLN F 240 22.61 -84.50 -6.37
N LYS F 241 23.03 -84.19 -7.59
CA LYS F 241 23.76 -85.14 -8.41
C LYS F 241 25.19 -85.32 -7.92
N GLU F 242 25.88 -84.21 -7.68
CA GLU F 242 27.26 -84.26 -7.24
C GLU F 242 27.44 -84.44 -5.73
N ILE F 243 26.35 -84.72 -5.03
CA ILE F 243 26.42 -84.95 -3.59
C ILE F 243 26.56 -86.46 -3.39
N ASN F 244 26.58 -87.19 -4.50
CA ASN F 244 26.73 -88.65 -4.49
C ASN F 244 27.73 -89.08 -5.57
N ALA G 1 37.29 -49.58 41.33
CA ALA G 1 38.76 -49.41 41.54
C ALA G 1 39.55 -50.01 40.36
N GLY G 2 39.37 -51.32 40.13
CA GLY G 2 40.06 -52.00 39.05
C GLY G 2 39.58 -51.62 37.65
N TYR G 3 38.72 -50.62 37.58
CA TYR G 3 38.18 -50.17 36.31
C TYR G 3 39.06 -49.11 35.69
N ASP G 4 40.10 -48.69 36.42
CA ASP G 4 41.01 -47.68 35.89
C ASP G 4 41.77 -48.32 34.75
N ARG G 5 41.33 -49.52 34.37
CA ARG G 5 41.96 -50.25 33.28
C ARG G 5 40.98 -50.45 32.14
N HIS G 6 39.72 -50.09 32.36
CA HIS G 6 38.70 -50.25 31.33
C HIS G 6 38.41 -48.97 30.56
N ILE G 7 38.41 -47.83 31.25
CA ILE G 7 38.16 -46.55 30.59
C ILE G 7 39.38 -45.68 30.78
N THR G 8 39.42 -44.55 30.09
CA THR G 8 40.59 -43.70 30.18
C THR G 8 40.73 -42.71 31.34
N ILE G 9 40.95 -43.22 32.54
CA ILE G 9 41.21 -42.37 33.70
C ILE G 9 42.54 -42.89 34.25
N PHE G 10 43.24 -42.05 35.01
CA PHE G 10 44.53 -42.42 35.55
C PHE G 10 44.54 -43.61 36.48
N SER G 11 45.66 -44.32 36.49
CA SER G 11 45.87 -45.46 37.37
C SER G 11 46.70 -44.81 38.48
N PRO G 12 46.85 -45.49 39.63
CA PRO G 12 47.65 -44.88 40.70
C PRO G 12 49.06 -44.45 40.25
N GLU G 13 49.57 -45.06 39.18
CA GLU G 13 50.91 -44.69 38.67
C GLU G 13 50.82 -43.54 37.66
N GLY G 14 49.62 -43.01 37.47
CA GLY G 14 49.44 -41.91 36.53
C GLY G 14 49.43 -42.38 35.09
N ARG G 15 49.06 -43.64 34.87
CA ARG G 15 49.03 -44.21 33.54
C ARG G 15 47.62 -44.42 33.01
N LEU G 16 47.52 -44.58 31.69
CA LEU G 16 46.26 -44.80 31.01
C LEU G 16 46.38 -46.12 30.26
N TYR G 17 46.04 -47.22 30.93
CA TYR G 17 46.14 -48.54 30.35
C TYR G 17 45.42 -48.73 29.01
N GLN G 18 44.29 -48.07 28.83
CA GLN G 18 43.56 -48.22 27.58
C GLN G 18 44.34 -47.66 26.41
N VAL G 19 45.11 -46.62 26.65
CA VAL G 19 45.91 -46.05 25.58
C VAL G 19 47.07 -47.01 25.28
N GLU G 20 47.60 -47.63 26.32
CA GLU G 20 48.69 -48.58 26.17
C GLU G 20 48.22 -49.81 25.41
N TYR G 21 47.05 -50.33 25.76
CA TYR G 21 46.52 -51.51 25.10
C TYR G 21 46.12 -51.17 23.67
N ALA G 22 45.89 -49.90 23.41
CA ALA G 22 45.50 -49.48 22.07
C ALA G 22 46.77 -49.53 21.22
N PHE G 23 47.89 -49.14 21.81
CA PHE G 23 49.16 -49.19 21.12
C PHE G 23 49.42 -50.65 20.73
N LYS G 24 49.04 -51.57 21.61
CA LYS G 24 49.25 -52.99 21.36
C LYS G 24 48.49 -53.44 20.12
N ALA G 25 47.29 -52.89 19.95
CA ALA G 25 46.45 -53.25 18.82
C ALA G 25 47.04 -52.83 17.47
N THR G 26 47.87 -51.79 17.47
CA THR G 26 48.47 -51.31 16.23
C THR G 26 49.30 -52.38 15.51
N ASN G 27 49.85 -53.34 16.25
CA ASN G 27 50.67 -54.39 15.65
C ASN G 27 49.90 -55.64 15.25
N GLN G 28 48.59 -55.65 15.52
CA GLN G 28 47.74 -56.78 15.20
C GLN G 28 47.86 -57.28 13.75
N THR G 29 48.10 -56.37 12.82
CA THR G 29 48.22 -56.74 11.41
C THR G 29 49.59 -57.30 11.04
N ASN G 30 50.53 -57.23 11.97
CA ASN G 30 51.87 -57.75 11.74
C ASN G 30 52.46 -57.20 10.45
N ILE G 31 52.27 -55.91 10.21
CA ILE G 31 52.79 -55.29 9.00
C ILE G 31 53.72 -54.17 9.38
N ASN G 32 54.78 -53.99 8.59
CA ASN G 32 55.74 -52.93 8.85
C ASN G 32 55.72 -51.94 7.70
N SER G 33 55.97 -50.68 8.02
CA SER G 33 55.99 -49.63 7.01
C SER G 33 57.08 -48.63 7.39
N LEU G 34 57.57 -47.91 6.40
CA LEU G 34 58.58 -46.90 6.65
C LEU G 34 58.40 -45.80 5.64
N ALA G 35 58.86 -44.61 6.00
CA ALA G 35 58.75 -43.46 5.12
C ALA G 35 60.07 -42.69 5.11
N VAL G 36 60.41 -42.17 3.94
CA VAL G 36 61.64 -41.39 3.83
C VAL G 36 61.40 -40.18 2.96
N ARG G 37 62.22 -39.17 3.17
CA ARG G 37 62.10 -37.96 2.39
C ARG G 37 63.18 -37.87 1.32
N GLY G 38 62.75 -37.54 0.11
CA GLY G 38 63.66 -37.38 -1.01
C GLY G 38 64.03 -35.92 -1.07
N LYS G 39 64.62 -35.50 -2.19
CA LYS G 39 65.02 -34.11 -2.35
C LYS G 39 63.76 -33.27 -2.53
N ASP G 40 62.77 -33.84 -3.23
CA ASP G 40 61.53 -33.12 -3.47
C ASP G 40 60.35 -34.07 -3.60
N CYS G 41 60.38 -35.15 -2.82
CA CYS G 41 59.31 -36.14 -2.81
C CYS G 41 59.31 -36.80 -1.44
N THR G 42 58.29 -37.61 -1.17
CA THR G 42 58.22 -38.33 0.10
C THR G 42 57.69 -39.69 -0.27
N VAL G 43 58.38 -40.73 0.19
CA VAL G 43 57.99 -42.10 -0.14
C VAL G 43 57.61 -42.89 1.09
N VAL G 44 56.61 -43.76 0.92
CA VAL G 44 56.18 -44.62 2.00
C VAL G 44 56.03 -46.03 1.50
N ILE G 45 56.71 -46.92 2.23
CA ILE G 45 56.74 -48.33 1.93
C ILE G 45 55.99 -49.08 3.02
N SER G 46 55.23 -50.07 2.61
CA SER G 46 54.48 -50.86 3.54
C SER G 46 54.29 -52.27 3.05
N GLN G 47 54.54 -53.23 3.93
CA GLN G 47 54.38 -54.62 3.59
C GLN G 47 52.93 -54.88 3.25
N LYS G 48 52.72 -55.77 2.30
CA LYS G 48 51.38 -56.13 1.89
C LYS G 48 51.29 -57.64 2.05
N LYS G 49 50.28 -58.10 2.78
CA LYS G 49 50.12 -59.54 2.99
C LYS G 49 48.71 -60.00 2.77
N VAL G 50 48.51 -60.79 1.72
CA VAL G 50 47.19 -61.32 1.42
C VAL G 50 47.22 -62.83 1.61
N PRO G 51 46.87 -63.30 2.82
CA PRO G 51 46.85 -64.72 3.18
C PRO G 51 45.77 -65.55 2.48
N ASP G 52 44.52 -65.09 2.52
CA ASP G 52 43.42 -65.82 1.91
C ASP G 52 43.43 -65.75 0.38
N LYS G 53 43.33 -66.91 -0.27
CA LYS G 53 43.32 -66.97 -1.73
C LYS G 53 42.00 -66.47 -2.30
N LEU G 54 40.98 -66.42 -1.45
CA LEU G 54 39.67 -65.96 -1.86
C LEU G 54 39.52 -64.43 -1.88
N LEU G 55 40.57 -63.73 -1.45
CA LEU G 55 40.57 -62.28 -1.43
C LEU G 55 40.96 -61.66 -2.75
N ASP G 56 40.41 -60.48 -3.00
CA ASP G 56 40.73 -59.73 -4.20
C ASP G 56 41.86 -58.82 -3.74
N PRO G 57 43.11 -59.22 -4.03
CA PRO G 57 44.33 -58.48 -3.67
C PRO G 57 44.26 -56.98 -3.91
N THR G 58 43.54 -56.57 -4.95
CA THR G 58 43.44 -55.15 -5.28
C THR G 58 42.71 -54.32 -4.24
N THR G 59 41.90 -54.97 -3.40
CA THR G 59 41.14 -54.27 -2.38
C THR G 59 41.79 -54.31 -1.00
N VAL G 60 43.00 -54.86 -0.92
CA VAL G 60 43.71 -54.93 0.37
C VAL G 60 44.82 -53.89 0.42
N SER G 61 44.59 -52.83 1.18
CA SER G 61 45.58 -51.76 1.29
C SER G 61 45.52 -51.03 2.63
N TYR G 62 46.63 -50.44 3.04
CA TYR G 62 46.67 -49.68 4.28
C TYR G 62 47.19 -48.28 4.00
N ILE G 63 47.25 -47.93 2.71
CA ILE G 63 47.66 -46.60 2.31
C ILE G 63 46.39 -45.91 1.81
N PHE G 64 46.27 -44.61 2.08
CA PHE G 64 45.09 -43.87 1.65
C PHE G 64 45.47 -42.52 1.08
N CYS G 65 44.70 -42.10 0.09
CA CYS G 65 44.91 -40.79 -0.53
C CYS G 65 43.93 -39.88 0.21
N ILE G 66 44.43 -39.15 1.19
CA ILE G 66 43.60 -38.28 1.99
C ILE G 66 43.12 -37.08 1.17
N SER G 67 44.03 -36.45 0.45
CA SER G 67 43.70 -35.32 -0.40
C SER G 67 44.61 -35.38 -1.62
N ARG G 68 44.44 -34.43 -2.53
CA ARG G 68 45.27 -34.40 -3.72
C ARG G 68 46.76 -34.41 -3.35
N THR G 69 47.12 -33.79 -2.24
CA THR G 69 48.52 -33.72 -1.84
C THR G 69 48.95 -34.56 -0.63
N ILE G 70 48.00 -35.08 0.13
CA ILE G 70 48.36 -35.84 1.32
C ILE G 70 48.06 -37.33 1.26
N GLY G 71 49.04 -38.13 1.66
CA GLY G 71 48.87 -39.55 1.70
C GLY G 71 49.01 -39.99 3.15
N MET G 72 48.33 -41.08 3.51
CA MET G 72 48.37 -41.60 4.86
C MET G 72 48.47 -43.12 4.89
N VAL G 73 49.44 -43.63 5.63
CA VAL G 73 49.58 -45.08 5.76
C VAL G 73 49.23 -45.38 7.22
N VAL G 74 48.47 -46.46 7.41
CA VAL G 74 48.04 -46.83 8.74
C VAL G 74 48.61 -48.15 9.26
N ASN G 75 49.05 -48.15 10.52
CA ASN G 75 49.53 -49.38 11.14
C ASN G 75 48.48 -49.73 12.20
N GLY G 76 47.66 -50.74 11.90
CA GLY G 76 46.62 -51.13 12.84
C GLY G 76 45.48 -51.79 12.10
N PRO G 77 44.49 -52.34 12.83
CA PRO G 77 43.35 -53.00 12.21
C PRO G 77 42.70 -52.12 11.14
N ILE G 78 42.18 -52.74 10.09
CA ILE G 78 41.58 -52.00 8.99
C ILE G 78 40.33 -51.21 9.34
N PRO G 79 39.42 -51.75 10.19
CA PRO G 79 38.24 -50.90 10.43
C PRO G 79 38.59 -49.57 11.14
N ASP G 80 39.47 -49.61 12.13
CA ASP G 80 39.85 -48.36 12.79
C ASP G 80 40.63 -47.50 11.82
N ALA G 81 41.35 -48.14 10.89
CA ALA G 81 42.14 -47.41 9.91
C ALA G 81 41.24 -46.65 8.95
N ARG G 82 40.16 -47.28 8.53
CA ARG G 82 39.24 -46.64 7.60
C ARG G 82 38.44 -45.53 8.27
N ASN G 83 38.21 -45.68 9.57
CA ASN G 83 37.51 -44.68 10.35
C ASN G 83 38.41 -43.46 10.37
N ALA G 84 39.70 -43.67 10.58
CA ALA G 84 40.66 -42.58 10.62
C ALA G 84 40.82 -41.90 9.25
N ALA G 85 40.78 -42.71 8.19
CA ALA G 85 40.92 -42.18 6.84
C ALA G 85 39.75 -41.29 6.45
N LEU G 86 38.53 -41.75 6.72
CA LEU G 86 37.33 -40.98 6.39
C LEU G 86 37.36 -39.63 7.11
N ARG G 87 37.69 -39.65 8.39
CA ARG G 87 37.72 -38.41 9.15
C ARG G 87 38.77 -37.46 8.59
N ALA G 88 39.95 -37.98 8.28
CA ALA G 88 41.03 -37.15 7.74
C ALA G 88 40.65 -36.52 6.41
N LYS G 89 39.94 -37.27 5.58
CA LYS G 89 39.52 -36.78 4.28
C LYS G 89 38.51 -35.65 4.44
N ALA G 90 37.56 -35.85 5.36
CA ALA G 90 36.53 -34.85 5.60
C ALA G 90 37.20 -33.60 6.17
N GLU G 91 38.13 -33.81 7.09
CA GLU G 91 38.85 -32.68 7.70
C GLU G 91 39.61 -31.90 6.63
N ALA G 92 40.30 -32.63 5.75
CA ALA G 92 41.07 -31.98 4.69
C ALA G 92 40.20 -31.17 3.74
N ALA G 93 39.04 -31.73 3.39
CA ALA G 93 38.12 -31.04 2.49
C ALA G 93 37.49 -29.79 3.15
N GLU G 94 37.15 -29.91 4.42
CA GLU G 94 36.57 -28.77 5.12
C GLU G 94 37.59 -27.64 5.26
N PHE G 95 38.82 -27.99 5.60
CA PHE G 95 39.87 -27.00 5.77
C PHE G 95 40.03 -26.16 4.50
N ARG G 96 40.02 -26.83 3.35
CA ARG G 96 40.19 -26.13 2.08
C ARG G 96 39.03 -25.15 1.86
N TYR G 97 37.82 -25.62 2.14
CA TYR G 97 36.62 -24.81 1.97
C TYR G 97 36.63 -23.56 2.86
N LYS G 98 36.97 -23.72 4.12
CA LYS G 98 36.98 -22.62 5.06
C LYS G 98 38.14 -21.66 4.97
N TYR G 99 39.34 -22.16 4.70
CA TYR G 99 40.53 -21.30 4.66
C TYR G 99 41.12 -20.96 3.30
N GLY G 100 40.56 -21.55 2.25
CA GLY G 100 41.02 -21.23 0.91
C GLY G 100 42.34 -21.80 0.40
N TYR G 101 42.90 -22.75 1.11
CA TYR G 101 44.13 -23.36 0.66
C TYR G 101 44.20 -24.76 1.23
N ASP G 102 44.98 -25.62 0.57
CA ASP G 102 45.12 -27.01 0.98
C ASP G 102 45.66 -27.21 2.38
N MET G 103 45.04 -28.13 3.12
CA MET G 103 45.47 -28.40 4.47
C MET G 103 46.87 -29.00 4.44
N PRO G 104 47.82 -28.39 5.17
CA PRO G 104 49.20 -28.88 5.24
C PRO G 104 49.26 -30.20 5.99
N CYS G 105 50.18 -31.06 5.59
CA CYS G 105 50.37 -32.36 6.21
C CYS G 105 50.52 -32.30 7.74
N ASP G 106 51.35 -31.40 8.24
CA ASP G 106 51.52 -31.25 9.68
C ASP G 106 50.25 -30.77 10.40
N VAL G 107 49.48 -29.91 9.75
CA VAL G 107 48.26 -29.39 10.38
C VAL G 107 47.21 -30.50 10.49
N LEU G 108 47.08 -31.30 9.44
CA LEU G 108 46.14 -32.40 9.45
C LEU G 108 46.57 -33.37 10.54
N ALA G 109 47.88 -33.52 10.69
CA ALA G 109 48.43 -34.42 11.71
C ALA G 109 48.08 -33.93 13.10
N LYS G 110 48.25 -32.63 13.33
CA LYS G 110 47.95 -32.05 14.64
C LYS G 110 46.45 -32.24 14.93
N ARG G 111 45.62 -31.98 13.91
CA ARG G 111 44.19 -32.11 14.06
C ARG G 111 43.79 -33.54 14.44
N MET G 112 44.34 -34.54 13.76
CA MET G 112 44.01 -35.92 14.08
C MET G 112 44.58 -36.30 15.45
N ALA G 113 45.72 -35.73 15.80
CA ALA G 113 46.34 -36.02 17.09
C ALA G 113 45.45 -35.46 18.20
N ASN G 114 44.89 -34.27 17.97
CA ASN G 114 44.01 -33.64 18.96
C ASN G 114 42.75 -34.48 19.16
N LEU G 115 42.19 -34.99 18.08
CA LEU G 115 41.00 -35.83 18.18
C LEU G 115 41.36 -37.03 19.04
N SER G 116 42.54 -37.58 18.80
CA SER G 116 43.02 -38.72 19.56
C SER G 116 43.15 -38.36 21.03
N GLN G 117 43.74 -37.21 21.30
CA GLN G 117 43.89 -36.77 22.67
C GLN G 117 42.52 -36.82 23.36
N ILE G 118 41.47 -36.41 22.64
CA ILE G 118 40.12 -36.43 23.22
C ILE G 118 39.68 -37.83 23.70
N TYR G 119 39.93 -38.87 22.90
CA TYR G 119 39.50 -40.22 23.29
C TYR G 119 40.26 -40.66 24.53
N THR G 120 41.37 -39.99 24.73
CA THR G 120 42.28 -40.21 25.85
C THR G 120 41.74 -39.57 27.13
N GLN G 121 40.93 -38.52 26.97
CA GLN G 121 40.39 -37.80 28.11
C GLN G 121 38.90 -38.01 28.41
N ARG G 122 38.11 -38.29 27.38
CA ARG G 122 36.68 -38.53 27.60
C ARG G 122 36.46 -40.04 27.67
N ALA G 123 35.75 -40.46 28.71
CA ALA G 123 35.48 -41.88 28.96
C ALA G 123 34.63 -42.62 27.95
N TYR G 124 33.63 -41.96 27.38
CA TYR G 124 32.75 -42.65 26.44
C TYR G 124 33.38 -42.99 25.10
N MET G 125 34.51 -42.37 24.78
CA MET G 125 35.20 -42.62 23.51
C MET G 125 36.43 -43.51 23.73
N ARG G 126 36.58 -44.54 22.89
CA ARG G 126 37.75 -45.41 22.99
C ARG G 126 38.84 -44.91 22.03
N PRO G 127 40.10 -45.18 22.33
CA PRO G 127 41.16 -44.72 21.42
C PRO G 127 41.09 -45.63 20.17
N LEU G 128 41.65 -45.17 19.07
CA LEU G 128 41.67 -46.00 17.88
C LEU G 128 42.99 -46.76 17.95
N GLY G 129 42.95 -48.06 17.66
CA GLY G 129 44.18 -48.84 17.72
C GLY G 129 45.05 -48.68 16.49
N VAL G 130 45.42 -47.45 16.17
CA VAL G 130 46.23 -47.23 14.99
C VAL G 130 47.26 -46.13 15.14
N ILE G 131 48.26 -46.19 14.27
CA ILE G 131 49.32 -45.19 14.21
C ILE G 131 49.21 -44.67 12.78
N LEU G 132 49.13 -43.36 12.63
CA LEU G 132 48.96 -42.78 11.31
C LEU G 132 50.21 -42.02 10.87
N THR G 133 50.67 -42.30 9.65
CA THR G 133 51.84 -41.64 9.11
C THR G 133 51.36 -40.80 7.95
N PHE G 134 51.52 -39.48 8.05
CA PHE G 134 51.08 -38.60 6.97
C PHE G 134 52.28 -38.10 6.18
N VAL G 135 52.12 -38.03 4.86
CA VAL G 135 53.19 -37.57 3.98
C VAL G 135 52.70 -36.68 2.86
N SER G 136 53.59 -35.82 2.39
CA SER G 136 53.30 -34.90 1.32
C SER G 136 54.54 -34.07 1.05
N VAL G 137 54.41 -33.19 0.06
CA VAL G 137 55.48 -32.25 -0.25
C VAL G 137 54.77 -30.92 -0.02
N ASP G 138 54.80 -30.48 1.22
CA ASP G 138 54.17 -29.24 1.63
C ASP G 138 54.66 -28.05 0.83
N GLU G 139 53.75 -27.14 0.48
CA GLU G 139 54.14 -25.97 -0.28
C GLU G 139 55.03 -25.03 0.50
N GLU G 140 55.04 -25.15 1.82
CA GLU G 140 55.90 -24.28 2.62
C GLU G 140 57.05 -25.05 3.25
N LEU G 141 56.80 -26.29 3.66
CA LEU G 141 57.81 -27.09 4.34
C LEU G 141 58.60 -28.10 3.51
N GLY G 142 58.14 -28.38 2.29
CA GLY G 142 58.84 -29.35 1.47
C GLY G 142 58.45 -30.75 1.89
N PRO G 143 59.20 -31.80 1.49
CA PRO G 143 58.85 -33.17 1.86
C PRO G 143 58.57 -33.28 3.36
N SER G 144 57.46 -33.90 3.71
CA SER G 144 57.07 -33.98 5.12
C SER G 144 56.52 -35.33 5.56
N ILE G 145 56.91 -35.72 6.77
CA ILE G 145 56.45 -36.96 7.39
C ILE G 145 56.03 -36.60 8.82
N TYR G 146 54.76 -36.83 9.12
CA TYR G 146 54.19 -36.54 10.44
C TYR G 146 53.37 -37.75 10.86
N LYS G 147 53.65 -38.25 12.05
CA LYS G 147 52.98 -39.44 12.55
C LYS G 147 52.28 -39.21 13.88
N THR G 148 51.09 -39.79 14.03
CA THR G 148 50.28 -39.66 15.26
C THR G 148 49.92 -41.04 15.80
N ASP G 149 49.78 -41.14 17.12
CA ASP G 149 49.48 -42.39 17.79
C ASP G 149 48.25 -42.32 18.72
N PRO G 150 47.87 -43.45 19.34
CA PRO G 150 46.71 -43.50 20.25
C PRO G 150 46.81 -42.61 21.48
N ALA G 151 47.98 -41.98 21.68
CA ALA G 151 48.17 -41.10 22.84
C ALA G 151 47.90 -39.64 22.48
N GLY G 152 47.69 -39.38 21.20
CA GLY G 152 47.44 -38.01 20.79
C GLY G 152 48.74 -37.31 20.52
N TYR G 153 49.83 -38.07 20.55
CA TYR G 153 51.14 -37.51 20.30
C TYR G 153 51.43 -37.48 18.79
N TYR G 154 52.22 -36.49 18.36
CA TYR G 154 52.59 -36.40 16.95
C TYR G 154 53.87 -35.58 16.81
N VAL G 155 54.63 -35.86 15.76
CA VAL G 155 55.87 -35.13 15.52
C VAL G 155 56.31 -35.35 14.07
N GLY G 156 57.22 -34.50 13.62
CA GLY G 156 57.74 -34.62 12.27
C GLY G 156 58.99 -35.49 12.27
N TYR G 157 59.24 -36.17 11.15
CA TYR G 157 60.39 -37.05 11.03
C TYR G 157 61.23 -36.79 9.77
N LYS G 158 62.50 -37.20 9.83
CA LYS G 158 63.40 -37.10 8.69
C LYS G 158 63.05 -38.36 7.91
N ALA G 159 62.74 -39.40 8.67
CA ALA G 159 62.35 -40.71 8.16
C ALA G 159 61.75 -41.41 9.37
N THR G 160 60.97 -42.46 9.16
CA THR G 160 60.39 -43.17 10.29
C THR G 160 59.93 -44.56 9.88
N ALA G 161 59.64 -45.40 10.87
CA ALA G 161 59.19 -46.77 10.60
C ALA G 161 58.20 -47.13 11.68
N THR G 162 57.27 -48.04 11.35
CA THR G 162 56.23 -48.43 12.29
C THR G 162 55.82 -49.88 12.07
N GLY G 163 55.53 -50.58 13.17
CA GLY G 163 55.11 -51.97 13.10
C GLY G 163 55.87 -52.88 14.06
N PRO G 164 55.65 -54.20 13.99
CA PRO G 164 56.32 -55.17 14.87
C PRO G 164 57.85 -55.04 14.90
N LYS G 165 58.46 -54.92 13.72
CA LYS G 165 59.92 -54.81 13.62
C LYS G 165 60.37 -53.38 13.37
N GLN G 166 59.64 -52.46 13.98
CA GLN G 166 59.88 -51.04 13.88
C GLN G 166 61.31 -50.68 14.28
N GLN G 167 61.77 -51.22 15.42
CA GLN G 167 63.10 -50.93 15.92
C GLN G 167 64.24 -51.24 14.96
N GLU G 168 64.18 -52.40 14.30
CA GLU G 168 65.21 -52.79 13.36
C GLU G 168 65.27 -51.83 12.17
N ILE G 169 64.09 -51.46 11.65
CA ILE G 169 64.04 -50.52 10.53
C ILE G 169 64.62 -49.19 10.96
N THR G 170 64.22 -48.74 12.15
CA THR G 170 64.65 -47.47 12.70
C THR G 170 66.16 -47.35 12.87
N THR G 171 66.79 -48.34 13.50
CA THR G 171 68.24 -48.30 13.69
C THR G 171 68.94 -48.33 12.33
N ASN G 172 68.43 -49.14 11.42
CA ASN G 172 69.00 -49.21 10.08
C ASN G 172 69.02 -47.78 9.49
N LEU G 173 67.87 -47.12 9.50
CA LEU G 173 67.75 -45.77 8.96
C LEU G 173 68.61 -44.77 9.74
N GLU G 174 68.68 -44.94 11.05
CA GLU G 174 69.49 -44.06 11.90
C GLU G 174 70.92 -44.10 11.45
N ASN G 175 71.42 -45.32 11.26
CA ASN G 175 72.79 -45.53 10.83
C ASN G 175 73.06 -44.85 9.50
N HIS G 176 72.20 -45.08 8.52
CA HIS G 176 72.39 -44.45 7.23
C HIS G 176 72.54 -42.94 7.32
N PHE G 177 71.73 -42.31 8.15
CA PHE G 177 71.78 -40.86 8.29
C PHE G 177 72.97 -40.34 9.09
N LYS G 178 73.47 -41.14 10.03
CA LYS G 178 74.64 -40.74 10.81
C LYS G 178 75.81 -40.67 9.84
N LYS G 179 75.73 -41.52 8.83
CA LYS G 179 76.73 -41.63 7.78
C LYS G 179 76.60 -40.49 6.78
N SER G 180 75.42 -40.36 6.17
CA SER G 180 75.18 -39.32 5.17
C SER G 180 75.26 -37.88 5.71
N LYS G 181 75.02 -37.71 7.01
CA LYS G 181 75.10 -36.39 7.62
C LYS G 181 74.05 -35.39 7.14
N ILE G 182 73.12 -35.85 6.31
CA ILE G 182 72.04 -35.02 5.80
C ILE G 182 70.72 -35.65 6.23
N ASP G 183 69.66 -34.84 6.27
CA ASP G 183 68.37 -35.33 6.72
C ASP G 183 67.38 -35.78 5.63
N HIS G 184 67.87 -36.31 4.52
CA HIS G 184 67.00 -36.76 3.44
C HIS G 184 67.78 -37.59 2.42
N ILE G 185 67.08 -38.23 1.50
CA ILE G 185 67.72 -39.03 0.45
C ILE G 185 68.05 -38.07 -0.69
N ASN G 186 69.33 -37.74 -0.85
CA ASN G 186 69.76 -36.83 -1.91
C ASN G 186 69.64 -37.42 -3.30
N GLU G 187 68.41 -37.66 -3.73
CA GLU G 187 68.14 -38.21 -5.05
C GLU G 187 67.14 -37.29 -5.75
N GLU G 188 67.32 -37.08 -7.05
CA GLU G 188 66.44 -36.20 -7.81
C GLU G 188 65.13 -36.87 -8.20
N SER G 189 65.19 -38.15 -8.53
CA SER G 189 63.97 -38.87 -8.92
C SER G 189 63.38 -39.65 -7.76
N TRP G 190 62.04 -39.66 -7.69
CA TRP G 190 61.37 -40.38 -6.64
C TRP G 190 61.55 -41.88 -6.81
N GLU G 191 61.74 -42.32 -8.05
CA GLU G 191 61.94 -43.74 -8.36
C GLU G 191 63.14 -44.29 -7.60
N LYS G 192 64.21 -43.50 -7.55
CA LYS G 192 65.41 -43.92 -6.84
C LYS G 192 65.17 -43.87 -5.33
N VAL G 193 64.38 -42.91 -4.88
CA VAL G 193 64.06 -42.80 -3.46
C VAL G 193 63.21 -44.01 -3.06
N VAL G 194 62.31 -44.41 -3.94
CA VAL G 194 61.50 -45.59 -3.67
C VAL G 194 62.43 -46.79 -3.52
N GLU G 195 63.40 -46.87 -4.42
CA GLU G 195 64.37 -47.97 -4.43
C GLU G 195 65.19 -47.98 -3.15
N PHE G 196 65.62 -46.81 -2.71
CA PHE G 196 66.37 -46.70 -1.47
C PHE G 196 65.50 -47.27 -0.36
N ALA G 197 64.28 -46.75 -0.28
CA ALA G 197 63.32 -47.17 0.72
C ALA G 197 63.18 -48.68 0.77
N ILE G 198 62.94 -49.29 -0.38
CA ILE G 198 62.79 -50.74 -0.41
C ILE G 198 64.08 -51.47 -0.07
N THR G 199 65.21 -50.93 -0.54
CA THR G 199 66.50 -51.56 -0.26
C THR G 199 66.71 -51.70 1.24
N HIS G 200 66.54 -50.60 1.98
CA HIS G 200 66.73 -50.65 3.41
C HIS G 200 65.65 -51.44 4.13
N MET G 201 64.48 -51.55 3.52
CA MET G 201 63.41 -52.35 4.11
C MET G 201 63.96 -53.77 4.14
N ILE G 202 64.47 -54.21 3.01
CA ILE G 202 65.04 -55.54 2.85
C ILE G 202 66.19 -55.80 3.81
N ASP G 203 67.19 -54.92 3.82
CA ASP G 203 68.35 -55.06 4.70
C ASP G 203 67.92 -55.23 6.15
N ALA G 204 67.10 -54.31 6.63
CA ALA G 204 66.62 -54.32 8.01
C ALA G 204 65.81 -55.56 8.39
N LEU G 205 64.89 -55.97 7.53
CA LEU G 205 64.07 -57.13 7.84
C LEU G 205 64.73 -58.42 7.40
N GLY G 206 65.81 -58.31 6.65
CA GLY G 206 66.49 -59.50 6.16
C GLY G 206 65.57 -60.36 5.32
N THR G 207 64.74 -59.74 4.49
CA THR G 207 63.81 -60.49 3.65
C THR G 207 63.76 -59.94 2.24
N GLU G 208 63.43 -60.84 1.31
CA GLU G 208 63.32 -60.52 -0.10
C GLU G 208 61.84 -60.24 -0.37
N PHE G 209 61.55 -59.42 -1.38
CA PHE G 209 60.16 -59.10 -1.70
C PHE G 209 59.80 -59.32 -3.16
N SER G 210 58.59 -59.79 -3.42
CA SER G 210 58.10 -59.97 -4.78
C SER G 210 57.26 -58.71 -5.01
N LYS G 211 56.72 -58.52 -6.21
CA LYS G 211 55.93 -57.33 -6.49
C LYS G 211 54.62 -57.26 -5.72
N ASN G 212 54.14 -58.39 -5.20
CA ASN G 212 52.91 -58.41 -4.45
C ASN G 212 53.11 -58.45 -2.93
N ASP G 213 54.33 -58.21 -2.48
CA ASP G 213 54.64 -58.23 -1.06
C ASP G 213 54.73 -56.82 -0.50
N LEU G 214 54.82 -55.84 -1.40
CA LEU G 214 54.91 -54.44 -1.01
C LEU G 214 53.74 -53.60 -1.47
N GLU G 215 53.71 -52.36 -0.99
CA GLU G 215 52.69 -51.39 -1.31
C GLU G 215 53.45 -50.07 -1.21
N VAL G 216 53.32 -49.21 -2.20
CA VAL G 216 54.07 -47.96 -2.19
C VAL G 216 53.25 -46.72 -2.49
N GLY G 217 53.52 -45.66 -1.74
CA GLY G 217 52.84 -44.40 -1.95
C GLY G 217 53.92 -43.38 -2.16
N VAL G 218 53.70 -42.44 -3.08
CA VAL G 218 54.67 -41.38 -3.36
C VAL G 218 53.99 -40.03 -3.34
N ALA G 219 54.69 -39.04 -2.76
CA ALA G 219 54.19 -37.69 -2.69
C ALA G 219 55.14 -36.73 -3.37
N THR G 220 54.62 -35.96 -4.32
CA THR G 220 55.41 -34.98 -5.04
C THR G 220 54.65 -33.67 -5.02
N LYS G 221 55.28 -32.62 -5.51
CA LYS G 221 54.66 -31.31 -5.59
C LYS G 221 53.28 -31.45 -6.24
N ASP G 222 52.25 -31.09 -5.48
CA ASP G 222 50.88 -31.13 -5.97
C ASP G 222 50.27 -32.50 -6.26
N LYS G 223 50.89 -33.56 -5.77
CA LYS G 223 50.29 -34.87 -5.96
C LYS G 223 50.86 -36.04 -5.18
N PHE G 224 49.96 -36.85 -4.62
CA PHE G 224 50.32 -38.05 -3.89
C PHE G 224 49.64 -39.20 -4.62
N PHE G 225 50.39 -40.26 -4.88
CA PHE G 225 49.86 -41.42 -5.60
C PHE G 225 50.51 -42.72 -5.14
N THR G 226 49.80 -43.81 -5.36
CA THR G 226 50.32 -45.13 -4.99
C THR G 226 50.81 -45.83 -6.26
N LEU G 227 51.83 -46.69 -6.10
CA LEU G 227 52.39 -47.42 -7.23
C LEU G 227 51.62 -48.70 -7.48
N SER G 228 51.67 -49.20 -8.72
CA SER G 228 50.98 -50.44 -9.07
C SER G 228 51.96 -51.61 -8.95
N ALA G 229 51.45 -52.83 -9.02
CA ALA G 229 52.29 -54.01 -8.93
C ALA G 229 53.42 -53.90 -9.94
N GLU G 230 53.08 -53.48 -11.15
CA GLU G 230 54.07 -53.35 -12.22
C GLU G 230 55.06 -52.21 -12.01
N ASN G 231 54.60 -51.09 -11.46
CA ASN G 231 55.50 -49.96 -11.20
C ASN G 231 56.53 -50.43 -10.18
N ILE G 232 56.05 -51.20 -9.21
CA ILE G 232 56.88 -51.75 -8.14
C ILE G 232 57.86 -52.79 -8.70
N GLU G 233 57.36 -53.68 -9.55
CA GLU G 233 58.19 -54.72 -10.16
C GLU G 233 59.40 -54.05 -10.84
N GLU G 234 59.12 -52.97 -11.57
CA GLU G 234 60.16 -52.24 -12.26
C GLU G 234 61.17 -51.69 -11.24
N ARG G 235 60.69 -51.47 -10.02
CA ARG G 235 61.53 -50.96 -8.94
C ARG G 235 62.42 -52.08 -8.40
N LEU G 236 61.80 -53.25 -8.18
CA LEU G 236 62.48 -54.44 -7.67
C LEU G 236 63.58 -54.94 -8.61
N VAL G 237 63.34 -54.81 -9.92
CA VAL G 237 64.31 -55.23 -10.92
C VAL G 237 65.52 -54.32 -10.83
N ALA G 238 65.27 -53.02 -10.83
CA ALA G 238 66.35 -52.05 -10.74
C ALA G 238 67.29 -52.34 -9.56
N ILE G 239 66.71 -52.56 -8.38
CA ILE G 239 67.53 -52.83 -7.20
C ILE G 239 68.27 -54.16 -7.35
N ALA G 240 67.70 -55.08 -8.13
CA ALA G 240 68.31 -56.40 -8.34
C ALA G 240 69.59 -56.27 -9.16
N GLU G 241 69.60 -55.34 -10.10
CA GLU G 241 70.76 -55.11 -10.95
C GLU G 241 71.75 -54.18 -10.27
N GLN G 242 72.03 -54.47 -9.01
CA GLN G 242 72.95 -53.68 -8.21
C GLN G 242 73.56 -54.60 -7.16
N ASP G 243 72.81 -55.64 -6.82
CA ASP G 243 73.23 -56.65 -5.84
C ASP G 243 73.66 -57.91 -6.60
N THR H 1 32.82 8.08 0.97
CA THR H 1 34.03 7.24 1.18
C THR H 1 34.70 6.91 -0.12
N THR H 2 36.03 6.90 -0.08
CA THR H 2 36.84 6.54 -1.23
C THR H 2 37.96 5.65 -0.68
N ILE H 3 38.01 4.41 -1.16
CA ILE H 3 39.05 3.50 -0.78
C ILE H 3 39.55 2.84 -2.05
N VAL H 4 40.86 2.62 -2.12
CA VAL H 4 41.44 1.99 -3.31
C VAL H 4 42.56 1.00 -2.99
N GLY H 5 42.85 0.17 -3.97
CA GLY H 5 43.90 -0.81 -3.86
C GLY H 5 44.63 -0.81 -5.19
N VAL H 6 45.96 -0.88 -5.15
CA VAL H 6 46.75 -0.88 -6.38
C VAL H 6 47.96 -1.78 -6.23
N LYS H 7 48.08 -2.77 -7.11
CA LYS H 7 49.21 -3.68 -7.08
C LYS H 7 50.38 -3.03 -7.82
N PHE H 8 51.60 -3.26 -7.33
CA PHE H 8 52.79 -2.76 -7.99
C PHE H 8 53.75 -3.95 -8.16
N ASN H 9 54.86 -3.73 -8.85
CA ASN H 9 55.82 -4.81 -9.13
C ASN H 9 56.16 -5.79 -8.01
N ASN H 10 56.35 -5.30 -6.79
CA ASN H 10 56.71 -6.20 -5.69
C ASN H 10 55.79 -6.15 -4.47
N GLY H 11 54.53 -5.76 -4.68
CA GLY H 11 53.62 -5.70 -3.56
C GLY H 11 52.26 -5.12 -3.89
N VAL H 12 51.64 -4.50 -2.88
CA VAL H 12 50.31 -3.93 -3.04
C VAL H 12 50.13 -2.78 -2.04
N VAL H 13 49.40 -1.76 -2.48
CA VAL H 13 49.13 -0.60 -1.65
C VAL H 13 47.62 -0.29 -1.60
N ILE H 14 47.15 0.16 -0.44
CA ILE H 14 45.74 0.53 -0.29
C ILE H 14 45.70 1.91 0.36
N ALA H 15 44.68 2.69 0.01
CA ALA H 15 44.53 4.03 0.57
C ALA H 15 43.05 4.30 0.83
N ALA H 16 42.77 5.36 1.58
CA ALA H 16 41.41 5.73 1.94
C ALA H 16 41.35 7.17 2.39
N ASP H 17 40.18 7.80 2.31
CA ASP H 17 40.02 9.17 2.76
C ASP H 17 39.72 9.03 4.25
N THR H 18 39.49 10.14 4.94
CA THR H 18 39.23 10.06 6.37
C THR H 18 37.93 10.68 6.85
N ARG H 19 36.96 10.84 5.96
CA ARG H 19 35.67 11.41 6.34
C ARG H 19 34.65 10.34 6.74
N SER H 20 33.93 10.63 7.83
CA SER H 20 32.89 9.75 8.33
C SER H 20 31.63 10.62 8.43
N THR H 21 30.52 10.18 7.85
CA THR H 21 29.30 10.99 7.87
C THR H 21 28.04 10.35 8.41
N GLN H 22 27.20 11.17 9.02
CA GLN H 22 25.88 10.75 9.52
C GLN H 22 24.97 11.67 8.70
N GLY H 23 24.44 11.14 7.61
CA GLY H 23 23.61 11.98 6.78
C GLY H 23 24.51 13.03 6.15
N PRO H 24 24.11 14.31 6.13
CA PRO H 24 24.95 15.35 5.53
C PRO H 24 25.96 15.96 6.50
N ILE H 25 26.01 15.43 7.72
CA ILE H 25 26.94 15.94 8.72
C ILE H 25 28.21 15.10 8.84
N VAL H 26 29.34 15.79 8.96
CA VAL H 26 30.62 15.10 9.12
C VAL H 26 30.81 14.78 10.60
N ALA H 27 30.56 13.53 10.96
CA ALA H 27 30.70 13.08 12.34
C ALA H 27 32.15 12.98 12.81
N ASP H 28 33.05 12.62 11.89
CA ASP H 28 34.47 12.49 12.20
C ASP H 28 35.26 12.96 10.98
N LYS H 29 36.14 13.94 11.18
CA LYS H 29 36.93 14.49 10.09
C LYS H 29 38.23 13.73 9.85
N ASN H 30 38.56 12.82 10.75
CA ASN H 30 39.78 12.05 10.58
C ASN H 30 39.66 10.62 11.11
N CYS H 31 38.67 9.89 10.61
CA CYS H 31 38.51 8.51 11.04
C CYS H 31 39.57 7.72 10.30
N ALA H 32 39.74 6.45 10.67
CA ALA H 32 40.72 5.62 10.00
C ALA H 32 39.99 4.46 9.34
N LYS H 33 40.03 4.43 8.01
CA LYS H 33 39.34 3.37 7.26
C LYS H 33 40.25 2.20 6.90
N LEU H 34 41.50 2.26 7.34
CA LEU H 34 42.47 1.20 7.07
C LEU H 34 42.59 0.32 8.30
N HIS H 35 42.25 -0.95 8.15
CA HIS H 35 42.27 -1.90 9.25
C HIS H 35 43.28 -3.01 9.02
N ARG H 36 43.88 -3.49 10.10
CA ARG H 36 44.86 -4.56 10.04
C ARG H 36 44.18 -5.90 10.37
N ILE H 37 44.28 -6.88 9.48
CA ILE H 37 43.70 -8.19 9.78
C ILE H 37 44.81 -8.96 10.49
N SER H 38 46.01 -8.90 9.93
CA SER H 38 47.20 -9.53 10.51
C SER H 38 48.33 -8.57 10.17
N PRO H 39 49.54 -8.80 10.68
CA PRO H 39 50.64 -7.89 10.39
C PRO H 39 50.80 -7.48 8.92
N LYS H 40 50.65 -8.42 8.00
CA LYS H 40 50.83 -8.07 6.60
C LYS H 40 49.62 -8.19 5.71
N ILE H 41 48.44 -8.21 6.32
CA ILE H 41 47.19 -8.26 5.58
C ILE H 41 46.37 -7.11 6.11
N TRP H 42 46.18 -6.09 5.27
CA TRP H 42 45.42 -4.92 5.68
C TRP H 42 44.16 -4.77 4.86
N CYS H 43 43.19 -4.10 5.46
CA CYS H 43 41.90 -3.92 4.85
C CYS H 43 41.41 -2.48 4.83
N ALA H 44 40.85 -2.06 3.69
CA ALA H 44 40.28 -0.73 3.56
C ALA H 44 38.77 -0.97 3.56
N GLY H 45 38.04 -0.25 4.40
CA GLY H 45 36.60 -0.46 4.47
C GLY H 45 35.64 0.69 4.22
N ALA H 46 34.56 0.37 3.52
CA ALA H 46 33.51 1.33 3.18
C ALA H 46 32.15 0.75 3.58
N GLY H 47 31.15 1.62 3.73
CA GLY H 47 29.83 1.17 4.11
C GLY H 47 29.50 1.53 5.54
N THR H 48 29.00 0.59 6.32
CA THR H 48 28.66 0.84 7.71
C THR H 48 29.92 0.69 8.56
N ALA H 49 30.38 1.79 9.11
CA ALA H 49 31.60 1.83 9.91
C ALA H 49 31.70 0.77 11.02
N ALA H 50 30.67 0.64 11.85
CA ALA H 50 30.73 -0.37 12.91
C ALA H 50 30.93 -1.76 12.30
N ASP H 51 30.34 -1.99 11.14
CA ASP H 51 30.47 -3.28 10.48
C ASP H 51 31.87 -3.53 9.88
N THR H 52 32.41 -2.55 9.17
CA THR H 52 33.73 -2.76 8.59
C THR H 52 34.72 -3.05 9.71
N GLU H 53 34.61 -2.31 10.80
CA GLU H 53 35.49 -2.47 11.94
C GLU H 53 35.28 -3.80 12.65
N ALA H 54 34.03 -4.14 12.92
CA ALA H 54 33.72 -5.37 13.64
C ALA H 54 34.09 -6.61 12.86
N VAL H 55 33.79 -6.60 11.56
CA VAL H 55 34.07 -7.77 10.73
C VAL H 55 35.59 -7.94 10.56
N THR H 56 36.30 -6.83 10.46
CA THR H 56 37.73 -6.85 10.31
C THR H 56 38.41 -7.40 11.57
N GLN H 57 37.88 -7.04 12.73
CA GLN H 57 38.45 -7.52 13.98
C GLN H 57 38.11 -8.99 14.24
N LEU H 58 36.90 -9.40 13.88
CA LEU H 58 36.49 -10.78 14.08
C LEU H 58 37.39 -11.71 13.29
N ILE H 59 37.46 -11.49 11.99
CA ILE H 59 38.28 -12.35 11.14
C ILE H 59 39.76 -12.22 11.51
N GLY H 60 40.18 -11.02 11.91
CA GLY H 60 41.57 -10.82 12.31
C GLY H 60 41.89 -11.68 13.51
N SER H 61 40.96 -11.73 14.45
CA SER H 61 41.13 -12.54 15.65
C SER H 61 41.23 -14.00 15.25
N ASN H 62 40.27 -14.47 14.45
CA ASN H 62 40.29 -15.86 14.03
C ASN H 62 41.51 -16.19 13.17
N ILE H 63 41.99 -15.21 12.39
CA ILE H 63 43.16 -15.42 11.55
C ILE H 63 44.40 -15.56 12.44
N GLU H 64 44.48 -14.77 13.51
CA GLU H 64 45.61 -14.87 14.42
C GLU H 64 45.60 -16.25 15.05
N LEU H 65 44.43 -16.71 15.49
CA LEU H 65 44.32 -18.02 16.10
C LEU H 65 44.68 -19.12 15.11
N HIS H 66 44.28 -18.97 13.85
CA HIS H 66 44.58 -19.98 12.83
C HIS H 66 46.10 -20.01 12.61
N SER H 67 46.72 -18.83 12.59
CA SER H 67 48.15 -18.69 12.40
C SER H 67 48.89 -19.46 13.49
N LEU H 68 48.47 -19.24 14.73
CA LEU H 68 49.09 -19.92 15.86
C LEU H 68 48.90 -21.42 15.77
N TYR H 69 47.71 -21.85 15.35
CA TYR H 69 47.38 -23.26 15.25
C TYR H 69 48.17 -23.99 14.16
N THR H 70 48.38 -23.33 13.03
CA THR H 70 49.10 -23.93 11.91
C THR H 70 50.59 -23.55 11.86
N SER H 71 51.03 -22.70 12.77
CA SER H 71 52.42 -22.27 12.81
C SER H 71 52.85 -21.69 11.47
N ARG H 72 51.92 -21.01 10.79
CA ARG H 72 52.20 -20.40 9.50
C ARG H 72 51.74 -18.96 9.45
N GLU H 73 52.26 -18.21 8.48
CA GLU H 73 51.88 -16.82 8.27
C GLU H 73 50.50 -16.84 7.65
N PRO H 74 49.63 -15.91 8.05
CA PRO H 74 48.27 -15.85 7.50
C PRO H 74 48.32 -15.54 6.01
N ARG H 75 47.38 -16.12 5.27
CA ARG H 75 47.30 -15.88 3.83
C ARG H 75 46.10 -14.99 3.52
N VAL H 76 46.27 -14.08 2.56
CA VAL H 76 45.19 -13.18 2.18
C VAL H 76 43.95 -13.97 1.75
N VAL H 77 44.14 -15.05 0.99
CA VAL H 77 42.99 -15.83 0.56
C VAL H 77 42.20 -16.41 1.72
N SER H 78 42.83 -16.53 2.88
CA SER H 78 42.13 -17.07 4.04
C SER H 78 41.23 -15.99 4.64
N ALA H 79 41.77 -14.79 4.78
CA ALA H 79 41.02 -13.68 5.32
C ALA H 79 39.83 -13.46 4.38
N LEU H 80 40.08 -13.60 3.09
CA LEU H 80 39.06 -13.40 2.06
C LEU H 80 37.94 -14.45 2.12
N GLN H 81 38.30 -15.69 2.38
CA GLN H 81 37.32 -16.76 2.44
C GLN H 81 36.49 -16.64 3.72
N MET H 82 37.14 -16.28 4.82
CA MET H 82 36.45 -16.14 6.09
C MET H 82 35.50 -14.94 6.07
N LEU H 83 35.96 -13.84 5.48
CA LEU H 83 35.16 -12.62 5.38
C LEU H 83 33.95 -12.83 4.47
N LYS H 84 34.15 -13.43 3.31
CA LYS H 84 33.04 -13.63 2.39
C LYS H 84 31.98 -14.59 2.91
N GLN H 85 32.40 -15.67 3.57
CA GLN H 85 31.43 -16.64 4.10
C GLN H 85 30.64 -16.03 5.26
N HIS H 86 31.26 -15.11 5.99
CA HIS H 86 30.61 -14.44 7.11
C HIS H 86 29.60 -13.42 6.55
N LEU H 87 30.05 -12.64 5.58
CA LEU H 87 29.19 -11.65 4.95
C LEU H 87 28.06 -12.30 4.16
N PHE H 88 28.33 -13.42 3.50
CA PHE H 88 27.28 -14.09 2.73
C PHE H 88 26.15 -14.55 3.64
N LYS H 89 26.53 -15.16 4.75
CA LYS H 89 25.60 -15.67 5.75
C LYS H 89 24.59 -14.61 6.21
N TYR H 90 25.06 -13.36 6.33
CA TYR H 90 24.20 -12.28 6.79
C TYR H 90 23.47 -11.54 5.69
N GLN H 91 23.45 -12.12 4.51
CA GLN H 91 22.71 -11.57 3.37
C GLN H 91 22.78 -10.06 3.13
N GLY H 92 23.93 -9.47 3.37
CA GLY H 92 24.09 -8.05 3.15
C GLY H 92 23.68 -7.17 4.31
N HIS H 93 23.23 -7.76 5.41
CA HIS H 93 22.82 -6.97 6.55
C HIS H 93 24.01 -6.36 7.27
N ILE H 94 25.18 -6.97 7.12
CA ILE H 94 26.40 -6.42 7.68
C ILE H 94 26.96 -5.60 6.51
N GLY H 95 26.72 -4.29 6.56
CA GLY H 95 27.14 -3.40 5.50
C GLY H 95 28.62 -3.14 5.34
N ALA H 96 29.39 -4.20 5.11
CA ALA H 96 30.83 -4.07 4.95
C ALA H 96 31.23 -4.25 3.49
N TYR H 97 31.94 -3.26 2.96
CA TYR H 97 32.43 -3.29 1.59
C TYR H 97 33.92 -3.08 1.77
N LEU H 98 34.70 -4.11 1.47
CA LEU H 98 36.14 -4.05 1.71
C LEU H 98 37.08 -4.34 0.57
N ILE H 99 38.26 -3.74 0.68
CA ILE H 99 39.34 -3.98 -0.26
C ILE H 99 40.38 -4.60 0.68
N VAL H 100 40.62 -5.91 0.49
CA VAL H 100 41.58 -6.63 1.31
C VAL H 100 42.85 -6.89 0.51
N ALA H 101 43.99 -6.55 1.12
CA ALA H 101 45.27 -6.73 0.48
C ALA H 101 46.31 -7.23 1.47
N GLY H 102 47.43 -7.70 0.94
CA GLY H 102 48.50 -8.19 1.78
C GLY H 102 49.51 -9.07 1.07
N VAL H 103 50.59 -9.39 1.77
CA VAL H 103 51.62 -10.26 1.22
C VAL H 103 51.66 -11.44 2.18
N ASP H 104 51.89 -12.62 1.63
CA ASP H 104 51.99 -13.82 2.43
C ASP H 104 52.96 -14.79 1.73
N PRO H 105 53.22 -15.95 2.33
CA PRO H 105 54.15 -16.88 1.70
C PRO H 105 53.91 -17.18 0.21
N THR H 106 52.72 -16.89 -0.29
CA THR H 106 52.45 -17.19 -1.70
C THR H 106 52.50 -15.99 -2.65
N GLY H 107 52.85 -14.83 -2.13
CA GLY H 107 52.92 -13.63 -2.97
C GLY H 107 52.13 -12.43 -2.45
N SER H 108 51.83 -11.47 -3.33
CA SER H 108 51.05 -10.30 -2.94
C SER H 108 49.68 -10.40 -3.59
N HIS H 109 48.65 -9.96 -2.87
CA HIS H 109 47.27 -10.07 -3.36
C HIS H 109 46.41 -8.82 -3.17
N LEU H 110 45.41 -8.69 -4.05
CA LEU H 110 44.46 -7.59 -4.03
C LEU H 110 43.06 -8.10 -4.37
N PHE H 111 42.14 -7.90 -3.43
CA PHE H 111 40.76 -8.35 -3.62
C PHE H 111 39.77 -7.31 -3.09
N SER H 112 38.51 -7.50 -3.44
CA SER H 112 37.44 -6.63 -2.94
C SER H 112 36.32 -7.58 -2.53
N ILE H 113 35.56 -7.18 -1.53
CA ILE H 113 34.44 -7.98 -1.06
C ILE H 113 33.26 -7.03 -0.87
N HIS H 114 32.09 -7.46 -1.33
CA HIS H 114 30.88 -6.67 -1.17
C HIS H 114 30.05 -7.26 -0.03
N ALA H 115 29.20 -6.42 0.56
CA ALA H 115 28.35 -6.82 1.69
C ALA H 115 27.66 -8.17 1.54
N HIS H 116 27.18 -8.47 0.35
CA HIS H 116 26.50 -9.74 0.14
C HIS H 116 27.41 -10.95 0.07
N GLY H 117 28.73 -10.72 0.01
CA GLY H 117 29.65 -11.83 -0.02
C GLY H 117 30.35 -12.19 -1.31
N SER H 118 30.18 -11.37 -2.34
CA SER H 118 30.85 -11.66 -3.61
C SER H 118 32.23 -11.02 -3.56
N THR H 119 33.21 -11.68 -4.17
CA THR H 119 34.58 -11.17 -4.18
C THR H 119 35.07 -10.96 -5.59
N ASP H 120 36.05 -10.09 -5.74
CA ASP H 120 36.63 -9.78 -7.04
C ASP H 120 38.14 -9.65 -6.91
N VAL H 121 38.85 -9.82 -8.02
CA VAL H 121 40.28 -9.69 -8.04
C VAL H 121 40.69 -8.73 -9.17
N GLY H 122 41.73 -7.96 -8.94
CA GLY H 122 42.19 -7.02 -9.96
C GLY H 122 43.50 -6.39 -9.57
N TYR H 123 44.06 -5.57 -10.46
CA TYR H 123 45.33 -4.90 -10.20
C TYR H 123 45.09 -3.58 -9.50
N TYR H 124 43.90 -3.02 -9.74
CA TYR H 124 43.49 -1.77 -9.11
C TYR H 124 41.98 -1.84 -8.82
N LEU H 125 41.56 -1.32 -7.67
CA LEU H 125 40.16 -1.35 -7.25
C LEU H 125 39.80 -0.16 -6.37
N SER H 126 38.50 0.15 -6.28
CA SER H 126 38.02 1.21 -5.40
C SER H 126 36.54 1.02 -5.10
N LEU H 127 36.14 1.36 -3.87
CA LEU H 127 34.76 1.24 -3.44
C LEU H 127 34.34 2.52 -2.74
N GLY H 128 33.03 2.68 -2.56
CA GLY H 128 32.51 3.86 -1.88
C GLY H 128 31.91 4.91 -2.79
N SER H 129 31.26 5.89 -2.19
CA SER H 129 30.64 6.94 -2.99
C SER H 129 31.69 7.66 -3.86
N GLY H 130 32.94 7.66 -3.41
CA GLY H 130 34.01 8.31 -4.15
C GLY H 130 34.60 7.38 -5.21
N SER H 131 34.12 6.16 -5.19
CA SER H 131 34.54 5.09 -6.09
C SER H 131 34.69 5.52 -7.54
N LEU H 132 33.71 6.26 -8.06
CA LEU H 132 33.74 6.68 -9.45
C LEU H 132 34.80 7.73 -9.76
N ALA H 133 34.99 8.71 -8.89
CA ALA H 133 36.03 9.71 -9.13
C ALA H 133 37.39 8.98 -9.14
N ALA H 134 37.60 8.10 -8.17
CA ALA H 134 38.83 7.34 -8.05
C ALA H 134 39.08 6.47 -9.27
N MET H 135 38.10 5.63 -9.62
CA MET H 135 38.24 4.72 -10.76
C MET H 135 38.52 5.47 -12.05
N ALA H 136 38.01 6.70 -12.16
CA ALA H 136 38.26 7.47 -13.38
C ALA H 136 39.76 7.74 -13.45
N VAL H 137 40.36 8.10 -12.32
CA VAL H 137 41.79 8.37 -12.28
C VAL H 137 42.57 7.08 -12.57
N LEU H 138 42.18 5.99 -11.91
CA LEU H 138 42.85 4.72 -12.10
C LEU H 138 42.74 4.23 -13.54
N GLU H 139 41.57 4.37 -14.15
CA GLU H 139 41.39 3.92 -15.53
C GLU H 139 42.20 4.79 -16.49
N SER H 140 42.66 5.94 -15.99
CA SER H 140 43.41 6.86 -16.81
C SER H 140 44.93 6.83 -16.63
N HIS H 141 45.40 6.43 -15.46
CA HIS H 141 46.82 6.42 -15.19
C HIS H 141 47.46 5.09 -14.86
N TRP H 142 46.66 4.06 -14.62
CA TRP H 142 47.23 2.78 -14.29
C TRP H 142 47.93 2.14 -15.48
N LYS H 143 48.98 1.38 -15.17
CA LYS H 143 49.75 0.66 -16.18
C LYS H 143 50.35 -0.51 -15.41
N GLN H 144 50.74 -1.55 -16.13
CA GLN H 144 51.33 -2.72 -15.50
C GLN H 144 52.79 -2.43 -15.14
N ASP H 145 53.29 -3.13 -14.12
CA ASP H 145 54.66 -2.96 -13.66
C ASP H 145 54.94 -1.58 -13.10
N LEU H 146 54.15 -1.22 -12.09
CA LEU H 146 54.32 0.07 -11.43
C LEU H 146 55.32 -0.11 -10.31
N THR H 147 56.05 0.95 -9.98
CA THR H 147 56.99 0.87 -8.89
C THR H 147 56.25 1.20 -7.59
N LYS H 148 56.84 0.85 -6.47
CA LYS H 148 56.22 1.16 -5.19
C LYS H 148 55.84 2.65 -5.16
N GLU H 149 56.74 3.49 -5.62
CA GLU H 149 56.50 4.94 -5.62
C GLU H 149 55.39 5.38 -6.57
N GLU H 150 55.33 4.78 -7.75
CA GLU H 150 54.30 5.12 -8.71
C GLU H 150 52.94 4.67 -8.14
N ALA H 151 52.91 3.47 -7.56
CA ALA H 151 51.69 2.94 -6.97
C ALA H 151 51.16 3.86 -5.89
N ILE H 152 52.02 4.22 -4.94
CA ILE H 152 51.60 5.12 -3.88
C ILE H 152 51.02 6.42 -4.44
N LYS H 153 51.57 6.89 -5.56
CA LYS H 153 51.13 8.11 -6.20
C LYS H 153 49.75 7.92 -6.82
N LEU H 154 49.61 6.87 -7.62
CA LEU H 154 48.34 6.56 -8.26
C LEU H 154 47.23 6.43 -7.21
N ALA H 155 47.43 5.52 -6.25
CA ALA H 155 46.47 5.30 -5.19
C ALA H 155 46.12 6.61 -4.49
N SER H 156 47.16 7.37 -4.14
CA SER H 156 46.97 8.65 -3.46
C SER H 156 46.17 9.65 -4.31
N ASP H 157 46.41 9.67 -5.61
CA ASP H 157 45.70 10.60 -6.48
C ASP H 157 44.24 10.16 -6.60
N ALA H 158 44.03 8.85 -6.73
CA ALA H 158 42.68 8.30 -6.84
C ALA H 158 41.83 8.72 -5.63
N ILE H 159 42.43 8.71 -4.45
CA ILE H 159 41.71 9.11 -3.25
C ILE H 159 41.38 10.59 -3.33
N GLN H 160 42.33 11.39 -3.79
CA GLN H 160 42.09 12.82 -3.90
C GLN H 160 40.93 13.13 -4.86
N ALA H 161 40.83 12.37 -5.93
CA ALA H 161 39.75 12.57 -6.88
C ALA H 161 38.44 12.49 -6.08
N GLY H 162 38.41 11.61 -5.09
CA GLY H 162 37.23 11.46 -4.26
C GLY H 162 37.06 12.60 -3.27
N ILE H 163 38.13 12.91 -2.54
CA ILE H 163 38.06 13.98 -1.55
C ILE H 163 37.49 15.25 -2.18
N TRP H 164 38.01 15.60 -3.34
CA TRP H 164 37.61 16.81 -4.03
C TRP H 164 36.28 16.75 -4.76
N ASN H 165 35.97 15.62 -5.39
CA ASN H 165 34.73 15.56 -6.15
C ASN H 165 33.53 14.87 -5.49
N ASP H 166 33.77 14.08 -4.45
CA ASP H 166 32.69 13.39 -3.76
C ASP H 166 32.40 14.05 -2.42
N LEU H 167 31.14 14.39 -2.20
CA LEU H 167 30.73 15.04 -0.95
C LEU H 167 30.80 14.01 0.17
N GLY H 168 30.82 12.73 -0.19
CA GLY H 168 30.90 11.69 0.82
C GLY H 168 32.34 11.44 1.27
N SER H 169 33.29 12.08 0.59
CA SER H 169 34.70 11.92 0.92
C SER H 169 35.38 13.25 1.22
N GLY H 170 36.45 13.20 2.01
CA GLY H 170 37.16 14.42 2.33
C GLY H 170 38.29 14.26 3.34
N SER H 171 38.83 15.41 3.77
CA SER H 171 39.92 15.48 4.74
C SER H 171 41.27 14.93 4.29
N ASN H 172 41.71 13.83 4.87
CA ASN H 172 43.03 13.28 4.55
C ASN H 172 43.10 11.98 3.77
N VAL H 173 44.33 11.60 3.44
CA VAL H 173 44.61 10.37 2.70
C VAL H 173 45.49 9.47 3.55
N ASP H 174 45.00 8.26 3.84
CA ASP H 174 45.77 7.29 4.61
C ASP H 174 46.26 6.24 3.62
N VAL H 175 47.46 5.74 3.84
CA VAL H 175 48.03 4.74 2.95
C VAL H 175 48.70 3.59 3.72
N CYS H 176 48.74 2.43 3.09
CA CYS H 176 49.44 1.30 3.69
C CYS H 176 50.09 0.55 2.58
N VAL H 177 51.41 0.38 2.69
CA VAL H 177 52.17 -0.34 1.69
C VAL H 177 52.59 -1.70 2.21
N MET H 178 52.32 -2.73 1.42
CA MET H 178 52.66 -4.09 1.77
C MET H 178 53.58 -4.63 0.68
N GLU H 179 54.87 -4.72 0.99
CA GLU H 179 55.87 -5.19 0.03
C GLU H 179 56.35 -6.62 0.34
N ILE H 180 56.42 -7.44 -0.70
CA ILE H 180 56.80 -8.85 -0.57
C ILE H 180 57.83 -9.27 0.48
N GLY H 181 58.93 -8.53 0.63
CA GLY H 181 59.89 -8.98 1.61
C GLY H 181 60.10 -8.11 2.82
N LYS H 182 59.27 -7.09 2.99
CA LYS H 182 59.47 -6.21 4.12
C LYS H 182 58.26 -6.14 5.03
N ASP H 183 58.39 -5.34 6.08
CA ASP H 183 57.28 -5.14 7.01
C ASP H 183 56.28 -4.26 6.28
N ALA H 184 55.00 -4.38 6.63
CA ALA H 184 53.99 -3.55 6.00
C ALA H 184 54.13 -2.16 6.61
N GLU H 185 54.08 -1.11 5.79
CA GLU H 185 54.17 0.21 6.39
C GLU H 185 52.88 1.01 6.28
N TYR H 186 52.35 1.32 7.44
CA TYR H 186 51.10 2.05 7.58
C TYR H 186 51.42 3.55 7.67
N LEU H 187 50.91 4.30 6.71
CA LEU H 187 51.15 5.73 6.65
C LEU H 187 49.90 6.54 6.99
N ARG H 188 49.62 6.67 8.28
CA ARG H 188 48.47 7.43 8.76
C ARG H 188 48.62 8.90 8.40
N ASN H 189 47.64 9.44 7.68
CA ASN H 189 47.65 10.83 7.24
C ASN H 189 48.85 11.15 6.34
N TYR H 190 49.03 10.30 5.33
CA TYR H 190 50.10 10.46 4.35
C TYR H 190 49.96 11.84 3.69
N LEU H 191 48.71 12.28 3.51
CA LEU H 191 48.42 13.58 2.93
C LEU H 191 47.39 14.28 3.80
N THR H 192 47.58 15.57 4.01
CA THR H 192 46.65 16.36 4.81
C THR H 192 46.41 17.70 4.11
N PRO H 193 45.78 17.68 2.92
CA PRO H 193 45.46 18.84 2.09
C PRO H 193 44.23 19.65 2.48
N ASN H 194 43.72 19.44 3.70
CA ASN H 194 42.54 20.17 4.12
C ASN H 194 42.63 20.78 5.50
N VAL H 195 43.76 21.41 5.81
CA VAL H 195 43.94 22.04 7.11
C VAL H 195 43.09 23.30 7.18
N ARG H 196 42.32 23.47 8.25
CA ARG H 196 41.47 24.63 8.42
C ARG H 196 42.29 25.90 8.58
N GLU H 197 41.89 26.96 7.88
CA GLU H 197 42.60 28.23 7.97
C GLU H 197 42.40 28.78 9.38
N GLU H 198 43.27 29.69 9.79
CA GLU H 198 43.16 30.26 11.12
C GLU H 198 41.84 31.02 11.21
N LYS H 199 41.17 30.89 12.34
CA LYS H 199 39.91 31.58 12.53
C LYS H 199 40.12 33.09 12.54
N GLN H 200 39.06 33.81 12.20
CA GLN H 200 39.07 35.25 12.13
C GLN H 200 39.12 35.88 13.53
N LYS H 201 38.64 35.14 14.52
CA LYS H 201 38.56 35.67 15.88
C LYS H 201 38.73 34.55 16.89
N SER H 202 39.06 34.91 18.13
CA SER H 202 39.21 33.92 19.20
C SER H 202 37.94 34.04 20.02
N TYR H 203 37.31 32.92 20.35
CA TYR H 203 36.07 32.97 21.09
C TYR H 203 36.21 32.64 22.56
N LYS H 204 37.44 32.74 23.05
CA LYS H 204 37.73 32.48 24.44
C LYS H 204 36.88 33.47 25.24
N PHE H 205 36.12 32.95 26.20
CA PHE H 205 35.23 33.77 27.02
C PHE H 205 35.90 34.27 28.28
N PRO H 206 35.51 35.47 28.75
CA PRO H 206 36.12 35.97 29.98
C PRO H 206 35.55 35.11 31.12
N ARG H 207 36.40 34.71 32.06
CA ARG H 207 35.94 33.88 33.15
C ARG H 207 34.82 34.54 33.92
N GLY H 208 33.81 33.77 34.29
CA GLY H 208 32.68 34.32 35.02
C GLY H 208 31.50 34.59 34.08
N THR H 209 31.75 34.49 32.78
CA THR H 209 30.72 34.73 31.78
C THR H 209 29.46 33.86 31.98
N THR H 210 29.67 32.61 32.40
CA THR H 210 28.57 31.68 32.59
C THR H 210 27.98 31.71 34.00
N ALA H 211 26.65 31.75 34.08
CA ALA H 211 25.94 31.77 35.36
C ALA H 211 25.90 30.39 36.00
N VAL H 212 26.38 30.27 37.23
CA VAL H 212 26.41 29.00 37.94
C VAL H 212 25.47 28.96 39.14
N LEU H 213 24.66 27.91 39.24
CA LEU H 213 23.69 27.75 40.33
C LEU H 213 24.23 27.08 41.58
N LYS H 214 24.97 26.00 41.39
CA LYS H 214 25.52 25.24 42.50
C LYS H 214 26.83 24.61 42.05
N GLU H 215 27.67 24.27 43.01
CA GLU H 215 28.97 23.68 42.71
C GLU H 215 29.33 22.65 43.78
N SER H 216 30.06 21.61 43.38
CA SER H 216 30.47 20.57 44.32
C SER H 216 31.58 19.68 43.78
N ILE H 217 32.33 19.06 44.68
CA ILE H 217 33.43 18.18 44.31
C ILE H 217 32.87 16.79 44.09
N VAL H 218 33.38 16.08 43.08
CA VAL H 218 32.91 14.73 42.81
C VAL H 218 33.90 13.71 43.35
N ASN H 219 33.39 12.73 44.10
CA ASN H 219 34.23 11.69 44.69
C ASN H 219 34.51 10.54 43.72
N ILE H 220 35.79 10.33 43.41
CA ILE H 220 36.21 9.27 42.51
C ILE H 220 36.88 8.11 43.24
N CYS H 221 37.62 8.45 44.30
CA CYS H 221 38.30 7.44 45.11
C CYS H 221 37.27 6.65 45.91
N ASP H 222 37.37 5.33 45.85
CA ASP H 222 36.45 4.45 46.55
C ASP H 222 36.74 4.36 48.06
N SER I 1 7.94 7.99 16.98
CA SER I 1 8.46 6.97 16.01
C SER I 1 9.96 6.80 16.13
N ASP I 2 10.70 7.88 15.90
CA ASP I 2 12.17 7.84 16.02
C ASP I 2 12.53 7.77 17.51
N PRO I 3 13.04 6.61 17.96
CA PRO I 3 13.44 6.39 19.35
C PRO I 3 14.39 7.42 19.94
N SER I 4 15.21 8.02 19.09
CA SER I 4 16.16 9.02 19.56
C SER I 4 15.59 10.43 19.62
N SER I 5 14.28 10.56 19.44
CA SER I 5 13.63 11.86 19.49
C SER I 5 12.40 11.87 20.39
N ILE I 6 12.33 10.88 21.28
CA ILE I 6 11.18 10.79 22.18
C ILE I 6 11.40 11.58 23.47
N ASN I 7 12.53 11.33 24.11
CA ASN I 7 12.87 11.97 25.38
C ASN I 7 13.70 13.24 25.31
N GLY I 8 14.49 13.37 24.26
CA GLY I 8 15.34 14.55 24.10
C GLY I 8 16.58 14.54 24.98
N GLY I 9 17.44 15.53 24.78
CA GLY I 9 18.65 15.63 25.59
C GLY I 9 19.93 15.69 24.78
N ILE I 10 20.97 16.30 25.35
CA ILE I 10 22.26 16.39 24.68
C ILE I 10 23.42 16.18 25.64
N VAL I 11 24.58 15.87 25.07
CA VAL I 11 25.80 15.66 25.83
C VAL I 11 26.96 16.14 24.97
N VAL I 12 27.94 16.78 25.59
CA VAL I 12 29.12 17.25 24.85
C VAL I 12 30.37 17.10 25.72
N ALA I 13 31.44 16.59 25.12
CA ALA I 13 32.70 16.40 25.82
C ALA I 13 33.82 17.14 25.08
N MET I 14 34.77 17.66 25.84
CA MET I 14 35.88 18.43 25.26
C MET I 14 37.20 18.16 25.97
N THR I 15 38.31 18.31 25.25
CA THR I 15 39.64 18.16 25.82
C THR I 15 40.28 19.54 26.01
N GLY I 16 41.16 19.63 27.00
CA GLY I 16 41.86 20.87 27.29
C GLY I 16 43.23 20.52 27.85
N LYS I 17 43.97 21.53 28.30
CA LYS I 17 45.29 21.30 28.86
C LYS I 17 45.22 20.42 30.12
N ASP I 18 45.72 19.19 30.02
CA ASP I 18 45.73 18.27 31.15
C ASP I 18 44.35 18.11 31.79
N CYS I 19 43.29 18.30 31.01
CA CYS I 19 41.94 18.16 31.54
C CYS I 19 40.92 17.82 30.45
N VAL I 20 39.73 17.39 30.89
CA VAL I 20 38.63 17.07 29.99
C VAL I 20 37.36 17.52 30.66
N ALA I 21 36.35 17.85 29.86
CA ALA I 21 35.08 18.28 30.40
C ALA I 21 33.97 17.54 29.66
N ILE I 22 32.89 17.26 30.37
CA ILE I 22 31.76 16.59 29.76
C ILE I 22 30.54 17.25 30.38
N ALA I 23 29.58 17.61 29.54
CA ALA I 23 28.38 18.29 30.01
C ALA I 23 27.10 17.72 29.39
N CYS I 24 25.97 18.02 30.03
CA CYS I 24 24.68 17.55 29.54
C CYS I 24 23.52 18.41 30.06
N ASP I 25 22.39 18.35 29.36
CA ASP I 25 21.20 19.08 29.80
C ASP I 25 20.51 18.15 30.80
N LEU I 26 19.41 18.59 31.38
CA LEU I 26 18.73 17.76 32.39
C LEU I 26 17.31 17.39 32.01
N ARG I 27 16.91 17.73 30.79
CA ARG I 27 15.55 17.43 30.36
C ARG I 27 15.26 15.96 30.06
N LEU I 28 14.00 15.58 30.27
CA LEU I 28 13.47 14.25 29.99
C LEU I 28 12.03 14.57 29.66
N GLY I 29 11.67 14.43 28.39
CA GLY I 29 10.30 14.73 28.03
C GLY I 29 9.63 13.55 27.38
N SER I 30 8.37 13.78 27.01
CA SER I 30 7.54 12.80 26.32
C SER I 30 7.07 13.62 25.13
N GLN I 31 7.88 13.62 24.07
CA GLN I 31 7.57 14.41 22.90
C GLN I 31 7.54 15.87 23.36
N SER I 32 6.42 16.57 23.14
CA SER I 32 6.33 17.97 23.52
C SER I 32 6.15 18.22 25.02
N LEU I 33 5.82 17.18 25.78
CA LEU I 33 5.62 17.33 27.21
C LEU I 33 6.87 17.17 28.06
N GLY I 34 7.25 18.24 28.75
CA GLY I 34 8.41 18.17 29.62
C GLY I 34 8.01 17.35 30.83
N VAL I 35 8.84 16.40 31.23
CA VAL I 35 8.51 15.53 32.36
C VAL I 35 9.43 15.66 33.56
N SER I 36 10.73 15.75 33.31
CA SER I 36 11.69 15.89 34.40
C SER I 36 12.80 16.85 34.03
N ASN I 37 13.21 17.66 35.00
CA ASN I 37 14.27 18.63 34.83
C ASN I 37 15.48 18.20 35.68
N LYS I 38 15.47 16.94 36.08
CA LYS I 38 16.55 16.40 36.89
C LYS I 38 17.09 15.09 36.35
N PHE I 39 16.97 14.88 35.04
CA PHE I 39 17.44 13.66 34.42
C PHE I 39 18.87 13.85 33.92
N GLU I 40 19.84 13.54 34.78
CA GLU I 40 21.25 13.67 34.42
C GLU I 40 21.67 12.55 33.48
N LYS I 41 22.45 12.91 32.47
CA LYS I 41 22.89 11.96 31.48
C LYS I 41 24.38 11.62 31.60
N ILE I 42 25.01 12.03 32.71
CA ILE I 42 26.42 11.75 32.92
C ILE I 42 26.59 10.80 34.10
N PHE I 43 27.40 9.76 33.90
CA PHE I 43 27.66 8.79 34.97
C PHE I 43 29.15 8.55 35.02
N HIS I 44 29.62 7.95 36.10
CA HIS I 44 31.03 7.65 36.20
C HIS I 44 31.30 6.35 36.94
N TYR I 45 32.33 5.65 36.46
CA TYR I 45 32.75 4.38 37.03
C TYR I 45 34.22 4.64 37.35
N GLY I 46 34.53 4.83 38.63
CA GLY I 46 35.90 5.14 39.00
C GLY I 46 36.17 6.53 38.45
N HIS I 47 37.26 6.70 37.73
CA HIS I 47 37.58 8.01 37.16
C HIS I 47 37.15 8.15 35.70
N VAL I 48 36.36 7.20 35.21
CA VAL I 48 35.90 7.27 33.82
C VAL I 48 34.47 7.79 33.79
N PHE I 49 34.22 8.79 32.94
CA PHE I 49 32.88 9.35 32.84
C PHE I 49 32.16 8.95 31.55
N LEU I 50 30.87 8.67 31.68
CA LEU I 50 30.04 8.28 30.56
C LEU I 50 28.77 9.11 30.44
N GLY I 51 28.61 9.79 29.32
CA GLY I 51 27.40 10.55 29.08
C GLY I 51 26.62 9.74 28.05
N ILE I 52 25.29 9.70 28.17
CA ILE I 52 24.47 8.93 27.22
C ILE I 52 23.21 9.71 26.84
N THR I 53 23.01 9.97 25.54
CA THR I 53 21.80 10.64 25.09
C THR I 53 20.95 9.61 24.37
N GLY I 54 19.71 9.97 24.05
CA GLY I 54 18.84 9.04 23.35
C GLY I 54 17.63 8.61 24.17
N LEU I 55 17.13 7.40 23.89
CA LEU I 55 15.97 6.86 24.60
C LEU I 55 16.34 6.63 26.05
N ALA I 56 15.63 7.33 26.94
CA ALA I 56 15.86 7.28 28.38
C ALA I 56 15.92 5.88 29.01
N THR I 57 15.01 4.99 28.62
CA THR I 57 15.02 3.66 29.20
C THR I 57 16.36 2.97 28.91
N ASP I 58 16.92 3.22 27.72
CA ASP I 58 18.19 2.62 27.36
C ASP I 58 19.37 3.32 28.04
N VAL I 59 19.21 4.62 28.30
CA VAL I 59 20.25 5.38 28.98
C VAL I 59 20.39 4.80 30.38
N THR I 60 19.25 4.53 31.02
CA THR I 60 19.25 3.96 32.36
C THR I 60 19.78 2.52 32.34
N THR I 61 19.32 1.74 31.38
CA THR I 61 19.78 0.36 31.26
C THR I 61 21.29 0.28 31.02
N LEU I 62 21.78 1.04 30.05
CA LEU I 62 23.20 1.03 29.77
C LEU I 62 24.03 1.42 30.97
N ASN I 63 23.57 2.41 31.73
CA ASN I 63 24.32 2.80 32.90
C ASN I 63 24.39 1.64 33.87
N GLU I 64 23.25 1.00 34.11
CA GLU I 64 23.22 -0.13 35.03
C GLU I 64 24.11 -1.27 34.51
N MET I 65 24.16 -1.44 33.19
CA MET I 65 24.99 -2.49 32.61
C MET I 65 26.48 -2.22 32.81
N PHE I 66 26.90 -1.00 32.52
CA PHE I 66 28.31 -0.65 32.66
C PHE I 66 28.76 -0.57 34.12
N ARG I 67 27.83 -0.23 35.02
CA ARG I 67 28.21 -0.20 36.43
C ARG I 67 28.51 -1.65 36.79
N TYR I 68 27.62 -2.54 36.38
CA TYR I 68 27.74 -3.99 36.59
C TYR I 68 29.07 -4.55 36.03
N LYS I 69 29.38 -4.20 34.79
CA LYS I 69 30.58 -4.69 34.15
C LYS I 69 31.87 -4.10 34.70
N THR I 70 31.86 -2.81 35.03
CA THR I 70 33.08 -2.22 35.59
C THR I 70 33.31 -2.70 37.02
N ASN I 71 32.24 -3.07 37.72
CA ASN I 71 32.40 -3.58 39.08
C ASN I 71 33.10 -4.94 39.04
N LEU I 72 32.70 -5.81 38.12
CA LEU I 72 33.33 -7.12 38.00
C LEU I 72 34.76 -6.93 37.51
N TYR I 73 34.94 -6.00 36.57
CA TYR I 73 36.26 -5.74 36.02
C TYR I 73 37.23 -5.39 37.15
N LYS I 74 36.82 -4.50 38.04
CA LYS I 74 37.66 -4.08 39.16
C LYS I 74 37.98 -5.23 40.11
N LEU I 75 37.01 -6.11 40.34
CA LEU I 75 37.20 -7.26 41.21
C LEU I 75 38.21 -8.26 40.67
N LYS I 76 38.32 -8.36 39.35
CA LYS I 76 39.24 -9.30 38.74
C LYS I 76 40.58 -8.66 38.40
N GLU I 77 40.52 -7.48 37.80
CA GLU I 77 41.72 -6.75 37.41
C GLU I 77 42.45 -6.15 38.61
N GLU I 78 41.70 -5.87 39.67
CA GLU I 78 42.25 -5.27 40.88
C GLU I 78 42.75 -3.86 40.64
N ARG I 79 42.08 -3.17 39.73
CA ARG I 79 42.41 -1.78 39.40
C ARG I 79 41.17 -1.25 38.71
N ALA I 80 41.00 0.06 38.72
CA ALA I 80 39.85 0.69 38.07
C ALA I 80 40.11 0.71 36.57
N ILE I 81 39.07 0.56 35.78
CA ILE I 81 39.19 0.56 34.32
C ILE I 81 39.61 1.95 33.81
N GLU I 82 40.35 1.98 32.70
CA GLU I 82 40.81 3.22 32.10
C GLU I 82 39.88 3.65 30.94
N PRO I 83 39.97 4.92 30.52
CA PRO I 83 39.16 5.48 29.43
C PRO I 83 39.26 4.68 28.14
N GLU I 84 40.48 4.38 27.72
CA GLU I 84 40.72 3.64 26.49
C GLU I 84 40.06 2.25 26.52
N THR I 85 40.25 1.54 27.63
CA THR I 85 39.69 0.20 27.78
C THR I 85 38.17 0.25 27.83
N PHE I 86 37.63 1.16 28.63
CA PHE I 86 36.19 1.30 28.75
C PHE I 86 35.55 1.57 27.40
N THR I 87 36.22 2.41 26.59
CA THR I 87 35.70 2.74 25.27
C THR I 87 35.52 1.47 24.44
N GLN I 88 36.47 0.54 24.55
CA GLN I 88 36.36 -0.71 23.81
C GLN I 88 35.21 -1.53 24.38
N LEU I 89 35.03 -1.47 25.69
CA LEU I 89 33.96 -2.20 26.35
C LEU I 89 32.61 -1.66 25.90
N VAL I 90 32.50 -0.34 25.79
CA VAL I 90 31.25 0.27 25.35
C VAL I 90 30.97 -0.18 23.91
N SER I 91 31.99 -0.06 23.08
CA SER I 91 31.88 -0.45 21.68
C SER I 91 31.41 -1.89 21.45
N SER I 92 32.06 -2.86 22.10
CA SER I 92 31.66 -4.25 21.91
C SER I 92 30.32 -4.58 22.57
N SER I 93 29.98 -3.88 23.64
CA SER I 93 28.70 -4.11 24.29
C SER I 93 27.57 -3.64 23.36
N LEU I 94 27.80 -2.52 22.66
CA LEU I 94 26.78 -2.01 21.74
C LEU I 94 26.65 -2.88 20.49
N TYR I 95 27.78 -3.31 19.93
CA TYR I 95 27.75 -4.12 18.73
C TYR I 95 27.10 -5.48 18.97
N GLU I 96 27.14 -5.91 20.21
CA GLU I 96 26.57 -7.18 20.58
C GLU I 96 25.06 -7.19 20.30
N ARG I 97 24.50 -5.99 20.15
CA ARG I 97 23.07 -5.84 19.87
C ARG I 97 22.88 -5.26 18.48
N ARG I 98 23.81 -5.56 17.59
CA ARG I 98 23.79 -5.07 16.21
C ARG I 98 22.43 -5.00 15.52
N PHE I 99 21.62 -6.04 15.65
CA PHE I 99 20.33 -6.07 14.98
C PHE I 99 19.11 -5.81 15.86
N GLY I 100 19.35 -5.21 17.02
CA GLY I 100 18.30 -4.86 17.96
C GLY I 100 19.02 -3.97 18.94
N PRO I 101 19.59 -2.86 18.45
CA PRO I 101 20.35 -1.89 19.25
C PRO I 101 19.67 -1.05 20.30
N TYR I 102 20.50 -0.55 21.21
CA TYR I 102 20.05 0.36 22.24
C TYR I 102 20.06 1.68 21.48
N PHE I 103 19.01 2.48 21.62
CA PHE I 103 18.92 3.75 20.92
C PHE I 103 19.58 4.89 21.69
N VAL I 104 20.91 4.87 21.70
CA VAL I 104 21.67 5.84 22.44
C VAL I 104 22.85 6.41 21.69
N GLY I 105 23.43 7.47 22.24
CA GLY I 105 24.61 8.09 21.66
C GLY I 105 25.59 8.31 22.80
N PRO I 106 26.38 7.29 23.17
CA PRO I 106 27.34 7.41 24.27
C PRO I 106 28.53 8.32 24.01
N VAL I 107 29.10 8.84 25.10
CA VAL I 107 30.26 9.72 25.05
C VAL I 107 31.10 9.42 26.28
N VAL I 108 32.38 9.10 26.07
CA VAL I 108 33.30 8.80 27.15
C VAL I 108 34.31 9.93 27.34
N ALA I 109 34.59 10.25 28.61
CA ALA I 109 35.55 11.29 28.97
C ALA I 109 36.31 10.86 30.23
N GLY I 110 37.61 11.15 30.27
CA GLY I 110 38.43 10.81 31.41
C GLY I 110 39.91 11.03 31.14
N ILE I 111 40.73 10.86 32.18
CA ILE I 111 42.17 11.02 32.04
C ILE I 111 42.79 9.68 32.39
N ASN I 112 43.69 9.18 31.57
CA ASN I 112 44.32 7.91 31.86
C ASN I 112 45.15 8.10 33.14
N SER I 113 44.82 7.34 34.17
CA SER I 113 45.49 7.45 35.47
C SER I 113 46.99 7.18 35.45
N LYS I 114 47.49 6.56 34.39
CA LYS I 114 48.91 6.24 34.34
C LYS I 114 49.70 7.16 33.42
N SER I 115 49.10 7.58 32.31
CA SER I 115 49.78 8.46 31.37
C SER I 115 49.34 9.90 31.52
N GLY I 116 48.32 10.14 32.33
CA GLY I 116 47.82 11.50 32.53
C GLY I 116 47.19 12.13 31.29
N LYS I 117 47.19 11.38 30.19
CA LYS I 117 46.64 11.86 28.92
C LYS I 117 45.11 11.99 28.94
N PRO I 118 44.58 13.12 28.41
CA PRO I 118 43.14 13.38 28.35
C PRO I 118 42.52 12.53 27.25
N PHE I 119 41.32 12.02 27.49
CA PHE I 119 40.65 11.15 26.53
C PHE I 119 39.13 11.35 26.43
N ILE I 120 38.65 11.42 25.19
CA ILE I 120 37.22 11.54 24.93
C ILE I 120 36.88 10.71 23.69
N ALA I 121 35.68 10.16 23.65
CA ALA I 121 35.25 9.37 22.50
C ALA I 121 33.72 9.36 22.37
N GLY I 122 33.26 9.21 21.14
CA GLY I 122 31.84 9.13 20.87
C GLY I 122 31.53 7.81 20.20
N PHE I 123 30.26 7.40 20.21
CA PHE I 123 29.85 6.14 19.59
C PHE I 123 28.50 6.29 18.90
N ASP I 124 28.25 5.48 17.87
CA ASP I 124 26.93 5.52 17.26
C ASP I 124 26.18 4.39 17.99
N LEU I 125 24.88 4.23 17.74
CA LEU I 125 24.12 3.20 18.47
C LEU I 125 24.60 1.75 18.34
N ILE I 126 25.47 1.47 17.37
CA ILE I 126 25.97 0.11 17.25
C ILE I 126 27.45 -0.04 17.56
N GLY I 127 28.00 0.91 18.31
CA GLY I 127 29.38 0.81 18.73
C GLY I 127 30.51 1.45 17.95
N CYS I 128 30.25 1.94 16.75
CA CYS I 128 31.32 2.57 16.00
C CYS I 128 31.95 3.67 16.86
N ILE I 129 33.27 3.59 17.03
CA ILE I 129 34.02 4.56 17.84
C ILE I 129 34.55 5.76 17.09
N ASP I 130 34.38 6.95 17.68
CA ASP I 130 34.89 8.19 17.13
C ASP I 130 35.81 8.73 18.22
N GLU I 131 37.12 8.61 18.02
CA GLU I 131 38.05 9.09 19.03
C GLU I 131 38.62 10.43 18.61
N ALA I 132 37.91 11.49 18.96
CA ALA I 132 38.32 12.83 18.60
C ALA I 132 39.32 13.41 19.59
N LYS I 133 40.14 14.33 19.10
CA LYS I 133 41.14 14.96 19.94
C LYS I 133 40.58 16.22 20.57
N ASP I 134 39.64 16.87 19.87
CA ASP I 134 39.05 18.12 20.33
C ASP I 134 37.74 18.00 21.11
N PHE I 135 36.66 17.63 20.43
CA PHE I 135 35.35 17.52 21.08
C PHE I 135 34.46 16.43 20.49
N ILE I 136 33.40 16.09 21.22
CA ILE I 136 32.45 15.08 20.79
C ILE I 136 31.06 15.57 21.20
N VAL I 137 30.10 15.45 20.28
CA VAL I 137 28.72 15.88 20.53
C VAL I 137 27.74 14.73 20.34
N SER I 138 26.61 14.83 21.02
CA SER I 138 25.58 13.80 20.96
C SER I 138 24.21 14.36 21.38
N GLY I 139 23.13 13.83 20.79
CA GLY I 139 21.80 14.28 21.17
C GLY I 139 20.94 14.95 20.12
N THR I 140 19.74 15.36 20.54
CA THR I 140 18.78 15.98 19.65
C THR I 140 19.20 17.34 19.12
N ALA I 141 20.29 17.89 19.66
CA ALA I 141 20.78 19.18 19.22
C ALA I 141 22.24 19.05 18.83
N SER I 142 22.61 17.87 18.32
CA SER I 142 23.99 17.62 17.91
C SER I 142 24.46 18.52 16.76
N ASP I 143 23.55 18.89 15.85
CA ASP I 143 23.93 19.80 14.76
C ASP I 143 24.33 21.14 15.38
N GLN I 144 23.46 21.66 16.23
CA GLN I 144 23.73 22.92 16.90
C GLN I 144 25.05 22.82 17.66
N LEU I 145 25.28 21.70 18.35
CA LEU I 145 26.53 21.49 19.08
C LEU I 145 27.75 21.51 18.17
N PHE I 146 27.66 20.90 17.00
CA PHE I 146 28.79 20.91 16.08
C PHE I 146 29.10 22.34 15.69
N GLY I 147 28.06 23.12 15.42
CA GLY I 147 28.24 24.51 15.06
C GLY I 147 28.90 25.28 16.19
N MET I 148 28.43 25.09 17.42
CA MET I 148 29.00 25.77 18.56
C MET I 148 30.45 25.40 18.79
N CYS I 149 30.74 24.10 18.78
CA CYS I 149 32.08 23.61 19.01
C CYS I 149 33.08 23.99 17.94
N GLU I 150 32.72 23.78 16.68
CA GLU I 150 33.66 24.09 15.61
C GLU I 150 34.13 25.56 15.65
N SER I 151 33.33 26.44 16.23
CA SER I 151 33.72 27.84 16.32
C SER I 151 34.35 28.20 17.66
N LEU I 152 33.65 27.93 18.75
CA LEU I 152 34.13 28.27 20.09
C LEU I 152 35.38 27.55 20.56
N TYR I 153 35.61 26.34 20.06
CA TYR I 153 36.74 25.55 20.51
C TYR I 153 38.13 25.93 20.01
N GLU I 154 39.11 25.71 20.89
CA GLU I 154 40.52 25.92 20.59
C GLU I 154 41.29 25.03 21.56
N PRO I 155 42.44 24.49 21.13
CA PRO I 155 43.31 23.60 21.90
C PRO I 155 43.89 24.14 23.21
N ASN I 156 44.29 23.20 24.06
CA ASN I 156 44.92 23.48 25.35
C ASN I 156 44.33 24.54 26.25
N LEU I 157 43.02 24.59 26.38
CA LEU I 157 42.41 25.56 27.26
C LEU I 157 42.58 25.07 28.69
N GLU I 158 42.77 25.99 29.63
CA GLU I 158 42.93 25.63 31.03
C GLU I 158 41.55 25.26 31.55
N PRO I 159 41.48 24.44 32.61
CA PRO I 159 40.22 24.02 33.20
C PRO I 159 39.16 25.12 33.35
N GLU I 160 39.55 26.26 33.89
CA GLU I 160 38.62 27.37 34.11
C GLU I 160 38.11 27.99 32.80
N ASP I 161 38.94 27.91 31.77
CA ASP I 161 38.58 28.45 30.47
C ASP I 161 37.72 27.44 29.72
N LEU I 162 38.13 26.17 29.77
CA LEU I 162 37.37 25.11 29.09
C LEU I 162 35.96 25.09 29.66
N PHE I 163 35.84 25.42 30.94
CA PHE I 163 34.54 25.43 31.57
C PHE I 163 33.60 26.41 30.87
N GLU I 164 34.09 27.63 30.64
CA GLU I 164 33.30 28.66 29.98
C GLU I 164 32.93 28.24 28.56
N THR I 165 33.88 27.64 27.86
CA THR I 165 33.67 27.19 26.48
C THR I 165 32.65 26.06 26.35
N ILE I 166 32.88 24.96 27.09
CA ILE I 166 32.00 23.81 27.07
C ILE I 166 30.57 24.28 27.42
N SER I 167 30.45 25.12 28.45
CA SER I 167 29.14 25.64 28.90
C SER I 167 28.40 26.47 27.86
N GLN I 168 29.11 27.36 27.19
CA GLN I 168 28.51 28.22 26.18
C GLN I 168 28.11 27.39 24.96
N ALA I 169 28.86 26.33 24.70
CA ALA I 169 28.55 25.46 23.57
C ALA I 169 27.25 24.74 23.91
N LEU I 170 27.20 24.11 25.09
CA LEU I 170 26.03 23.39 25.56
C LEU I 170 24.77 24.27 25.60
N LEU I 171 24.83 25.33 26.38
CA LEU I 171 23.73 26.27 26.57
C LEU I 171 23.09 26.85 25.30
N ASN I 172 23.91 27.38 24.40
CA ASN I 172 23.35 27.97 23.19
C ASN I 172 22.84 26.95 22.18
N ALA I 173 23.37 25.72 22.26
CA ALA I 173 22.90 24.67 21.36
C ALA I 173 21.54 24.23 21.86
N ALA I 174 21.41 24.10 23.18
CA ALA I 174 20.18 23.66 23.82
C ALA I 174 19.01 24.61 23.60
N ASP I 175 19.31 25.90 23.51
CA ASP I 175 18.27 26.89 23.31
C ASP I 175 17.73 26.95 21.89
N ARG I 176 18.33 26.16 21.00
CA ARG I 176 17.88 26.08 19.62
C ARG I 176 17.25 24.70 19.38
N ASP I 177 17.09 23.95 20.47
CA ASP I 177 16.51 22.63 20.42
C ASP I 177 15.31 22.58 21.36
N ALA I 178 14.16 22.24 20.80
CA ALA I 178 12.92 22.17 21.56
C ALA I 178 12.95 21.07 22.62
N LEU I 179 13.69 19.99 22.33
CA LEU I 179 13.76 18.86 23.26
C LEU I 179 14.94 18.87 24.24
N SER I 180 15.73 19.94 24.26
CA SER I 180 16.86 20.05 25.18
C SER I 180 16.70 21.26 26.10
N GLY I 181 17.41 21.23 27.22
CA GLY I 181 17.35 22.33 28.17
C GLY I 181 16.88 21.94 29.56
N TRP I 182 16.11 22.82 30.20
CA TRP I 182 15.59 22.56 31.54
C TRP I 182 16.67 22.31 32.58
N GLY I 183 17.83 22.92 32.39
CA GLY I 183 18.92 22.74 33.32
C GLY I 183 20.13 22.15 32.63
N ALA I 184 21.29 22.25 33.27
CA ALA I 184 22.50 21.70 32.68
C ALA I 184 23.56 21.52 33.74
N VAL I 185 24.40 20.51 33.57
CA VAL I 185 25.48 20.26 34.51
C VAL I 185 26.78 20.06 33.73
N VAL I 186 27.86 20.63 34.23
CA VAL I 186 29.16 20.52 33.58
C VAL I 186 30.17 19.89 34.53
N TYR I 187 30.96 18.95 34.00
CA TYR I 187 31.99 18.27 34.77
C TYR I 187 33.38 18.70 34.28
N ILE I 188 34.20 19.23 35.20
CA ILE I 188 35.57 19.60 34.86
C ILE I 188 36.42 18.50 35.49
N ILE I 189 37.18 17.81 34.66
CA ILE I 189 37.99 16.69 35.14
C ILE I 189 39.50 16.88 35.00
N LYS I 190 40.22 16.63 36.10
CA LYS I 190 41.68 16.71 36.16
C LYS I 190 42.20 15.42 36.80
N LYS I 191 43.51 15.20 36.75
CA LYS I 191 44.10 13.99 37.32
C LYS I 191 43.70 13.76 38.78
N ASP I 192 43.84 14.79 39.58
CA ASP I 192 43.55 14.72 41.01
C ASP I 192 42.11 15.02 41.43
N GLU I 193 41.47 16.00 40.80
CA GLU I 193 40.11 16.36 41.18
C GLU I 193 39.11 16.55 40.05
N VAL I 194 37.83 16.52 40.43
CA VAL I 194 36.73 16.69 39.50
C VAL I 194 35.66 17.58 40.12
N VAL I 195 35.31 18.65 39.41
CA VAL I 195 34.30 19.60 39.85
C VAL I 195 33.05 19.51 38.98
N LYS I 196 31.90 19.57 39.63
CA LYS I 196 30.61 19.49 38.96
C LYS I 196 29.83 20.78 39.23
N ARG I 197 29.45 21.48 38.17
CA ARG I 197 28.69 22.72 38.32
C ARG I 197 27.36 22.67 37.57
N TYR I 198 26.30 23.17 38.20
CA TYR I 198 24.99 23.23 37.58
C TYR I 198 24.84 24.64 37.04
N LEU I 199 24.42 24.75 35.78
CA LEU I 199 24.27 26.05 35.16
C LEU I 199 22.86 26.61 35.24
N LYS I 200 22.75 27.93 35.12
CA LYS I 200 21.46 28.60 35.16
C LYS I 200 21.10 28.89 33.71
N MET I 201 19.90 28.48 33.29
CA MET I 201 19.47 28.69 31.91
C MET I 201 17.96 28.84 31.82
N ARG I 202 17.47 29.22 30.64
CA ARG I 202 16.04 29.39 30.44
C ARG I 202 15.34 28.10 30.81
N GLN I 203 14.09 28.20 31.26
CA GLN I 203 13.33 27.02 31.63
C GLN I 203 12.10 26.81 30.75
N ASP I 204 12.22 27.16 29.47
CA ASP I 204 11.12 27.00 28.51
C ASP I 204 11.49 26.14 27.29
N MET J 1 -6.91 7.71 27.17
CA MET J 1 -6.48 6.85 28.30
C MET J 1 -7.24 7.20 29.58
N ASP J 2 -6.92 6.49 30.66
CA ASP J 2 -7.53 6.71 31.96
C ASP J 2 -6.79 7.80 32.73
N ILE J 3 -7.31 8.19 33.89
CA ILE J 3 -6.62 9.22 34.67
C ILE J 3 -5.76 8.58 35.73
N ILE J 4 -4.47 8.91 35.70
CA ILE J 4 -3.52 8.41 36.68
C ILE J 4 -2.68 9.60 37.15
N LEU J 5 -2.94 10.03 38.38
CA LEU J 5 -2.25 11.17 38.98
C LEU J 5 -1.59 10.77 40.27
N GLY J 6 -0.50 11.45 40.58
CA GLY J 6 0.23 11.19 41.80
C GLY J 6 0.80 12.49 42.33
N ILE J 7 0.81 12.63 43.65
CA ILE J 7 1.33 13.82 44.31
C ILE J 7 2.01 13.39 45.61
N ARG J 8 3.24 13.82 45.79
CA ARG J 8 4.00 13.51 46.98
C ARG J 8 4.09 14.77 47.84
N VAL J 9 3.43 14.74 48.99
CA VAL J 9 3.46 15.89 49.88
C VAL J 9 4.50 15.69 50.96
N GLN J 10 4.36 16.40 52.08
CA GLN J 10 5.32 16.32 53.17
C GLN J 10 5.54 14.94 53.78
N ASP J 11 4.46 14.27 54.16
CA ASP J 11 4.58 12.98 54.80
C ASP J 11 3.77 11.85 54.18
N SER J 12 3.38 12.02 52.92
CA SER J 12 2.61 10.98 52.27
C SER J 12 2.62 11.15 50.76
N VAL J 13 2.07 10.16 50.06
CA VAL J 13 1.97 10.18 48.62
C VAL J 13 0.50 9.86 48.33
N ILE J 14 -0.10 10.65 47.45
CA ILE J 14 -1.50 10.43 47.11
C ILE J 14 -1.61 10.08 45.63
N LEU J 15 -2.41 9.05 45.34
CA LEU J 15 -2.64 8.59 43.99
C LEU J 15 -4.12 8.67 43.64
N ALA J 16 -4.45 9.39 42.57
CA ALA J 16 -5.83 9.53 42.12
C ALA J 16 -5.94 8.79 40.77
N SER J 17 -6.94 7.91 40.65
CA SER J 17 -7.11 7.11 39.44
C SER J 17 -8.57 7.03 38.99
N SER J 18 -8.85 7.34 37.72
CA SER J 18 -10.22 7.31 37.22
C SER J 18 -10.92 5.96 37.42
N LYS J 19 -12.24 6.01 37.59
CA LYS J 19 -13.01 4.81 37.87
C LYS J 19 -13.67 4.14 36.67
N ALA J 20 -13.71 4.85 35.55
CA ALA J 20 -14.35 4.31 34.37
C ALA J 20 -13.54 3.26 33.61
N VAL J 21 -14.26 2.27 33.08
CA VAL J 21 -13.69 1.22 32.25
C VAL J 21 -14.61 1.20 31.06
N THR J 22 -14.14 1.76 29.95
CA THR J 22 -14.94 1.84 28.74
C THR J 22 -14.46 0.88 27.70
N ARG J 23 -15.40 0.25 27.02
CA ARG J 23 -15.06 -0.67 25.95
C ARG J 23 -15.88 -0.32 24.74
N GLY J 24 -15.25 0.44 23.86
CA GLY J 24 -15.89 0.85 22.64
C GLY J 24 -16.90 1.97 22.82
N ILE J 25 -18.16 1.60 22.66
CA ILE J 25 -19.27 2.53 22.75
C ILE J 25 -19.93 2.60 24.13
N SER J 26 -19.60 1.67 25.03
CA SER J 26 -20.23 1.68 26.34
C SER J 26 -19.27 1.71 27.52
N VAL J 27 -19.68 2.41 28.57
CA VAL J 27 -18.89 2.47 29.81
C VAL J 27 -19.37 1.27 30.62
N LEU J 28 -18.54 0.23 30.70
CA LEU J 28 -18.88 -0.99 31.40
C LEU J 28 -18.86 -0.96 32.92
N LYS J 29 -18.03 -0.11 33.49
CA LYS J 29 -17.92 -0.03 34.94
C LYS J 29 -17.53 1.38 35.32
N ASP J 30 -18.01 1.84 36.46
CA ASP J 30 -17.70 3.19 36.92
C ASP J 30 -17.19 3.22 38.35
N SER J 31 -16.63 2.08 38.77
CA SER J 31 -16.10 1.93 40.12
C SER J 31 -14.82 1.12 40.09
N ASP J 32 -14.11 1.18 38.97
CA ASP J 32 -12.88 0.41 38.84
C ASP J 32 -11.71 1.00 39.62
N ASP J 33 -11.04 0.15 40.39
CA ASP J 33 -9.89 0.58 41.18
C ASP J 33 -8.61 0.16 40.45
N LYS J 34 -7.99 1.11 39.76
CA LYS J 34 -6.79 0.86 38.99
C LYS J 34 -5.52 0.90 39.83
N THR J 35 -5.51 0.09 40.89
CA THR J 35 -4.39 0.06 41.81
C THR J 35 -4.17 -1.33 42.42
N ARG J 36 -2.95 -1.57 42.89
CA ARG J 36 -2.61 -2.83 43.56
C ARG J 36 -1.61 -2.50 44.65
N GLN J 37 -1.84 -3.00 45.86
CA GLN J 37 -0.90 -2.78 46.94
C GLN J 37 0.24 -3.79 46.77
N LEU J 38 1.47 -3.31 46.68
CA LEU J 38 2.61 -4.20 46.49
C LEU J 38 3.17 -4.65 47.83
N SER J 39 3.05 -3.80 48.83
CA SER J 39 3.50 -4.09 50.18
C SER J 39 2.78 -3.08 51.06
N PRO J 40 2.74 -3.32 52.38
CA PRO J 40 2.07 -2.42 53.30
C PRO J 40 2.28 -0.92 53.08
N HIS J 41 3.46 -0.52 52.63
CA HIS J 41 3.74 0.90 52.39
C HIS J 41 4.05 1.27 50.93
N THR J 42 3.62 0.42 49.99
CA THR J 42 3.86 0.67 48.57
C THR J 42 2.63 0.38 47.73
N LEU J 43 2.16 1.41 47.03
CA LEU J 43 0.98 1.31 46.17
C LEU J 43 1.37 1.60 44.72
N MET J 44 0.75 0.89 43.78
CA MET J 44 1.02 1.11 42.37
C MET J 44 -0.27 1.32 41.60
N SER J 45 -0.33 2.39 40.81
CA SER J 45 -1.49 2.68 39.98
C SER J 45 -1.09 2.36 38.53
N PHE J 46 -2.05 2.12 37.66
CA PHE J 46 -1.73 1.75 36.29
C PHE J 46 -2.80 2.02 35.25
N ALA J 47 -2.34 2.23 34.01
CA ALA J 47 -3.22 2.49 32.87
C ALA J 47 -2.54 1.97 31.60
N GLY J 48 -3.32 1.61 30.60
CA GLY J 48 -2.77 1.10 29.36
C GLY J 48 -3.68 0.13 28.63
N GLU J 49 -3.08 -0.84 27.95
CA GLU J 49 -3.81 -1.84 27.18
C GLU J 49 -4.71 -2.72 28.05
N ALA J 50 -5.94 -2.91 27.57
CA ALA J 50 -6.99 -3.69 28.22
C ALA J 50 -6.62 -4.86 29.14
N GLY J 51 -5.95 -5.88 28.64
CA GLY J 51 -5.65 -6.99 29.54
C GLY J 51 -4.33 -6.92 30.26
N ASP J 52 -3.32 -6.37 29.58
CA ASP J 52 -1.96 -6.23 30.09
C ASP J 52 -1.91 -5.50 31.42
N THR J 53 -2.78 -4.51 31.53
CA THR J 53 -2.86 -3.65 32.68
C THR J 53 -2.93 -4.40 34.02
N VAL J 54 -3.97 -5.18 34.23
CA VAL J 54 -4.11 -5.91 35.47
C VAL J 54 -3.12 -7.07 35.58
N GLN J 55 -2.95 -7.84 34.50
CA GLN J 55 -2.02 -8.97 34.48
C GLN J 55 -0.65 -8.50 34.95
N PHE J 56 -0.23 -7.34 34.46
CA PHE J 56 1.08 -6.86 34.87
C PHE J 56 1.09 -6.48 36.35
N ALA J 57 0.11 -5.67 36.77
CA ALA J 57 0.02 -5.24 38.16
C ALA J 57 0.05 -6.40 39.16
N GLU J 58 -0.75 -7.42 38.89
CA GLU J 58 -0.83 -8.58 39.78
C GLU J 58 0.45 -9.39 39.76
N TYR J 59 1.11 -9.44 38.60
CA TYR J 59 2.36 -10.17 38.47
C TYR J 59 3.40 -9.48 39.36
N ILE J 60 3.42 -8.15 39.35
CA ILE J 60 4.37 -7.44 40.19
C ILE J 60 3.96 -7.66 41.64
N GLN J 61 2.67 -7.55 41.93
CA GLN J 61 2.20 -7.76 43.29
C GLN J 61 2.67 -9.12 43.82
N ALA J 62 2.49 -10.17 43.03
CA ALA J 62 2.91 -11.51 43.42
C ALA J 62 4.40 -11.58 43.76
N ASN J 63 5.23 -10.99 42.89
CA ASN J 63 6.67 -11.02 43.12
C ASN J 63 7.12 -10.28 44.36
N ILE J 64 6.45 -9.18 44.69
CA ILE J 64 6.86 -8.44 45.86
C ILE J 64 6.41 -9.13 47.12
N GLN J 65 5.24 -9.75 47.09
CA GLN J 65 4.76 -10.45 48.27
C GLN J 65 5.65 -11.67 48.52
N LEU J 66 6.11 -12.28 47.44
CA LEU J 66 7.02 -13.43 47.57
C LEU J 66 8.33 -12.96 48.20
N TYR J 67 8.83 -11.80 47.79
CA TYR J 67 10.07 -11.30 48.36
C TYR J 67 9.87 -11.00 49.85
N SER J 68 8.73 -10.39 50.19
CA SER J 68 8.43 -10.07 51.57
C SER J 68 8.46 -11.31 52.47
N ILE J 69 7.83 -12.38 52.03
CA ILE J 69 7.81 -13.61 52.80
C ILE J 69 9.19 -14.23 52.96
N ARG J 70 9.90 -14.35 51.84
CA ARG J 70 11.23 -14.95 51.85
C ARG J 70 12.23 -14.25 52.76
N GLU J 71 12.19 -12.93 52.73
CA GLU J 71 13.13 -12.11 53.50
C GLU J 71 12.56 -11.56 54.79
N ASP J 72 11.24 -11.70 54.97
CA ASP J 72 10.55 -11.16 56.13
C ASP J 72 10.99 -9.72 56.29
N TYR J 73 10.92 -8.98 55.18
CA TYR J 73 11.35 -7.60 55.17
C TYR J 73 10.57 -6.92 54.03
N GLU J 74 10.42 -5.61 54.11
CA GLU J 74 9.71 -4.86 53.08
C GLU J 74 10.70 -4.03 52.26
N LEU J 75 10.84 -4.35 50.97
CA LEU J 75 11.74 -3.62 50.11
C LEU J 75 11.41 -2.15 50.11
N SER J 76 12.43 -1.32 50.00
CA SER J 76 12.24 0.11 49.97
C SER J 76 11.50 0.49 48.69
N PRO J 77 10.82 1.63 48.69
CA PRO J 77 10.08 2.05 47.50
C PRO J 77 11.03 2.15 46.29
N GLN J 78 12.25 2.61 46.53
CA GLN J 78 13.23 2.76 45.46
C GLN J 78 13.57 1.39 44.86
N ALA J 79 13.73 0.40 45.72
CA ALA J 79 14.05 -0.95 45.29
C ALA J 79 12.90 -1.53 44.46
N VAL J 80 11.68 -1.32 44.91
CA VAL J 80 10.53 -1.84 44.20
C VAL J 80 10.37 -1.19 42.82
N SER J 81 10.60 0.12 42.75
CA SER J 81 10.46 0.81 41.48
C SER J 81 11.56 0.34 40.51
N SER J 82 12.73 0.00 41.03
CA SER J 82 13.81 -0.47 40.17
C SER J 82 13.46 -1.86 39.62
N PHE J 83 12.84 -2.67 40.44
CA PHE J 83 12.44 -4.01 40.02
C PHE J 83 11.40 -3.88 38.91
N VAL J 84 10.44 -2.96 39.11
CA VAL J 84 9.40 -2.75 38.13
C VAL J 84 9.95 -2.17 36.83
N ARG J 85 10.86 -1.21 36.92
CA ARG J 85 11.42 -0.63 35.71
C ARG J 85 12.12 -1.70 34.88
N GLN J 86 12.87 -2.59 35.53
CA GLN J 86 13.58 -3.64 34.82
C GLN J 86 12.60 -4.63 34.15
N GLU J 87 11.49 -4.93 34.81
CA GLU J 87 10.52 -5.84 34.20
C GLU J 87 9.98 -5.21 32.93
N LEU J 88 9.68 -3.92 32.98
CA LEU J 88 9.15 -3.24 31.81
C LEU J 88 10.23 -3.05 30.73
N ALA J 89 11.47 -2.87 31.15
CA ALA J 89 12.54 -2.70 30.18
C ALA J 89 12.81 -4.01 29.43
N LYS J 90 12.51 -5.15 30.04
CA LYS J 90 12.69 -6.44 29.38
C LYS J 90 11.53 -6.61 28.42
N SER J 91 10.34 -6.31 28.92
CA SER J 91 9.09 -6.42 28.18
C SER J 91 9.04 -5.67 26.86
N ILE J 92 9.64 -4.48 26.83
CA ILE J 92 9.61 -3.67 25.62
C ILE J 92 10.33 -4.32 24.44
N ARG J 93 11.29 -5.20 24.72
CA ARG J 93 12.00 -5.87 23.64
C ARG J 93 11.62 -7.33 23.50
N SER J 94 10.50 -7.71 24.12
CA SER J 94 10.02 -9.07 24.04
C SER J 94 9.03 -9.19 22.88
N ARG J 95 8.54 -10.41 22.62
CA ARG J 95 7.62 -10.66 21.52
C ARG J 95 6.40 -9.74 21.58
N ARG J 96 5.73 -9.74 22.72
CA ARG J 96 4.57 -8.87 22.90
C ARG J 96 4.70 -8.10 24.20
N PRO J 97 5.19 -6.86 24.13
CA PRO J 97 5.39 -5.97 25.28
C PRO J 97 4.13 -5.64 26.07
N TYR J 98 4.32 -5.41 27.37
CA TYR J 98 3.23 -5.03 28.25
C TYR J 98 2.99 -3.54 27.97
N GLN J 99 1.80 -3.19 27.54
CA GLN J 99 1.53 -1.79 27.30
C GLN J 99 0.86 -1.21 28.53
N VAL J 100 1.67 -0.99 29.56
CA VAL J 100 1.19 -0.49 30.83
C VAL J 100 2.08 0.61 31.40
N ASN J 101 1.45 1.67 31.90
CA ASN J 101 2.20 2.77 32.50
C ASN J 101 1.84 2.77 33.98
N VAL J 102 2.80 3.10 34.83
CA VAL J 102 2.50 3.06 36.24
C VAL J 102 3.09 4.20 37.06
N LEU J 103 2.52 4.36 38.26
CA LEU J 103 2.98 5.32 39.23
C LEU J 103 3.16 4.47 40.48
N ILE J 104 4.33 4.56 41.11
CA ILE J 104 4.55 3.81 42.34
C ILE J 104 4.67 4.84 43.45
N GLY J 105 3.74 4.76 44.39
CA GLY J 105 3.77 5.67 45.53
C GLY J 105 4.07 4.85 46.77
N GLY J 106 5.15 5.19 47.46
CA GLY J 106 5.49 4.44 48.65
C GLY J 106 6.07 5.27 49.77
N TYR J 107 5.92 4.78 51.00
CA TYR J 107 6.47 5.48 52.15
C TYR J 107 7.66 4.68 52.65
N ASP J 108 8.83 5.27 52.51
CA ASP J 108 10.07 4.63 52.94
C ASP J 108 10.24 4.74 54.47
N LYS J 109 9.90 3.67 55.17
CA LYS J 109 9.98 3.63 56.63
C LYS J 109 11.38 3.79 57.20
N LYS J 110 12.41 3.62 56.38
CA LYS J 110 13.78 3.76 56.85
C LYS J 110 14.20 5.22 56.75
N LYS J 111 13.88 5.88 55.64
CA LYS J 111 14.21 7.28 55.45
C LYS J 111 13.13 8.18 56.06
N ASN J 112 11.96 7.61 56.28
CA ASN J 112 10.81 8.35 56.82
C ASN J 112 10.43 9.48 55.89
N LYS J 113 10.26 9.14 54.61
CA LYS J 113 9.88 10.10 53.58
C LYS J 113 9.04 9.43 52.50
N PRO J 114 8.05 10.16 51.94
CA PRO J 114 7.21 9.60 50.89
C PRO J 114 7.98 9.68 49.57
N GLU J 115 7.65 8.80 48.63
CA GLU J 115 8.31 8.79 47.34
C GLU J 115 7.34 8.44 46.22
N LEU J 116 7.46 9.16 45.11
CA LEU J 116 6.61 8.95 43.94
C LEU J 116 7.46 8.66 42.71
N TYR J 117 7.17 7.53 42.06
CA TYR J 117 7.89 7.14 40.85
C TYR J 117 6.94 6.98 39.67
N GLN J 118 7.33 7.54 38.53
CA GLN J 118 6.55 7.45 37.30
C GLN J 118 7.38 6.60 36.36
N ILE J 119 6.76 5.55 35.79
CA ILE J 119 7.46 4.65 34.87
C ILE J 119 6.52 4.29 33.72
N ASP J 120 6.95 4.51 32.48
CA ASP J 120 6.10 4.15 31.34
C ASP J 120 6.41 2.72 30.85
N TYR J 121 5.68 2.25 29.86
CA TYR J 121 5.88 0.89 29.37
C TYR J 121 7.24 0.61 28.73
N LEU J 122 8.01 1.64 28.39
CA LEU J 122 9.34 1.42 27.81
C LEU J 122 10.35 1.17 28.92
N GLY J 123 9.95 1.41 30.16
CA GLY J 123 10.86 1.23 31.26
C GLY J 123 11.52 2.57 31.62
N THR J 124 10.87 3.66 31.23
CA THR J 124 11.40 5.00 31.53
C THR J 124 10.94 5.39 32.92
N LYS J 125 11.88 5.44 33.87
CA LYS J 125 11.55 5.80 35.24
C LYS J 125 12.10 7.14 35.68
N VAL J 126 11.31 7.86 36.46
CA VAL J 126 11.73 9.14 36.98
C VAL J 126 11.08 9.35 38.34
N GLU J 127 11.78 10.03 39.25
CA GLU J 127 11.21 10.31 40.57
C GLU J 127 10.72 11.76 40.57
N LEU J 128 9.48 11.98 40.99
CA LEU J 128 8.88 13.31 40.96
C LEU J 128 8.04 13.70 42.18
N PRO J 129 7.78 15.03 42.33
CA PRO J 129 6.98 15.58 43.43
C PRO J 129 5.53 15.24 43.08
N TYR J 130 5.25 15.19 41.79
CA TYR J 130 3.93 14.86 41.27
C TYR J 130 4.07 14.40 39.82
N GLY J 131 3.20 13.50 39.39
CA GLY J 131 3.27 12.99 38.04
C GLY J 131 1.97 12.42 37.52
N ALA J 132 1.97 12.03 36.26
CA ALA J 132 0.79 11.49 35.62
C ALA J 132 1.16 10.75 34.35
N HIS J 133 0.21 9.98 33.83
CA HIS J 133 0.42 9.24 32.59
C HIS J 133 -0.71 9.60 31.63
N GLY J 134 -0.38 9.68 30.35
CA GLY J 134 -1.39 10.00 29.35
C GLY J 134 -1.53 11.49 29.14
N TYR J 135 -2.76 11.93 28.93
CA TYR J 135 -3.04 13.33 28.69
C TYR J 135 -3.24 14.09 30.00
N SER J 136 -3.41 13.34 31.08
CA SER J 136 -3.62 13.92 32.39
C SER J 136 -2.65 15.05 32.74
N GLY J 137 -1.37 14.85 32.43
CA GLY J 137 -0.39 15.87 32.75
C GLY J 137 -0.60 17.17 32.00
N PHE J 138 -1.09 17.08 30.78
CA PHE J 138 -1.34 18.25 29.96
C PHE J 138 -2.29 19.26 30.59
N TYR J 139 -3.31 18.77 31.28
CA TYR J 139 -4.29 19.67 31.90
C TYR J 139 -3.95 20.03 33.33
N THR J 140 -3.25 19.13 34.04
CA THR J 140 -2.94 19.36 35.44
C THR J 140 -1.57 19.89 35.84
N PHE J 141 -0.55 19.70 35.02
CA PHE J 141 0.78 20.17 35.40
C PHE J 141 0.93 21.67 35.62
N SER J 142 0.18 22.48 34.90
CA SER J 142 0.29 23.92 35.09
C SER J 142 -0.23 24.28 36.47
N LEU J 143 -1.24 23.54 36.94
CA LEU J 143 -1.81 23.78 38.26
C LEU J 143 -0.83 23.34 39.35
N LEU J 144 -0.26 22.17 39.18
CA LEU J 144 0.70 21.65 40.14
C LEU J 144 1.97 22.49 40.17
N ASP J 145 2.43 22.93 38.99
CA ASP J 145 3.63 23.74 38.93
C ASP J 145 3.43 25.02 39.75
N HIS J 146 2.19 25.47 39.81
CA HIS J 146 1.87 26.69 40.51
C HIS J 146 1.69 26.52 42.01
N HIS J 147 0.72 25.70 42.41
CA HIS J 147 0.41 25.50 43.82
C HIS J 147 1.27 24.55 44.65
N TYR J 148 2.11 23.75 44.00
CA TYR J 148 2.91 22.79 44.78
C TYR J 148 3.97 23.34 45.72
N ARG J 149 3.97 22.79 46.95
CA ARG J 149 4.94 23.15 47.99
C ARG J 149 5.38 21.85 48.68
N PRO J 150 6.70 21.65 48.88
CA PRO J 150 7.27 20.46 49.53
C PRO J 150 6.75 20.19 50.95
N ASP J 151 6.30 21.23 51.65
CA ASP J 151 5.81 21.08 53.02
C ASP J 151 4.30 20.94 53.12
N MET J 152 3.63 20.77 51.99
CA MET J 152 2.18 20.61 51.99
C MET J 152 1.74 19.49 52.91
N THR J 153 0.55 19.63 53.46
CA THR J 153 0.00 18.61 54.34
C THR J 153 -0.80 17.71 53.44
N THR J 154 -1.18 16.54 53.95
CA THR J 154 -1.97 15.61 53.16
C THR J 154 -3.25 16.34 52.77
N GLU J 155 -3.80 17.11 53.69
CA GLU J 155 -5.02 17.85 53.43
C GLU J 155 -4.87 18.86 52.29
N GLU J 156 -3.74 19.56 52.25
CA GLU J 156 -3.49 20.54 51.19
C GLU J 156 -3.30 19.80 49.86
N GLY J 157 -2.69 18.63 49.94
CA GLY J 157 -2.48 17.83 48.75
C GLY J 157 -3.80 17.41 48.18
N LEU J 158 -4.71 16.96 49.02
CA LEU J 158 -6.04 16.55 48.54
C LEU J 158 -6.76 17.70 47.87
N ASP J 159 -6.61 18.91 48.41
CA ASP J 159 -7.28 20.08 47.85
C ASP J 159 -6.70 20.42 46.49
N LEU J 160 -5.39 20.23 46.33
CA LEU J 160 -4.73 20.52 45.07
C LEU J 160 -5.16 19.51 44.02
N LEU J 161 -5.33 18.25 44.43
CA LEU J 161 -5.77 17.20 43.52
C LEU J 161 -7.19 17.49 43.07
N LYS J 162 -8.02 17.86 44.03
CA LYS J 162 -9.41 18.19 43.74
C LYS J 162 -9.47 19.23 42.64
N LEU J 163 -8.58 20.21 42.72
CA LEU J 163 -8.53 21.27 41.74
C LEU J 163 -8.16 20.71 40.36
N CYS J 164 -7.23 19.76 40.35
CA CYS J 164 -6.77 19.10 39.13
C CYS J 164 -7.91 18.32 38.50
N VAL J 165 -8.61 17.53 39.32
CA VAL J 165 -9.72 16.74 38.82
C VAL J 165 -10.81 17.64 38.26
N GLN J 166 -11.02 18.80 38.86
CA GLN J 166 -12.05 19.71 38.37
C GLN J 166 -11.67 20.26 37.00
N GLU J 167 -10.37 20.53 36.81
CA GLU J 167 -9.91 21.02 35.52
C GLU J 167 -10.06 19.90 34.49
N LEU J 168 -9.79 18.66 34.91
CA LEU J 168 -9.92 17.51 34.04
C LEU J 168 -11.38 17.33 33.64
N GLU J 169 -12.29 17.49 34.59
CA GLU J 169 -13.70 17.32 34.30
C GLU J 169 -14.26 18.43 33.42
N LYS J 170 -13.61 19.58 33.41
CA LYS J 170 -14.09 20.69 32.59
C LYS J 170 -13.58 20.63 31.15
N ARG J 171 -12.28 20.44 30.99
CA ARG J 171 -11.67 20.45 29.66
C ARG J 171 -11.48 19.13 28.91
N MET J 172 -11.48 17.99 29.61
CA MET J 172 -11.30 16.71 28.94
C MET J 172 -12.59 16.19 28.32
N PRO J 173 -12.53 15.72 27.07
CA PRO J 173 -13.66 15.20 26.30
C PRO J 173 -14.33 13.95 26.82
N MET J 174 -13.59 13.14 27.55
CA MET J 174 -14.14 11.90 28.07
C MET J 174 -14.64 12.02 29.50
N ASP J 175 -15.65 11.23 29.81
CA ASP J 175 -16.21 11.19 31.15
C ASP J 175 -15.53 10.01 31.83
N PHE J 176 -14.52 10.28 32.65
CA PHE J 176 -13.81 9.20 33.33
C PHE J 176 -14.46 8.73 34.63
N LYS J 177 -15.67 9.23 34.91
CA LYS J 177 -16.43 8.84 36.09
C LYS J 177 -15.76 9.05 37.45
N GLY J 178 -15.13 10.20 37.63
CA GLY J 178 -14.49 10.48 38.90
C GLY J 178 -13.27 9.64 39.15
N VAL J 179 -12.63 9.86 40.30
CA VAL J 179 -11.43 9.12 40.66
C VAL J 179 -11.51 8.52 42.05
N ILE J 180 -10.71 7.50 42.28
CA ILE J 180 -10.61 6.88 43.60
C ILE J 180 -9.27 7.42 44.09
N VAL J 181 -9.22 7.88 45.33
CA VAL J 181 -7.98 8.44 45.86
C VAL J 181 -7.45 7.59 47.00
N LYS J 182 -6.13 7.41 47.04
CA LYS J 182 -5.52 6.62 48.11
C LYS J 182 -4.31 7.33 48.68
N ILE J 183 -4.14 7.24 49.99
CA ILE J 183 -3.01 7.89 50.67
C ILE J 183 -2.05 6.84 51.19
N VAL J 184 -0.77 7.10 51.01
CA VAL J 184 0.26 6.19 51.49
C VAL J 184 1.19 6.95 52.42
N ASP J 185 1.30 6.50 53.67
CA ASP J 185 2.16 7.14 54.65
C ASP J 185 2.74 6.13 55.63
N LYS J 186 3.39 6.65 56.69
CA LYS J 186 4.01 5.82 57.71
C LYS J 186 3.10 4.76 58.30
N ASP J 187 1.79 4.93 58.15
CA ASP J 187 0.86 3.96 58.70
C ASP J 187 0.24 3.03 57.67
N GLY J 188 0.71 3.11 56.44
CA GLY J 188 0.19 2.25 55.40
C GLY J 188 -0.59 2.96 54.31
N ILE J 189 -1.54 2.22 53.75
CA ILE J 189 -2.36 2.70 52.65
C ILE J 189 -3.82 2.75 53.05
N ARG J 190 -4.47 3.89 52.80
CA ARG J 190 -5.88 4.02 53.09
C ARG J 190 -6.57 4.75 51.96
N GLN J 191 -7.84 4.46 51.76
CA GLN J 191 -8.64 5.07 50.69
C GLN J 191 -9.56 6.18 51.20
N VAL J 192 -9.58 7.29 50.50
CA VAL J 192 -10.43 8.43 50.85
C VAL J 192 -11.80 8.15 50.27
N ASP J 193 -12.64 7.42 50.98
CA ASP J 193 -13.99 7.07 50.50
C ASP J 193 -14.86 8.29 50.19
N ASP J 194 -14.42 9.45 50.63
CA ASP J 194 -15.18 10.68 50.43
C ASP J 194 -14.48 11.73 49.56
N PHE J 195 -14.52 11.54 48.24
CA PHE J 195 -13.92 12.49 47.32
C PHE J 195 -14.96 12.84 46.25
N GLN J 196 -16.08 12.12 46.30
CA GLN J 196 -17.20 12.33 45.37
C GLN J 196 -17.75 13.73 45.60
N ALA J 197 -17.26 14.36 46.66
CA ALA J 197 -17.66 15.72 47.06
C ALA J 197 -16.90 16.07 48.35
N GLN J 198 -15.59 16.27 48.23
CA GLN J 198 -14.77 16.64 49.37
C GLN J 198 -14.51 18.15 49.37
N THR K 1 -26.14 -9.85 18.26
CA THR K 1 -26.17 -10.56 19.59
C THR K 1 -26.47 -9.63 20.74
N THR K 2 -27.26 -10.14 21.67
CA THR K 2 -27.56 -9.41 22.89
C THR K 2 -27.59 -10.42 24.02
N THR K 3 -26.73 -10.17 25.01
CA THR K 3 -26.65 -11.03 26.16
C THR K 3 -26.58 -10.12 27.37
N LEU K 4 -27.19 -10.54 28.47
CA LEU K 4 -27.11 -9.76 29.69
C LEU K 4 -27.13 -10.65 30.93
N ALA K 5 -26.67 -10.08 32.03
CA ALA K 5 -26.66 -10.79 33.29
C ALA K 5 -26.68 -9.74 34.36
N PHE K 6 -27.50 -9.94 35.39
CA PHE K 6 -27.52 -8.99 36.49
C PHE K 6 -27.79 -9.66 37.81
N ARG K 7 -27.21 -9.06 38.84
CA ARG K 7 -27.28 -9.51 40.21
C ARG K 7 -28.42 -8.84 40.93
N PHE K 8 -29.11 -9.59 41.79
CA PHE K 8 -30.21 -9.04 42.58
C PHE K 8 -30.49 -9.89 43.81
N GLN K 9 -31.47 -9.46 44.60
CA GLN K 9 -31.89 -10.16 45.81
C GLN K 9 -32.05 -11.67 45.62
N GLY K 10 -32.64 -12.07 44.50
CA GLY K 10 -32.85 -13.50 44.28
C GLY K 10 -31.76 -14.26 43.56
N GLY K 11 -30.63 -13.61 43.32
CA GLY K 11 -29.54 -14.26 42.62
C GLY K 11 -29.13 -13.57 41.32
N ILE K 12 -29.22 -14.29 40.22
CA ILE K 12 -28.82 -13.74 38.94
C ILE K 12 -29.76 -14.09 37.82
N ILE K 13 -30.01 -13.11 36.97
CA ILE K 13 -30.83 -13.33 35.80
C ILE K 13 -29.88 -13.31 34.60
N VAL K 14 -30.09 -14.25 33.71
CA VAL K 14 -29.28 -14.35 32.52
C VAL K 14 -30.25 -14.50 31.37
N ALA K 15 -30.11 -13.60 30.37
CA ALA K 15 -30.97 -13.59 29.20
C ALA K 15 -30.13 -13.34 27.94
N VAL K 16 -30.47 -14.06 26.88
CA VAL K 16 -29.75 -13.94 25.62
C VAL K 16 -30.70 -14.09 24.44
N ASP K 17 -30.29 -13.64 23.25
CA ASP K 17 -31.12 -13.79 22.06
C ASP K 17 -30.62 -15.08 21.44
N SER K 18 -31.13 -15.47 20.28
CA SER K 18 -30.67 -16.72 19.70
C SER K 18 -30.34 -16.61 18.22
N ARG K 19 -29.97 -15.42 17.77
CA ARG K 19 -29.66 -15.20 16.37
C ARG K 19 -28.16 -15.29 16.02
N ALA K 20 -27.89 -15.84 14.85
CA ALA K 20 -26.53 -15.98 14.34
C ALA K 20 -26.54 -15.39 12.94
N THR K 21 -25.62 -14.47 12.69
CA THR K 21 -25.52 -13.84 11.37
C THR K 21 -24.09 -13.74 10.89
N ALA K 22 -23.95 -13.81 9.57
CA ALA K 22 -22.67 -13.66 8.89
C ALA K 22 -23.01 -12.58 7.87
N GLY K 23 -22.67 -11.34 8.18
CA GLY K 23 -23.00 -10.26 7.28
C GLY K 23 -24.48 -9.99 7.44
N ASN K 24 -25.22 -9.99 6.33
CA ASN K 24 -26.65 -9.75 6.34
C ASN K 24 -27.43 -11.06 6.37
N TRP K 25 -26.70 -12.17 6.25
CA TRP K 25 -27.30 -13.48 6.25
C TRP K 25 -27.63 -13.98 7.65
N VAL K 26 -28.89 -14.34 7.86
CA VAL K 26 -29.31 -14.88 9.14
C VAL K 26 -29.06 -16.36 9.06
N ALA K 27 -27.94 -16.80 9.63
CA ALA K 27 -27.56 -18.20 9.61
C ALA K 27 -28.47 -19.05 10.47
N SER K 28 -29.00 -18.46 11.54
CA SER K 28 -29.87 -19.19 12.44
C SER K 28 -30.64 -18.28 13.37
N GLN K 29 -31.80 -18.73 13.80
CA GLN K 29 -32.65 -17.98 14.73
C GLN K 29 -32.79 -18.81 16.00
N THR K 30 -32.07 -19.92 16.06
CA THR K 30 -32.17 -20.85 17.19
C THR K 30 -30.85 -21.32 17.77
N VAL K 31 -29.89 -20.42 17.90
CA VAL K 31 -28.58 -20.75 18.44
C VAL K 31 -28.56 -20.61 19.96
N LYS K 32 -27.74 -21.41 20.64
CA LYS K 32 -27.63 -21.31 22.09
C LYS K 32 -26.51 -20.32 22.40
N LYS K 33 -26.75 -19.39 23.31
CA LYS K 33 -25.74 -18.41 23.65
C LYS K 33 -25.44 -18.47 25.12
N VAL K 34 -25.87 -19.55 25.74
CA VAL K 34 -25.63 -19.78 27.15
C VAL K 34 -25.02 -21.16 27.26
N ILE K 35 -23.88 -21.24 27.92
CA ILE K 35 -23.23 -22.52 28.12
C ILE K 35 -23.44 -22.89 29.58
N GLU K 36 -23.95 -24.10 29.79
CA GLU K 36 -24.16 -24.61 31.13
C GLU K 36 -22.83 -25.23 31.53
N ILE K 37 -21.92 -24.41 32.08
CA ILE K 37 -20.58 -24.86 32.49
C ILE K 37 -20.75 -26.13 33.31
N ASN K 38 -21.61 -26.04 34.32
CA ASN K 38 -21.96 -27.15 35.20
C ASN K 38 -23.27 -26.71 35.88
N PRO K 39 -23.91 -27.59 36.67
CA PRO K 39 -25.16 -27.25 37.35
C PRO K 39 -25.22 -25.94 38.14
N PHE K 40 -24.07 -25.38 38.49
CA PHE K 40 -24.04 -24.14 39.27
C PHE K 40 -23.47 -22.93 38.52
N LEU K 41 -22.86 -23.17 37.36
CA LEU K 41 -22.22 -22.10 36.60
C LEU K 41 -22.71 -21.94 35.17
N LEU K 42 -23.02 -20.71 34.82
CA LEU K 42 -23.48 -20.38 33.48
C LEU K 42 -22.50 -19.40 32.81
N GLY K 43 -22.37 -19.51 31.49
CA GLY K 43 -21.51 -18.61 30.74
C GLY K 43 -22.29 -18.11 29.54
N THR K 44 -22.17 -16.83 29.21
CA THR K 44 -22.86 -16.28 28.05
C THR K 44 -21.88 -16.18 26.87
N MET K 45 -22.37 -16.25 25.65
CA MET K 45 -21.50 -16.17 24.49
C MET K 45 -21.81 -15.02 23.53
N ALA K 46 -20.82 -14.15 23.29
CA ALA K 46 -20.93 -13.04 22.35
C ALA K 46 -19.61 -12.98 21.58
N GLY K 47 -19.69 -12.62 20.30
CA GLY K 47 -18.48 -12.56 19.49
C GLY K 47 -18.35 -13.81 18.65
N GLY K 48 -17.26 -14.55 18.85
CA GLY K 48 -17.04 -15.77 18.09
C GLY K 48 -17.70 -16.98 18.72
N ALA K 49 -18.61 -17.59 17.96
CA ALA K 49 -19.34 -18.76 18.43
C ALA K 49 -18.40 -19.89 18.81
N ALA K 50 -17.50 -20.25 17.90
CA ALA K 50 -16.55 -21.32 18.15
C ALA K 50 -15.67 -21.02 19.36
N ASP K 51 -15.10 -19.81 19.43
CA ASP K 51 -14.23 -19.46 20.55
C ASP K 51 -14.92 -19.58 21.91
N CYS K 52 -16.13 -19.03 22.02
CA CYS K 52 -16.88 -19.08 23.27
C CYS K 52 -17.30 -20.52 23.63
N GLN K 53 -17.88 -21.20 22.66
CA GLN K 53 -18.33 -22.57 22.86
C GLN K 53 -17.20 -23.47 23.31
N PHE K 54 -16.10 -23.42 22.56
CA PHE K 54 -14.95 -24.25 22.86
C PHE K 54 -14.32 -23.99 24.22
N TRP K 55 -13.98 -22.73 24.50
CA TRP K 55 -13.33 -22.42 25.77
C TRP K 55 -14.24 -22.42 26.99
N GLU K 56 -15.54 -22.19 26.80
CA GLU K 56 -16.43 -22.23 27.94
C GLU K 56 -16.70 -23.68 28.32
N THR K 57 -16.69 -24.56 27.33
CA THR K 57 -16.90 -25.98 27.60
C THR K 57 -15.62 -26.48 28.27
N TRP K 58 -14.47 -26.06 27.75
CA TRP K 58 -13.19 -26.45 28.35
C TRP K 58 -13.16 -25.94 29.80
N LEU K 59 -13.69 -24.75 30.03
CA LEU K 59 -13.72 -24.20 31.39
C LEU K 59 -14.44 -25.18 32.30
N GLY K 60 -15.55 -25.75 31.81
CA GLY K 60 -16.33 -26.69 32.58
C GLY K 60 -15.46 -27.84 33.03
N SER K 61 -14.60 -28.29 32.12
CA SER K 61 -13.71 -29.40 32.43
C SER K 61 -12.71 -29.01 33.50
N GLN K 62 -12.26 -27.77 33.48
CA GLN K 62 -11.30 -27.32 34.47
C GLN K 62 -11.96 -27.22 35.83
N CYS K 63 -13.19 -26.72 35.83
CA CYS K 63 -13.96 -26.59 37.08
C CYS K 63 -14.16 -27.95 37.74
N ARG K 64 -14.58 -28.93 36.95
CA ARG K 64 -14.80 -30.28 37.47
C ARG K 64 -13.51 -30.82 38.09
N LEU K 65 -12.42 -30.67 37.35
CA LEU K 65 -11.10 -31.11 37.80
C LEU K 65 -10.73 -30.46 39.15
N HIS K 66 -11.07 -29.18 39.29
CA HIS K 66 -10.79 -28.46 40.53
C HIS K 66 -11.54 -29.11 41.70
N GLU K 67 -12.83 -29.36 41.48
CA GLU K 67 -13.68 -29.95 42.50
C GLU K 67 -13.26 -31.37 42.91
N LEU K 68 -12.71 -32.14 41.98
CA LEU K 68 -12.25 -33.48 42.32
C LEU K 68 -10.98 -33.35 43.15
N ARG K 69 -10.15 -32.37 42.80
CA ARG K 69 -8.89 -32.15 43.48
C ARG K 69 -9.03 -31.58 44.88
N GLU K 70 -9.88 -30.57 45.02
CA GLU K 70 -10.08 -29.88 46.29
C GLU K 70 -11.32 -30.29 47.07
N LYS K 71 -12.09 -31.25 46.57
CA LYS K 71 -13.30 -31.70 47.24
C LYS K 71 -14.09 -30.48 47.72
N GLU K 72 -14.27 -29.53 46.82
CA GLU K 72 -14.98 -28.32 47.15
C GLU K 72 -15.39 -27.57 45.88
N ARG K 73 -16.55 -26.95 45.94
CA ARG K 73 -17.10 -26.19 44.82
C ARG K 73 -16.20 -25.00 44.45
N ILE K 74 -15.89 -24.89 43.17
CA ILE K 74 -15.02 -23.80 42.70
C ILE K 74 -15.74 -22.46 42.81
N SER K 75 -14.99 -21.41 43.15
CA SER K 75 -15.60 -20.09 43.26
C SER K 75 -15.76 -19.48 41.87
N VAL K 76 -16.64 -18.49 41.74
CA VAL K 76 -16.86 -17.84 40.46
C VAL K 76 -15.62 -17.02 40.11
N ALA K 77 -14.97 -16.48 41.13
CA ALA K 77 -13.76 -15.69 40.93
C ALA K 77 -12.70 -16.59 40.30
N ALA K 78 -12.52 -17.78 40.87
CA ALA K 78 -11.53 -18.73 40.35
C ALA K 78 -11.92 -19.27 38.98
N ALA K 79 -13.19 -19.61 38.80
CA ALA K 79 -13.63 -20.16 37.52
C ALA K 79 -13.40 -19.14 36.39
N SER K 80 -13.77 -17.89 36.65
CA SER K 80 -13.63 -16.82 35.68
C SER K 80 -12.17 -16.50 35.38
N LYS K 81 -11.29 -16.69 36.36
CA LYS K 81 -9.88 -16.38 36.13
C LYS K 81 -9.20 -17.47 35.33
N ILE K 82 -9.73 -18.68 35.38
CA ILE K 82 -9.17 -19.77 34.59
C ILE K 82 -9.37 -19.39 33.13
N LEU K 83 -10.58 -18.93 32.80
CA LEU K 83 -10.92 -18.55 31.43
C LEU K 83 -10.13 -17.31 31.01
N SER K 84 -10.12 -16.33 31.91
CA SER K 84 -9.42 -15.08 31.69
C SER K 84 -7.94 -15.31 31.36
N ASN K 85 -7.27 -16.06 32.22
CA ASN K 85 -5.86 -16.36 32.05
C ASN K 85 -5.55 -17.17 30.80
N LEU K 86 -6.47 -18.06 30.42
CA LEU K 86 -6.29 -18.89 29.23
C LEU K 86 -6.33 -17.96 28.02
N VAL K 87 -7.41 -17.18 27.96
CA VAL K 87 -7.61 -16.24 26.89
C VAL K 87 -6.42 -15.28 26.79
N TYR K 88 -5.90 -14.82 27.92
CA TYR K 88 -4.78 -13.90 27.91
C TYR K 88 -3.55 -14.53 27.26
N GLN K 89 -3.39 -15.84 27.41
CA GLN K 89 -2.23 -16.50 26.80
C GLN K 89 -2.28 -16.39 25.28
N TYR K 90 -3.49 -16.24 24.74
CA TYR K 90 -3.69 -16.15 23.30
C TYR K 90 -3.76 -14.74 22.78
N LYS K 91 -3.63 -13.75 23.66
CA LYS K 91 -3.73 -12.35 23.25
C LYS K 91 -2.94 -12.02 21.98
N GLY K 92 -3.65 -11.47 20.99
CA GLY K 92 -3.04 -11.12 19.72
C GLY K 92 -3.27 -12.14 18.61
N ALA K 93 -3.67 -13.35 18.99
CA ALA K 93 -3.90 -14.39 18.00
C ALA K 93 -5.22 -14.27 17.24
N GLY K 94 -6.16 -13.48 17.75
CA GLY K 94 -7.42 -13.33 17.04
C GLY K 94 -8.66 -13.97 17.65
N LEU K 95 -8.58 -14.37 18.91
CA LEU K 95 -9.76 -14.94 19.57
C LEU K 95 -10.78 -13.81 19.68
N SER K 96 -12.05 -14.15 19.55
CA SER K 96 -13.09 -13.11 19.64
C SER K 96 -14.18 -13.53 20.60
N MET K 97 -14.12 -13.01 21.83
CA MET K 97 -15.12 -13.37 22.81
C MET K 97 -15.45 -12.33 23.86
N GLY K 98 -16.75 -12.15 24.08
CA GLY K 98 -17.28 -11.23 25.06
C GLY K 98 -18.14 -12.15 25.91
N THR K 99 -17.76 -12.34 27.16
CA THR K 99 -18.49 -13.29 27.96
C THR K 99 -18.79 -12.91 29.42
N MET K 100 -19.82 -13.55 29.98
CA MET K 100 -20.17 -13.37 31.40
C MET K 100 -20.15 -14.71 32.11
N ILE K 101 -19.37 -14.79 33.17
CA ILE K 101 -19.29 -16.04 33.94
C ILE K 101 -20.13 -15.78 35.19
N CYS K 102 -21.21 -16.55 35.31
CA CYS K 102 -22.17 -16.38 36.40
C CYS K 102 -22.34 -17.56 37.35
N GLY K 103 -22.26 -17.27 38.64
CA GLY K 103 -22.40 -18.31 39.65
C GLY K 103 -22.93 -17.77 40.96
N TYR K 104 -23.27 -18.67 41.88
CA TYR K 104 -23.80 -18.27 43.18
C TYR K 104 -23.24 -19.22 44.21
N THR K 105 -22.18 -18.81 44.89
CA THR K 105 -21.58 -19.66 45.91
C THR K 105 -21.85 -19.13 47.30
N ARG K 106 -21.75 -20.02 48.28
CA ARG K 106 -21.98 -19.65 49.67
C ARG K 106 -20.99 -18.56 50.07
N LYS K 107 -19.75 -18.75 49.66
CA LYS K 107 -18.68 -17.83 49.98
C LYS K 107 -18.80 -16.44 49.35
N GLU K 108 -19.26 -16.37 48.09
CA GLU K 108 -19.35 -15.10 47.38
C GLU K 108 -20.76 -14.54 47.19
N GLY K 109 -21.75 -15.41 47.14
CA GLY K 109 -23.12 -14.96 46.91
C GLY K 109 -23.31 -14.85 45.41
N PRO K 110 -24.26 -14.04 44.93
CA PRO K 110 -24.42 -13.96 43.46
C PRO K 110 -23.21 -13.23 42.88
N THR K 111 -22.56 -13.84 41.90
CA THR K 111 -21.39 -13.22 41.29
C THR K 111 -21.38 -13.29 39.77
N ILE K 112 -21.03 -12.17 39.15
CA ILE K 112 -20.92 -12.08 37.69
C ILE K 112 -19.59 -11.47 37.29
N TYR K 113 -18.88 -12.16 36.41
CA TYR K 113 -17.60 -11.66 35.90
C TYR K 113 -17.70 -11.52 34.40
N TYR K 114 -17.29 -10.35 33.91
CA TYR K 114 -17.26 -10.09 32.47
C TYR K 114 -15.83 -10.48 32.08
N VAL K 115 -15.70 -11.31 31.05
CA VAL K 115 -14.39 -11.76 30.57
C VAL K 115 -14.36 -11.68 29.05
N ASP K 116 -13.40 -10.95 28.48
CA ASP K 116 -13.32 -10.90 27.01
C ASP K 116 -11.95 -11.34 26.49
N SER K 117 -11.85 -11.48 25.18
CA SER K 117 -10.60 -11.91 24.56
C SER K 117 -9.44 -10.92 24.63
N ASP K 118 -9.71 -9.71 25.12
CA ASP K 118 -8.64 -8.71 25.28
C ASP K 118 -7.92 -9.06 26.58
N GLY K 119 -8.54 -9.91 27.38
CA GLY K 119 -7.97 -10.31 28.65
C GLY K 119 -8.59 -9.56 29.81
N THR K 120 -9.64 -8.80 29.51
CA THR K 120 -10.33 -8.03 30.52
C THR K 120 -11.23 -8.93 31.38
N ARG K 121 -11.15 -8.74 32.69
CA ARG K 121 -11.94 -9.49 33.64
C ARG K 121 -12.50 -8.49 34.65
N LEU K 122 -13.82 -8.31 34.62
CA LEU K 122 -14.48 -7.35 35.52
C LEU K 122 -15.61 -7.96 36.31
N LYS K 123 -15.61 -7.71 37.61
CA LYS K 123 -16.68 -8.19 38.47
C LYS K 123 -17.71 -7.06 38.48
N GLY K 124 -18.98 -7.40 38.37
CA GLY K 124 -20.00 -6.35 38.37
C GLY K 124 -21.41 -6.82 38.68
N ASP K 125 -22.32 -5.87 38.73
CA ASP K 125 -23.72 -6.14 39.03
C ASP K 125 -24.58 -6.30 37.77
N ILE K 126 -24.25 -5.53 36.73
CA ILE K 126 -24.98 -5.58 35.46
C ILE K 126 -24.04 -5.56 34.25
N PHE K 127 -24.28 -6.44 33.28
CA PHE K 127 -23.46 -6.46 32.07
C PHE K 127 -24.29 -6.86 30.86
N CYS K 128 -24.03 -6.21 29.72
CA CYS K 128 -24.68 -6.52 28.47
C CYS K 128 -23.56 -6.57 27.45
N VAL K 129 -23.55 -7.62 26.62
CA VAL K 129 -22.51 -7.76 25.63
C VAL K 129 -23.11 -8.10 24.29
N GLY K 130 -22.61 -7.46 23.24
CA GLY K 130 -23.11 -7.73 21.90
C GLY K 130 -23.56 -6.48 21.15
N SER K 131 -23.78 -6.61 19.85
CA SER K 131 -24.23 -5.51 19.02
C SER K 131 -25.55 -4.90 19.50
N GLY K 132 -26.25 -5.60 20.39
CA GLY K 132 -27.51 -5.08 20.89
C GLY K 132 -27.42 -4.56 22.30
N GLN K 133 -26.24 -4.66 22.90
CA GLN K 133 -26.03 -4.25 24.27
C GLN K 133 -26.59 -2.90 24.70
N THR K 134 -26.38 -1.86 23.90
CA THR K 134 -26.87 -0.52 24.27
C THR K 134 -28.38 -0.47 24.48
N PHE K 135 -29.11 -1.27 23.70
CA PHE K 135 -30.55 -1.32 23.81
C PHE K 135 -30.97 -1.94 25.14
N ALA K 136 -30.37 -3.09 25.45
CA ALA K 136 -30.68 -3.78 26.69
C ALA K 136 -30.32 -2.91 27.91
N TYR K 137 -29.22 -2.17 27.82
CA TYR K 137 -28.78 -1.31 28.91
C TYR K 137 -29.81 -0.24 29.26
N GLY K 138 -30.45 0.33 28.24
CA GLY K 138 -31.44 1.35 28.50
C GLY K 138 -32.59 0.81 29.35
N VAL K 139 -33.10 -0.34 28.96
CA VAL K 139 -34.20 -0.98 29.69
C VAL K 139 -33.77 -1.40 31.09
N LEU K 140 -32.59 -2.00 31.19
CA LEU K 140 -32.07 -2.47 32.48
C LEU K 140 -31.74 -1.34 33.45
N ASP K 141 -31.02 -0.33 32.97
CA ASP K 141 -30.66 0.79 33.83
C ASP K 141 -31.82 1.53 34.47
N SER K 142 -32.95 1.63 33.77
CA SER K 142 -34.10 2.35 34.30
C SER K 142 -35.15 1.55 35.05
N ASN K 143 -34.99 0.23 35.11
CA ASN K 143 -35.95 -0.57 35.84
C ASN K 143 -35.29 -1.46 36.87
N TYR K 144 -33.96 -1.44 36.91
CA TYR K 144 -33.26 -2.28 37.85
C TYR K 144 -33.33 -1.79 39.29
N LYS K 145 -33.63 -2.73 40.18
CA LYS K 145 -33.71 -2.49 41.62
C LYS K 145 -33.20 -3.78 42.26
N TRP K 146 -32.33 -3.66 43.25
CA TRP K 146 -31.80 -4.85 43.92
C TRP K 146 -32.92 -5.70 44.54
N ASP K 147 -34.00 -5.04 44.94
CA ASP K 147 -35.11 -5.71 45.57
C ASP K 147 -36.18 -6.25 44.63
N LEU K 148 -35.79 -6.51 43.39
CA LEU K 148 -36.71 -7.06 42.42
C LEU K 148 -37.09 -8.49 42.79
N SER K 149 -38.30 -8.90 42.44
CA SER K 149 -38.73 -10.26 42.73
C SER K 149 -38.21 -11.16 41.63
N VAL K 150 -37.98 -12.44 41.94
CA VAL K 150 -37.49 -13.37 40.94
C VAL K 150 -38.37 -13.34 39.69
N GLU K 151 -39.66 -13.09 39.89
CA GLU K 151 -40.61 -13.03 38.79
C GLU K 151 -40.38 -11.78 37.93
N ASP K 152 -40.29 -10.63 38.59
CA ASP K 152 -40.06 -9.37 37.88
C ASP K 152 -38.67 -9.33 37.24
N ALA K 153 -37.66 -9.78 37.97
CA ALA K 153 -36.29 -9.80 37.45
C ALA K 153 -36.28 -10.61 36.14
N LEU K 154 -36.93 -11.76 36.15
CA LEU K 154 -36.98 -12.60 34.95
C LEU K 154 -37.62 -11.84 33.82
N TYR K 155 -38.70 -11.11 34.11
CA TYR K 155 -39.38 -10.37 33.08
C TYR K 155 -38.50 -9.24 32.56
N LEU K 156 -37.86 -8.50 33.47
CA LEU K 156 -36.99 -7.40 33.08
C LEU K 156 -35.93 -7.88 32.09
N GLY K 157 -35.29 -9.00 32.41
CA GLY K 157 -34.27 -9.55 31.53
C GLY K 157 -34.85 -9.91 30.17
N LYS K 158 -36.01 -10.54 30.17
CA LYS K 158 -36.65 -10.92 28.92
C LYS K 158 -37.04 -9.67 28.11
N ARG K 159 -37.47 -8.64 28.81
CA ARG K 159 -37.92 -7.42 28.15
C ARG K 159 -36.75 -6.67 27.54
N SER K 160 -35.63 -6.65 28.26
CA SER K 160 -34.42 -5.98 27.78
C SER K 160 -33.89 -6.61 26.49
N ILE K 161 -33.96 -7.94 26.39
CA ILE K 161 -33.51 -8.61 25.19
C ILE K 161 -34.48 -8.28 24.07
N LEU K 162 -35.78 -8.24 24.38
CA LEU K 162 -36.79 -7.93 23.39
C LEU K 162 -36.53 -6.55 22.78
N ALA K 163 -36.18 -5.59 23.63
CA ALA K 163 -35.90 -4.23 23.16
C ALA K 163 -34.78 -4.28 22.11
N ALA K 164 -33.72 -5.00 22.43
CA ALA K 164 -32.58 -5.16 21.53
C ALA K 164 -32.94 -5.96 20.29
N ALA K 165 -33.69 -7.05 20.47
CA ALA K 165 -34.07 -7.89 19.31
C ALA K 165 -34.84 -7.07 18.29
N HIS K 166 -35.57 -6.07 18.77
CA HIS K 166 -36.37 -5.21 17.91
C HIS K 166 -35.57 -4.21 17.08
N ARG K 167 -34.69 -3.46 17.76
CA ARG K 167 -33.87 -2.44 17.13
C ARG K 167 -32.59 -2.91 16.41
N ASP K 168 -31.93 -3.93 16.97
CA ASP K 168 -30.69 -4.46 16.41
C ASP K 168 -30.94 -5.55 15.37
N ALA K 169 -30.49 -5.28 14.15
CA ALA K 169 -30.66 -6.22 13.05
C ALA K 169 -29.96 -7.56 13.32
N TYR K 170 -28.92 -7.55 14.16
CA TYR K 170 -28.18 -8.77 14.45
C TYR K 170 -28.70 -9.54 15.67
N SER K 171 -29.78 -9.05 16.26
CA SER K 171 -30.38 -9.71 17.41
C SER K 171 -31.81 -10.13 17.11
N GLY K 172 -32.25 -11.24 17.70
CA GLY K 172 -33.59 -11.71 17.49
C GLY K 172 -33.76 -13.22 17.62
N GLY K 173 -34.78 -13.75 16.94
CA GLY K 173 -35.07 -15.17 16.99
C GLY K 173 -35.93 -15.50 18.20
N SER K 174 -35.28 -15.76 19.32
CA SER K 174 -36.00 -16.09 20.55
C SER K 174 -35.20 -15.63 21.75
N VAL K 175 -35.81 -15.71 22.93
CA VAL K 175 -35.13 -15.32 24.16
C VAL K 175 -34.97 -16.56 25.04
N ASN K 176 -33.79 -16.73 25.62
CA ASN K 176 -33.53 -17.85 26.52
C ASN K 176 -33.27 -17.26 27.91
N LEU K 177 -34.03 -17.73 28.89
CA LEU K 177 -33.94 -17.25 30.27
C LEU K 177 -33.35 -18.22 31.27
N TYR K 178 -32.65 -17.66 32.26
CA TYR K 178 -32.04 -18.45 33.32
C TYR K 178 -32.08 -17.70 34.64
N HIS K 179 -32.25 -18.45 35.72
CA HIS K 179 -32.24 -17.89 37.06
C HIS K 179 -31.18 -18.69 37.79
N VAL K 180 -30.22 -17.99 38.38
CA VAL K 180 -29.14 -18.64 39.09
C VAL K 180 -29.30 -18.49 40.59
N THR K 181 -29.43 -19.64 41.27
CA THR K 181 -29.57 -19.68 42.72
C THR K 181 -28.35 -20.41 43.28
N GLU K 182 -28.14 -20.30 44.59
CA GLU K 182 -27.01 -20.94 45.22
C GLU K 182 -27.03 -22.46 45.01
N ASP K 183 -28.21 -23.02 44.77
CA ASP K 183 -28.34 -24.46 44.56
C ASP K 183 -28.24 -24.84 43.09
N GLY K 184 -27.92 -23.87 42.25
CA GLY K 184 -27.81 -24.13 40.82
C GLY K 184 -28.68 -23.19 40.02
N TRP K 185 -28.59 -23.28 38.70
CA TRP K 185 -29.37 -22.42 37.82
C TRP K 185 -30.67 -23.12 37.46
N ILE K 186 -31.66 -22.33 37.07
CA ILE K 186 -32.97 -22.86 36.69
C ILE K 186 -33.31 -22.32 35.31
N TYR K 187 -33.53 -23.20 34.34
CA TYR K 187 -33.90 -22.76 33.01
C TYR K 187 -35.33 -22.24 33.05
N HIS K 188 -35.56 -21.11 32.39
CA HIS K 188 -36.88 -20.50 32.37
C HIS K 188 -37.44 -20.34 30.98
N GLY K 189 -37.11 -21.29 30.11
CA GLY K 189 -37.66 -21.30 28.76
C GLY K 189 -37.10 -20.53 27.59
N ASN K 190 -37.66 -20.85 26.44
CA ASN K 190 -37.32 -20.25 25.16
C ASN K 190 -38.56 -19.51 24.67
N HIS K 191 -38.42 -18.21 24.47
CA HIS K 191 -39.53 -17.39 24.03
C HIS K 191 -39.31 -16.76 22.66
N ASP K 192 -39.97 -17.30 21.64
CA ASP K 192 -39.85 -16.78 20.30
C ASP K 192 -40.15 -15.27 20.33
N VAL K 193 -39.25 -14.47 19.78
CA VAL K 193 -39.40 -13.02 19.77
C VAL K 193 -40.60 -12.58 18.93
N GLY K 194 -40.88 -13.35 17.89
CA GLY K 194 -41.99 -13.02 17.05
C GLY K 194 -43.25 -12.93 17.90
N GLU K 195 -43.59 -14.05 18.56
CA GLU K 195 -44.78 -14.08 19.39
C GLU K 195 -44.65 -13.16 20.60
N LEU K 196 -43.47 -13.16 21.21
CA LEU K 196 -43.24 -12.32 22.38
C LEU K 196 -43.46 -10.84 22.14
N PHE K 197 -43.06 -10.34 20.97
CA PHE K 197 -43.20 -8.93 20.64
C PHE K 197 -44.66 -8.46 20.67
N TRP K 198 -45.53 -9.17 19.96
CA TRP K 198 -46.95 -8.83 19.90
C TRP K 198 -47.60 -8.93 21.28
N LYS K 199 -47.32 -10.01 21.99
CA LYS K 199 -47.87 -10.20 23.33
C LYS K 199 -47.49 -9.02 24.22
N VAL K 200 -46.20 -8.73 24.31
CA VAL K 200 -45.71 -7.64 25.13
C VAL K 200 -46.27 -6.31 24.68
N LYS K 201 -46.38 -6.11 23.37
CA LYS K 201 -46.91 -4.84 22.88
C LYS K 201 -48.32 -4.60 23.43
N GLU K 202 -49.19 -5.58 23.24
CA GLU K 202 -50.57 -5.47 23.71
C GLU K 202 -50.65 -5.29 25.22
N GLU K 203 -50.22 -6.31 25.95
CA GLU K 203 -50.26 -6.28 27.41
C GLU K 203 -49.56 -5.10 28.07
N GLU K 204 -48.50 -4.61 27.44
CA GLU K 204 -47.73 -3.51 28.00
C GLU K 204 -48.11 -2.14 27.45
N GLY K 205 -48.48 -2.09 26.17
CA GLY K 205 -48.85 -0.83 25.56
C GLY K 205 -47.65 -0.11 24.96
N SER K 206 -46.51 -0.79 24.99
CA SER K 206 -45.27 -0.24 24.46
C SER K 206 -45.20 -0.54 22.97
N PHE K 207 -44.13 -0.08 22.32
CA PHE K 207 -43.95 -0.29 20.89
C PHE K 207 -45.15 0.28 20.14
N ASN K 208 -45.57 1.46 20.57
CA ASN K 208 -46.70 2.11 19.97
C ASN K 208 -46.44 2.45 18.49
N ASN K 209 -45.18 2.77 18.16
CA ASN K 209 -44.80 3.11 16.80
C ASN K 209 -44.92 1.93 15.82
N VAL K 210 -45.23 0.75 16.33
CA VAL K 210 -45.38 -0.40 15.43
C VAL K 210 -46.86 -0.73 15.27
N ILE K 211 -47.30 -0.85 14.03
CA ILE K 211 -48.69 -1.17 13.76
C ILE K 211 -48.95 -2.64 14.00
N GLY K 212 -49.94 -2.94 14.85
CA GLY K 212 -50.25 -4.33 15.15
C GLY K 212 -51.67 -4.76 14.86
N GLN L 1 1.12 -14.21 -4.80
CA GLN L 1 1.46 -15.06 -3.63
C GLN L 1 0.56 -16.30 -3.56
N PHE L 2 1.10 -17.40 -3.03
CA PHE L 2 0.35 -18.65 -2.92
C PHE L 2 -0.85 -18.59 -1.97
N ASN L 3 -2.01 -19.00 -2.49
CA ASN L 3 -3.25 -19.03 -1.74
C ASN L 3 -3.54 -20.49 -1.41
N PRO L 4 -3.48 -20.86 -0.13
CA PRO L 4 -3.73 -22.25 0.30
C PRO L 4 -5.18 -22.72 0.17
N TYR L 5 -6.08 -21.81 -0.18
CA TYR L 5 -7.49 -22.16 -0.30
C TYR L 5 -8.08 -22.08 -1.71
N GLY L 6 -9.17 -22.81 -1.90
CA GLY L 6 -9.86 -22.81 -3.17
C GLY L 6 -11.34 -23.00 -2.87
N ASP L 7 -12.19 -22.90 -3.88
CA ASP L 7 -13.63 -23.08 -3.70
C ASP L 7 -14.13 -24.08 -4.74
N ASN L 8 -14.63 -25.22 -4.29
CA ASN L 8 -15.12 -26.23 -5.22
C ASN L 8 -16.62 -26.23 -5.42
N GLY L 9 -17.28 -25.17 -4.94
CA GLY L 9 -18.72 -25.07 -5.09
C GLY L 9 -19.52 -26.10 -4.31
N GLY L 10 -20.61 -26.56 -4.89
CA GLY L 10 -21.43 -27.57 -4.24
C GLY L 10 -22.35 -27.03 -3.16
N THR L 11 -23.40 -27.79 -2.89
CA THR L 11 -24.38 -27.44 -1.86
C THR L 11 -24.81 -28.74 -1.19
N ILE L 12 -25.02 -28.70 0.12
CA ILE L 12 -25.43 -29.89 0.84
C ILE L 12 -26.65 -29.60 1.71
N LEU L 13 -27.46 -30.63 1.97
CA LEU L 13 -28.67 -30.46 2.78
C LEU L 13 -28.88 -31.61 3.76
N GLY L 14 -29.14 -31.26 5.03
CA GLY L 14 -29.37 -32.26 6.04
C GLY L 14 -30.71 -32.05 6.74
N ILE L 15 -31.56 -33.07 6.73
CA ILE L 15 -32.86 -32.96 7.38
C ILE L 15 -33.10 -34.14 8.31
N ALA L 16 -33.47 -33.85 9.55
CA ALA L 16 -33.72 -34.88 10.54
C ALA L 16 -35.22 -35.18 10.64
N GLY L 17 -35.56 -36.46 10.45
CA GLY L 17 -36.94 -36.89 10.54
C GLY L 17 -37.17 -37.45 11.94
N GLU L 18 -38.40 -37.78 12.28
CA GLU L 18 -38.70 -38.31 13.61
C GLU L 18 -37.89 -39.56 13.95
N ASP L 19 -37.72 -40.45 12.98
CA ASP L 19 -36.97 -41.68 13.23
C ASP L 19 -36.01 -41.99 12.08
N PHE L 20 -35.64 -40.95 11.34
CA PHE L 20 -34.72 -41.08 10.21
C PHE L 20 -34.05 -39.73 10.00
N ALA L 21 -33.08 -39.68 9.09
CA ALA L 21 -32.40 -38.44 8.77
C ALA L 21 -31.74 -38.58 7.41
N VAL L 22 -31.70 -37.48 6.67
CA VAL L 22 -31.07 -37.51 5.36
C VAL L 22 -29.98 -36.45 5.26
N LEU L 23 -29.00 -36.72 4.40
CA LEU L 23 -27.91 -35.80 4.13
C LEU L 23 -27.70 -35.87 2.63
N ALA L 24 -28.07 -34.80 1.94
CA ALA L 24 -27.96 -34.73 0.49
C ALA L 24 -26.92 -33.72 0.03
N GLY L 25 -26.54 -33.83 -1.23
CA GLY L 25 -25.58 -32.91 -1.81
C GLY L 25 -25.48 -33.15 -3.30
N ASP L 26 -25.25 -32.10 -4.07
CA ASP L 26 -25.12 -32.28 -5.51
C ASP L 26 -23.79 -32.96 -5.74
N THR L 27 -23.56 -33.45 -6.95
CA THR L 27 -22.33 -34.15 -7.23
C THR L 27 -21.39 -33.39 -8.15
N ARG L 28 -21.69 -32.11 -8.36
CA ARG L 28 -20.86 -31.28 -9.21
C ARG L 28 -19.70 -30.66 -8.40
N ASN L 29 -18.49 -30.71 -8.98
CA ASN L 29 -17.28 -30.18 -8.35
C ASN L 29 -16.73 -29.18 -9.36
N ILE L 30 -16.47 -27.96 -8.92
CA ILE L 30 -16.00 -26.91 -9.81
C ILE L 30 -14.76 -26.12 -9.37
N THR L 31 -14.27 -25.29 -10.28
CA THR L 31 -13.14 -24.39 -10.06
C THR L 31 -13.44 -23.19 -10.96
N ASP L 32 -13.78 -22.06 -10.36
CA ASP L 32 -14.08 -20.87 -11.14
C ASP L 32 -15.29 -21.16 -12.02
N TYR L 33 -15.12 -21.06 -13.34
CA TYR L 33 -16.22 -21.32 -14.27
C TYR L 33 -16.14 -22.66 -14.99
N SER L 34 -15.27 -23.53 -14.51
CA SER L 34 -15.11 -24.85 -15.10
C SER L 34 -15.68 -25.92 -14.20
N ILE L 35 -16.09 -27.02 -14.81
CA ILE L 35 -16.63 -28.15 -14.09
C ILE L 35 -15.47 -29.16 -14.02
N ASN L 36 -15.14 -29.61 -12.82
CA ASN L 36 -14.05 -30.57 -12.66
C ASN L 36 -14.59 -31.98 -12.84
N SER L 37 -15.82 -32.17 -12.38
CA SER L 37 -16.49 -33.46 -12.45
C SER L 37 -17.98 -33.28 -12.24
N ARG L 38 -18.77 -34.07 -12.96
CA ARG L 38 -20.21 -34.01 -12.85
C ARG L 38 -20.66 -34.99 -11.78
N TYR L 39 -19.74 -35.88 -11.38
CA TYR L 39 -20.03 -36.87 -10.34
C TYR L 39 -18.83 -37.10 -9.42
N GLU L 40 -18.82 -36.41 -8.30
CA GLU L 40 -17.75 -36.55 -7.31
C GLU L 40 -18.46 -36.56 -5.96
N PRO L 41 -18.75 -37.77 -5.43
CA PRO L 41 -19.45 -37.93 -4.15
C PRO L 41 -18.91 -36.97 -3.09
N LYS L 42 -19.82 -36.40 -2.32
CA LYS L 42 -19.44 -35.42 -1.33
C LYS L 42 -20.05 -35.74 0.05
N VAL L 43 -20.95 -36.73 0.08
CA VAL L 43 -21.58 -37.17 1.32
C VAL L 43 -21.11 -38.60 1.55
N PHE L 44 -20.51 -38.86 2.71
CA PHE L 44 -19.96 -40.18 3.02
C PHE L 44 -20.53 -40.90 4.24
N ASP L 45 -20.52 -42.23 4.14
CA ASP L 45 -20.98 -43.12 5.20
C ASP L 45 -19.70 -43.38 6.01
N CYS L 46 -19.67 -42.91 7.24
CA CYS L 46 -18.47 -43.06 8.05
C CYS L 46 -18.51 -44.23 9.03
N GLY L 47 -19.52 -45.07 8.90
CA GLY L 47 -19.65 -46.20 9.80
C GLY L 47 -20.45 -45.77 11.02
N ASP L 48 -20.84 -46.73 11.85
CA ASP L 48 -21.62 -46.45 13.05
C ASP L 48 -22.89 -45.65 12.78
N ASN L 49 -23.43 -45.81 11.57
CA ASN L 49 -24.67 -45.15 11.18
C ASN L 49 -24.58 -43.63 11.18
N ILE L 50 -23.43 -43.12 10.73
CA ILE L 50 -23.20 -41.69 10.65
C ILE L 50 -22.78 -41.28 9.24
N VAL L 51 -23.45 -40.27 8.70
CA VAL L 51 -23.12 -39.76 7.38
C VAL L 51 -22.59 -38.34 7.58
N MET L 52 -21.62 -37.96 6.76
CA MET L 52 -21.00 -36.65 6.92
C MET L 52 -20.59 -36.02 5.61
N SER L 53 -20.60 -34.69 5.59
CA SER L 53 -20.19 -33.93 4.42
C SER L 53 -19.55 -32.63 4.89
N ALA L 54 -18.38 -32.33 4.34
CA ALA L 54 -17.67 -31.10 4.67
C ALA L 54 -17.55 -30.34 3.36
N ASN L 55 -18.50 -29.44 3.12
CA ASN L 55 -18.54 -28.67 1.89
C ASN L 55 -17.76 -27.33 1.89
N GLY L 56 -17.19 -26.99 0.74
CA GLY L 56 -16.43 -25.76 0.60
C GLY L 56 -15.15 -26.01 -0.19
N PHE L 57 -14.02 -25.99 0.49
CA PHE L 57 -12.74 -26.26 -0.15
C PHE L 57 -12.57 -27.78 -0.03
N ALA L 58 -12.72 -28.46 -1.16
CA ALA L 58 -12.64 -29.92 -1.22
C ALA L 58 -11.43 -30.60 -0.57
N ALA L 59 -10.24 -30.04 -0.74
CA ALA L 59 -9.05 -30.63 -0.13
C ALA L 59 -9.24 -30.67 1.37
N ASP L 60 -9.77 -29.59 1.93
CA ASP L 60 -10.00 -29.51 3.36
C ASP L 60 -11.14 -30.45 3.77
N GLY L 61 -12.16 -30.52 2.92
CA GLY L 61 -13.30 -31.38 3.20
C GLY L 61 -12.91 -32.84 3.23
N ASP L 62 -12.06 -33.25 2.29
CA ASP L 62 -11.61 -34.64 2.24
C ASP L 62 -10.76 -34.97 3.45
N ALA L 63 -9.81 -34.10 3.76
CA ALA L 63 -8.93 -34.31 4.89
C ALA L 63 -9.76 -34.52 6.16
N LEU L 64 -10.75 -33.65 6.37
CA LEU L 64 -11.57 -33.75 7.57
C LEU L 64 -12.29 -35.09 7.64
N VAL L 65 -13.09 -35.40 6.62
CA VAL L 65 -13.84 -36.66 6.58
C VAL L 65 -12.90 -37.83 6.83
N LYS L 66 -11.78 -37.84 6.12
CA LYS L 66 -10.78 -38.89 6.26
C LYS L 66 -10.30 -38.98 7.71
N ARG L 67 -10.05 -37.81 8.31
CA ARG L 67 -9.58 -37.76 9.68
C ARG L 67 -10.65 -38.28 10.64
N PHE L 68 -11.91 -37.93 10.38
CA PHE L 68 -13.00 -38.39 11.24
C PHE L 68 -13.23 -39.89 11.14
N LYS L 69 -13.13 -40.43 9.93
CA LYS L 69 -13.34 -41.86 9.74
C LYS L 69 -12.27 -42.59 10.54
N ASN L 70 -11.05 -42.08 10.48
CA ASN L 70 -9.95 -42.69 11.19
C ASN L 70 -10.20 -42.55 12.69
N SER L 71 -10.95 -41.53 13.05
CA SER L 71 -11.27 -41.28 14.44
C SER L 71 -12.26 -42.34 14.96
N VAL L 72 -13.21 -42.73 14.11
CA VAL L 72 -14.20 -43.75 14.47
C VAL L 72 -13.47 -45.09 14.66
N LYS L 73 -12.55 -45.35 13.76
CA LYS L 73 -11.76 -46.58 13.79
C LYS L 73 -11.04 -46.72 15.13
N TRP L 74 -10.34 -45.67 15.55
CA TRP L 74 -9.64 -45.73 16.82
C TRP L 74 -10.57 -45.71 18.01
N TYR L 75 -11.75 -45.13 17.85
CA TYR L 75 -12.70 -45.12 18.96
C TYR L 75 -12.97 -46.58 19.30
N HIS L 76 -13.21 -47.39 18.27
CA HIS L 76 -13.46 -48.80 18.45
C HIS L 76 -12.27 -49.46 19.13
N PHE L 77 -11.08 -49.27 18.56
CA PHE L 77 -9.86 -49.83 19.13
C PHE L 77 -9.68 -49.52 20.61
N ASP L 78 -9.89 -48.25 20.97
CA ASP L 78 -9.69 -47.80 22.34
C ASP L 78 -10.84 -47.96 23.32
N HIS L 79 -12.04 -48.32 22.85
CA HIS L 79 -13.13 -48.49 23.79
C HIS L 79 -13.98 -49.71 23.55
N ASN L 80 -13.30 -50.84 23.40
CA ASN L 80 -13.97 -52.12 23.19
C ASN L 80 -15.11 -52.03 22.19
N ASP L 81 -14.79 -51.65 20.95
CA ASP L 81 -15.78 -51.55 19.89
C ASP L 81 -17.08 -50.85 20.22
N LYS L 82 -17.07 -49.98 21.22
CA LYS L 82 -18.29 -49.25 21.56
C LYS L 82 -18.72 -48.43 20.34
N LYS L 83 -20.03 -48.28 20.16
CA LYS L 83 -20.55 -47.53 19.03
C LYS L 83 -20.43 -46.05 19.32
N LEU L 84 -19.97 -45.28 18.33
CA LEU L 84 -19.83 -43.84 18.50
C LEU L 84 -21.18 -43.20 18.22
N SER L 85 -21.79 -42.65 19.26
CA SER L 85 -23.09 -42.02 19.12
C SER L 85 -22.96 -40.68 18.40
N ILE L 86 -23.99 -40.33 17.65
CA ILE L 86 -24.00 -39.10 16.88
C ILE L 86 -23.58 -37.85 17.66
N ASN L 87 -23.95 -37.76 18.94
CA ASN L 87 -23.59 -36.60 19.75
C ASN L 87 -22.09 -36.65 20.08
N SER L 88 -21.55 -37.84 20.26
CA SER L 88 -20.13 -37.97 20.58
C SER L 88 -19.30 -37.64 19.34
N ALA L 89 -19.79 -38.02 18.18
CA ALA L 89 -19.11 -37.73 16.93
C ALA L 89 -19.06 -36.22 16.74
N ALA L 90 -20.17 -35.57 17.07
CA ALA L 90 -20.28 -34.12 16.94
C ALA L 90 -19.23 -33.39 17.78
N ARG L 91 -19.10 -33.80 19.04
CA ARG L 91 -18.15 -33.19 19.94
C ARG L 91 -16.73 -33.45 19.43
N ASN L 92 -16.53 -34.65 18.90
CA ASN L 92 -15.25 -35.05 18.37
C ASN L 92 -14.87 -34.17 17.18
N ILE L 93 -15.81 -33.97 16.27
CA ILE L 93 -15.56 -33.14 15.10
C ILE L 93 -15.23 -31.70 15.52
N GLN L 94 -15.87 -31.23 16.60
CA GLN L 94 -15.60 -29.89 17.06
C GLN L 94 -14.12 -29.75 17.38
N HIS L 95 -13.57 -30.74 18.06
CA HIS L 95 -12.15 -30.69 18.40
C HIS L 95 -11.24 -30.82 17.19
N LEU L 96 -11.65 -31.60 16.19
CA LEU L 96 -10.84 -31.75 14.99
C LEU L 96 -10.77 -30.40 14.29
N LEU L 97 -11.90 -29.71 14.23
CA LEU L 97 -11.97 -28.41 13.59
C LEU L 97 -11.27 -27.32 14.39
N TYR L 98 -11.49 -27.29 15.70
CA TYR L 98 -10.88 -26.25 16.48
C TYR L 98 -9.37 -26.42 16.60
N GLY L 99 -8.89 -27.62 16.31
CA GLY L 99 -7.47 -27.87 16.36
C GLY L 99 -6.75 -27.06 15.29
N LYS L 100 -7.49 -26.66 14.26
CA LYS L 100 -6.92 -25.84 13.19
C LYS L 100 -7.56 -24.46 13.21
N ARG L 101 -7.85 -24.00 14.41
CA ARG L 101 -8.47 -22.69 14.63
C ARG L 101 -7.71 -21.55 13.96
N PHE L 102 -6.40 -21.70 13.85
CA PHE L 102 -5.60 -20.64 13.23
C PHE L 102 -5.10 -20.91 11.82
N PHE L 103 -5.67 -21.93 11.20
CA PHE L 103 -5.40 -22.34 9.82
C PHE L 103 -6.52 -23.34 9.56
N PRO L 104 -7.75 -22.84 9.58
CA PRO L 104 -9.00 -23.58 9.41
C PRO L 104 -9.18 -24.45 8.19
N TYR L 105 -10.03 -25.46 8.38
CA TYR L 105 -10.46 -26.34 7.31
C TYR L 105 -11.55 -25.41 6.77
N TYR L 106 -11.41 -24.96 5.54
CA TYR L 106 -12.37 -24.03 4.96
C TYR L 106 -13.60 -24.78 4.47
N VAL L 107 -14.38 -25.32 5.41
CA VAL L 107 -15.57 -26.07 5.05
C VAL L 107 -16.71 -25.89 6.04
N HIS L 108 -17.91 -26.18 5.55
CA HIS L 108 -19.12 -26.13 6.35
C HIS L 108 -19.45 -27.60 6.45
N THR L 109 -19.39 -28.16 7.64
CA THR L 109 -19.65 -29.58 7.77
C THR L 109 -20.97 -29.92 8.47
N ILE L 110 -21.58 -31.00 8.01
CA ILE L 110 -22.84 -31.47 8.57
C ILE L 110 -22.82 -32.99 8.67
N ILE L 111 -23.35 -33.50 9.78
CA ILE L 111 -23.43 -34.94 9.94
C ILE L 111 -24.88 -35.27 10.27
N ALA L 112 -25.31 -36.47 9.91
CA ALA L 112 -26.67 -36.91 10.16
C ALA L 112 -26.66 -38.35 10.64
N GLY L 113 -27.65 -38.69 11.44
CA GLY L 113 -27.78 -40.04 11.98
C GLY L 113 -28.98 -40.11 12.91
N LEU L 114 -28.89 -40.97 13.92
CA LEU L 114 -29.98 -41.11 14.88
C LEU L 114 -29.35 -40.93 16.24
N ASP L 115 -30.04 -40.26 17.16
CA ASP L 115 -29.47 -40.11 18.49
C ASP L 115 -29.62 -41.43 19.24
N GLU L 116 -29.38 -41.42 20.54
CA GLU L 116 -29.49 -42.65 21.32
C GLU L 116 -30.91 -43.08 21.63
N ASP L 117 -31.88 -42.23 21.29
CA ASP L 117 -33.28 -42.55 21.51
C ASP L 117 -33.93 -43.00 20.21
N GLY L 118 -33.11 -43.12 19.16
CA GLY L 118 -33.59 -43.53 17.86
C GLY L 118 -34.15 -42.40 17.02
N LYS L 119 -34.19 -41.19 17.57
CA LYS L 119 -34.71 -40.03 16.85
C LYS L 119 -33.72 -39.49 15.83
N GLY L 120 -34.25 -38.96 14.73
CA GLY L 120 -33.40 -38.40 13.68
C GLY L 120 -32.59 -37.22 14.17
N ALA L 121 -31.33 -37.15 13.74
CA ALA L 121 -30.45 -36.07 14.19
C ALA L 121 -29.54 -35.46 13.12
N VAL L 122 -29.33 -34.16 13.24
CA VAL L 122 -28.45 -33.43 12.34
C VAL L 122 -27.64 -32.42 13.15
N TYR L 123 -26.35 -32.33 12.81
CA TYR L 123 -25.45 -31.40 13.47
C TYR L 123 -24.70 -30.64 12.37
N SER L 124 -24.64 -29.33 12.48
CA SER L 124 -23.94 -28.55 11.48
C SER L 124 -22.82 -27.78 12.19
N PHE L 125 -21.67 -27.72 11.53
CA PHE L 125 -20.51 -27.04 12.11
C PHE L 125 -19.99 -25.82 11.37
N ASP L 126 -19.28 -25.02 12.15
CA ASP L 126 -18.59 -23.80 11.78
C ASP L 126 -17.28 -24.24 11.14
N PRO L 127 -16.64 -23.36 10.36
CA PRO L 127 -15.37 -23.83 9.80
C PRO L 127 -14.39 -24.06 10.95
N VAL L 128 -14.59 -23.38 12.07
CA VAL L 128 -13.70 -23.57 13.20
C VAL L 128 -14.24 -24.35 14.41
N GLY L 129 -15.27 -25.16 14.20
CA GLY L 129 -15.75 -25.97 15.29
C GLY L 129 -16.98 -25.62 16.10
N SER L 130 -17.65 -24.52 15.78
CA SER L 130 -18.86 -24.16 16.49
C SER L 130 -19.92 -25.12 15.96
N TYR L 131 -20.75 -25.68 16.84
CA TYR L 131 -21.79 -26.60 16.35
C TYR L 131 -23.11 -26.53 17.12
N GLU L 132 -24.16 -27.04 16.50
CA GLU L 132 -25.50 -27.00 17.07
C GLU L 132 -26.30 -28.17 16.48
N ARG L 133 -27.18 -28.78 17.27
CA ARG L 133 -28.00 -29.84 16.72
C ARG L 133 -29.16 -29.09 16.11
N GLU L 134 -29.55 -29.46 14.90
CA GLU L 134 -30.62 -28.76 14.21
C GLU L 134 -31.59 -29.70 13.51
N GLN L 135 -32.74 -29.14 13.11
CA GLN L 135 -33.77 -29.90 12.41
C GLN L 135 -33.32 -30.11 10.98
N CYS L 136 -32.93 -29.02 10.32
CA CYS L 136 -32.43 -29.09 8.96
C CYS L 136 -31.49 -27.95 8.67
N ARG L 137 -30.49 -28.22 7.86
CA ARG L 137 -29.48 -27.25 7.51
C ARG L 137 -28.93 -27.45 6.10
N ALA L 138 -28.93 -26.38 5.33
CA ALA L 138 -28.39 -26.41 3.98
C ALA L 138 -26.99 -25.80 4.12
N GLY L 139 -26.03 -26.34 3.39
CA GLY L 139 -24.68 -25.81 3.46
C GLY L 139 -24.09 -25.58 2.09
N GLY L 140 -23.23 -24.56 1.97
CA GLY L 140 -22.62 -24.30 0.68
C GLY L 140 -23.22 -23.14 -0.08
N ALA L 141 -22.89 -23.09 -1.37
CA ALA L 141 -23.33 -22.04 -2.29
C ALA L 141 -24.81 -21.61 -2.27
N ALA L 142 -25.71 -22.54 -2.54
CA ALA L 142 -27.14 -22.22 -2.57
C ALA L 142 -27.85 -22.26 -1.22
N ALA L 143 -27.09 -22.38 -0.13
CA ALA L 143 -27.70 -22.42 1.19
C ALA L 143 -28.71 -21.30 1.41
N SER L 144 -28.37 -20.09 0.94
CA SER L 144 -29.25 -18.94 1.10
C SER L 144 -30.54 -19.06 0.31
N LEU L 145 -30.53 -19.90 -0.72
CA LEU L 145 -31.72 -20.11 -1.54
C LEU L 145 -32.60 -21.19 -0.93
N ILE L 146 -31.97 -22.15 -0.24
CA ILE L 146 -32.69 -23.26 0.34
C ILE L 146 -33.28 -23.07 1.74
N MET L 147 -32.52 -22.50 2.65
CA MET L 147 -33.03 -22.32 4.01
C MET L 147 -34.39 -21.65 4.12
N PRO L 148 -34.60 -20.52 3.42
CA PRO L 148 -35.90 -19.84 3.50
C PRO L 148 -37.04 -20.83 3.20
N PHE L 149 -36.85 -21.58 2.12
CA PHE L 149 -37.81 -22.57 1.66
C PHE L 149 -38.13 -23.56 2.77
N LEU L 150 -37.08 -24.11 3.36
CA LEU L 150 -37.21 -25.08 4.44
C LEU L 150 -37.90 -24.49 5.67
N ASP L 151 -37.63 -23.23 6.01
CA ASP L 151 -38.29 -22.64 7.16
C ASP L 151 -39.79 -22.65 6.93
N ASN L 152 -40.17 -22.40 5.68
CA ASN L 152 -41.57 -22.34 5.31
C ASN L 152 -42.24 -23.70 5.17
N GLN L 153 -41.61 -24.60 4.42
CA GLN L 153 -42.19 -25.92 4.16
C GLN L 153 -41.93 -27.02 5.17
N VAL L 154 -40.96 -26.84 6.06
CA VAL L 154 -40.68 -27.86 7.06
C VAL L 154 -41.15 -27.42 8.44
N ASN L 155 -40.86 -26.18 8.81
CA ASN L 155 -41.27 -25.66 10.11
C ASN L 155 -42.51 -24.78 10.00
N PHE L 156 -43.15 -24.82 8.83
CA PHE L 156 -44.37 -24.05 8.55
C PHE L 156 -44.36 -22.59 9.04
N LYS L 157 -43.21 -21.95 8.93
CA LYS L 157 -43.06 -20.56 9.33
C LYS L 157 -43.93 -19.65 8.47
N ASN L 158 -44.55 -18.66 9.09
CA ASN L 158 -45.42 -17.70 8.41
C ASN L 158 -46.73 -18.27 7.87
N GLN L 159 -47.00 -19.53 8.16
CA GLN L 159 -48.23 -20.18 7.71
C GLN L 159 -49.21 -20.32 8.87
N TYR L 160 -50.41 -19.77 8.72
CA TYR L 160 -51.44 -19.85 9.76
C TYR L 160 -52.67 -20.62 9.32
N GLU L 161 -53.55 -20.90 10.27
CA GLU L 161 -54.79 -21.61 10.00
C GLU L 161 -55.76 -20.73 9.23
N PRO L 162 -56.19 -21.19 8.04
CA PRO L 162 -57.14 -20.40 7.25
C PRO L 162 -58.35 -20.01 8.09
N GLY L 163 -58.69 -18.72 8.07
CA GLY L 163 -59.84 -18.26 8.82
C GLY L 163 -59.57 -17.85 10.24
N THR L 164 -58.40 -18.18 10.79
CA THR L 164 -58.09 -17.80 12.16
C THR L 164 -57.51 -16.40 12.29
N ASN L 165 -57.40 -15.70 11.16
CA ASN L 165 -56.86 -14.34 11.17
C ASN L 165 -55.40 -14.37 11.61
N GLY L 166 -54.70 -15.44 11.24
CA GLY L 166 -53.31 -15.57 11.63
C GLY L 166 -53.16 -15.60 13.15
N LYS L 167 -54.20 -16.10 13.82
CA LYS L 167 -54.18 -16.19 15.27
C LYS L 167 -53.84 -17.62 15.70
N VAL L 168 -53.91 -18.56 14.75
CA VAL L 168 -53.58 -19.96 15.03
C VAL L 168 -52.54 -20.43 14.04
N LYS L 169 -51.37 -20.83 14.55
CA LYS L 169 -50.29 -21.30 13.70
C LYS L 169 -50.60 -22.66 13.09
N LYS L 170 -50.14 -22.87 11.86
CA LYS L 170 -50.36 -24.16 11.22
C LYS L 170 -49.61 -25.20 12.04
N PRO L 171 -50.33 -26.21 12.55
CA PRO L 171 -49.75 -27.30 13.36
C PRO L 171 -48.55 -28.00 12.74
N LEU L 172 -47.51 -28.21 13.56
CA LEU L 172 -46.27 -28.85 13.12
C LEU L 172 -46.28 -30.36 12.94
N LYS L 173 -47.25 -30.90 12.20
CA LYS L 173 -47.31 -32.34 11.96
C LYS L 173 -45.99 -32.70 11.29
N TYR L 174 -45.33 -33.79 11.71
CA TYR L 174 -44.05 -34.12 11.09
C TYR L 174 -44.05 -35.06 9.88
N LEU L 175 -43.14 -34.75 8.98
CA LEU L 175 -42.95 -35.44 7.71
C LEU L 175 -42.30 -36.81 7.71
N SER L 176 -42.62 -37.55 6.67
CA SER L 176 -42.11 -38.90 6.47
C SER L 176 -40.91 -38.79 5.54
N VAL L 177 -40.14 -39.87 5.44
CA VAL L 177 -38.96 -39.87 4.59
C VAL L 177 -39.34 -39.58 3.13
N GLU L 178 -40.53 -40.00 2.72
CA GLU L 178 -40.97 -39.75 1.35
C GLU L 178 -41.23 -38.27 1.11
N GLU L 179 -41.88 -37.64 2.08
CA GLU L 179 -42.20 -36.22 1.96
C GLU L 179 -40.90 -35.40 2.02
N VAL L 180 -39.97 -35.82 2.89
CA VAL L 180 -38.70 -35.14 3.02
C VAL L 180 -37.90 -35.23 1.73
N ILE L 181 -37.84 -36.41 1.13
CA ILE L 181 -37.11 -36.58 -0.12
C ILE L 181 -37.63 -35.62 -1.19
N LYS L 182 -38.93 -35.35 -1.18
CA LYS L 182 -39.51 -34.44 -2.16
C LYS L 182 -39.03 -33.02 -1.95
N LEU L 183 -38.97 -32.59 -0.70
CA LEU L 183 -38.51 -31.24 -0.39
C LEU L 183 -37.04 -31.10 -0.80
N VAL L 184 -36.26 -32.15 -0.56
CA VAL L 184 -34.86 -32.15 -0.90
C VAL L 184 -34.69 -31.97 -2.42
N ARG L 185 -35.40 -32.78 -3.19
CA ARG L 185 -35.33 -32.72 -4.64
C ARG L 185 -35.81 -31.38 -5.20
N ASP L 186 -36.87 -30.84 -4.63
CA ASP L 186 -37.37 -29.55 -5.11
C ASP L 186 -36.39 -28.46 -4.70
N SER L 187 -35.73 -28.63 -3.56
CA SER L 187 -34.76 -27.65 -3.10
C SER L 187 -33.60 -27.57 -4.09
N PHE L 188 -33.13 -28.73 -4.53
CA PHE L 188 -32.02 -28.78 -5.45
C PHE L 188 -32.32 -28.42 -6.88
N THR L 189 -33.52 -28.71 -7.37
CA THR L 189 -33.85 -28.35 -8.74
C THR L 189 -34.04 -26.84 -8.78
N SER L 190 -34.55 -26.27 -7.70
CA SER L 190 -34.73 -24.83 -7.63
C SER L 190 -33.37 -24.17 -7.53
N ALA L 191 -32.49 -24.72 -6.69
CA ALA L 191 -31.15 -24.16 -6.54
C ALA L 191 -30.42 -24.25 -7.88
N THR L 192 -30.59 -25.37 -8.57
CA THR L 192 -29.94 -25.60 -9.86
C THR L 192 -30.36 -24.58 -10.94
N GLU L 193 -31.55 -24.01 -10.78
CA GLU L 193 -32.05 -23.03 -11.73
C GLU L 193 -31.43 -21.65 -11.55
N ARG L 194 -31.08 -21.30 -10.30
CA ARG L 194 -30.54 -19.97 -10.04
C ARG L 194 -29.10 -19.86 -9.60
N HIS L 195 -28.45 -20.99 -9.35
CA HIS L 195 -27.06 -20.94 -8.92
C HIS L 195 -26.19 -21.73 -9.88
N ILE L 196 -25.22 -21.06 -10.50
CA ILE L 196 -24.36 -21.73 -11.48
C ILE L 196 -23.46 -22.82 -10.94
N GLN L 197 -23.31 -22.90 -9.62
CA GLN L 197 -22.45 -23.95 -9.06
C GLN L 197 -23.20 -25.20 -8.63
N VAL L 198 -24.53 -25.19 -8.77
CA VAL L 198 -25.34 -26.33 -8.42
C VAL L 198 -25.87 -27.03 -9.67
N GLY L 199 -25.71 -28.36 -9.72
CA GLY L 199 -26.18 -29.12 -10.87
C GLY L 199 -25.59 -30.51 -11.04
N ASP L 200 -25.85 -31.09 -12.22
CA ASP L 200 -25.37 -32.41 -12.60
C ASP L 200 -26.04 -33.61 -11.93
N GLY L 201 -26.02 -33.65 -10.60
CA GLY L 201 -26.63 -34.77 -9.90
C GLY L 201 -26.87 -34.54 -8.43
N LEU L 202 -27.83 -35.25 -7.87
CA LEU L 202 -28.18 -35.15 -6.47
C LEU L 202 -28.09 -36.54 -5.84
N GLU L 203 -27.21 -36.70 -4.86
CA GLU L 203 -27.05 -37.98 -4.20
C GLU L 203 -27.49 -37.82 -2.76
N ILE L 204 -28.42 -38.67 -2.33
CA ILE L 204 -28.92 -38.60 -0.97
C ILE L 204 -28.62 -39.88 -0.19
N LEU L 205 -28.22 -39.70 1.06
CA LEU L 205 -27.93 -40.83 1.94
C LEU L 205 -28.97 -40.81 3.06
N ILE L 206 -29.72 -41.91 3.17
CA ILE L 206 -30.77 -42.02 4.19
C ILE L 206 -30.35 -42.91 5.36
N VAL L 207 -30.54 -42.40 6.57
CA VAL L 207 -30.18 -43.12 7.79
C VAL L 207 -31.40 -43.49 8.61
N THR L 208 -31.53 -44.78 8.90
CA THR L 208 -32.63 -45.33 9.72
C THR L 208 -32.01 -46.36 10.63
N LYS L 209 -32.83 -46.98 11.48
CA LYS L 209 -32.34 -48.00 12.40
C LYS L 209 -31.83 -49.20 11.61
N ASP L 210 -32.18 -49.29 10.33
CA ASP L 210 -31.73 -50.41 9.50
C ASP L 210 -30.44 -50.12 8.76
N GLY L 211 -29.88 -48.93 8.95
CA GLY L 211 -28.64 -48.60 8.27
C GLY L 211 -28.70 -47.41 7.34
N VAL L 212 -27.74 -47.36 6.42
CA VAL L 212 -27.64 -46.27 5.47
C VAL L 212 -27.96 -46.72 4.06
N ARG L 213 -28.88 -46.00 3.41
CA ARG L 213 -29.29 -46.30 2.03
C ARG L 213 -29.00 -45.06 1.16
N LYS L 214 -28.80 -45.27 -0.15
CA LYS L 214 -28.53 -44.16 -1.07
C LYS L 214 -29.50 -44.04 -2.24
N GLU L 215 -29.82 -42.80 -2.61
CA GLU L 215 -30.69 -42.52 -3.75
C GLU L 215 -29.98 -41.49 -4.62
N PHE L 216 -30.17 -41.57 -5.94
CA PHE L 216 -29.54 -40.63 -6.86
C PHE L 216 -30.49 -40.09 -7.91
N TYR L 217 -30.40 -38.80 -8.17
CA TYR L 217 -31.23 -38.15 -9.18
C TYR L 217 -30.40 -37.18 -10.00
N GLU L 218 -30.67 -37.12 -11.30
CA GLU L 218 -29.96 -36.23 -12.18
C GLU L 218 -30.43 -34.80 -11.97
N LEU L 219 -29.55 -33.85 -12.23
CA LEU L 219 -29.87 -32.43 -12.13
C LEU L 219 -29.40 -31.82 -13.45
N LYS L 220 -29.94 -30.66 -13.83
CA LYS L 220 -29.54 -30.04 -15.10
C LYS L 220 -28.03 -29.84 -15.15
N ARG L 221 -27.48 -30.07 -16.34
CA ARG L 221 -26.04 -29.99 -16.56
C ARG L 221 -25.48 -28.69 -17.13
N ASP L 222 -26.30 -27.65 -17.29
CA ASP L 222 -25.79 -26.40 -17.85
C ASP L 222 -25.11 -25.50 -16.80
N THR M 1 6.21 -20.82 0.30
CA THR M 1 5.53 -20.16 -0.84
C THR M 1 6.58 -19.85 -1.89
N GLN M 2 6.20 -20.07 -3.15
CA GLN M 2 7.10 -19.87 -4.23
C GLN M 2 6.39 -19.36 -5.48
N GLN M 3 7.07 -19.47 -6.61
CA GLN M 3 6.51 -19.06 -7.88
C GLN M 3 7.15 -19.95 -8.92
N PRO M 4 6.32 -20.52 -9.80
CA PRO M 4 6.79 -21.42 -10.87
C PRO M 4 7.72 -20.69 -11.85
N ILE M 5 8.77 -21.37 -12.30
CA ILE M 5 9.69 -20.73 -13.24
C ILE M 5 9.57 -21.43 -14.59
N VAL M 6 10.09 -22.64 -14.71
CA VAL M 6 9.99 -23.38 -15.96
C VAL M 6 8.68 -24.18 -15.88
N THR M 7 7.78 -23.98 -16.85
CA THR M 7 6.49 -24.67 -16.76
C THR M 7 6.03 -25.51 -17.95
N GLY M 8 5.21 -26.50 -17.65
CA GLY M 8 4.64 -27.35 -18.69
C GLY M 8 3.14 -27.03 -18.73
N THR M 9 2.57 -26.92 -19.92
CA THR M 9 1.15 -26.61 -20.03
C THR M 9 0.25 -27.85 -19.87
N SER M 10 -0.91 -27.83 -20.51
CA SER M 10 -1.91 -28.91 -20.41
C SER M 10 -1.51 -30.38 -20.40
N VAL M 11 -2.34 -31.17 -19.71
CA VAL M 11 -2.20 -32.62 -19.66
C VAL M 11 -3.66 -33.05 -19.84
N ILE M 12 -3.98 -33.72 -20.95
CA ILE M 12 -5.35 -34.16 -21.18
C ILE M 12 -5.46 -35.68 -21.17
N SER M 13 -6.62 -36.19 -20.79
CA SER M 13 -6.81 -37.63 -20.69
C SER M 13 -8.27 -38.03 -20.67
N MET M 14 -8.52 -39.32 -20.83
CA MET M 14 -9.89 -39.85 -20.81
C MET M 14 -9.82 -41.37 -20.74
N LYS M 15 -10.95 -41.98 -20.44
CA LYS M 15 -10.96 -43.43 -20.39
C LYS M 15 -11.91 -43.97 -21.45
N TYR M 16 -11.56 -45.12 -22.02
CA TYR M 16 -12.39 -45.78 -23.02
C TYR M 16 -12.79 -47.15 -22.46
N ASP M 17 -13.36 -48.01 -23.29
CA ASP M 17 -13.81 -49.32 -22.81
C ASP M 17 -12.78 -50.25 -22.16
N ASN M 18 -11.55 -50.24 -22.63
CA ASN M 18 -10.53 -51.13 -22.09
C ASN M 18 -9.39 -50.49 -21.32
N GLY M 19 -9.38 -49.17 -21.24
CA GLY M 19 -8.31 -48.50 -20.53
C GLY M 19 -8.43 -46.98 -20.47
N VAL M 20 -7.29 -46.32 -20.45
CA VAL M 20 -7.23 -44.88 -20.38
C VAL M 20 -6.15 -44.34 -21.30
N ILE M 21 -6.33 -43.09 -21.74
CA ILE M 21 -5.34 -42.46 -22.60
C ILE M 21 -4.94 -41.16 -21.92
N ILE M 22 -3.67 -40.78 -22.07
CA ILE M 22 -3.17 -39.56 -21.48
C ILE M 22 -2.08 -38.99 -22.39
N ALA M 23 -2.12 -37.68 -22.61
CA ALA M 23 -1.11 -37.03 -23.46
C ALA M 23 -0.66 -35.67 -22.92
N ALA M 24 0.51 -35.21 -23.37
CA ALA M 24 1.09 -33.94 -22.93
C ALA M 24 2.20 -33.52 -23.89
N ASP M 25 2.23 -32.25 -24.30
CA ASP M 25 3.27 -31.83 -25.22
C ASP M 25 4.64 -31.83 -24.56
N ASN M 26 5.69 -31.60 -25.35
CA ASN M 26 7.05 -31.67 -24.84
C ASN M 26 7.73 -30.35 -24.60
N LEU M 27 6.96 -29.36 -24.18
CA LEU M 27 7.52 -28.04 -23.96
C LEU M 27 7.75 -27.68 -22.50
N GLY M 28 8.79 -26.90 -22.27
CA GLY M 28 9.13 -26.41 -20.94
C GLY M 28 9.30 -24.93 -21.15
N SER M 29 8.27 -24.17 -20.82
CA SER M 29 8.29 -22.72 -20.99
C SER M 29 8.95 -21.97 -19.84
N TYR M 30 9.43 -20.77 -20.15
CA TYR M 30 10.08 -19.89 -19.20
C TYR M 30 9.37 -18.55 -19.44
N GLY M 31 8.20 -18.40 -18.85
CA GLY M 31 7.45 -17.18 -19.07
C GLY M 31 6.97 -17.25 -20.50
N SER M 32 7.17 -16.18 -21.26
CA SER M 32 6.75 -16.14 -22.66
C SER M 32 7.80 -16.77 -23.58
N LEU M 33 8.91 -17.23 -23.02
CA LEU M 33 9.97 -17.86 -23.81
C LEU M 33 9.75 -19.37 -23.87
N LEU M 34 9.64 -19.91 -25.08
CA LEU M 34 9.44 -21.35 -25.25
C LEU M 34 10.84 -21.96 -25.24
N ARG M 35 11.44 -21.98 -24.05
CA ARG M 35 12.81 -22.44 -23.83
C ARG M 35 13.27 -23.88 -24.09
N PHE M 36 12.56 -24.87 -23.57
CA PHE M 36 12.99 -26.26 -23.74
C PHE M 36 12.01 -27.11 -24.53
N ASN M 37 12.52 -27.88 -25.49
CA ASN M 37 11.64 -28.70 -26.29
C ASN M 37 11.71 -30.21 -26.19
N GLY M 38 12.63 -30.73 -25.40
CA GLY M 38 12.68 -32.18 -25.29
C GLY M 38 12.18 -32.66 -23.94
N VAL M 39 11.19 -31.97 -23.41
CA VAL M 39 10.67 -32.30 -22.10
C VAL M 39 9.56 -33.35 -22.08
N GLU M 40 9.80 -34.45 -21.38
CA GLU M 40 8.81 -35.52 -21.26
C GLU M 40 8.07 -35.28 -19.96
N ARG M 41 6.75 -35.05 -20.07
CA ARG M 41 5.90 -34.77 -18.91
C ARG M 41 4.97 -35.91 -18.56
N LEU M 42 5.17 -37.05 -19.21
CA LEU M 42 4.36 -38.23 -18.92
C LEU M 42 5.31 -39.21 -18.24
N ILE M 43 5.00 -39.57 -16.99
CA ILE M 43 5.86 -40.45 -16.22
C ILE M 43 5.27 -41.84 -16.03
N PRO M 44 5.87 -42.84 -16.69
CA PRO M 44 5.35 -44.19 -16.54
C PRO M 44 5.88 -44.78 -15.23
N VAL M 45 5.01 -45.47 -14.51
CA VAL M 45 5.40 -46.12 -13.27
C VAL M 45 4.98 -47.59 -13.38
N GLY M 46 5.97 -48.44 -13.59
CA GLY M 46 5.66 -49.85 -13.77
C GLY M 46 5.09 -50.00 -15.16
N ASP M 47 4.05 -50.81 -15.30
CA ASP M 47 3.45 -51.00 -16.62
C ASP M 47 1.92 -50.93 -16.56
N ASN M 48 1.40 -50.25 -15.56
CA ASN M 48 -0.05 -50.10 -15.40
C ASN M 48 -0.41 -48.67 -15.06
N THR M 49 0.60 -47.81 -14.97
CA THR M 49 0.36 -46.42 -14.59
C THR M 49 1.21 -45.40 -15.32
N VAL M 50 0.60 -44.26 -15.63
CA VAL M 50 1.31 -43.15 -16.25
C VAL M 50 0.88 -41.88 -15.51
N VAL M 51 1.85 -41.09 -15.07
CA VAL M 51 1.57 -39.87 -14.34
C VAL M 51 1.91 -38.66 -15.22
N GLY M 52 0.90 -37.87 -15.56
CA GLY M 52 1.10 -36.69 -16.39
C GLY M 52 1.16 -35.45 -15.51
N ILE M 53 2.21 -34.64 -15.69
CA ILE M 53 2.41 -33.46 -14.85
C ILE M 53 2.53 -32.12 -15.57
N SER M 54 1.82 -31.11 -15.07
CA SER M 54 1.90 -29.77 -15.62
C SER M 54 2.32 -28.87 -14.46
N GLY M 55 2.76 -27.66 -14.78
CA GLY M 55 3.20 -26.77 -13.73
C GLY M 55 4.71 -26.67 -13.71
N ASP M 56 5.25 -26.31 -12.55
CA ASP M 56 6.68 -26.15 -12.37
C ASP M 56 7.48 -27.40 -12.74
N ILE M 57 8.42 -27.25 -13.64
CA ILE M 57 9.22 -28.39 -14.07
C ILE M 57 10.24 -28.87 -13.05
N SER M 58 10.79 -27.97 -12.25
CA SER M 58 11.76 -28.42 -11.25
C SER M 58 11.04 -29.31 -10.25
N ASP M 59 9.78 -28.99 -9.94
CA ASP M 59 8.99 -29.79 -9.00
C ASP M 59 8.61 -31.13 -9.65
N MET M 60 8.40 -31.11 -10.97
CA MET M 60 8.05 -32.32 -11.71
C MET M 60 9.23 -33.30 -11.59
N GLN M 61 10.44 -32.77 -11.78
CA GLN M 61 11.63 -33.60 -11.71
C GLN M 61 11.75 -34.18 -10.32
N HIS M 62 11.31 -33.40 -9.33
CA HIS M 62 11.34 -33.84 -7.95
C HIS M 62 10.33 -34.98 -7.77
N ILE M 63 9.15 -34.83 -8.35
CA ILE M 63 8.12 -35.86 -8.25
C ILE M 63 8.58 -37.13 -8.96
N GLU M 64 9.33 -36.95 -10.04
CA GLU M 64 9.86 -38.06 -10.80
C GLU M 64 10.71 -38.92 -9.89
N ARG M 65 11.61 -38.26 -9.17
CA ARG M 65 12.51 -38.92 -8.26
C ARG M 65 11.69 -39.61 -7.17
N LEU M 66 10.64 -38.96 -6.69
CA LEU M 66 9.83 -39.58 -5.66
C LEU M 66 9.24 -40.87 -6.20
N LEU M 67 8.76 -40.83 -7.44
CA LEU M 67 8.17 -42.01 -8.06
C LEU M 67 9.16 -43.16 -8.24
N LYS M 68 10.37 -42.86 -8.67
CA LYS M 68 11.37 -43.92 -8.84
C LYS M 68 11.65 -44.58 -7.50
N ASP M 69 11.70 -43.78 -6.43
CA ASP M 69 11.95 -44.30 -5.10
C ASP M 69 10.82 -45.19 -4.63
N LEU M 70 9.59 -44.86 -5.01
CA LEU M 70 8.46 -45.68 -4.61
C LEU M 70 8.67 -47.08 -5.18
N VAL M 71 9.04 -47.15 -6.45
CA VAL M 71 9.28 -48.43 -7.11
C VAL M 71 10.39 -49.22 -6.44
N THR M 72 11.51 -48.56 -6.17
CA THR M 72 12.65 -49.19 -5.52
C THR M 72 12.24 -49.75 -4.17
N GLU M 73 11.61 -48.90 -3.36
CA GLU M 73 11.17 -49.26 -2.02
C GLU M 73 10.19 -50.42 -2.03
N ASN M 74 9.19 -50.34 -2.90
CA ASN M 74 8.17 -51.37 -2.96
C ASN M 74 8.76 -52.75 -3.24
N ALA M 75 9.91 -52.76 -3.90
CA ALA M 75 10.57 -54.02 -4.24
C ALA M 75 11.29 -54.62 -3.05
N TYR M 76 11.63 -53.79 -2.06
CA TYR M 76 12.33 -54.24 -0.86
C TYR M 76 11.57 -55.31 -0.07
N ASP M 77 12.22 -56.45 0.15
CA ASP M 77 11.63 -57.56 0.91
C ASP M 77 10.23 -57.88 0.39
N ASN M 78 10.04 -57.75 -0.91
CA ASN M 78 8.75 -58.00 -1.53
C ASN M 78 8.89 -59.01 -2.67
N PRO M 79 8.74 -60.30 -2.35
CA PRO M 79 8.85 -61.35 -3.37
C PRO M 79 7.75 -61.29 -4.43
N LEU M 80 6.73 -60.48 -4.16
CA LEU M 80 5.61 -60.32 -5.10
C LEU M 80 5.56 -58.94 -5.72
N ALA M 81 6.72 -58.27 -5.78
CA ALA M 81 6.86 -56.92 -6.33
C ALA M 81 6.44 -56.80 -7.79
N ASP M 82 6.49 -57.90 -8.51
CA ASP M 82 6.13 -57.91 -9.92
C ASP M 82 4.86 -58.73 -10.14
N ALA M 83 4.10 -58.92 -9.07
CA ALA M 83 2.87 -59.68 -9.14
C ALA M 83 1.79 -59.09 -8.25
N GLU M 84 1.31 -59.88 -7.29
CA GLU M 84 0.26 -59.43 -6.39
C GLU M 84 0.59 -58.19 -5.57
N GLU M 85 1.88 -57.93 -5.36
CA GLU M 85 2.26 -56.76 -4.58
C GLU M 85 3.03 -55.71 -5.38
N ALA M 86 2.64 -55.54 -6.63
CA ALA M 86 3.26 -54.52 -7.47
C ALA M 86 2.44 -53.25 -7.22
N LEU M 87 3.04 -52.10 -7.53
CA LEU M 87 2.37 -50.81 -7.34
C LEU M 87 1.11 -50.66 -8.19
N GLU M 88 -0.01 -50.38 -7.53
CA GLU M 88 -1.27 -50.16 -8.23
C GLU M 88 -1.39 -48.67 -8.57
N PRO M 89 -2.12 -48.34 -9.64
CA PRO M 89 -2.25 -46.91 -9.96
C PRO M 89 -2.86 -46.15 -8.79
N SER M 90 -3.81 -46.77 -8.09
CA SER M 90 -4.46 -46.11 -6.97
C SER M 90 -3.52 -45.86 -5.80
N TYR M 91 -2.48 -46.68 -5.64
CA TYR M 91 -1.54 -46.46 -4.54
C TYR M 91 -0.69 -45.24 -4.87
N ILE M 92 -0.25 -45.17 -6.11
CA ILE M 92 0.57 -44.08 -6.58
C ILE M 92 -0.13 -42.75 -6.40
N PHE M 93 -1.41 -42.72 -6.72
CA PHE M 93 -2.17 -41.50 -6.62
C PHE M 93 -2.37 -41.07 -5.17
N GLU M 94 -2.79 -42.02 -4.34
CA GLU M 94 -3.00 -41.70 -2.94
C GLU M 94 -1.72 -41.12 -2.32
N TYR M 95 -0.58 -41.65 -2.75
CA TYR M 95 0.69 -41.19 -2.24
C TYR M 95 0.91 -39.74 -2.65
N LEU M 96 0.82 -39.47 -3.95
CA LEU M 96 1.02 -38.11 -4.45
C LEU M 96 0.01 -37.13 -3.84
N ALA M 97 -1.25 -37.55 -3.73
CA ALA M 97 -2.28 -36.69 -3.16
C ALA M 97 -1.90 -36.32 -1.74
N THR M 98 -1.34 -37.28 -1.02
CA THR M 98 -0.93 -37.05 0.35
C THR M 98 0.19 -36.03 0.39
N VAL M 99 1.17 -36.19 -0.47
CA VAL M 99 2.29 -35.26 -0.50
C VAL M 99 1.84 -33.87 -0.92
N MET M 100 0.99 -33.79 -1.93
CA MET M 100 0.52 -32.48 -2.40
C MET M 100 -0.20 -31.73 -1.30
N TYR M 101 -1.10 -32.40 -0.58
CA TYR M 101 -1.82 -31.72 0.48
C TYR M 101 -0.92 -31.34 1.67
N GLN M 102 0.06 -32.18 1.99
CA GLN M 102 0.96 -31.89 3.08
C GLN M 102 1.79 -30.65 2.75
N ARG M 103 2.28 -30.59 1.51
CA ARG M 103 3.08 -29.47 1.07
C ARG M 103 2.30 -28.16 1.03
N ARG M 104 1.03 -28.21 0.62
CA ARG M 104 0.26 -26.97 0.61
C ARG M 104 -0.05 -26.58 2.04
N SER M 105 -0.17 -27.56 2.92
CA SER M 105 -0.46 -27.28 4.31
C SER M 105 0.72 -26.68 5.06
N LYS M 106 1.91 -26.81 4.50
CA LYS M 106 3.11 -26.24 5.11
C LYS M 106 3.42 -24.95 4.37
N MET M 107 2.50 -24.52 3.51
CA MET M 107 2.65 -23.30 2.75
C MET M 107 3.87 -23.31 1.83
N ASN M 108 4.25 -24.51 1.38
CA ASN M 108 5.40 -24.67 0.48
C ASN M 108 4.99 -25.76 -0.51
N PRO M 109 4.07 -25.43 -1.45
CA PRO M 109 3.59 -26.40 -2.44
C PRO M 109 4.50 -26.83 -3.59
N LEU M 110 4.10 -27.95 -4.19
CA LEU M 110 4.76 -28.47 -5.38
C LEU M 110 3.80 -27.87 -6.42
N TRP M 111 4.26 -26.84 -7.11
CA TRP M 111 3.45 -26.10 -8.06
C TRP M 111 3.04 -26.89 -9.30
N ASN M 112 2.20 -27.90 -9.11
CA ASN M 112 1.78 -28.74 -10.20
C ASN M 112 0.33 -29.12 -10.19
N ALA M 113 -0.10 -29.68 -11.32
CA ALA M 113 -1.44 -30.22 -11.54
C ALA M 113 -1.06 -31.57 -12.11
N ILE M 114 -1.59 -32.64 -11.50
CA ILE M 114 -1.25 -33.99 -11.90
C ILE M 114 -2.45 -34.89 -12.22
N ILE M 115 -2.29 -35.73 -13.23
CA ILE M 115 -3.33 -36.69 -13.58
C ILE M 115 -2.68 -38.06 -13.58
N VAL M 116 -3.25 -38.97 -12.78
CA VAL M 116 -2.71 -40.31 -12.71
C VAL M 116 -3.64 -41.20 -13.53
N ALA M 117 -3.08 -41.81 -14.57
CA ALA M 117 -3.87 -42.67 -15.44
C ALA M 117 -3.30 -44.08 -15.40
N GLY M 118 -4.20 -45.05 -15.33
CA GLY M 118 -3.76 -46.44 -15.29
C GLY M 118 -4.89 -47.43 -15.17
N VAL M 119 -4.52 -48.71 -15.07
CA VAL M 119 -5.48 -49.79 -14.95
C VAL M 119 -5.17 -50.59 -13.71
N GLN M 120 -6.18 -50.76 -12.86
CA GLN M 120 -6.03 -51.52 -11.63
C GLN M 120 -5.82 -53.00 -11.96
N SER M 121 -5.40 -53.78 -10.97
CA SER M 121 -5.16 -55.21 -11.18
C SER M 121 -6.42 -55.98 -11.57
N ASN M 122 -7.58 -55.52 -11.12
CA ASN M 122 -8.84 -56.18 -11.44
C ASN M 122 -9.36 -55.70 -12.79
N GLY M 123 -8.53 -54.94 -13.51
CA GLY M 123 -8.92 -54.45 -14.83
C GLY M 123 -9.57 -53.08 -14.88
N ASP M 124 -10.07 -52.60 -13.74
CA ASP M 124 -10.74 -51.29 -13.66
C ASP M 124 -9.87 -50.14 -14.16
N GLN M 125 -10.48 -49.18 -14.83
CA GLN M 125 -9.75 -48.01 -15.31
C GLN M 125 -9.56 -47.06 -14.13
N PHE M 126 -8.45 -46.35 -14.12
CA PHE M 126 -8.18 -45.40 -13.06
C PHE M 126 -7.75 -44.07 -13.64
N LEU M 127 -8.48 -43.03 -13.26
CA LEU M 127 -8.18 -41.69 -13.73
C LEU M 127 -8.57 -40.71 -12.62
N ARG M 128 -7.58 -40.07 -12.03
CA ARG M 128 -7.84 -39.10 -10.96
C ARG M 128 -6.81 -37.97 -11.00
N TYR M 129 -7.27 -36.79 -10.59
CA TYR M 129 -6.46 -35.57 -10.61
C TYR M 129 -6.14 -35.03 -9.23
N VAL M 130 -4.97 -34.41 -9.09
CA VAL M 130 -4.55 -33.78 -7.84
C VAL M 130 -3.67 -32.59 -8.20
N ASN M 131 -3.82 -31.47 -7.49
CA ASN M 131 -3.02 -30.29 -7.79
C ASN M 131 -2.30 -29.71 -6.57
N LEU M 132 -1.63 -28.58 -6.78
CA LEU M 132 -0.85 -27.93 -5.73
C LEU M 132 -1.62 -27.63 -4.44
N LEU M 133 -2.94 -27.58 -4.52
CA LEU M 133 -3.77 -27.31 -3.35
C LEU M 133 -4.19 -28.57 -2.62
N GLY M 134 -3.86 -29.73 -3.18
CA GLY M 134 -4.26 -30.98 -2.57
C GLY M 134 -5.66 -31.39 -3.00
N VAL M 135 -6.27 -30.60 -3.87
CA VAL M 135 -7.60 -30.90 -4.37
C VAL M 135 -7.57 -32.10 -5.32
N THR M 136 -8.56 -32.98 -5.21
CA THR M 136 -8.63 -34.17 -6.06
C THR M 136 -10.04 -34.43 -6.59
N TYR M 137 -10.11 -35.06 -7.75
CA TYR M 137 -11.37 -35.41 -8.36
C TYR M 137 -11.22 -36.35 -9.55
N SER M 138 -12.30 -37.06 -9.86
CA SER M 138 -12.34 -37.99 -10.99
C SER M 138 -13.49 -37.67 -11.92
N SER M 139 -13.30 -37.98 -13.20
CA SER M 139 -14.30 -37.77 -14.24
C SER M 139 -13.87 -38.63 -15.44
N PRO M 140 -14.81 -39.01 -16.32
CA PRO M 140 -14.47 -39.82 -17.49
C PRO M 140 -13.36 -39.15 -18.31
N THR M 141 -13.29 -37.83 -18.26
CA THR M 141 -12.24 -37.09 -18.95
C THR M 141 -11.62 -36.13 -17.92
N LEU M 142 -10.33 -35.85 -18.08
CA LEU M 142 -9.63 -34.96 -17.16
C LEU M 142 -8.56 -34.22 -17.94
N ALA M 143 -8.43 -32.93 -17.66
CA ALA M 143 -7.44 -32.10 -18.32
C ALA M 143 -7.02 -30.99 -17.37
N THR M 144 -5.79 -30.53 -17.48
CA THR M 144 -5.28 -29.45 -16.62
C THR M 144 -5.06 -28.18 -17.43
N GLY M 145 -5.00 -27.05 -16.73
CA GLY M 145 -4.76 -25.78 -17.39
C GLY M 145 -5.68 -25.53 -18.57
N PHE M 146 -5.08 -25.09 -19.68
CA PHE M 146 -5.83 -24.79 -20.89
C PHE M 146 -6.70 -25.94 -21.39
N GLY M 147 -6.19 -27.15 -21.27
CA GLY M 147 -6.93 -28.32 -21.71
C GLY M 147 -8.26 -28.49 -20.98
N ALA M 148 -8.36 -27.94 -19.78
CA ALA M 148 -9.60 -28.06 -19.03
C ALA M 148 -10.68 -27.28 -19.75
N HIS M 149 -10.29 -26.15 -20.33
CA HIS M 149 -11.23 -25.29 -21.02
C HIS M 149 -11.55 -25.70 -22.45
N MET M 150 -10.56 -26.23 -23.15
CA MET M 150 -10.77 -26.61 -24.54
C MET M 150 -10.82 -28.11 -24.83
N ALA M 151 -10.07 -28.90 -24.07
CA ALA M 151 -10.08 -30.34 -24.31
C ALA M 151 -11.30 -31.02 -23.72
N ASN M 152 -11.60 -30.75 -22.46
CA ASN M 152 -12.75 -31.39 -21.83
C ASN M 152 -14.04 -31.28 -22.65
N PRO M 153 -14.34 -30.09 -23.21
CA PRO M 153 -15.58 -29.99 -23.99
C PRO M 153 -15.60 -30.96 -25.19
N LEU M 154 -14.44 -31.13 -25.83
CA LEU M 154 -14.34 -32.04 -26.97
C LEU M 154 -14.39 -33.50 -26.54
N LEU M 155 -13.57 -33.86 -25.56
CA LEU M 155 -13.53 -35.24 -25.09
C LEU M 155 -14.86 -35.66 -24.46
N ARG M 156 -15.60 -34.70 -23.92
CA ARG M 156 -16.88 -35.01 -23.31
C ARG M 156 -17.97 -35.27 -24.35
N LYS M 157 -17.71 -34.88 -25.59
CA LYS M 157 -18.68 -35.11 -26.65
C LYS M 157 -18.59 -36.58 -27.04
N VAL M 158 -17.54 -37.24 -26.57
CA VAL M 158 -17.33 -38.67 -26.82
C VAL M 158 -17.84 -39.44 -25.61
N VAL M 159 -17.31 -39.11 -24.43
CA VAL M 159 -17.73 -39.76 -23.19
C VAL M 159 -18.33 -38.67 -22.30
N ASP M 160 -19.64 -38.48 -22.39
CA ASP M 160 -20.35 -37.46 -21.64
C ASP M 160 -20.76 -37.93 -20.25
N ARG M 161 -20.77 -39.24 -20.04
CA ARG M 161 -21.11 -39.79 -18.73
C ARG M 161 -20.55 -41.20 -18.63
N GLU M 162 -20.65 -41.81 -17.45
CA GLU M 162 -20.10 -43.13 -17.23
C GLU M 162 -20.48 -44.17 -18.29
N SER M 163 -21.78 -44.28 -18.57
CA SER M 163 -22.27 -45.26 -19.53
C SER M 163 -21.66 -45.18 -20.93
N ASP M 164 -21.00 -44.07 -21.25
CA ASP M 164 -20.38 -43.94 -22.56
C ASP M 164 -19.01 -44.61 -22.63
N ILE M 165 -18.45 -44.98 -21.48
CA ILE M 165 -17.14 -45.61 -21.43
C ILE M 165 -17.09 -46.93 -22.20
N PRO M 166 -17.96 -47.90 -21.83
CA PRO M 166 -17.97 -49.19 -22.52
C PRO M 166 -18.26 -49.09 -24.01
N LYS M 167 -18.83 -47.98 -24.45
CA LYS M 167 -19.14 -47.78 -25.86
C LYS M 167 -18.01 -47.07 -26.61
N THR M 168 -16.92 -46.75 -25.92
CA THR M 168 -15.83 -46.04 -26.59
C THR M 168 -14.59 -46.90 -26.84
N THR M 169 -14.15 -46.93 -28.11
CA THR M 169 -12.99 -47.72 -28.49
C THR M 169 -11.70 -46.91 -28.42
N VAL M 170 -10.58 -47.63 -28.40
CA VAL M 170 -9.26 -47.01 -28.33
C VAL M 170 -9.05 -46.09 -29.52
N GLN M 171 -9.57 -46.52 -30.67
CA GLN M 171 -9.45 -45.74 -31.90
C GLN M 171 -10.16 -44.41 -31.75
N VAL M 172 -11.44 -44.48 -31.39
CA VAL M 172 -12.25 -43.27 -31.18
C VAL M 172 -11.56 -42.36 -30.16
N ALA M 173 -11.28 -42.93 -28.98
CA ALA M 173 -10.64 -42.20 -27.91
C ALA M 173 -9.31 -41.55 -28.32
N GLU M 174 -8.41 -42.33 -28.89
CA GLU M 174 -7.12 -41.75 -29.30
C GLU M 174 -7.30 -40.65 -30.33
N GLU M 175 -8.34 -40.77 -31.12
CA GLU M 175 -8.61 -39.78 -32.16
C GLU M 175 -9.00 -38.46 -31.50
N ALA M 176 -9.87 -38.54 -30.49
CA ALA M 176 -10.33 -37.35 -29.78
C ALA M 176 -9.14 -36.63 -29.18
N ILE M 177 -8.34 -37.38 -28.42
CA ILE M 177 -7.17 -36.81 -27.78
C ILE M 177 -6.23 -36.15 -28.78
N VAL M 178 -5.97 -36.82 -29.90
CA VAL M 178 -5.07 -36.25 -30.90
C VAL M 178 -5.67 -34.98 -31.51
N ASN M 179 -6.99 -34.94 -31.65
CA ASN M 179 -7.63 -33.75 -32.20
C ASN M 179 -7.48 -32.61 -31.19
N ALA M 180 -7.76 -32.93 -29.92
CA ALA M 180 -7.67 -31.96 -28.83
C ALA M 180 -6.26 -31.35 -28.77
N MET M 181 -5.24 -32.19 -28.92
CA MET M 181 -3.87 -31.69 -28.90
C MET M 181 -3.67 -30.65 -29.99
N ARG M 182 -4.28 -30.86 -31.15
CA ARG M 182 -4.17 -29.91 -32.25
C ARG M 182 -4.87 -28.59 -31.89
N VAL M 183 -6.07 -28.70 -31.31
CA VAL M 183 -6.80 -27.49 -30.94
C VAL M 183 -5.96 -26.65 -29.96
N LEU M 184 -5.38 -27.31 -28.97
CA LEU M 184 -4.57 -26.63 -27.98
C LEU M 184 -3.39 -25.92 -28.65
N TYR M 185 -2.87 -26.51 -29.72
CA TYR M 185 -1.74 -25.89 -30.40
C TYR M 185 -2.19 -24.63 -31.15
N TYR M 186 -3.48 -24.58 -31.49
CA TYR M 186 -4.03 -23.42 -32.19
C TYR M 186 -4.25 -22.24 -31.25
N ARG M 187 -4.89 -22.50 -30.10
CA ARG M 187 -5.22 -21.41 -29.18
C ARG M 187 -4.40 -21.20 -27.91
N ASP M 188 -3.54 -22.16 -27.53
CA ASP M 188 -2.72 -22.02 -26.33
C ASP M 188 -1.35 -21.50 -26.72
N ALA M 189 -1.03 -20.28 -26.29
CA ALA M 189 0.24 -19.64 -26.63
C ALA M 189 1.46 -20.23 -25.95
N ARG M 190 1.26 -21.20 -25.07
CA ARG M 190 2.38 -21.84 -24.37
C ARG M 190 2.44 -23.33 -24.72
N SER M 191 1.93 -23.70 -25.89
CA SER M 191 1.93 -25.09 -26.31
C SER M 191 2.99 -25.38 -27.36
N SER M 192 3.18 -26.67 -27.63
CA SER M 192 4.16 -27.12 -28.60
C SER M 192 3.48 -28.10 -29.55
N ARG M 193 4.05 -28.24 -30.74
CA ARG M 193 3.49 -29.13 -31.75
C ARG M 193 3.85 -30.58 -31.43
N ASN M 194 4.96 -30.77 -30.74
CA ASN M 194 5.41 -32.11 -30.38
C ASN M 194 4.90 -32.54 -29.03
N PHE M 195 4.39 -33.78 -28.98
CA PHE M 195 3.84 -34.30 -27.75
C PHE M 195 4.01 -35.79 -27.62
N SER M 196 3.75 -36.29 -26.41
CA SER M 196 3.84 -37.71 -26.11
C SER M 196 2.44 -38.15 -25.74
N LEU M 197 2.12 -39.41 -26.03
CA LEU M 197 0.80 -39.94 -25.72
C LEU M 197 1.00 -41.34 -25.19
N ALA M 198 0.20 -41.75 -24.21
CA ALA M 198 0.34 -43.07 -23.65
C ALA M 198 -1.03 -43.72 -23.49
N ILE M 199 -1.07 -45.02 -23.78
CA ILE M 199 -2.29 -45.80 -23.65
C ILE M 199 -2.03 -46.91 -22.64
N ILE M 200 -3.00 -47.16 -21.79
CA ILE M 200 -2.88 -48.21 -20.79
C ILE M 200 -4.15 -49.02 -20.93
N ASP M 201 -4.00 -50.15 -21.61
CA ASP M 201 -5.09 -51.06 -21.91
C ASP M 201 -4.99 -52.33 -21.06
N LYS M 202 -6.11 -52.75 -20.50
CA LYS M 202 -6.12 -53.94 -19.66
C LYS M 202 -5.76 -55.21 -20.41
N ASN M 203 -5.65 -55.12 -21.73
CA ASN M 203 -5.29 -56.29 -22.53
C ASN M 203 -3.92 -56.11 -23.19
N THR M 204 -3.73 -54.99 -23.88
CA THR M 204 -2.47 -54.71 -24.56
C THR M 204 -1.39 -54.09 -23.68
N GLY M 205 -1.76 -53.74 -22.45
CA GLY M 205 -0.81 -53.14 -21.52
C GLY M 205 -0.51 -51.66 -21.74
N LEU M 206 0.71 -51.26 -21.43
CA LEU M 206 1.11 -49.87 -21.56
C LEU M 206 1.83 -49.60 -22.87
N THR M 207 1.26 -48.71 -23.68
CA THR M 207 1.85 -48.31 -24.95
C THR M 207 2.23 -46.84 -24.84
N PHE M 208 3.53 -46.55 -24.90
CA PHE M 208 4.01 -45.19 -24.79
C PHE M 208 4.53 -44.69 -26.13
N LYS M 209 3.85 -43.69 -26.70
CA LYS M 209 4.24 -43.12 -27.99
C LYS M 209 4.94 -41.77 -27.85
N LYS M 210 6.18 -41.69 -28.32
CA LYS M 210 6.95 -40.46 -28.26
C LYS M 210 7.10 -39.78 -29.63
N ASN M 211 7.42 -38.49 -29.61
CA ASN M 211 7.63 -37.70 -30.81
C ASN M 211 6.46 -37.54 -31.78
N LEU M 212 5.24 -37.52 -31.26
CA LEU M 212 4.07 -37.32 -32.11
C LEU M 212 4.04 -35.85 -32.49
N GLN M 213 3.29 -35.52 -33.53
CA GLN M 213 3.17 -34.15 -33.99
C GLN M 213 1.77 -33.79 -34.42
N VAL M 214 1.42 -32.52 -34.25
CA VAL M 214 0.12 -32.05 -34.68
C VAL M 214 0.22 -31.99 -36.19
N GLU M 215 -0.74 -32.64 -36.86
CA GLU M 215 -0.78 -32.66 -38.32
C GLU M 215 -2.17 -32.29 -38.79
N ASN M 216 -2.33 -32.17 -40.10
CA ASN M 216 -3.61 -31.84 -40.72
C ASN M 216 -4.20 -30.55 -40.18
N MET M 217 -3.41 -29.48 -40.21
CA MET M 217 -3.88 -28.19 -39.72
C MET M 217 -4.44 -27.32 -40.86
N LYS M 218 -5.48 -26.55 -40.53
CA LYS M 218 -6.09 -25.65 -41.49
C LYS M 218 -5.55 -24.23 -41.28
N TRP M 219 -4.85 -23.71 -42.29
CA TRP M 219 -4.30 -22.35 -42.23
C TRP M 219 -4.57 -21.58 -43.53
N ASP M 220 -4.83 -22.30 -44.62
CA ASP M 220 -5.08 -21.70 -45.93
C ASP M 220 -6.06 -20.51 -45.92
N PHE M 221 -7.17 -20.67 -45.20
CA PHE M 221 -8.16 -19.59 -45.12
C PHE M 221 -7.56 -18.27 -44.61
N ALA M 222 -6.33 -18.33 -44.10
CA ALA M 222 -5.67 -17.13 -43.59
C ALA M 222 -5.37 -16.15 -44.73
N LYS M 223 -5.09 -16.68 -45.92
CA LYS M 223 -4.76 -15.84 -47.07
C LYS M 223 -5.90 -14.90 -47.44
N ASP M 224 -7.13 -15.34 -47.16
CA ASP M 224 -8.33 -14.58 -47.46
C ASP M 224 -8.62 -13.46 -46.47
N ILE M 225 -7.96 -13.49 -45.32
CA ILE M 225 -8.18 -12.46 -44.30
C ILE M 225 -7.17 -11.34 -44.40
N LYS M 226 -7.64 -10.14 -44.72
CA LYS M 226 -6.78 -8.96 -44.80
C LYS M 226 -7.39 -7.81 -44.02
N GLY M 227 -6.54 -6.96 -43.45
CA GLY M 227 -7.02 -5.84 -42.66
C GLY M 227 -7.72 -6.27 -41.38
N TYR M 228 -8.40 -5.32 -40.74
CA TYR M 228 -9.11 -5.61 -39.51
C TYR M 228 -10.51 -5.01 -39.56
N GLY M 229 -10.99 -4.75 -40.78
CA GLY M 229 -12.32 -4.19 -40.95
C GLY M 229 -12.67 -3.68 -42.34
N THR M 230 -12.18 -2.50 -42.69
CA THR M 230 -12.49 -1.88 -43.99
C THR M 230 -11.44 -2.08 -45.08
N GLN M 231 -10.21 -2.45 -44.72
CA GLN M 231 -9.16 -2.66 -45.71
C GLN M 231 -9.55 -3.75 -46.71
N LYS M 232 -9.29 -3.48 -47.99
CA LYS M 232 -9.64 -4.43 -49.05
C LYS M 232 -8.49 -5.25 -49.62
N ILE M 233 -7.27 -4.73 -49.58
CA ILE M 233 -6.12 -5.46 -50.11
C ILE M 233 -5.19 -6.05 -49.03
N THR N 1 24.78 -10.26 -18.32
CA THR N 1 25.62 -11.45 -18.45
C THR N 1 25.26 -12.26 -19.67
N SER N 2 26.28 -12.85 -20.28
CA SER N 2 26.13 -13.73 -21.44
C SER N 2 27.11 -14.87 -21.24
N ILE N 3 26.57 -16.07 -21.11
CA ILE N 3 27.39 -17.25 -20.91
C ILE N 3 26.82 -18.40 -21.72
N MET N 4 27.69 -19.31 -22.16
CA MET N 4 27.23 -20.47 -22.93
C MET N 4 28.24 -21.60 -22.83
N ALA N 5 27.76 -22.80 -23.11
CA ALA N 5 28.61 -23.99 -23.10
C ALA N 5 28.22 -24.77 -24.35
N VAL N 6 29.23 -25.24 -25.10
CA VAL N 6 28.98 -25.98 -26.33
C VAL N 6 29.78 -27.29 -26.45
N THR N 7 29.07 -28.40 -26.63
CA THR N 7 29.75 -29.68 -26.80
C THR N 7 30.17 -29.80 -28.27
N PHE N 8 31.29 -30.45 -28.52
CA PHE N 8 31.74 -30.64 -29.89
C PHE N 8 32.49 -31.97 -29.98
N LYS N 9 32.99 -32.28 -31.17
CA LYS N 9 33.71 -33.53 -31.41
C LYS N 9 34.67 -33.97 -30.29
N ASP N 10 35.59 -33.10 -29.92
CA ASP N 10 36.61 -33.43 -28.91
C ASP N 10 36.28 -33.14 -27.45
N GLY N 11 35.07 -32.66 -27.18
CA GLY N 11 34.72 -32.37 -25.80
C GLY N 11 33.73 -31.23 -25.59
N VAL N 12 34.18 -30.13 -24.97
CA VAL N 12 33.27 -29.03 -24.74
C VAL N 12 33.97 -27.73 -24.41
N ILE N 13 33.34 -26.62 -24.79
CA ILE N 13 33.92 -25.31 -24.50
C ILE N 13 32.93 -24.40 -23.77
N LEU N 14 33.41 -23.70 -22.76
CA LEU N 14 32.59 -22.78 -21.99
C LEU N 14 33.02 -21.38 -22.37
N GLY N 15 32.08 -20.45 -22.45
CA GLY N 15 32.40 -19.08 -22.81
C GLY N 15 31.58 -18.08 -22.01
N ALA N 16 32.08 -16.85 -21.89
CA ALA N 16 31.37 -15.83 -21.12
C ALA N 16 31.93 -14.42 -21.27
N ASP N 17 31.11 -13.41 -21.03
CA ASP N 17 31.58 -12.03 -21.08
C ASP N 17 32.26 -11.82 -19.74
N SER N 18 32.78 -10.62 -19.49
CA SER N 18 33.48 -10.37 -18.23
C SER N 18 32.94 -9.16 -17.49
N ARG N 19 31.64 -8.91 -17.63
CA ARG N 19 31.03 -7.76 -16.99
C ARG N 19 30.19 -8.02 -15.74
N THR N 20 30.42 -7.24 -14.69
CA THR N 20 29.60 -7.33 -13.49
C THR N 20 29.13 -5.89 -13.26
N THR N 21 27.83 -5.72 -13.14
CA THR N 21 27.27 -4.40 -12.92
C THR N 21 26.57 -4.27 -11.59
N THR N 22 26.35 -3.02 -11.23
CA THR N 22 25.62 -2.62 -10.04
C THR N 22 24.85 -1.45 -10.67
N GLY N 23 23.71 -1.77 -11.26
CA GLY N 23 22.92 -0.76 -11.93
C GLY N 23 23.52 -0.57 -13.32
N ALA N 24 23.81 0.66 -13.68
CA ALA N 24 24.40 0.94 -14.98
C ALA N 24 25.92 1.07 -14.85
N TYR N 25 26.42 0.97 -13.63
CA TYR N 25 27.86 1.09 -13.41
C TYR N 25 28.53 -0.25 -13.56
N ILE N 26 29.70 -0.25 -14.22
CA ILE N 26 30.45 -1.48 -14.41
C ILE N 26 31.39 -1.62 -13.21
N ALA N 27 31.00 -2.46 -12.27
CA ALA N 27 31.80 -2.68 -11.07
C ALA N 27 33.11 -3.41 -11.40
N ASN N 28 33.03 -4.34 -12.33
CA ASN N 28 34.20 -5.09 -12.76
C ASN N 28 34.08 -5.38 -14.26
N ARG N 29 35.11 -5.02 -15.03
CA ARG N 29 35.07 -5.27 -16.47
C ARG N 29 35.94 -6.44 -16.91
N VAL N 30 36.60 -7.10 -15.96
CA VAL N 30 37.45 -8.23 -16.29
C VAL N 30 37.11 -9.43 -15.41
N THR N 31 35.82 -9.61 -15.15
CA THR N 31 35.33 -10.70 -14.32
C THR N 31 35.55 -12.05 -14.97
N ASP N 32 35.74 -13.08 -14.15
CA ASP N 32 35.91 -14.44 -14.65
C ASP N 32 34.69 -15.25 -14.20
N LYS N 33 33.73 -15.39 -15.10
CA LYS N 33 32.50 -16.11 -14.82
C LYS N 33 32.62 -17.60 -15.08
N LEU N 34 33.80 -18.03 -15.48
CA LEU N 34 34.04 -19.45 -15.74
C LEU N 34 34.76 -19.98 -14.50
N THR N 35 34.07 -20.83 -13.76
CA THR N 35 34.60 -21.35 -12.52
C THR N 35 34.80 -22.87 -12.48
N ARG N 36 35.94 -23.26 -11.95
CA ARG N 36 36.33 -24.66 -11.86
C ARG N 36 35.79 -25.33 -10.59
N VAL N 37 35.08 -26.44 -10.74
CA VAL N 37 34.57 -27.15 -9.57
C VAL N 37 35.32 -28.47 -9.44
N HIS N 38 35.98 -28.85 -10.52
CA HIS N 38 36.82 -30.05 -10.60
C HIS N 38 37.72 -29.91 -11.84
N ASP N 39 38.78 -30.70 -11.88
CA ASP N 39 39.74 -30.67 -12.98
C ASP N 39 39.10 -30.50 -14.35
N LYS N 40 38.11 -31.35 -14.66
CA LYS N 40 37.45 -31.23 -15.95
C LYS N 40 35.93 -31.07 -15.86
N ILE N 41 35.50 -30.28 -14.89
CA ILE N 41 34.09 -29.96 -14.70
C ILE N 41 34.08 -28.50 -14.29
N TRP N 42 33.59 -27.64 -15.17
CA TRP N 42 33.54 -26.21 -14.88
C TRP N 42 32.09 -25.73 -14.98
N CYS N 43 31.86 -24.46 -14.65
CA CYS N 43 30.51 -23.92 -14.75
C CYS N 43 30.54 -22.48 -15.20
N CYS N 44 29.41 -22.03 -15.74
CA CYS N 44 29.26 -20.65 -16.18
C CYS N 44 28.27 -20.09 -15.18
N ARG N 45 28.60 -18.94 -14.61
CA ARG N 45 27.74 -18.31 -13.63
C ARG N 45 27.00 -17.06 -14.12
N SER N 46 25.72 -16.98 -13.78
CA SER N 46 24.89 -15.83 -14.09
C SER N 46 23.91 -15.62 -12.93
N GLY N 47 23.43 -14.38 -12.79
CA GLY N 47 22.53 -14.05 -11.71
C GLY N 47 23.31 -13.30 -10.65
N SER N 48 23.17 -13.74 -9.42
CA SER N 48 23.88 -13.11 -8.31
C SER N 48 25.33 -13.60 -8.26
N ALA N 49 26.26 -12.65 -8.17
CA ALA N 49 27.66 -12.99 -8.08
C ALA N 49 27.89 -13.66 -6.73
N ALA N 50 27.32 -13.08 -5.68
CA ALA N 50 27.47 -13.65 -4.35
C ALA N 50 26.87 -15.06 -4.26
N ASP N 51 25.67 -15.26 -4.80
CA ASP N 51 25.05 -16.59 -4.75
C ASP N 51 25.80 -17.64 -5.56
N THR N 52 26.15 -17.31 -6.80
CA THR N 52 26.86 -18.28 -7.65
C THR N 52 28.24 -18.64 -7.11
N GLN N 53 28.93 -17.67 -6.51
CA GLN N 53 30.24 -17.92 -5.91
C GLN N 53 30.05 -18.90 -4.75
N ALA N 54 29.10 -18.59 -3.86
CA ALA N 54 28.82 -19.46 -2.72
C ALA N 54 28.42 -20.85 -3.20
N ILE N 55 27.57 -20.94 -4.22
CA ILE N 55 27.17 -22.25 -4.72
C ILE N 55 28.42 -23.01 -5.22
N ALA N 56 29.15 -22.40 -6.15
CA ALA N 56 30.34 -23.02 -6.72
C ALA N 56 31.30 -23.49 -5.64
N ASP N 57 31.62 -22.62 -4.69
CA ASP N 57 32.54 -22.97 -3.60
C ASP N 57 32.05 -24.23 -2.89
N ILE N 58 30.75 -24.34 -2.69
CA ILE N 58 30.23 -25.52 -2.01
C ILE N 58 30.31 -26.75 -2.89
N VAL N 59 30.01 -26.59 -4.18
CA VAL N 59 30.08 -27.72 -5.10
C VAL N 59 31.51 -28.24 -5.15
N GLN N 60 32.47 -27.34 -5.30
CA GLN N 60 33.87 -27.73 -5.37
C GLN N 60 34.23 -28.55 -4.12
N TYR N 61 33.76 -28.09 -2.97
CA TYR N 61 34.01 -28.79 -1.72
C TYR N 61 33.42 -30.21 -1.77
N HIS N 62 32.18 -30.32 -2.21
CA HIS N 62 31.52 -31.61 -2.31
C HIS N 62 32.21 -32.57 -3.28
N LEU N 63 32.66 -32.06 -4.41
CA LEU N 63 33.33 -32.90 -5.38
C LEU N 63 34.73 -33.28 -4.93
N GLU N 64 35.36 -32.45 -4.10
CA GLU N 64 36.69 -32.76 -3.57
C GLU N 64 36.57 -33.92 -2.58
N LEU N 65 35.55 -33.87 -1.73
CA LEU N 65 35.35 -34.96 -0.78
C LEU N 65 34.91 -36.21 -1.55
N TYR N 66 34.09 -36.04 -2.58
CA TYR N 66 33.63 -37.17 -3.39
C TYR N 66 34.83 -37.88 -4.01
N THR N 67 35.74 -37.09 -4.58
CA THR N 67 36.93 -37.63 -5.22
C THR N 67 37.80 -38.41 -4.24
N SER N 68 38.00 -37.87 -3.05
CA SER N 68 38.80 -38.53 -2.02
C SER N 68 38.23 -39.89 -1.65
N GLN N 69 36.91 -40.03 -1.75
CA GLN N 69 36.29 -41.29 -1.39
C GLN N 69 35.96 -42.24 -2.54
N TYR N 70 35.46 -41.71 -3.66
CA TYR N 70 35.06 -42.57 -4.77
C TYR N 70 35.68 -42.27 -6.11
N GLY N 71 36.73 -41.47 -6.13
CA GLY N 71 37.38 -41.14 -7.39
C GLY N 71 36.69 -40.01 -8.14
N THR N 72 37.16 -39.76 -9.35
CA THR N 72 36.61 -38.69 -10.18
C THR N 72 35.11 -38.80 -10.42
N PRO N 73 34.38 -37.70 -10.19
CA PRO N 73 32.93 -37.65 -10.38
C PRO N 73 32.54 -37.41 -11.83
N SER N 74 31.37 -37.91 -12.22
CA SER N 74 30.89 -37.71 -13.57
C SER N 74 30.36 -36.29 -13.65
N THR N 75 30.21 -35.77 -14.87
CA THR N 75 29.69 -34.43 -15.04
C THR N 75 28.24 -34.43 -14.57
N GLU N 76 27.55 -35.55 -14.79
CA GLU N 76 26.16 -35.66 -14.36
C GLU N 76 26.05 -35.51 -12.84
N THR N 77 27.01 -36.09 -12.12
CA THR N 77 27.03 -36.00 -10.67
C THR N 77 27.26 -34.56 -10.19
N ALA N 78 28.13 -33.84 -10.89
CA ALA N 78 28.41 -32.45 -10.53
C ALA N 78 27.14 -31.62 -10.72
N ALA N 79 26.44 -31.86 -11.83
CA ALA N 79 25.21 -31.13 -12.12
C ALA N 79 24.13 -31.47 -11.10
N SER N 80 24.24 -32.62 -10.48
CA SER N 80 23.27 -33.04 -9.48
C SER N 80 23.49 -32.28 -8.17
N VAL N 81 24.76 -32.02 -7.86
CA VAL N 81 25.07 -31.30 -6.64
C VAL N 81 24.63 -29.85 -6.77
N PHE N 82 24.89 -29.26 -7.95
CA PHE N 82 24.47 -27.89 -8.21
C PHE N 82 22.96 -27.85 -8.08
N LYS N 83 22.30 -28.79 -8.75
CA LYS N 83 20.85 -28.90 -8.73
C LYS N 83 20.27 -28.94 -7.34
N GLU N 84 20.81 -29.84 -6.52
CA GLU N 84 20.37 -30.00 -5.15
C GLU N 84 20.39 -28.66 -4.42
N LEU N 85 21.52 -27.97 -4.51
CA LEU N 85 21.68 -26.67 -3.86
C LEU N 85 20.71 -25.61 -4.41
N CYS N 86 20.56 -25.57 -5.74
CA CYS N 86 19.69 -24.58 -6.36
C CYS N 86 18.19 -24.84 -6.18
N TYR N 87 17.78 -26.10 -6.11
CA TYR N 87 16.38 -26.43 -5.96
C TYR N 87 15.87 -26.33 -4.52
N GLU N 88 16.66 -26.89 -3.61
CA GLU N 88 16.34 -26.90 -2.19
C GLU N 88 16.41 -25.50 -1.59
N ASN N 89 17.13 -24.58 -2.23
CA ASN N 89 17.24 -23.21 -1.71
C ASN N 89 16.72 -22.18 -2.71
N LYS N 90 15.82 -22.59 -3.59
CA LYS N 90 15.27 -21.71 -4.62
C LYS N 90 14.66 -20.39 -4.15
N ASP N 91 14.14 -20.36 -2.93
CA ASP N 91 13.53 -19.14 -2.39
C ASP N 91 14.56 -18.04 -2.08
N ASN N 92 15.79 -18.44 -1.80
CA ASN N 92 16.82 -17.48 -1.43
C ASN N 92 17.98 -17.36 -2.38
N LEU N 93 17.84 -17.91 -3.58
CA LEU N 93 18.93 -17.85 -4.54
C LEU N 93 18.49 -17.27 -5.86
N THR N 94 19.42 -16.62 -6.53
CA THR N 94 19.20 -16.07 -7.85
C THR N 94 20.44 -16.54 -8.60
N ALA N 95 20.35 -17.73 -9.16
CA ALA N 95 21.47 -18.33 -9.87
C ALA N 95 21.07 -19.08 -11.13
N GLY N 96 21.67 -18.67 -12.25
CA GLY N 96 21.44 -19.34 -13.52
C GLY N 96 22.80 -19.94 -13.81
N ILE N 97 22.93 -21.25 -13.67
CA ILE N 97 24.20 -21.92 -13.87
C ILE N 97 24.27 -22.98 -14.97
N ILE N 98 25.33 -22.91 -15.77
CA ILE N 98 25.54 -23.93 -16.81
C ILE N 98 26.76 -24.77 -16.38
N VAL N 99 26.56 -26.08 -16.27
CA VAL N 99 27.63 -27.00 -15.87
C VAL N 99 28.17 -27.72 -17.11
N ALA N 100 29.48 -27.71 -17.30
CA ALA N 100 30.11 -28.36 -18.46
C ALA N 100 31.35 -29.13 -18.04
N GLY N 101 31.44 -30.37 -18.48
CA GLY N 101 32.59 -31.18 -18.13
C GLY N 101 32.98 -32.18 -19.20
N TYR N 102 34.22 -32.63 -19.14
CA TYR N 102 34.74 -33.61 -20.08
C TYR N 102 35.04 -34.95 -19.41
N ASP N 103 34.43 -35.98 -19.97
CA ASP N 103 34.58 -37.33 -19.49
C ASP N 103 35.20 -38.12 -20.63
N ASP N 104 35.95 -39.16 -20.32
CA ASP N 104 36.58 -39.94 -21.37
C ASP N 104 35.58 -40.88 -22.01
N LYS N 105 34.67 -41.41 -21.20
CA LYS N 105 33.64 -42.32 -21.67
C LYS N 105 32.48 -41.53 -22.29
N ASN N 106 32.13 -40.40 -21.69
CA ASN N 106 31.02 -39.58 -22.16
C ASN N 106 31.41 -38.39 -23.03
N LYS N 107 32.71 -38.10 -23.08
CA LYS N 107 33.19 -36.97 -23.86
C LYS N 107 32.67 -35.69 -23.18
N GLY N 108 32.27 -34.70 -23.97
CA GLY N 108 31.77 -33.45 -23.40
C GLY N 108 30.28 -33.49 -23.08
N GLU N 109 29.89 -32.82 -21.98
CA GLU N 109 28.48 -32.76 -21.60
C GLU N 109 28.10 -31.40 -21.05
N VAL N 110 26.87 -30.98 -21.34
CA VAL N 110 26.39 -29.69 -20.86
C VAL N 110 25.04 -29.83 -20.17
N TYR N 111 24.96 -29.27 -18.97
CA TYR N 111 23.72 -29.29 -18.20
C TYR N 111 23.43 -27.85 -17.81
N THR N 112 22.21 -27.39 -18.07
CA THR N 112 21.85 -26.04 -17.69
C THR N 112 20.86 -26.13 -16.52
N ILE N 113 21.09 -25.29 -15.52
CA ILE N 113 20.25 -25.23 -14.33
C ILE N 113 19.75 -23.79 -14.18
N PRO N 114 18.52 -23.51 -14.65
CA PRO N 114 17.93 -22.17 -14.58
C PRO N 114 17.38 -21.86 -13.20
N LEU N 115 16.81 -20.68 -13.05
CA LEU N 115 16.25 -20.21 -11.78
C LEU N 115 15.50 -21.20 -10.89
N GLY N 116 14.58 -21.98 -11.41
CA GLY N 116 13.89 -22.87 -10.49
C GLY N 116 14.68 -24.01 -9.83
N GLY N 117 15.78 -24.42 -10.42
CA GLY N 117 16.53 -25.52 -9.87
C GLY N 117 16.33 -26.78 -10.68
N SER N 118 15.67 -26.65 -11.83
CA SER N 118 15.46 -27.79 -12.72
C SER N 118 16.78 -28.02 -13.48
N VAL N 119 16.97 -29.23 -14.01
CA VAL N 119 18.19 -29.53 -14.74
C VAL N 119 17.87 -29.93 -16.15
N HIS N 120 18.70 -29.50 -17.09
CA HIS N 120 18.46 -29.81 -18.49
C HIS N 120 19.76 -30.14 -19.20
N LYS N 121 19.87 -31.36 -19.73
CA LYS N 121 21.06 -31.79 -20.45
C LYS N 121 20.86 -31.41 -21.90
N LEU N 122 21.81 -30.67 -22.45
CA LEU N 122 21.68 -30.22 -23.83
C LEU N 122 22.99 -30.27 -24.60
N PRO N 123 22.91 -30.24 -25.96
CA PRO N 123 24.08 -30.28 -26.84
C PRO N 123 24.87 -29.01 -26.56
N TYR N 124 24.15 -27.93 -26.28
CA TYR N 124 24.75 -26.65 -25.94
C TYR N 124 23.70 -25.84 -25.18
N ALA N 125 24.14 -24.80 -24.50
CA ALA N 125 23.22 -23.96 -23.73
C ALA N 125 23.72 -22.54 -23.63
N ILE N 126 22.77 -21.61 -23.62
CA ILE N 126 23.09 -20.19 -23.47
C ILE N 126 22.26 -19.68 -22.31
N ALA N 127 22.77 -18.67 -21.60
CA ALA N 127 22.05 -18.11 -20.47
C ALA N 127 22.55 -16.71 -20.17
N GLY N 128 21.87 -16.02 -19.26
CA GLY N 128 22.26 -14.66 -18.94
C GLY N 128 21.36 -13.72 -19.72
N SER N 129 21.30 -12.46 -19.29
CA SER N 129 20.45 -11.49 -19.97
C SER N 129 20.78 -11.37 -21.46
N GLY N 130 22.08 -11.42 -21.79
CA GLY N 130 22.49 -11.29 -23.17
C GLY N 130 22.05 -12.43 -24.07
N SER N 131 21.76 -13.58 -23.49
CA SER N 131 21.37 -14.73 -24.28
C SER N 131 20.08 -14.56 -25.08
N THR N 132 19.16 -13.75 -24.57
CA THR N 132 17.88 -13.55 -25.25
C THR N 132 18.05 -13.09 -26.69
N PHE N 133 19.09 -12.29 -26.91
CA PHE N 133 19.37 -11.75 -28.22
C PHE N 133 20.00 -12.72 -29.21
N ILE N 134 20.49 -13.85 -28.73
CA ILE N 134 21.12 -14.79 -29.63
C ILE N 134 20.45 -16.14 -29.76
N TYR N 135 19.19 -16.25 -29.33
CA TYR N 135 18.47 -17.51 -29.45
C TYR N 135 18.34 -17.87 -30.92
N GLY N 136 17.93 -16.90 -31.74
CA GLY N 136 17.77 -17.15 -33.15
C GLY N 136 19.08 -17.49 -33.81
N TYR N 137 20.09 -16.66 -33.59
CA TYR N 137 21.41 -16.89 -34.17
C TYR N 137 21.97 -18.26 -33.84
N CYS N 138 22.01 -18.58 -32.54
CA CYS N 138 22.53 -19.86 -32.09
C CYS N 138 21.72 -21.05 -32.63
N ASP N 139 20.42 -20.92 -32.68
CA ASP N 139 19.61 -22.02 -33.18
C ASP N 139 19.88 -22.29 -34.64
N LYS N 140 20.23 -21.24 -35.38
CA LYS N 140 20.49 -21.39 -36.80
C LYS N 140 21.91 -21.87 -37.09
N ASN N 141 22.88 -21.38 -36.32
CA ASN N 141 24.26 -21.76 -36.55
C ASN N 141 24.87 -22.93 -35.78
N PHE N 142 24.13 -23.53 -34.85
CA PHE N 142 24.72 -24.65 -34.12
C PHE N 142 24.61 -25.94 -34.88
N ARG N 143 25.67 -26.75 -34.78
CA ARG N 143 25.74 -28.06 -35.41
C ARG N 143 26.46 -28.95 -34.42
N GLU N 144 26.07 -30.22 -34.36
CA GLU N 144 26.72 -31.14 -33.45
C GLU N 144 28.05 -31.64 -34.03
N ASN N 145 28.95 -32.08 -33.16
CA ASN N 145 30.24 -32.60 -33.59
C ASN N 145 31.16 -31.64 -34.33
N MET N 146 31.02 -30.34 -34.09
CA MET N 146 31.88 -29.36 -34.74
C MET N 146 33.32 -29.56 -34.27
N SER N 147 34.26 -28.94 -34.97
CA SER N 147 35.66 -29.03 -34.59
C SER N 147 35.98 -27.98 -33.54
N LYS N 148 37.14 -28.09 -32.91
CA LYS N 148 37.50 -27.11 -31.90
C LYS N 148 37.47 -25.71 -32.48
N GLU N 149 38.07 -25.54 -33.66
CA GLU N 149 38.12 -24.22 -34.30
C GLU N 149 36.73 -23.67 -34.61
N GLU N 150 35.84 -24.54 -35.09
CA GLU N 150 34.48 -24.16 -35.43
C GLU N 150 33.70 -23.75 -34.19
N THR N 151 33.83 -24.53 -33.12
CA THR N 151 33.14 -24.25 -31.87
C THR N 151 33.65 -22.94 -31.26
N VAL N 152 34.95 -22.70 -31.28
CA VAL N 152 35.49 -21.46 -30.75
C VAL N 152 34.88 -20.30 -31.54
N ASP N 153 34.65 -20.52 -32.83
CA ASP N 153 34.08 -19.49 -33.68
C ASP N 153 32.60 -19.25 -33.42
N PHE N 154 31.87 -20.33 -33.21
CA PHE N 154 30.45 -20.26 -32.91
C PHE N 154 30.26 -19.43 -31.62
N ILE N 155 30.98 -19.80 -30.58
CA ILE N 155 30.90 -19.10 -29.31
C ILE N 155 31.38 -17.66 -29.41
N LYS N 156 32.44 -17.41 -30.17
CA LYS N 156 32.95 -16.05 -30.29
C LYS N 156 31.95 -15.13 -31.01
N HIS N 157 31.29 -15.66 -32.03
CA HIS N 157 30.32 -14.88 -32.79
C HIS N 157 29.05 -14.67 -32.00
N SER N 158 28.60 -15.72 -31.32
CA SER N 158 27.37 -15.65 -30.51
C SER N 158 27.50 -14.61 -29.40
N LEU N 159 28.54 -14.76 -28.59
CA LEU N 159 28.74 -13.82 -27.50
C LEU N 159 29.00 -12.40 -27.96
N SER N 160 29.65 -12.22 -29.10
CA SER N 160 29.91 -10.87 -29.59
C SER N 160 28.56 -10.20 -29.89
N GLN N 161 27.60 -10.98 -30.34
CA GLN N 161 26.28 -10.44 -30.61
C GLN N 161 25.57 -10.11 -29.30
N ALA N 162 25.62 -11.05 -28.34
CA ALA N 162 25.02 -10.84 -27.02
C ALA N 162 25.61 -9.57 -26.42
N ILE N 163 26.93 -9.44 -26.46
CA ILE N 163 27.59 -8.28 -25.91
C ILE N 163 27.18 -6.99 -26.63
N LYS N 164 26.89 -7.11 -27.92
CA LYS N 164 26.53 -5.97 -28.75
C LYS N 164 25.19 -5.34 -28.39
N TRP N 165 24.21 -6.19 -28.16
CA TRP N 165 22.88 -5.69 -27.85
C TRP N 165 22.57 -5.54 -26.37
N ASP N 166 23.21 -6.34 -25.53
CA ASP N 166 22.99 -6.30 -24.10
C ASP N 166 23.94 -5.39 -23.32
N GLY N 167 23.37 -4.37 -22.67
CA GLY N 167 24.19 -3.45 -21.91
C GLY N 167 24.73 -4.09 -20.64
N SER N 168 24.18 -5.24 -20.29
CA SER N 168 24.63 -5.93 -19.08
C SER N 168 25.77 -6.89 -19.40
N SER N 169 26.19 -6.91 -20.66
CA SER N 169 27.27 -7.78 -21.09
C SER N 169 28.37 -6.94 -21.72
N GLY N 170 29.62 -7.38 -21.57
CA GLY N 170 30.73 -6.63 -22.13
C GLY N 170 32.10 -7.05 -21.66
N GLY N 171 33.11 -6.25 -22.01
CA GLY N 171 34.50 -6.51 -21.64
C GLY N 171 35.15 -7.45 -22.64
N VAL N 172 35.81 -8.50 -22.14
CA VAL N 172 36.45 -9.49 -22.98
C VAL N 172 35.62 -10.77 -23.02
N ILE N 173 35.88 -11.63 -23.99
CA ILE N 173 35.17 -12.91 -24.07
C ILE N 173 36.17 -13.95 -23.55
N ARG N 174 35.77 -14.73 -22.55
CA ARG N 174 36.65 -15.76 -22.01
C ARG N 174 36.10 -17.12 -22.41
N MET N 175 37.00 -18.07 -22.65
CA MET N 175 36.59 -19.42 -23.00
C MET N 175 37.47 -20.40 -22.27
N VAL N 176 36.92 -21.59 -22.04
CA VAL N 176 37.67 -22.65 -21.40
C VAL N 176 37.37 -23.89 -22.24
N VAL N 177 38.43 -24.53 -22.72
CA VAL N 177 38.30 -25.73 -23.55
C VAL N 177 38.60 -26.97 -22.73
N LEU N 178 37.65 -27.90 -22.74
CA LEU N 178 37.76 -29.15 -21.99
C LEU N 178 37.75 -30.35 -22.94
N THR N 179 38.89 -31.02 -23.02
CA THR N 179 39.06 -32.20 -23.88
C THR N 179 40.00 -33.18 -23.19
N ALA N 180 40.23 -34.34 -23.82
CA ALA N 180 41.13 -35.33 -23.25
C ALA N 180 42.53 -34.74 -23.13
N ALA N 181 42.86 -33.82 -24.02
CA ALA N 181 44.16 -33.17 -24.03
C ALA N 181 44.40 -32.29 -22.82
N GLY N 182 43.34 -31.91 -22.14
CA GLY N 182 43.52 -31.06 -20.97
C GLY N 182 42.58 -29.89 -20.88
N VAL N 183 43.09 -28.81 -20.28
CA VAL N 183 42.31 -27.61 -20.06
C VAL N 183 43.00 -26.42 -20.69
N GLU N 184 42.29 -25.71 -21.57
CA GLU N 184 42.87 -24.54 -22.21
C GLU N 184 42.05 -23.27 -21.97
N ARG N 185 42.74 -22.19 -21.62
CA ARG N 185 42.14 -20.89 -21.38
C ARG N 185 42.30 -19.98 -22.60
N LEU N 186 41.19 -19.41 -23.07
CA LEU N 186 41.21 -18.52 -24.22
C LEU N 186 40.60 -17.18 -23.82
N ILE N 187 41.09 -16.11 -24.44
CA ILE N 187 40.55 -14.78 -24.18
C ILE N 187 40.54 -14.01 -25.50
N PHE N 188 39.47 -13.27 -25.75
CA PHE N 188 39.34 -12.46 -26.96
C PHE N 188 38.96 -11.04 -26.58
N TYR N 189 39.71 -10.09 -27.12
CA TYR N 189 39.49 -8.68 -26.81
C TYR N 189 38.49 -7.98 -27.73
N PRO N 190 37.97 -6.83 -27.27
CA PRO N 190 36.99 -6.05 -28.03
C PRO N 190 37.43 -5.83 -29.48
N ASP N 191 38.58 -5.20 -29.67
CA ASP N 191 39.08 -4.92 -31.00
C ASP N 191 38.92 -6.09 -31.96
N GLU N 192 39.01 -7.31 -31.46
CA GLU N 192 38.84 -8.45 -32.33
C GLU N 192 37.38 -8.83 -32.58
N TYR N 193 36.67 -9.20 -31.50
CA TYR N 193 35.28 -9.64 -31.65
C TYR N 193 34.23 -8.58 -32.02
N GLU N 194 34.52 -7.30 -31.76
CA GLU N 194 33.55 -6.25 -32.10
C GLU N 194 33.38 -6.09 -33.61
N GLN N 195 34.44 -6.34 -34.36
CA GLN N 195 34.37 -6.20 -35.81
C GLN N 195 34.17 -7.53 -36.52
N LEU N 196 33.32 -8.39 -35.96
CA LEU N 196 33.04 -9.68 -36.58
C LEU N 196 31.76 -9.57 -37.38
N MET O 1 -15.26 37.64 -37.65
CA MET O 1 -16.18 36.49 -37.85
C MET O 1 -17.19 36.47 -36.70
N THR O 2 -17.56 35.25 -36.28
CA THR O 2 -18.51 35.05 -35.21
C THR O 2 -19.85 35.66 -35.53
N ASP O 3 -20.89 34.83 -35.61
CA ASP O 3 -22.23 35.30 -35.90
C ASP O 3 -22.54 36.38 -34.87
N ARG O 4 -22.64 37.63 -35.33
CA ARG O 4 -22.92 38.73 -34.42
C ARG O 4 -24.38 39.16 -34.53
N TYR O 5 -25.17 38.33 -35.23
CA TYR O 5 -26.59 38.58 -35.42
C TYR O 5 -27.35 37.85 -34.32
N SER O 6 -27.24 38.37 -33.10
CA SER O 6 -27.89 37.76 -31.95
C SER O 6 -29.25 38.39 -31.62
N PHE O 7 -29.78 39.18 -32.54
CA PHE O 7 -31.08 39.83 -32.35
C PHE O 7 -32.05 39.26 -33.36
N SER O 8 -33.34 39.35 -33.07
CA SER O 8 -34.37 38.80 -33.96
C SER O 8 -34.40 39.47 -35.33
N LEU O 9 -34.67 38.69 -36.38
CA LEU O 9 -34.78 39.23 -37.72
C LEU O 9 -36.27 39.33 -38.08
N THR O 10 -37.10 38.73 -37.24
CA THR O 10 -38.56 38.77 -37.36
C THR O 10 -39.03 39.58 -36.14
N THR O 11 -39.78 40.64 -36.36
CA THR O 11 -40.28 41.45 -35.25
C THR O 11 -41.69 41.95 -35.56
N PHE O 12 -42.36 42.51 -34.56
CA PHE O 12 -43.71 43.03 -34.75
C PHE O 12 -43.74 44.41 -35.42
N SER O 13 -44.65 44.59 -36.38
CA SER O 13 -44.80 45.88 -37.04
C SER O 13 -45.94 46.58 -36.31
N PRO O 14 -46.04 47.91 -36.44
CA PRO O 14 -47.10 48.68 -35.77
C PRO O 14 -48.51 48.09 -35.89
N SER O 15 -48.75 47.34 -36.96
CA SER O 15 -50.05 46.73 -37.17
C SER O 15 -50.22 45.40 -36.44
N GLY O 16 -49.11 44.86 -35.93
CA GLY O 16 -49.17 43.61 -35.20
C GLY O 16 -48.81 42.40 -36.06
N LYS O 17 -48.38 42.67 -37.29
CA LYS O 17 -47.97 41.61 -38.20
C LYS O 17 -46.51 41.26 -37.98
N LEU O 18 -46.16 40.02 -38.29
CA LEU O 18 -44.77 39.59 -38.22
C LEU O 18 -44.41 39.37 -39.67
N GLY O 19 -43.93 40.46 -40.30
CA GLY O 19 -43.56 40.45 -41.70
C GLY O 19 -42.90 39.22 -42.27
N GLN O 20 -41.79 38.80 -41.67
CA GLN O 20 -41.06 37.63 -42.16
C GLN O 20 -41.91 36.37 -42.24
N ILE O 21 -42.88 36.23 -41.34
CA ILE O 21 -43.76 35.06 -41.35
C ILE O 21 -44.70 35.18 -42.53
N ASP O 22 -45.23 36.38 -42.74
CA ASP O 22 -46.16 36.63 -43.84
C ASP O 22 -45.44 36.34 -45.16
N TYR O 23 -44.26 36.90 -45.32
CA TYR O 23 -43.49 36.70 -46.53
C TYR O 23 -43.18 35.22 -46.74
N ALA O 24 -42.83 34.53 -45.65
CA ALA O 24 -42.56 33.11 -45.76
C ALA O 24 -43.82 32.43 -46.31
N LEU O 25 -44.99 32.82 -45.80
CA LEU O 25 -46.25 32.23 -46.26
C LEU O 25 -46.44 32.52 -47.74
N THR O 26 -46.02 33.71 -48.17
CA THR O 26 -46.13 34.09 -49.58
C THR O 26 -45.28 33.13 -50.43
N ALA O 27 -44.09 32.77 -49.94
CA ALA O 27 -43.23 31.86 -50.66
C ALA O 27 -43.93 30.51 -50.77
N VAL O 28 -44.64 30.12 -49.71
CA VAL O 28 -45.34 28.85 -49.72
C VAL O 28 -46.43 28.85 -50.81
N LYS O 29 -47.11 29.99 -50.96
CA LYS O 29 -48.17 30.15 -51.96
C LYS O 29 -47.68 29.94 -53.39
N GLN O 30 -46.46 30.34 -53.68
CA GLN O 30 -45.89 30.18 -55.01
C GLN O 30 -45.46 28.74 -55.23
N GLY O 31 -45.36 27.98 -54.14
CA GLY O 31 -44.94 26.60 -54.25
C GLY O 31 -45.93 25.68 -54.93
N VAL O 32 -45.43 24.56 -55.44
CA VAL O 32 -46.27 23.59 -56.11
C VAL O 32 -47.29 23.00 -55.13
N THR O 33 -48.51 22.77 -55.61
CA THR O 33 -49.57 22.23 -54.78
C THR O 33 -49.27 20.86 -54.21
N SER O 34 -49.66 20.63 -52.96
CA SER O 34 -49.50 19.34 -52.31
C SER O 34 -50.74 19.19 -51.43
N LEU O 35 -51.14 17.96 -51.16
CA LEU O 35 -52.34 17.74 -50.37
C LEU O 35 -52.32 16.45 -49.56
N GLY O 36 -53.32 16.31 -48.70
CA GLY O 36 -53.44 15.12 -47.89
C GLY O 36 -54.90 14.79 -47.59
N ILE O 37 -55.23 13.51 -47.60
CA ILE O 37 -56.60 13.09 -47.31
C ILE O 37 -56.58 11.91 -46.35
N LYS O 38 -57.39 12.02 -45.31
CA LYS O 38 -57.48 10.97 -44.32
C LYS O 38 -58.67 10.05 -44.64
N ALA O 39 -58.41 8.74 -44.66
CA ALA O 39 -59.46 7.76 -44.91
C ALA O 39 -59.71 7.08 -43.56
N THR O 40 -60.58 6.08 -43.52
CA THR O 40 -60.88 5.38 -42.27
C THR O 40 -59.78 4.40 -41.92
N ASN O 41 -59.08 3.91 -42.92
CA ASN O 41 -58.02 2.94 -42.68
C ASN O 41 -56.70 3.35 -43.33
N GLY O 42 -56.46 4.66 -43.42
CA GLY O 42 -55.22 5.13 -44.01
C GLY O 42 -55.22 6.62 -44.26
N VAL O 43 -54.08 7.13 -44.73
CA VAL O 43 -53.95 8.54 -45.05
C VAL O 43 -53.09 8.60 -46.30
N VAL O 44 -53.38 9.57 -47.16
CA VAL O 44 -52.61 9.72 -48.38
C VAL O 44 -52.11 11.15 -48.51
N ILE O 45 -50.87 11.29 -48.98
CA ILE O 45 -50.30 12.61 -49.20
C ILE O 45 -49.70 12.54 -50.59
N ALA O 46 -49.88 13.61 -51.35
CA ALA O 46 -49.38 13.63 -52.71
C ALA O 46 -49.00 15.04 -53.12
N THR O 47 -48.20 15.11 -54.19
CA THR O 47 -47.76 16.38 -54.74
C THR O 47 -47.27 16.13 -56.15
N GLU O 48 -46.99 17.21 -56.87
CA GLU O 48 -46.50 17.11 -58.23
C GLU O 48 -44.98 17.19 -58.25
N LYS O 49 -44.34 16.34 -59.05
CA LYS O 49 -42.88 16.38 -59.19
C LYS O 49 -42.54 17.32 -60.34
N LYS O 50 -42.54 18.61 -60.02
CA LYS O 50 -42.25 19.67 -61.00
C LYS O 50 -40.80 19.65 -61.47
N SER O 51 -40.46 18.69 -62.32
CA SER O 51 -39.10 18.56 -62.85
C SER O 51 -38.61 19.89 -63.45
N SER O 52 -37.52 20.42 -62.90
CA SER O 52 -36.96 21.69 -63.36
C SER O 52 -36.21 21.64 -64.70
N SER O 53 -36.18 20.47 -65.31
CA SER O 53 -35.52 20.25 -66.60
C SER O 53 -35.67 18.79 -66.97
N PRO O 54 -35.86 18.50 -68.26
CA PRO O 54 -36.01 17.10 -68.69
C PRO O 54 -34.73 16.28 -68.51
N LEU O 55 -33.61 16.96 -68.34
CA LEU O 55 -32.33 16.26 -68.15
C LEU O 55 -32.20 15.82 -66.69
N ALA O 56 -32.95 16.46 -65.82
CA ALA O 56 -32.94 16.13 -64.40
C ALA O 56 -33.65 14.82 -64.19
N MET O 57 -33.15 14.01 -63.26
CA MET O 57 -33.76 12.74 -62.96
C MET O 57 -34.66 12.96 -61.75
N SER O 58 -35.94 13.12 -62.03
CA SER O 58 -36.94 13.40 -61.00
C SER O 58 -36.98 12.41 -59.82
N GLU O 59 -36.62 11.16 -60.05
CA GLU O 59 -36.64 10.17 -58.98
C GLU O 59 -35.65 10.54 -57.87
N THR O 60 -34.48 11.04 -58.27
CA THR O 60 -33.43 11.44 -57.34
C THR O 60 -33.86 12.62 -56.48
N LEU O 61 -35.16 12.90 -56.46
CA LEU O 61 -35.65 14.02 -55.67
C LEU O 61 -37.03 13.67 -55.15
N SER O 62 -37.08 13.23 -53.90
CA SER O 62 -38.35 12.87 -53.29
C SER O 62 -38.93 14.01 -52.47
N LYS O 63 -40.13 14.45 -52.85
CA LYS O 63 -40.79 15.51 -52.13
C LYS O 63 -41.57 14.87 -50.97
N VAL O 64 -41.85 13.58 -51.09
CA VAL O 64 -42.55 12.84 -50.05
C VAL O 64 -41.51 12.06 -49.28
N SER O 65 -41.30 12.43 -48.01
CA SER O 65 -40.29 11.78 -47.18
C SER O 65 -40.79 11.00 -45.98
N LEU O 66 -40.15 9.87 -45.73
CA LEU O 66 -40.49 9.04 -44.58
C LEU O 66 -39.76 9.64 -43.39
N LEU O 67 -40.48 9.92 -42.30
CA LEU O 67 -39.86 10.47 -41.09
C LEU O 67 -39.63 9.34 -40.08
N THR O 68 -40.66 8.52 -39.87
CA THR O 68 -40.56 7.35 -38.99
C THR O 68 -41.24 6.27 -39.82
N PRO O 69 -41.15 5.01 -39.40
CA PRO O 69 -41.82 4.01 -40.23
C PRO O 69 -43.36 4.09 -40.31
N ASP O 70 -43.96 4.99 -39.52
CA ASP O 70 -45.42 5.17 -39.56
C ASP O 70 -45.77 6.63 -39.81
N ILE O 71 -44.79 7.44 -40.22
CA ILE O 71 -45.05 8.85 -40.49
C ILE O 71 -44.29 9.35 -41.72
N GLY O 72 -44.97 10.13 -42.56
CA GLY O 72 -44.35 10.67 -43.75
C GLY O 72 -44.71 12.15 -43.88
N ALA O 73 -43.97 12.86 -44.70
CA ALA O 73 -44.22 14.27 -44.88
C ALA O 73 -44.13 14.71 -46.33
N VAL O 74 -44.77 15.82 -46.64
CA VAL O 74 -44.77 16.40 -47.97
C VAL O 74 -44.82 17.90 -47.70
N TYR O 75 -44.60 18.72 -48.71
CA TYR O 75 -44.59 20.15 -48.48
C TYR O 75 -44.89 21.01 -49.71
N SER O 76 -44.79 22.32 -49.50
CA SER O 76 -45.00 23.32 -50.53
C SER O 76 -44.19 24.54 -50.10
N GLY O 77 -43.41 25.07 -51.02
CA GLY O 77 -42.57 26.22 -50.72
C GLY O 77 -41.15 25.95 -51.13
N MET O 78 -40.20 26.29 -50.27
CA MET O 78 -38.78 26.10 -50.56
C MET O 78 -38.22 24.72 -50.25
N GLY O 79 -38.01 23.94 -51.31
CA GLY O 79 -37.49 22.60 -51.17
C GLY O 79 -36.24 22.48 -50.29
N PRO O 80 -35.23 23.35 -50.46
CA PRO O 80 -34.04 23.22 -49.61
C PRO O 80 -34.39 23.31 -48.14
N ASP O 81 -35.27 24.25 -47.78
CA ASP O 81 -35.69 24.41 -46.38
C ASP O 81 -36.38 23.13 -45.89
N TYR O 82 -37.16 22.51 -46.76
CA TYR O 82 -37.86 21.27 -46.42
C TYR O 82 -36.85 20.16 -46.18
N ARG O 83 -35.89 20.05 -47.09
CA ARG O 83 -34.89 19.00 -46.99
C ARG O 83 -34.19 19.02 -45.62
N VAL O 84 -33.73 20.19 -45.17
CA VAL O 84 -33.06 20.22 -43.88
C VAL O 84 -34.06 19.93 -42.75
N LEU O 85 -35.30 20.39 -42.91
CA LEU O 85 -36.31 20.15 -41.90
C LEU O 85 -36.57 18.65 -41.74
N VAL O 86 -36.47 17.91 -42.84
CA VAL O 86 -36.67 16.46 -42.79
C VAL O 86 -35.51 15.80 -42.05
N ASP O 87 -34.29 16.27 -42.30
CA ASP O 87 -33.13 15.72 -41.62
C ASP O 87 -33.31 15.94 -40.12
N LYS O 88 -33.73 17.14 -39.74
CA LYS O 88 -33.92 17.46 -38.33
C LYS O 88 -35.07 16.69 -37.71
N SER O 89 -36.14 16.48 -38.47
CA SER O 89 -37.29 15.76 -37.94
C SER O 89 -36.96 14.31 -37.71
N ARG O 90 -36.23 13.71 -38.64
CA ARG O 90 -35.85 12.32 -38.48
C ARG O 90 -34.97 12.17 -37.24
N LYS O 91 -34.12 13.16 -37.00
CA LYS O 91 -33.21 13.09 -35.86
C LYS O 91 -33.89 13.29 -34.52
N VAL O 92 -34.79 14.27 -34.44
CA VAL O 92 -35.46 14.56 -33.17
C VAL O 92 -36.36 13.40 -32.76
N ALA O 93 -36.89 12.68 -33.75
CA ALA O 93 -37.76 11.54 -33.47
C ALA O 93 -36.96 10.51 -32.67
N HIS O 94 -35.65 10.51 -32.87
CA HIS O 94 -34.76 9.61 -32.15
C HIS O 94 -34.28 10.21 -30.84
N THR O 95 -33.52 11.29 -30.93
CA THR O 95 -32.97 11.94 -29.74
C THR O 95 -33.99 12.33 -28.68
N SER O 96 -35.17 12.76 -29.10
CA SER O 96 -36.19 13.18 -28.14
C SER O 96 -37.31 12.19 -27.86
N TYR O 97 -37.21 10.99 -28.41
CA TYR O 97 -38.26 10.03 -28.18
C TYR O 97 -37.83 8.57 -28.23
N LYS O 98 -37.35 8.11 -29.38
CA LYS O 98 -36.97 6.71 -29.46
C LYS O 98 -35.84 6.35 -28.50
N ARG O 99 -34.89 7.24 -28.29
CA ARG O 99 -33.78 6.94 -27.39
C ARG O 99 -34.22 7.00 -25.92
N ILE O 100 -35.39 7.58 -25.68
CA ILE O 100 -35.90 7.68 -24.32
C ILE O 100 -36.89 6.56 -24.00
N TYR O 101 -37.88 6.38 -24.87
CA TYR O 101 -38.94 5.38 -24.66
C TYR O 101 -38.82 4.11 -25.46
N GLY O 102 -37.84 4.01 -26.34
CA GLY O 102 -37.70 2.79 -27.10
C GLY O 102 -38.79 2.53 -28.12
N GLU O 103 -39.52 3.57 -28.50
CA GLU O 103 -40.55 3.41 -29.49
C GLU O 103 -40.61 4.73 -30.25
N TYR O 104 -41.16 4.71 -31.47
CA TYR O 104 -41.25 5.93 -32.28
C TYR O 104 -42.31 6.84 -31.73
N PRO O 105 -42.13 8.16 -31.89
CA PRO O 105 -43.10 9.12 -31.39
C PRO O 105 -44.43 9.06 -32.12
N PRO O 106 -45.52 9.45 -31.43
CA PRO O 106 -46.83 9.44 -32.07
C PRO O 106 -46.86 10.68 -32.97
N THR O 107 -47.61 10.62 -34.07
CA THR O 107 -47.69 11.72 -35.02
C THR O 107 -47.79 13.15 -34.45
N LYS O 108 -48.71 13.35 -33.51
CA LYS O 108 -48.88 14.68 -32.93
C LYS O 108 -47.63 15.22 -32.22
N LEU O 109 -46.90 14.34 -31.53
CA LEU O 109 -45.71 14.80 -30.83
C LEU O 109 -44.55 15.15 -31.75
N LEU O 110 -44.34 14.33 -32.78
CA LEU O 110 -43.26 14.62 -33.73
C LEU O 110 -43.61 15.91 -34.43
N VAL O 111 -44.90 16.08 -34.74
CA VAL O 111 -45.36 17.31 -35.41
C VAL O 111 -45.04 18.50 -34.50
N SER O 112 -45.22 18.29 -33.22
CA SER O 112 -44.98 19.30 -32.20
C SER O 112 -43.48 19.66 -32.17
N GLU O 113 -42.63 18.67 -32.37
CA GLU O 113 -41.19 18.89 -32.38
C GLU O 113 -40.83 19.74 -33.59
N VAL O 114 -41.29 19.28 -34.76
CA VAL O 114 -41.03 20.00 -36.01
C VAL O 114 -41.48 21.45 -35.86
N ALA O 115 -42.70 21.62 -35.39
CA ALA O 115 -43.31 22.93 -35.19
C ALA O 115 -42.44 23.84 -34.31
N LYS O 116 -41.88 23.26 -33.26
CA LYS O 116 -41.02 24.01 -32.36
C LYS O 116 -39.78 24.51 -33.12
N ILE O 117 -39.17 23.62 -33.89
CA ILE O 117 -38.00 23.99 -34.67
C ILE O 117 -38.34 25.18 -35.57
N MET O 118 -39.50 25.15 -36.18
CA MET O 118 -39.94 26.23 -37.04
C MET O 118 -40.25 27.50 -36.27
N GLN O 119 -40.84 27.36 -35.09
CA GLN O 119 -41.16 28.52 -34.27
C GLN O 119 -39.87 29.26 -33.91
N GLU O 120 -38.85 28.51 -33.55
CA GLU O 120 -37.57 29.10 -33.17
C GLU O 120 -36.93 29.96 -34.26
N ALA O 121 -37.12 29.59 -35.52
CA ALA O 121 -36.55 30.35 -36.64
C ALA O 121 -37.34 31.64 -36.84
N THR O 122 -38.35 31.82 -36.01
CA THR O 122 -39.23 32.97 -36.04
C THR O 122 -38.83 33.97 -34.94
N GLN O 123 -37.99 33.52 -34.03
CA GLN O 123 -37.61 34.36 -32.89
C GLN O 123 -36.11 34.35 -32.56
N SER O 124 -35.43 33.21 -32.74
CA SER O 124 -34.00 33.14 -32.45
C SER O 124 -33.24 34.21 -33.20
N GLY O 125 -32.05 34.55 -32.69
CA GLY O 125 -31.28 35.60 -33.32
C GLY O 125 -30.64 35.20 -34.65
N GLY O 126 -30.58 36.17 -35.56
CA GLY O 126 -29.93 35.97 -36.85
C GLY O 126 -30.47 35.00 -37.88
N VAL O 127 -31.73 34.59 -37.77
CA VAL O 127 -32.29 33.67 -38.77
C VAL O 127 -33.58 34.20 -39.36
N ARG O 128 -34.04 33.57 -40.42
CA ARG O 128 -35.28 33.92 -41.10
C ARG O 128 -36.17 32.70 -40.93
N PRO O 129 -37.50 32.86 -40.99
CA PRO O 129 -38.37 31.70 -40.83
C PRO O 129 -38.19 30.72 -41.99
N PHE O 130 -38.65 29.49 -41.83
CA PHE O 130 -38.56 28.52 -42.90
C PHE O 130 -39.63 28.89 -43.90
N GLY O 131 -39.30 28.86 -45.18
CA GLY O 131 -40.28 29.20 -46.20
C GLY O 131 -41.04 27.97 -46.69
N VAL O 132 -41.61 27.22 -45.76
CA VAL O 132 -42.37 26.04 -46.15
C VAL O 132 -43.55 25.76 -45.24
N SER O 133 -44.46 24.94 -45.76
CA SER O 133 -45.63 24.48 -45.03
C SER O 133 -45.54 22.98 -45.24
N LEU O 134 -45.71 22.22 -44.17
CA LEU O 134 -45.63 20.78 -44.30
C LEU O 134 -46.98 20.15 -44.02
N LEU O 135 -47.14 18.93 -44.52
CA LEU O 135 -48.34 18.14 -44.27
C LEU O 135 -47.74 16.84 -43.82
N ILE O 136 -47.96 16.48 -42.56
CA ILE O 136 -47.45 15.23 -42.01
C ILE O 136 -48.59 14.24 -41.77
N ALA O 137 -48.43 13.05 -42.29
CA ALA O 137 -49.45 12.02 -42.12
C ALA O 137 -48.80 10.84 -41.41
N GLY O 138 -49.48 10.34 -40.39
CA GLY O 138 -48.93 9.22 -39.66
C GLY O 138 -49.97 8.38 -38.94
N HIS O 139 -49.46 7.41 -38.19
CA HIS O 139 -50.30 6.51 -37.43
C HIS O 139 -49.58 6.02 -36.19
N ASP O 140 -50.30 5.96 -35.08
CA ASP O 140 -49.74 5.46 -33.84
C ASP O 140 -50.87 4.75 -33.11
N GLU O 141 -50.52 3.69 -32.40
CA GLU O 141 -51.47 2.86 -31.69
C GLU O 141 -52.61 3.54 -30.93
N PHE O 142 -52.30 4.57 -30.15
CA PHE O 142 -53.35 5.20 -29.37
C PHE O 142 -54.07 6.39 -30.01
N ASN O 143 -53.63 6.81 -31.18
CA ASN O 143 -54.28 7.94 -31.85
C ASN O 143 -54.82 7.58 -33.22
N GLY O 144 -54.45 6.39 -33.71
CA GLY O 144 -54.90 5.96 -35.02
C GLY O 144 -54.24 6.78 -36.13
N PHE O 145 -54.97 7.04 -37.21
CA PHE O 145 -54.42 7.81 -38.30
C PHE O 145 -54.63 9.29 -38.08
N SER O 146 -53.71 10.10 -38.57
CA SER O 146 -53.85 11.53 -38.42
C SER O 146 -53.15 12.27 -39.55
N LEU O 147 -53.52 13.54 -39.74
CA LEU O 147 -52.95 14.39 -40.78
C LEU O 147 -52.79 15.79 -40.18
N TYR O 148 -51.59 16.36 -40.30
CA TYR O 148 -51.33 17.69 -39.75
C TYR O 148 -50.70 18.64 -40.75
N GLN O 149 -50.90 19.93 -40.54
CA GLN O 149 -50.31 20.96 -41.37
C GLN O 149 -49.46 21.81 -40.43
N VAL O 150 -48.23 22.13 -40.85
CA VAL O 150 -47.34 22.96 -40.03
C VAL O 150 -46.93 24.15 -40.89
N ASP O 151 -47.21 25.35 -40.39
CA ASP O 151 -46.87 26.56 -41.14
C ASP O 151 -45.59 27.21 -40.63
N PRO O 152 -45.04 28.16 -41.43
CA PRO O 152 -43.81 28.88 -41.12
C PRO O 152 -43.75 29.48 -39.72
N SER O 153 -44.92 29.78 -39.14
CA SER O 153 -44.95 30.36 -37.81
C SER O 153 -44.70 29.30 -36.75
N GLY O 154 -44.93 28.04 -37.14
CA GLY O 154 -44.75 26.94 -36.22
C GLY O 154 -46.12 26.43 -35.77
N SER O 155 -47.17 27.09 -36.21
CA SER O 155 -48.52 26.67 -35.85
C SER O 155 -48.87 25.44 -36.65
N TYR O 156 -49.64 24.54 -36.05
CA TYR O 156 -50.04 23.35 -36.77
C TYR O 156 -51.49 23.03 -36.40
N PHE O 157 -52.19 22.32 -37.30
CA PHE O 157 -53.57 21.95 -37.08
C PHE O 157 -53.87 20.63 -37.76
N PRO O 158 -54.78 19.83 -37.17
CA PRO O 158 -55.17 18.53 -37.71
C PRO O 158 -56.23 18.71 -38.79
N TRP O 159 -56.17 17.88 -39.82
CA TRP O 159 -57.14 17.95 -40.92
C TRP O 159 -57.75 16.60 -41.27
N LYS O 160 -58.89 16.66 -41.94
CA LYS O 160 -59.56 15.47 -42.42
C LYS O 160 -59.01 15.36 -43.84
N ALA O 161 -58.77 16.53 -44.42
CA ALA O 161 -58.23 16.67 -45.77
C ALA O 161 -57.87 18.14 -45.99
N THR O 162 -56.85 18.41 -46.79
CA THR O 162 -56.47 19.78 -47.09
C THR O 162 -55.39 19.85 -48.17
N ALA O 163 -55.10 21.07 -48.61
CA ALA O 163 -54.10 21.28 -49.64
C ALA O 163 -53.36 22.57 -49.34
N ILE O 164 -52.14 22.68 -49.85
CA ILE O 164 -51.34 23.87 -49.64
C ILE O 164 -50.62 24.21 -50.93
N GLY O 165 -50.11 25.43 -51.02
CA GLY O 165 -49.41 25.85 -52.22
C GLY O 165 -50.28 26.51 -53.26
N LYS O 166 -49.72 26.67 -54.45
CA LYS O 166 -50.37 27.29 -55.62
C LYS O 166 -51.90 27.28 -55.66
N GLY O 167 -52.50 26.14 -55.95
CA GLY O 167 -53.95 26.08 -56.06
C GLY O 167 -54.65 25.47 -54.86
N SER O 168 -54.22 25.84 -53.67
CA SER O 168 -54.81 25.31 -52.45
C SER O 168 -56.29 25.68 -52.32
N VAL O 169 -56.60 26.96 -52.58
CA VAL O 169 -57.98 27.43 -52.48
C VAL O 169 -58.93 26.55 -53.28
N ALA O 170 -58.61 26.36 -54.55
CA ALA O 170 -59.43 25.54 -55.43
C ALA O 170 -59.47 24.10 -54.93
N ALA O 171 -58.29 23.54 -54.70
CA ALA O 171 -58.16 22.16 -54.25
C ALA O 171 -58.91 21.90 -52.94
N LYS O 172 -58.83 22.83 -52.00
CA LYS O 172 -59.55 22.64 -50.74
C LYS O 172 -61.05 22.54 -51.04
N THR O 173 -61.54 23.46 -51.87
CA THR O 173 -62.95 23.48 -52.24
C THR O 173 -63.34 22.15 -52.87
N PHE O 174 -62.49 21.62 -53.74
CA PHE O 174 -62.82 20.35 -54.38
C PHE O 174 -62.81 19.18 -53.40
N LEU O 175 -61.97 19.26 -52.37
CA LEU O 175 -61.90 18.20 -51.38
C LEU O 175 -63.12 18.20 -50.47
N GLU O 176 -63.61 19.38 -50.11
CA GLU O 176 -64.77 19.49 -49.24
C GLU O 176 -66.01 18.83 -49.85
N LYS O 177 -66.06 18.81 -51.18
CA LYS O 177 -67.18 18.22 -51.89
C LYS O 177 -67.15 16.70 -51.90
N ARG O 178 -65.95 16.13 -51.98
CA ARG O 178 -65.81 14.68 -52.05
C ARG O 178 -65.50 13.94 -50.74
N TRP O 179 -65.20 14.68 -49.67
CA TRP O 179 -64.84 14.03 -48.41
C TRP O 179 -65.99 13.68 -47.47
N ASN O 180 -65.90 12.50 -46.88
CA ASN O 180 -66.88 12.01 -45.91
C ASN O 180 -66.13 11.08 -44.97
N ASP O 181 -66.67 10.89 -43.76
CA ASP O 181 -66.02 10.05 -42.78
C ASP O 181 -66.15 8.54 -42.99
N GLU O 182 -66.35 8.11 -44.23
CA GLU O 182 -66.48 6.69 -44.52
C GLU O 182 -65.60 6.25 -45.69
N LEU O 183 -64.77 7.16 -46.18
CA LEU O 183 -63.86 6.86 -47.28
C LEU O 183 -62.86 5.77 -46.89
N GLU O 184 -62.63 4.84 -47.80
CA GLU O 184 -61.68 3.75 -47.58
C GLU O 184 -60.39 4.33 -48.18
N LEU O 185 -59.22 3.74 -47.88
CA LEU O 185 -57.97 4.29 -48.40
C LEU O 185 -57.93 4.45 -49.93
N GLU O 186 -58.38 3.44 -50.66
CA GLU O 186 -58.40 3.50 -52.12
C GLU O 186 -59.25 4.65 -52.64
N ASP O 187 -60.35 4.94 -51.94
CA ASP O 187 -61.23 6.04 -52.32
C ASP O 187 -60.45 7.34 -52.18
N ALA O 188 -59.77 7.49 -51.05
CA ALA O 188 -58.97 8.69 -50.79
C ALA O 188 -57.87 8.86 -51.84
N ILE O 189 -57.24 7.76 -52.23
CA ILE O 189 -56.18 7.86 -53.22
C ILE O 189 -56.77 8.40 -54.52
N HIS O 190 -57.89 7.81 -54.91
CA HIS O 190 -58.61 8.22 -56.12
C HIS O 190 -58.94 9.71 -56.03
N ILE O 191 -59.53 10.12 -54.92
CA ILE O 191 -59.87 11.53 -54.73
C ILE O 191 -58.64 12.41 -54.81
N ALA O 192 -57.52 11.88 -54.31
CA ALA O 192 -56.27 12.63 -54.32
C ALA O 192 -55.82 12.87 -55.75
N LEU O 193 -55.88 11.83 -56.57
CA LEU O 193 -55.49 11.93 -57.97
C LEU O 193 -56.35 12.93 -58.73
N LEU O 194 -57.65 12.93 -58.46
CA LEU O 194 -58.57 13.85 -59.12
C LEU O 194 -58.27 15.30 -58.72
N THR O 195 -58.03 15.51 -57.43
CA THR O 195 -57.73 16.85 -56.94
C THR O 195 -56.43 17.37 -57.51
N LEU O 196 -55.46 16.47 -57.61
CA LEU O 196 -54.15 16.85 -58.10
C LEU O 196 -54.14 17.14 -59.60
N LYS O 197 -55.05 16.51 -60.34
CA LYS O 197 -55.12 16.71 -61.78
C LYS O 197 -55.47 18.15 -62.14
N GLU O 198 -56.33 18.78 -61.34
CA GLU O 198 -56.72 20.16 -61.61
C GLU O 198 -55.58 21.14 -61.42
N SER O 199 -54.57 20.75 -60.64
CA SER O 199 -53.43 21.61 -60.36
C SER O 199 -52.25 21.39 -61.30
N VAL O 200 -52.29 20.31 -62.08
CA VAL O 200 -51.20 20.01 -62.99
C VAL O 200 -51.44 20.55 -64.40
N GLU O 201 -50.44 21.27 -64.92
CA GLU O 201 -50.51 21.86 -66.25
C GLU O 201 -50.21 20.85 -67.35
N GLY O 202 -49.03 20.24 -67.29
CA GLY O 202 -48.63 19.29 -68.32
C GLY O 202 -48.95 17.83 -68.08
N GLU O 203 -47.96 16.97 -68.31
CA GLU O 203 -48.12 15.53 -68.15
C GLU O 203 -48.56 15.14 -66.75
N PHE O 204 -49.49 14.20 -66.68
CA PHE O 204 -50.02 13.73 -65.40
C PHE O 204 -49.96 12.22 -65.34
N ASN O 205 -48.83 11.69 -64.86
CA ASN O 205 -48.65 10.24 -64.76
C ASN O 205 -47.81 9.86 -63.53
N GLY O 206 -47.49 8.57 -63.42
CA GLY O 206 -46.72 8.10 -62.29
C GLY O 206 -45.27 8.57 -62.24
N ASP O 207 -44.87 9.39 -63.21
CA ASP O 207 -43.50 9.90 -63.25
C ASP O 207 -43.46 11.38 -62.93
N THR O 208 -44.62 12.01 -62.94
CA THR O 208 -44.73 13.44 -62.66
C THR O 208 -45.46 13.70 -61.35
N ILE O 209 -46.03 12.64 -60.79
CA ILE O 209 -46.74 12.72 -59.52
C ILE O 209 -46.03 11.85 -58.50
N GLU O 210 -46.03 12.30 -57.26
CA GLU O 210 -45.41 11.55 -56.18
C GLU O 210 -46.51 11.32 -55.13
N LEU O 211 -46.66 10.07 -54.70
CA LEU O 211 -47.72 9.78 -53.74
C LEU O 211 -47.33 8.67 -52.75
N ALA O 212 -47.70 8.88 -51.49
CA ALA O 212 -47.40 7.91 -50.44
C ALA O 212 -48.60 7.77 -49.51
N ILE O 213 -48.65 6.66 -48.78
CA ILE O 213 -49.76 6.44 -47.87
C ILE O 213 -49.27 5.94 -46.51
N ILE O 214 -50.14 6.06 -45.52
CA ILE O 214 -49.88 5.54 -44.19
C ILE O 214 -51.07 4.59 -44.11
N GLY O 215 -50.81 3.29 -44.19
CA GLY O 215 -51.89 2.32 -44.16
C GLY O 215 -51.59 1.12 -43.28
N ASP O 216 -51.78 -0.08 -43.83
CA ASP O 216 -51.51 -1.29 -43.07
C ASP O 216 -50.01 -1.52 -42.95
N GLU O 217 -49.65 -2.45 -42.07
CA GLU O 217 -48.26 -2.78 -41.86
C GLU O 217 -47.76 -3.64 -43.02
N ASN O 218 -46.60 -3.28 -43.55
CA ASN O 218 -45.98 -3.99 -44.66
C ASN O 218 -44.88 -4.90 -44.12
N PRO O 219 -45.25 -6.11 -43.67
CA PRO O 219 -44.26 -7.05 -43.12
C PRO O 219 -43.20 -7.41 -44.14
N ASP O 220 -43.50 -7.14 -45.41
CA ASP O 220 -42.58 -7.44 -46.49
C ASP O 220 -41.50 -6.36 -46.62
N LEU O 221 -41.74 -5.20 -46.01
CA LEU O 221 -40.79 -4.09 -46.07
C LEU O 221 -39.94 -3.99 -44.82
N LEU O 222 -40.11 -4.94 -43.91
CA LEU O 222 -39.38 -4.95 -42.65
C LEU O 222 -37.90 -5.27 -42.81
N GLY O 223 -37.60 -6.35 -43.54
CA GLY O 223 -36.22 -6.72 -43.76
C GLY O 223 -35.77 -7.92 -42.92
N TYR O 224 -36.62 -8.34 -41.99
CA TYR O 224 -36.29 -9.47 -41.13
C TYR O 224 -37.55 -10.10 -40.55
N THR O 225 -37.41 -11.32 -40.04
CA THR O 225 -38.52 -12.04 -39.44
C THR O 225 -38.03 -12.64 -38.14
N GLY O 226 -38.95 -12.96 -37.23
CA GLY O 226 -38.55 -13.54 -35.96
C GLY O 226 -39.08 -12.86 -34.73
N ILE O 227 -39.63 -11.66 -34.89
CA ILE O 227 -40.19 -10.92 -33.76
C ILE O 227 -41.64 -10.59 -34.03
N PRO O 228 -42.57 -11.39 -33.48
CA PRO O 228 -44.02 -11.22 -33.64
C PRO O 228 -44.54 -9.78 -33.51
N THR O 229 -44.00 -9.03 -32.55
CA THR O 229 -44.43 -7.67 -32.33
C THR O 229 -43.98 -6.65 -33.39
N ASP O 230 -43.06 -7.04 -34.27
CA ASP O 230 -42.59 -6.16 -35.32
C ASP O 230 -43.23 -6.60 -36.64
N LYS O 231 -44.26 -5.90 -37.07
CA LYS O 231 -44.98 -6.27 -38.29
C LYS O 231 -44.67 -5.50 -39.59
N GLY O 232 -43.84 -4.44 -39.49
CA GLY O 232 -43.51 -3.69 -40.69
C GLY O 232 -44.02 -2.26 -40.69
N PRO O 233 -43.45 -1.39 -41.52
CA PRO O 233 -43.84 0.02 -41.62
C PRO O 233 -45.22 0.24 -42.24
N ARG O 234 -45.91 1.28 -41.80
CA ARG O 234 -47.22 1.60 -42.35
C ARG O 234 -47.08 2.60 -43.49
N PHE O 235 -45.92 3.26 -43.53
CA PHE O 235 -45.63 4.24 -44.56
C PHE O 235 -45.18 3.54 -45.82
N ARG O 236 -45.76 3.90 -46.95
CA ARG O 236 -45.34 3.31 -48.21
C ARG O 236 -45.52 4.27 -49.35
N LYS O 237 -44.44 4.48 -50.10
CA LYS O 237 -44.47 5.36 -51.25
C LYS O 237 -45.00 4.52 -52.40
N LEU O 238 -45.94 5.05 -53.17
CA LEU O 238 -46.46 4.28 -54.30
C LEU O 238 -45.46 4.33 -55.46
N THR O 239 -45.47 3.29 -56.27
CA THR O 239 -44.57 3.23 -57.42
C THR O 239 -45.22 3.91 -58.61
N SER O 240 -44.39 4.34 -59.54
CA SER O 240 -44.88 5.00 -60.75
C SER O 240 -45.97 4.12 -61.37
N GLN O 241 -45.69 2.83 -61.47
CA GLN O 241 -46.63 1.86 -62.03
C GLN O 241 -47.93 1.78 -61.24
N GLU O 242 -47.84 1.75 -59.91
CA GLU O 242 -49.04 1.65 -59.08
C GLU O 242 -49.92 2.88 -59.31
N ILE O 243 -49.28 4.00 -59.59
CA ILE O 243 -50.02 5.24 -59.84
C ILE O 243 -50.76 5.16 -61.17
N ASN O 244 -50.04 4.79 -62.22
CA ASN O 244 -50.66 4.68 -63.53
C ASN O 244 -51.84 3.74 -63.53
N ASP O 245 -51.70 2.60 -62.86
CA ASP O 245 -52.80 1.64 -62.79
C ASP O 245 -54.07 2.33 -62.31
N ARG O 246 -53.94 3.20 -61.32
CA ARG O 246 -55.07 3.90 -60.77
C ARG O 246 -55.52 5.08 -61.60
N LEU O 247 -54.66 5.56 -62.50
CA LEU O 247 -55.00 6.69 -63.35
C LEU O 247 -55.93 6.28 -64.48
N GLU O 248 -55.93 4.99 -64.81
CA GLU O 248 -56.78 4.48 -65.87
C GLU O 248 -58.22 4.37 -65.37
N ALA O 249 -58.38 4.29 -64.06
CA ALA O 249 -59.70 4.21 -63.45
C ALA O 249 -60.09 5.61 -62.99
N LEU O 250 -59.44 6.61 -63.58
CA LEU O 250 -59.67 8.02 -63.25
C LEU O 250 -61.03 8.52 -63.77
N GLY P 1 -21.01 46.67 -40.30
CA GLY P 1 -21.31 45.66 -39.24
C GLY P 1 -22.74 45.15 -39.25
N SER P 2 -23.12 44.47 -38.18
CA SER P 2 -24.48 43.93 -38.04
C SER P 2 -25.47 44.96 -37.50
N ARG P 3 -24.97 45.87 -36.67
CA ARG P 3 -25.79 46.91 -36.06
C ARG P 3 -26.83 47.48 -37.02
N ARG P 4 -26.43 47.59 -38.28
CA ARG P 4 -27.29 48.14 -39.33
C ARG P 4 -28.65 47.45 -39.43
N TYR P 5 -28.68 46.14 -39.21
CA TYR P 5 -29.93 45.39 -39.33
C TYR P 5 -30.64 45.08 -38.01
N ASP P 6 -30.16 45.67 -36.92
CA ASP P 6 -30.75 45.43 -35.60
C ASP P 6 -31.96 46.32 -35.36
N SER P 7 -33.14 45.70 -35.21
CA SER P 7 -34.39 46.42 -34.97
C SER P 7 -34.47 47.02 -33.57
N ARG P 8 -33.63 46.53 -32.65
CA ARG P 8 -33.63 47.01 -31.27
C ARG P 8 -35.01 46.79 -30.62
N THR P 9 -35.34 45.52 -30.45
CA THR P 9 -36.62 45.10 -29.88
C THR P 9 -36.87 45.49 -28.43
N THR P 10 -35.87 46.00 -27.74
CA THR P 10 -36.10 46.35 -26.33
C THR P 10 -35.84 47.79 -25.94
N ILE P 11 -36.38 48.75 -26.69
CA ILE P 11 -36.15 50.13 -26.30
C ILE P 11 -37.44 50.89 -26.00
N PHE P 12 -37.28 52.02 -25.32
CA PHE P 12 -38.39 52.88 -24.97
C PHE P 12 -38.73 53.84 -26.10
N SER P 13 -40.00 54.23 -26.19
CA SER P 13 -40.43 55.20 -27.18
C SER P 13 -40.24 56.51 -26.43
N PRO P 14 -40.33 57.65 -27.13
CA PRO P 14 -40.14 58.90 -26.39
C PRO P 14 -41.18 59.08 -25.29
N GLU P 15 -42.28 58.32 -25.40
CA GLU P 15 -43.36 58.38 -24.40
C GLU P 15 -43.17 57.37 -23.27
N GLY P 16 -42.08 56.61 -23.32
CA GLY P 16 -41.84 55.63 -22.28
C GLY P 16 -42.65 54.36 -22.44
N ARG P 17 -42.89 53.97 -23.68
CA ARG P 17 -43.63 52.75 -23.97
C ARG P 17 -42.68 51.80 -24.70
N LEU P 18 -42.94 50.51 -24.60
CA LEU P 18 -42.09 49.53 -25.27
C LEU P 18 -42.71 49.15 -26.60
N TYR P 19 -42.13 49.66 -27.67
CA TYR P 19 -42.60 49.41 -29.02
C TYR P 19 -43.12 47.99 -29.25
N GLN P 20 -42.22 47.02 -29.18
CA GLN P 20 -42.57 45.63 -29.42
C GLN P 20 -43.71 45.08 -28.57
N VAL P 21 -43.77 45.46 -27.30
CA VAL P 21 -44.85 44.97 -26.44
C VAL P 21 -46.17 45.50 -27.01
N GLU P 22 -46.19 46.80 -27.28
CA GLU P 22 -47.36 47.47 -27.82
C GLU P 22 -47.78 46.83 -29.13
N TYR P 23 -46.82 46.52 -30.00
CA TYR P 23 -47.15 45.93 -31.28
C TYR P 23 -47.61 44.48 -31.13
N ALA P 24 -47.08 43.81 -30.12
CA ALA P 24 -47.45 42.43 -29.88
C ALA P 24 -48.91 42.41 -29.39
N LEU P 25 -49.25 43.35 -28.52
CA LEU P 25 -50.61 43.46 -28.01
C LEU P 25 -51.57 43.72 -29.17
N GLU P 26 -51.13 44.55 -30.12
CA GLU P 26 -51.93 44.85 -31.30
C GLU P 26 -52.19 43.54 -32.01
N SER P 27 -51.15 42.72 -32.10
CA SER P 27 -51.26 41.43 -32.76
C SER P 27 -52.29 40.57 -32.05
N ILE P 28 -52.24 40.58 -30.72
CA ILE P 28 -53.15 39.78 -29.92
C ILE P 28 -54.62 40.19 -30.05
N SER P 29 -54.85 41.48 -30.26
CA SER P 29 -56.21 42.00 -30.41
C SER P 29 -56.96 41.42 -31.62
N HIS P 30 -56.26 40.69 -32.47
CA HIS P 30 -56.88 40.09 -33.65
C HIS P 30 -57.05 38.59 -33.45
N ALA P 31 -56.70 38.13 -32.25
CA ALA P 31 -56.80 36.72 -31.91
C ALA P 31 -58.18 36.36 -31.36
N GLY P 32 -58.62 35.14 -31.65
CA GLY P 32 -59.91 34.70 -31.16
C GLY P 32 -60.05 35.03 -29.69
N THR P 33 -61.20 35.57 -29.30
CA THR P 33 -61.43 35.95 -27.92
C THR P 33 -61.47 34.78 -26.93
N ALA P 34 -60.91 35.02 -25.74
CA ALA P 34 -60.89 34.02 -24.68
C ALA P 34 -61.45 34.70 -23.42
N ILE P 35 -62.28 33.97 -22.69
CA ILE P 35 -62.90 34.51 -21.49
C ILE P 35 -62.67 33.66 -20.25
N GLY P 36 -62.49 34.34 -19.12
CA GLY P 36 -62.31 33.66 -17.86
C GLY P 36 -63.29 34.20 -16.82
N ILE P 37 -64.03 33.31 -16.17
CA ILE P 37 -64.99 33.72 -15.17
C ILE P 37 -64.87 32.84 -13.93
N MET P 38 -64.65 33.47 -12.79
CA MET P 38 -64.51 32.76 -11.53
C MET P 38 -65.78 32.81 -10.68
N ALA P 39 -66.28 31.63 -10.31
CA ALA P 39 -67.48 31.49 -9.49
C ALA P 39 -67.11 31.00 -8.09
N SER P 40 -68.09 30.93 -7.20
CA SER P 40 -67.85 30.48 -5.83
C SER P 40 -67.46 29.00 -5.79
N ASP P 41 -68.00 28.22 -6.72
CA ASP P 41 -67.73 26.80 -6.79
C ASP P 41 -66.94 26.36 -8.02
N GLY P 42 -66.12 27.24 -8.57
CA GLY P 42 -65.33 26.85 -9.74
C GLY P 42 -64.97 27.98 -10.69
N ILE P 43 -64.26 27.62 -11.76
CA ILE P 43 -63.84 28.59 -12.76
C ILE P 43 -64.20 28.09 -14.16
N VAL P 44 -64.55 29.03 -15.03
CA VAL P 44 -64.92 28.71 -16.40
C VAL P 44 -63.98 29.37 -17.40
N LEU P 45 -63.52 28.59 -18.37
CA LEU P 45 -62.65 29.09 -19.42
C LEU P 45 -63.32 28.79 -20.74
N ALA P 46 -63.51 29.82 -21.55
CA ALA P 46 -64.14 29.68 -22.86
C ALA P 46 -63.39 30.52 -23.87
N ALA P 47 -63.20 29.96 -25.07
CA ALA P 47 -62.48 30.67 -26.11
C ALA P 47 -63.06 30.38 -27.49
N GLU P 48 -62.94 31.35 -28.38
CA GLU P 48 -63.45 31.25 -29.74
C GLU P 48 -62.30 30.87 -30.67
N ARG P 49 -62.50 29.79 -31.44
CA ARG P 49 -61.49 29.34 -32.39
C ARG P 49 -61.46 30.26 -33.58
N LYS P 50 -60.30 30.86 -33.83
CA LYS P 50 -60.14 31.76 -34.97
C LYS P 50 -59.91 30.91 -36.21
N VAL P 51 -60.68 31.19 -37.26
CA VAL P 51 -60.59 30.46 -38.54
C VAL P 51 -60.83 28.96 -38.40
N THR P 52 -61.77 28.45 -39.19
CA THR P 52 -62.11 27.03 -39.19
C THR P 52 -62.57 26.58 -40.57
N SER P 53 -62.56 25.28 -40.80
CA SER P 53 -62.95 24.70 -42.07
C SER P 53 -63.77 23.46 -41.83
N THR P 54 -64.48 23.00 -42.86
CA THR P 54 -65.30 21.80 -42.76
C THR P 54 -64.37 20.63 -42.49
N LEU P 55 -63.21 20.66 -43.14
CA LEU P 55 -62.22 19.60 -43.03
C LEU P 55 -61.32 19.63 -41.80
N LEU P 56 -61.33 20.73 -41.06
CA LEU P 56 -60.52 20.81 -39.85
C LEU P 56 -60.98 19.71 -38.91
N GLU P 57 -60.03 18.99 -38.31
CA GLU P 57 -60.34 17.91 -37.38
C GLU P 57 -60.48 18.51 -35.97
N GLN P 58 -61.71 18.78 -35.56
CA GLN P 58 -61.92 19.38 -34.25
C GLN P 58 -61.72 18.46 -33.05
N ASP P 59 -62.01 17.17 -33.22
CA ASP P 59 -61.85 16.20 -32.13
C ASP P 59 -60.41 16.12 -31.62
N THR P 60 -59.46 16.24 -32.54
CA THR P 60 -58.04 16.16 -32.21
C THR P 60 -57.42 17.55 -32.04
N SER P 61 -58.22 18.59 -32.22
CA SER P 61 -57.72 19.96 -32.13
C SER P 61 -57.76 20.60 -30.74
N THR P 62 -56.84 21.54 -30.55
CA THR P 62 -56.70 22.31 -29.31
C THR P 62 -55.78 23.46 -29.69
N GLU P 63 -56.29 24.68 -29.61
CA GLU P 63 -55.50 25.84 -29.98
C GLU P 63 -55.67 26.95 -28.95
N LYS P 64 -56.49 26.71 -27.94
CA LYS P 64 -56.69 27.76 -26.97
C LYS P 64 -56.70 27.35 -25.50
N LEU P 65 -57.08 26.11 -25.22
CA LEU P 65 -57.13 25.61 -23.84
C LEU P 65 -56.09 24.53 -23.56
N TYR P 66 -55.18 24.84 -22.64
CA TYR P 66 -54.11 23.92 -22.30
C TYR P 66 -53.99 23.62 -20.81
N LYS P 67 -53.74 22.35 -20.52
CA LYS P 67 -53.58 21.91 -19.15
C LYS P 67 -52.11 22.13 -18.78
N LEU P 68 -51.86 22.89 -17.73
CA LEU P 68 -50.49 23.12 -17.27
C LEU P 68 -50.18 22.16 -16.14
N ASN P 69 -51.17 22.00 -15.27
CA ASN P 69 -51.08 21.19 -14.07
C ASN P 69 -52.39 20.44 -13.95
N ASP P 70 -52.58 19.71 -12.86
CA ASP P 70 -53.85 19.02 -12.67
C ASP P 70 -54.77 20.01 -11.99
N LYS P 71 -54.21 21.12 -11.56
CA LYS P 71 -54.97 22.15 -10.87
C LYS P 71 -54.92 23.52 -11.54
N ILE P 72 -54.18 23.63 -12.64
CA ILE P 72 -54.05 24.90 -13.34
C ILE P 72 -54.15 24.70 -14.84
N ALA P 73 -54.83 25.63 -15.51
CA ALA P 73 -55.00 25.57 -16.96
C ALA P 73 -54.94 27.00 -17.50
N VAL P 74 -54.70 27.15 -18.79
CA VAL P 74 -54.65 28.49 -19.39
C VAL P 74 -55.43 28.56 -20.68
N ALA P 75 -55.90 29.76 -20.98
CA ALA P 75 -56.61 30.02 -22.22
C ALA P 75 -55.63 30.92 -22.96
N VAL P 76 -55.41 30.62 -24.23
CA VAL P 76 -54.47 31.37 -25.07
C VAL P 76 -55.06 32.33 -26.08
N ALA P 77 -54.41 33.48 -26.23
CA ALA P 77 -54.81 34.50 -27.21
C ALA P 77 -53.51 35.04 -27.84
N GLY P 78 -53.25 34.65 -29.07
CA GLY P 78 -52.05 35.10 -29.76
C GLY P 78 -51.46 34.01 -30.63
N LEU P 79 -50.14 34.06 -30.83
CA LEU P 79 -49.43 33.06 -31.64
C LEU P 79 -49.39 31.72 -30.92
N THR P 80 -50.07 30.73 -31.46
CA THR P 80 -50.10 29.41 -30.84
C THR P 80 -48.71 28.81 -30.62
N ALA P 81 -47.86 28.90 -31.63
CA ALA P 81 -46.51 28.35 -31.53
C ALA P 81 -45.73 29.03 -30.40
N ASP P 82 -45.88 30.34 -30.25
CA ASP P 82 -45.20 31.03 -29.16
C ASP P 82 -45.77 30.51 -27.84
N ALA P 83 -47.09 30.38 -27.78
CA ALA P 83 -47.78 29.90 -26.59
C ALA P 83 -47.25 28.55 -26.12
N GLU P 84 -47.13 27.61 -27.04
CA GLU P 84 -46.62 26.29 -26.69
C GLU P 84 -45.24 26.34 -26.06
N ILE P 85 -44.39 27.25 -26.52
CA ILE P 85 -43.05 27.36 -25.95
C ILE P 85 -43.19 27.68 -24.47
N LEU P 86 -44.00 28.69 -24.16
CA LEU P 86 -44.21 29.11 -22.78
C LEU P 86 -44.93 28.08 -21.93
N ILE P 87 -45.92 27.42 -22.52
CA ILE P 87 -46.69 26.39 -21.83
C ILE P 87 -45.76 25.26 -21.41
N ASN P 88 -44.86 24.87 -22.30
CA ASN P 88 -43.94 23.80 -21.97
C ASN P 88 -43.03 24.14 -20.80
N THR P 89 -42.49 25.36 -20.79
CA THR P 89 -41.61 25.70 -19.69
C THR P 89 -42.43 25.85 -18.40
N ALA P 90 -43.67 26.30 -18.53
CA ALA P 90 -44.52 26.46 -17.36
C ALA P 90 -44.81 25.07 -16.77
N ARG P 91 -45.08 24.10 -17.63
CA ARG P 91 -45.33 22.74 -17.18
C ARG P 91 -44.12 22.20 -16.44
N ILE P 92 -42.92 22.61 -16.86
CA ILE P 92 -41.69 22.16 -16.23
C ILE P 92 -41.46 22.85 -14.87
N HIS P 93 -41.75 24.14 -14.79
CA HIS P 93 -41.56 24.85 -13.53
C HIS P 93 -42.46 24.23 -12.46
N ALA P 94 -43.67 23.85 -12.85
CA ALA P 94 -44.62 23.26 -11.92
C ALA P 94 -44.05 21.98 -11.30
N GLN P 95 -43.49 21.11 -12.16
CA GLN P 95 -42.89 19.87 -11.71
C GLN P 95 -41.62 20.11 -10.87
N ASN P 96 -40.86 21.15 -11.18
CA ASN P 96 -39.64 21.42 -10.40
C ASN P 96 -40.06 21.75 -8.99
N TYR P 97 -41.11 22.56 -8.88
CA TYR P 97 -41.65 22.97 -7.60
C TYR P 97 -42.14 21.73 -6.83
N LEU P 98 -42.91 20.89 -7.51
CA LEU P 98 -43.44 19.68 -6.91
C LEU P 98 -42.32 18.78 -6.38
N LYS P 99 -41.28 18.58 -7.18
CA LYS P 99 -40.16 17.74 -6.75
C LYS P 99 -39.39 18.34 -5.58
N THR P 100 -39.28 19.66 -5.54
CA THR P 100 -38.56 20.34 -4.47
C THR P 100 -39.27 20.37 -3.13
N TYR P 101 -40.56 20.73 -3.16
CA TYR P 101 -41.35 20.87 -1.93
C TYR P 101 -42.38 19.79 -1.67
N ASN P 102 -42.61 18.93 -2.65
CA ASN P 102 -43.60 17.88 -2.49
C ASN P 102 -44.98 18.45 -2.24
N GLU P 103 -45.27 19.56 -2.93
CA GLU P 103 -46.55 20.23 -2.87
C GLU P 103 -46.80 20.81 -4.26
N ASP P 104 -48.05 20.80 -4.70
CA ASP P 104 -48.38 21.37 -6.01
C ASP P 104 -48.08 22.85 -5.92
N ILE P 105 -47.60 23.42 -7.02
CA ILE P 105 -47.23 24.84 -7.06
C ILE P 105 -48.44 25.79 -6.92
N PRO P 106 -48.34 26.76 -6.00
CA PRO P 106 -49.41 27.73 -5.80
C PRO P 106 -49.61 28.42 -7.14
N VAL P 107 -50.85 28.72 -7.49
CA VAL P 107 -51.13 29.33 -8.78
C VAL P 107 -50.35 30.60 -9.10
N GLU P 108 -50.28 31.54 -8.17
CA GLU P 108 -49.56 32.77 -8.45
C GLU P 108 -48.07 32.56 -8.69
N ILE P 109 -47.43 31.70 -7.91
CA ILE P 109 -46.01 31.43 -8.09
C ILE P 109 -45.75 31.05 -9.56
N LEU P 110 -46.57 30.16 -10.10
CA LEU P 110 -46.40 29.72 -11.48
C LEU P 110 -46.66 30.87 -12.46
N VAL P 111 -47.67 31.68 -12.20
CA VAL P 111 -48.00 32.80 -13.07
C VAL P 111 -46.92 33.87 -13.07
N ARG P 112 -46.36 34.13 -11.89
CA ARG P 112 -45.31 35.13 -11.77
C ARG P 112 -44.05 34.72 -12.53
N ARG P 113 -43.72 33.44 -12.45
CA ARG P 113 -42.53 32.92 -13.10
C ARG P 113 -42.67 33.07 -14.61
N LEU P 114 -43.82 32.64 -15.14
CA LEU P 114 -44.05 32.75 -16.57
C LEU P 114 -44.05 34.20 -17.01
N SER P 115 -44.57 35.07 -16.16
CA SER P 115 -44.60 36.49 -16.49
C SER P 115 -43.20 37.09 -16.46
N ASP P 116 -42.35 36.50 -15.63
CA ASP P 116 -40.97 36.96 -15.50
C ASP P 116 -40.19 36.57 -16.75
N ILE P 117 -40.50 35.40 -17.30
CA ILE P 117 -39.84 34.95 -18.52
C ILE P 117 -40.16 35.99 -19.59
N LYS P 118 -41.45 36.32 -19.70
CA LYS P 118 -41.93 37.30 -20.68
C LYS P 118 -41.24 38.64 -20.50
N GLN P 119 -41.18 39.11 -19.24
CA GLN P 119 -40.56 40.39 -18.96
C GLN P 119 -39.12 40.44 -19.44
N GLY P 120 -38.43 39.30 -19.38
CA GLY P 120 -37.05 39.24 -19.82
C GLY P 120 -36.89 39.64 -21.28
N TYR P 121 -37.73 39.06 -22.14
CA TYR P 121 -37.67 39.36 -23.56
C TYR P 121 -37.95 40.84 -23.80
N THR P 122 -38.29 41.53 -22.74
CA THR P 122 -38.60 42.94 -22.79
C THR P 122 -37.45 43.88 -22.41
N GLN P 123 -36.47 43.35 -21.69
CA GLN P 123 -35.38 44.20 -21.21
C GLN P 123 -33.98 43.85 -21.70
N HIS P 124 -33.80 42.64 -22.24
CA HIS P 124 -32.48 42.25 -22.71
C HIS P 124 -32.55 41.10 -23.70
N GLY P 125 -31.46 40.88 -24.44
CA GLY P 125 -31.42 39.80 -25.39
C GLY P 125 -31.67 40.16 -26.85
N GLY P 126 -32.26 41.32 -27.10
CA GLY P 126 -32.53 41.74 -28.47
C GLY P 126 -33.47 40.86 -29.30
N LEU P 127 -34.32 40.08 -28.64
CA LEU P 127 -35.25 39.21 -29.37
C LEU P 127 -36.66 39.78 -29.29
N ARG P 128 -37.54 39.36 -30.20
CA ARG P 128 -38.92 39.83 -30.18
C ARG P 128 -39.61 39.17 -29.00
N PRO P 129 -40.64 39.81 -28.44
CA PRO P 129 -41.38 39.26 -27.30
C PRO P 129 -42.30 38.15 -27.81
N PHE P 130 -42.93 37.42 -26.91
CA PHE P 130 -43.86 36.38 -27.34
C PHE P 130 -45.18 37.10 -27.63
N GLY P 131 -45.80 36.78 -28.76
CA GLY P 131 -47.07 37.42 -29.09
C GLY P 131 -48.17 36.63 -28.43
N VAL P 132 -48.17 36.62 -27.11
CA VAL P 132 -49.14 35.83 -26.38
C VAL P 132 -49.66 36.49 -25.10
N SER P 133 -50.93 36.21 -24.82
CA SER P 133 -51.61 36.68 -23.63
C SER P 133 -52.28 35.43 -23.05
N PHE P 134 -52.17 35.26 -21.73
CA PHE P 134 -52.76 34.11 -21.07
C PHE P 134 -53.80 34.49 -20.02
N ILE P 135 -54.76 33.58 -19.84
CA ILE P 135 -55.74 33.71 -18.79
C ILE P 135 -55.46 32.43 -18.03
N TYR P 136 -55.08 32.54 -16.76
CA TYR P 136 -54.81 31.34 -15.98
C TYR P 136 -55.97 31.04 -15.04
N ALA P 137 -56.43 29.79 -15.06
CA ALA P 137 -57.49 29.36 -14.16
C ALA P 137 -56.91 28.23 -13.31
N GLY P 138 -56.85 28.43 -12.00
CA GLY P 138 -56.31 27.39 -11.16
C GLY P 138 -56.85 27.39 -9.76
N TYR P 139 -56.41 26.40 -8.98
CA TYR P 139 -56.84 26.26 -7.61
C TYR P 139 -55.72 25.76 -6.71
N ASP P 140 -55.59 26.40 -5.55
CA ASP P 140 -54.62 25.95 -4.57
C ASP P 140 -55.26 26.14 -3.21
N ASP P 141 -54.68 25.54 -2.17
CA ASP P 141 -55.26 25.61 -0.84
C ASP P 141 -54.96 26.86 -0.04
N ARG P 142 -54.42 27.89 -0.69
CA ARG P 142 -54.13 29.14 0.02
C ARG P 142 -55.10 30.24 -0.40
N TYR P 143 -55.48 30.24 -1.67
CA TYR P 143 -56.39 31.25 -2.19
C TYR P 143 -57.58 30.61 -2.90
N GLY P 144 -57.64 29.29 -2.91
CA GLY P 144 -58.73 28.62 -3.61
C GLY P 144 -58.74 28.97 -5.09
N TYR P 145 -59.93 29.14 -5.64
CA TYR P 145 -60.08 29.47 -7.04
C TYR P 145 -59.45 30.82 -7.37
N GLN P 146 -58.67 30.85 -8.45
CA GLN P 146 -58.00 32.07 -8.89
C GLN P 146 -58.02 32.22 -10.39
N LEU P 147 -58.08 33.46 -10.83
CA LEU P 147 -58.09 33.78 -12.25
C LEU P 147 -57.05 34.89 -12.45
N TYR P 148 -56.10 34.64 -13.36
CA TYR P 148 -55.05 35.62 -13.64
C TYR P 148 -54.92 35.86 -15.13
N THR P 149 -54.15 36.88 -15.46
CA THR P 149 -53.90 37.21 -16.84
C THR P 149 -52.49 37.79 -16.99
N SER P 150 -51.80 37.39 -18.05
CA SER P 150 -50.47 37.91 -18.34
C SER P 150 -50.43 38.21 -19.84
N ASN P 151 -49.66 39.23 -20.20
CA ASN P 151 -49.53 39.64 -21.60
C ASN P 151 -48.06 39.82 -21.94
N PRO P 152 -47.74 40.16 -23.22
CA PRO P 152 -46.36 40.35 -23.67
C PRO P 152 -45.41 41.16 -22.78
N SER P 153 -45.93 42.13 -22.06
CA SER P 153 -45.11 42.97 -21.18
C SER P 153 -44.57 42.25 -19.96
N GLY P 154 -45.24 41.18 -19.56
CA GLY P 154 -44.80 40.45 -18.38
C GLY P 154 -45.57 40.87 -17.15
N ASN P 155 -46.58 41.71 -17.35
CA ASN P 155 -47.41 42.17 -16.26
C ASN P 155 -48.57 41.17 -16.09
N TYR P 156 -49.00 40.98 -14.86
CA TYR P 156 -50.11 40.07 -14.60
C TYR P 156 -51.00 40.62 -13.49
N THR P 157 -52.27 40.25 -13.53
CA THR P 157 -53.24 40.71 -12.54
C THR P 157 -54.30 39.64 -12.32
N GLY P 158 -55.01 39.75 -11.20
CA GLY P 158 -56.05 38.78 -10.87
C GLY P 158 -57.44 39.33 -11.18
N TRP P 159 -58.36 38.47 -11.56
CA TRP P 159 -59.71 38.90 -11.90
C TRP P 159 -60.81 37.97 -11.43
N LYS P 160 -62.04 38.48 -11.46
CA LYS P 160 -63.22 37.69 -11.11
C LYS P 160 -63.75 37.21 -12.45
N ALA P 161 -63.55 38.06 -13.46
CA ALA P 161 -63.94 37.76 -14.83
C ALA P 161 -63.05 38.62 -15.72
N ILE P 162 -62.65 38.08 -16.86
CA ILE P 162 -61.79 38.85 -17.74
C ILE P 162 -61.73 38.19 -19.11
N SER P 163 -61.22 38.93 -20.09
CA SER P 163 -61.10 38.42 -21.45
C SER P 163 -59.82 38.95 -22.09
N VAL P 164 -59.35 38.22 -23.10
CA VAL P 164 -58.16 38.59 -23.84
C VAL P 164 -58.43 38.32 -25.30
N GLY P 165 -57.69 39.00 -26.17
CA GLY P 165 -57.88 38.81 -27.59
C GLY P 165 -58.69 39.92 -28.22
N ALA P 166 -59.53 39.55 -29.19
CA ALA P 166 -60.36 40.52 -29.90
C ALA P 166 -61.56 41.02 -29.10
N ASN P 167 -61.92 42.28 -29.33
CA ASN P 167 -63.07 42.91 -28.69
C ASN P 167 -63.14 42.72 -27.17
N THR P 168 -62.03 42.98 -26.49
CA THR P 168 -62.03 42.82 -25.03
C THR P 168 -62.76 43.98 -24.38
N SER P 169 -62.73 45.13 -25.04
CA SER P 169 -63.39 46.33 -24.55
C SER P 169 -64.89 46.04 -24.44
N ALA P 170 -65.46 45.54 -25.53
CA ALA P 170 -66.86 45.18 -25.57
C ALA P 170 -67.14 44.06 -24.57
N ALA P 171 -66.39 42.96 -24.70
CA ALA P 171 -66.54 41.80 -23.83
C ALA P 171 -66.45 42.14 -22.34
N GLN P 172 -65.53 43.04 -22.01
CA GLN P 172 -65.34 43.43 -20.61
C GLN P 172 -66.56 44.18 -20.08
N THR P 173 -67.10 45.08 -20.88
CA THR P 173 -68.27 45.85 -20.48
C THR P 173 -69.47 44.94 -20.23
N LEU P 174 -69.64 43.92 -21.08
CA LEU P 174 -70.73 42.99 -20.90
C LEU P 174 -70.57 42.17 -19.62
N LEU P 175 -69.34 41.75 -19.34
CA LEU P 175 -69.06 40.96 -18.15
C LEU P 175 -69.27 41.78 -16.89
N GLN P 176 -68.77 43.01 -16.92
CA GLN P 176 -68.89 43.91 -15.77
C GLN P 176 -70.36 44.21 -15.53
N MET P 177 -71.15 44.06 -16.57
CA MET P 177 -72.57 44.33 -16.52
C MET P 177 -73.39 43.24 -15.84
N ASP P 178 -73.08 41.97 -16.10
CA ASP P 178 -73.84 40.87 -15.52
C ASP P 178 -73.16 39.97 -14.49
N TYR P 179 -71.93 40.30 -14.10
CA TYR P 179 -71.22 39.47 -13.13
C TYR P 179 -71.73 39.75 -11.72
N LYS P 180 -71.78 38.71 -10.91
CA LYS P 180 -72.20 38.86 -9.51
C LYS P 180 -71.38 37.91 -8.62
N ASP P 181 -70.75 38.49 -7.60
CA ASP P 181 -69.89 37.76 -6.65
C ASP P 181 -70.38 36.38 -6.22
N ASP P 182 -71.68 36.23 -5.99
CA ASP P 182 -72.23 34.96 -5.56
C ASP P 182 -72.62 34.02 -6.71
N MET P 183 -72.09 34.27 -7.90
CA MET P 183 -72.39 33.42 -9.04
C MET P 183 -72.04 31.97 -8.79
N LYS P 184 -72.54 31.10 -9.63
CA LYS P 184 -72.29 29.68 -9.53
C LYS P 184 -71.71 29.26 -10.88
N VAL P 185 -70.91 28.20 -10.89
CA VAL P 185 -70.27 27.71 -12.11
C VAL P 185 -71.19 27.68 -13.33
N ASP P 186 -72.40 27.17 -13.14
CA ASP P 186 -73.37 27.09 -14.23
C ASP P 186 -73.79 28.47 -14.71
N ASP P 187 -73.87 29.43 -13.80
CA ASP P 187 -74.24 30.79 -14.15
C ASP P 187 -73.11 31.36 -15.01
N ALA P 188 -71.88 31.17 -14.53
CA ALA P 188 -70.68 31.64 -15.20
C ALA P 188 -70.54 31.03 -16.59
N ILE P 189 -70.84 29.73 -16.71
CA ILE P 189 -70.75 29.05 -17.99
C ILE P 189 -71.65 29.75 -18.99
N GLU P 190 -72.85 30.08 -18.54
CA GLU P 190 -73.85 30.76 -19.36
C GLU P 190 -73.40 32.17 -19.71
N LEU P 191 -72.89 32.90 -18.72
CA LEU P 191 -72.45 34.28 -18.94
C LEU P 191 -71.33 34.31 -20.00
N ALA P 192 -70.41 33.36 -19.91
CA ALA P 192 -69.29 33.28 -20.85
C ALA P 192 -69.78 33.12 -22.28
N LEU P 193 -70.66 32.15 -22.51
CA LEU P 193 -71.21 31.89 -23.84
C LEU P 193 -71.98 33.08 -24.39
N LYS P 194 -72.74 33.74 -23.54
CA LYS P 194 -73.51 34.90 -23.97
C LYS P 194 -72.57 36.01 -24.42
N THR P 195 -71.53 36.25 -23.63
CA THR P 195 -70.57 37.29 -23.93
C THR P 195 -69.87 37.09 -25.25
N LEU P 196 -69.41 35.86 -25.49
CA LEU P 196 -68.72 35.55 -26.74
C LEU P 196 -69.70 35.70 -27.88
N SER P 197 -70.92 35.24 -27.63
CA SER P 197 -72.00 35.29 -28.62
C SER P 197 -72.27 36.70 -29.14
N LYS P 198 -72.07 37.70 -28.28
CA LYS P 198 -72.31 39.08 -28.66
C LYS P 198 -71.08 39.78 -29.26
N THR P 199 -69.89 39.28 -28.95
CA THR P 199 -68.66 39.90 -29.46
C THR P 199 -68.09 39.19 -30.70
N THR P 200 -68.57 37.99 -31.00
CA THR P 200 -68.09 37.24 -32.16
C THR P 200 -68.11 38.12 -33.41
N ASP P 201 -67.10 37.96 -34.25
CA ASP P 201 -67.03 38.71 -35.50
C ASP P 201 -67.60 37.79 -36.57
N SER P 202 -68.08 36.64 -36.15
CA SER P 202 -68.66 35.66 -37.07
C SER P 202 -70.17 35.73 -37.06
N SER P 203 -70.78 34.97 -37.97
CA SER P 203 -72.24 34.94 -38.08
C SER P 203 -72.86 34.45 -36.78
N ALA P 204 -72.85 33.13 -36.59
CA ALA P 204 -73.39 32.53 -35.38
C ALA P 204 -72.27 31.93 -34.56
N LEU P 205 -72.61 31.49 -33.36
CA LEU P 205 -71.64 30.89 -32.46
C LEU P 205 -71.96 29.41 -32.35
N THR P 206 -71.27 28.60 -33.16
CA THR P 206 -71.48 27.16 -33.15
C THR P 206 -70.44 26.44 -32.28
N TYR P 207 -70.66 25.15 -32.04
CA TYR P 207 -69.75 24.38 -31.20
C TYR P 207 -68.39 24.15 -31.84
N ASP P 208 -68.36 23.94 -33.15
CA ASP P 208 -67.11 23.72 -33.87
C ASP P 208 -66.15 24.92 -33.84
N ARG P 209 -66.59 26.02 -33.25
CA ARG P 209 -65.77 27.22 -33.17
C ARG P 209 -65.50 27.58 -31.72
N LEU P 210 -65.64 26.61 -30.82
CA LEU P 210 -65.42 26.87 -29.42
C LEU P 210 -64.64 25.80 -28.66
N GLU P 211 -64.02 26.23 -27.58
CA GLU P 211 -63.28 25.35 -26.70
C GLU P 211 -63.82 25.75 -25.35
N PHE P 212 -64.07 24.77 -24.48
CA PHE P 212 -64.64 25.06 -23.18
C PHE P 212 -64.01 24.22 -22.07
N ALA P 213 -63.80 24.82 -20.92
CA ALA P 213 -63.21 24.11 -19.80
C ALA P 213 -63.69 24.65 -18.46
N THR P 214 -63.70 23.79 -17.45
CA THR P 214 -64.11 24.16 -16.10
C THR P 214 -63.21 23.49 -15.07
N ILE P 215 -62.92 24.21 -13.99
CA ILE P 215 -62.13 23.67 -12.90
C ILE P 215 -63.09 23.69 -11.71
N ARG P 216 -63.60 22.52 -11.35
CA ARG P 216 -64.53 22.43 -10.23
C ARG P 216 -64.04 21.50 -9.14
N LYS P 217 -64.65 21.60 -7.96
CA LYS P 217 -64.28 20.75 -6.85
C LYS P 217 -65.40 19.75 -6.55
N GLY P 218 -65.72 18.92 -7.54
CA GLY P 218 -66.77 17.91 -7.42
C GLY P 218 -67.13 17.51 -5.99
N ALA P 219 -68.24 18.04 -5.50
CA ALA P 219 -68.72 17.77 -4.14
C ALA P 219 -68.53 16.32 -3.72
N ASN P 220 -68.93 15.40 -4.59
CA ASN P 220 -68.81 13.97 -4.32
C ASN P 220 -67.37 13.50 -4.61
N ASP P 221 -66.43 13.99 -3.80
CA ASP P 221 -65.02 13.65 -3.94
C ASP P 221 -64.15 14.38 -2.91
N GLY P 222 -64.06 15.70 -3.07
CA GLY P 222 -63.26 16.50 -2.15
C GLY P 222 -61.99 17.07 -2.79
N GLU P 223 -61.72 16.65 -4.03
CA GLU P 223 -60.55 17.09 -4.77
C GLU P 223 -60.95 18.00 -5.95
N VAL P 224 -59.97 18.57 -6.63
CA VAL P 224 -60.22 19.46 -7.78
C VAL P 224 -60.20 18.71 -9.09
N TYR P 225 -61.15 19.00 -9.98
CA TYR P 225 -61.22 18.34 -11.28
C TYR P 225 -61.31 19.33 -12.44
N GLN P 226 -60.44 19.16 -13.43
CA GLN P 226 -60.45 20.00 -14.62
C GLN P 226 -61.21 19.24 -15.69
N LYS P 227 -62.09 19.95 -16.40
CA LYS P 227 -62.86 19.32 -17.44
C LYS P 227 -62.70 20.11 -18.72
N ILE P 228 -62.12 19.50 -19.74
CA ILE P 228 -61.94 20.16 -21.02
C ILE P 228 -63.01 19.55 -21.91
N PHE P 229 -64.15 20.22 -22.01
CA PHE P 229 -65.27 19.75 -22.80
C PHE P 229 -64.91 19.24 -24.18
N LYS P 230 -65.63 18.20 -24.61
CA LYS P 230 -65.43 17.59 -25.92
C LYS P 230 -66.42 18.23 -26.90
N PRO P 231 -66.12 18.17 -28.20
CA PRO P 231 -67.03 18.77 -29.19
C PRO P 231 -68.52 18.60 -28.85
N GLN P 232 -68.96 17.36 -28.66
CA GLN P 232 -70.36 17.06 -28.35
C GLN P 232 -70.80 17.72 -27.04
N GLU P 233 -69.90 17.81 -26.08
CA GLU P 233 -70.24 18.42 -24.78
C GLU P 233 -70.50 19.92 -24.93
N ILE P 234 -69.76 20.54 -25.85
CA ILE P 234 -69.91 21.97 -26.10
C ILE P 234 -71.24 22.17 -26.82
N LYS P 235 -71.49 21.32 -27.81
CA LYS P 235 -72.73 21.38 -28.60
C LYS P 235 -73.95 21.32 -27.68
N ASP P 236 -73.88 20.47 -26.66
CA ASP P 236 -74.97 20.31 -25.70
C ASP P 236 -75.22 21.59 -24.90
N ILE P 237 -74.22 21.97 -24.11
CA ILE P 237 -74.28 23.16 -23.28
C ILE P 237 -74.68 24.38 -24.11
N LEU P 238 -74.46 24.31 -25.42
CA LEU P 238 -74.79 25.42 -26.31
C LEU P 238 -76.29 25.49 -26.58
N VAL P 239 -76.95 24.33 -26.65
CA VAL P 239 -78.39 24.29 -26.89
C VAL P 239 -79.12 24.62 -25.59
N LYS P 240 -78.63 24.03 -24.50
CA LYS P 240 -79.21 24.25 -23.18
C LYS P 240 -79.29 25.73 -22.83
N THR P 241 -78.15 26.42 -22.89
CA THR P 241 -78.09 27.84 -22.55
C THR P 241 -78.93 28.71 -23.48
N GLY P 242 -79.61 28.08 -24.42
CA GLY P 242 -80.44 28.82 -25.35
C GLY P 242 -79.70 29.54 -26.46
N ILE P 243 -78.88 28.79 -27.20
CA ILE P 243 -78.16 29.37 -28.33
C ILE P 243 -78.27 28.35 -29.46
N THR P 244 -78.70 27.13 -29.12
CA THR P 244 -78.86 26.02 -30.05
C THR P 244 -77.61 25.80 -30.89
N GLY Q 1 -24.83 37.03 -25.75
CA GLY Q 1 -24.47 37.36 -27.15
C GLY Q 1 -24.85 38.78 -27.53
N TYR Q 2 -26.09 39.16 -27.28
CA TYR Q 2 -26.54 40.51 -27.62
C TYR Q 2 -25.96 41.54 -26.67
N ASP Q 3 -25.16 42.47 -27.20
CA ASP Q 3 -24.55 43.49 -26.35
C ASP Q 3 -24.56 44.88 -26.97
N ARG Q 4 -25.59 45.17 -27.75
CA ARG Q 4 -25.71 46.48 -28.39
C ARG Q 4 -25.84 47.56 -27.32
N ALA Q 5 -25.14 48.68 -27.51
CA ALA Q 5 -25.21 49.77 -26.56
C ALA Q 5 -26.52 50.51 -26.84
N LEU Q 6 -27.51 50.28 -25.98
CA LEU Q 6 -28.81 50.92 -26.14
C LEU Q 6 -28.89 52.25 -25.38
N SER Q 7 -28.11 52.36 -24.30
CA SER Q 7 -28.06 53.59 -23.51
C SER Q 7 -26.73 54.31 -23.82
N ILE Q 8 -26.78 55.28 -24.73
CA ILE Q 8 -25.59 56.03 -25.08
C ILE Q 8 -25.85 57.51 -25.01
N PHE Q 9 -24.80 58.31 -25.17
CA PHE Q 9 -24.92 59.76 -25.13
C PHE Q 9 -25.38 60.34 -26.47
N SER Q 10 -26.16 61.42 -26.41
CA SER Q 10 -26.60 62.11 -27.60
C SER Q 10 -25.80 63.43 -27.57
N PRO Q 11 -25.72 64.14 -28.71
CA PRO Q 11 -24.98 65.41 -28.84
C PRO Q 11 -25.06 66.41 -27.68
N ASP Q 12 -26.25 66.54 -27.09
CA ASP Q 12 -26.46 67.48 -25.98
C ASP Q 12 -26.09 66.92 -24.60
N GLY Q 13 -25.54 65.71 -24.59
CA GLY Q 13 -25.15 65.08 -23.34
C GLY Q 13 -26.23 64.34 -22.57
N HIS Q 14 -27.26 63.87 -23.26
CA HIS Q 14 -28.36 63.14 -22.63
C HIS Q 14 -28.36 61.67 -23.02
N ILE Q 15 -28.90 60.84 -22.15
CA ILE Q 15 -29.02 59.42 -22.44
C ILE Q 15 -30.52 59.25 -22.64
N PHE Q 16 -30.96 59.28 -23.89
CA PHE Q 16 -32.37 59.18 -24.13
C PHE Q 16 -33.09 57.97 -23.56
N GLN Q 17 -32.47 56.80 -23.58
CA GLN Q 17 -33.14 55.64 -23.03
C GLN Q 17 -33.40 55.77 -21.51
N VAL Q 18 -32.53 56.47 -20.80
CA VAL Q 18 -32.73 56.67 -19.38
C VAL Q 18 -33.82 57.73 -19.23
N GLU Q 19 -33.76 58.74 -20.10
CA GLU Q 19 -34.74 59.82 -20.12
C GLU Q 19 -36.14 59.26 -20.37
N TYR Q 20 -36.25 58.37 -21.34
CA TYR Q 20 -37.52 57.76 -21.68
C TYR Q 20 -37.99 56.80 -20.60
N ALA Q 21 -37.04 56.29 -19.82
CA ALA Q 21 -37.37 55.39 -18.74
C ALA Q 21 -38.14 56.21 -17.70
N LEU Q 22 -37.78 57.48 -17.54
CA LEU Q 22 -38.48 58.37 -16.62
C LEU Q 22 -39.90 58.62 -17.09
N GLU Q 23 -40.08 58.75 -18.41
CA GLU Q 23 -41.40 58.99 -18.97
C GLU Q 23 -42.33 57.83 -18.60
N ALA Q 24 -41.76 56.64 -18.48
CA ALA Q 24 -42.54 55.46 -18.12
C ALA Q 24 -42.97 55.61 -16.65
N VAL Q 25 -42.12 56.25 -15.85
CA VAL Q 25 -42.44 56.46 -14.44
C VAL Q 25 -43.55 57.48 -14.28
N LYS Q 26 -43.50 58.55 -15.09
CA LYS Q 26 -44.52 59.61 -15.04
C LYS Q 26 -45.87 59.02 -15.40
N ARG Q 27 -45.86 57.95 -16.17
CA ARG Q 27 -47.09 57.30 -16.61
C ARG Q 27 -47.68 56.37 -15.55
N GLY Q 28 -46.84 55.87 -14.64
CA GLY Q 28 -47.32 54.96 -13.62
C GLY Q 28 -48.19 55.60 -12.55
N THR Q 29 -48.94 54.78 -11.83
CA THR Q 29 -49.81 55.26 -10.77
C THR Q 29 -48.98 56.00 -9.73
N CYS Q 30 -49.57 57.00 -9.10
CA CYS Q 30 -48.86 57.80 -8.11
C CYS Q 30 -48.53 57.07 -6.81
N ALA Q 31 -47.37 57.40 -6.26
CA ALA Q 31 -46.91 56.81 -5.00
C ALA Q 31 -46.35 57.95 -4.15
N VAL Q 32 -46.60 57.88 -2.85
CA VAL Q 32 -46.12 58.91 -1.95
C VAL Q 32 -45.66 58.29 -0.64
N GLY Q 33 -44.76 59.00 0.02
CA GLY Q 33 -44.25 58.54 1.28
C GLY Q 33 -43.94 59.73 2.15
N VAL Q 34 -44.38 59.67 3.41
CA VAL Q 34 -44.13 60.76 4.34
C VAL Q 34 -43.67 60.15 5.65
N LYS Q 35 -42.61 60.73 6.23
CA LYS Q 35 -42.13 60.20 7.48
C LYS Q 35 -42.60 61.04 8.64
N GLY Q 36 -43.11 60.36 9.66
CA GLY Q 36 -43.59 61.02 10.85
C GLY Q 36 -42.43 61.16 11.81
N LYS Q 37 -42.73 61.25 13.10
CA LYS Q 37 -41.68 61.37 14.09
C LYS Q 37 -41.29 59.96 14.55
N ASN Q 38 -42.20 59.01 14.35
CA ASN Q 38 -41.98 57.63 14.77
C ASN Q 38 -42.58 56.62 13.80
N CYS Q 39 -42.61 56.96 12.52
CA CYS Q 39 -43.15 56.05 11.53
C CYS Q 39 -43.01 56.64 10.13
N VAL Q 40 -43.28 55.82 9.13
CA VAL Q 40 -43.22 56.25 7.74
C VAL Q 40 -44.44 55.64 7.09
N VAL Q 41 -45.15 56.44 6.29
CA VAL Q 41 -46.35 55.93 5.62
C VAL Q 41 -46.14 55.91 4.12
N LEU Q 42 -46.68 54.89 3.48
CA LEU Q 42 -46.56 54.77 2.02
C LEU Q 42 -47.93 54.60 1.39
N GLY Q 43 -48.31 55.58 0.57
CA GLY Q 43 -49.59 55.53 -0.10
C GLY Q 43 -49.43 55.45 -1.61
N CYS Q 44 -50.31 54.70 -2.25
CA CYS Q 44 -50.28 54.53 -3.70
C CYS Q 44 -51.70 54.67 -4.22
N GLU Q 45 -51.85 54.96 -5.50
CA GLU Q 45 -53.17 55.09 -6.08
C GLU Q 45 -53.48 53.86 -6.92
N ARG Q 46 -54.76 53.56 -7.11
CA ARG Q 46 -55.16 52.41 -7.89
C ARG Q 46 -55.85 52.83 -9.18
N ARG Q 47 -55.28 52.42 -10.31
CA ARG Q 47 -55.82 52.73 -11.62
C ARG Q 47 -57.28 52.29 -11.69
N SER Q 48 -57.96 52.67 -12.77
CA SER Q 48 -59.36 52.29 -12.97
C SER Q 48 -59.71 52.09 -14.44
N THR Q 49 -58.68 51.93 -15.28
CA THR Q 49 -58.86 51.71 -16.72
C THR Q 49 -59.78 50.49 -16.88
N LEU Q 50 -59.68 49.57 -15.93
CA LEU Q 50 -60.48 48.35 -15.88
C LEU Q 50 -60.77 48.05 -14.39
N LYS Q 51 -62.01 47.70 -14.08
CA LYS Q 51 -62.38 47.38 -12.72
C LYS Q 51 -63.27 46.15 -12.73
N LEU Q 52 -62.84 45.13 -11.99
CA LEU Q 52 -63.54 43.84 -11.88
C LEU Q 52 -62.47 42.88 -11.41
N GLN Q 53 -61.41 43.48 -10.88
CA GLN Q 53 -60.24 42.78 -10.37
C GLN Q 53 -60.48 42.07 -9.05
N ASP Q 54 -59.62 41.10 -8.78
CA ASP Q 54 -59.67 40.34 -7.54
C ASP Q 54 -58.55 40.90 -6.65
N THR Q 55 -58.89 41.88 -5.82
CA THR Q 55 -57.95 42.54 -4.93
C THR Q 55 -57.17 41.60 -4.00
N ARG Q 56 -57.77 40.45 -3.68
CA ARG Q 56 -57.10 39.49 -2.80
C ARG Q 56 -55.77 39.04 -3.39
N ILE Q 57 -55.84 38.55 -4.62
CA ILE Q 57 -54.68 38.02 -5.34
C ILE Q 57 -53.88 38.97 -6.24
N THR Q 58 -54.48 40.07 -6.70
CA THR Q 58 -53.72 40.97 -7.56
C THR Q 58 -52.58 41.63 -6.78
N PRO Q 59 -51.36 41.53 -7.32
CA PRO Q 59 -50.17 42.10 -6.67
C PRO Q 59 -50.35 43.54 -6.18
N SER Q 60 -50.02 43.77 -4.91
CA SER Q 60 -50.13 45.09 -4.29
C SER Q 60 -48.93 45.95 -4.68
N LYS Q 61 -49.05 47.26 -4.50
CA LYS Q 61 -47.99 48.18 -4.89
C LYS Q 61 -46.84 48.33 -3.90
N VAL Q 62 -47.09 48.01 -2.63
CA VAL Q 62 -46.04 48.11 -1.62
C VAL Q 62 -45.53 46.71 -1.33
N SER Q 63 -44.22 46.52 -1.40
CA SER Q 63 -43.64 45.21 -1.15
C SER Q 63 -42.62 45.20 -0.03
N LYS Q 64 -42.69 44.16 0.80
CA LYS Q 64 -41.74 44.01 1.90
C LYS Q 64 -40.46 43.41 1.33
N ILE Q 65 -39.33 44.03 1.65
CA ILE Q 65 -38.03 43.54 1.19
C ILE Q 65 -37.52 42.63 2.29
N ASP Q 66 -37.73 43.05 3.53
CA ASP Q 66 -37.38 42.29 4.72
C ASP Q 66 -38.47 42.67 5.73
N SER Q 67 -38.41 42.15 6.95
CA SER Q 67 -39.45 42.46 7.93
C SER Q 67 -39.45 43.91 8.44
N HIS Q 68 -38.41 44.67 8.13
CA HIS Q 68 -38.34 46.04 8.60
C HIS Q 68 -38.22 47.05 7.45
N VAL Q 69 -38.30 46.59 6.21
CA VAL Q 69 -38.18 47.51 5.07
C VAL Q 69 -39.17 47.23 3.95
N VAL Q 70 -39.76 48.29 3.41
CA VAL Q 70 -40.72 48.13 2.32
C VAL Q 70 -40.33 48.96 1.11
N LEU Q 71 -40.88 48.58 -0.03
CA LEU Q 71 -40.59 49.28 -1.26
C LEU Q 71 -41.84 49.47 -2.13
N SER Q 72 -42.04 50.69 -2.61
CA SER Q 72 -43.16 51.03 -3.48
C SER Q 72 -42.54 51.62 -4.73
N PHE Q 73 -43.32 51.74 -5.80
CA PHE Q 73 -42.75 52.25 -7.05
C PHE Q 73 -43.82 52.80 -8.00
N SER Q 74 -43.33 53.47 -9.05
CA SER Q 74 -44.16 54.01 -10.12
C SER Q 74 -43.42 53.62 -11.38
N GLY Q 75 -44.15 53.09 -12.36
CA GLY Q 75 -43.52 52.70 -13.60
C GLY Q 75 -43.96 51.34 -14.08
N LEU Q 76 -43.11 50.67 -14.85
CA LEU Q 76 -43.44 49.34 -15.37
C LEU Q 76 -43.48 48.33 -14.23
N ASN Q 77 -44.60 47.65 -14.10
CA ASN Q 77 -44.79 46.66 -13.04
C ASN Q 77 -43.85 45.49 -13.22
N ALA Q 78 -43.80 44.98 -14.45
CA ALA Q 78 -42.93 43.86 -14.74
C ALA Q 78 -41.50 44.19 -14.31
N ASP Q 79 -41.04 45.40 -14.59
CA ASP Q 79 -39.69 45.80 -14.23
C ASP Q 79 -39.47 45.81 -12.72
N SER Q 80 -40.44 46.31 -11.97
CA SER Q 80 -40.30 46.39 -10.52
C SER Q 80 -40.03 45.02 -9.89
N ARG Q 81 -40.71 43.99 -10.37
CA ARG Q 81 -40.53 42.64 -9.83
C ARG Q 81 -39.06 42.24 -9.80
N ILE Q 82 -38.35 42.50 -10.89
CA ILE Q 82 -36.94 42.16 -10.98
C ILE Q 82 -36.15 42.82 -9.85
N LEU Q 83 -36.37 44.12 -9.64
CA LEU Q 83 -35.68 44.84 -8.58
C LEU Q 83 -36.12 44.33 -7.20
N ILE Q 84 -37.40 44.03 -7.04
CA ILE Q 84 -37.88 43.55 -5.75
C ILE Q 84 -37.20 42.25 -5.39
N GLU Q 85 -37.16 41.32 -6.34
CA GLU Q 85 -36.53 40.04 -6.10
C GLU Q 85 -35.06 40.19 -5.75
N LYS Q 86 -34.33 41.01 -6.49
CA LYS Q 86 -32.90 41.22 -6.22
C LYS Q 86 -32.67 41.83 -4.85
N ALA Q 87 -33.53 42.77 -4.47
CA ALA Q 87 -33.43 43.43 -3.18
C ALA Q 87 -33.65 42.42 -2.05
N ARG Q 88 -34.65 41.54 -2.23
CA ARG Q 88 -34.98 40.54 -1.22
C ARG Q 88 -33.83 39.56 -1.06
N VAL Q 89 -33.26 39.15 -2.18
CA VAL Q 89 -32.15 38.23 -2.16
C VAL Q 89 -30.98 38.89 -1.44
N GLU Q 90 -30.69 40.13 -1.80
CA GLU Q 90 -29.59 40.86 -1.17
C GLU Q 90 -29.80 41.03 0.33
N ALA Q 91 -31.05 41.20 0.73
CA ALA Q 91 -31.38 41.38 2.13
C ALA Q 91 -31.01 40.14 2.95
N GLN Q 92 -31.27 38.97 2.38
CA GLN Q 92 -30.95 37.73 3.08
C GLN Q 92 -29.44 37.46 3.08
N SER Q 93 -28.78 37.81 1.99
CA SER Q 93 -27.34 37.63 1.87
C SER Q 93 -26.64 38.48 2.92
N HIS Q 94 -27.06 39.73 3.05
CA HIS Q 94 -26.47 40.65 4.01
C HIS Q 94 -26.61 40.11 5.44
N ARG Q 95 -27.76 39.50 5.74
CA ARG Q 95 -28.02 38.95 7.07
C ARG Q 95 -27.14 37.75 7.33
N LEU Q 96 -26.93 36.98 6.27
CA LEU Q 96 -26.12 35.77 6.32
C LEU Q 96 -24.63 36.03 6.51
N THR Q 97 -24.12 37.08 5.87
CA THR Q 97 -22.70 37.42 5.98
C THR Q 97 -22.33 38.42 7.06
N LEU Q 98 -23.17 39.43 7.28
CA LEU Q 98 -22.90 40.46 8.31
C LEU Q 98 -23.58 40.16 9.65
N GLU Q 99 -24.50 39.20 9.64
CA GLU Q 99 -25.24 38.82 10.83
C GLU Q 99 -26.02 40.02 11.37
N ASP Q 100 -26.61 40.77 10.45
CA ASP Q 100 -27.39 41.95 10.78
C ASP Q 100 -28.25 42.32 9.57
N PRO Q 101 -29.52 42.68 9.79
CA PRO Q 101 -30.33 43.03 8.62
C PRO Q 101 -29.82 44.34 8.02
N VAL Q 102 -30.20 44.60 6.77
CA VAL Q 102 -29.75 45.82 6.08
C VAL Q 102 -30.33 47.12 6.63
N THR Q 103 -29.58 48.20 6.51
CA THR Q 103 -30.06 49.51 6.92
C THR Q 103 -30.88 49.91 5.69
N VAL Q 104 -31.76 50.89 5.83
CA VAL Q 104 -32.59 51.33 4.71
C VAL Q 104 -31.74 51.97 3.61
N GLU Q 105 -30.71 52.70 4.02
CA GLU Q 105 -29.84 53.36 3.07
C GLU Q 105 -29.02 52.32 2.30
N TYR Q 106 -28.61 51.25 2.98
CA TYR Q 106 -27.85 50.18 2.32
C TYR Q 106 -28.70 49.54 1.23
N LEU Q 107 -29.91 49.12 1.61
CA LEU Q 107 -30.82 48.48 0.67
C LEU Q 107 -31.13 49.40 -0.52
N THR Q 108 -31.22 50.70 -0.24
CA THR Q 108 -31.51 51.69 -1.26
C THR Q 108 -30.32 51.82 -2.21
N ARG Q 109 -29.14 51.93 -1.63
CA ARG Q 109 -27.90 52.02 -2.40
C ARG Q 109 -27.75 50.80 -3.30
N TYR Q 110 -28.22 49.65 -2.83
CA TYR Q 110 -28.13 48.43 -3.63
C TYR Q 110 -29.06 48.50 -4.83
N VAL Q 111 -30.33 48.78 -4.59
CA VAL Q 111 -31.31 48.88 -5.67
C VAL Q 111 -30.86 49.91 -6.69
N ALA Q 112 -30.38 51.05 -6.20
CA ALA Q 112 -29.91 52.13 -7.07
C ALA Q 112 -28.73 51.68 -7.95
N GLY Q 113 -27.82 50.91 -7.39
CA GLY Q 113 -26.67 50.42 -8.14
C GLY Q 113 -27.12 49.51 -9.28
N VAL Q 114 -28.11 48.66 -9.00
CA VAL Q 114 -28.62 47.76 -10.02
C VAL Q 114 -29.23 48.60 -11.14
N GLN Q 115 -29.93 49.67 -10.78
CA GLN Q 115 -30.53 50.52 -11.79
C GLN Q 115 -29.47 51.24 -12.60
N GLN Q 116 -28.45 51.77 -11.94
CA GLN Q 116 -27.41 52.47 -12.65
C GLN Q 116 -26.74 51.54 -13.65
N ARG Q 117 -26.41 50.33 -13.19
CA ARG Q 117 -25.76 49.32 -14.02
C ARG Q 117 -26.53 49.05 -15.31
N TYR Q 118 -27.85 49.04 -15.24
CA TYR Q 118 -28.63 48.80 -16.43
C TYR Q 118 -28.66 50.01 -17.38
N THR Q 119 -27.91 51.06 -17.04
CA THR Q 119 -27.85 52.23 -17.91
C THR Q 119 -26.54 52.27 -18.68
N GLN Q 120 -25.58 51.43 -18.30
CA GLN Q 120 -24.34 51.41 -19.06
C GLN Q 120 -23.76 50.01 -19.23
N SER Q 121 -24.65 49.08 -19.59
CA SER Q 121 -24.33 47.68 -19.87
C SER Q 121 -24.93 47.35 -21.22
N GLY Q 122 -24.17 46.71 -22.09
CA GLY Q 122 -24.70 46.39 -23.39
C GLY Q 122 -25.86 45.39 -23.41
N GLY Q 123 -26.71 45.49 -24.42
CA GLY Q 123 -27.82 44.58 -24.55
C GLY Q 123 -29.00 44.71 -23.61
N VAL Q 124 -29.02 45.75 -22.78
CA VAL Q 124 -30.13 45.92 -21.84
C VAL Q 124 -30.64 47.36 -21.78
N ARG Q 125 -31.95 47.51 -21.53
CA ARG Q 125 -32.52 48.85 -21.42
C ARG Q 125 -32.66 49.15 -19.94
N PRO Q 126 -32.69 50.44 -19.56
CA PRO Q 126 -32.83 50.83 -18.16
C PRO Q 126 -34.19 50.42 -17.61
N PHE Q 127 -34.32 50.40 -16.28
CA PHE Q 127 -35.58 50.05 -15.65
C PHE Q 127 -36.53 51.23 -15.77
N GLY Q 128 -37.78 50.96 -16.14
CA GLY Q 128 -38.76 52.03 -16.25
C GLY Q 128 -39.44 52.12 -14.89
N VAL Q 129 -38.63 52.30 -13.85
CA VAL Q 129 -39.14 52.35 -12.50
C VAL Q 129 -38.41 53.33 -11.58
N SER Q 130 -39.17 53.90 -10.66
CA SER Q 130 -38.64 54.81 -9.63
C SER Q 130 -39.19 54.20 -8.36
N THR Q 131 -38.41 54.21 -7.29
CA THR Q 131 -38.86 53.60 -6.05
C THR Q 131 -38.77 54.47 -4.82
N LEU Q 132 -39.57 54.08 -3.83
CA LEU Q 132 -39.61 54.72 -2.53
C LEU Q 132 -39.32 53.53 -1.62
N ILE Q 133 -38.27 53.66 -0.83
CA ILE Q 133 -37.87 52.60 0.09
C ILE Q 133 -37.92 53.20 1.49
N ALA Q 134 -38.69 52.57 2.36
CA ALA Q 134 -38.84 53.07 3.72
C ALA Q 134 -38.73 52.00 4.79
N GLY Q 135 -38.35 52.41 5.98
CA GLY Q 135 -38.23 51.47 7.08
C GLY Q 135 -37.40 52.03 8.20
N PHE Q 136 -36.97 51.15 9.10
CA PHE Q 136 -36.16 51.53 10.24
C PHE Q 136 -34.91 50.66 10.34
N ASP Q 137 -33.76 51.30 10.51
CA ASP Q 137 -32.51 50.57 10.64
C ASP Q 137 -32.64 49.67 11.86
N PRO Q 138 -31.99 48.49 11.84
CA PRO Q 138 -32.06 47.57 12.99
C PRO Q 138 -31.76 48.30 14.30
N ARG Q 139 -32.58 48.04 15.31
CA ARG Q 139 -32.39 48.66 16.64
C ARG Q 139 -32.39 50.19 16.61
N ASP Q 140 -33.05 50.78 15.62
CA ASP Q 140 -33.11 52.24 15.50
C ASP Q 140 -34.58 52.64 15.42
N ASP Q 141 -34.89 53.85 15.89
CA ASP Q 141 -36.27 54.33 15.88
C ASP Q 141 -36.48 55.53 14.97
N GLU Q 142 -35.41 55.97 14.33
CA GLU Q 142 -35.50 57.11 13.42
C GLU Q 142 -36.04 56.63 12.07
N PRO Q 143 -37.17 57.21 11.62
CA PRO Q 143 -37.75 56.82 10.32
C PRO Q 143 -36.85 57.13 9.12
N LYS Q 144 -36.93 56.27 8.11
CA LYS Q 144 -36.12 56.42 6.89
C LYS Q 144 -36.96 56.36 5.62
N LEU Q 145 -36.71 57.28 4.72
CA LEU Q 145 -37.43 57.33 3.45
C LEU Q 145 -36.44 57.74 2.35
N TYR Q 146 -36.30 56.89 1.34
CA TYR Q 146 -35.39 57.14 0.24
C TYR Q 146 -36.11 56.95 -1.08
N GLN Q 147 -35.56 57.56 -2.12
CA GLN Q 147 -36.14 57.45 -3.45
C GLN Q 147 -35.04 57.14 -4.47
N THR Q 148 -35.35 56.29 -5.44
CA THR Q 148 -34.42 55.93 -6.50
C THR Q 148 -35.12 56.13 -7.84
N GLU Q 149 -34.35 56.39 -8.88
CA GLU Q 149 -34.90 56.58 -10.23
C GLU Q 149 -34.07 55.81 -11.24
N PRO Q 150 -34.60 55.61 -12.46
CA PRO Q 150 -33.90 54.87 -13.52
C PRO Q 150 -32.40 55.12 -13.67
N SER Q 151 -31.96 56.36 -13.53
CA SER Q 151 -30.53 56.67 -13.69
C SER Q 151 -29.65 56.02 -12.62
N GLY Q 152 -30.24 55.67 -11.48
CA GLY Q 152 -29.47 55.08 -10.40
C GLY Q 152 -29.23 56.08 -9.29
N ILE Q 153 -29.72 57.30 -9.48
CA ILE Q 153 -29.56 58.34 -8.46
C ILE Q 153 -30.52 58.07 -7.31
N TYR Q 154 -30.11 58.39 -6.09
CA TYR Q 154 -30.98 58.19 -4.94
C TYR Q 154 -30.67 59.20 -3.84
N SER Q 155 -31.62 59.37 -2.92
CA SER Q 155 -31.47 60.31 -1.80
C SER Q 155 -32.62 60.15 -0.81
N SER Q 156 -32.49 60.73 0.39
CA SER Q 156 -33.57 60.61 1.36
C SER Q 156 -34.46 61.86 1.38
N TRP Q 157 -35.74 61.63 1.63
CA TRP Q 157 -36.73 62.69 1.65
C TRP Q 157 -37.55 62.67 2.93
N SER Q 158 -38.03 63.85 3.34
CA SER Q 158 -38.88 63.99 4.52
C SER Q 158 -40.22 63.43 4.05
N ALA Q 159 -40.50 63.71 2.78
CA ALA Q 159 -41.71 63.27 2.12
C ALA Q 159 -41.43 63.38 0.63
N GLN Q 160 -42.03 62.50 -0.17
CA GLN Q 160 -41.79 62.51 -1.60
C GLN Q 160 -42.89 61.75 -2.32
N THR Q 161 -43.02 62.00 -3.61
CA THR Q 161 -44.02 61.35 -4.42
C THR Q 161 -43.45 61.11 -5.81
N ILE Q 162 -43.96 60.11 -6.50
CA ILE Q 162 -43.49 59.78 -7.85
C ILE Q 162 -44.69 59.28 -8.64
N GLY Q 163 -44.60 59.34 -9.96
CA GLY Q 163 -45.70 58.88 -10.77
C GLY Q 163 -46.48 60.03 -11.38
N ARG Q 164 -47.60 59.71 -12.02
CA ARG Q 164 -48.43 60.72 -12.66
C ARG Q 164 -48.98 61.71 -11.65
N ASN Q 165 -48.97 62.99 -12.04
CA ASN Q 165 -49.48 64.06 -11.20
C ASN Q 165 -48.73 64.19 -9.88
N SER Q 166 -47.53 63.63 -9.83
CA SER Q 166 -46.72 63.73 -8.61
C SER Q 166 -46.28 65.18 -8.46
N LYS Q 167 -46.34 65.94 -9.56
CA LYS Q 167 -45.97 67.35 -9.54
C LYS Q 167 -46.94 68.05 -8.59
N THR Q 168 -48.22 67.73 -8.77
CA THR Q 168 -49.32 68.27 -7.98
C THR Q 168 -49.20 67.93 -6.50
N VAL Q 169 -49.17 66.63 -6.20
CA VAL Q 169 -49.07 66.19 -4.82
C VAL Q 169 -47.78 66.60 -4.12
N ARG Q 170 -46.71 66.82 -4.89
CA ARG Q 170 -45.46 67.24 -4.27
C ARG Q 170 -45.64 68.66 -3.73
N GLU Q 171 -46.29 69.51 -4.52
CA GLU Q 171 -46.56 70.89 -4.13
C GLU Q 171 -47.33 70.87 -2.82
N PHE Q 172 -48.38 70.07 -2.77
CA PHE Q 172 -49.20 69.93 -1.58
C PHE Q 172 -48.29 69.65 -0.39
N LEU Q 173 -47.44 68.64 -0.53
CA LEU Q 173 -46.52 68.26 0.53
C LEU Q 173 -45.51 69.35 0.86
N GLU Q 174 -45.10 70.12 -0.13
CA GLU Q 174 -44.14 71.20 0.11
C GLU Q 174 -44.72 72.33 0.94
N LYS Q 175 -46.03 72.51 0.85
CA LYS Q 175 -46.70 73.56 1.60
C LYS Q 175 -47.64 72.98 2.64
N ASN Q 176 -47.34 71.78 3.09
CA ASN Q 176 -48.17 71.11 4.10
C ASN Q 176 -47.32 70.21 5.01
N TYR Q 177 -46.01 70.22 4.78
CA TYR Q 177 -45.10 69.41 5.59
C TYR Q 177 -44.06 70.32 6.24
N ASP Q 178 -44.05 70.30 7.56
CA ASP Q 178 -43.12 71.10 8.34
C ASP Q 178 -42.08 70.19 8.97
N ARG Q 179 -40.82 70.38 8.60
CA ARG Q 179 -39.74 69.58 9.15
C ARG Q 179 -39.58 69.90 10.64
N LYS Q 180 -40.05 71.07 11.05
CA LYS Q 180 -39.97 71.50 12.43
C LYS Q 180 -40.82 70.56 13.28
N GLU Q 181 -42.04 70.28 12.82
CA GLU Q 181 -42.96 69.41 13.54
C GLU Q 181 -43.58 68.35 12.63
N PRO Q 182 -42.83 67.28 12.35
CA PRO Q 182 -43.33 66.20 11.49
C PRO Q 182 -44.53 65.54 12.14
N PRO Q 183 -45.43 64.96 11.34
CA PRO Q 183 -46.63 64.30 11.88
C PRO Q 183 -46.27 63.43 13.09
N ALA Q 184 -46.35 64.02 14.27
CA ALA Q 184 -46.00 63.32 15.51
C ALA Q 184 -46.82 62.07 15.82
N THR Q 185 -47.76 61.71 14.95
CA THR Q 185 -48.58 60.53 15.19
C THR Q 185 -48.81 59.70 13.94
N VAL Q 186 -48.98 58.40 14.15
CA VAL Q 186 -49.25 57.48 13.05
C VAL Q 186 -50.52 57.98 12.36
N GLU Q 187 -51.49 58.40 13.17
CA GLU Q 187 -52.76 58.88 12.65
C GLU Q 187 -52.65 60.17 11.83
N GLU Q 188 -52.04 61.21 12.39
CA GLU Q 188 -51.92 62.46 11.63
C GLU Q 188 -50.95 62.32 10.46
N CYS Q 189 -50.10 61.30 10.50
CA CYS Q 189 -49.16 61.07 9.40
C CYS Q 189 -49.91 60.39 8.27
N VAL Q 190 -50.77 59.44 8.62
CA VAL Q 190 -51.55 58.72 7.62
C VAL Q 190 -52.52 59.70 6.98
N LYS Q 191 -52.99 60.66 7.76
CA LYS Q 191 -53.93 61.66 7.26
C LYS Q 191 -53.27 62.53 6.20
N LEU Q 192 -52.10 63.06 6.52
CA LEU Q 192 -51.37 63.90 5.58
C LEU Q 192 -51.11 63.15 4.27
N THR Q 193 -50.91 61.85 4.37
CA THR Q 193 -50.65 61.02 3.18
C THR Q 193 -51.91 60.87 2.33
N VAL Q 194 -53.06 60.67 2.98
CA VAL Q 194 -54.30 60.53 2.24
C VAL Q 194 -54.71 61.88 1.65
N ARG Q 195 -54.49 62.95 2.40
CA ARG Q 195 -54.81 64.29 1.91
C ARG Q 195 -54.06 64.55 0.61
N SER Q 196 -52.76 64.30 0.62
CA SER Q 196 -51.91 64.51 -0.55
C SER Q 196 -52.37 63.69 -1.77
N LEU Q 197 -52.88 62.48 -1.53
CA LEU Q 197 -53.33 61.64 -2.63
C LEU Q 197 -54.66 62.12 -3.19
N LEU Q 198 -55.54 62.59 -2.30
CA LEU Q 198 -56.85 63.08 -2.73
C LEU Q 198 -56.73 64.28 -3.68
N GLU Q 199 -55.55 64.90 -3.69
CA GLU Q 199 -55.30 66.03 -4.57
C GLU Q 199 -55.27 65.55 -6.02
N VAL Q 200 -55.09 64.25 -6.21
CA VAL Q 200 -55.01 63.69 -7.56
C VAL Q 200 -55.84 62.43 -7.81
N VAL Q 201 -56.21 61.71 -6.75
CA VAL Q 201 -56.99 60.49 -6.94
C VAL Q 201 -58.46 60.74 -7.31
N GLN Q 202 -58.97 61.92 -6.96
CA GLN Q 202 -60.36 62.28 -7.27
C GLN Q 202 -61.30 61.19 -6.74
N THR Q 203 -61.67 61.34 -5.47
CA THR Q 203 -62.56 60.39 -4.79
C THR Q 203 -62.31 58.94 -5.21
N GLY Q 204 -61.50 58.25 -4.41
CA GLY Q 204 -61.18 56.87 -4.69
C GLY Q 204 -60.89 56.08 -3.43
N ALA Q 205 -61.94 55.77 -2.68
CA ALA Q 205 -61.78 55.01 -1.43
C ALA Q 205 -61.11 53.67 -1.74
N LYS Q 206 -61.51 53.05 -2.85
CA LYS Q 206 -60.93 51.76 -3.25
C LYS Q 206 -59.77 51.99 -4.21
N ASN Q 207 -59.43 53.26 -4.44
CA ASN Q 207 -58.33 53.62 -5.33
C ASN Q 207 -57.15 54.15 -4.51
N ILE Q 208 -57.20 53.98 -3.19
CA ILE Q 208 -56.14 54.43 -2.31
C ILE Q 208 -55.77 53.40 -1.24
N GLU Q 209 -54.51 52.98 -1.24
CA GLU Q 209 -54.04 52.01 -0.26
C GLU Q 209 -52.87 52.57 0.54
N ILE Q 210 -52.97 52.41 1.86
CA ILE Q 210 -51.94 52.89 2.77
C ILE Q 210 -51.26 51.70 3.47
N THR Q 211 -50.00 51.91 3.86
CA THR Q 211 -49.22 50.92 4.58
C THR Q 211 -48.41 51.69 5.61
N VAL Q 212 -48.52 51.29 6.87
CA VAL Q 212 -47.78 51.97 7.93
C VAL Q 212 -46.63 51.14 8.43
N VAL Q 213 -45.46 51.77 8.52
CA VAL Q 213 -44.27 51.09 9.00
C VAL Q 213 -43.78 51.78 10.28
N LYS Q 214 -43.66 50.98 11.34
CA LYS Q 214 -43.19 51.45 12.64
C LYS Q 214 -41.89 50.73 12.97
N PRO Q 215 -41.13 51.21 13.98
CA PRO Q 215 -39.86 50.58 14.38
C PRO Q 215 -40.03 49.10 14.71
N ASP Q 216 -38.90 48.38 14.72
CA ASP Q 216 -38.89 46.96 15.05
C ASP Q 216 -39.80 46.06 14.23
N SER Q 217 -39.72 46.18 12.90
CA SER Q 217 -40.49 45.34 12.00
C SER Q 217 -42.00 45.37 12.18
N ASP Q 218 -42.53 46.50 12.63
CA ASP Q 218 -43.97 46.61 12.79
C ASP Q 218 -44.52 47.23 11.50
N ILE Q 219 -44.99 46.38 10.60
CA ILE Q 219 -45.52 46.83 9.33
C ILE Q 219 -46.94 46.30 9.14
N VAL Q 220 -47.83 47.17 8.67
CA VAL Q 220 -49.22 46.78 8.46
C VAL Q 220 -49.91 47.64 7.40
N ALA Q 221 -50.79 47.00 6.63
CA ALA Q 221 -51.52 47.69 5.59
C ALA Q 221 -52.97 47.93 6.05
N LEU Q 222 -53.46 49.14 5.83
CA LEU Q 222 -54.83 49.49 6.23
C LEU Q 222 -55.85 48.85 5.29
N SER Q 223 -57.08 48.73 5.77
CA SER Q 223 -58.16 48.16 4.97
C SER Q 223 -58.99 49.32 4.40
N SER Q 224 -59.82 49.01 3.42
CA SER Q 224 -60.65 50.03 2.78
C SER Q 224 -61.33 50.94 3.80
N GLU Q 225 -61.98 50.34 4.79
CA GLU Q 225 -62.68 51.08 5.83
C GLU Q 225 -61.76 52.07 6.53
N GLU Q 226 -60.73 51.53 7.18
CA GLU Q 226 -59.77 52.34 7.91
C GLU Q 226 -59.37 53.55 7.08
N ILE Q 227 -59.17 53.34 5.78
CA ILE Q 227 -58.78 54.43 4.91
C ILE Q 227 -60.00 55.30 4.60
N ASN Q 228 -61.09 54.66 4.20
CA ASN Q 228 -62.34 55.34 3.87
C ASN Q 228 -62.71 56.30 5.00
N GLN Q 229 -62.35 55.90 6.23
CA GLN Q 229 -62.63 56.72 7.41
C GLN Q 229 -61.80 58.00 7.35
N TYR Q 230 -60.54 57.87 6.94
CA TYR Q 230 -59.66 59.03 6.84
C TYR Q 230 -60.20 59.98 5.78
N VAL Q 231 -60.66 59.42 4.67
CA VAL Q 231 -61.22 60.20 3.57
C VAL Q 231 -62.40 61.03 4.09
N THR Q 232 -63.36 60.34 4.71
CA THR Q 232 -64.55 60.96 5.27
C THR Q 232 -64.23 62.13 6.19
N GLN Q 233 -63.36 61.90 7.16
CA GLN Q 233 -63.00 62.96 8.10
C GLN Q 233 -62.35 64.14 7.39
N ILE Q 234 -61.75 63.87 6.23
CA ILE Q 234 -61.08 64.94 5.49
C ILE Q 234 -62.02 65.80 4.66
N GLU Q 235 -63.02 65.19 4.03
CA GLU Q 235 -63.97 65.93 3.22
C GLU Q 235 -64.75 66.91 4.08
N GLN Q 236 -64.86 66.60 5.37
CA GLN Q 236 -65.56 67.45 6.31
C GLN Q 236 -64.70 68.66 6.65
N GLU Q 237 -63.39 68.46 6.73
CA GLU Q 237 -62.46 69.55 7.03
C GLU Q 237 -62.70 70.66 5.99
N LYS Q 238 -63.07 70.25 4.79
CA LYS Q 238 -63.33 71.18 3.69
C LYS Q 238 -64.71 71.83 3.82
N GLN Q 239 -65.75 71.01 3.82
CA GLN Q 239 -67.13 71.49 3.95
C GLN Q 239 -67.33 72.36 5.17
N GLU Q 240 -66.67 72.03 6.28
CA GLU Q 240 -66.78 72.82 7.50
C GLU Q 240 -66.11 74.17 7.27
N GLN Q 241 -66.25 74.68 6.06
CA GLN Q 241 -65.67 75.96 5.68
C GLN Q 241 -66.20 76.37 4.29
N ASP R 1 -27.01 52.11 -37.29
CA ASP R 1 -26.73 53.43 -36.63
C ASP R 1 -25.24 53.81 -36.77
N ARG R 2 -24.57 54.00 -35.64
CA ARG R 2 -23.15 54.37 -35.65
C ARG R 2 -22.46 53.87 -34.37
N GLY R 3 -21.29 53.26 -34.54
CA GLY R 3 -20.55 52.73 -33.40
C GLY R 3 -20.35 53.70 -32.26
N VAL R 4 -20.29 53.16 -31.04
CA VAL R 4 -20.12 53.99 -29.85
C VAL R 4 -18.67 54.44 -29.67
N SER R 5 -17.77 53.84 -30.45
CA SER R 5 -16.37 54.21 -30.37
C SER R 5 -15.89 54.73 -31.73
N THR R 6 -16.74 55.52 -32.38
CA THR R 6 -16.43 56.09 -33.68
C THR R 6 -15.71 57.43 -33.53
N PHE R 7 -14.83 57.71 -34.48
CA PHE R 7 -14.09 58.97 -34.48
C PHE R 7 -14.82 59.99 -35.34
N SER R 8 -14.80 61.25 -34.91
CA SER R 8 -15.43 62.31 -35.68
C SER R 8 -14.39 62.68 -36.75
N PRO R 9 -14.80 63.44 -37.76
CA PRO R 9 -13.83 63.83 -38.80
C PRO R 9 -12.70 64.70 -38.24
N GLU R 10 -12.91 65.28 -37.06
CA GLU R 10 -11.89 66.13 -36.44
C GLU R 10 -10.96 65.35 -35.50
N GLY R 11 -11.11 64.03 -35.47
CA GLY R 11 -10.26 63.22 -34.61
C GLY R 11 -10.67 63.13 -33.16
N ARG R 12 -11.97 63.25 -32.90
CA ARG R 12 -12.47 63.15 -31.53
C ARG R 12 -13.47 62.00 -31.44
N LEU R 13 -13.59 61.43 -30.24
CA LEU R 13 -14.54 60.34 -30.03
C LEU R 13 -15.89 60.93 -29.63
N PHE R 14 -16.89 60.75 -30.50
CA PHE R 14 -18.23 61.28 -30.25
C PHE R 14 -18.77 61.05 -28.84
N GLN R 15 -18.83 59.79 -28.42
CA GLN R 15 -19.36 59.50 -27.11
C GLN R 15 -18.63 60.21 -25.99
N VAL R 16 -17.33 60.44 -26.16
CA VAL R 16 -16.57 61.12 -25.13
C VAL R 16 -16.92 62.61 -25.11
N GLU R 17 -17.01 63.21 -26.29
CA GLU R 17 -17.35 64.63 -26.38
C GLU R 17 -18.76 64.86 -25.83
N TYR R 18 -19.70 63.99 -26.23
CA TYR R 18 -21.08 64.14 -25.75
C TYR R 18 -21.12 63.93 -24.25
N SER R 19 -20.20 63.10 -23.76
CA SER R 19 -20.10 62.82 -22.34
C SER R 19 -19.76 64.13 -21.62
N LEU R 20 -18.79 64.85 -22.16
CA LEU R 20 -18.37 66.12 -21.60
C LEU R 20 -19.52 67.12 -21.49
N GLU R 21 -20.50 67.01 -22.39
CA GLU R 21 -21.64 67.92 -22.37
C GLU R 21 -22.52 67.65 -21.14
N ALA R 22 -22.69 66.39 -20.80
CA ALA R 22 -23.50 66.04 -19.65
C ALA R 22 -22.84 66.58 -18.39
N ILE R 23 -21.51 66.55 -18.38
CA ILE R 23 -20.74 67.02 -17.24
C ILE R 23 -20.85 68.53 -17.04
N LYS R 24 -21.10 69.25 -18.12
CA LYS R 24 -21.26 70.70 -18.04
C LYS R 24 -22.55 71.03 -17.31
N LEU R 25 -23.53 70.15 -17.46
CA LEU R 25 -24.83 70.33 -16.81
C LEU R 25 -24.81 69.95 -15.34
N GLY R 26 -23.71 69.37 -14.88
CA GLY R 26 -23.61 68.96 -13.49
C GLY R 26 -23.37 70.08 -12.50
N SER R 27 -23.52 69.74 -11.22
CA SER R 27 -23.30 70.71 -10.14
C SER R 27 -21.83 71.10 -10.10
N THR R 28 -21.57 72.32 -9.65
CA THR R 28 -20.20 72.81 -9.58
C THR R 28 -19.39 72.13 -8.49
N ALA R 29 -18.11 71.90 -8.77
CA ALA R 29 -17.18 71.30 -7.84
C ALA R 29 -15.87 72.05 -8.03
N ILE R 30 -15.21 72.41 -6.94
CA ILE R 30 -13.95 73.15 -7.01
C ILE R 30 -12.90 72.57 -6.07
N GLY R 31 -11.64 72.62 -6.52
CA GLY R 31 -10.56 72.14 -5.69
C GLY R 31 -9.39 73.13 -5.72
N ILE R 32 -8.77 73.33 -4.56
CA ILE R 32 -7.62 74.23 -4.45
C ILE R 32 -6.48 73.51 -3.70
N ALA R 33 -5.31 73.46 -4.33
CA ALA R 33 -4.17 72.81 -3.70
C ALA R 33 -3.21 73.87 -3.15
N THR R 34 -2.78 73.69 -1.90
CA THR R 34 -1.85 74.61 -1.25
C THR R 34 -0.79 73.80 -0.52
N LYS R 35 0.23 74.45 0.02
CA LYS R 35 1.28 73.72 0.72
C LYS R 35 0.84 73.34 2.12
N GLU R 36 -0.43 73.61 2.43
CA GLU R 36 -1.00 73.28 3.73
C GLU R 36 -2.13 72.29 3.57
N GLY R 37 -2.32 71.80 2.35
CA GLY R 37 -3.39 70.86 2.10
C GLY R 37 -4.20 71.23 0.87
N VAL R 38 -5.20 70.42 0.55
CA VAL R 38 -6.04 70.68 -0.60
C VAL R 38 -7.48 70.77 -0.13
N VAL R 39 -8.21 71.73 -0.66
CA VAL R 39 -9.61 71.92 -0.30
C VAL R 39 -10.48 71.48 -1.47
N LEU R 40 -11.61 70.85 -1.16
CA LEU R 40 -12.51 70.36 -2.17
C LEU R 40 -13.90 70.79 -1.74
N GLY R 41 -14.60 71.52 -2.60
CA GLY R 41 -15.94 71.98 -2.27
C GLY R 41 -16.91 71.68 -3.40
N VAL R 42 -18.17 71.50 -3.06
CA VAL R 42 -19.19 71.21 -4.06
C VAL R 42 -20.51 71.89 -3.79
N GLU R 43 -21.32 71.99 -4.84
CA GLU R 43 -22.66 72.57 -4.76
C GLU R 43 -23.62 71.39 -4.61
N LYS R 44 -24.33 71.33 -3.49
CA LYS R 44 -25.28 70.23 -3.27
C LYS R 44 -26.34 70.24 -4.37
N ARG R 45 -26.99 71.39 -4.55
CA ARG R 45 -28.04 71.58 -5.55
C ARG R 45 -29.21 70.60 -5.41
N ALA R 46 -29.91 70.65 -4.29
CA ALA R 46 -31.08 69.77 -4.09
C ALA R 46 -32.19 70.22 -5.04
N THR R 47 -33.04 69.30 -5.46
CA THR R 47 -34.11 69.64 -6.40
C THR R 47 -35.46 69.98 -5.77
N SER R 48 -35.55 69.87 -4.45
CA SER R 48 -36.80 70.16 -3.75
C SER R 48 -36.51 70.37 -2.27
N PRO R 49 -37.28 71.26 -1.63
CA PRO R 49 -37.07 71.55 -0.20
C PRO R 49 -37.30 70.33 0.71
N LEU R 50 -38.03 69.34 0.22
CA LEU R 50 -38.31 68.12 0.99
C LEU R 50 -37.14 67.14 0.98
N LEU R 51 -36.21 67.35 0.06
CA LEU R 51 -35.02 66.50 -0.05
C LEU R 51 -34.06 66.87 1.09
N GLU R 52 -33.68 65.87 1.88
CA GLU R 52 -32.76 66.09 2.99
C GLU R 52 -31.36 66.29 2.43
N SER R 53 -30.93 67.55 2.39
CA SER R 53 -29.65 67.95 1.85
C SER R 53 -28.40 67.15 2.24
N ASP R 54 -28.35 66.64 3.47
CA ASP R 54 -27.16 65.90 3.88
C ASP R 54 -27.07 64.49 3.30
N SER R 55 -28.09 64.05 2.58
CA SER R 55 -28.04 62.73 1.96
C SER R 55 -27.39 62.87 0.58
N ILE R 56 -26.98 64.10 0.25
CA ILE R 56 -26.31 64.40 -1.01
C ILE R 56 -24.82 64.21 -0.77
N GLU R 57 -24.24 63.19 -1.39
CA GLU R 57 -22.83 62.87 -1.20
C GLU R 57 -22.02 63.03 -2.49
N LYS R 58 -21.44 64.21 -2.67
CA LYS R 58 -20.67 64.48 -3.87
C LYS R 58 -19.19 64.62 -3.58
N ILE R 59 -18.84 64.42 -2.31
CA ILE R 59 -17.45 64.44 -1.88
C ILE R 59 -17.28 63.13 -1.11
N VAL R 60 -16.34 62.28 -1.53
CA VAL R 60 -16.14 61.00 -0.85
C VAL R 60 -14.69 60.67 -0.59
N GLU R 61 -14.46 59.83 0.42
CA GLU R 61 -13.12 59.39 0.80
C GLU R 61 -12.71 58.16 -0.01
N ILE R 62 -11.49 58.19 -0.55
CA ILE R 62 -10.93 57.08 -1.31
C ILE R 62 -10.08 56.28 -0.32
N ASP R 63 -9.27 57.00 0.45
CA ASP R 63 -8.41 56.43 1.49
C ASP R 63 -8.12 57.62 2.42
N ARG R 64 -7.42 57.39 3.53
CA ARG R 64 -7.13 58.46 4.48
C ARG R 64 -6.36 59.64 3.88
N HIS R 65 -5.56 59.38 2.85
CA HIS R 65 -4.76 60.43 2.22
C HIS R 65 -5.31 60.87 0.86
N ILE R 66 -6.48 60.38 0.50
CA ILE R 66 -7.08 60.74 -0.79
C ILE R 66 -8.58 60.93 -0.69
N GLY R 67 -9.07 62.04 -1.25
CA GLY R 67 -10.48 62.32 -1.26
C GLY R 67 -10.86 62.72 -2.67
N CYS R 68 -12.15 62.76 -2.97
CA CYS R 68 -12.53 63.15 -4.31
C CYS R 68 -13.93 63.75 -4.43
N ALA R 69 -14.07 64.67 -5.39
CA ALA R 69 -15.33 65.36 -5.64
C ALA R 69 -15.77 65.03 -7.05
N MET R 70 -17.08 65.00 -7.27
CA MET R 70 -17.63 64.64 -8.58
C MET R 70 -18.61 65.66 -9.13
N SER R 71 -18.80 65.60 -10.44
CA SER R 71 -19.70 66.51 -11.13
C SER R 71 -20.22 65.85 -12.40
N GLY R 72 -21.55 65.84 -12.57
CA GLY R 72 -22.14 65.23 -13.75
C GLY R 72 -23.15 64.17 -13.35
N LEU R 73 -23.22 63.08 -14.11
CA LEU R 73 -24.14 61.98 -13.77
C LEU R 73 -23.50 61.24 -12.59
N THR R 74 -23.73 61.76 -11.39
CA THR R 74 -23.14 61.19 -10.18
C THR R 74 -23.36 59.70 -9.92
N ALA R 75 -24.46 59.15 -10.40
CA ALA R 75 -24.69 57.71 -10.18
C ALA R 75 -23.56 56.93 -10.85
N ASP R 76 -23.02 57.46 -11.94
CA ASP R 76 -21.93 56.84 -12.69
C ASP R 76 -20.62 56.78 -11.92
N ALA R 77 -20.49 57.59 -10.89
CA ALA R 77 -19.24 57.63 -10.14
C ALA R 77 -19.08 56.54 -9.07
N ARG R 78 -20.16 55.87 -8.69
CA ARG R 78 -20.07 54.84 -7.65
C ARG R 78 -19.06 53.73 -7.94
N SER R 79 -19.13 53.15 -9.13
CA SER R 79 -18.20 52.08 -9.47
C SER R 79 -16.77 52.62 -9.59
N MET R 80 -16.66 53.90 -9.93
CA MET R 80 -15.33 54.53 -10.03
C MET R 80 -14.75 54.68 -8.62
N ILE R 81 -15.57 55.11 -7.68
CA ILE R 81 -15.13 55.30 -6.30
C ILE R 81 -14.72 53.92 -5.75
N GLU R 82 -15.58 52.94 -6.01
CA GLU R 82 -15.36 51.57 -5.57
C GLU R 82 -14.03 51.06 -6.09
N HIS R 83 -13.81 51.22 -7.39
CA HIS R 83 -12.56 50.79 -8.00
C HIS R 83 -11.39 51.48 -7.32
N ALA R 84 -11.54 52.79 -7.08
CA ALA R 84 -10.50 53.58 -6.45
C ALA R 84 -10.18 53.10 -5.04
N ARG R 85 -11.21 52.86 -4.25
CA ARG R 85 -10.99 52.40 -2.88
C ARG R 85 -10.31 51.03 -2.87
N THR R 86 -10.73 50.16 -3.76
CA THR R 86 -10.16 48.84 -3.86
C THR R 86 -8.70 48.93 -4.27
N ALA R 87 -8.43 49.78 -5.25
CA ALA R 87 -7.08 49.98 -5.74
C ALA R 87 -6.15 50.46 -4.63
N ALA R 88 -6.61 51.42 -3.84
CA ALA R 88 -5.79 51.96 -2.76
C ALA R 88 -5.55 50.93 -1.67
N VAL R 89 -6.60 50.25 -1.24
CA VAL R 89 -6.46 49.22 -0.22
C VAL R 89 -5.61 48.07 -0.73
N THR R 90 -5.85 47.64 -1.97
CA THR R 90 -5.08 46.55 -2.55
C THR R 90 -3.59 46.91 -2.58
N HIS R 91 -3.27 48.13 -2.97
CA HIS R 91 -1.87 48.55 -3.02
C HIS R 91 -1.25 48.41 -1.64
N ASN R 92 -1.98 48.83 -0.61
CA ASN R 92 -1.47 48.73 0.74
C ASN R 92 -1.24 47.30 1.17
N LEU R 93 -2.12 46.40 0.73
CA LEU R 93 -1.97 44.99 1.10
C LEU R 93 -0.72 44.40 0.44
N TYR R 94 -0.48 44.77 -0.81
CA TYR R 94 0.67 44.26 -1.56
C TYR R 94 1.99 44.93 -1.21
N TYR R 95 1.97 46.20 -0.84
CA TYR R 95 3.21 46.90 -0.56
C TYR R 95 3.42 47.49 0.82
N ASP R 96 2.46 47.31 1.71
CA ASP R 96 2.59 47.82 3.07
C ASP R 96 2.94 49.31 3.03
N GLU R 97 2.16 50.09 2.29
CA GLU R 97 2.40 51.51 2.16
C GLU R 97 1.18 52.14 1.50
N ASP R 98 1.16 53.47 1.44
CA ASP R 98 0.07 54.21 0.82
C ASP R 98 0.29 54.28 -0.67
N ILE R 99 -0.79 54.26 -1.42
CA ILE R 99 -0.71 54.38 -2.87
C ILE R 99 -0.48 55.86 -3.20
N ASN R 100 0.36 56.14 -4.19
CA ASN R 100 0.60 57.52 -4.58
C ASN R 100 -0.66 58.07 -5.24
N VAL R 101 -0.97 59.33 -4.97
CA VAL R 101 -2.16 59.97 -5.53
C VAL R 101 -2.23 59.86 -7.06
N GLU R 102 -1.10 60.01 -7.73
CA GLU R 102 -1.06 59.93 -9.19
C GLU R 102 -1.37 58.53 -9.71
N SER R 103 -0.87 57.51 -9.00
CA SER R 103 -1.09 56.12 -9.37
C SER R 103 -2.56 55.77 -9.20
N LEU R 104 -3.12 56.24 -8.10
CA LEU R 104 -4.53 56.00 -7.83
C LEU R 104 -5.35 56.64 -8.94
N THR R 105 -4.97 57.84 -9.33
CA THR R 105 -5.70 58.54 -10.39
C THR R 105 -5.56 57.82 -11.72
N GLN R 106 -4.34 57.43 -12.05
CA GLN R 106 -4.06 56.73 -13.31
C GLN R 106 -4.88 55.44 -13.39
N SER R 107 -5.07 54.78 -12.26
CA SER R 107 -5.83 53.54 -12.20
C SER R 107 -7.31 53.78 -12.48
N VAL R 108 -7.86 54.86 -11.92
CA VAL R 108 -9.26 55.20 -12.15
C VAL R 108 -9.44 55.55 -13.63
N CYS R 109 -8.49 56.31 -14.17
CA CYS R 109 -8.56 56.72 -15.57
C CYS R 109 -8.43 55.57 -16.55
N ASP R 110 -7.93 54.43 -16.08
CA ASP R 110 -7.78 53.28 -16.94
C ASP R 110 -9.12 52.66 -17.29
N LEU R 111 -10.14 52.95 -16.49
CA LEU R 111 -11.48 52.41 -16.75
C LEU R 111 -12.17 53.22 -17.84
N ALA R 112 -11.85 54.52 -17.86
CA ALA R 112 -12.42 55.47 -18.79
C ALA R 112 -12.75 55.00 -20.21
N LEU R 113 -11.74 54.65 -20.99
CA LEU R 113 -11.98 54.23 -22.37
C LEU R 113 -12.40 52.78 -22.57
N ARG R 114 -12.67 52.07 -21.47
CA ARG R 114 -13.11 50.69 -21.54
C ARG R 114 -14.60 50.58 -21.88
N PHE R 115 -15.00 51.06 -23.05
CA PHE R 115 -16.39 50.96 -23.45
C PHE R 115 -16.46 50.62 -24.92
N GLY R 116 -17.61 50.12 -25.36
CA GLY R 116 -17.78 49.75 -26.76
C GLY R 116 -18.64 48.51 -26.89
N GLU R 117 -18.85 48.06 -28.13
CA GLU R 117 -19.66 46.87 -28.40
C GLU R 117 -18.80 45.70 -28.88
N GLY R 118 -17.49 45.77 -28.62
CA GLY R 118 -16.58 44.71 -29.02
C GLY R 118 -15.27 45.24 -29.62
N ALA R 119 -14.63 46.17 -28.89
CA ALA R 119 -13.37 46.77 -29.32
C ALA R 119 -12.18 45.82 -29.18
N SER R 120 -11.54 45.52 -30.32
CA SER R 120 -10.39 44.61 -30.38
C SER R 120 -9.15 45.11 -29.61
N GLY R 121 -9.11 44.83 -28.30
CA GLY R 121 -7.98 45.26 -27.48
C GLY R 121 -7.95 44.56 -26.12
N GLU R 122 -9.07 43.94 -25.76
CA GLU R 122 -9.23 43.21 -24.49
C GLU R 122 -10.72 42.88 -24.36
N GLU R 123 -11.31 43.16 -23.21
CA GLU R 123 -12.75 42.90 -23.01
C GLU R 123 -13.44 44.08 -22.32
N ARG R 124 -13.48 45.21 -23.02
CA ARG R 124 -14.12 46.44 -22.52
C ARG R 124 -15.64 46.35 -22.54
N LEU R 125 -16.19 45.69 -21.51
CA LEU R 125 -17.63 45.51 -21.42
C LEU R 125 -18.30 46.65 -20.67
N MET R 126 -18.55 47.75 -21.36
CA MET R 126 -19.21 48.92 -20.81
C MET R 126 -19.80 49.58 -22.05
N SER R 127 -21.12 49.79 -22.06
CA SER R 127 -21.78 50.34 -23.24
C SER R 127 -21.52 51.79 -23.59
N ARG R 128 -21.13 52.60 -22.60
CA ARG R 128 -20.89 54.01 -22.85
C ARG R 128 -19.85 54.53 -21.88
N PRO R 129 -19.28 55.72 -22.17
CA PRO R 129 -18.27 56.30 -21.27
C PRO R 129 -18.98 56.77 -19.99
N PHE R 130 -18.21 57.10 -18.97
CA PHE R 130 -18.79 57.60 -17.73
C PHE R 130 -19.26 59.01 -18.02
N GLY R 131 -20.38 59.41 -17.44
CA GLY R 131 -20.89 60.75 -17.65
C GLY R 131 -20.62 61.64 -16.43
N VAL R 132 -19.44 61.50 -15.84
CA VAL R 132 -19.11 62.27 -14.67
C VAL R 132 -17.61 62.52 -14.63
N ALA R 133 -17.21 63.68 -14.14
CA ALA R 133 -15.79 64.01 -14.03
C ALA R 133 -15.46 64.03 -12.55
N LEU R 134 -14.20 63.80 -12.21
CA LEU R 134 -13.82 63.78 -10.81
C LEU R 134 -12.59 64.64 -10.51
N LEU R 135 -12.54 65.14 -9.28
CA LEU R 135 -11.39 65.91 -8.83
C LEU R 135 -10.82 65.01 -7.74
N ILE R 136 -9.66 64.42 -7.97
CA ILE R 136 -9.05 63.57 -6.96
C ILE R 136 -7.98 64.41 -6.28
N ALA R 137 -8.08 64.50 -4.96
CA ALA R 137 -7.12 65.28 -4.19
C ALA R 137 -6.52 64.45 -3.07
N GLY R 138 -5.24 64.64 -2.80
CA GLY R 138 -4.61 63.88 -1.74
C GLY R 138 -3.18 64.30 -1.47
N HIS R 139 -2.50 63.49 -0.66
CA HIS R 139 -1.12 63.75 -0.31
C HIS R 139 -0.31 62.46 -0.22
N ASP R 140 0.95 62.54 -0.63
CA ASP R 140 1.85 61.41 -0.54
C ASP R 140 3.26 61.99 -0.39
N ALA R 141 4.12 61.25 0.31
CA ALA R 141 5.48 61.67 0.59
C ALA R 141 6.34 62.17 -0.57
N ASP R 142 6.13 61.65 -1.77
CA ASP R 142 6.97 62.05 -2.90
C ASP R 142 6.61 63.35 -3.62
N ASP R 143 5.32 63.62 -3.78
CA ASP R 143 4.89 64.83 -4.46
C ASP R 143 3.95 65.71 -3.66
N GLY R 144 3.97 65.56 -2.35
CA GLY R 144 3.12 66.36 -1.49
C GLY R 144 1.65 66.41 -1.88
N TYR R 145 1.03 67.54 -1.59
CA TYR R 145 -0.39 67.75 -1.90
C TYR R 145 -0.63 67.84 -3.41
N GLN R 146 -1.69 67.17 -3.86
CA GLN R 146 -2.01 67.15 -5.28
C GLN R 146 -3.49 67.16 -5.60
N LEU R 147 -3.81 67.78 -6.74
CA LEU R 147 -5.17 67.89 -7.22
C LEU R 147 -5.17 67.41 -8.65
N PHE R 148 -6.07 66.48 -8.97
CA PHE R 148 -6.16 65.93 -10.32
C PHE R 148 -7.58 66.03 -10.85
N HIS R 149 -7.68 66.19 -12.16
CA HIS R 149 -8.96 66.25 -12.81
C HIS R 149 -9.00 65.02 -13.72
N ALA R 150 -9.90 64.09 -13.41
CA ALA R 150 -10.06 62.85 -14.19
C ALA R 150 -11.31 62.92 -15.05
N GLU R 151 -11.14 62.88 -16.37
CA GLU R 151 -12.27 62.97 -17.29
C GLU R 151 -12.57 61.63 -17.94
N PRO R 152 -13.80 61.49 -18.50
CA PRO R 152 -14.26 60.26 -19.17
C PRO R 152 -13.43 59.96 -20.41
N SER R 153 -12.46 60.81 -20.68
CA SER R 153 -11.59 60.64 -21.84
C SER R 153 -10.41 59.77 -21.45
N GLY R 154 -10.28 59.50 -20.15
CA GLY R 154 -9.18 58.70 -19.67
C GLY R 154 -7.96 59.53 -19.36
N THR R 155 -8.01 60.81 -19.72
CA THR R 155 -6.87 61.69 -19.46
C THR R 155 -7.09 62.42 -18.12
N PHE R 156 -6.01 62.65 -17.41
CA PHE R 156 -6.09 63.35 -16.13
C PHE R 156 -4.98 64.38 -16.05
N TYR R 157 -5.36 65.58 -15.66
CA TYR R 157 -4.43 66.69 -15.56
C TYR R 157 -4.27 67.06 -14.11
N ARG R 158 -3.08 67.54 -13.76
CA ARG R 158 -2.83 67.98 -12.41
C ARG R 158 -3.06 69.50 -12.44
N TYR R 159 -3.67 70.04 -11.39
CA TYR R 159 -3.96 71.48 -11.31
C TYR R 159 -3.59 72.04 -9.95
N ASN R 160 -3.42 73.36 -9.89
CA ASN R 160 -3.13 74.04 -8.64
C ASN R 160 -4.52 74.36 -8.10
N ALA R 161 -5.45 74.54 -9.03
CA ALA R 161 -6.83 74.83 -8.69
C ALA R 161 -7.66 74.45 -9.91
N LYS R 162 -8.87 73.96 -9.69
CA LYS R 162 -9.72 73.55 -10.80
C LYS R 162 -11.19 73.49 -10.42
N ALA R 163 -12.04 73.89 -11.36
CA ALA R 163 -13.47 73.89 -11.17
C ALA R 163 -14.11 73.08 -12.30
N ILE R 164 -15.12 72.30 -11.98
CA ILE R 164 -15.81 71.50 -12.98
C ILE R 164 -17.30 71.63 -12.72
N GLY R 165 -18.10 71.44 -13.76
CA GLY R 165 -19.54 71.55 -13.59
C GLY R 165 -20.09 72.78 -14.30
N SER R 166 -21.38 73.05 -14.09
CA SER R 166 -22.05 74.18 -14.74
C SER R 166 -21.35 75.53 -14.67
N GLY R 167 -20.78 75.90 -13.52
CA GLY R 167 -20.13 77.19 -13.44
C GLY R 167 -18.63 77.17 -13.63
N SER R 168 -18.10 76.10 -14.21
CA SER R 168 -16.65 75.95 -14.39
C SER R 168 -15.89 77.04 -15.18
N GLU R 169 -16.35 77.40 -16.37
CA GLU R 169 -15.64 78.43 -17.15
C GLU R 169 -15.51 79.71 -16.33
N GLY R 170 -16.60 80.12 -15.69
CA GLY R 170 -16.58 81.32 -14.88
C GLY R 170 -15.66 81.14 -13.68
N ALA R 171 -15.94 80.09 -12.90
CA ALA R 171 -15.17 79.78 -11.70
C ALA R 171 -13.68 79.61 -11.98
N GLN R 172 -13.35 79.01 -13.12
CA GLN R 172 -11.97 78.78 -13.47
C GLN R 172 -11.24 80.11 -13.69
N ALA R 173 -11.92 81.05 -14.35
CA ALA R 173 -11.34 82.36 -14.61
C ALA R 173 -11.02 83.04 -13.28
N GLU R 174 -11.90 82.84 -12.31
CA GLU R 174 -11.72 83.39 -10.98
C GLU R 174 -10.48 82.79 -10.32
N LEU R 175 -10.41 81.47 -10.34
CA LEU R 175 -9.27 80.75 -9.75
C LEU R 175 -7.95 81.19 -10.37
N LEU R 176 -8.00 81.60 -11.63
CA LEU R 176 -6.81 82.05 -12.34
C LEU R 176 -6.16 83.24 -11.64
N ASN R 177 -6.98 84.20 -11.24
CA ASN R 177 -6.50 85.41 -10.57
C ASN R 177 -6.26 85.27 -9.09
N GLU R 178 -7.08 84.46 -8.42
CA GLU R 178 -6.97 84.30 -6.97
C GLU R 178 -5.85 83.37 -6.50
N TRP R 179 -5.53 82.34 -7.28
CA TRP R 179 -4.50 81.39 -6.86
C TRP R 179 -3.05 81.84 -6.96
N HIS R 180 -2.30 81.59 -5.88
CA HIS R 180 -0.89 81.89 -5.85
C HIS R 180 -0.22 80.82 -4.98
N SER R 181 1.05 80.54 -5.26
CA SER R 181 1.80 79.51 -4.56
C SER R 181 1.97 79.61 -3.05
N SER R 182 1.39 80.63 -2.42
CA SER R 182 1.55 80.77 -0.98
C SER R 182 0.24 80.86 -0.20
N LEU R 183 -0.87 80.50 -0.83
CA LEU R 183 -2.17 80.50 -0.16
C LEU R 183 -2.13 79.61 1.07
N THR R 184 -2.88 79.98 2.10
CA THR R 184 -2.94 79.17 3.30
C THR R 184 -4.21 78.33 3.13
N LEU R 185 -4.33 77.27 3.93
CA LEU R 185 -5.50 76.42 3.83
C LEU R 185 -6.77 77.25 4.05
N LYS R 186 -6.73 78.12 5.06
CA LYS R 186 -7.87 78.97 5.38
C LYS R 186 -8.27 79.87 4.22
N GLU R 187 -7.28 80.41 3.51
CA GLU R 187 -7.54 81.27 2.36
C GLU R 187 -8.23 80.45 1.28
N ALA R 188 -7.73 79.25 1.03
CA ALA R 188 -8.30 78.37 0.02
C ALA R 188 -9.76 78.04 0.36
N GLU R 189 -10.04 77.78 1.64
CA GLU R 189 -11.40 77.47 2.06
C GLU R 189 -12.37 78.60 1.68
N LEU R 190 -12.07 79.81 2.14
CA LEU R 190 -12.90 80.97 1.85
C LEU R 190 -12.99 81.20 0.34
N LEU R 191 -11.85 81.02 -0.33
CA LEU R 191 -11.77 81.22 -1.78
C LEU R 191 -12.69 80.27 -2.53
N VAL R 192 -12.81 79.04 -2.05
CA VAL R 192 -13.69 78.05 -2.69
C VAL R 192 -15.13 78.39 -2.37
N LEU R 193 -15.36 78.80 -1.13
CA LEU R 193 -16.68 79.17 -0.68
C LEU R 193 -17.20 80.37 -1.48
N LYS R 194 -16.29 81.31 -1.76
CA LYS R 194 -16.64 82.51 -2.50
C LYS R 194 -16.99 82.22 -3.97
N ILE R 195 -16.18 81.39 -4.62
CA ILE R 195 -16.44 81.08 -6.03
C ILE R 195 -17.74 80.28 -6.18
N LEU R 196 -18.01 79.40 -5.23
CA LEU R 196 -19.24 78.61 -5.31
C LEU R 196 -20.43 79.54 -5.20
N LYS R 197 -20.30 80.54 -4.33
CA LYS R 197 -21.35 81.52 -4.12
C LYS R 197 -21.65 82.30 -5.40
N GLN R 198 -20.62 82.62 -6.18
CA GLN R 198 -20.80 83.37 -7.43
C GLN R 198 -21.50 82.60 -8.52
N VAL R 199 -21.15 81.33 -8.70
CA VAL R 199 -21.75 80.52 -9.75
C VAL R 199 -23.04 79.77 -9.39
N MET R 200 -23.29 79.60 -8.10
CA MET R 200 -24.51 78.91 -7.67
C MET R 200 -25.78 79.72 -7.89
N GLU R 201 -26.82 79.05 -8.37
CA GLU R 201 -28.11 79.71 -8.61
C GLU R 201 -28.71 80.12 -7.27
N GLU R 202 -28.56 79.26 -6.28
CA GLU R 202 -29.09 79.51 -4.94
C GLU R 202 -28.11 80.28 -4.09
N LYS R 203 -28.61 80.84 -3.00
CA LYS R 203 -27.76 81.60 -2.09
C LYS R 203 -27.02 80.58 -1.24
N LEU R 204 -25.71 80.53 -1.42
CA LEU R 204 -24.89 79.60 -0.68
C LEU R 204 -25.07 79.70 0.84
N ASP R 205 -25.24 78.55 1.47
CA ASP R 205 -25.37 78.44 2.92
C ASP R 205 -24.74 77.10 3.30
N GLU R 206 -24.71 76.76 4.58
CA GLU R 206 -24.09 75.50 4.99
C GLU R 206 -24.93 74.26 4.68
N ASN R 207 -26.00 74.42 3.93
CA ASN R 207 -26.85 73.27 3.60
C ASN R 207 -26.88 72.89 2.12
N ASN R 208 -26.60 73.84 1.24
CA ASN R 208 -26.61 73.54 -0.18
C ASN R 208 -25.20 73.55 -0.75
N ALA R 209 -24.21 73.60 0.13
CA ALA R 209 -22.81 73.58 -0.26
C ALA R 209 -22.03 72.82 0.80
N GLN R 210 -20.94 72.18 0.39
CA GLN R 210 -20.13 71.40 1.32
C GLN R 210 -18.64 71.50 1.05
N LEU R 211 -17.87 71.64 2.12
CA LEU R 211 -16.42 71.76 2.04
C LEU R 211 -15.72 70.53 2.62
N SER R 212 -14.46 70.35 2.26
CA SER R 212 -13.66 69.25 2.74
C SER R 212 -12.23 69.55 2.40
N CYS R 213 -11.32 68.80 3.01
CA CYS R 213 -9.90 68.99 2.74
C CYS R 213 -9.17 67.72 3.13
N ILE R 214 -7.89 67.71 2.81
CA ILE R 214 -7.04 66.59 3.14
C ILE R 214 -5.69 67.21 3.48
N THR R 215 -5.20 66.86 4.67
CA THR R 215 -3.91 67.34 5.15
C THR R 215 -3.07 66.14 5.57
N LYS R 216 -1.76 66.27 5.45
CA LYS R 216 -0.85 65.21 5.81
C LYS R 216 -1.13 64.74 7.24
N GLN R 217 -1.39 65.68 8.13
CA GLN R 217 -1.63 65.34 9.53
C GLN R 217 -2.94 64.63 9.85
N ASP R 218 -4.07 65.17 9.38
CA ASP R 218 -5.34 64.54 9.71
C ASP R 218 -6.03 63.83 8.56
N GLY R 219 -5.40 63.84 7.39
CA GLY R 219 -5.99 63.17 6.25
C GLY R 219 -7.22 63.84 5.69
N PHE R 220 -8.07 63.05 5.05
CA PHE R 220 -9.28 63.56 4.45
C PHE R 220 -10.44 63.71 5.43
N LYS R 221 -10.99 64.91 5.47
CA LYS R 221 -12.10 65.21 6.34
C LYS R 221 -13.18 66.02 5.62
N ILE R 222 -14.43 65.71 5.90
CA ILE R 222 -15.54 66.43 5.32
C ILE R 222 -16.03 67.37 6.43
N TYR R 223 -15.99 68.68 6.18
CA TYR R 223 -16.41 69.66 7.18
C TYR R 223 -17.90 69.50 7.47
N ASP R 224 -18.25 69.48 8.75
CA ASP R 224 -19.65 69.36 9.12
C ASP R 224 -20.27 70.74 8.94
N ASN R 225 -21.58 70.76 8.71
CA ASN R 225 -22.30 72.02 8.49
C ASN R 225 -21.93 73.19 9.40
N GLU R 226 -21.86 72.95 10.70
CA GLU R 226 -21.52 74.01 11.64
C GLU R 226 -20.18 74.65 11.32
N LYS R 227 -19.17 73.83 11.04
CA LYS R 227 -17.85 74.33 10.72
C LYS R 227 -17.86 75.20 9.47
N THR R 228 -18.65 74.78 8.48
CA THR R 228 -18.75 75.51 7.23
C THR R 228 -19.57 76.79 7.40
N ALA R 229 -20.65 76.71 8.15
CA ALA R 229 -21.50 77.87 8.39
C ALA R 229 -20.64 79.05 8.90
N GLU R 230 -19.72 78.76 9.81
CA GLU R 230 -18.85 79.78 10.38
C GLU R 230 -17.94 80.37 9.32
N LEU R 231 -17.34 79.50 8.50
CA LEU R 231 -16.47 79.96 7.44
C LEU R 231 -17.24 80.85 6.46
N ILE R 232 -18.52 80.53 6.26
CA ILE R 232 -19.36 81.30 5.35
C ILE R 232 -19.56 82.70 5.95
N LYS R 233 -19.87 82.74 7.24
CA LYS R 233 -20.07 83.99 7.96
C LYS R 233 -18.79 84.84 7.87
N GLU R 234 -17.65 84.18 8.02
CA GLU R 234 -16.35 84.86 7.96
C GLU R 234 -16.08 85.44 6.57
N LEU R 235 -16.61 84.78 5.54
CA LEU R 235 -16.42 85.22 4.17
C LEU R 235 -17.24 86.48 3.92
N LYS R 236 -18.49 86.47 4.38
CA LYS R 236 -19.38 87.61 4.20
C LYS R 236 -18.79 88.86 4.84
N GLU R 237 -18.16 88.69 6.00
CA GLU R 237 -17.57 89.80 6.72
C GLU R 237 -16.36 90.39 6.00
N LYS R 238 -15.48 89.53 5.48
CA LYS R 238 -14.31 90.03 4.79
C LYS R 238 -14.71 90.70 3.47
N GLU R 239 -15.83 90.27 2.90
CA GLU R 239 -16.32 90.85 1.65
C GLU R 239 -16.93 92.22 1.90
N ALA R 240 -17.78 92.29 2.92
CA ALA R 240 -18.42 93.54 3.29
C ALA R 240 -17.38 94.52 3.83
N ALA R 241 -16.16 94.03 4.05
CA ALA R 241 -15.07 94.86 4.57
C ALA R 241 -14.43 95.75 3.53
N GLU R 242 -14.88 95.63 2.28
CA GLU R 242 -14.37 96.43 1.18
C GLU R 242 -14.81 95.86 -0.15
N PHE S 1 -21.07 61.37 -49.97
CA PHE S 1 -19.82 60.56 -50.09
C PHE S 1 -19.34 60.14 -48.71
N ARG S 2 -18.13 60.59 -48.36
CA ARG S 2 -17.46 60.29 -47.10
C ARG S 2 -18.39 59.85 -45.97
N ASN S 3 -19.41 60.64 -45.69
CA ASN S 3 -20.34 60.34 -44.61
C ASN S 3 -20.89 58.91 -44.62
N ASN S 4 -21.05 58.33 -45.81
CA ASN S 4 -21.57 56.97 -45.93
C ASN S 4 -20.54 55.88 -45.75
N TYR S 5 -19.26 56.25 -45.76
CA TYR S 5 -18.20 55.26 -45.65
C TYR S 5 -17.28 55.45 -44.45
N ASP S 6 -17.63 56.33 -43.53
CA ASP S 6 -16.78 56.57 -42.37
C ASP S 6 -17.42 56.24 -41.03
N GLY S 7 -18.43 55.37 -41.04
CA GLY S 7 -19.10 55.01 -39.82
C GLY S 7 -18.37 53.99 -38.97
N ASP S 8 -17.36 53.34 -39.55
CA ASP S 8 -16.55 52.34 -38.87
C ASP S 8 -15.30 52.00 -39.69
N THR S 9 -14.35 51.31 -39.06
CA THR S 9 -13.10 50.97 -39.72
C THR S 9 -13.16 49.77 -40.65
N VAL S 10 -14.29 49.08 -40.66
CA VAL S 10 -14.41 47.91 -41.50
C VAL S 10 -15.00 48.24 -42.87
N THR S 11 -14.99 49.53 -43.22
CA THR S 11 -15.56 49.95 -44.50
C THR S 11 -14.64 50.75 -45.39
N PHE S 12 -14.42 50.25 -46.61
CA PHE S 12 -13.57 50.93 -47.58
C PHE S 12 -14.45 51.97 -48.30
N SER S 13 -13.86 53.12 -48.64
CA SER S 13 -14.62 54.12 -49.38
C SER S 13 -14.48 53.71 -50.85
N PRO S 14 -15.27 54.32 -51.75
CA PRO S 14 -15.16 53.97 -53.18
C PRO S 14 -13.77 54.16 -53.79
N THR S 15 -12.94 55.01 -53.18
CA THR S 15 -11.60 55.22 -53.71
C THR S 15 -10.52 54.41 -52.99
N GLY S 16 -10.94 53.57 -52.05
CA GLY S 16 -10.00 52.73 -51.31
C GLY S 16 -9.46 53.34 -50.03
N ARG S 17 -10.17 54.31 -49.48
CA ARG S 17 -9.72 54.96 -48.25
C ARG S 17 -10.42 54.39 -47.02
N LEU S 18 -9.82 54.63 -45.85
CA LEU S 18 -10.35 54.19 -44.56
C LEU S 18 -10.44 55.43 -43.70
N PHE S 19 -11.59 56.10 -43.77
CA PHE S 19 -11.81 57.34 -43.05
C PHE S 19 -11.61 57.30 -41.55
N GLN S 20 -12.12 56.28 -40.88
CA GLN S 20 -11.95 56.21 -39.43
C GLN S 20 -10.46 56.27 -39.09
N VAL S 21 -9.66 55.61 -39.92
CA VAL S 21 -8.21 55.61 -39.72
C VAL S 21 -7.72 57.02 -39.96
N GLU S 22 -8.22 57.63 -41.03
CA GLU S 22 -7.81 58.98 -41.36
C GLU S 22 -8.18 59.98 -40.27
N TYR S 23 -9.38 59.81 -39.69
CA TYR S 23 -9.85 60.70 -38.62
C TYR S 23 -8.96 60.52 -37.41
N ALA S 24 -8.52 59.28 -37.18
CA ALA S 24 -7.64 58.99 -36.05
C ALA S 24 -6.36 59.78 -36.26
N LEU S 25 -5.82 59.72 -37.49
CA LEU S 25 -4.61 60.45 -37.83
C LEU S 25 -4.79 61.93 -37.52
N GLU S 26 -6.01 62.42 -37.67
CA GLU S 26 -6.29 63.83 -37.41
C GLU S 26 -6.09 64.18 -35.94
N ALA S 27 -6.22 63.18 -35.07
CA ALA S 27 -6.05 63.42 -33.63
C ALA S 27 -4.58 63.70 -33.33
N ILE S 28 -3.70 63.16 -34.16
CA ILE S 28 -2.28 63.34 -33.98
C ILE S 28 -1.91 64.78 -34.34
N LYS S 29 -2.38 65.23 -35.50
CA LYS S 29 -2.11 66.59 -35.95
C LYS S 29 -2.53 67.61 -34.90
N GLN S 30 -3.62 67.32 -34.20
CA GLN S 30 -4.13 68.21 -33.17
C GLN S 30 -3.25 68.15 -31.93
N GLY S 31 -2.43 67.11 -31.84
CA GLY S 31 -1.55 66.95 -30.69
C GLY S 31 -0.34 67.87 -30.67
N SER S 32 0.17 68.13 -29.47
CA SER S 32 1.33 69.01 -29.33
C SER S 32 2.53 68.42 -30.08
N VAL S 33 3.42 69.28 -30.53
CA VAL S 33 4.58 68.82 -31.29
C VAL S 33 5.66 68.13 -30.45
N THR S 34 6.33 67.18 -31.08
CA THR S 34 7.41 66.42 -30.46
C THR S 34 8.39 66.07 -31.57
N VAL S 35 9.68 66.10 -31.25
CA VAL S 35 10.73 65.82 -32.23
C VAL S 35 11.66 64.69 -31.82
N GLY S 36 12.17 63.97 -32.82
CA GLY S 36 13.09 62.89 -32.58
C GLY S 36 14.19 62.91 -33.62
N LEU S 37 15.43 62.67 -33.18
CA LEU S 37 16.58 62.66 -34.08
C LEU S 37 17.71 61.85 -33.44
N ARG S 38 18.62 61.36 -34.28
CA ARG S 38 19.72 60.56 -33.77
C ARG S 38 21.04 60.77 -34.51
N SER S 39 22.14 60.45 -33.82
CA SER S 39 23.47 60.52 -34.40
C SER S 39 23.82 59.04 -34.55
N ASN S 40 25.09 58.67 -34.45
CA ASN S 40 25.43 57.27 -34.56
C ASN S 40 25.71 56.70 -33.18
N THR S 41 25.69 57.57 -32.18
CA THR S 41 25.94 57.15 -30.80
C THR S 41 24.76 57.42 -29.86
N HIS S 42 23.85 58.31 -30.25
CA HIS S 42 22.69 58.61 -29.40
C HIS S 42 21.41 58.88 -30.20
N ALA S 43 20.29 58.88 -29.49
CA ALA S 43 18.97 59.15 -30.07
C ALA S 43 18.33 60.07 -29.05
N VAL S 44 17.69 61.14 -29.53
CA VAL S 44 17.06 62.09 -28.63
C VAL S 44 15.60 62.35 -28.92
N LEU S 45 14.85 62.58 -27.86
CA LEU S 45 13.44 62.89 -27.98
C LEU S 45 13.19 64.22 -27.29
N VAL S 46 12.63 65.16 -28.04
CA VAL S 46 12.30 66.49 -27.52
C VAL S 46 10.82 66.66 -27.75
N ALA S 47 10.08 66.91 -26.68
CA ALA S 47 8.65 67.06 -26.82
C ALA S 47 8.12 68.28 -26.07
N LEU S 48 7.21 68.99 -26.73
CA LEU S 48 6.58 70.16 -26.15
C LEU S 48 5.34 69.73 -25.36
N LYS S 49 5.42 69.85 -24.04
CA LYS S 49 4.30 69.49 -23.17
C LYS S 49 3.26 70.61 -23.19
N ARG S 50 2.01 70.25 -23.45
CA ARG S 50 0.91 71.22 -23.51
C ARG S 50 0.18 71.25 -22.18
N ASN S 51 -0.28 72.44 -21.78
CA ASN S 51 -1.00 72.61 -20.53
C ASN S 51 -2.44 73.06 -20.80
N ALA S 52 -3.36 72.66 -19.91
CA ALA S 52 -4.78 73.01 -20.06
C ALA S 52 -5.04 74.47 -19.65
N ASP S 53 -4.75 74.78 -18.38
CA ASP S 53 -4.90 76.11 -17.81
C ASP S 53 -3.51 76.53 -17.38
N GLU S 54 -3.41 77.70 -16.77
CA GLU S 54 -2.12 78.17 -16.28
C GLU S 54 -2.05 77.71 -14.83
N LEU S 55 -3.07 76.94 -14.44
CA LEU S 55 -3.16 76.37 -13.11
C LEU S 55 -2.95 74.87 -13.24
N SER S 56 -2.82 74.40 -14.49
CA SER S 56 -2.63 72.99 -14.77
C SER S 56 -1.18 72.62 -15.07
N SER S 57 -0.92 71.32 -15.08
CA SER S 57 0.40 70.80 -15.37
C SER S 57 0.56 70.68 -16.88
N TYR S 58 1.78 70.40 -17.32
CA TYR S 58 2.07 70.22 -18.75
C TYR S 58 2.23 68.72 -18.97
N GLN S 59 1.12 68.08 -19.34
CA GLN S 59 1.05 66.63 -19.58
C GLN S 59 2.31 65.96 -20.14
N LYS S 60 2.76 64.90 -19.46
CA LYS S 60 3.96 64.18 -19.87
C LYS S 60 3.78 63.55 -21.25
N LYS S 61 4.80 63.69 -22.10
CA LYS S 61 4.69 63.16 -23.45
C LYS S 61 5.72 62.09 -23.79
N ILE S 62 6.52 61.70 -22.79
CA ILE S 62 7.53 60.67 -23.01
C ILE S 62 7.45 59.51 -22.02
N ILE S 63 7.43 58.28 -22.54
CA ILE S 63 7.38 57.10 -21.69
C ILE S 63 8.55 56.18 -21.98
N LYS S 64 9.21 55.74 -20.91
CA LYS S 64 10.33 54.82 -21.00
C LYS S 64 9.74 53.40 -21.14
N CYS S 65 10.24 52.62 -22.08
CA CYS S 65 9.73 51.27 -22.29
C CYS S 65 10.66 50.20 -21.75
N ASP S 66 11.94 50.56 -21.61
CA ASP S 66 12.96 49.66 -21.10
C ASP S 66 14.22 50.51 -20.95
N GLU S 67 15.28 49.94 -20.39
CA GLU S 67 16.52 50.67 -20.17
C GLU S 67 17.16 51.16 -21.46
N HIS S 68 16.78 50.54 -22.58
CA HIS S 68 17.36 50.91 -23.86
C HIS S 68 16.34 51.43 -24.87
N MET S 69 15.10 51.66 -24.44
CA MET S 69 14.07 52.10 -25.37
C MET S 69 13.01 52.99 -24.71
N GLY S 70 12.42 53.88 -25.51
CA GLY S 70 11.40 54.77 -25.01
C GLY S 70 10.77 55.51 -26.17
N LEU S 71 9.69 56.23 -25.91
CA LEU S 71 9.01 56.93 -27.00
C LEU S 71 8.36 58.24 -26.56
N SER S 72 7.90 59.00 -27.56
CA SER S 72 7.19 60.27 -27.32
C SER S 72 5.84 60.12 -28.03
N LEU S 73 4.80 60.72 -27.46
CA LEU S 73 3.44 60.62 -28.01
C LEU S 73 2.82 61.96 -28.45
N ALA S 74 1.88 61.88 -29.38
CA ALA S 74 1.15 63.05 -29.88
C ALA S 74 -0.28 62.58 -30.22
N GLY S 75 -1.24 62.96 -29.39
CA GLY S 75 -2.61 62.55 -29.64
C GLY S 75 -3.29 62.06 -28.37
N LEU S 76 -4.12 61.02 -28.49
CA LEU S 76 -4.82 60.49 -27.31
C LEU S 76 -3.83 59.86 -26.34
N ALA S 77 -3.64 60.52 -25.19
CA ALA S 77 -2.72 60.03 -24.18
C ALA S 77 -3.02 58.58 -23.78
N PRO S 78 -4.28 58.27 -23.44
CA PRO S 78 -4.63 56.90 -23.06
C PRO S 78 -4.11 55.85 -24.03
N ASP S 79 -4.27 56.08 -25.33
CA ASP S 79 -3.81 55.12 -26.33
C ASP S 79 -2.30 54.95 -26.29
N ALA S 80 -1.59 56.00 -25.91
CA ALA S 80 -0.13 55.93 -25.83
C ALA S 80 0.24 55.05 -24.66
N ARG S 81 -0.55 55.15 -23.59
CA ARG S 81 -0.32 54.35 -22.40
C ARG S 81 -0.52 52.87 -22.74
N VAL S 82 -1.59 52.57 -23.46
CA VAL S 82 -1.89 51.21 -23.85
C VAL S 82 -0.78 50.63 -24.72
N LEU S 83 -0.35 51.42 -25.71
CA LEU S 83 0.70 51.00 -26.63
C LEU S 83 2.09 50.89 -26.04
N SER S 84 2.43 51.80 -25.13
CA SER S 84 3.75 51.75 -24.51
C SER S 84 3.78 50.58 -23.54
N ASN S 85 2.65 50.36 -22.86
CA ASN S 85 2.56 49.25 -21.92
C ASN S 85 2.79 47.95 -22.68
N TYR S 86 2.19 47.84 -23.85
CA TYR S 86 2.37 46.65 -24.68
C TYR S 86 3.85 46.53 -25.05
N LEU S 87 4.48 47.66 -25.37
CA LEU S 87 5.88 47.67 -25.74
C LEU S 87 6.75 47.26 -24.56
N ARG S 88 6.37 47.71 -23.37
CA ARG S 88 7.11 47.36 -22.17
C ARG S 88 7.08 45.85 -21.95
N GLN S 89 5.92 45.24 -22.19
CA GLN S 89 5.76 43.80 -22.02
C GLN S 89 6.60 43.04 -23.03
N GLN S 90 6.59 43.50 -24.28
CA GLN S 90 7.37 42.85 -25.32
C GLN S 90 8.86 42.95 -25.05
N CYS S 91 9.30 44.08 -24.50
CA CYS S 91 10.72 44.26 -24.18
C CYS S 91 11.04 43.29 -23.05
N ASN S 92 10.13 43.23 -22.09
CA ASN S 92 10.26 42.37 -20.93
C ASN S 92 10.32 40.90 -21.32
N TYR S 93 9.42 40.49 -22.21
CA TYR S 93 9.38 39.11 -22.65
C TYR S 93 10.71 38.71 -23.26
N SER S 94 11.24 39.58 -24.12
CA SER S 94 12.52 39.31 -24.78
C SER S 94 13.64 39.08 -23.79
N SER S 95 13.67 39.90 -22.74
CA SER S 95 14.69 39.78 -21.70
C SER S 95 14.53 38.51 -20.87
N LEU S 96 13.35 38.29 -20.31
CA LEU S 96 13.10 37.12 -19.48
C LEU S 96 13.26 35.79 -20.21
N VAL S 97 12.68 35.66 -21.39
CA VAL S 97 12.76 34.40 -22.13
C VAL S 97 14.05 34.17 -22.90
N PHE S 98 14.56 35.19 -23.57
CA PHE S 98 15.78 35.05 -24.35
C PHE S 98 17.01 35.77 -23.82
N ASN S 99 16.87 36.50 -22.71
CA ASN S 99 18.01 37.24 -22.13
C ASN S 99 18.56 38.14 -23.23
N ARG S 100 17.65 38.71 -24.01
CA ARG S 100 17.99 39.53 -25.16
C ARG S 100 17.22 40.83 -25.15
N LYS S 101 17.92 41.93 -25.41
CA LYS S 101 17.25 43.22 -25.45
C LYS S 101 16.51 43.30 -26.79
N LEU S 102 15.27 43.77 -26.74
CA LEU S 102 14.46 43.85 -27.94
C LEU S 102 15.00 44.86 -28.97
N ALA S 103 15.12 44.41 -30.21
CA ALA S 103 15.59 45.26 -31.30
C ALA S 103 14.55 46.33 -31.60
N VAL S 104 15.00 47.57 -31.74
CA VAL S 104 14.09 48.67 -32.02
C VAL S 104 13.26 48.38 -33.26
N GLU S 105 13.88 47.74 -34.24
CA GLU S 105 13.17 47.40 -35.47
C GLU S 105 12.08 46.38 -35.22
N ARG S 106 12.31 45.50 -34.25
CA ARG S 106 11.35 44.46 -33.90
C ARG S 106 10.16 45.10 -33.20
N ALA S 107 10.45 46.05 -32.32
CA ALA S 107 9.42 46.76 -31.59
C ALA S 107 8.50 47.46 -32.59
N GLY S 108 9.10 48.06 -33.61
CA GLY S 108 8.32 48.75 -34.62
C GLY S 108 7.38 47.80 -35.32
N HIS S 109 7.86 46.59 -35.61
CA HIS S 109 7.04 45.59 -36.27
C HIS S 109 5.86 45.18 -35.38
N LEU S 110 6.13 45.04 -34.08
CA LEU S 110 5.11 44.64 -33.13
C LEU S 110 4.02 45.69 -33.02
N LEU S 111 4.42 46.96 -32.96
CA LEU S 111 3.45 48.05 -32.86
C LEU S 111 2.60 48.11 -34.12
N CYS S 112 3.24 48.00 -35.27
CA CYS S 112 2.50 48.03 -36.52
C CYS S 112 1.43 46.96 -36.48
N ASP S 113 1.81 45.75 -36.13
CA ASP S 113 0.87 44.63 -36.08
C ASP S 113 -0.26 44.83 -35.07
N LYS S 114 0.05 45.39 -33.91
CA LYS S 114 -0.99 45.59 -32.91
C LYS S 114 -2.01 46.62 -33.38
N ALA S 115 -1.52 47.66 -34.06
CA ALA S 115 -2.42 48.71 -34.56
C ALA S 115 -3.24 48.22 -35.74
N GLN S 116 -2.64 47.42 -36.60
CA GLN S 116 -3.34 46.92 -37.77
C GLN S 116 -4.63 46.18 -37.43
N LYS S 117 -4.62 45.40 -36.36
CA LYS S 117 -5.79 44.63 -35.94
C LYS S 117 -7.00 45.52 -35.65
N ASN S 118 -6.72 46.73 -35.18
CA ASN S 118 -7.75 47.71 -34.87
C ASN S 118 -8.17 48.53 -36.10
N THR S 119 -8.02 47.97 -37.30
CA THR S 119 -8.40 48.67 -38.52
C THR S 119 -9.07 47.72 -39.52
N GLN S 120 -9.21 46.46 -39.15
CA GLN S 120 -9.81 45.48 -40.05
C GLN S 120 -10.97 44.72 -39.40
N SER S 121 -11.23 45.02 -38.12
CA SER S 121 -12.29 44.35 -37.37
C SER S 121 -13.38 45.27 -36.83
N TYR S 122 -14.61 44.80 -36.92
CA TYR S 122 -15.78 45.54 -36.47
C TYR S 122 -15.75 45.72 -34.95
N GLY S 123 -16.31 46.83 -34.46
CA GLY S 123 -16.36 47.05 -33.03
C GLY S 123 -15.19 47.82 -32.42
N GLY S 124 -14.01 47.65 -33.00
CA GLY S 124 -12.85 48.36 -32.46
C GLY S 124 -12.68 49.71 -33.13
N ARG S 125 -11.67 50.46 -32.69
CA ARG S 125 -11.40 51.75 -33.28
C ARG S 125 -9.89 51.83 -33.43
N PRO S 126 -9.42 52.62 -34.39
CA PRO S 126 -7.97 52.73 -34.58
C PRO S 126 -7.41 53.48 -33.39
N TYR S 127 -6.11 53.37 -33.17
CA TYR S 127 -5.50 54.09 -32.07
C TYR S 127 -5.43 55.54 -32.55
N GLY S 128 -5.67 56.50 -31.66
CA GLY S 128 -5.62 57.89 -32.05
C GLY S 128 -4.40 58.61 -31.51
N VAL S 129 -3.23 58.03 -31.74
CA VAL S 129 -2.00 58.64 -31.25
C VAL S 129 -0.82 58.30 -32.14
N GLY S 130 0.14 59.22 -32.17
CA GLY S 130 1.34 59.03 -32.97
C GLY S 130 2.47 58.79 -32.00
N LEU S 131 3.48 58.05 -32.42
CA LEU S 131 4.58 57.76 -31.52
C LEU S 131 5.92 57.84 -32.22
N LEU S 132 6.91 58.35 -31.48
CA LEU S 132 8.27 58.43 -31.98
C LEU S 132 9.08 57.56 -31.02
N ILE S 133 9.66 56.48 -31.55
CA ILE S 133 10.44 55.56 -30.71
C ILE S 133 11.94 55.66 -30.96
N ILE S 134 12.69 55.83 -29.87
CA ILE S 134 14.14 55.91 -29.97
C ILE S 134 14.73 54.81 -29.12
N GLY S 135 15.88 54.30 -29.55
CA GLY S 135 16.52 53.25 -28.79
C GLY S 135 17.94 52.97 -29.25
N TYR S 136 18.69 52.27 -28.40
CA TYR S 136 20.06 51.91 -28.72
C TYR S 136 20.15 50.39 -28.52
N ASP S 137 20.33 49.65 -29.60
CA ASP S 137 20.42 48.19 -29.49
C ASP S 137 21.71 47.64 -30.09
N LYS S 138 21.71 46.39 -30.51
CA LYS S 138 22.92 45.79 -31.07
C LYS S 138 23.32 46.32 -32.45
N SER S 139 22.60 47.33 -32.95
CA SER S 139 22.95 47.90 -34.23
C SER S 139 23.01 49.42 -34.12
N GLY S 140 23.22 49.90 -32.90
CA GLY S 140 23.34 51.34 -32.67
C GLY S 140 22.09 52.11 -32.31
N ALA S 141 22.11 53.40 -32.66
CA ALA S 141 21.00 54.30 -32.38
C ALA S 141 19.89 54.11 -33.39
N HIS S 142 18.65 54.32 -32.95
CA HIS S 142 17.50 54.16 -33.81
C HIS S 142 16.38 55.12 -33.46
N LEU S 143 15.67 55.56 -34.49
CA LEU S 143 14.52 56.45 -34.33
C LEU S 143 13.43 55.93 -35.25
N LEU S 144 12.24 55.76 -34.68
CA LEU S 144 11.10 55.23 -35.42
C LEU S 144 9.89 56.14 -35.29
N GLU S 145 9.11 56.22 -36.37
CA GLU S 145 7.89 57.02 -36.34
C GLU S 145 6.72 56.05 -36.54
N PHE S 146 5.82 56.04 -35.57
CA PHE S 146 4.65 55.18 -35.60
C PHE S 146 3.35 55.96 -35.87
N GLN S 147 2.59 55.48 -36.85
CA GLN S 147 1.31 56.09 -37.18
C GLN S 147 0.19 55.07 -36.95
N PRO S 148 -0.97 55.52 -36.43
CA PRO S 148 -2.15 54.69 -36.14
C PRO S 148 -2.59 53.81 -37.29
N SER S 149 -2.20 54.19 -38.51
CA SER S 149 -2.55 53.40 -39.67
C SER S 149 -1.81 52.09 -39.56
N GLY S 150 -0.79 52.10 -38.70
CA GLY S 150 0.01 50.91 -38.50
C GLY S 150 1.34 51.03 -39.21
N ASN S 151 1.54 52.15 -39.91
CA ASN S 151 2.77 52.39 -40.64
C ASN S 151 3.87 52.88 -39.72
N VAL S 152 4.98 52.14 -39.69
CA VAL S 152 6.13 52.48 -38.85
C VAL S 152 7.35 52.68 -39.75
N THR S 153 8.05 53.80 -39.57
CA THR S 153 9.21 54.09 -40.41
C THR S 153 10.45 54.46 -39.62
N GLU S 154 11.61 53.97 -40.07
CA GLU S 154 12.86 54.30 -39.40
C GLU S 154 13.46 55.52 -40.08
N LEU S 155 13.83 56.50 -39.27
CA LEU S 155 14.38 57.76 -39.79
C LEU S 155 15.60 58.25 -38.99
N TYR S 156 16.26 59.28 -39.51
CA TYR S 156 17.41 59.89 -38.83
C TYR S 156 16.81 60.92 -37.88
N GLY S 157 15.63 61.41 -38.25
CA GLY S 157 14.95 62.39 -37.43
C GLY S 157 13.59 62.72 -38.00
N THR S 158 12.72 63.30 -37.17
CA THR S 158 11.37 63.66 -37.62
C THR S 158 10.59 64.33 -36.51
N ALA S 159 9.35 64.70 -36.83
CA ALA S 159 8.47 65.36 -35.86
C ALA S 159 7.00 65.09 -36.20
N ILE S 160 6.17 65.04 -35.16
CA ILE S 160 4.74 64.81 -35.35
C ILE S 160 4.00 65.76 -34.43
N GLY S 161 2.76 66.07 -34.80
CA GLY S 161 1.95 66.98 -34.02
C GLY S 161 1.64 68.25 -34.80
N ALA S 162 1.10 69.24 -34.10
CA ALA S 162 0.74 70.50 -34.74
C ALA S 162 2.01 71.26 -35.16
N ARG S 163 1.99 71.82 -36.36
CA ARG S 163 3.11 72.61 -36.87
C ARG S 163 4.40 71.80 -36.91
N SER S 164 4.27 70.49 -36.87
CA SER S 164 5.43 69.61 -36.89
C SER S 164 6.25 69.81 -38.16
N GLN S 165 5.59 70.24 -39.23
CA GLN S 165 6.26 70.45 -40.52
C GLN S 165 7.44 71.42 -40.40
N GLY S 166 7.37 72.31 -39.41
CA GLY S 166 8.46 73.24 -39.21
C GLY S 166 9.74 72.50 -38.88
N ALA S 167 9.72 71.82 -37.74
CA ALA S 167 10.87 71.05 -37.28
C ALA S 167 11.34 70.04 -38.33
N LYS S 168 10.39 69.42 -39.02
CA LYS S 168 10.73 68.42 -40.02
C LYS S 168 11.59 68.96 -41.17
N THR S 169 11.22 70.11 -41.73
CA THR S 169 12.00 70.70 -42.82
C THR S 169 13.39 71.07 -42.30
N TYR S 170 13.43 71.62 -41.08
CA TYR S 170 14.68 72.00 -40.46
C TYR S 170 15.63 70.80 -40.35
N LEU S 171 15.13 69.69 -39.83
CA LEU S 171 15.93 68.49 -39.69
C LEU S 171 16.34 67.92 -41.04
N GLU S 172 15.44 68.02 -42.02
CA GLU S 172 15.71 67.51 -43.36
C GLU S 172 16.81 68.35 -44.01
N ARG S 173 17.10 69.48 -43.37
CA ARG S 173 18.11 70.44 -43.81
C ARG S 173 19.39 70.21 -43.01
N THR S 174 19.23 70.17 -41.68
CA THR S 174 20.33 69.97 -40.74
C THR S 174 20.90 68.54 -40.77
N LEU S 175 20.23 67.64 -41.48
CA LEU S 175 20.63 66.24 -41.57
C LEU S 175 22.14 65.98 -41.46
N ASP S 176 22.86 66.25 -42.54
CA ASP S 176 24.31 66.04 -42.59
C ASP S 176 25.05 66.51 -41.33
N THR S 177 24.51 67.52 -40.68
CA THR S 177 25.12 68.08 -39.46
C THR S 177 24.95 67.20 -38.22
N PHE S 178 23.74 67.14 -37.69
CA PHE S 178 23.47 66.36 -36.48
C PHE S 178 23.79 64.85 -36.55
N ILE S 179 23.62 64.24 -37.71
CA ILE S 179 23.89 62.80 -37.84
C ILE S 179 25.32 62.45 -37.44
N LYS S 180 26.17 63.46 -37.34
CA LYS S 180 27.57 63.24 -37.00
C LYS S 180 27.88 63.68 -35.58
N ILE S 181 26.85 64.08 -34.83
CA ILE S 181 27.07 64.51 -33.46
C ILE S 181 27.24 63.29 -32.56
N ASP S 182 28.35 62.58 -32.77
CA ASP S 182 28.64 61.39 -31.99
C ASP S 182 29.51 61.73 -30.79
N GLY S 183 29.28 61.04 -29.68
CA GLY S 183 30.07 61.30 -28.49
C GLY S 183 29.74 62.58 -27.76
N ASN S 184 28.71 63.30 -28.22
CA ASN S 184 28.35 64.54 -27.56
C ASN S 184 26.84 64.72 -27.44
N PRO S 185 26.25 64.22 -26.34
CA PRO S 185 24.81 64.33 -26.10
C PRO S 185 24.27 65.77 -26.10
N ASP S 186 24.87 66.63 -25.28
CA ASP S 186 24.45 68.02 -25.19
C ASP S 186 24.23 68.66 -26.56
N GLU S 187 25.11 68.36 -27.50
CA GLU S 187 24.97 68.92 -28.83
C GLU S 187 23.74 68.34 -29.51
N LEU S 188 23.61 67.02 -29.47
CA LEU S 188 22.44 66.37 -30.09
C LEU S 188 21.14 66.95 -29.55
N ILE S 189 21.05 67.12 -28.23
CA ILE S 189 19.84 67.69 -27.62
C ILE S 189 19.61 69.10 -28.11
N LYS S 190 20.65 69.94 -28.04
CA LYS S 190 20.54 71.32 -28.49
C LYS S 190 19.98 71.35 -29.91
N ALA S 191 20.48 70.46 -30.77
CA ALA S 191 20.00 70.37 -32.15
C ALA S 191 18.53 69.94 -32.15
N GLY S 192 18.15 69.16 -31.14
CA GLY S 192 16.78 68.72 -31.04
C GLY S 192 15.89 69.86 -30.65
N VAL S 193 16.36 70.70 -29.72
CA VAL S 193 15.59 71.85 -29.27
C VAL S 193 15.50 72.91 -30.37
N GLU S 194 16.47 72.90 -31.28
CA GLU S 194 16.50 73.87 -32.37
C GLU S 194 15.51 73.46 -33.46
N ALA S 195 15.30 72.16 -33.58
CA ALA S 195 14.35 71.63 -34.58
C ALA S 195 12.94 71.87 -34.07
N ILE S 196 12.76 71.70 -32.76
CA ILE S 196 11.44 71.87 -32.16
C ILE S 196 10.98 73.33 -32.10
N SER S 197 11.92 74.22 -31.81
CA SER S 197 11.58 75.64 -31.74
C SER S 197 11.10 76.12 -33.11
N GLN S 198 11.40 75.34 -34.14
CA GLN S 198 10.99 75.65 -35.51
C GLN S 198 9.51 75.35 -35.72
N SER S 199 8.83 74.93 -34.66
CA SER S 199 7.41 74.61 -34.74
C SER S 199 6.62 75.40 -33.70
N LEU S 200 7.32 76.32 -33.03
CA LEU S 200 6.70 77.18 -32.03
C LEU S 200 5.87 78.22 -32.78
N ARG S 201 5.24 79.12 -32.05
CA ARG S 201 4.40 80.14 -32.66
C ARG S 201 3.69 80.84 -31.51
N ASP S 202 2.95 80.02 -30.77
CA ASP S 202 2.20 80.47 -29.61
C ASP S 202 3.16 81.13 -28.63
N GLU S 203 3.94 80.31 -27.94
CA GLU S 203 4.88 80.81 -26.94
C GLU S 203 6.31 80.37 -27.28
N SER S 204 7.10 80.24 -26.23
CA SER S 204 8.49 79.81 -26.32
C SER S 204 8.69 78.76 -25.22
N LEU S 205 9.44 77.70 -25.55
CA LEU S 205 9.69 76.63 -24.60
C LEU S 205 10.27 77.10 -23.27
N THR S 206 9.54 76.86 -22.19
CA THR S 206 9.97 77.25 -20.85
C THR S 206 10.56 76.06 -20.09
N VAL S 207 10.71 76.21 -18.78
CA VAL S 207 11.28 75.16 -17.95
C VAL S 207 10.31 74.02 -17.63
N ASP S 208 9.07 74.35 -17.28
CA ASP S 208 8.07 73.34 -16.96
C ASP S 208 7.28 72.98 -18.22
N ASN S 209 7.77 73.45 -19.35
CA ASN S 209 7.12 73.22 -20.64
C ASN S 209 7.96 72.34 -21.58
N LEU S 210 9.26 72.26 -21.32
CA LEU S 210 10.15 71.45 -22.17
C LEU S 210 10.38 70.08 -21.53
N SER S 211 10.45 69.06 -22.38
CA SER S 211 10.68 67.68 -21.95
C SER S 211 11.67 67.04 -22.92
N ILE S 212 12.75 66.48 -22.38
CA ILE S 212 13.77 65.84 -23.21
C ILE S 212 14.10 64.44 -22.70
N ALA S 213 14.40 63.55 -23.64
CA ALA S 213 14.76 62.18 -23.30
C ALA S 213 15.91 61.74 -24.21
N ILE S 214 16.87 61.01 -23.65
CA ILE S 214 18.00 60.53 -24.44
C ILE S 214 18.38 59.09 -24.12
N VAL S 215 18.99 58.42 -25.11
CA VAL S 215 19.44 57.05 -24.97
C VAL S 215 20.64 56.85 -25.91
N GLY S 216 21.56 55.96 -25.53
CA GLY S 216 22.71 55.74 -26.38
C GLY S 216 23.81 54.87 -25.77
N LYS S 217 24.84 54.61 -26.58
CA LYS S 217 26.01 53.80 -26.22
C LYS S 217 26.14 53.43 -24.74
N ASP S 218 26.43 54.41 -23.89
CA ASP S 218 26.56 54.13 -22.47
C ASP S 218 25.57 54.94 -21.67
N THR S 219 24.42 55.20 -22.27
CA THR S 219 23.39 55.99 -21.62
C THR S 219 22.03 55.32 -21.64
N PRO S 220 21.56 54.85 -20.48
CA PRO S 220 20.26 54.21 -20.45
C PRO S 220 19.18 55.27 -20.64
N PHE S 221 18.15 54.96 -21.43
CA PHE S 221 17.06 55.88 -21.69
C PHE S 221 16.66 56.61 -20.41
N THR S 222 16.87 57.92 -20.38
CA THR S 222 16.52 58.72 -19.21
C THR S 222 15.73 59.97 -19.64
N ILE S 223 14.85 60.43 -18.76
CA ILE S 223 14.02 61.59 -19.06
C ILE S 223 14.34 62.81 -18.22
N TYR S 224 14.54 63.94 -18.90
CA TYR S 224 14.83 65.21 -18.23
C TYR S 224 13.66 66.17 -18.35
N ASP S 225 13.23 66.70 -17.21
CA ASP S 225 12.12 67.65 -17.16
C ASP S 225 12.41 68.76 -16.15
N GLY S 226 11.90 69.96 -16.44
CA GLY S 226 12.10 71.09 -15.55
C GLY S 226 13.52 71.60 -15.46
N GLU S 227 13.96 71.85 -14.23
CA GLU S 227 15.31 72.35 -13.95
C GLU S 227 16.36 71.65 -14.81
N ALA S 228 16.21 70.34 -14.95
CA ALA S 228 17.15 69.53 -15.73
C ALA S 228 17.25 69.94 -17.19
N VAL S 229 16.24 70.64 -17.72
CA VAL S 229 16.29 71.07 -19.11
C VAL S 229 16.59 72.57 -19.20
N ALA S 230 16.70 73.21 -18.05
CA ALA S 230 16.98 74.65 -17.99
C ALA S 230 18.19 75.03 -18.85
N LYS S 231 19.27 74.25 -18.74
CA LYS S 231 20.49 74.53 -19.50
C LYS S 231 20.36 74.35 -21.03
N TYR S 232 19.13 74.25 -21.52
CA TYR S 232 18.90 74.10 -22.95
C TYR S 232 17.95 75.15 -23.49
N ILE S 233 17.32 75.90 -22.59
CA ILE S 233 16.38 76.95 -22.96
C ILE S 233 17.14 78.21 -23.42
N GLY T 1 -32.38 49.01 -55.38
CA GLY T 1 -31.99 50.32 -54.82
C GLY T 1 -30.49 50.52 -54.80
N THR T 2 -29.96 51.03 -53.68
CA THR T 2 -28.52 51.25 -53.52
C THR T 2 -28.05 50.83 -52.13
N GLY T 3 -26.79 51.13 -51.81
CA GLY T 3 -26.27 50.77 -50.51
C GLY T 3 -25.61 49.40 -50.47
N TYR T 4 -25.53 48.73 -51.61
CA TYR T 4 -24.93 47.41 -51.68
C TYR T 4 -23.42 47.45 -51.44
N ASP T 5 -22.85 48.65 -51.51
CA ASP T 5 -21.41 48.82 -51.31
C ASP T 5 -21.04 49.29 -49.91
N LEU T 6 -21.96 49.24 -48.97
CA LEU T 6 -21.66 49.68 -47.61
C LEU T 6 -21.26 48.55 -46.66
N SER T 7 -21.64 47.32 -47.00
CA SER T 7 -21.32 46.17 -46.16
C SER T 7 -20.45 45.21 -46.96
N ASN T 8 -19.45 44.62 -46.30
CA ASN T 8 -18.51 43.73 -46.97
C ASN T 8 -18.96 42.46 -47.68
N SER T 9 -19.81 41.64 -47.10
CA SER T 9 -20.12 40.41 -47.82
C SER T 9 -21.37 40.43 -48.69
N VAL T 10 -21.85 41.62 -49.03
CA VAL T 10 -23.07 41.76 -49.82
C VAL T 10 -22.93 41.70 -51.35
N PHE T 11 -23.77 40.87 -51.98
CA PHE T 11 -23.79 40.73 -53.43
C PHE T 11 -24.63 41.91 -53.96
N SER T 12 -24.11 42.63 -54.95
CA SER T 12 -24.86 43.72 -55.54
C SER T 12 -25.75 43.03 -56.60
N PRO T 13 -26.75 43.75 -57.14
CA PRO T 13 -27.64 43.13 -58.14
C PRO T 13 -26.95 42.47 -59.34
N ASP T 14 -25.74 42.91 -59.65
CA ASP T 14 -25.00 42.32 -60.76
C ASP T 14 -24.00 41.26 -60.27
N GLY T 15 -24.16 40.84 -59.02
CA GLY T 15 -23.31 39.79 -58.46
C GLY T 15 -21.91 40.16 -58.02
N ARG T 16 -21.68 41.43 -57.71
CA ARG T 16 -20.36 41.87 -57.29
C ARG T 16 -20.28 42.19 -55.81
N ASN T 17 -19.06 42.25 -55.30
CA ASN T 17 -18.82 42.57 -53.90
C ASN T 17 -18.03 43.87 -53.89
N PHE T 18 -18.74 44.98 -54.01
CA PHE T 18 -18.11 46.29 -54.07
C PHE T 18 -17.01 46.58 -53.07
N GLN T 19 -17.14 46.10 -51.84
CA GLN T 19 -16.09 46.36 -50.85
C GLN T 19 -14.76 45.77 -51.29
N VAL T 20 -14.80 44.63 -51.97
CA VAL T 20 -13.57 44.01 -52.45
C VAL T 20 -12.98 44.88 -53.55
N GLU T 21 -13.87 45.41 -54.39
CA GLU T 21 -13.46 46.27 -55.50
C GLU T 21 -12.84 47.56 -54.97
N TYR T 22 -13.36 48.09 -53.87
CA TYR T 22 -12.80 49.30 -53.28
C TYR T 22 -11.45 48.98 -52.68
N ALA T 23 -11.28 47.75 -52.21
CA ALA T 23 -10.01 47.35 -51.63
C ALA T 23 -8.97 47.39 -52.74
N VAL T 24 -9.35 46.90 -53.91
CA VAL T 24 -8.48 46.90 -55.08
C VAL T 24 -7.97 48.32 -55.33
N LYS T 25 -8.82 49.32 -55.14
CA LYS T 25 -8.42 50.70 -55.34
C LYS T 25 -7.25 51.03 -54.42
N ALA T 26 -7.32 50.57 -53.19
CA ALA T 26 -6.25 50.82 -52.22
C ALA T 26 -4.94 50.23 -52.74
N VAL T 27 -5.05 49.13 -53.47
CA VAL T 27 -3.91 48.44 -54.04
C VAL T 27 -3.30 49.20 -55.21
N GLU T 28 -4.16 49.67 -56.12
CA GLU T 28 -3.71 50.40 -57.29
C GLU T 28 -3.08 51.73 -56.90
N ASN T 29 -3.39 52.19 -55.70
CA ASN T 29 -2.85 53.45 -55.22
C ASN T 29 -1.51 53.21 -54.56
N GLY T 30 -1.14 51.94 -54.44
CA GLY T 30 0.11 51.61 -53.81
C GLY T 30 1.31 51.54 -54.72
N THR T 31 2.48 51.39 -54.11
CA THR T 31 3.75 51.27 -54.79
C THR T 31 3.73 50.07 -55.72
N THR T 32 4.56 50.09 -56.75
CA THR T 32 4.59 48.96 -57.68
C THR T 32 5.58 47.89 -57.20
N SER T 33 5.20 46.64 -57.37
CA SER T 33 6.03 45.51 -56.98
C SER T 33 5.81 44.40 -57.99
N ILE T 34 6.83 43.56 -58.19
CA ILE T 34 6.73 42.50 -59.20
C ILE T 34 7.41 41.22 -58.81
N GLY T 35 7.30 40.25 -59.71
CA GLY T 35 7.93 38.97 -59.53
C GLY T 35 8.19 38.38 -60.89
N ILE T 36 9.34 37.71 -61.06
CA ILE T 36 9.69 37.09 -62.33
C ILE T 36 10.15 35.67 -62.05
N LYS T 37 9.49 34.71 -62.67
CA LYS T 37 9.84 33.31 -62.51
C LYS T 37 10.97 32.98 -63.50
N CYS T 38 12.06 32.39 -63.01
CA CYS T 38 13.16 32.04 -63.90
C CYS T 38 13.26 30.53 -64.07
N ASN T 39 14.30 30.08 -64.76
CA ASN T 39 14.48 28.65 -65.04
C ASN T 39 14.64 27.73 -63.82
N ASP T 40 14.99 28.28 -62.66
CA ASP T 40 15.14 27.45 -61.46
C ASP T 40 14.84 28.22 -60.16
N GLY T 41 14.07 29.30 -60.28
CA GLY T 41 13.74 30.08 -59.11
C GLY T 41 12.81 31.23 -59.44
N VAL T 42 12.78 32.21 -58.53
CA VAL T 42 11.94 33.38 -58.70
C VAL T 42 12.66 34.59 -58.14
N VAL T 43 12.32 35.76 -58.67
CA VAL T 43 12.92 37.00 -58.24
C VAL T 43 11.80 37.94 -57.85
N PHE T 44 12.00 38.69 -56.79
CA PHE T 44 10.99 39.64 -56.32
C PHE T 44 11.68 40.98 -56.24
N ALA T 45 10.95 42.04 -56.57
CA ALA T 45 11.48 43.40 -56.52
C ALA T 45 10.34 44.37 -56.28
N VAL T 46 10.65 45.50 -55.66
CA VAL T 46 9.63 46.49 -55.36
C VAL T 46 10.19 47.91 -55.30
N GLU T 47 9.31 48.88 -55.53
CA GLU T 47 9.64 50.29 -55.50
C GLU T 47 9.44 50.84 -54.09
N LYS T 48 10.43 51.54 -53.56
CA LYS T 48 10.31 52.12 -52.23
C LYS T 48 10.42 53.63 -52.32
N LEU T 49 9.28 54.33 -52.39
CA LEU T 49 9.28 55.78 -52.49
C LEU T 49 10.02 56.47 -51.34
N ILE T 50 10.94 57.36 -51.67
CA ILE T 50 11.71 58.09 -50.67
C ILE T 50 10.99 59.38 -50.31
N THR T 51 10.13 59.31 -49.30
CA THR T 51 9.37 60.48 -48.86
C THR T 51 10.27 61.66 -48.54
N SER T 52 11.47 61.39 -48.05
CA SER T 52 12.40 62.45 -47.70
C SER T 52 13.77 61.89 -47.41
N LYS T 53 14.75 62.79 -47.25
CA LYS T 53 16.12 62.40 -46.97
C LYS T 53 16.23 61.82 -45.56
N LEU T 54 15.18 61.99 -44.77
CA LEU T 54 15.16 61.50 -43.40
C LEU T 54 15.04 59.97 -43.26
N LEU T 55 14.43 59.33 -44.26
CA LEU T 55 14.29 57.87 -44.25
C LEU T 55 15.67 57.23 -44.35
N VAL T 56 16.07 56.47 -43.33
CA VAL T 56 17.36 55.81 -43.36
C VAL T 56 17.37 54.86 -44.56
N PRO T 57 18.35 55.00 -45.44
CA PRO T 57 18.44 54.14 -46.63
C PRO T 57 18.66 52.66 -46.31
N GLN T 58 18.05 51.79 -47.11
CA GLN T 58 18.18 50.35 -46.96
C GLN T 58 17.50 49.75 -45.72
N LYS T 59 16.99 50.61 -44.83
CA LYS T 59 16.37 50.14 -43.59
C LYS T 59 14.93 49.63 -43.58
N ASN T 60 13.99 50.37 -44.15
CA ASN T 60 12.61 49.94 -44.13
C ASN T 60 12.31 48.85 -45.14
N VAL T 61 12.81 47.65 -44.88
CA VAL T 61 12.63 46.51 -45.78
C VAL T 61 11.16 46.18 -46.00
N LYS T 62 10.79 45.86 -47.24
CA LYS T 62 9.40 45.53 -47.53
C LYS T 62 9.20 44.07 -47.85
N ILE T 63 10.12 43.48 -48.60
CA ILE T 63 9.98 42.07 -48.95
C ILE T 63 10.08 41.21 -47.69
N GLN T 64 9.25 40.19 -47.61
CA GLN T 64 9.26 39.33 -46.43
C GLN T 64 9.42 37.86 -46.76
N VAL T 65 10.10 37.14 -45.87
CA VAL T 65 10.30 35.72 -46.07
C VAL T 65 9.32 34.94 -45.19
N VAL T 66 8.89 33.80 -45.68
CA VAL T 66 8.00 32.93 -44.94
C VAL T 66 8.74 31.60 -44.94
N ASP T 67 8.95 31.05 -43.74
CA ASP T 67 9.69 29.81 -43.58
C ASP T 67 11.10 30.17 -44.05
N ARG T 68 11.70 29.33 -44.89
CA ARG T 68 13.03 29.64 -45.37
C ARG T 68 13.13 29.63 -46.90
N HIS T 69 12.04 29.24 -47.55
CA HIS T 69 12.03 29.14 -49.00
C HIS T 69 10.99 29.99 -49.76
N ILE T 70 10.21 30.79 -49.05
CA ILE T 70 9.18 31.60 -49.70
C ILE T 70 9.42 33.09 -49.56
N GLY T 71 9.21 33.80 -50.67
CA GLY T 71 9.38 35.25 -50.66
C GLY T 71 8.02 35.88 -50.89
N CYS T 72 7.76 37.00 -50.22
CA CYS T 72 6.49 37.69 -50.37
C CYS T 72 6.66 39.20 -50.43
N VAL T 73 5.98 39.81 -51.40
CA VAL T 73 6.01 41.26 -51.55
C VAL T 73 4.58 41.64 -51.92
N TYR T 74 4.17 42.83 -51.52
CA TYR T 74 2.80 43.28 -51.79
C TYR T 74 2.68 44.79 -52.00
N SER T 75 1.57 45.18 -52.61
CA SER T 75 1.25 46.59 -52.88
C SER T 75 -0.09 46.92 -52.25
N GLY T 76 -0.17 48.07 -51.59
CA GLY T 76 -1.41 48.48 -50.97
C GLY T 76 -1.14 48.95 -49.57
N LEU T 77 -2.01 48.56 -48.64
CA LEU T 77 -1.86 48.93 -47.23
C LEU T 77 -0.82 47.98 -46.63
N ILE T 78 0.37 48.51 -46.37
CA ILE T 78 1.47 47.70 -45.83
C ILE T 78 1.10 46.87 -44.61
N PRO T 79 0.44 47.48 -43.62
CA PRO T 79 0.06 46.70 -42.43
C PRO T 79 -0.79 45.47 -42.78
N ASP T 80 -1.67 45.60 -43.77
CA ASP T 80 -2.47 44.45 -44.17
C ASP T 80 -1.53 43.39 -44.72
N GLY T 81 -0.46 43.85 -45.36
CA GLY T 81 0.52 42.93 -45.94
C GLY T 81 1.20 42.11 -44.86
N ARG T 82 1.68 42.79 -43.83
CA ARG T 82 2.34 42.10 -42.74
C ARG T 82 1.39 41.10 -42.08
N HIS T 83 0.14 41.53 -41.87
CA HIS T 83 -0.87 40.67 -41.27
C HIS T 83 -0.95 39.36 -42.05
N LEU T 84 -1.08 39.46 -43.38
CA LEU T 84 -1.18 38.28 -44.23
C LEU T 84 0.07 37.37 -44.16
N VAL T 85 1.25 37.96 -43.99
CA VAL T 85 2.47 37.17 -43.92
C VAL T 85 2.57 36.45 -42.57
N ASN T 86 2.11 37.11 -41.53
CA ASN T 86 2.12 36.51 -40.20
C ASN T 86 1.28 35.23 -40.27
N ARG T 87 0.11 35.34 -40.89
CA ARG T 87 -0.75 34.18 -41.03
C ARG T 87 0.00 33.12 -41.85
N GLY T 88 0.60 33.57 -42.96
CA GLY T 88 1.34 32.67 -43.82
C GLY T 88 2.40 31.91 -43.06
N ARG T 89 3.09 32.60 -42.17
CA ARG T 89 4.14 31.98 -41.36
C ARG T 89 3.58 30.92 -40.41
N GLU T 90 2.41 31.18 -39.81
CA GLU T 90 1.79 30.22 -38.91
C GLU T 90 1.35 29.03 -39.74
N GLU T 91 0.77 29.33 -40.89
CA GLU T 91 0.28 28.32 -41.81
C GLU T 91 1.43 27.41 -42.24
N ALA T 92 2.60 28.00 -42.47
CA ALA T 92 3.78 27.24 -42.90
C ALA T 92 4.35 26.38 -41.77
N ALA T 93 4.47 26.98 -40.59
CA ALA T 93 5.00 26.27 -39.42
C ALA T 93 4.11 25.07 -39.07
N SER T 94 2.80 25.28 -39.17
CA SER T 94 1.85 24.23 -38.86
C SER T 94 1.99 23.08 -39.85
N PHE T 95 2.20 23.41 -41.12
CA PHE T 95 2.36 22.40 -42.16
C PHE T 95 3.61 21.56 -41.94
N LYS T 96 4.73 22.21 -41.65
CA LYS T 96 6.00 21.53 -41.42
C LYS T 96 5.92 20.68 -40.16
N LYS T 97 5.33 21.23 -39.11
CA LYS T 97 5.21 20.51 -37.85
C LYS T 97 4.52 19.17 -38.04
N LEU T 98 3.44 19.14 -38.81
CA LEU T 98 2.72 17.89 -39.01
C LEU T 98 3.31 16.99 -40.07
N TYR T 99 3.70 17.58 -41.21
CA TYR T 99 4.24 16.79 -42.32
C TYR T 99 5.76 16.72 -42.46
N LYS T 100 6.48 17.46 -41.62
CA LYS T 100 7.95 17.47 -41.62
C LYS T 100 8.57 18.26 -42.77
N THR T 101 8.08 18.03 -43.98
CA THR T 101 8.59 18.72 -45.14
C THR T 101 8.12 20.18 -45.22
N PRO T 102 9.02 21.11 -45.62
CA PRO T 102 8.58 22.51 -45.70
C PRO T 102 7.42 22.59 -46.72
N ILE T 103 6.50 23.52 -46.49
CA ILE T 103 5.32 23.66 -47.34
C ILE T 103 5.52 24.01 -48.81
N PRO T 104 4.93 23.19 -49.71
CA PRO T 104 5.02 23.38 -51.16
C PRO T 104 4.38 24.74 -51.50
N ILE T 105 4.90 25.44 -52.51
CA ILE T 105 4.36 26.75 -52.84
C ILE T 105 2.88 26.72 -53.24
N PRO T 106 2.48 25.71 -54.02
CA PRO T 106 1.06 25.69 -54.38
C PRO T 106 0.22 25.61 -53.10
N ALA T 107 0.57 24.68 -52.21
CA ALA T 107 -0.14 24.49 -50.95
C ALA T 107 -0.13 25.79 -50.16
N PHE T 108 1.00 26.46 -50.12
CA PHE T 108 1.11 27.70 -49.38
C PHE T 108 0.17 28.75 -49.95
N ALA T 109 0.08 28.78 -51.28
CA ALA T 109 -0.76 29.76 -51.95
C ALA T 109 -2.23 29.58 -51.56
N ASP T 110 -2.71 28.34 -51.57
CA ASP T 110 -4.11 28.13 -51.20
C ASP T 110 -4.36 28.51 -49.75
N ARG T 111 -3.36 28.34 -48.89
CA ARG T 111 -3.52 28.71 -47.49
C ARG T 111 -3.76 30.21 -47.42
N LEU T 112 -2.98 30.98 -48.17
CA LEU T 112 -3.16 32.44 -48.17
C LEU T 112 -4.47 32.76 -48.87
N GLY T 113 -4.76 31.98 -49.91
CA GLY T 113 -5.98 32.19 -50.68
C GLY T 113 -7.24 32.02 -49.85
N GLN T 114 -7.33 30.91 -49.13
CA GLN T 114 -8.49 30.62 -48.30
C GLN T 114 -8.67 31.67 -47.21
N TYR T 115 -7.56 32.08 -46.61
CA TYR T 115 -7.61 33.07 -45.55
C TYR T 115 -8.14 34.41 -46.07
N VAL T 116 -7.67 34.85 -47.24
CA VAL T 116 -8.11 36.12 -47.81
C VAL T 116 -9.56 36.01 -48.29
N GLN T 117 -9.92 34.86 -48.86
CA GLN T 117 -11.28 34.63 -49.34
C GLN T 117 -12.23 34.71 -48.14
N ALA T 118 -11.75 34.24 -46.99
CA ALA T 118 -12.52 34.25 -45.77
C ALA T 118 -12.89 35.67 -45.35
N HIS T 119 -12.06 36.65 -45.69
CA HIS T 119 -12.36 38.03 -45.32
C HIS T 119 -13.33 38.72 -46.30
N THR T 120 -14.03 37.92 -47.10
CA THR T 120 -15.04 38.45 -48.02
C THR T 120 -16.36 37.71 -47.75
N LEU T 121 -16.40 36.98 -46.64
CA LEU T 121 -17.59 36.21 -46.27
C LEU T 121 -18.46 36.85 -45.17
N TYR T 122 -17.93 37.84 -44.46
CA TYR T 122 -18.67 38.47 -43.38
C TYR T 122 -18.57 39.98 -43.43
N ASN T 123 -19.51 40.67 -42.78
CA ASN T 123 -19.48 42.12 -42.76
C ASN T 123 -18.83 42.58 -41.48
N SER T 124 -18.31 41.64 -40.71
CA SER T 124 -17.66 41.99 -39.45
C SER T 124 -16.17 42.22 -39.69
N VAL T 125 -15.72 41.95 -40.91
CA VAL T 125 -14.34 42.19 -41.28
C VAL T 125 -14.30 42.95 -42.59
N ARG T 126 -13.12 43.47 -42.89
CA ARG T 126 -12.86 44.23 -44.09
C ARG T 126 -11.94 43.40 -44.98
N PRO T 127 -12.07 43.52 -46.31
CA PRO T 127 -11.18 42.74 -47.18
C PRO T 127 -9.74 43.25 -47.06
N PHE T 128 -8.78 42.45 -47.51
CA PHE T 128 -7.37 42.86 -47.45
C PHE T 128 -7.04 43.94 -48.48
N GLY T 129 -6.38 44.99 -48.01
CA GLY T 129 -6.01 46.07 -48.91
C GLY T 129 -4.67 45.90 -49.61
N VAL T 130 -4.38 44.70 -50.10
CA VAL T 130 -3.13 44.44 -50.80
C VAL T 130 -3.25 43.31 -51.79
N SER T 131 -2.37 43.33 -52.80
CA SER T 131 -2.29 42.26 -53.78
C SER T 131 -0.90 41.75 -53.44
N THR T 132 -0.72 40.43 -53.39
CA THR T 132 0.56 39.89 -52.99
C THR T 132 1.22 38.99 -54.02
N ILE T 133 2.50 39.25 -54.27
CA ILE T 133 3.29 38.44 -55.19
C ILE T 133 4.23 37.66 -54.28
N PHE T 134 4.21 36.34 -54.43
CA PHE T 134 5.01 35.49 -53.57
C PHE T 134 5.31 34.22 -54.33
N GLY T 135 6.25 33.43 -53.81
CA GLY T 135 6.61 32.19 -54.46
C GLY T 135 7.92 31.68 -53.93
N GLY T 136 8.40 30.58 -54.52
CA GLY T 136 9.65 30.01 -54.08
C GLY T 136 9.93 28.71 -54.81
N VAL T 137 10.81 27.90 -54.23
CA VAL T 137 11.19 26.62 -54.84
C VAL T 137 10.85 25.45 -53.93
N ASP T 138 10.36 24.37 -54.52
CA ASP T 138 10.03 23.21 -53.72
C ASP T 138 10.33 21.91 -54.46
N LYS T 139 9.92 20.81 -53.87
CA LYS T 139 10.15 19.47 -54.41
C LYS T 139 10.15 19.41 -55.95
N ASN T 140 9.27 20.16 -56.61
CA ASN T 140 9.29 20.11 -58.06
C ASN T 140 9.29 21.43 -58.81
N GLY T 141 10.29 22.26 -58.54
CA GLY T 141 10.40 23.50 -59.27
C GLY T 141 10.16 24.79 -58.53
N ALA T 142 10.10 25.86 -59.30
CA ALA T 142 9.86 27.20 -58.77
C ALA T 142 8.43 27.54 -59.14
N HIS T 143 7.82 28.40 -58.34
CA HIS T 143 6.44 28.81 -58.57
C HIS T 143 6.29 30.28 -58.20
N LEU T 144 5.56 31.01 -59.04
CA LEU T 144 5.32 32.43 -58.79
C LEU T 144 3.81 32.59 -58.67
N TYR T 145 3.37 33.44 -57.76
CA TYR T 145 1.94 33.64 -57.52
C TYR T 145 1.60 35.07 -57.17
N MET T 146 0.37 35.44 -57.49
CA MET T 146 -0.14 36.77 -57.16
C MET T 146 -1.58 36.55 -56.65
N LEU T 147 -1.85 37.12 -55.48
CA LEU T 147 -3.14 36.99 -54.81
C LEU T 147 -3.84 38.34 -54.66
N GLU T 148 -5.09 38.41 -55.14
CA GLU T 148 -5.89 39.65 -55.09
C GLU T 148 -6.76 39.74 -53.83
N PRO T 149 -7.26 40.93 -53.49
CA PRO T 149 -8.11 41.11 -52.31
C PRO T 149 -9.35 40.22 -52.31
N SER T 150 -9.71 39.65 -53.45
CA SER T 150 -10.88 38.79 -53.50
C SER T 150 -10.56 37.37 -53.06
N GLY T 151 -9.27 37.06 -52.93
CA GLY T 151 -8.85 35.72 -52.57
C GLY T 151 -8.43 34.96 -53.81
N SER T 152 -8.64 35.60 -54.97
CA SER T 152 -8.29 35.04 -56.26
C SER T 152 -6.77 35.05 -56.44
N TYR T 153 -6.24 33.97 -57.01
CA TYR T 153 -4.81 33.86 -57.25
C TYR T 153 -4.59 32.84 -58.34
N TRP T 154 -3.46 32.97 -59.03
CA TRP T 154 -3.09 32.04 -60.10
C TRP T 154 -1.56 31.96 -60.13
N GLY T 155 -1.05 30.94 -60.83
CA GLY T 155 0.38 30.80 -60.98
C GLY T 155 0.80 31.73 -62.13
N TYR T 156 1.94 32.38 -62.00
CA TYR T 156 2.41 33.31 -63.04
C TYR T 156 3.83 33.07 -63.57
N LYS T 157 4.06 33.59 -64.78
CA LYS T 157 5.35 33.54 -65.47
C LYS T 157 6.04 34.81 -65.00
N GLY T 158 5.24 35.86 -64.88
CA GLY T 158 5.73 37.14 -64.40
C GLY T 158 4.50 37.81 -63.85
N ALA T 159 4.66 38.73 -62.92
CA ALA T 159 3.52 39.39 -62.33
C ALA T 159 3.89 40.73 -61.73
N ALA T 160 2.90 41.62 -61.66
CA ALA T 160 3.12 42.95 -61.12
C ALA T 160 1.80 43.51 -60.65
N THR T 161 1.89 44.46 -59.72
CA THR T 161 0.72 45.12 -59.17
C THR T 161 1.14 46.48 -58.65
N GLY T 162 0.17 47.34 -58.37
CA GLY T 162 0.49 48.67 -57.88
C GLY T 162 0.38 49.77 -58.94
N LYS T 163 0.84 50.96 -58.57
CA LYS T 163 0.81 52.13 -59.44
C LYS T 163 1.20 51.89 -60.90
N GLY T 164 2.38 51.33 -61.13
CA GLY T 164 2.82 51.10 -62.49
C GLY T 164 2.72 49.67 -63.00
N ARG T 165 1.67 48.97 -62.61
CA ARG T 165 1.49 47.59 -63.04
C ARG T 165 1.45 47.42 -64.56
N GLN T 166 0.87 48.39 -65.26
CA GLN T 166 0.75 48.32 -66.73
C GLN T 166 2.13 48.31 -67.40
N SER T 167 2.97 49.28 -67.04
CA SER T 167 4.32 49.35 -67.59
C SER T 167 4.99 48.01 -67.37
N ALA T 168 4.94 47.55 -66.11
CA ALA T 168 5.53 46.30 -65.71
C ALA T 168 5.01 45.12 -66.53
N LYS T 169 3.70 44.96 -66.57
CA LYS T 169 3.12 43.85 -67.31
C LYS T 169 3.59 43.92 -68.75
N ALA T 170 3.64 45.14 -69.29
CA ALA T 170 4.09 45.32 -70.67
C ALA T 170 5.50 44.77 -70.78
N GLU T 171 6.38 45.23 -69.90
CA GLU T 171 7.76 44.78 -69.89
C GLU T 171 7.85 43.28 -69.68
N LEU T 172 7.05 42.77 -68.74
CA LEU T 172 7.05 41.34 -68.47
C LEU T 172 6.62 40.53 -69.69
N GLU T 173 5.55 40.96 -70.36
CA GLU T 173 5.07 40.25 -71.53
C GLU T 173 6.14 40.19 -72.62
N LYS T 174 6.96 41.23 -72.71
CA LYS T 174 8.03 41.25 -73.70
C LYS T 174 8.97 40.09 -73.43
N LEU T 175 9.46 40.05 -72.19
CA LEU T 175 10.37 39.00 -71.76
C LEU T 175 9.82 37.61 -72.06
N VAL T 176 8.53 37.41 -71.83
CA VAL T 176 7.92 36.11 -72.06
C VAL T 176 8.05 35.64 -73.50
N ASP T 177 7.75 36.54 -74.45
CA ASP T 177 7.83 36.21 -75.87
C ASP T 177 9.27 36.03 -76.34
N HIS T 178 10.16 36.90 -75.87
CA HIS T 178 11.56 36.86 -76.26
C HIS T 178 12.40 35.83 -75.53
N HIS T 179 11.78 35.04 -74.67
CA HIS T 179 12.53 34.03 -73.92
C HIS T 179 11.70 32.79 -73.62
N PRO T 180 11.27 32.07 -74.67
CA PRO T 180 10.48 30.86 -74.49
C PRO T 180 11.26 29.74 -73.81
N GLU T 181 12.58 29.89 -73.79
CA GLU T 181 13.46 28.90 -73.17
C GLU T 181 13.67 29.12 -71.67
N GLY T 182 13.35 30.33 -71.20
CA GLY T 182 13.48 30.62 -69.79
C GLY T 182 14.63 31.54 -69.43
N LEU T 183 14.35 32.52 -68.58
CA LEU T 183 15.34 33.49 -68.14
C LEU T 183 16.13 32.82 -67.01
N SER T 184 17.31 33.34 -66.69
CA SER T 184 18.09 32.75 -65.61
C SER T 184 17.96 33.64 -64.38
N ALA T 185 18.27 33.08 -63.21
CA ALA T 185 18.17 33.85 -61.97
C ALA T 185 18.96 35.15 -62.08
N ARG T 186 20.21 35.03 -62.54
CA ARG T 186 21.09 36.19 -62.71
C ARG T 186 20.43 37.22 -63.63
N GLU T 187 19.92 36.76 -64.76
CA GLU T 187 19.25 37.63 -65.73
C GLU T 187 17.97 38.25 -65.17
N ALA T 188 17.14 37.42 -64.54
CA ALA T 188 15.87 37.87 -63.96
C ALA T 188 16.08 39.00 -62.96
N VAL T 189 17.17 38.95 -62.20
CA VAL T 189 17.47 40.00 -61.24
C VAL T 189 17.60 41.37 -61.94
N LYS T 190 18.47 41.42 -62.95
CA LYS T 190 18.70 42.65 -63.71
C LYS T 190 17.39 43.10 -64.36
N GLN T 191 16.77 42.16 -65.08
CA GLN T 191 15.53 42.43 -65.76
C GLN T 191 14.54 43.05 -64.78
N ALA T 192 14.51 42.52 -63.56
CA ALA T 192 13.64 43.01 -62.52
C ALA T 192 13.98 44.45 -62.17
N ALA T 193 15.27 44.73 -61.94
CA ALA T 193 15.72 46.07 -61.59
C ALA T 193 15.26 47.09 -62.66
N LYS T 194 15.22 46.65 -63.91
CA LYS T 194 14.79 47.52 -65.00
C LYS T 194 13.29 47.77 -64.96
N ILE T 195 12.51 46.68 -65.03
CA ILE T 195 11.04 46.77 -65.01
C ILE T 195 10.60 47.74 -63.93
N ILE T 196 11.28 47.74 -62.80
CA ILE T 196 10.91 48.64 -61.71
C ILE T 196 11.27 50.09 -62.03
N TYR T 197 12.46 50.29 -62.61
CA TYR T 197 12.88 51.65 -62.97
C TYR T 197 11.91 52.22 -63.99
N LEU T 198 11.56 51.40 -64.97
CA LEU T 198 10.63 51.79 -66.00
C LEU T 198 9.29 52.13 -65.36
N ALA T 199 8.71 51.13 -64.69
CA ALA T 199 7.43 51.32 -64.03
C ALA T 199 7.41 52.49 -63.06
N HIS T 200 8.58 53.02 -62.71
CA HIS T 200 8.64 54.14 -61.77
C HIS T 200 8.21 55.47 -62.38
N GLU T 201 8.05 55.50 -63.70
CA GLU T 201 7.64 56.73 -64.39
C GLU T 201 6.26 57.21 -63.97
N ASP T 202 5.40 56.28 -63.60
CA ASP T 202 4.04 56.58 -63.15
C ASP T 202 4.10 57.15 -61.73
N ASN T 203 5.28 57.60 -61.32
CA ASN T 203 5.48 58.14 -59.99
C ASN T 203 6.82 58.89 -59.99
N LYS T 204 7.26 59.24 -61.19
CA LYS T 204 8.51 59.95 -61.43
C LYS T 204 8.75 61.18 -60.57
N GLU T 205 7.70 61.66 -59.92
CA GLU T 205 7.79 62.85 -59.07
C GLU T 205 8.67 62.65 -57.84
N LYS T 206 8.52 61.50 -57.19
CA LYS T 206 9.28 61.18 -55.99
C LYS T 206 10.47 60.26 -56.27
N ASP T 207 11.54 60.42 -55.50
CA ASP T 207 12.73 59.59 -55.67
C ASP T 207 12.42 58.25 -54.99
N PHE T 208 13.16 57.20 -55.33
CA PHE T 208 12.89 55.89 -54.72
C PHE T 208 14.13 55.05 -54.42
N GLU T 209 13.88 53.91 -53.79
CA GLU T 209 14.93 52.97 -53.43
C GLU T 209 14.54 51.60 -53.95
N LEU T 210 15.44 50.92 -54.64
CA LEU T 210 15.15 49.60 -55.18
C LEU T 210 15.44 48.48 -54.19
N GLU T 211 14.59 47.45 -54.20
CA GLU T 211 14.74 46.30 -53.32
C GLU T 211 14.47 45.04 -54.11
N ILE T 212 15.39 44.09 -54.04
CA ILE T 212 15.24 42.83 -54.78
C ILE T 212 15.59 41.65 -53.88
N SER T 213 14.98 40.51 -54.17
CA SER T 213 15.25 39.29 -53.43
C SER T 213 15.03 38.15 -54.40
N TRP T 214 15.55 36.98 -54.10
CA TRP T 214 15.42 35.85 -54.99
C TRP T 214 15.56 34.52 -54.29
N CYS T 215 15.06 33.49 -54.96
CA CYS T 215 15.12 32.13 -54.47
C CYS T 215 15.41 31.28 -55.70
N SER T 216 16.65 30.80 -55.81
CA SER T 216 17.07 29.99 -56.95
C SER T 216 17.76 28.71 -56.52
N LEU T 217 17.39 27.61 -57.15
CA LEU T 217 17.96 26.31 -56.83
C LEU T 217 19.47 26.29 -56.96
N SER T 218 20.00 27.05 -57.91
CA SER T 218 21.44 27.07 -58.14
C SER T 218 22.12 28.28 -57.51
N GLU T 219 21.44 29.41 -57.47
CA GLU T 219 22.05 30.62 -56.92
C GLU T 219 21.91 30.82 -55.42
N THR T 220 20.91 30.21 -54.79
CA THR T 220 20.72 30.37 -53.35
C THR T 220 20.43 29.06 -52.63
N ASN T 221 20.49 27.95 -53.36
CA ASN T 221 20.24 26.64 -52.77
C ASN T 221 18.77 26.40 -52.48
N GLY T 222 17.90 27.17 -53.12
CA GLY T 222 16.49 27.00 -52.90
C GLY T 222 16.01 27.77 -51.68
N LEU T 223 16.88 28.61 -51.14
CA LEU T 223 16.52 29.42 -49.99
C LEU T 223 16.29 30.85 -50.46
N HIS T 224 15.38 31.55 -49.80
CA HIS T 224 15.10 32.92 -50.17
C HIS T 224 16.16 33.82 -49.56
N LYS T 225 16.71 34.73 -50.35
CA LYS T 225 17.72 35.66 -49.87
C LYS T 225 17.55 37.00 -50.56
N PHE T 226 18.05 38.05 -49.92
CA PHE T 226 17.97 39.39 -50.48
C PHE T 226 19.20 39.69 -51.32
N VAL T 227 19.01 40.48 -52.36
CA VAL T 227 20.10 40.87 -53.23
C VAL T 227 20.77 42.07 -52.57
N LYS T 228 22.06 41.92 -52.26
CA LYS T 228 22.80 43.00 -51.59
C LYS T 228 24.13 43.30 -52.28
N GLY T 229 24.79 44.35 -51.80
CA GLY T 229 26.08 44.76 -52.34
C GLY T 229 26.28 44.83 -53.84
N ASP T 230 27.41 44.26 -54.28
CA ASP T 230 27.79 44.24 -55.70
C ASP T 230 26.68 43.81 -56.65
N LEU T 231 26.12 42.63 -56.42
CA LEU T 231 25.06 42.10 -57.28
C LEU T 231 23.90 43.08 -57.39
N LEU T 232 23.64 43.82 -56.31
CA LEU T 232 22.55 44.79 -56.29
C LEU T 232 22.91 45.99 -57.16
N GLN T 233 24.08 46.59 -56.90
CA GLN T 233 24.55 47.74 -57.65
C GLN T 233 24.63 47.42 -59.14
N GLU T 234 25.10 46.22 -59.44
CA GLU T 234 25.22 45.76 -60.82
C GLU T 234 23.88 45.81 -61.54
N ALA T 235 22.81 45.43 -60.86
CA ALA T 235 21.47 45.46 -61.45
C ALA T 235 20.96 46.89 -61.50
N ILE T 236 21.31 47.70 -60.50
CA ILE T 236 20.89 49.08 -60.47
C ILE T 236 21.41 49.79 -61.72
N ASP T 237 22.70 49.55 -62.00
CA ASP T 237 23.33 50.15 -63.16
C ASP T 237 22.68 49.65 -64.45
N PHE T 238 22.54 48.32 -64.58
CA PHE T 238 21.93 47.73 -65.77
C PHE T 238 20.60 48.41 -66.09
N ALA T 239 19.96 48.93 -65.04
CA ALA T 239 18.69 49.62 -65.18
C ALA T 239 18.91 51.09 -65.55
N GLN T 240 19.72 51.77 -64.75
CA GLN T 240 20.05 53.18 -64.98
C GLN T 240 20.56 53.37 -66.40
N LYS T 241 21.18 52.32 -66.93
CA LYS T 241 21.73 52.34 -68.27
C LYS T 241 20.63 52.27 -69.33
N GLU T 242 19.71 51.34 -69.16
CA GLU T 242 18.62 51.17 -70.13
C GLU T 242 17.42 52.09 -69.92
N ILE T 243 17.56 53.05 -69.01
CA ILE T 243 16.49 54.00 -68.75
C ILE T 243 16.75 55.22 -69.64
N ASN T 244 17.84 55.15 -70.40
CA ASN T 244 18.25 56.22 -71.32
C ASN T 244 18.69 55.62 -72.65
N ALA U 1 -35.82 48.40 -43.64
CA ALA U 1 -36.83 47.89 -44.62
C ALA U 1 -36.16 47.45 -45.93
N GLY U 2 -35.45 48.39 -46.56
CA GLY U 2 -34.77 48.10 -47.82
C GLY U 2 -33.55 47.20 -47.68
N TYR U 3 -33.34 46.67 -46.47
CA TYR U 3 -32.23 45.78 -46.21
C TYR U 3 -32.58 44.34 -46.48
N ASP U 4 -33.84 44.09 -46.83
CA ASP U 4 -34.25 42.73 -47.15
C ASP U 4 -33.57 42.33 -48.44
N ARG U 5 -32.66 43.18 -48.89
CA ARG U 5 -31.91 42.95 -50.11
C ARG U 5 -30.41 42.79 -49.83
N HIS U 6 -30.01 43.04 -48.59
CA HIS U 6 -28.61 42.92 -48.20
C HIS U 6 -28.29 41.61 -47.51
N ILE U 7 -29.19 41.13 -46.66
CA ILE U 7 -28.97 39.88 -45.97
C ILE U 7 -30.06 38.90 -46.39
N THR U 8 -29.90 37.63 -46.03
CA THR U 8 -30.89 36.64 -46.44
C THR U 8 -32.19 36.49 -45.63
N ILE U 9 -33.06 37.48 -45.71
CA ILE U 9 -34.38 37.38 -45.08
C ILE U 9 -35.35 37.64 -46.22
N PHE U 10 -36.59 37.19 -46.06
CA PHE U 10 -37.61 37.34 -47.08
C PHE U 10 -37.95 38.78 -47.46
N SER U 11 -38.32 38.96 -48.72
CA SER U 11 -38.75 40.25 -49.23
C SER U 11 -40.28 40.10 -49.20
N PRO U 12 -41.04 41.20 -49.33
CA PRO U 12 -42.49 41.06 -49.29
C PRO U 12 -43.05 40.03 -50.28
N GLU U 13 -42.29 39.71 -51.32
CA GLU U 13 -42.73 38.72 -52.31
C GLU U 13 -42.28 37.33 -51.93
N GLY U 14 -41.66 37.20 -50.76
CA GLY U 14 -41.17 35.91 -50.31
C GLY U 14 -39.91 35.48 -51.03
N ARG U 15 -39.12 36.45 -51.46
CA ARG U 15 -37.89 36.16 -52.19
C ARG U 15 -36.66 36.49 -51.37
N LEU U 16 -35.54 35.89 -51.79
CA LEU U 16 -34.25 36.11 -51.14
C LEU U 16 -33.29 36.66 -52.21
N TYR U 17 -33.29 37.98 -52.34
CA TYR U 17 -32.45 38.64 -53.33
C TYR U 17 -30.96 38.29 -53.30
N GLN U 18 -30.42 38.06 -52.10
CA GLN U 18 -29.01 37.73 -52.00
C GLN U 18 -28.71 36.40 -52.66
N VAL U 19 -29.65 35.48 -52.63
CA VAL U 19 -29.44 34.18 -53.26
C VAL U 19 -29.52 34.38 -54.77
N GLU U 20 -30.40 35.28 -55.19
CA GLU U 20 -30.59 35.57 -56.61
C GLU U 20 -29.34 36.22 -57.17
N TYR U 21 -28.82 37.21 -56.46
CA TYR U 21 -27.63 37.92 -56.89
C TYR U 21 -26.41 37.00 -56.82
N ALA U 22 -26.50 35.96 -56.00
CA ALA U 22 -25.39 35.02 -55.89
C ALA U 22 -25.42 34.18 -57.17
N PHE U 23 -26.61 33.87 -57.66
CA PHE U 23 -26.73 33.10 -58.89
C PHE U 23 -26.11 33.91 -60.02
N LYS U 24 -26.29 35.22 -59.95
CA LYS U 24 -25.74 36.10 -60.97
C LYS U 24 -24.22 35.99 -61.01
N ALA U 25 -23.61 35.91 -59.84
CA ALA U 25 -22.16 35.81 -59.75
C ALA U 25 -21.59 34.56 -60.39
N THR U 26 -22.39 33.49 -60.46
CA THR U 26 -21.90 32.24 -61.05
C THR U 26 -21.44 32.38 -62.50
N ASN U 27 -21.99 33.35 -63.22
CA ASN U 27 -21.63 33.55 -64.61
C ASN U 27 -20.48 34.54 -64.82
N GLN U 28 -19.99 35.13 -63.74
CA GLN U 28 -18.92 36.10 -63.80
C GLN U 28 -17.69 35.64 -64.62
N THR U 29 -17.40 34.35 -64.60
CA THR U 29 -16.25 33.82 -65.33
C THR U 29 -16.54 33.60 -66.81
N ASN U 30 -17.79 33.79 -67.21
CA ASN U 30 -18.17 33.61 -68.61
C ASN U 30 -17.67 32.28 -69.17
N ILE U 31 -17.79 31.22 -68.39
CA ILE U 31 -17.36 29.90 -68.83
C ILE U 31 -18.53 28.94 -68.82
N ASN U 32 -18.54 28.02 -69.78
CA ASN U 32 -19.61 27.04 -69.86
C ASN U 32 -19.03 25.67 -69.64
N SER U 33 -19.82 24.79 -69.03
CA SER U 33 -19.40 23.42 -68.78
C SER U 33 -20.60 22.51 -68.95
N LEU U 34 -20.33 21.25 -69.26
CA LEU U 34 -21.40 20.28 -69.42
C LEU U 34 -20.88 18.92 -68.97
N ALA U 35 -21.79 18.05 -68.56
CA ALA U 35 -21.42 16.72 -68.12
C ALA U 35 -22.38 15.70 -68.70
N VAL U 36 -21.84 14.54 -69.04
CA VAL U 36 -22.67 13.48 -69.61
C VAL U 36 -22.25 12.14 -69.04
N ARG U 37 -23.18 11.21 -69.07
CA ARG U 37 -22.91 9.90 -68.54
C ARG U 37 -22.70 8.90 -69.65
N GLY U 38 -21.63 8.13 -69.51
CA GLY U 38 -21.32 7.08 -70.48
C GLY U 38 -21.94 5.80 -69.98
N LYS U 39 -21.54 4.67 -70.55
CA LYS U 39 -22.09 3.39 -70.15
C LYS U 39 -21.53 3.06 -68.76
N ASP U 40 -20.28 3.42 -68.53
CA ASP U 40 -19.65 3.15 -67.24
C ASP U 40 -18.59 4.20 -66.90
N CYS U 41 -18.87 5.44 -67.26
CA CYS U 41 -17.98 6.55 -66.97
C CYS U 41 -18.82 7.82 -66.92
N THR U 42 -18.22 8.92 -66.49
CA THR U 42 -18.92 10.19 -66.44
C THR U 42 -17.89 11.21 -66.89
N VAL U 43 -18.28 12.03 -67.86
CA VAL U 43 -17.39 13.03 -68.42
C VAL U 43 -17.87 14.44 -68.16
N VAL U 44 -16.92 15.34 -67.93
CA VAL U 44 -17.26 16.74 -67.73
C VAL U 44 -16.34 17.61 -68.55
N ILE U 45 -16.97 18.47 -69.33
CA ILE U 45 -16.30 19.38 -70.22
C ILE U 45 -16.49 20.80 -69.72
N SER U 46 -15.42 21.57 -69.81
CA SER U 46 -15.49 22.94 -69.38
C SER U 46 -14.54 23.80 -70.19
N GLN U 47 -15.04 24.95 -70.62
CA GLN U 47 -14.23 25.87 -71.38
C GLN U 47 -13.10 26.36 -70.49
N LYS U 48 -11.96 26.60 -71.12
CA LYS U 48 -10.79 27.09 -70.40
C LYS U 48 -10.39 28.36 -71.12
N LYS U 49 -10.25 29.45 -70.36
CA LYS U 49 -9.88 30.72 -70.96
C LYS U 49 -8.77 31.42 -70.18
N VAL U 50 -7.60 31.50 -70.80
CA VAL U 50 -6.47 32.17 -70.16
C VAL U 50 -6.15 33.43 -70.98
N PRO U 51 -6.74 34.57 -70.57
CA PRO U 51 -6.54 35.87 -71.22
C PRO U 51 -5.15 36.47 -71.07
N ASP U 52 -4.64 36.54 -69.83
CA ASP U 52 -3.33 37.13 -69.56
C ASP U 52 -2.19 36.23 -70.01
N LYS U 53 -1.24 36.80 -70.78
CA LYS U 53 -0.10 36.03 -71.27
C LYS U 53 0.90 35.76 -70.15
N LEU U 54 0.79 36.52 -69.07
CA LEU U 54 1.67 36.38 -67.92
C LEU U 54 1.26 35.24 -66.98
N LEU U 55 0.14 34.59 -67.28
CA LEU U 55 -0.34 33.49 -66.45
C LEU U 55 0.26 32.16 -66.82
N ASP U 56 0.37 31.30 -65.83
CA ASP U 56 0.87 29.97 -66.04
C ASP U 56 -0.39 29.13 -66.27
N PRO U 57 -0.72 28.89 -67.54
CA PRO U 57 -1.90 28.12 -67.97
C PRO U 57 -2.18 26.85 -67.17
N THR U 58 -1.12 26.21 -66.70
CA THR U 58 -1.26 24.96 -65.95
C THR U 58 -1.97 25.14 -64.60
N THR U 59 -1.93 26.35 -64.04
CA THR U 59 -2.55 26.63 -62.77
C THR U 59 -3.96 27.20 -62.86
N VAL U 60 -4.50 27.29 -64.06
CA VAL U 60 -5.85 27.82 -64.25
C VAL U 60 -6.83 26.69 -64.54
N SER U 61 -7.63 26.34 -63.52
CA SER U 61 -8.60 25.27 -63.67
C SER U 61 -9.84 25.48 -62.81
N TYR U 62 -10.96 24.88 -63.23
CA TYR U 62 -12.19 24.98 -62.47
C TYR U 62 -12.72 23.59 -62.17
N ILE U 63 -11.87 22.58 -62.42
CA ILE U 63 -12.22 21.20 -62.13
C ILE U 63 -11.35 20.80 -60.94
N PHE U 64 -11.92 20.00 -60.05
CA PHE U 64 -11.19 19.58 -58.86
C PHE U 64 -11.38 18.10 -58.59
N CYS U 65 -10.34 17.47 -58.07
CA CYS U 65 -10.39 16.07 -57.70
C CYS U 65 -10.72 16.09 -56.21
N ILE U 66 -12.00 15.90 -55.90
CA ILE U 66 -12.46 15.94 -54.52
C ILE U 66 -11.95 14.75 -53.74
N SER U 67 -12.09 13.57 -54.32
CA SER U 67 -11.63 12.34 -53.70
C SER U 67 -11.16 11.42 -54.81
N ARG U 68 -10.66 10.25 -54.44
CA ARG U 68 -10.20 9.29 -55.43
C ARG U 68 -11.29 9.01 -56.49
N THR U 69 -12.55 9.04 -56.08
CA THR U 69 -13.64 8.74 -56.99
C THR U 69 -14.55 9.90 -57.41
N ILE U 70 -14.46 11.03 -56.71
CA ILE U 70 -15.33 12.16 -57.05
C ILE U 70 -14.63 13.38 -57.64
N GLY U 71 -15.20 13.88 -58.73
CA GLY U 71 -14.69 15.07 -59.37
C GLY U 71 -15.74 16.15 -59.25
N MET U 72 -15.30 17.41 -59.21
CA MET U 72 -16.20 18.53 -59.12
C MET U 72 -15.77 19.67 -60.04
N VAL U 73 -16.71 20.17 -60.85
CA VAL U 73 -16.42 21.31 -61.71
C VAL U 73 -17.25 22.46 -61.17
N VAL U 74 -16.65 23.64 -61.09
CA VAL U 74 -17.32 24.81 -60.54
C VAL U 74 -17.60 25.90 -61.55
N ASN U 75 -18.80 26.47 -61.50
CA ASN U 75 -19.16 27.60 -62.36
C ASN U 75 -19.28 28.79 -61.43
N GLY U 76 -18.29 29.67 -61.44
CA GLY U 76 -18.33 30.83 -60.57
C GLY U 76 -16.93 31.30 -60.25
N PRO U 77 -16.77 32.45 -59.59
CA PRO U 77 -15.46 32.99 -59.22
C PRO U 77 -14.55 31.93 -58.59
N ILE U 78 -13.26 32.01 -58.84
CA ILE U 78 -12.31 31.03 -58.33
C ILE U 78 -12.15 31.01 -56.81
N PRO U 79 -12.17 32.19 -56.14
CA PRO U 79 -12.00 32.05 -54.69
C PRO U 79 -13.16 31.30 -54.01
N ASP U 80 -14.40 31.58 -54.40
CA ASP U 80 -15.52 30.86 -53.80
C ASP U 80 -15.45 29.41 -54.23
N ALA U 81 -14.94 29.16 -55.43
CA ALA U 81 -14.85 27.80 -55.95
C ALA U 81 -13.85 26.98 -55.13
N ARG U 82 -12.73 27.61 -54.76
CA ARG U 82 -11.72 26.90 -54.00
C ARG U 82 -12.18 26.67 -52.55
N ASN U 83 -13.02 27.58 -52.06
CA ASN U 83 -13.57 27.48 -50.72
C ASN U 83 -14.45 26.24 -50.73
N ALA U 84 -15.25 26.10 -51.78
CA ALA U 84 -16.15 24.98 -51.92
C ALA U 84 -15.39 23.66 -52.08
N ALA U 85 -14.29 23.70 -52.83
CA ALA U 85 -13.50 22.50 -53.07
C ALA U 85 -12.83 21.99 -51.78
N LEU U 86 -12.25 22.90 -51.01
CA LEU U 86 -11.59 22.51 -49.77
C LEU U 86 -12.61 21.84 -48.83
N ARG U 87 -13.77 22.46 -48.67
CA ARG U 87 -14.78 21.92 -47.79
C ARG U 87 -15.23 20.55 -48.25
N ALA U 88 -15.47 20.40 -49.55
CA ALA U 88 -15.90 19.12 -50.08
C ALA U 88 -14.86 18.02 -49.86
N LYS U 89 -13.59 18.36 -49.99
CA LYS U 89 -12.52 17.38 -49.80
C LYS U 89 -12.45 16.95 -48.33
N ALA U 90 -12.57 17.91 -47.42
CA ALA U 90 -12.54 17.62 -46.00
C ALA U 90 -13.75 16.77 -45.67
N GLU U 91 -14.91 17.12 -46.21
CA GLU U 91 -16.12 16.35 -45.96
C GLU U 91 -15.96 14.92 -46.46
N ALA U 92 -15.43 14.77 -47.66
CA ALA U 92 -15.25 13.43 -48.23
C ALA U 92 -14.30 12.57 -47.41
N ALA U 93 -13.23 13.19 -46.90
CA ALA U 93 -12.24 12.47 -46.11
C ALA U 93 -12.83 12.08 -44.75
N GLU U 94 -13.59 12.98 -44.15
CA GLU U 94 -14.19 12.68 -42.85
C GLU U 94 -15.21 11.56 -42.97
N PHE U 95 -16.05 11.62 -43.99
CA PHE U 95 -17.06 10.59 -44.20
C PHE U 95 -16.42 9.21 -44.26
N ARG U 96 -15.31 9.08 -44.99
CA ARG U 96 -14.63 7.80 -45.12
C ARG U 96 -14.16 7.30 -43.76
N TYR U 97 -13.58 8.21 -42.98
CA TYR U 97 -13.07 7.88 -41.67
C TYR U 97 -14.15 7.39 -40.70
N LYS U 98 -15.27 8.12 -40.66
CA LYS U 98 -16.36 7.78 -39.76
C LYS U 98 -17.23 6.61 -40.16
N TYR U 99 -17.51 6.45 -41.46
CA TYR U 99 -18.40 5.39 -41.92
C TYR U 99 -17.76 4.18 -42.60
N GLY U 100 -16.46 4.24 -42.84
CA GLY U 100 -15.77 3.10 -43.44
C GLY U 100 -15.89 2.83 -44.92
N TYR U 101 -16.47 3.77 -45.67
CA TYR U 101 -16.59 3.60 -47.10
C TYR U 101 -16.61 4.98 -47.74
N ASP U 102 -16.24 5.02 -49.01
CA ASP U 102 -16.17 6.27 -49.75
C ASP U 102 -17.49 7.01 -49.86
N MET U 103 -17.44 8.31 -49.63
CA MET U 103 -18.65 9.11 -49.71
C MET U 103 -19.17 9.11 -51.15
N PRO U 104 -20.45 8.76 -51.32
CA PRO U 104 -21.08 8.70 -52.65
C PRO U 104 -21.26 10.12 -53.19
N CYS U 105 -21.19 10.24 -54.52
CA CYS U 105 -21.35 11.52 -55.18
C CYS U 105 -22.62 12.28 -54.75
N ASP U 106 -23.75 11.59 -54.77
CA ASP U 106 -25.02 12.22 -54.37
C ASP U 106 -25.05 12.66 -52.90
N VAL U 107 -24.41 11.90 -52.02
CA VAL U 107 -24.39 12.25 -50.60
C VAL U 107 -23.55 13.50 -50.37
N LEU U 108 -22.40 13.56 -51.03
CA LEU U 108 -21.53 14.74 -50.90
C LEU U 108 -22.29 15.95 -51.44
N ALA U 109 -23.07 15.73 -52.50
CA ALA U 109 -23.86 16.79 -53.11
C ALA U 109 -24.92 17.30 -52.13
N LYS U 110 -25.62 16.36 -51.49
CA LYS U 110 -26.65 16.74 -50.51
C LYS U 110 -26.00 17.52 -49.37
N ARG U 111 -24.86 17.03 -48.89
CA ARG U 111 -24.13 17.68 -47.81
C ARG U 111 -23.75 19.12 -48.16
N MET U 112 -23.20 19.32 -49.36
CA MET U 112 -22.81 20.67 -49.78
C MET U 112 -24.06 21.54 -50.02
N ALA U 113 -25.14 20.91 -50.49
CA ALA U 113 -26.38 21.65 -50.69
C ALA U 113 -26.94 22.13 -49.34
N ASN U 114 -26.86 21.27 -48.32
CA ASN U 114 -27.35 21.63 -46.99
C ASN U 114 -26.55 22.80 -46.42
N LEU U 115 -25.23 22.76 -46.59
CA LEU U 115 -24.38 23.85 -46.10
C LEU U 115 -24.85 25.13 -46.78
N SER U 116 -25.12 25.04 -48.08
CA SER U 116 -25.59 26.20 -48.84
C SER U 116 -26.93 26.67 -48.29
N GLN U 117 -27.83 25.74 -48.03
CA GLN U 117 -29.12 26.10 -47.46
C GLN U 117 -28.88 26.97 -46.22
N ILE U 118 -27.90 26.60 -45.40
CA ILE U 118 -27.62 27.37 -44.20
C ILE U 118 -27.30 28.85 -44.47
N TYR U 119 -26.48 29.14 -45.50
CA TYR U 119 -26.10 30.53 -45.79
C TYR U 119 -27.32 31.32 -46.24
N THR U 120 -28.30 30.55 -46.68
CA THR U 120 -29.59 31.02 -47.14
C THR U 120 -30.49 31.43 -45.97
N GLN U 121 -30.30 30.79 -44.82
CA GLN U 121 -31.12 31.05 -43.63
C GLN U 121 -30.47 31.86 -42.52
N ARG U 122 -29.14 31.78 -42.38
CA ARG U 122 -28.46 32.53 -41.34
C ARG U 122 -27.90 33.81 -41.97
N ALA U 123 -28.18 34.94 -41.34
CA ALA U 123 -27.77 36.25 -41.82
C ALA U 123 -26.29 36.54 -41.88
N TYR U 124 -25.51 36.05 -40.92
CA TYR U 124 -24.08 36.34 -40.92
C TYR U 124 -23.26 35.66 -42.02
N MET U 125 -23.83 34.63 -42.64
CA MET U 125 -23.16 33.89 -43.70
C MET U 125 -23.68 34.28 -45.09
N ARG U 126 -22.78 34.57 -46.03
CA ARG U 126 -23.22 34.92 -47.38
C ARG U 126 -23.23 33.66 -48.25
N PRO U 127 -24.08 33.63 -49.28
CA PRO U 127 -24.09 32.44 -50.13
C PRO U 127 -22.80 32.45 -50.97
N LEU U 128 -22.39 31.30 -51.49
CA LEU U 128 -21.20 31.29 -52.33
C LEU U 128 -21.73 31.47 -53.77
N GLY U 129 -21.08 32.33 -54.55
CA GLY U 129 -21.53 32.56 -55.90
C GLY U 129 -21.10 31.47 -56.86
N VAL U 130 -21.44 30.22 -56.55
CA VAL U 130 -21.04 29.14 -57.42
C VAL U 130 -22.07 28.03 -57.57
N ILE U 131 -21.94 27.28 -58.65
CA ILE U 131 -22.78 26.14 -58.94
C ILE U 131 -21.78 24.99 -59.01
N LEU U 132 -22.05 23.93 -58.26
CA LEU U 132 -21.13 22.80 -58.23
C LEU U 132 -21.71 21.57 -58.91
N THR U 133 -20.92 20.98 -59.81
CA THR U 133 -21.35 19.79 -60.52
C THR U 133 -20.45 18.65 -60.05
N PHE U 134 -21.05 17.63 -59.42
CA PHE U 134 -20.27 16.50 -58.93
C PHE U 134 -20.48 15.30 -59.83
N VAL U 135 -19.39 14.55 -60.07
CA VAL U 135 -19.45 13.39 -60.92
C VAL U 135 -18.61 12.25 -60.39
N SER U 136 -19.01 11.04 -60.76
CA SER U 136 -18.31 9.83 -60.36
C SER U 136 -19.05 8.65 -60.93
N VAL U 137 -18.50 7.47 -60.68
CA VAL U 137 -19.13 6.22 -61.08
C VAL U 137 -19.35 5.56 -59.72
N ASP U 138 -20.48 5.90 -59.11
CA ASP U 138 -20.86 5.38 -57.80
C ASP U 138 -20.91 3.86 -57.78
N GLU U 139 -20.44 3.26 -56.69
CA GLU U 139 -20.43 1.81 -56.58
C GLU U 139 -21.83 1.23 -56.51
N GLU U 140 -22.81 2.04 -56.17
CA GLU U 140 -24.19 1.55 -56.11
C GLU U 140 -25.06 2.12 -57.24
N LEU U 141 -24.83 3.38 -57.58
CA LEU U 141 -25.63 4.04 -58.60
C LEU U 141 -25.09 4.09 -60.03
N GLY U 142 -23.80 3.78 -60.21
CA GLY U 142 -23.25 3.84 -61.55
C GLY U 142 -22.89 5.28 -61.87
N PRO U 143 -22.65 5.62 -63.15
CA PRO U 143 -22.30 6.99 -63.53
C PRO U 143 -23.28 7.99 -62.90
N SER U 144 -22.74 9.03 -62.28
CA SER U 144 -23.60 10.00 -61.60
C SER U 144 -23.22 11.45 -61.76
N ILE U 145 -24.24 12.29 -61.90
CA ILE U 145 -24.04 13.72 -62.03
C ILE U 145 -25.03 14.35 -61.07
N TYR U 146 -24.51 15.14 -60.13
CA TYR U 146 -25.33 15.82 -59.13
C TYR U 146 -24.81 17.24 -59.02
N LYS U 147 -25.73 18.21 -59.14
CA LYS U 147 -25.34 19.62 -59.11
C LYS U 147 -26.06 20.40 -58.03
N THR U 148 -25.35 21.32 -57.40
CA THR U 148 -25.91 22.15 -56.32
C THR U 148 -25.70 23.63 -56.64
N ASP U 149 -26.61 24.47 -56.15
CA ASP U 149 -26.55 25.92 -56.41
C ASP U 149 -26.62 26.76 -55.14
N PRO U 150 -26.52 28.10 -55.26
CA PRO U 150 -26.58 29.01 -54.10
C PRO U 150 -27.89 28.97 -53.32
N ALA U 151 -28.87 28.23 -53.81
CA ALA U 151 -30.16 28.13 -53.13
C ALA U 151 -30.22 26.91 -52.21
N GLY U 152 -29.21 26.05 -52.29
CA GLY U 152 -29.20 24.86 -51.47
C GLY U 152 -29.93 23.75 -52.19
N TYR U 153 -30.29 24.00 -53.43
CA TYR U 153 -30.98 23.01 -54.23
C TYR U 153 -29.98 22.04 -54.88
N TYR U 154 -30.40 20.81 -55.11
CA TYR U 154 -29.55 19.84 -55.78
C TYR U 154 -30.38 18.71 -56.35
N VAL U 155 -29.88 18.10 -57.43
CA VAL U 155 -30.62 17.00 -58.04
C VAL U 155 -29.67 16.23 -58.96
N GLY U 156 -30.10 15.03 -59.35
CA GLY U 156 -29.29 14.21 -60.24
C GLY U 156 -29.70 14.47 -61.67
N TYR U 157 -28.74 14.29 -62.59
CA TYR U 157 -28.99 14.52 -64.01
C TYR U 157 -28.55 13.36 -64.90
N LYS U 158 -29.15 13.28 -66.08
CA LYS U 158 -28.78 12.28 -67.08
C LYS U 158 -27.57 12.94 -67.74
N ALA U 159 -27.67 14.27 -67.86
CA ALA U 159 -26.64 15.12 -68.43
C ALA U 159 -27.02 16.51 -67.97
N THR U 160 -26.10 17.46 -68.02
CA THR U 160 -26.43 18.81 -67.60
C THR U 160 -25.41 19.81 -68.15
N ALA U 161 -25.75 21.10 -68.09
CA ALA U 161 -24.87 22.15 -68.57
C ALA U 161 -25.01 23.36 -67.66
N THR U 162 -23.96 24.16 -67.55
CA THR U 162 -24.00 25.32 -66.67
C THR U 162 -23.13 26.44 -67.22
N GLY U 163 -23.59 27.68 -67.03
CA GLY U 163 -22.86 28.84 -67.51
C GLY U 163 -23.72 29.81 -68.31
N PRO U 164 -23.12 30.86 -68.89
CA PRO U 164 -23.85 31.86 -69.67
C PRO U 164 -24.74 31.29 -70.78
N LYS U 165 -24.22 30.34 -71.54
CA LYS U 165 -24.97 29.75 -72.64
C LYS U 165 -25.49 28.37 -72.27
N GLN U 166 -25.86 28.24 -71.01
CA GLN U 166 -26.38 27.01 -70.45
C GLN U 166 -27.58 26.49 -71.22
N GLN U 167 -28.52 27.37 -71.51
CA GLN U 167 -29.73 27.00 -72.22
C GLN U 167 -29.51 26.33 -73.58
N GLU U 168 -28.60 26.88 -74.37
CA GLU U 168 -28.32 26.32 -75.69
C GLU U 168 -27.73 24.91 -75.56
N ILE U 169 -26.81 24.73 -74.60
CA ILE U 169 -26.21 23.40 -74.39
C ILE U 169 -27.28 22.42 -73.96
N THR U 170 -28.13 22.89 -73.05
CA THR U 170 -29.20 22.05 -72.51
C THR U 170 -30.18 21.55 -73.59
N THR U 171 -30.71 22.45 -74.41
CA THR U 171 -31.66 22.06 -75.45
C THR U 171 -30.96 21.11 -76.43
N ASN U 172 -29.71 21.40 -76.76
CA ASN U 172 -28.96 20.53 -77.66
C ASN U 172 -28.98 19.11 -77.08
N LEU U 173 -28.56 18.97 -75.82
CA LEU U 173 -28.53 17.67 -75.16
C LEU U 173 -29.93 17.06 -75.04
N GLU U 174 -30.92 17.88 -74.73
CA GLU U 174 -32.30 17.40 -74.62
C GLU U 174 -32.71 16.72 -75.92
N ASN U 175 -32.44 17.41 -77.02
CA ASN U 175 -32.78 16.89 -78.34
C ASN U 175 -32.12 15.56 -78.60
N HIS U 176 -30.83 15.47 -78.36
CA HIS U 176 -30.12 14.22 -78.58
C HIS U 176 -30.77 13.05 -77.83
N PHE U 177 -31.18 13.28 -76.59
CA PHE U 177 -31.78 12.21 -75.79
C PHE U 177 -33.24 11.88 -76.18
N LYS U 178 -33.97 12.86 -76.72
CA LYS U 178 -35.34 12.59 -77.15
C LYS U 178 -35.24 11.62 -78.31
N LYS U 179 -34.13 11.75 -79.04
CA LYS U 179 -33.83 10.94 -80.20
C LYS U 179 -33.36 9.55 -79.79
N SER U 180 -32.29 9.48 -78.99
CA SER U 180 -31.72 8.21 -78.55
C SER U 180 -32.65 7.38 -77.66
N LYS U 181 -33.57 8.04 -76.97
CA LYS U 181 -34.52 7.34 -76.11
C LYS U 181 -33.91 6.64 -74.89
N ILE U 182 -32.62 6.86 -74.69
CA ILE U 182 -31.92 6.29 -73.53
C ILE U 182 -31.31 7.44 -72.74
N ASP U 183 -31.04 7.20 -71.46
CA ASP U 183 -30.52 8.24 -70.59
C ASP U 183 -29.01 8.31 -70.40
N HIS U 184 -28.24 7.92 -71.42
CA HIS U 184 -26.79 7.97 -71.33
C HIS U 184 -26.15 7.79 -72.72
N ILE U 185 -24.84 8.00 -72.81
CA ILE U 185 -24.11 7.84 -74.07
C ILE U 185 -23.72 6.36 -74.17
N ASN U 186 -24.41 5.60 -75.03
CA ASN U 186 -24.12 4.17 -75.18
C ASN U 186 -22.78 3.89 -75.84
N GLU U 187 -21.70 4.24 -75.15
CA GLU U 187 -20.35 4.03 -75.67
C GLU U 187 -19.56 3.27 -74.60
N GLU U 188 -18.73 2.32 -75.02
CA GLU U 188 -17.94 1.52 -74.09
C GLU U 188 -16.71 2.24 -73.57
N SER U 189 -16.07 3.04 -74.41
CA SER U 189 -14.87 3.76 -73.99
C SER U 189 -15.19 5.18 -73.60
N TRP U 190 -14.51 5.67 -72.56
CA TRP U 190 -14.74 7.03 -72.11
C TRP U 190 -14.22 8.03 -73.13
N GLU U 191 -13.21 7.61 -73.90
CA GLU U 191 -12.62 8.47 -74.93
C GLU U 191 -13.69 8.93 -75.93
N LYS U 192 -14.57 8.01 -76.33
CA LYS U 192 -15.64 8.34 -77.25
C LYS U 192 -16.70 9.20 -76.57
N VAL U 193 -16.92 8.98 -75.27
CA VAL U 193 -17.89 9.78 -74.54
C VAL U 193 -17.34 11.18 -74.43
N VAL U 194 -16.04 11.31 -74.22
CA VAL U 194 -15.44 12.64 -74.14
C VAL U 194 -15.66 13.33 -75.49
N GLU U 195 -15.46 12.58 -76.57
CA GLU U 195 -15.61 13.11 -77.93
C GLU U 195 -17.05 13.56 -78.19
N PHE U 196 -18.01 12.76 -77.73
CA PHE U 196 -19.42 13.12 -77.87
C PHE U 196 -19.60 14.45 -77.14
N ALA U 197 -19.17 14.48 -75.89
CA ALA U 197 -19.29 15.65 -75.05
C ALA U 197 -18.77 16.89 -75.77
N ILE U 198 -17.55 16.84 -76.28
CA ILE U 198 -16.98 17.98 -76.98
C ILE U 198 -17.71 18.29 -78.28
N THR U 199 -18.13 17.26 -78.99
CA THR U 199 -18.83 17.47 -80.25
C THR U 199 -20.07 18.32 -80.03
N HIS U 200 -20.88 17.96 -79.04
CA HIS U 200 -22.10 18.72 -78.77
C HIS U 200 -21.81 20.07 -78.16
N MET U 201 -20.67 20.19 -77.50
CA MET U 201 -20.29 21.47 -76.92
C MET U 201 -20.15 22.42 -78.12
N ILE U 202 -19.40 21.96 -79.13
CA ILE U 202 -19.16 22.72 -80.34
C ILE U 202 -20.45 23.08 -81.08
N ASP U 203 -21.27 22.08 -81.38
CA ASP U 203 -22.54 22.30 -82.07
C ASP U 203 -23.38 23.37 -81.38
N ALA U 204 -23.59 23.19 -80.09
CA ALA U 204 -24.40 24.11 -79.30
C ALA U 204 -23.85 25.53 -79.22
N LEU U 205 -22.56 25.67 -79.01
CA LEU U 205 -21.98 27.00 -78.91
C LEU U 205 -21.57 27.56 -80.27
N GLY U 206 -21.61 26.69 -81.29
CA GLY U 206 -21.22 27.11 -82.62
C GLY U 206 -19.79 27.63 -82.63
N THR U 207 -18.89 26.96 -81.91
CA THR U 207 -17.49 27.36 -81.88
C THR U 207 -16.55 26.19 -81.99
N GLU U 208 -15.35 26.48 -82.50
CA GLU U 208 -14.31 25.49 -82.68
C GLU U 208 -13.39 25.60 -81.47
N PHE U 209 -12.72 24.51 -81.11
CA PHE U 209 -11.82 24.54 -79.95
C PHE U 209 -10.42 24.02 -80.27
N SER U 210 -9.42 24.64 -79.66
CA SER U 210 -8.04 24.18 -79.80
C SER U 210 -7.82 23.35 -78.52
N LYS U 211 -6.66 22.71 -78.38
CA LYS U 211 -6.41 21.90 -77.20
C LYS U 211 -6.32 22.71 -75.89
N ASN U 212 -6.08 24.01 -76.01
CA ASN U 212 -5.99 24.85 -74.82
C ASN U 212 -7.25 25.65 -74.52
N ASP U 213 -8.34 25.31 -75.20
CA ASP U 213 -9.61 26.02 -75.00
C ASP U 213 -10.55 25.21 -74.12
N LEU U 214 -10.23 23.93 -73.93
CA LEU U 214 -11.05 23.05 -73.11
C LEU U 214 -10.32 22.52 -71.88
N GLU U 215 -11.08 21.85 -71.03
CA GLU U 215 -10.61 21.25 -69.79
C GLU U 215 -11.52 20.04 -69.64
N VAL U 216 -10.96 18.87 -69.37
CA VAL U 216 -11.77 17.68 -69.25
C VAL U 216 -11.49 16.83 -68.03
N GLY U 217 -12.56 16.34 -67.41
CA GLY U 217 -12.44 15.49 -66.24
C GLY U 217 -13.19 14.22 -66.58
N VAL U 218 -12.66 13.06 -66.18
CA VAL U 218 -13.33 11.80 -66.45
C VAL U 218 -13.41 10.97 -65.18
N ALA U 219 -14.55 10.32 -64.99
CA ALA U 219 -14.78 9.49 -63.83
C ALA U 219 -15.08 8.06 -64.25
N THR U 220 -14.32 7.12 -63.71
CA THR U 220 -14.51 5.71 -64.00
C THR U 220 -14.54 4.96 -62.67
N LYS U 221 -14.84 3.67 -62.75
CA LYS U 221 -14.87 2.82 -61.58
C LYS U 221 -13.57 3.02 -60.79
N ASP U 222 -13.71 3.49 -59.55
CA ASP U 222 -12.57 3.71 -58.67
C ASP U 222 -11.58 4.80 -59.04
N LYS U 223 -11.95 5.68 -59.96
CA LYS U 223 -11.05 6.78 -60.27
C LYS U 223 -11.59 7.92 -61.13
N PHE U 224 -11.26 9.14 -60.70
CA PHE U 224 -11.62 10.34 -61.42
C PHE U 224 -10.33 11.06 -61.75
N PHE U 225 -10.19 11.47 -63.01
CA PHE U 225 -8.97 12.15 -63.44
C PHE U 225 -9.25 13.19 -64.52
N THR U 226 -8.34 14.15 -64.64
CA THR U 226 -8.49 15.18 -65.66
C THR U 226 -7.54 14.86 -66.82
N LEU U 227 -7.93 15.26 -68.03
CA LEU U 227 -7.12 15.03 -69.22
C LEU U 227 -6.09 16.13 -69.41
N SER U 228 -5.00 15.81 -70.11
CA SER U 228 -3.95 16.80 -70.38
C SER U 228 -4.20 17.44 -71.75
N ALA U 229 -3.48 18.52 -72.02
CA ALA U 229 -3.62 19.20 -73.29
C ALA U 229 -3.47 18.20 -74.43
N GLU U 230 -2.49 17.30 -74.30
CA GLU U 230 -2.25 16.30 -75.33
C GLU U 230 -3.32 15.22 -75.41
N ASN U 231 -3.86 14.80 -74.26
CA ASN U 231 -4.91 13.78 -74.25
C ASN U 231 -6.12 14.37 -75.00
N ILE U 232 -6.34 15.66 -74.76
CA ILE U 232 -7.43 16.41 -75.37
C ILE U 232 -7.21 16.59 -76.87
N GLU U 233 -5.99 16.96 -77.24
CA GLU U 233 -5.63 17.14 -78.64
C GLU U 233 -5.97 15.86 -79.41
N GLU U 234 -5.61 14.72 -78.83
CA GLU U 234 -5.88 13.44 -79.46
C GLU U 234 -7.39 13.26 -79.63
N ARG U 235 -8.15 13.92 -78.76
CA ARG U 235 -9.62 13.85 -78.79
C ARG U 235 -10.14 14.72 -79.93
N LEU U 236 -9.61 15.93 -80.01
CA LEU U 236 -9.98 16.90 -81.03
C LEU U 236 -9.68 16.40 -82.45
N VAL U 237 -8.57 15.67 -82.59
CA VAL U 237 -8.20 15.11 -83.88
C VAL U 237 -9.22 14.07 -84.31
N ALA U 238 -9.51 13.15 -83.41
CA ALA U 238 -10.48 12.10 -83.68
C ALA U 238 -11.81 12.68 -84.19
N ILE U 239 -12.33 13.69 -83.49
CA ILE U 239 -13.60 14.28 -83.91
C ILE U 239 -13.46 14.99 -85.25
N ALA U 240 -12.25 15.44 -85.56
CA ALA U 240 -11.98 16.13 -86.82
C ALA U 240 -12.09 15.17 -88.00
N GLU U 241 -11.66 13.92 -87.79
CA GLU U 241 -11.70 12.91 -88.83
C GLU U 241 -13.08 12.25 -88.88
N GLN U 242 -14.11 13.08 -88.85
CA GLN U 242 -15.48 12.59 -88.88
C GLN U 242 -16.34 13.68 -89.54
N ASP U 243 -15.86 14.92 -89.43
CA ASP U 243 -16.50 16.10 -90.01
C ASP U 243 -15.73 16.52 -91.27
N THR V 1 -21.12 -16.46 -20.63
CA THR V 1 -21.64 -16.12 -21.97
C THR V 1 -20.90 -16.81 -23.09
N THR V 2 -21.66 -17.26 -24.09
CA THR V 2 -21.10 -17.86 -25.29
C THR V 2 -21.81 -17.26 -26.48
N ILE V 3 -21.06 -16.58 -27.33
CA ILE V 3 -21.63 -16.03 -28.55
C ILE V 3 -20.70 -16.40 -29.69
N VAL V 4 -21.26 -16.70 -30.85
CA VAL V 4 -20.46 -17.08 -32.00
C VAL V 4 -20.98 -16.53 -33.31
N GLY V 5 -20.11 -16.54 -34.31
CA GLY V 5 -20.44 -16.07 -35.63
C GLY V 5 -19.81 -17.08 -36.58
N VAL V 6 -20.53 -17.43 -37.64
CA VAL V 6 -20.01 -18.37 -38.63
C VAL V 6 -20.48 -17.99 -40.02
N LYS V 7 -19.53 -17.79 -40.94
CA LYS V 7 -19.87 -17.44 -42.30
C LYS V 7 -20.14 -18.72 -43.08
N PHE V 8 -21.11 -18.67 -43.98
CA PHE V 8 -21.42 -19.82 -44.83
C PHE V 8 -21.41 -19.33 -46.28
N ASN V 9 -21.54 -20.24 -47.24
CA ASN V 9 -21.48 -19.89 -48.67
C ASN V 9 -22.21 -18.63 -49.13
N ASN V 10 -23.42 -18.39 -48.63
CA ASN V 10 -24.17 -17.22 -49.10
C ASN V 10 -24.63 -16.27 -47.99
N GLY V 11 -23.92 -16.24 -46.87
CA GLY V 11 -24.31 -15.37 -45.78
C GLY V 11 -23.53 -15.56 -44.50
N VAL V 12 -24.17 -15.25 -43.38
CA VAL V 12 -23.53 -15.35 -42.08
C VAL V 12 -24.55 -15.60 -40.98
N VAL V 13 -24.16 -16.39 -39.99
CA VAL V 13 -25.04 -16.72 -38.88
C VAL V 13 -24.37 -16.44 -37.53
N ILE V 14 -25.15 -15.95 -36.57
CA ILE V 14 -24.63 -15.71 -35.23
C ILE V 14 -25.56 -16.40 -34.24
N ALA V 15 -25.00 -16.84 -33.11
CA ALA V 15 -25.79 -17.51 -32.08
C ALA V 15 -25.30 -17.08 -30.70
N ALA V 16 -26.10 -17.36 -29.67
CA ALA V 16 -25.75 -17.00 -28.31
C ALA V 16 -26.55 -17.83 -27.33
N ASP V 17 -26.04 -17.97 -26.10
CA ASP V 17 -26.76 -18.71 -25.07
C ASP V 17 -27.71 -17.68 -24.45
N THR V 18 -28.48 -18.06 -23.45
CA THR V 18 -29.41 -17.10 -22.87
C THR V 18 -29.28 -16.87 -21.36
N ARG V 19 -28.12 -17.18 -20.80
CA ARG V 19 -27.92 -16.97 -19.38
C ARG V 19 -27.33 -15.59 -19.05
N SER V 20 -27.87 -14.98 -18.00
CA SER V 20 -27.40 -13.68 -17.53
C SER V 20 -27.08 -13.87 -16.04
N THR V 21 -25.88 -13.47 -15.61
CA THR V 21 -25.52 -13.68 -14.22
C THR V 21 -25.02 -12.49 -13.44
N GLN V 22 -25.30 -12.49 -12.13
CA GLN V 22 -24.85 -11.47 -11.20
C GLN V 22 -24.03 -12.31 -10.24
N GLY V 23 -22.72 -12.34 -10.43
CA GLY V 23 -21.91 -13.16 -9.57
C GLY V 23 -22.26 -14.60 -9.88
N PRO V 24 -22.46 -15.45 -8.87
CA PRO V 24 -22.80 -16.87 -9.11
C PRO V 24 -24.30 -17.13 -9.26
N ILE V 25 -25.09 -16.07 -9.22
CA ILE V 25 -26.53 -16.22 -9.36
C ILE V 25 -27.04 -15.92 -10.77
N VAL V 26 -27.96 -16.75 -11.24
CA VAL V 26 -28.54 -16.56 -12.56
C VAL V 26 -29.68 -15.56 -12.45
N ALA V 27 -29.42 -14.31 -12.83
CA ALA V 27 -30.42 -13.25 -12.77
C ALA V 27 -31.53 -13.40 -13.81
N ASP V 28 -31.18 -13.93 -14.98
CA ASP V 28 -32.14 -14.12 -16.07
C ASP V 28 -31.79 -15.42 -16.78
N LYS V 29 -32.74 -16.34 -16.85
CA LYS V 29 -32.51 -17.63 -17.49
C LYS V 29 -32.76 -17.62 -18.98
N ASN V 30 -33.34 -16.54 -19.49
CA ASN V 30 -33.62 -16.45 -20.92
C ASN V 30 -33.49 -15.04 -21.46
N CYS V 31 -32.35 -14.41 -21.23
CA CYS V 31 -32.13 -13.07 -21.74
C CYS V 31 -31.85 -13.24 -23.23
N ALA V 32 -31.82 -12.14 -23.96
CA ALA V 32 -31.55 -12.20 -25.39
C ALA V 32 -30.26 -11.44 -25.67
N LYS V 33 -29.24 -12.16 -26.13
CA LYS V 33 -27.96 -11.55 -26.41
C LYS V 33 -27.78 -11.16 -27.87
N LEU V 34 -28.81 -11.37 -28.68
CA LEU V 34 -28.79 -11.05 -30.09
C LEU V 34 -29.53 -9.72 -30.31
N HIS V 35 -28.80 -8.72 -30.78
CA HIS V 35 -29.36 -7.39 -31.00
C HIS V 35 -29.35 -7.02 -32.46
N ARG V 36 -30.34 -6.24 -32.86
CA ARG V 36 -30.46 -5.79 -34.24
C ARG V 36 -29.91 -4.37 -34.37
N ILE V 37 -28.97 -4.14 -35.28
CA ILE V 37 -28.45 -2.78 -35.46
C ILE V 37 -29.34 -2.16 -36.54
N SER V 38 -29.58 -2.92 -37.60
CA SER V 38 -30.44 -2.50 -38.69
C SER V 38 -31.12 -3.81 -39.13
N PRO V 39 -32.11 -3.73 -40.02
CA PRO V 39 -32.77 -4.97 -40.44
C PRO V 39 -31.85 -6.15 -40.78
N LYS V 40 -30.76 -5.90 -41.49
CA LYS V 40 -29.88 -7.01 -41.86
C LYS V 40 -28.48 -6.99 -41.26
N ILE V 41 -28.33 -6.25 -40.17
CA ILE V 41 -27.06 -6.20 -39.47
C ILE V 41 -27.40 -6.53 -38.01
N TRP V 42 -27.00 -7.71 -37.57
CA TRP V 42 -27.28 -8.12 -36.19
C TRP V 42 -26.02 -8.28 -35.40
N CYS V 43 -26.18 -8.13 -34.09
CA CYS V 43 -25.06 -8.18 -33.18
C CYS V 43 -25.25 -9.13 -32.00
N ALA V 44 -24.21 -9.89 -31.68
CA ALA V 44 -24.26 -10.80 -30.52
C ALA V 44 -23.36 -10.12 -29.49
N GLY V 45 -23.86 -9.94 -28.27
CA GLY V 45 -23.06 -9.26 -27.26
C GLY V 45 -22.72 -9.97 -25.95
N ALA V 46 -21.49 -9.75 -25.49
CA ALA V 46 -20.98 -10.33 -24.26
C ALA V 46 -20.35 -9.23 -23.41
N GLY V 47 -20.21 -9.48 -22.11
CA GLY V 47 -19.63 -8.49 -21.22
C GLY V 47 -20.68 -7.87 -20.32
N THR V 48 -20.69 -6.54 -20.23
CA THR V 48 -21.68 -5.84 -19.41
C THR V 48 -22.97 -5.66 -20.22
N ALA V 49 -24.01 -6.36 -19.81
CA ALA V 49 -25.30 -6.33 -20.49
C ALA V 49 -25.85 -4.94 -20.81
N ALA V 50 -25.89 -4.04 -19.84
CA ALA V 50 -26.41 -2.70 -20.11
C ALA V 50 -25.62 -2.05 -21.23
N ASP V 51 -24.30 -2.31 -21.26
CA ASP V 51 -23.43 -1.74 -22.27
C ASP V 51 -23.65 -2.35 -23.66
N THR V 52 -23.70 -3.68 -23.76
CA THR V 52 -23.92 -4.28 -25.07
C THR V 52 -25.22 -3.77 -25.66
N GLU V 53 -26.25 -3.69 -24.83
CA GLU V 53 -27.56 -3.22 -25.26
C GLU V 53 -27.56 -1.72 -25.63
N ALA V 54 -27.00 -0.90 -24.76
CA ALA V 54 -26.97 0.54 -25.00
C ALA V 54 -26.13 0.92 -26.20
N VAL V 55 -24.98 0.28 -26.37
CA VAL V 55 -24.11 0.62 -27.48
C VAL V 55 -24.74 0.17 -28.80
N THR V 56 -25.40 -0.98 -28.76
CA THR V 56 -26.06 -1.54 -29.94
C THR V 56 -27.21 -0.64 -30.38
N GLN V 57 -27.94 -0.08 -29.42
CA GLN V 57 -29.06 0.78 -29.75
C GLN V 57 -28.59 2.16 -30.22
N LEU V 58 -27.52 2.66 -29.63
CA LEU V 58 -27.00 3.97 -30.02
C LEU V 58 -26.55 3.94 -31.48
N ILE V 59 -25.67 3.00 -31.80
CA ILE V 59 -25.18 2.92 -33.17
C ILE V 59 -26.31 2.55 -34.13
N GLY V 60 -27.24 1.71 -33.69
CA GLY V 60 -28.36 1.34 -34.54
C GLY V 60 -29.19 2.56 -34.88
N SER V 61 -29.37 3.44 -33.90
CA SER V 61 -30.13 4.66 -34.10
C SER V 61 -29.39 5.51 -35.13
N ASN V 62 -28.11 5.75 -34.90
CA ASN V 62 -27.32 6.56 -35.81
C ASN V 62 -27.21 5.93 -37.20
N ILE V 63 -27.20 4.60 -37.25
CA ILE V 63 -27.12 3.90 -38.53
C ILE V 63 -28.42 4.08 -39.31
N GLU V 64 -29.55 4.05 -38.61
CA GLU V 64 -30.84 4.24 -39.26
C GLU V 64 -30.85 5.65 -39.84
N LEU V 65 -30.44 6.63 -39.04
CA LEU V 65 -30.41 8.01 -39.50
C LEU V 65 -29.47 8.20 -40.70
N HIS V 66 -28.34 7.51 -40.69
CA HIS V 66 -27.38 7.59 -41.79
C HIS V 66 -28.01 7.01 -43.04
N SER V 67 -28.71 5.88 -42.86
CA SER V 67 -29.40 5.18 -43.95
C SER V 67 -30.40 6.13 -44.62
N LEU V 68 -31.17 6.83 -43.81
CA LEU V 68 -32.16 7.76 -44.31
C LEU V 68 -31.51 8.93 -45.02
N TYR V 69 -30.39 9.40 -44.48
CA TYR V 69 -29.69 10.55 -45.05
C TYR V 69 -29.02 10.23 -46.38
N THR V 70 -28.49 9.02 -46.51
CA THR V 70 -27.81 8.62 -47.75
C THR V 70 -28.69 7.80 -48.70
N SER V 71 -29.92 7.51 -48.30
CA SER V 71 -30.84 6.75 -49.13
C SER V 71 -30.23 5.41 -49.54
N ARG V 72 -29.42 4.84 -48.65
CA ARG V 72 -28.78 3.56 -48.91
C ARG V 72 -28.96 2.57 -47.76
N GLU V 73 -28.74 1.29 -48.05
CA GLU V 73 -28.83 0.24 -47.05
C GLU V 73 -27.59 0.36 -46.18
N PRO V 74 -27.74 0.16 -44.86
CA PRO V 74 -26.61 0.26 -43.94
C PRO V 74 -25.59 -0.81 -44.27
N ARG V 75 -24.32 -0.49 -44.08
CA ARG V 75 -23.25 -1.45 -44.33
C ARG V 75 -22.64 -1.90 -43.00
N VAL V 76 -22.31 -3.16 -42.91
CA VAL V 76 -21.73 -3.71 -41.69
C VAL V 76 -20.46 -2.93 -41.31
N VAL V 77 -19.62 -2.59 -42.28
CA VAL V 77 -18.39 -1.86 -41.95
C VAL V 77 -18.68 -0.51 -41.30
N SER V 78 -19.87 0.02 -41.50
CA SER V 78 -20.20 1.31 -40.90
C SER V 78 -20.55 1.12 -39.43
N ALA V 79 -21.34 0.10 -39.15
CA ALA V 79 -21.71 -0.20 -37.78
C ALA V 79 -20.41 -0.49 -37.02
N LEU V 80 -19.52 -1.21 -37.68
CA LEU V 80 -18.23 -1.58 -37.09
C LEU V 80 -17.34 -0.37 -36.78
N GLN V 81 -17.30 0.59 -37.71
CA GLN V 81 -16.48 1.75 -37.52
C GLN V 81 -17.05 2.66 -36.43
N MET V 82 -18.38 2.77 -36.39
CA MET V 82 -19.05 3.60 -35.40
C MET V 82 -18.92 3.01 -33.99
N LEU V 83 -19.07 1.68 -33.92
CA LEU V 83 -18.95 0.97 -32.65
C LEU V 83 -17.52 1.02 -32.10
N LYS V 84 -16.54 0.76 -32.96
CA LYS V 84 -15.17 0.77 -32.48
C LYS V 84 -14.69 2.15 -32.04
N GLN V 85 -15.06 3.19 -32.76
CA GLN V 85 -14.60 4.53 -32.38
C GLN V 85 -15.27 4.99 -31.09
N HIS V 86 -16.49 4.49 -30.85
CA HIS V 86 -17.22 4.82 -29.63
C HIS V 86 -16.58 4.07 -28.46
N LEU V 87 -16.34 2.78 -28.67
CA LEU V 87 -15.71 1.97 -27.63
C LEU V 87 -14.26 2.39 -27.36
N PHE V 88 -13.53 2.81 -28.39
CA PHE V 88 -12.16 3.23 -28.18
C PHE V 88 -12.09 4.46 -27.28
N LYS V 89 -12.96 5.41 -27.58
CA LYS V 89 -13.06 6.66 -26.84
C LYS V 89 -13.25 6.43 -25.34
N TYR V 90 -13.98 5.39 -24.99
CA TYR V 90 -14.23 5.11 -23.58
C TYR V 90 -13.24 4.17 -22.92
N GLN V 91 -12.11 3.95 -23.59
CA GLN V 91 -11.02 3.16 -23.06
C GLN V 91 -11.36 1.86 -22.33
N GLY V 92 -12.37 1.15 -22.83
CA GLY V 92 -12.74 -0.11 -22.21
C GLY V 92 -13.71 0.00 -21.06
N HIS V 93 -14.13 1.22 -20.71
CA HIS V 93 -15.06 1.38 -19.61
C HIS V 93 -16.47 0.93 -19.98
N ILE V 94 -16.78 0.93 -21.27
CA ILE V 94 -18.05 0.41 -21.71
C ILE V 94 -17.72 -1.04 -22.05
N GLY V 95 -18.05 -1.93 -21.12
CA GLY V 95 -17.76 -3.34 -21.27
C GLY V 95 -18.53 -4.10 -22.32
N ALA V 96 -18.40 -3.67 -23.58
CA ALA V 96 -19.09 -4.34 -24.66
C ALA V 96 -18.12 -5.15 -25.52
N TYR V 97 -18.42 -6.43 -25.68
CA TYR V 97 -17.62 -7.35 -26.50
C TYR V 97 -18.64 -7.88 -27.47
N LEU V 98 -18.49 -7.53 -28.75
CA LEU V 98 -19.48 -7.92 -29.74
C LEU V 98 -19.01 -8.64 -30.98
N ILE V 99 -19.92 -9.42 -31.54
CA ILE V 99 -19.71 -10.12 -32.78
C ILE V 99 -20.78 -9.48 -33.65
N VAL V 100 -20.35 -8.69 -34.62
CA VAL V 100 -21.27 -7.99 -35.51
C VAL V 100 -21.24 -8.66 -36.89
N ALA V 101 -22.42 -8.95 -37.40
CA ALA V 101 -22.55 -9.59 -38.68
C ALA V 101 -23.71 -9.00 -39.46
N GLY V 102 -23.76 -9.29 -40.75
CA GLY V 102 -24.84 -8.80 -41.59
C GLY V 102 -24.54 -8.85 -43.07
N VAL V 103 -25.56 -8.60 -43.87
CA VAL V 103 -25.40 -8.59 -45.32
C VAL V 103 -25.78 -7.17 -45.74
N ASP V 104 -25.10 -6.66 -46.74
CA ASP V 104 -25.38 -5.33 -47.23
C ASP V 104 -25.06 -5.31 -48.73
N PRO V 105 -25.26 -4.16 -49.40
CA PRO V 105 -24.96 -4.11 -50.84
C PRO V 105 -23.59 -4.63 -51.25
N THR V 106 -22.65 -4.75 -50.32
CA THR V 106 -21.32 -5.21 -50.71
C THR V 106 -21.00 -6.67 -50.37
N GLY V 107 -21.97 -7.39 -49.81
CA GLY V 107 -21.76 -8.78 -49.46
C GLY V 107 -22.13 -9.14 -48.03
N SER V 108 -21.60 -10.25 -47.53
CA SER V 108 -21.88 -10.67 -46.15
C SER V 108 -20.59 -10.51 -45.35
N HIS V 109 -20.74 -10.09 -44.09
CA HIS V 109 -19.58 -9.84 -43.25
C HIS V 109 -19.67 -10.40 -41.83
N LEU V 110 -18.49 -10.67 -41.25
CA LEU V 110 -18.37 -11.19 -39.90
C LEU V 110 -17.19 -10.53 -39.19
N PHE V 111 -17.47 -9.85 -38.08
CA PHE V 111 -16.42 -9.16 -37.32
C PHE V 111 -16.65 -9.32 -35.81
N SER V 112 -15.63 -8.97 -35.04
CA SER V 112 -15.73 -8.99 -33.59
C SER V 112 -15.13 -7.67 -33.13
N ILE V 113 -15.63 -7.15 -32.02
CA ILE V 113 -15.11 -5.90 -31.46
C ILE V 113 -14.93 -6.13 -29.97
N HIS V 114 -13.81 -5.65 -29.43
CA HIS V 114 -13.55 -5.80 -28.01
C HIS V 114 -13.79 -4.45 -27.34
N ALA V 115 -14.06 -4.47 -26.05
CA ALA V 115 -14.34 -3.26 -25.27
C ALA V 115 -13.40 -2.08 -25.53
N HIS V 116 -12.12 -2.36 -25.71
CA HIS V 116 -11.16 -1.28 -25.93
C HIS V 116 -11.21 -0.70 -27.34
N GLY V 117 -11.93 -1.35 -28.24
CA GLY V 117 -12.04 -0.81 -29.57
C GLY V 117 -11.31 -1.50 -30.70
N SER V 118 -10.68 -2.63 -30.44
CA SER V 118 -9.99 -3.35 -31.50
C SER V 118 -10.99 -4.26 -32.20
N THR V 119 -10.83 -4.42 -33.51
CA THR V 119 -11.74 -5.27 -34.28
C THR V 119 -10.97 -6.38 -34.97
N ASP V 120 -11.68 -7.45 -35.29
CA ASP V 120 -11.09 -8.60 -35.96
C ASP V 120 -12.04 -9.13 -37.01
N VAL V 121 -11.51 -9.86 -37.98
CA VAL V 121 -12.31 -10.44 -39.04
C VAL V 121 -11.97 -11.92 -39.15
N GLY V 122 -12.96 -12.74 -39.47
CA GLY V 122 -12.73 -14.16 -39.61
C GLY V 122 -13.96 -14.87 -40.16
N TYR V 123 -13.84 -16.16 -40.42
CA TYR V 123 -14.96 -16.95 -40.93
C TYR V 123 -15.80 -17.50 -39.78
N TYR V 124 -15.16 -17.65 -38.63
CA TYR V 124 -15.84 -18.12 -37.42
C TYR V 124 -15.21 -17.43 -36.21
N LEU V 125 -16.04 -17.02 -35.26
CA LEU V 125 -15.60 -16.31 -34.06
C LEU V 125 -16.49 -16.63 -32.84
N SER V 126 -15.97 -16.35 -31.65
CA SER V 126 -16.75 -16.52 -30.42
C SER V 126 -16.11 -15.72 -29.28
N LEU V 127 -16.97 -15.15 -28.43
CA LEU V 127 -16.51 -14.36 -27.29
C LEU V 127 -17.24 -14.81 -26.04
N GLY V 128 -16.73 -14.39 -24.88
CA GLY V 128 -17.37 -14.75 -23.62
C GLY V 128 -16.67 -15.86 -22.85
N SER V 129 -17.10 -16.07 -21.61
CA SER V 129 -16.51 -17.12 -20.79
C SER V 129 -16.63 -18.48 -21.48
N GLY V 130 -17.68 -18.65 -22.28
CA GLY V 130 -17.88 -19.92 -22.99
C GLY V 130 -17.07 -19.99 -24.27
N SER V 131 -16.43 -18.87 -24.58
CA SER V 131 -15.61 -18.71 -25.77
C SER V 131 -14.70 -19.89 -26.08
N LEU V 132 -14.01 -20.42 -25.07
CA LEU V 132 -13.10 -21.53 -25.29
C LEU V 132 -13.77 -22.86 -25.61
N ALA V 133 -14.89 -23.18 -24.97
CA ALA V 133 -15.58 -24.42 -25.28
C ALA V 133 -16.08 -24.32 -26.73
N ALA V 134 -16.66 -23.16 -27.07
CA ALA V 134 -17.16 -22.94 -28.44
C ALA V 134 -16.06 -23.04 -29.49
N MET V 135 -15.00 -22.26 -29.31
CA MET V 135 -13.87 -22.26 -30.25
C MET V 135 -13.27 -23.64 -30.44
N ALA V 136 -13.31 -24.47 -29.42
CA ALA V 136 -12.76 -25.82 -29.53
C ALA V 136 -13.61 -26.57 -30.57
N VAL V 137 -14.93 -26.41 -30.49
CA VAL V 137 -15.82 -27.06 -31.44
C VAL V 137 -15.59 -26.49 -32.84
N LEU V 138 -15.50 -25.16 -32.94
CA LEU V 138 -15.31 -24.52 -34.23
C LEU V 138 -13.98 -24.91 -34.85
N GLU V 139 -12.92 -24.96 -34.06
CA GLU V 139 -11.61 -25.33 -34.59
C GLU V 139 -11.61 -26.79 -35.02
N SER V 140 -12.62 -27.54 -34.59
CA SER V 140 -12.70 -28.96 -34.90
C SER V 140 -13.64 -29.34 -36.03
N HIS V 141 -14.68 -28.53 -36.26
CA HIS V 141 -15.65 -28.86 -37.29
C HIS V 141 -15.81 -27.86 -38.42
N TRP V 142 -15.22 -26.68 -38.29
CA TRP V 142 -15.37 -25.70 -39.35
C TRP V 142 -14.61 -26.11 -40.61
N LYS V 143 -15.16 -25.72 -41.75
CA LYS V 143 -14.57 -25.98 -43.05
C LYS V 143 -15.11 -24.88 -43.94
N GLN V 144 -14.40 -24.61 -45.04
CA GLN V 144 -14.83 -23.57 -45.96
C GLN V 144 -15.99 -24.07 -46.83
N ASP V 145 -16.81 -23.13 -47.28
CA ASP V 145 -17.96 -23.45 -48.12
C ASP V 145 -19.01 -24.28 -47.40
N LEU V 146 -19.49 -23.74 -46.28
CA LEU V 146 -20.51 -24.40 -45.48
C LEU V 146 -21.87 -23.98 -46.02
N THR V 147 -22.86 -24.84 -45.88
CA THR V 147 -24.19 -24.48 -46.34
C THR V 147 -24.90 -23.77 -45.19
N LYS V 148 -25.97 -23.06 -45.49
CA LYS V 148 -26.72 -22.38 -44.45
C LYS V 148 -27.05 -23.36 -43.32
N GLU V 149 -27.45 -24.57 -43.69
CA GLU V 149 -27.80 -25.59 -42.70
C GLU V 149 -26.62 -26.07 -41.88
N GLU V 150 -25.47 -26.26 -42.53
CA GLU V 150 -24.28 -26.70 -41.84
C GLU V 150 -23.83 -25.62 -40.86
N ALA V 151 -23.87 -24.37 -41.32
CA ALA V 151 -23.47 -23.24 -40.51
C ALA V 151 -24.33 -23.16 -39.25
N ILE V 152 -25.65 -23.20 -39.43
CA ILE V 152 -26.56 -23.14 -38.28
C ILE V 152 -26.24 -24.25 -37.28
N LYS V 153 -25.85 -25.42 -37.80
CA LYS V 153 -25.51 -26.55 -36.95
C LYS V 153 -24.22 -26.29 -36.17
N LEU V 154 -23.18 -25.89 -36.89
CA LEU V 154 -21.87 -25.59 -36.29
C LEU V 154 -22.05 -24.54 -35.19
N ALA V 155 -22.59 -23.39 -35.57
CA ALA V 155 -22.82 -22.31 -34.62
C ALA V 155 -23.59 -22.81 -33.39
N SER V 156 -24.67 -23.53 -33.67
CA SER V 156 -25.52 -24.07 -32.61
C SER V 156 -24.77 -25.06 -31.69
N ASP V 157 -23.91 -25.88 -32.26
CA ASP V 157 -23.15 -26.83 -31.45
C ASP V 157 -22.12 -26.07 -30.59
N ALA V 158 -21.48 -25.08 -31.20
CA ALA V 158 -20.48 -24.27 -30.51
C ALA V 158 -21.09 -23.62 -29.27
N ILE V 159 -22.34 -23.15 -29.38
CA ILE V 159 -23.00 -22.55 -28.23
C ILE V 159 -23.26 -23.62 -27.16
N GLN V 160 -23.69 -24.81 -27.59
CA GLN V 160 -23.95 -25.87 -26.64
C GLN V 160 -22.68 -26.23 -25.87
N ALA V 161 -21.54 -26.25 -26.55
CA ALA V 161 -20.29 -26.56 -25.89
C ALA V 161 -20.17 -25.64 -24.67
N GLY V 162 -20.64 -24.41 -24.84
CA GLY V 162 -20.58 -23.43 -23.77
C GLY V 162 -21.63 -23.69 -22.70
N ILE V 163 -22.88 -23.86 -23.11
CA ILE V 163 -23.95 -24.11 -22.15
C ILE V 163 -23.58 -25.24 -21.19
N TRP V 164 -23.09 -26.33 -21.76
CA TRP V 164 -22.73 -27.51 -20.99
C TRP V 164 -21.43 -27.43 -20.22
N ASN V 165 -20.40 -26.84 -20.81
CA ASN V 165 -19.11 -26.77 -20.12
C ASN V 165 -18.73 -25.48 -19.38
N ASP V 166 -19.43 -24.38 -19.68
CA ASP V 166 -19.14 -23.12 -19.02
C ASP V 166 -20.25 -22.79 -18.01
N LEU V 167 -19.83 -22.49 -16.78
CA LEU V 167 -20.79 -22.15 -15.73
C LEU V 167 -21.36 -20.77 -16.01
N GLY V 168 -20.68 -20.02 -16.87
CA GLY V 168 -21.16 -18.69 -17.20
C GLY V 168 -22.20 -18.71 -18.30
N SER V 169 -22.40 -19.89 -18.90
CA SER V 169 -23.37 -20.05 -19.97
C SER V 169 -24.39 -21.13 -19.67
N GLY V 170 -25.57 -21.01 -20.28
CA GLY V 170 -26.61 -22.00 -20.06
C GLY V 170 -27.95 -21.69 -20.70
N SER V 171 -28.94 -22.51 -20.37
CA SER V 171 -30.31 -22.36 -20.87
C SER V 171 -30.51 -22.65 -22.35
N ASN V 172 -30.83 -21.63 -23.13
CA ASN V 172 -31.11 -21.82 -24.55
C ASN V 172 -30.13 -21.28 -25.56
N VAL V 173 -30.40 -21.61 -26.83
CA VAL V 173 -29.58 -21.17 -27.95
C VAL V 173 -30.43 -20.29 -28.88
N ASP V 174 -29.99 -19.05 -29.09
CA ASP V 174 -30.68 -18.14 -30.00
C ASP V 174 -29.83 -18.07 -31.25
N VAL V 175 -30.48 -17.94 -32.40
CA VAL V 175 -29.76 -17.87 -33.67
C VAL V 175 -30.34 -16.80 -34.59
N CYS V 176 -29.51 -16.27 -35.47
CA CYS V 176 -29.97 -15.30 -36.45
C CYS V 176 -29.22 -15.55 -37.72
N VAL V 177 -29.96 -15.81 -38.79
CA VAL V 177 -29.36 -16.09 -40.08
C VAL V 177 -29.54 -14.89 -41.01
N MET V 178 -28.43 -14.46 -41.61
CA MET V 178 -28.44 -13.33 -42.52
C MET V 178 -27.93 -13.84 -43.87
N GLU V 179 -28.83 -14.02 -44.83
CA GLU V 179 -28.46 -14.53 -46.16
C GLU V 179 -28.50 -13.44 -47.22
N ILE V 180 -27.46 -13.41 -48.05
CA ILE V 180 -27.30 -12.38 -49.09
C ILE V 180 -28.52 -11.83 -49.80
N GLY V 181 -29.47 -12.68 -50.19
CA GLY V 181 -30.61 -12.10 -50.90
C GLY V 181 -31.96 -12.15 -50.21
N LYS V 182 -31.99 -12.56 -48.95
CA LYS V 182 -33.25 -12.67 -48.26
C LYS V 182 -33.32 -11.81 -47.00
N ASP V 183 -34.46 -11.87 -46.33
CA ASP V 183 -34.65 -11.12 -45.10
C ASP V 183 -33.81 -11.86 -44.05
N ALA V 184 -33.37 -11.15 -43.02
CA ALA V 184 -32.61 -11.80 -41.97
C ALA V 184 -33.63 -12.57 -41.12
N GLU V 185 -33.33 -13.82 -40.75
CA GLU V 185 -34.27 -14.53 -39.91
C GLU V 185 -33.74 -14.77 -38.49
N TYR V 186 -34.45 -14.18 -37.55
CA TYR V 186 -34.13 -14.25 -36.13
C TYR V 186 -34.87 -15.46 -35.54
N LEU V 187 -34.09 -16.39 -34.99
CA LEU V 187 -34.66 -17.60 -34.41
C LEU V 187 -34.51 -17.60 -32.89
N ARG V 188 -35.40 -16.88 -32.21
CA ARG V 188 -35.39 -16.82 -30.76
C ARG V 188 -35.68 -18.20 -30.16
N ASN V 189 -34.77 -18.68 -29.32
CA ASN V 189 -34.89 -19.99 -28.69
C ASN V 189 -34.95 -21.13 -29.71
N TYR V 190 -34.00 -21.10 -30.63
CA TYR V 190 -33.87 -22.12 -31.65
C TYR V 190 -33.73 -23.49 -30.99
N LEU V 191 -33.08 -23.52 -29.83
CA LEU V 191 -32.90 -24.74 -29.05
C LEU V 191 -33.24 -24.46 -27.59
N THR V 192 -33.93 -25.39 -26.96
CA THR V 192 -34.30 -25.23 -25.56
C THR V 192 -34.09 -26.55 -24.84
N PRO V 193 -32.81 -26.98 -24.71
CA PRO V 193 -32.38 -28.23 -24.08
C PRO V 193 -32.27 -28.21 -22.56
N ASN V 194 -32.86 -27.23 -21.91
CA ASN V 194 -32.80 -27.15 -20.46
C ASN V 194 -34.13 -26.85 -19.78
N VAL V 195 -35.19 -27.54 -20.21
CA VAL V 195 -36.49 -27.34 -19.60
C VAL V 195 -36.50 -28.01 -18.23
N ARG V 196 -36.97 -27.27 -17.22
CA ARG V 196 -37.03 -27.80 -15.86
C ARG V 196 -38.01 -28.95 -15.73
N GLU V 197 -37.61 -30.03 -15.06
CA GLU V 197 -38.49 -31.17 -14.86
C GLU V 197 -39.65 -30.73 -13.99
N GLU V 198 -40.75 -31.48 -14.03
CA GLU V 198 -41.89 -31.14 -13.21
C GLU V 198 -41.49 -31.23 -11.74
N LYS V 199 -41.96 -30.27 -10.95
CA LYS V 199 -41.65 -30.27 -9.52
C LYS V 199 -42.27 -31.48 -8.84
N GLN V 200 -41.68 -31.86 -7.73
CA GLN V 200 -42.12 -33.02 -6.96
C GLN V 200 -43.42 -32.73 -6.22
N LYS V 201 -43.68 -31.45 -5.95
CA LYS V 201 -44.87 -31.08 -5.20
C LYS V 201 -45.38 -29.71 -5.65
N SER V 202 -46.64 -29.40 -5.33
CA SER V 202 -47.21 -28.11 -5.68
C SER V 202 -47.19 -27.33 -4.37
N TYR V 203 -46.74 -26.09 -4.42
CA TYR V 203 -46.66 -25.29 -3.21
C TYR V 203 -47.75 -24.27 -3.05
N LYS V 204 -48.83 -24.49 -3.79
CA LYS V 204 -49.99 -23.61 -3.74
C LYS V 204 -50.47 -23.62 -2.27
N PHE V 205 -50.64 -22.44 -1.69
CA PHE V 205 -51.07 -22.32 -0.31
C PHE V 205 -52.57 -22.22 -0.17
N PRO V 206 -53.12 -22.74 0.94
CA PRO V 206 -54.57 -22.64 1.13
C PRO V 206 -54.84 -21.18 1.43
N ARG V 207 -55.90 -20.63 0.84
CA ARG V 207 -56.23 -19.22 1.06
C ARG V 207 -56.43 -18.94 2.54
N GLY V 208 -55.91 -17.81 2.99
CA GLY V 208 -56.03 -17.44 4.39
C GLY V 208 -54.77 -17.77 5.17
N THR V 209 -53.87 -18.52 4.55
CA THR V 209 -52.60 -18.91 5.18
C THR V 209 -51.79 -17.73 5.70
N THR V 210 -51.82 -16.62 4.97
CA THR V 210 -51.07 -15.42 5.37
C THR V 210 -51.84 -14.47 6.27
N ALA V 211 -51.20 -14.02 7.34
CA ALA V 211 -51.82 -13.10 8.28
C ALA V 211 -51.83 -11.68 7.73
N VAL V 212 -53.01 -11.07 7.67
CA VAL V 212 -53.15 -9.70 7.16
C VAL V 212 -53.56 -8.69 8.24
N LEU V 213 -52.86 -7.58 8.31
CA LEU V 213 -53.12 -6.52 9.30
C LEU V 213 -54.15 -5.46 8.89
N LYS V 214 -54.06 -5.02 7.65
CA LYS V 214 -54.94 -4.00 7.13
C LYS V 214 -55.10 -4.20 5.63
N GLU V 215 -56.19 -3.69 5.08
CA GLU V 215 -56.48 -3.84 3.67
C GLU V 215 -57.15 -2.57 3.13
N SER V 216 -56.89 -2.25 1.87
CA SER V 216 -57.49 -1.06 1.26
C SER V 216 -57.37 -1.06 -0.27
N ILE V 217 -58.29 -0.33 -0.91
CA ILE V 217 -58.31 -0.22 -2.37
C ILE V 217 -57.36 0.90 -2.77
N VAL V 218 -56.63 0.70 -3.87
CA VAL V 218 -55.71 1.74 -4.34
C VAL V 218 -56.34 2.48 -5.51
N ASN V 219 -56.31 3.81 -5.44
CA ASN V 219 -56.87 4.66 -6.49
C ASN V 219 -55.89 4.92 -7.64
N ILE V 220 -56.28 4.47 -8.83
CA ILE V 220 -55.46 4.65 -10.02
C ILE V 220 -56.01 5.71 -10.96
N CYS V 221 -57.34 5.80 -11.02
CA CYS V 221 -58.00 6.78 -11.88
C CYS V 221 -57.80 8.17 -11.28
N ASP V 222 -57.36 9.11 -12.11
CA ASP V 222 -57.12 10.48 -11.67
C ASP V 222 -58.42 11.29 -11.50
N SER W 1 -20.05 0.75 3.44
CA SER W 1 -19.24 0.82 2.19
C SER W 1 -20.10 0.52 0.96
N ASP W 2 -20.67 -0.69 0.92
CA ASP W 2 -21.54 -1.06 -0.20
C ASP W 2 -22.87 -0.31 -0.06
N PRO W 3 -23.11 0.66 -0.97
CA PRO W 3 -24.33 1.48 -0.97
C PRO W 3 -25.64 0.70 -0.96
N SER W 4 -25.61 -0.50 -1.51
CA SER W 4 -26.82 -1.31 -1.56
C SER W 4 -27.03 -2.18 -0.32
N SER W 5 -26.24 -1.93 0.72
CA SER W 5 -26.36 -2.68 1.97
C SER W 5 -26.38 -1.77 3.18
N ILE W 6 -26.71 -0.51 2.98
CA ILE W 6 -26.74 0.43 4.08
C ILE W 6 -28.12 0.47 4.74
N ASN W 7 -29.15 0.63 3.92
CA ASN W 7 -30.52 0.76 4.40
C ASN W 7 -31.33 -0.52 4.42
N GLY W 8 -30.99 -1.48 3.57
CA GLY W 8 -31.72 -2.73 3.53
C GLY W 8 -33.08 -2.66 2.84
N GLY W 9 -33.71 -3.81 2.64
CA GLY W 9 -35.01 -3.83 2.01
C GLY W 9 -35.11 -4.75 0.81
N ILE W 10 -36.31 -5.25 0.53
CA ILE W 10 -36.52 -6.12 -0.62
C ILE W 10 -37.83 -5.79 -1.35
N VAL W 11 -37.93 -6.27 -2.59
CA VAL W 11 -39.10 -6.09 -3.42
C VAL W 11 -39.21 -7.31 -4.30
N VAL W 12 -40.43 -7.77 -4.54
CA VAL W 12 -40.65 -8.93 -5.40
C VAL W 12 -41.94 -8.73 -6.18
N ALA W 13 -41.90 -9.05 -7.48
CA ALA W 13 -43.06 -8.92 -8.34
C ALA W 13 -43.32 -10.27 -9.02
N MET W 14 -44.60 -10.57 -9.23
CA MET W 14 -45.01 -11.84 -9.86
C MET W 14 -46.19 -11.69 -10.81
N THR W 15 -46.27 -12.58 -11.79
CA THR W 15 -47.38 -12.59 -12.74
C THR W 15 -48.32 -13.73 -12.41
N GLY W 16 -49.60 -13.54 -12.73
CA GLY W 16 -50.61 -14.54 -12.49
C GLY W 16 -51.67 -14.42 -13.58
N LYS W 17 -52.76 -15.19 -13.45
CA LYS W 17 -53.82 -15.15 -14.45
C LYS W 17 -54.48 -13.76 -14.50
N ASP W 18 -54.26 -13.04 -15.59
CA ASP W 18 -54.82 -11.70 -15.78
C ASP W 18 -54.54 -10.78 -14.61
N CYS W 19 -53.42 -10.99 -13.93
CA CYS W 19 -53.06 -10.16 -12.79
C CYS W 19 -51.54 -10.15 -12.52
N VAL W 20 -51.10 -9.21 -11.70
CA VAL W 20 -49.70 -9.10 -11.32
C VAL W 20 -49.68 -8.65 -9.87
N ALA W 21 -48.62 -9.01 -9.16
CA ALA W 21 -48.49 -8.62 -7.76
C ALA W 21 -47.08 -8.10 -7.54
N ILE W 22 -46.94 -7.12 -6.66
CA ILE W 22 -45.65 -6.57 -6.34
C ILE W 22 -45.69 -6.32 -4.83
N ALA W 23 -44.64 -6.74 -4.13
CA ALA W 23 -44.59 -6.61 -2.68
C ALA W 23 -43.23 -6.10 -2.19
N CYS W 24 -43.20 -5.59 -0.96
CA CYS W 24 -41.97 -5.07 -0.38
C CYS W 24 -42.01 -5.06 1.14
N ASP W 25 -40.85 -5.03 1.78
CA ASP W 25 -40.79 -4.96 3.24
C ASP W 25 -40.90 -3.47 3.56
N LEU W 26 -40.87 -3.11 4.83
CA LEU W 26 -41.01 -1.69 5.21
C LEU W 26 -39.84 -1.15 5.99
N ARG W 27 -38.78 -1.94 6.12
CA ARG W 27 -37.63 -1.51 6.87
C ARG W 27 -36.76 -0.46 6.18
N LEU W 28 -36.11 0.36 6.99
CA LEU W 28 -35.17 1.40 6.58
C LEU W 28 -34.23 1.45 7.78
N GLY W 29 -33.02 0.96 7.60
CA GLY W 29 -32.10 0.99 8.71
C GLY W 29 -30.84 1.74 8.38
N SER W 30 -29.97 1.80 9.38
CA SER W 30 -28.67 2.41 9.27
C SER W 30 -27.75 1.29 9.72
N GLN W 31 -27.37 0.42 8.78
CA GLN W 31 -26.55 -0.73 9.10
C GLN W 31 -27.36 -1.59 10.07
N SER W 32 -26.82 -1.86 11.25
CA SER W 32 -27.54 -2.70 12.21
C SER W 32 -28.68 -1.99 12.94
N LEU W 33 -28.75 -0.66 12.85
CA LEU W 33 -29.80 0.10 13.54
C LEU W 33 -31.09 0.28 12.74
N GLY W 34 -32.18 -0.28 13.24
CA GLY W 34 -33.47 -0.12 12.58
C GLY W 34 -33.91 1.32 12.79
N VAL W 35 -34.35 1.98 11.73
CA VAL W 35 -34.73 3.38 11.85
C VAL W 35 -36.21 3.65 11.56
N SER W 36 -36.76 2.99 10.55
CA SER W 36 -38.16 3.17 10.22
C SER W 36 -38.79 1.87 9.77
N ASN W 37 -40.04 1.68 10.20
CA ASN W 37 -40.81 0.48 9.87
C ASN W 37 -41.97 0.88 8.96
N LYS W 38 -41.86 2.08 8.39
CA LYS W 38 -42.89 2.57 7.49
C LYS W 38 -42.33 3.11 6.19
N PHE W 39 -41.18 2.57 5.77
CA PHE W 39 -40.55 2.99 4.52
C PHE W 39 -41.00 2.10 3.37
N GLU W 40 -42.08 2.50 2.71
CA GLU W 40 -42.61 1.73 1.59
C GLU W 40 -41.72 1.92 0.37
N LYS W 41 -41.51 0.83 -0.36
CA LYS W 41 -40.66 0.86 -1.52
C LYS W 41 -41.44 0.69 -2.82
N ILE W 42 -42.76 0.78 -2.75
CA ILE W 42 -43.61 0.63 -3.93
C ILE W 42 -44.30 1.97 -4.25
N PHE W 43 -44.24 2.38 -5.51
CA PHE W 43 -44.88 3.62 -5.91
C PHE W 43 -45.65 3.33 -7.19
N HIS W 44 -46.54 4.25 -7.56
CA HIS W 44 -47.28 4.05 -8.80
C HIS W 44 -47.58 5.36 -9.51
N TYR W 45 -47.53 5.30 -10.83
CA TYR W 45 -47.79 6.45 -11.69
C TYR W 45 -48.90 5.92 -12.59
N GLY W 46 -50.12 6.39 -12.33
CA GLY W 46 -51.25 5.91 -13.11
C GLY W 46 -51.42 4.45 -12.71
N HIS W 47 -51.52 3.56 -13.69
CA HIS W 47 -51.70 2.16 -13.37
C HIS W 47 -50.38 1.38 -13.40
N VAL W 48 -49.26 2.08 -13.47
CA VAL W 48 -47.95 1.41 -13.49
C VAL W 48 -47.32 1.47 -12.11
N PHE W 49 -46.86 0.33 -11.62
CA PHE W 49 -46.24 0.28 -10.30
C PHE W 49 -44.72 0.10 -10.35
N LEU W 50 -44.05 0.83 -9.46
CA LEU W 50 -42.60 0.77 -9.37
C LEU W 50 -42.08 0.50 -7.96
N GLY W 51 -41.37 -0.61 -7.81
CA GLY W 51 -40.78 -0.93 -6.52
C GLY W 51 -39.29 -0.62 -6.69
N ILE W 52 -38.65 -0.06 -5.65
CA ILE W 52 -37.23 0.25 -5.74
C ILE W 52 -36.49 -0.14 -4.45
N THR W 53 -35.48 -1.01 -4.55
CA THR W 53 -34.68 -1.37 -3.37
C THR W 53 -33.32 -0.68 -3.48
N GLY W 54 -32.51 -0.74 -2.44
CA GLY W 54 -31.20 -0.11 -2.48
C GLY W 54 -31.04 1.06 -1.55
N LEU W 55 -30.17 2.00 -1.92
CA LEU W 55 -29.90 3.19 -1.11
C LEU W 55 -31.14 4.06 -1.06
N ALA W 56 -31.68 4.25 0.14
CA ALA W 56 -32.91 5.02 0.37
C ALA W 56 -32.98 6.42 -0.26
N THR W 57 -31.89 7.19 -0.15
CA THR W 57 -31.92 8.52 -0.75
C THR W 57 -32.18 8.43 -2.25
N ASP W 58 -31.65 7.41 -2.89
CA ASP W 58 -31.86 7.23 -4.34
C ASP W 58 -33.25 6.68 -4.65
N VAL W 59 -33.79 5.89 -3.73
CA VAL W 59 -35.13 5.34 -3.90
C VAL W 59 -36.11 6.51 -3.92
N THR W 60 -35.90 7.45 -3.00
CA THR W 60 -36.74 8.64 -2.91
C THR W 60 -36.55 9.53 -4.14
N THR W 61 -35.30 9.75 -4.51
CA THR W 61 -34.99 10.59 -5.65
C THR W 61 -35.58 10.02 -6.93
N LEU W 62 -35.36 8.73 -7.15
CA LEU W 62 -35.89 8.11 -8.36
C LEU W 62 -37.40 8.21 -8.43
N ASN W 63 -38.06 8.02 -7.29
CA ASN W 63 -39.51 8.12 -7.30
C ASN W 63 -39.92 9.54 -7.71
N GLU W 64 -39.29 10.53 -7.12
CA GLU W 64 -39.61 11.90 -7.44
C GLU W 64 -39.30 12.19 -8.93
N MET W 65 -38.24 11.58 -9.45
CA MET W 65 -37.90 11.79 -10.86
C MET W 65 -38.95 11.21 -11.79
N PHE W 66 -39.34 9.97 -11.55
CA PHE W 66 -40.33 9.32 -12.39
C PHE W 66 -41.73 9.91 -12.24
N ARG W 67 -42.04 10.48 -11.09
CA ARG W 67 -43.34 11.11 -10.92
C ARG W 67 -43.31 12.30 -11.86
N TYR W 68 -42.22 13.06 -11.77
CA TYR W 68 -41.98 14.24 -12.61
C TYR W 68 -42.05 13.92 -14.12
N LYS W 69 -41.38 12.85 -14.54
CA LYS W 69 -41.38 12.47 -15.94
C LYS W 69 -42.70 11.92 -16.44
N THR W 70 -43.38 11.11 -15.63
CA THR W 70 -44.66 10.55 -16.07
C THR W 70 -45.74 11.62 -16.06
N ASN W 71 -45.57 12.67 -15.26
CA ASN W 71 -46.54 13.77 -15.24
C ASN W 71 -46.45 14.54 -16.55
N LEU W 72 -45.22 14.83 -17.00
CA LEU W 72 -45.05 15.54 -18.26
C LEU W 72 -45.49 14.64 -19.40
N TYR W 73 -45.19 13.36 -19.30
CA TYR W 73 -45.56 12.41 -20.33
C TYR W 73 -47.07 12.45 -20.59
N LYS W 74 -47.84 12.42 -19.50
CA LYS W 74 -49.29 12.44 -19.57
C LYS W 74 -49.83 13.76 -20.17
N LEU W 75 -49.19 14.87 -19.84
CA LEU W 75 -49.59 16.16 -20.35
C LEU W 75 -49.38 16.28 -21.85
N LYS W 76 -48.37 15.60 -22.39
CA LYS W 76 -48.09 15.67 -23.83
C LYS W 76 -48.77 14.56 -24.60
N GLU W 77 -48.66 13.33 -24.08
CA GLU W 77 -49.25 12.16 -24.73
C GLU W 77 -50.76 12.13 -24.59
N GLU W 78 -51.27 12.76 -23.53
CA GLU W 78 -52.70 12.80 -23.27
C GLU W 78 -53.26 11.41 -22.94
N ARG W 79 -52.42 10.60 -22.32
CA ARG W 79 -52.79 9.26 -21.90
C ARG W 79 -51.76 8.86 -20.85
N ALA W 80 -52.12 7.92 -19.99
CA ALA W 80 -51.20 7.48 -18.95
C ALA W 80 -50.18 6.53 -19.59
N ILE W 81 -48.95 6.56 -19.08
CA ILE W 81 -47.90 5.70 -19.63
C ILE W 81 -48.20 4.23 -19.32
N GLU W 82 -47.75 3.35 -20.22
CA GLU W 82 -47.93 1.91 -20.06
C GLU W 82 -46.68 1.26 -19.46
N PRO W 83 -46.83 0.01 -18.97
CA PRO W 83 -45.73 -0.74 -18.35
C PRO W 83 -44.52 -0.88 -19.27
N GLU W 84 -44.77 -1.31 -20.50
CA GLU W 84 -43.70 -1.50 -21.46
C GLU W 84 -42.90 -0.21 -21.71
N THR W 85 -43.61 0.88 -21.95
CA THR W 85 -43.00 2.16 -22.19
C THR W 85 -42.22 2.65 -20.97
N PHE W 86 -42.86 2.58 -19.81
CA PHE W 86 -42.22 3.05 -18.59
C PHE W 86 -40.91 2.29 -18.34
N THR W 87 -40.92 1.00 -18.65
CA THR W 87 -39.73 0.18 -18.45
C THR W 87 -38.57 0.75 -19.26
N GLN W 88 -38.86 1.20 -20.48
CA GLN W 88 -37.83 1.78 -21.32
C GLN W 88 -37.37 3.08 -20.70
N LEU W 89 -38.31 3.84 -20.16
CA LEU W 89 -37.98 5.12 -19.54
C LEU W 89 -37.09 4.90 -18.33
N VAL W 90 -37.38 3.88 -17.55
CA VAL W 90 -36.58 3.58 -16.37
C VAL W 90 -35.17 3.21 -16.84
N SER W 91 -35.10 2.32 -17.81
CA SER W 91 -33.83 1.87 -18.35
C SER W 91 -32.93 2.99 -18.85
N SER W 92 -33.46 3.87 -19.70
CA SER W 92 -32.64 4.96 -20.24
C SER W 92 -32.32 6.02 -19.18
N SER W 93 -33.20 6.18 -18.20
CA SER W 93 -32.92 7.16 -17.15
C SER W 93 -31.75 6.66 -16.30
N LEU W 94 -31.69 5.36 -16.08
CA LEU W 94 -30.61 4.78 -15.27
C LEU W 94 -29.28 4.79 -16.04
N TYR W 95 -29.30 4.42 -17.31
CA TYR W 95 -28.09 4.39 -18.10
C TYR W 95 -27.49 5.77 -18.28
N GLU W 96 -28.33 6.78 -18.20
CA GLU W 96 -27.89 8.14 -18.35
C GLU W 96 -26.86 8.49 -17.27
N ARG W 97 -26.81 7.68 -16.21
CA ARG W 97 -25.89 7.89 -15.10
C ARG W 97 -24.91 6.73 -15.04
N ARG W 98 -24.63 6.16 -16.21
CA ARG W 98 -23.73 5.02 -16.33
C ARG W 98 -22.47 5.03 -15.44
N PHE W 99 -21.79 6.17 -15.36
CA PHE W 99 -20.57 6.25 -14.57
C PHE W 99 -20.67 6.94 -13.22
N GLY W 100 -21.89 7.07 -12.73
CA GLY W 100 -22.16 7.66 -11.42
C GLY W 100 -23.61 7.29 -11.19
N PRO W 101 -23.90 5.98 -11.16
CA PRO W 101 -25.24 5.43 -10.98
C PRO W 101 -25.97 5.59 -9.66
N TYR W 102 -27.28 5.43 -9.74
CA TYR W 102 -28.14 5.47 -8.58
C TYR W 102 -28.01 4.05 -8.08
N PHE W 103 -27.81 3.87 -6.78
CA PHE W 103 -27.64 2.53 -6.23
C PHE W 103 -28.97 1.89 -5.87
N VAL W 104 -29.68 1.44 -6.90
CA VAL W 104 -30.99 0.88 -6.72
C VAL W 104 -31.24 -0.36 -7.56
N GLY W 105 -32.34 -1.04 -7.24
CA GLY W 105 -32.72 -2.24 -7.98
C GLY W 105 -34.21 -2.10 -8.27
N PRO W 106 -34.58 -1.36 -9.32
CA PRO W 106 -35.99 -1.17 -9.67
C PRO W 106 -36.73 -2.41 -10.18
N VAL W 107 -38.04 -2.39 -9.98
CA VAL W 107 -38.93 -3.47 -10.41
C VAL W 107 -40.23 -2.82 -10.87
N VAL W 108 -40.65 -3.15 -12.09
CA VAL W 108 -41.88 -2.61 -12.65
C VAL W 108 -42.96 -3.70 -12.74
N ALA W 109 -44.19 -3.32 -12.40
CA ALA W 109 -45.33 -4.23 -12.46
C ALA W 109 -46.58 -3.45 -12.90
N GLY W 110 -47.40 -4.09 -13.73
CA GLY W 110 -48.61 -3.46 -14.21
C GLY W 110 -49.29 -4.27 -15.31
N ILE W 111 -50.47 -3.83 -15.72
CA ILE W 111 -51.20 -4.51 -16.79
C ILE W 111 -51.37 -3.49 -17.91
N ASN W 112 -51.06 -3.89 -19.14
CA ASN W 112 -51.21 -2.95 -20.24
C ASN W 112 -52.71 -2.66 -20.40
N SER W 113 -53.08 -1.40 -20.24
CA SER W 113 -54.47 -0.98 -20.31
C SER W 113 -55.17 -1.28 -21.64
N LYS W 114 -54.41 -1.56 -22.69
CA LYS W 114 -55.04 -1.82 -23.98
C LYS W 114 -55.06 -3.30 -24.36
N SER W 115 -54.01 -4.04 -23.99
CA SER W 115 -53.95 -5.47 -24.32
C SER W 115 -54.30 -6.34 -23.12
N GLY W 116 -54.44 -5.73 -21.95
CA GLY W 116 -54.78 -6.48 -20.75
C GLY W 116 -53.70 -7.44 -20.29
N LYS W 117 -52.60 -7.49 -21.03
CA LYS W 117 -51.48 -8.37 -20.72
C LYS W 117 -50.69 -7.95 -19.47
N PRO W 118 -50.40 -8.92 -18.58
CA PRO W 118 -49.65 -8.69 -17.34
C PRO W 118 -48.17 -8.45 -17.66
N PHE W 119 -47.54 -7.52 -16.95
CA PHE W 119 -46.15 -7.18 -17.21
C PHE W 119 -45.32 -6.88 -15.97
N ILE W 120 -44.12 -7.46 -15.92
CA ILE W 120 -43.19 -7.24 -14.82
C ILE W 120 -41.78 -7.17 -15.40
N ALA W 121 -40.91 -6.38 -14.77
CA ALA W 121 -39.54 -6.26 -15.24
C ALA W 121 -38.61 -5.81 -14.11
N GLY W 122 -37.36 -6.24 -14.20
CA GLY W 122 -36.35 -5.87 -13.23
C GLY W 122 -35.22 -5.13 -13.93
N PHE W 123 -34.40 -4.40 -13.18
CA PHE W 123 -33.29 -3.64 -13.75
C PHE W 123 -32.09 -3.69 -12.84
N ASP W 124 -30.88 -3.57 -13.40
CA ASP W 124 -29.71 -3.50 -12.55
C ASP W 124 -29.49 -1.98 -12.36
N LEU W 125 -28.52 -1.56 -11.55
CA LEU W 125 -28.36 -0.13 -11.30
C LEU W 125 -28.05 0.75 -12.51
N ILE W 126 -27.67 0.15 -13.63
CA ILE W 126 -27.39 0.93 -14.81
C ILE W 126 -28.39 0.72 -15.94
N GLY W 127 -29.59 0.24 -15.60
CA GLY W 127 -30.63 0.09 -16.59
C GLY W 127 -30.84 -1.21 -17.35
N CYS W 128 -29.94 -2.17 -17.22
CA CYS W 128 -30.15 -3.41 -17.94
C CYS W 128 -31.51 -3.98 -17.57
N ILE W 129 -32.33 -4.25 -18.57
CA ILE W 129 -33.68 -4.77 -18.37
C ILE W 129 -33.78 -6.29 -18.34
N ASP W 130 -34.54 -6.81 -17.37
CA ASP W 130 -34.80 -8.24 -17.25
C ASP W 130 -36.31 -8.35 -17.33
N GLU W 131 -36.83 -8.81 -18.47
CA GLU W 131 -38.27 -8.92 -18.62
C GLU W 131 -38.70 -10.36 -18.44
N ALA W 132 -38.93 -10.74 -17.19
CA ALA W 132 -39.32 -12.10 -16.87
C ALA W 132 -40.81 -12.31 -17.01
N LYS W 133 -41.19 -13.55 -17.28
CA LYS W 133 -42.59 -13.91 -17.45
C LYS W 133 -43.19 -14.34 -16.12
N ASP W 134 -42.35 -14.91 -15.25
CA ASP W 134 -42.80 -15.41 -13.96
C ASP W 134 -42.65 -14.46 -12.77
N PHE W 135 -41.41 -14.18 -12.36
CA PHE W 135 -41.17 -13.31 -11.22
C PHE W 135 -39.87 -12.51 -11.31
N ILE W 136 -39.75 -11.50 -10.47
CA ILE W 136 -38.58 -10.63 -10.42
C ILE W 136 -38.30 -10.34 -8.94
N VAL W 137 -37.03 -10.43 -8.55
CA VAL W 137 -36.63 -10.17 -7.17
C VAL W 137 -35.57 -9.07 -7.09
N SER W 138 -35.51 -8.40 -5.95
CA SER W 138 -34.57 -7.32 -5.75
C SER W 138 -34.34 -7.05 -4.27
N GLY W 139 -33.14 -6.60 -3.89
CA GLY W 139 -32.86 -6.29 -2.50
C GLY W 139 -31.81 -7.12 -1.78
N THR W 140 -31.61 -6.77 -0.51
CA THR W 140 -30.61 -7.43 0.32
C THR W 140 -30.88 -8.91 0.59
N ALA W 141 -32.07 -9.38 0.21
CA ALA W 141 -32.41 -10.78 0.42
C ALA W 141 -32.85 -11.38 -0.90
N SER W 142 -32.26 -10.90 -2.00
CA SER W 142 -32.62 -11.38 -3.32
C SER W 142 -32.28 -12.87 -3.53
N ASP W 143 -31.22 -13.36 -2.89
CA ASP W 143 -30.88 -14.78 -3.02
C ASP W 143 -32.01 -15.58 -2.40
N GLN W 144 -32.37 -15.22 -1.17
CA GLN W 144 -33.44 -15.89 -0.47
C GLN W 144 -34.71 -15.83 -1.34
N LEU W 145 -35.00 -14.67 -1.92
CA LEU W 145 -36.17 -14.51 -2.78
C LEU W 145 -36.16 -15.44 -4.00
N PHE W 146 -34.99 -15.62 -4.61
CA PHE W 146 -34.90 -16.50 -5.76
C PHE W 146 -35.24 -17.92 -5.31
N GLY W 147 -34.71 -18.31 -4.15
CA GLY W 147 -34.99 -19.63 -3.64
C GLY W 147 -36.48 -19.82 -3.37
N MET W 148 -37.10 -18.83 -2.73
CA MET W 148 -38.53 -18.89 -2.45
C MET W 148 -39.37 -18.95 -3.72
N CYS W 149 -39.09 -18.05 -4.66
CA CYS W 149 -39.83 -18.00 -5.91
C CYS W 149 -39.66 -19.22 -6.80
N GLU W 150 -38.43 -19.65 -7.00
CA GLU W 150 -38.20 -20.79 -7.89
C GLU W 150 -38.97 -22.05 -7.43
N SER W 151 -39.29 -22.13 -6.15
CA SER W 151 -40.03 -23.27 -5.63
C SER W 151 -41.54 -23.03 -5.51
N LEU W 152 -41.90 -21.98 -4.79
CA LEU W 152 -43.30 -21.65 -4.57
C LEU W 152 -44.11 -21.26 -5.81
N TYR W 153 -43.45 -20.68 -6.79
CA TYR W 153 -44.15 -20.20 -7.98
C TYR W 153 -44.63 -21.23 -9.00
N GLU W 154 -45.77 -20.91 -9.62
CA GLU W 154 -46.37 -21.70 -10.68
C GLU W 154 -47.24 -20.72 -11.48
N PRO W 155 -47.36 -20.94 -12.80
CA PRO W 155 -48.13 -20.12 -13.74
C PRO W 155 -49.64 -20.00 -13.50
N ASN W 156 -50.19 -18.93 -14.05
CA ASN W 156 -51.62 -18.63 -14.01
C ASN W 156 -52.36 -18.75 -12.69
N LEU W 157 -51.75 -18.27 -11.61
CA LEU W 157 -52.43 -18.33 -10.33
C LEU W 157 -53.47 -17.22 -10.31
N GLU W 158 -54.60 -17.46 -9.65
CA GLU W 158 -55.64 -16.46 -9.56
C GLU W 158 -55.18 -15.43 -8.53
N PRO W 159 -55.70 -14.19 -8.62
CA PRO W 159 -55.32 -13.12 -7.70
C PRO W 159 -55.24 -13.53 -6.22
N GLU W 160 -56.25 -14.22 -5.72
CA GLU W 160 -56.28 -14.64 -4.32
C GLU W 160 -55.19 -15.67 -3.98
N ASP W 161 -54.83 -16.46 -4.98
CA ASP W 161 -53.80 -17.47 -4.80
C ASP W 161 -52.42 -16.85 -4.93
N LEU W 162 -52.25 -15.98 -5.92
CA LEU W 162 -50.98 -15.30 -6.13
C LEU W 162 -50.66 -14.49 -4.88
N PHE W 163 -51.69 -13.99 -4.22
CA PHE W 163 -51.47 -13.21 -3.00
C PHE W 163 -50.75 -14.05 -1.95
N GLU W 164 -51.23 -15.28 -1.74
CA GLU W 164 -50.64 -16.17 -0.74
C GLU W 164 -49.19 -16.52 -1.11
N THR W 165 -48.96 -16.75 -2.40
CA THR W 165 -47.65 -17.09 -2.89
C THR W 165 -46.63 -15.95 -2.78
N ILE W 166 -46.97 -14.80 -3.34
CA ILE W 166 -46.10 -13.65 -3.30
C ILE W 166 -45.75 -13.35 -1.83
N SER W 167 -46.75 -13.39 -0.96
CA SER W 167 -46.56 -13.10 0.48
C SER W 167 -45.63 -14.07 1.21
N GLN W 168 -45.78 -15.35 0.93
CA GLN W 168 -44.96 -16.36 1.57
C GLN W 168 -43.53 -16.28 1.06
N ALA W 169 -43.38 -15.85 -0.19
CA ALA W 169 -42.05 -15.71 -0.78
C ALA W 169 -41.38 -14.53 -0.07
N LEU W 170 -42.06 -13.40 -0.02
CA LEU W 170 -41.55 -12.20 0.62
C LEU W 170 -41.18 -12.43 2.09
N LEU W 171 -42.17 -12.83 2.87
CA LEU W 171 -42.03 -13.07 4.30
C LEU W 171 -40.89 -13.99 4.73
N ASN W 172 -40.82 -15.18 4.13
CA ASN W 172 -39.78 -16.12 4.52
C ASN W 172 -38.39 -15.72 4.04
N ALA W 173 -38.32 -14.92 2.98
CA ALA W 173 -37.04 -14.46 2.48
C ALA W 173 -36.53 -13.39 3.44
N ALA W 174 -37.43 -12.53 3.88
CA ALA W 174 -37.12 -11.43 4.80
C ALA W 174 -36.65 -11.88 6.16
N ASP W 175 -37.14 -13.03 6.59
CA ASP W 175 -36.77 -13.55 7.89
C ASP W 175 -35.41 -14.20 7.92
N ARG W 176 -34.77 -14.30 6.75
CA ARG W 176 -33.43 -14.86 6.64
C ARG W 176 -32.45 -13.72 6.28
N ASP W 177 -32.95 -12.49 6.31
CA ASP W 177 -32.16 -11.32 6.00
C ASP W 177 -32.23 -10.35 7.18
N ALA W 178 -31.07 -10.05 7.74
CA ALA W 178 -30.97 -9.15 8.88
C ALA W 178 -31.43 -7.74 8.55
N LEU W 179 -31.26 -7.33 7.30
CA LEU W 179 -31.63 -5.98 6.89
C LEU W 179 -33.04 -5.81 6.29
N SER W 180 -33.81 -6.89 6.27
CA SER W 180 -35.19 -6.84 5.75
C SER W 180 -36.21 -7.19 6.83
N GLY W 181 -37.45 -6.77 6.61
CA GLY W 181 -38.51 -7.06 7.56
C GLY W 181 -39.20 -5.83 8.12
N TRP W 182 -39.58 -5.89 9.39
CA TRP W 182 -40.26 -4.78 10.05
C TRP W 182 -41.57 -4.37 9.38
N GLY W 183 -42.25 -5.34 8.78
CA GLY W 183 -43.51 -5.03 8.11
C GLY W 183 -43.43 -5.37 6.64
N ALA W 184 -44.57 -5.46 5.98
CA ALA W 184 -44.59 -5.79 4.57
C ALA W 184 -45.93 -5.41 3.96
N VAL W 185 -45.91 -5.00 2.69
CA VAL W 185 -47.14 -4.64 2.01
C VAL W 185 -47.18 -5.37 0.67
N VAL W 186 -48.36 -5.88 0.29
CA VAL W 186 -48.51 -6.59 -0.97
C VAL W 186 -49.59 -5.91 -1.82
N TYR W 187 -49.29 -5.76 -3.11
CA TYR W 187 -50.21 -5.15 -4.07
C TYR W 187 -50.72 -6.21 -5.05
N ILE W 188 -52.05 -6.37 -5.12
CA ILE W 188 -52.65 -7.30 -6.07
C ILE W 188 -53.22 -6.39 -7.14
N ILE W 189 -52.78 -6.59 -8.37
CA ILE W 189 -53.22 -5.74 -9.46
C ILE W 189 -53.99 -6.45 -10.58
N LYS W 190 -55.14 -5.88 -10.93
CA LYS W 190 -56.01 -6.40 -11.99
C LYS W 190 -56.35 -5.23 -12.93
N LYS W 191 -56.95 -5.53 -14.08
CA LYS W 191 -57.31 -4.48 -15.04
C LYS W 191 -58.14 -3.36 -14.42
N ASP W 192 -59.18 -3.75 -13.70
CA ASP W 192 -60.10 -2.81 -13.08
C ASP W 192 -59.75 -2.31 -11.67
N GLU W 193 -59.24 -3.20 -10.82
CA GLU W 193 -58.91 -2.80 -9.46
C GLU W 193 -57.56 -3.25 -8.93
N VAL W 194 -57.16 -2.59 -7.84
CA VAL W 194 -55.91 -2.89 -7.17
C VAL W 194 -56.11 -2.86 -5.66
N VAL W 195 -55.73 -3.95 -5.01
CA VAL W 195 -55.84 -4.09 -3.56
C VAL W 195 -54.45 -4.09 -2.91
N LYS W 196 -54.36 -3.38 -1.79
CA LYS W 196 -53.12 -3.28 -1.04
C LYS W 196 -53.33 -3.86 0.36
N ARG W 197 -52.51 -4.84 0.73
CA ARG W 197 -52.63 -5.46 2.05
C ARG W 197 -51.32 -5.40 2.81
N TYR W 198 -51.41 -5.08 4.10
CA TYR W 198 -50.24 -5.03 4.96
C TYR W 198 -50.20 -6.35 5.71
N LEU W 199 -49.03 -7.00 5.72
CA LEU W 199 -48.90 -8.30 6.37
C LEU W 199 -48.40 -8.21 7.80
N LYS W 200 -48.69 -9.25 8.58
CA LYS W 200 -48.24 -9.33 9.97
C LYS W 200 -47.02 -10.23 9.97
N MET W 201 -45.90 -9.76 10.54
CA MET W 201 -44.67 -10.54 10.58
C MET W 201 -43.83 -10.20 11.80
N ARG W 202 -42.78 -11.00 12.05
CA ARG W 202 -41.92 -10.75 13.19
C ARG W 202 -41.40 -9.32 13.12
N GLN W 203 -41.09 -8.74 14.26
CA GLN W 203 -40.58 -7.39 14.30
C GLN W 203 -39.16 -7.31 14.88
N ASP W 204 -38.35 -8.33 14.59
CA ASP W 204 -36.97 -8.38 15.06
C ASP W 204 -35.95 -8.52 13.92
N MET X 1 -19.81 11.54 17.89
CA MET X 1 -20.63 12.70 17.41
C MET X 1 -21.33 13.39 18.59
N ASP X 2 -22.10 14.42 18.28
CA ASP X 2 -22.84 15.20 19.28
C ASP X 2 -24.20 14.53 19.54
N ILE X 3 -24.95 15.05 20.50
CA ILE X 3 -26.26 14.48 20.78
C ILE X 3 -27.34 15.27 20.07
N ILE X 4 -28.13 14.57 19.25
CA ILE X 4 -29.23 15.20 18.54
C ILE X 4 -30.43 14.27 18.68
N LEU X 5 -31.38 14.71 19.51
CA LEU X 5 -32.60 13.95 19.79
C LEU X 5 -33.83 14.75 19.44
N GLY X 6 -34.88 14.03 19.08
CA GLY X 6 -36.13 14.66 18.74
C GLY X 6 -37.28 13.77 19.18
N ILE X 7 -38.34 14.41 19.66
CA ILE X 7 -39.52 13.70 20.11
C ILE X 7 -40.76 14.51 19.73
N ARG X 8 -41.70 13.87 19.07
CA ARG X 8 -42.94 14.50 18.68
C ARG X 8 -44.08 14.00 19.58
N VAL X 9 -44.60 14.88 20.43
CA VAL X 9 -45.67 14.50 21.32
C VAL X 9 -47.02 14.89 20.71
N GLN X 10 -48.04 15.03 21.56
CA GLN X 10 -49.39 15.38 21.10
C GLN X 10 -49.52 16.69 20.35
N ASP X 11 -49.01 17.78 20.93
CA ASP X 11 -49.15 19.08 20.30
C ASP X 11 -47.86 19.85 20.12
N SER X 12 -46.73 19.16 20.13
CA SER X 12 -45.47 19.84 19.94
C SER X 12 -44.35 18.87 19.58
N VAL X 13 -43.19 19.44 19.24
CA VAL X 13 -42.02 18.65 18.90
C VAL X 13 -40.92 19.22 19.77
N ILE X 14 -40.16 18.33 20.41
CA ILE X 14 -39.07 18.75 21.27
C ILE X 14 -37.74 18.27 20.70
N LEU X 15 -36.74 19.15 20.68
CA LEU X 15 -35.41 18.81 20.17
C LEU X 15 -34.37 19.05 21.25
N ALA X 16 -33.60 18.02 21.57
CA ALA X 16 -32.56 18.13 22.57
C ALA X 16 -31.21 17.97 21.84
N SER X 17 -30.29 18.89 22.09
CA SER X 17 -29.00 18.89 21.42
C SER X 17 -27.85 19.19 22.38
N SER X 18 -26.81 18.37 22.35
CA SER X 18 -25.66 18.54 23.25
C SER X 18 -25.00 19.91 23.12
N LYS X 19 -24.45 20.41 24.22
CA LYS X 19 -23.84 21.74 24.23
C LYS X 19 -22.34 21.79 24.00
N ALA X 20 -21.68 20.65 24.09
CA ALA X 20 -20.24 20.63 23.92
C ALA X 20 -19.74 20.75 22.48
N VAL X 21 -18.61 21.43 22.33
CA VAL X 21 -17.94 21.58 21.06
C VAL X 21 -16.50 21.24 21.40
N THR X 22 -16.09 20.04 21.00
CA THR X 22 -14.75 19.57 21.31
C THR X 22 -13.89 19.57 20.07
N ARG X 23 -12.64 19.99 20.24
CA ARG X 23 -11.70 20.00 19.15
C ARG X 23 -10.42 19.32 19.60
N GLY X 24 -10.33 18.04 19.26
CA GLY X 24 -9.17 17.25 19.61
C GLY X 24 -9.14 16.83 21.05
N ILE X 25 -8.23 17.45 21.79
CA ILE X 25 -8.00 17.15 23.20
C ILE X 25 -8.74 18.08 24.18
N SER X 26 -9.30 19.17 23.67
CA SER X 26 -9.98 20.12 24.54
C SER X 26 -11.43 20.43 24.19
N VAL X 27 -12.25 20.62 25.21
CA VAL X 27 -13.65 20.99 25.03
C VAL X 27 -13.61 22.52 24.97
N LEU X 28 -13.80 23.08 23.78
CA LEU X 28 -13.75 24.52 23.58
C LEU X 28 -14.95 25.33 24.04
N LYS X 29 -16.12 24.72 24.04
CA LYS X 29 -17.32 25.42 24.43
C LYS X 29 -18.29 24.43 25.05
N ASP X 30 -19.07 24.87 26.01
CA ASP X 30 -20.03 23.99 26.67
C ASP X 30 -21.42 24.60 26.72
N SER X 31 -21.68 25.51 25.79
CA SER X 31 -22.96 26.20 25.71
C SER X 31 -23.37 26.37 24.25
N ASP X 32 -22.90 25.48 23.39
CA ASP X 32 -23.21 25.58 21.98
C ASP X 32 -24.65 25.18 21.64
N ASP X 33 -25.32 26.03 20.87
CA ASP X 33 -26.70 25.76 20.47
C ASP X 33 -26.68 25.25 19.03
N LYS X 34 -26.81 23.94 18.87
CA LYS X 34 -26.77 23.30 17.56
C LYS X 34 -28.12 23.32 16.86
N THR X 35 -28.68 24.52 16.71
CA THR X 35 -29.98 24.68 16.11
C THR X 35 -30.13 26.01 15.36
N ARG X 36 -31.05 26.06 14.40
CA ARG X 36 -31.34 27.29 13.65
C ARG X 36 -32.84 27.31 13.42
N GLN X 37 -33.48 28.45 13.65
CA GLN X 37 -34.91 28.55 13.39
C GLN X 37 -35.07 28.87 11.90
N LEU X 38 -35.80 28.03 11.19
CA LEU X 38 -36.00 28.22 9.76
C LEU X 38 -37.19 29.13 9.48
N SER X 39 -38.17 29.08 10.36
CA SER X 39 -39.37 29.90 10.24
C SER X 39 -39.99 29.86 11.62
N PRO X 40 -40.91 30.78 11.93
CA PRO X 40 -41.56 30.82 13.24
C PRO X 40 -42.00 29.48 13.84
N HIS X 41 -42.42 28.54 13.00
CA HIS X 41 -42.85 27.24 13.51
C HIS X 41 -42.01 26.05 13.03
N THR X 42 -40.77 26.31 12.61
CA THR X 42 -39.89 25.24 12.13
C THR X 42 -38.48 25.40 12.66
N LEU X 43 -38.02 24.38 13.38
CA LEU X 43 -36.68 24.39 13.97
C LEU X 43 -35.86 23.23 13.39
N MET X 44 -34.56 23.45 13.21
CA MET X 44 -33.69 22.41 12.69
C MET X 44 -32.46 22.25 13.57
N SER X 45 -32.17 21.02 13.96
CA SER X 45 -30.98 20.72 14.78
C SER X 45 -29.98 20.03 13.86
N PHE X 46 -28.71 20.06 14.21
CA PHE X 46 -27.70 19.46 13.33
C PHE X 46 -26.40 19.05 13.99
N ALA X 47 -25.77 18.04 13.39
CA ALA X 47 -24.49 17.51 13.85
C ALA X 47 -23.72 16.97 12.64
N GLY X 48 -22.39 16.94 12.75
CA GLY X 48 -21.58 16.46 11.66
C GLY X 48 -20.21 17.10 11.60
N GLU X 49 -19.68 17.26 10.39
CA GLU X 49 -18.36 17.84 10.16
C GLU X 49 -18.24 19.29 10.63
N ALA X 50 -17.15 19.57 11.33
CA ALA X 50 -16.83 20.88 11.90
C ALA X 50 -17.35 22.14 11.25
N GLY X 51 -16.99 22.42 10.01
CA GLY X 51 -17.48 23.66 9.44
C GLY X 51 -18.78 23.57 8.66
N ASP X 52 -18.97 22.44 8.00
CA ASP X 52 -20.15 22.17 7.17
C ASP X 52 -21.44 22.34 7.94
N THR X 53 -21.40 21.92 9.20
CA THR X 53 -22.53 21.93 10.10
C THR X 53 -23.30 23.28 10.14
N VAL X 54 -22.64 24.35 10.58
CA VAL X 54 -23.27 25.65 10.66
C VAL X 54 -23.51 26.27 9.26
N GLN X 55 -22.51 26.17 8.38
CA GLN X 55 -22.63 26.72 7.04
C GLN X 55 -23.88 26.18 6.38
N PHE X 56 -24.12 24.89 6.54
CA PHE X 56 -25.31 24.31 5.93
C PHE X 56 -26.59 24.83 6.57
N ALA X 57 -26.63 24.79 7.90
CA ALA X 57 -27.79 25.25 8.66
C ALA X 57 -28.20 26.68 8.29
N GLU X 58 -27.22 27.58 8.27
CA GLU X 58 -27.48 28.97 7.94
C GLU X 58 -27.89 29.16 6.48
N TYR X 59 -27.34 28.33 5.60
CA TYR X 59 -27.68 28.41 4.19
C TYR X 59 -29.17 28.05 4.03
N ILE X 60 -29.60 27.02 4.76
CA ILE X 60 -31.00 26.62 4.69
C ILE X 60 -31.83 27.73 5.32
N GLN X 61 -31.39 28.23 6.47
CA GLN X 61 -32.12 29.30 7.12
C GLN X 61 -32.34 30.48 6.16
N ALA X 62 -31.29 30.89 5.48
CA ALA X 62 -31.38 32.00 4.53
C ALA X 62 -32.42 31.74 3.44
N ASN X 63 -32.38 30.55 2.85
CA ASN X 63 -33.33 30.20 1.79
C ASN X 63 -34.78 30.19 2.24
N ILE X 64 -35.04 29.74 3.45
CA ILE X 64 -36.41 29.68 3.91
C ILE X 64 -36.94 31.08 4.27
N GLN X 65 -36.07 31.92 4.84
CA GLN X 65 -36.49 33.28 5.16
C GLN X 65 -36.76 34.05 3.88
N LEU X 66 -35.97 33.78 2.83
CA LEU X 66 -36.18 34.42 1.55
C LEU X 66 -37.53 33.98 0.98
N TYR X 67 -37.86 32.70 1.13
CA TYR X 67 -39.14 32.21 0.62
C TYR X 67 -40.28 32.87 1.40
N SER X 68 -40.11 32.98 2.71
CA SER X 68 -41.14 33.59 3.54
C SER X 68 -41.45 35.02 3.10
N ILE X 69 -40.42 35.82 2.85
CA ILE X 69 -40.61 37.20 2.41
C ILE X 69 -41.26 37.30 1.04
N ARG X 70 -40.74 36.53 0.09
CA ARG X 70 -41.27 36.56 -1.27
C ARG X 70 -42.74 36.20 -1.36
N GLU X 71 -43.13 35.17 -0.64
CA GLU X 71 -44.50 34.67 -0.67
C GLU X 71 -45.38 35.17 0.49
N ASP X 72 -44.76 35.80 1.47
CA ASP X 72 -45.46 36.26 2.66
C ASP X 72 -46.30 35.10 3.18
N TYR X 73 -45.65 33.94 3.29
CA TYR X 73 -46.33 32.75 3.75
C TYR X 73 -45.26 31.85 4.36
N GLU X 74 -45.67 30.94 5.24
CA GLU X 74 -44.73 30.03 5.89
C GLU X 74 -44.90 28.62 5.35
N LEU X 75 -43.88 28.11 4.67
CA LEU X 75 -43.92 26.77 4.11
C LEU X 75 -44.22 25.76 5.19
N SER X 76 -44.98 24.74 4.83
CA SER X 76 -45.32 23.68 5.77
C SER X 76 -44.05 22.92 6.14
N PRO X 77 -44.04 22.29 7.33
CA PRO X 77 -42.86 21.53 7.75
C PRO X 77 -42.47 20.48 6.72
N GLN X 78 -43.47 19.84 6.10
CA GLN X 78 -43.21 18.82 5.11
C GLN X 78 -42.48 19.42 3.89
N ALA X 79 -42.92 20.60 3.48
CA ALA X 79 -42.32 21.28 2.33
C ALA X 79 -40.85 21.64 2.65
N VAL X 80 -40.62 22.15 3.85
CA VAL X 80 -39.27 22.53 4.24
C VAL X 80 -38.35 21.32 4.30
N SER X 81 -38.85 20.21 4.82
CA SER X 81 -38.02 19.02 4.93
C SER X 81 -37.69 18.48 3.54
N SER X 82 -38.60 18.64 2.59
CA SER X 82 -38.36 18.16 1.23
C SER X 82 -37.30 19.03 0.56
N PHE X 83 -37.33 20.31 0.87
CA PHE X 83 -36.35 21.24 0.31
C PHE X 83 -34.98 20.87 0.84
N VAL X 84 -34.91 20.61 2.14
CA VAL X 84 -33.65 20.24 2.77
C VAL X 84 -33.15 18.89 2.26
N ARG X 85 -34.03 17.91 2.11
CA ARG X 85 -33.60 16.61 1.63
C ARG X 85 -32.97 16.72 0.25
N GLN X 86 -33.59 17.52 -0.63
CA GLN X 86 -33.07 17.68 -1.98
C GLN X 86 -31.71 18.40 -1.97
N GLU X 87 -31.51 19.36 -1.07
CA GLU X 87 -30.24 20.04 -1.00
C GLU X 87 -29.16 19.03 -0.62
N LEU X 88 -29.46 18.17 0.35
CA LEU X 88 -28.49 17.18 0.78
C LEU X 88 -28.30 16.10 -0.28
N ALA X 89 -29.34 15.77 -1.02
CA ALA X 89 -29.22 14.75 -2.05
C ALA X 89 -28.37 15.23 -3.23
N LYS X 90 -28.29 16.55 -3.43
CA LYS X 90 -27.45 17.10 -4.50
C LYS X 90 -26.02 17.08 -3.98
N SER X 91 -25.87 17.51 -2.74
CA SER X 91 -24.60 17.60 -2.06
C SER X 91 -23.79 16.31 -1.99
N ILE X 92 -24.48 15.19 -1.83
CA ILE X 92 -23.79 13.92 -1.70
C ILE X 92 -23.06 13.53 -2.99
N ARG X 93 -23.50 14.04 -4.13
CA ARG X 93 -22.83 13.71 -5.38
C ARG X 93 -22.03 14.88 -5.93
N SER X 94 -21.78 15.87 -5.10
CA SER X 94 -21.01 17.04 -5.51
C SER X 94 -19.53 16.80 -5.16
N ARG X 95 -18.68 17.75 -5.54
CA ARG X 95 -17.25 17.64 -5.30
C ARG X 95 -16.93 17.36 -3.84
N ARG X 96 -17.45 18.22 -2.97
CA ARG X 96 -17.24 18.05 -1.53
C ARG X 96 -18.58 18.14 -0.79
N PRO X 97 -19.19 16.98 -0.51
CA PRO X 97 -20.48 16.87 0.18
C PRO X 97 -20.53 17.48 1.58
N TYR X 98 -21.70 17.97 1.95
CA TYR X 98 -21.94 18.54 3.28
C TYR X 98 -22.07 17.32 4.19
N GLN X 99 -21.22 17.21 5.20
CA GLN X 99 -21.34 16.08 6.11
C GLN X 99 -22.13 16.55 7.32
N VAL X 100 -23.43 16.68 7.13
CA VAL X 100 -24.32 17.18 8.15
C VAL X 100 -25.60 16.35 8.26
N ASN X 101 -26.00 16.04 9.48
CA ASN X 101 -27.22 15.28 9.70
C ASN X 101 -28.17 16.22 10.43
N VAL X 102 -29.46 16.13 10.12
CA VAL X 102 -30.39 17.03 10.76
C VAL X 102 -31.72 16.43 11.19
N LEU X 103 -32.36 17.16 12.09
CA LEU X 103 -33.69 16.81 12.57
C LEU X 103 -34.47 18.09 12.32
N ILE X 104 -35.61 17.99 11.65
CA ILE X 104 -36.45 19.17 11.44
C ILE X 104 -37.71 18.95 12.27
N GLY X 105 -37.94 19.85 13.22
CA GLY X 105 -39.11 19.78 14.05
C GLY X 105 -39.98 21.00 13.76
N GLY X 106 -41.20 20.75 13.29
CA GLY X 106 -42.06 21.87 12.98
C GLY X 106 -43.53 21.68 13.34
N TYR X 107 -44.22 22.79 13.57
CA TYR X 107 -45.65 22.72 13.87
C TYR X 107 -46.42 23.22 12.66
N ASP X 108 -47.14 22.30 12.03
CA ASP X 108 -47.93 22.60 10.85
C ASP X 108 -49.23 23.31 11.25
N LYS X 109 -49.25 24.63 11.11
CA LYS X 109 -50.40 25.45 11.47
C LYS X 109 -51.66 25.19 10.65
N LYS X 110 -51.52 24.50 9.52
CA LYS X 110 -52.67 24.20 8.67
C LYS X 110 -53.31 22.90 9.13
N LYS X 111 -52.48 21.90 9.42
CA LYS X 111 -52.98 20.60 9.88
C LYS X 111 -53.18 20.61 11.41
N ASN X 112 -52.52 21.56 12.07
CA ASN X 112 -52.56 21.67 13.52
C ASN X 112 -52.00 20.40 14.17
N LYS X 113 -50.80 20.02 13.72
CA LYS X 113 -50.11 18.84 14.23
C LYS X 113 -48.60 19.03 14.19
N PRO X 114 -47.89 18.48 15.19
CA PRO X 114 -46.43 18.60 15.21
C PRO X 114 -45.84 17.55 14.27
N GLU X 115 -44.66 17.82 13.74
CA GLU X 115 -44.00 16.89 12.82
C GLU X 115 -42.49 16.86 13.04
N LEU X 116 -41.94 15.65 13.02
CA LEU X 116 -40.50 15.45 13.21
C LEU X 116 -39.91 14.71 12.02
N TYR X 117 -38.89 15.31 11.41
CA TYR X 117 -38.22 14.70 10.26
C TYR X 117 -36.74 14.48 10.56
N GLN X 118 -36.26 13.28 10.22
CA GLN X 118 -34.86 12.93 10.40
C GLN X 118 -34.27 12.77 8.99
N ILE X 119 -33.18 13.48 8.72
CA ILE X 119 -32.52 13.42 7.39
C ILE X 119 -31.01 13.36 7.55
N ASP X 120 -30.36 12.36 6.96
CA ASP X 120 -28.90 12.29 7.06
C ASP X 120 -28.22 12.98 5.89
N TYR X 121 -26.89 13.06 5.92
CA TYR X 121 -26.18 13.76 4.86
C TYR X 121 -26.32 13.16 3.45
N LEU X 122 -26.82 11.93 3.33
CA LEU X 122 -27.01 11.33 2.01
C LEU X 122 -28.33 11.81 1.41
N GLY X 123 -29.16 12.45 2.23
CA GLY X 123 -30.45 12.89 1.75
C GLY X 123 -31.51 11.84 2.10
N THR X 124 -31.22 11.02 3.10
CA THR X 124 -32.17 9.99 3.53
C THR X 124 -33.13 10.63 4.52
N LYS X 125 -34.39 10.78 4.10
CA LYS X 125 -35.41 11.39 4.96
C LYS X 125 -36.50 10.43 5.42
N VAL X 126 -36.89 10.58 6.68
CA VAL X 126 -37.95 9.76 7.23
C VAL X 126 -38.72 10.57 8.28
N GLU X 127 -40.02 10.32 8.39
CA GLU X 127 -40.82 11.03 9.39
C GLU X 127 -41.03 10.07 10.56
N LEU X 128 -40.76 10.56 11.77
CA LEU X 128 -40.86 9.71 12.96
C LEU X 128 -41.49 10.35 14.20
N PRO X 129 -41.89 9.52 15.18
CA PRO X 129 -42.49 9.96 16.44
C PRO X 129 -41.34 10.53 17.27
N TYR X 130 -40.16 9.93 17.06
CA TYR X 130 -38.92 10.35 17.74
C TYR X 130 -37.73 9.83 16.93
N GLY X 131 -36.63 10.59 16.98
CA GLY X 131 -35.46 10.19 16.24
C GLY X 131 -34.17 10.76 16.79
N ALA X 132 -33.06 10.36 16.18
CA ALA X 132 -31.74 10.80 16.61
C ALA X 132 -30.71 10.54 15.52
N HIS X 133 -29.55 11.16 15.66
CA HIS X 133 -28.47 10.97 14.70
C HIS X 133 -27.23 10.54 15.46
N GLY X 134 -26.46 9.64 14.87
CA GLY X 134 -25.24 9.20 15.53
C GLY X 134 -25.48 7.98 16.40
N TYR X 135 -24.80 7.94 17.53
CA TYR X 135 -24.92 6.83 18.47
C TYR X 135 -26.07 7.05 19.43
N SER X 136 -26.58 8.27 19.49
CA SER X 136 -27.67 8.63 20.38
C SER X 136 -28.84 7.64 20.34
N GLY X 137 -29.22 7.21 19.15
CA GLY X 137 -30.33 6.27 19.05
C GLY X 137 -30.07 4.93 19.71
N PHE X 138 -28.82 4.50 19.68
CA PHE X 138 -28.44 3.22 20.27
C PHE X 138 -28.74 3.12 21.76
N TYR X 139 -28.56 4.21 22.49
CA TYR X 139 -28.81 4.20 23.93
C TYR X 139 -30.24 4.60 24.30
N THR X 140 -30.87 5.44 23.47
CA THR X 140 -32.20 5.94 23.79
C THR X 140 -33.42 5.30 23.15
N PHE X 141 -33.29 4.66 22.00
CA PHE X 141 -34.45 4.07 21.36
C PHE X 141 -35.18 3.00 22.14
N SER X 142 -34.48 2.24 22.96
CA SER X 142 -35.16 1.19 23.72
C SER X 142 -36.06 1.85 24.75
N LEU X 143 -35.64 3.01 25.25
CA LEU X 143 -36.43 3.76 26.24
C LEU X 143 -37.67 4.36 25.56
N LEU X 144 -37.46 4.99 24.41
CA LEU X 144 -38.55 5.61 23.68
C LEU X 144 -39.53 4.55 23.17
N ASP X 145 -39.01 3.43 22.70
CA ASP X 145 -39.88 2.36 22.20
C ASP X 145 -40.83 1.92 23.30
N HIS X 146 -40.35 2.00 24.53
CA HIS X 146 -41.11 1.57 25.68
C HIS X 146 -42.12 2.59 26.21
N HIS X 147 -41.64 3.78 26.59
CA HIS X 147 -42.51 4.79 27.16
C HIS X 147 -43.29 5.70 26.21
N TYR X 148 -43.00 5.68 24.91
CA TYR X 148 -43.71 6.58 24.01
C TYR X 148 -45.19 6.34 23.78
N ARG X 149 -45.95 7.43 23.84
CA ARG X 149 -47.40 7.41 23.60
C ARG X 149 -47.76 8.64 22.77
N PRO X 150 -48.55 8.46 21.69
CA PRO X 150 -48.97 9.56 20.80
C PRO X 150 -49.71 10.73 21.47
N ASP X 151 -50.34 10.46 22.61
CA ASP X 151 -51.08 11.50 23.32
C ASP X 151 -50.31 12.16 24.44
N MET X 152 -49.02 11.88 24.53
CA MET X 152 -48.19 12.49 25.55
C MET X 152 -48.30 14.00 25.55
N THR X 153 -48.14 14.60 26.71
CA THR X 153 -48.18 16.03 26.84
C THR X 153 -46.74 16.49 26.68
N THR X 154 -46.54 17.79 26.48
CA THR X 154 -45.21 18.33 26.35
C THR X 154 -44.44 17.98 27.61
N GLU X 155 -45.11 18.08 28.75
CA GLU X 155 -44.50 17.78 30.04
C GLU X 155 -44.02 16.33 30.13
N GLU X 156 -44.82 15.40 29.63
CA GLU X 156 -44.47 13.98 29.65
C GLU X 156 -43.29 13.74 28.71
N GLY X 157 -43.30 14.47 27.59
CA GLY X 157 -42.23 14.34 26.62
C GLY X 157 -40.93 14.80 27.24
N LEU X 158 -40.94 15.91 27.96
CA LEU X 158 -39.73 16.40 28.60
C LEU X 158 -39.20 15.38 29.60
N ASP X 159 -40.09 14.71 30.32
CA ASP X 159 -39.68 13.73 31.30
C ASP X 159 -39.05 12.51 30.65
N LEU X 160 -39.58 12.14 29.48
CA LEU X 160 -39.07 11.00 28.75
C LEU X 160 -37.68 11.34 28.20
N LEU X 161 -37.50 12.57 27.75
CA LEU X 161 -36.21 13.02 27.24
C LEU X 161 -35.19 13.02 28.36
N LYS X 162 -35.60 13.54 29.51
CA LYS X 162 -34.73 13.60 30.66
C LYS X 162 -34.18 12.21 30.95
N LEU X 163 -35.05 11.21 30.82
CA LEU X 163 -34.67 9.83 31.09
C LEU X 163 -33.62 9.38 30.06
N CYS X 164 -33.79 9.80 28.82
CA CYS X 164 -32.88 9.45 27.74
C CYS X 164 -31.52 10.08 28.01
N VAL X 165 -31.52 11.37 28.35
CA VAL X 165 -30.27 12.07 28.60
C VAL X 165 -29.52 11.43 29.77
N GLN X 166 -30.26 10.95 30.78
CA GLN X 166 -29.64 10.32 31.93
C GLN X 166 -28.96 9.01 31.52
N GLU X 167 -29.61 8.28 30.61
CA GLU X 167 -29.04 7.03 30.12
C GLU X 167 -27.78 7.37 29.32
N LEU X 168 -27.86 8.44 28.54
CA LEU X 168 -26.73 8.89 27.74
C LEU X 168 -25.57 9.31 28.63
N GLU X 169 -25.87 9.99 29.73
CA GLU X 169 -24.81 10.43 30.64
C GLU X 169 -24.20 9.29 31.43
N LYS X 170 -24.92 8.18 31.55
CA LYS X 170 -24.38 7.05 32.28
C LYS X 170 -23.51 6.11 31.43
N ARG X 171 -24.03 5.73 30.27
CA ARG X 171 -23.35 4.80 29.39
C ARG X 171 -22.44 5.33 28.28
N MET X 172 -22.60 6.58 27.87
CA MET X 172 -21.76 7.12 26.82
C MET X 172 -20.41 7.59 27.36
N PRO X 173 -19.32 7.25 26.65
CA PRO X 173 -17.94 7.59 27.00
C PRO X 173 -17.57 9.06 26.98
N MET X 174 -18.28 9.84 26.18
CA MET X 174 -17.97 11.26 26.07
C MET X 174 -18.84 12.13 26.94
N ASP X 175 -18.28 13.24 27.40
CA ASP X 175 -19.00 14.20 28.21
C ASP X 175 -19.52 15.25 27.25
N PHE X 176 -20.79 15.18 26.86
CA PHE X 176 -21.34 16.13 25.92
C PHE X 176 -21.84 17.43 26.56
N LYS X 177 -21.55 17.59 27.84
CA LYS X 177 -21.94 18.80 28.58
C LYS X 177 -23.41 19.17 28.58
N GLY X 178 -24.28 18.18 28.79
CA GLY X 178 -25.70 18.47 28.83
C GLY X 178 -26.28 18.85 27.49
N VAL X 179 -27.59 19.10 27.48
CA VAL X 179 -28.27 19.46 26.25
C VAL X 179 -29.12 20.72 26.40
N ILE X 180 -29.38 21.37 25.28
CA ILE X 180 -30.25 22.54 25.25
C ILE X 180 -31.54 21.95 24.66
N VAL X 181 -32.67 22.26 25.26
CA VAL X 181 -33.94 21.73 24.78
C VAL X 181 -34.84 22.84 24.25
N LYS X 182 -35.53 22.57 23.15
CA LYS X 182 -36.43 23.55 22.56
C LYS X 182 -37.75 22.91 22.16
N ILE X 183 -38.83 23.66 22.39
CA ILE X 183 -40.17 23.18 22.09
C ILE X 183 -40.75 23.95 20.92
N VAL X 184 -41.41 23.23 20.03
CA VAL X 184 -42.01 23.86 18.87
C VAL X 184 -43.48 23.48 18.86
N ASP X 185 -44.35 24.48 18.89
CA ASP X 185 -45.79 24.24 18.88
C ASP X 185 -46.55 25.35 18.16
N LYS X 186 -47.87 25.34 18.30
CA LYS X 186 -48.73 26.33 17.66
C LYS X 186 -48.35 27.78 17.95
N ASP X 187 -47.58 28.00 19.01
CA ASP X 187 -47.18 29.36 19.35
C ASP X 187 -45.75 29.70 19.01
N GLY X 188 -45.08 28.79 18.32
CA GLY X 188 -43.71 29.04 17.94
C GLY X 188 -42.69 28.16 18.60
N ILE X 189 -41.49 28.72 18.74
CA ILE X 189 -40.35 28.03 19.30
C ILE X 189 -39.88 28.68 20.59
N ARG X 190 -39.71 27.90 21.63
CA ARG X 190 -39.21 28.43 22.89
C ARG X 190 -38.20 27.46 23.49
N GLN X 191 -37.26 28.00 24.25
CA GLN X 191 -36.21 27.20 24.88
C GLN X 191 -36.47 26.95 26.36
N VAL X 192 -36.28 25.71 26.79
CA VAL X 192 -36.47 25.33 28.19
C VAL X 192 -35.19 25.66 28.92
N ASP X 193 -35.05 26.90 29.36
CA ASP X 193 -33.84 27.34 30.07
C ASP X 193 -33.53 26.53 31.34
N ASP X 194 -34.50 25.73 31.78
CA ASP X 194 -34.32 24.93 32.98
C ASP X 194 -34.38 23.42 32.75
N PHE X 195 -33.27 22.85 32.29
CA PHE X 195 -33.20 21.41 32.07
C PHE X 195 -31.92 20.90 32.74
N GLN X 196 -31.12 21.85 33.23
CA GLN X 196 -29.86 21.55 33.92
C GLN X 196 -30.20 20.78 35.21
N ALA X 197 -31.50 20.73 35.50
CA ALA X 197 -32.04 20.06 36.68
C ALA X 197 -33.56 20.24 36.69
N GLN X 198 -34.23 19.58 35.76
CA GLN X 198 -35.69 19.66 35.66
C GLN X 198 -36.32 18.43 36.30
N THR Y 1 3.30 26.35 20.27
CA THR Y 1 2.50 27.61 20.33
C THR Y 1 1.46 27.65 21.42
N THR Y 2 1.34 28.82 22.04
CA THR Y 2 0.32 29.04 23.05
C THR Y 2 -0.20 30.45 22.83
N THR Y 3 -1.49 30.53 22.61
CA THR Y 3 -2.17 31.80 22.42
C THR Y 3 -3.45 31.74 23.23
N LEU Y 4 -3.84 32.88 23.81
CA LEU Y 4 -5.08 32.94 24.56
C LEU Y 4 -5.71 34.32 24.46
N ALA Y 5 -7.00 34.36 24.75
CA ALA Y 5 -7.75 35.60 24.73
C ALA Y 5 -8.93 35.39 25.66
N PHE Y 6 -9.21 36.38 26.49
CA PHE Y 6 -10.36 36.27 27.35
C PHE Y 6 -11.01 37.61 27.60
N ARG Y 7 -12.32 37.54 27.79
CA ARG Y 7 -13.19 38.67 28.01
C ARG Y 7 -13.35 38.94 29.50
N PHE Y 8 -13.39 40.22 29.86
CA PHE Y 8 -13.59 40.60 31.25
C PHE Y 8 -14.11 42.04 31.38
N GLN Y 9 -14.34 42.46 32.61
CA GLN Y 9 -14.82 43.80 32.92
C GLN Y 9 -14.09 44.89 32.14
N GLY Y 10 -12.77 44.79 32.03
CA GLY Y 10 -12.00 45.81 31.35
C GLY Y 10 -11.79 45.62 29.85
N GLY Y 11 -12.42 44.62 29.28
CA GLY Y 11 -12.26 44.38 27.85
C GLY Y 11 -11.71 43.00 27.53
N ILE Y 12 -10.58 42.96 26.84
CA ILE Y 12 -9.98 41.69 26.46
C ILE Y 12 -8.48 41.64 26.66
N ILE Y 13 -8.02 40.50 27.12
CA ILE Y 13 -6.61 40.28 27.28
C ILE Y 13 -6.19 39.28 26.21
N VAL Y 14 -5.09 39.58 25.55
CA VAL Y 14 -4.57 38.73 24.52
C VAL Y 14 -3.11 38.52 24.84
N ALA Y 15 -2.72 37.24 24.93
CA ALA Y 15 -1.35 36.86 25.25
C ALA Y 15 -0.92 35.69 24.37
N VAL Y 16 0.34 35.75 23.91
CA VAL Y 16 0.89 34.73 23.02
C VAL Y 16 2.37 34.50 23.34
N ASP Y 17 2.91 33.37 22.91
CA ASP Y 17 4.33 33.10 23.11
C ASP Y 17 4.96 33.56 21.81
N SER Y 18 6.27 33.38 21.64
CA SER Y 18 6.88 33.85 20.42
C SER Y 18 7.82 32.84 19.78
N ARG Y 19 7.57 31.57 20.02
CA ARG Y 19 8.40 30.51 19.47
C ARG Y 19 7.90 29.90 18.16
N ALA Y 20 8.85 29.58 17.27
CA ALA Y 20 8.54 28.96 15.99
C ALA Y 20 9.42 27.72 15.90
N THR Y 21 8.83 26.57 15.62
CA THR Y 21 9.59 25.33 15.51
C THR Y 21 9.16 24.51 14.31
N ALA Y 22 10.13 23.77 13.76
CA ALA Y 22 9.89 22.87 12.64
C ALA Y 22 10.52 21.60 13.19
N GLY Y 23 9.69 20.70 13.72
CA GLY Y 23 10.20 19.48 14.31
C GLY Y 23 10.80 19.85 15.65
N ASN Y 24 12.06 19.48 15.88
CA ASN Y 24 12.73 19.78 17.13
C ASN Y 24 13.57 21.05 17.01
N TRP Y 25 13.62 21.58 15.79
CA TRP Y 25 14.39 22.79 15.53
C TRP Y 25 13.64 24.05 15.91
N VAL Y 26 14.28 24.85 16.77
CA VAL Y 26 13.70 26.11 17.18
C VAL Y 26 14.12 27.13 16.13
N ALA Y 27 13.22 27.41 15.21
CA ALA Y 27 13.48 28.33 14.12
C ALA Y 27 13.61 29.77 14.61
N SER Y 28 12.87 30.09 15.67
CA SER Y 28 12.91 31.44 16.20
C SER Y 28 12.28 31.51 17.58
N GLN Y 29 12.74 32.48 18.37
CA GLN Y 29 12.22 32.70 19.72
C GLN Y 29 11.59 34.09 19.77
N THR Y 30 11.52 34.72 18.60
CA THR Y 30 11.01 36.10 18.50
C THR Y 30 10.00 36.36 17.38
N VAL Y 31 9.08 35.42 17.18
CA VAL Y 31 8.05 35.54 16.15
C VAL Y 31 6.83 36.28 16.68
N LYS Y 32 6.12 36.99 15.81
CA LYS Y 32 4.91 37.69 16.22
C LYS Y 32 3.73 36.75 16.00
N LYS Y 33 2.86 36.61 16.98
CA LYS Y 33 1.71 35.72 16.86
C LYS Y 33 0.43 36.48 17.03
N VAL Y 34 0.54 37.80 16.95
CA VAL Y 34 -0.60 38.68 17.07
C VAL Y 34 -0.55 39.60 15.86
N ILE Y 35 -1.65 39.64 15.11
CA ILE Y 35 -1.72 40.51 13.96
C ILE Y 35 -2.63 41.67 14.35
N GLU Y 36 -2.12 42.87 14.14
CA GLU Y 36 -2.88 44.08 14.44
C GLU Y 36 -3.70 44.34 13.18
N ILE Y 37 -4.87 43.71 13.09
CA ILE Y 37 -5.76 43.85 11.93
C ILE Y 37 -5.89 45.34 11.60
N ASN Y 38 -6.22 46.12 12.63
CA ASN Y 38 -6.34 47.57 12.56
C ASN Y 38 -6.33 48.04 14.02
N PRO Y 39 -6.30 49.36 14.26
CA PRO Y 39 -6.27 49.90 15.63
C PRO Y 39 -7.27 49.35 16.65
N PHE Y 40 -8.35 48.73 16.18
CA PHE Y 40 -9.38 48.21 17.08
C PHE Y 40 -9.51 46.70 17.07
N LEU Y 41 -8.88 46.03 16.11
CA LEU Y 41 -8.99 44.58 15.99
C LEU Y 41 -7.68 43.82 16.03
N LEU Y 42 -7.64 42.79 16.86
CA LEU Y 42 -6.45 41.94 16.99
C LEU Y 42 -6.79 40.50 16.57
N GLY Y 43 -5.80 39.82 15.99
CA GLY Y 43 -5.99 38.43 15.59
C GLY Y 43 -4.80 37.63 16.12
N THR Y 44 -5.04 36.43 16.64
CA THR Y 44 -3.94 35.59 17.14
C THR Y 44 -3.60 34.54 16.10
N MET Y 45 -2.36 34.07 16.06
CA MET Y 45 -1.96 33.08 15.07
C MET Y 45 -1.43 31.76 15.66
N ALA Y 46 -2.07 30.64 15.31
CA ALA Y 46 -1.64 29.31 15.74
C ALA Y 46 -1.78 28.42 14.52
N GLY Y 47 -0.88 27.44 14.38
CA GLY Y 47 -0.92 26.55 13.24
C GLY Y 47 0.08 26.99 12.18
N GLY Y 48 -0.42 27.30 10.99
CA GLY Y 48 0.45 27.73 9.91
C GLY Y 48 0.72 29.21 9.93
N ALA Y 49 1.99 29.57 10.09
CA ALA Y 49 2.42 30.97 10.13
C ALA Y 49 1.97 31.72 8.88
N ALA Y 50 2.33 31.19 7.71
CA ALA Y 50 1.96 31.83 6.46
C ALA Y 50 0.46 31.99 6.32
N ASP Y 51 -0.30 30.91 6.56
CA ASP Y 51 -1.76 31.00 6.43
C ASP Y 51 -2.40 32.07 7.31
N CYS Y 52 -2.02 32.11 8.57
CA CYS Y 52 -2.57 33.10 9.50
C CYS Y 52 -2.15 34.52 9.14
N GLN Y 53 -0.86 34.71 8.92
CA GLN Y 53 -0.30 36.00 8.58
C GLN Y 53 -0.97 36.56 7.31
N PHE Y 54 -1.00 35.74 6.26
CA PHE Y 54 -1.58 36.17 5.01
C PHE Y 54 -3.07 36.51 5.07
N TRP Y 55 -3.87 35.60 5.61
CA TRP Y 55 -5.30 35.85 5.66
C TRP Y 55 -5.75 36.83 6.73
N GLU Y 56 -4.98 36.96 7.80
CA GLU Y 56 -5.38 37.94 8.82
C GLU Y 56 -5.04 39.34 8.34
N THR Y 57 -4.00 39.46 7.51
CA THR Y 57 -3.62 40.76 6.98
C THR Y 57 -4.66 41.11 5.91
N TRP Y 58 -5.02 40.12 5.11
CA TRP Y 58 -6.04 40.31 4.09
C TRP Y 58 -7.35 40.72 4.78
N LEU Y 59 -7.64 40.11 5.92
CA LEU Y 59 -8.86 40.46 6.67
C LEU Y 59 -8.84 41.96 6.94
N GLY Y 60 -7.68 42.47 7.37
CA GLY Y 60 -7.58 43.89 7.67
C GLY Y 60 -7.98 44.72 6.48
N SER Y 61 -7.61 44.28 5.29
CA SER Y 61 -7.95 45.00 4.09
C SER Y 61 -9.44 44.98 3.85
N GLN Y 62 -10.08 43.86 4.20
CA GLN Y 62 -11.52 43.76 4.00
C GLN Y 62 -12.24 44.65 4.99
N CYS Y 63 -11.76 44.69 6.22
CA CYS Y 63 -12.34 45.54 7.25
C CYS Y 63 -12.28 47.01 6.84
N ARG Y 64 -11.13 47.45 6.38
CA ARG Y 64 -10.96 48.82 5.95
C ARG Y 64 -11.97 49.16 4.86
N LEU Y 65 -12.05 48.28 3.87
CA LEU Y 65 -12.95 48.44 2.74
C LEU Y 65 -14.40 48.57 3.23
N HIS Y 66 -14.76 47.80 4.25
CA HIS Y 66 -16.10 47.83 4.81
C HIS Y 66 -16.38 49.23 5.38
N GLU Y 67 -15.44 49.73 6.17
CA GLU Y 67 -15.57 51.02 6.80
C GLU Y 67 -15.64 52.20 5.81
N LEU Y 68 -14.98 52.07 4.67
CA LEU Y 68 -15.04 53.13 3.68
C LEU Y 68 -16.42 53.09 3.02
N ARG Y 69 -16.91 51.88 2.81
CA ARG Y 69 -18.20 51.65 2.16
C ARG Y 69 -19.40 52.04 3.03
N GLU Y 70 -19.38 51.64 4.29
CA GLU Y 70 -20.49 51.90 5.20
C GLU Y 70 -20.27 53.04 6.19
N LYS Y 71 -19.16 53.75 6.07
CA LYS Y 71 -18.86 54.86 6.97
C LYS Y 71 -19.21 54.47 8.40
N GLU Y 72 -18.73 53.31 8.81
CA GLU Y 72 -18.99 52.80 10.14
C GLU Y 72 -18.05 51.66 10.48
N ARG Y 73 -17.67 51.61 11.74
CA ARG Y 73 -16.75 50.59 12.24
C ARG Y 73 -17.33 49.19 12.11
N ILE Y 74 -16.56 48.27 11.54
CA ILE Y 74 -17.03 46.90 11.34
C ILE Y 74 -17.17 46.18 12.67
N SER Y 75 -18.18 45.33 12.79
CA SER Y 75 -18.38 44.56 14.02
C SER Y 75 -17.41 43.37 14.06
N VAL Y 76 -17.16 42.84 15.25
CA VAL Y 76 -16.26 41.70 15.39
C VAL Y 76 -16.93 40.48 14.79
N ALA Y 77 -18.26 40.44 14.88
CA ALA Y 77 -19.02 39.34 14.33
C ALA Y 77 -18.79 39.31 12.83
N ALA Y 78 -18.96 40.46 12.19
CA ALA Y 78 -18.78 40.57 10.75
C ALA Y 78 -17.33 40.36 10.32
N ALA Y 79 -16.38 40.92 11.07
CA ALA Y 79 -14.97 40.77 10.72
C ALA Y 79 -14.57 39.29 10.76
N SER Y 80 -14.97 38.61 11.83
CA SER Y 80 -14.66 37.20 12.02
C SER Y 80 -15.33 36.31 10.98
N LYS Y 81 -16.51 36.70 10.50
CA LYS Y 81 -17.19 35.87 9.52
C LYS Y 81 -16.57 36.03 8.13
N ILE Y 82 -15.91 37.16 7.88
CA ILE Y 82 -15.25 37.37 6.60
C ILE Y 82 -14.13 36.33 6.52
N LEU Y 83 -13.37 36.20 7.60
CA LEU Y 83 -12.27 35.26 7.66
C LEU Y 83 -12.80 33.83 7.62
N SER Y 84 -13.81 33.58 8.43
CA SER Y 84 -14.42 32.26 8.51
C SER Y 84 -14.91 31.77 7.14
N ASN Y 85 -15.67 32.60 6.46
CA ASN Y 85 -16.21 32.26 5.14
C ASN Y 85 -15.13 32.09 4.08
N LEU Y 86 -14.06 32.86 4.21
CA LEU Y 86 -12.95 32.77 3.25
C LEU Y 86 -12.33 31.39 3.42
N VAL Y 87 -11.93 31.12 4.65
CA VAL Y 87 -11.32 29.86 5.02
C VAL Y 87 -12.20 28.67 4.61
N TYR Y 88 -13.50 28.81 4.79
CA TYR Y 88 -14.41 27.73 4.43
C TYR Y 88 -14.37 27.44 2.93
N GLN Y 89 -14.14 28.47 2.13
CA GLN Y 89 -14.07 28.24 0.68
C GLN Y 89 -12.90 27.32 0.33
N TYR Y 90 -11.87 27.34 1.17
CA TYR Y 90 -10.67 26.53 0.96
C TYR Y 90 -10.71 25.16 1.65
N LYS Y 91 -11.79 24.87 2.37
CA LYS Y 91 -11.87 23.59 3.09
C LYS Y 91 -11.44 22.39 2.26
N GLY Y 92 -10.47 21.65 2.80
CA GLY Y 92 -9.95 20.46 2.14
C GLY Y 92 -8.63 20.70 1.43
N ALA Y 93 -8.30 21.97 1.19
CA ALA Y 93 -7.06 22.29 0.49
C ALA Y 93 -5.79 22.20 1.34
N GLY Y 94 -5.93 22.19 2.66
CA GLY Y 94 -4.75 22.10 3.50
C GLY Y 94 -4.35 23.34 4.29
N LEU Y 95 -5.22 24.34 4.39
CA LEU Y 95 -4.90 25.52 5.17
C LEU Y 95 -4.81 25.06 6.62
N SER Y 96 -3.91 25.66 7.40
CA SER Y 96 -3.78 25.26 8.78
C SER Y 96 -3.81 26.48 9.68
N MET Y 97 -4.94 26.73 10.31
CA MET Y 97 -5.03 27.88 11.18
C MET Y 97 -6.03 27.77 12.35
N GLY Y 98 -5.55 28.21 13.51
CA GLY Y 98 -6.34 28.24 14.72
C GLY Y 98 -6.22 29.68 15.14
N THR Y 99 -7.33 30.41 15.12
CA THR Y 99 -7.23 31.83 15.41
C THR Y 99 -8.31 32.45 16.28
N MET Y 100 -7.99 33.59 16.89
CA MET Y 100 -8.95 34.34 17.69
C MET Y 100 -9.08 35.74 17.14
N ILE Y 101 -10.29 36.14 16.78
CA ILE Y 101 -10.52 37.51 16.29
C ILE Y 101 -11.12 38.28 17.48
N CYS Y 102 -10.38 39.29 17.92
CA CYS Y 102 -10.76 40.09 19.10
C CYS Y 102 -11.00 41.58 18.84
N GLY Y 103 -12.13 42.05 19.34
CA GLY Y 103 -12.49 43.45 19.17
C GLY Y 103 -13.39 43.95 20.30
N TYR Y 104 -13.62 45.25 20.33
CA TYR Y 104 -14.47 45.86 21.36
C TYR Y 104 -15.27 46.97 20.70
N THR Y 105 -16.51 46.68 20.31
CA THR Y 105 -17.34 47.69 19.68
C THR Y 105 -18.44 48.15 20.62
N ARG Y 106 -18.96 49.35 20.33
CA ARG Y 106 -20.03 49.92 21.14
C ARG Y 106 -21.23 48.97 21.10
N LYS Y 107 -21.52 48.48 19.92
CA LYS Y 107 -22.65 47.60 19.69
C LYS Y 107 -22.56 46.23 20.37
N GLU Y 108 -21.36 45.64 20.37
CA GLU Y 108 -21.16 44.30 20.94
C GLU Y 108 -20.45 44.23 22.28
N GLY Y 109 -19.59 45.20 22.55
CA GLY Y 109 -18.82 45.19 23.78
C GLY Y 109 -17.60 44.32 23.53
N PRO Y 110 -16.95 43.77 24.58
CA PRO Y 110 -15.77 42.93 24.31
C PRO Y 110 -16.22 41.65 23.61
N THR Y 111 -15.62 41.34 22.47
CA THR Y 111 -15.99 40.15 21.73
C THR Y 111 -14.80 39.36 21.22
N ILE Y 112 -14.88 38.03 21.36
CA ILE Y 112 -13.83 37.13 20.90
C ILE Y 112 -14.45 36.00 20.08
N TYR Y 113 -13.94 35.81 18.87
CA TYR Y 113 -14.41 34.72 18.02
C TYR Y 113 -13.23 33.78 17.73
N TYR Y 114 -13.45 32.48 17.90
CA TYR Y 114 -12.44 31.49 17.59
C TYR Y 114 -12.79 31.10 16.15
N VAL Y 115 -11.79 31.11 15.27
CA VAL Y 115 -11.98 30.75 13.87
C VAL Y 115 -10.84 29.84 13.42
N ASP Y 116 -11.15 28.65 12.92
CA ASP Y 116 -10.09 27.76 12.45
C ASP Y 116 -10.28 27.34 10.99
N SER Y 117 -9.28 26.69 10.42
CA SER Y 117 -9.32 26.27 9.03
C SER Y 117 -10.32 25.17 8.72
N ASP Y 118 -10.96 24.61 9.75
CA ASP Y 118 -11.99 23.59 9.53
C ASP Y 118 -13.28 24.33 9.16
N GLY Y 119 -13.29 25.63 9.41
CA GLY Y 119 -14.46 26.45 9.13
C GLY Y 119 -15.27 26.74 10.39
N THR Y 120 -14.72 26.35 11.53
CA THR Y 120 -15.37 26.56 12.80
C THR Y 120 -15.26 28.01 13.25
N ARG Y 121 -16.38 28.57 13.69
CA ARG Y 121 -16.44 29.94 14.17
C ARG Y 121 -17.24 29.92 15.46
N LEU Y 122 -16.58 30.21 16.58
CA LEU Y 122 -17.22 30.19 17.89
C LEU Y 122 -17.02 31.47 18.68
N LYS Y 123 -18.11 32.00 19.21
CA LYS Y 123 -18.03 33.19 20.04
C LYS Y 123 -17.85 32.68 21.46
N GLY Y 124 -16.96 33.30 22.22
CA GLY Y 124 -16.75 32.83 23.57
C GLY Y 124 -16.07 33.82 24.49
N ASP Y 125 -15.94 33.43 25.75
CA ASP Y 125 -15.32 34.27 26.77
C ASP Y 125 -13.83 33.98 26.96
N ILE Y 126 -13.46 32.71 26.82
CA ILE Y 126 -12.07 32.28 26.98
C ILE Y 126 -11.64 31.27 25.90
N PHE Y 127 -10.48 31.50 25.29
CA PHE Y 127 -9.96 30.56 24.29
C PHE Y 127 -8.45 30.47 24.35
N CYS Y 128 -7.95 29.25 24.16
CA CYS Y 128 -6.51 28.98 24.12
C CYS Y 128 -6.31 28.10 22.91
N VAL Y 129 -5.34 28.44 22.06
CA VAL Y 129 -5.08 27.64 20.88
C VAL Y 129 -3.60 27.35 20.75
N GLY Y 130 -3.27 26.11 20.39
CA GLY Y 130 -1.88 25.74 20.23
C GLY Y 130 -1.46 24.52 21.05
N SER Y 131 -0.28 23.99 20.77
CA SER Y 131 0.22 22.83 21.47
C SER Y 131 0.36 23.07 22.97
N GLY Y 132 0.29 24.34 23.39
CA GLY Y 132 0.42 24.62 24.81
C GLY Y 132 -0.92 24.97 25.46
N GLN Y 133 -1.98 25.01 24.67
CA GLN Y 133 -3.31 25.38 25.15
C GLN Y 133 -3.77 24.77 26.47
N THR Y 134 -3.62 23.46 26.64
CA THR Y 134 -4.08 22.80 27.86
C THR Y 134 -3.43 23.39 29.13
N PHE Y 135 -2.18 23.80 29.00
CA PHE Y 135 -1.46 24.37 30.14
C PHE Y 135 -2.05 25.70 30.50
N ALA Y 136 -2.22 26.57 29.51
CA ALA Y 136 -2.80 27.88 29.75
C ALA Y 136 -4.22 27.79 30.31
N TYR Y 137 -4.98 26.81 29.85
CA TYR Y 137 -6.36 26.62 30.31
C TYR Y 137 -6.43 26.34 31.82
N GLY Y 138 -5.49 25.56 32.33
CA GLY Y 138 -5.49 25.25 33.75
C GLY Y 138 -5.34 26.51 34.59
N VAL Y 139 -4.39 27.35 34.21
CA VAL Y 139 -4.13 28.60 34.93
C VAL Y 139 -5.30 29.56 34.79
N LEU Y 140 -5.83 29.69 33.58
CA LEU Y 140 -6.94 30.59 33.30
C LEU Y 140 -8.24 30.16 33.98
N ASP Y 141 -8.61 28.89 33.82
CA ASP Y 141 -9.83 28.38 34.43
C ASP Y 141 -9.95 28.58 35.94
N SER Y 142 -8.83 28.47 36.65
CA SER Y 142 -8.86 28.59 38.11
C SER Y 142 -8.62 29.99 38.70
N ASN Y 143 -8.32 30.97 37.86
CA ASN Y 143 -8.08 32.30 38.37
C ASN Y 143 -8.93 33.34 37.67
N TYR Y 144 -9.70 32.90 36.68
CA TYR Y 144 -10.52 33.83 35.95
C TYR Y 144 -11.76 34.28 36.71
N LYS Y 145 -11.98 35.59 36.69
CA LYS Y 145 -13.13 36.24 37.32
C LYS Y 145 -13.46 37.41 36.40
N TRP Y 146 -14.75 37.59 36.11
CA TRP Y 146 -15.16 38.69 35.24
C TRP Y 146 -14.76 40.04 35.81
N ASP Y 147 -14.69 40.12 37.13
CA ASP Y 147 -14.36 41.36 37.82
C ASP Y 147 -12.87 41.59 38.05
N LEU Y 148 -12.04 40.97 37.23
CA LEU Y 148 -10.60 41.15 37.36
C LEU Y 148 -10.22 42.57 36.96
N SER Y 149 -9.17 43.09 37.56
CA SER Y 149 -8.71 44.44 37.22
C SER Y 149 -7.83 44.33 35.98
N VAL Y 150 -7.78 45.40 35.19
CA VAL Y 150 -6.96 45.39 33.98
C VAL Y 150 -5.53 44.96 34.30
N GLU Y 151 -5.07 45.30 35.50
CA GLU Y 151 -3.72 44.97 35.94
C GLU Y 151 -3.60 43.46 36.19
N ASP Y 152 -4.54 42.92 36.96
CA ASP Y 152 -4.53 41.50 37.26
C ASP Y 152 -4.80 40.65 36.03
N ALA Y 153 -5.75 41.08 35.21
CA ALA Y 153 -6.08 40.35 33.98
C ALA Y 153 -4.83 40.22 33.12
N LEU Y 154 -4.09 41.32 32.99
CA LEU Y 154 -2.86 41.31 32.20
C LEU Y 154 -1.87 40.32 32.79
N TYR Y 155 -1.77 40.28 34.11
CA TYR Y 155 -0.85 39.35 34.72
C TYR Y 155 -1.30 37.91 34.50
N LEU Y 156 -2.59 37.65 34.71
CA LEU Y 156 -3.12 36.29 34.53
C LEU Y 156 -2.76 35.77 33.14
N GLY Y 157 -3.01 36.58 32.12
CA GLY Y 157 -2.70 36.18 30.76
C GLY Y 157 -1.22 35.90 30.60
N LYS Y 158 -0.37 36.74 31.15
CA LYS Y 158 1.07 36.56 31.05
C LYS Y 158 1.50 35.29 31.80
N ARG Y 159 0.86 35.04 32.94
CA ARG Y 159 1.20 33.88 33.76
C ARG Y 159 0.79 32.60 33.06
N SER Y 160 -0.37 32.61 32.44
CA SER Y 160 -0.87 31.43 31.74
C SER Y 160 0.03 31.01 30.59
N ILE Y 161 0.59 31.98 29.87
CA ILE Y 161 1.49 31.69 28.78
C ILE Y 161 2.78 31.13 29.38
N LEU Y 162 3.21 31.70 30.50
CA LEU Y 162 4.43 31.25 31.16
C LEU Y 162 4.31 29.77 31.53
N ALA Y 163 3.15 29.40 32.06
CA ALA Y 163 2.89 28.01 32.44
C ALA Y 163 3.14 27.10 31.23
N ALA Y 164 2.53 27.46 30.10
CA ALA Y 164 2.67 26.69 28.88
C ALA Y 164 4.10 26.74 28.33
N ALA Y 165 4.74 27.91 28.35
CA ALA Y 165 6.10 28.03 27.84
C ALA Y 165 7.04 27.08 28.57
N HIS Y 166 6.76 26.86 29.85
CA HIS Y 166 7.56 25.99 30.69
C HIS Y 166 7.42 24.50 30.37
N ARG Y 167 6.18 24.02 30.32
CA ARG Y 167 5.89 22.61 30.05
C ARG Y 167 5.89 22.15 28.59
N ASP Y 168 5.47 23.03 27.69
CA ASP Y 168 5.40 22.72 26.26
C ASP Y 168 6.70 23.04 25.52
N ALA Y 169 7.31 22.01 24.96
CA ALA Y 169 8.55 22.16 24.22
C ALA Y 169 8.40 23.08 23.02
N TYR Y 170 7.19 23.19 22.48
CA TYR Y 170 6.98 24.05 21.32
C TYR Y 170 6.57 25.48 21.67
N SER Y 171 6.55 25.80 22.96
CA SER Y 171 6.18 27.15 23.38
C SER Y 171 7.32 27.76 24.17
N GLY Y 172 7.46 29.08 24.05
CA GLY Y 172 8.52 29.78 24.77
C GLY Y 172 9.00 31.06 24.12
N GLY Y 173 10.26 31.41 24.40
CA GLY Y 173 10.85 32.63 23.85
C GLY Y 173 10.48 33.83 24.70
N SER Y 174 9.34 34.44 24.40
CA SER Y 174 8.90 35.61 25.14
C SER Y 174 7.39 35.68 25.12
N VAL Y 175 6.82 36.58 25.93
CA VAL Y 175 5.39 36.76 26.00
C VAL Y 175 5.03 38.13 25.45
N ASN Y 176 3.99 38.19 24.62
CA ASN Y 176 3.53 39.46 24.07
C ASN Y 176 2.13 39.69 24.61
N LEU Y 177 1.93 40.85 25.23
CA LEU Y 177 0.64 41.23 25.84
C LEU Y 177 -0.13 42.33 25.16
N TYR Y 178 -1.45 42.22 25.22
CA TYR Y 178 -2.34 43.22 24.63
C TYR Y 178 -3.58 43.41 25.47
N HIS Y 179 -4.07 44.64 25.51
CA HIS Y 179 -5.30 44.96 26.22
C HIS Y 179 -6.19 45.62 25.19
N VAL Y 180 -7.39 45.07 25.01
CA VAL Y 180 -8.31 45.61 24.03
C VAL Y 180 -9.44 46.40 24.68
N THR Y 181 -9.51 47.69 24.34
CA THR Y 181 -10.53 48.58 24.87
C THR Y 181 -11.39 49.04 23.70
N GLU Y 182 -12.55 49.61 24.00
CA GLU Y 182 -13.43 50.08 22.95
C GLU Y 182 -12.76 51.12 22.06
N ASP Y 183 -11.75 51.81 22.59
CA ASP Y 183 -11.05 52.84 21.83
C ASP Y 183 -9.84 52.27 21.09
N GLY Y 184 -9.68 50.96 21.13
CA GLY Y 184 -8.55 50.33 20.46
C GLY Y 184 -7.77 49.45 21.41
N TRP Y 185 -6.78 48.75 20.88
CA TRP Y 185 -5.95 47.87 21.70
C TRP Y 185 -4.74 48.62 22.22
N ILE Y 186 -4.18 48.15 23.32
CA ILE Y 186 -2.99 48.77 23.91
C ILE Y 186 -1.90 47.70 24.06
N TYR Y 187 -0.76 47.91 23.44
CA TYR Y 187 0.33 46.94 23.57
C TYR Y 187 0.89 47.04 24.97
N HIS Y 188 1.16 45.88 25.59
CA HIS Y 188 1.70 45.85 26.93
C HIS Y 188 3.03 45.15 27.06
N GLY Y 189 3.84 45.27 26.01
CA GLY Y 189 5.18 44.71 26.03
C GLY Y 189 5.52 43.28 25.65
N ASN Y 190 6.83 43.07 25.57
CA ASN Y 190 7.42 41.79 25.23
C ASN Y 190 8.23 41.36 26.45
N HIS Y 191 7.89 40.21 27.01
CA HIS Y 191 8.57 39.72 28.20
C HIS Y 191 9.28 38.40 27.95
N ASP Y 192 10.61 38.47 27.87
CA ASP Y 192 11.41 37.27 27.66
C ASP Y 192 11.04 36.24 28.73
N VAL Y 193 10.70 35.02 28.30
CA VAL Y 193 10.32 33.97 29.23
C VAL Y 193 11.47 33.55 30.14
N GLY Y 194 12.69 33.63 29.62
CA GLY Y 194 13.83 33.29 30.43
C GLY Y 194 13.83 34.12 31.69
N GLU Y 195 13.89 35.45 31.53
CA GLU Y 195 13.89 36.33 32.69
C GLU Y 195 12.60 36.25 33.47
N LEU Y 196 11.47 36.21 32.75
CA LEU Y 196 10.16 36.17 33.40
C LEU Y 196 9.97 34.97 34.33
N PHE Y 197 10.49 33.82 33.93
CA PHE Y 197 10.36 32.60 34.73
C PHE Y 197 10.99 32.74 36.12
N TRP Y 198 12.23 33.18 36.18
CA TRP Y 198 12.93 33.35 37.45
C TRP Y 198 12.24 34.41 38.32
N LYS Y 199 11.91 35.54 37.72
CA LYS Y 199 11.23 36.61 38.44
C LYS Y 199 9.95 36.07 39.07
N VAL Y 200 9.08 35.49 38.26
CA VAL Y 200 7.82 34.95 38.74
C VAL Y 200 8.04 33.86 39.78
N LYS Y 201 9.05 33.02 39.58
CA LYS Y 201 9.28 31.96 40.54
C LYS Y 201 9.54 32.54 41.93
N GLU Y 202 10.49 33.47 42.00
CA GLU Y 202 10.83 34.10 43.26
C GLU Y 202 9.64 34.83 43.89
N GLU Y 203 9.19 35.88 43.22
CA GLU Y 203 8.08 36.69 43.70
C GLU Y 203 6.81 35.92 44.02
N GLU Y 204 6.55 34.85 43.28
CA GLU Y 204 5.33 34.07 43.46
C GLU Y 204 5.51 32.83 44.36
N GLY Y 205 6.68 32.21 44.29
CA GLY Y 205 6.94 31.02 45.09
C GLY Y 205 6.52 29.75 44.38
N SER Y 206 6.09 29.90 43.12
CA SER Y 206 5.65 28.78 42.32
C SER Y 206 6.87 28.14 41.65
N PHE Y 207 6.64 27.08 40.88
CA PHE Y 207 7.72 26.39 40.19
C PHE Y 207 8.75 25.94 41.21
N ASN Y 208 8.26 25.42 42.31
CA ASN Y 208 9.12 24.95 43.37
C ASN Y 208 10.01 23.80 42.91
N ASN Y 209 9.48 22.95 42.03
CA ASN Y 209 10.22 21.81 41.51
C ASN Y 209 11.42 22.20 40.65
N VAL Y 210 11.60 23.49 40.38
CA VAL Y 210 12.74 23.91 39.58
C VAL Y 210 13.78 24.57 40.48
N ILE Y 211 15.02 24.12 40.39
CA ILE Y 211 16.09 24.67 41.21
C ILE Y 211 16.53 26.01 40.65
N GLY Y 212 16.50 27.04 41.50
CA GLY Y 212 16.89 28.36 41.06
C GLY Y 212 18.05 29.01 41.83
N GLN Z 1 7.80 7.80 -10.19
CA GLN Z 1 6.99 8.98 -10.57
C GLN Z 1 7.83 10.26 -10.54
N PHE Z 2 7.50 11.22 -11.42
CA PHE Z 2 8.22 12.48 -11.50
C PHE Z 2 8.12 13.35 -10.24
N ASN Z 3 9.28 13.76 -9.73
CA ASN Z 3 9.37 14.61 -8.55
C ASN Z 3 9.76 16.01 -9.04
N PRO Z 4 8.85 16.98 -8.93
CA PRO Z 4 9.12 18.36 -9.39
C PRO Z 4 10.16 19.11 -8.55
N TYR Z 5 10.63 18.51 -7.47
CA TYR Z 5 11.60 19.20 -6.61
C TYR Z 5 12.98 18.55 -6.53
N GLY Z 6 13.96 19.36 -6.13
CA GLY Z 6 15.31 18.88 -5.96
C GLY Z 6 15.94 19.69 -4.85
N ASP Z 7 17.14 19.32 -4.43
CA ASP Z 7 17.85 20.05 -3.37
C ASP Z 7 19.26 20.38 -3.86
N ASN Z 8 19.56 21.68 -3.98
CA ASN Z 8 20.87 22.09 -4.44
C ASN Z 8 21.84 22.48 -3.34
N GLY Z 9 21.48 22.16 -2.10
CA GLY Z 9 22.34 22.47 -0.96
C GLY Z 9 22.50 23.94 -0.70
N GLY Z 10 23.70 24.34 -0.30
CA GLY Z 10 23.95 25.75 -0.02
C GLY Z 10 23.43 26.24 1.31
N THR Z 11 24.03 27.32 1.80
CA THR Z 11 23.66 27.94 3.06
C THR Z 11 23.80 29.45 2.86
N ILE Z 12 22.91 30.23 3.47
CA ILE Z 12 22.97 31.67 3.34
C ILE Z 12 22.86 32.34 4.70
N LEU Z 13 23.40 33.54 4.82
CA LEU Z 13 23.39 34.26 6.10
C LEU Z 13 23.12 35.76 5.93
N GLY Z 14 22.17 36.28 6.70
CA GLY Z 14 21.84 37.69 6.62
C GLY Z 14 21.96 38.34 7.98
N ILE Z 15 22.75 39.41 8.08
CA ILE Z 15 22.93 40.11 9.34
C ILE Z 15 22.72 41.61 9.14
N ALA Z 16 21.89 42.19 9.98
CA ALA Z 16 21.59 43.62 9.90
C ALA Z 16 22.43 44.40 10.92
N GLY Z 17 23.18 45.38 10.41
CA GLY Z 17 23.99 46.22 11.26
C GLY Z 17 23.22 47.49 11.54
N GLU Z 18 23.73 48.35 12.43
CA GLU Z 18 23.03 49.59 12.77
C GLU Z 18 22.75 50.48 11.55
N ASP Z 19 23.70 50.54 10.61
CA ASP Z 19 23.51 51.37 9.43
C ASP Z 19 23.98 50.65 8.17
N PHE Z 20 24.00 49.32 8.25
CA PHE Z 20 24.42 48.49 7.12
C PHE Z 20 23.77 47.11 7.29
N ALA Z 21 23.96 46.25 6.29
CA ALA Z 21 23.42 44.91 6.36
C ALA Z 21 24.17 44.04 5.38
N VAL Z 22 24.33 42.77 5.71
CA VAL Z 22 25.02 41.86 4.81
C VAL Z 22 24.17 40.63 4.52
N LEU Z 23 24.39 40.03 3.36
CA LEU Z 23 23.70 38.81 2.95
C LEU Z 23 24.77 37.96 2.30
N ALA Z 24 25.16 36.89 2.98
CA ALA Z 24 26.20 36.00 2.48
C ALA Z 24 25.66 34.64 2.10
N GLY Z 25 26.47 33.89 1.34
CA GLY Z 25 26.09 32.56 0.93
C GLY Z 25 27.27 31.88 0.30
N ASP Z 26 27.40 30.56 0.46
CA ASP Z 26 28.50 29.86 -0.16
C ASP Z 26 28.18 29.81 -1.65
N THR Z 27 29.14 29.42 -2.47
CA THR Z 27 28.93 29.40 -3.90
C THR Z 27 28.88 27.99 -4.47
N ARG Z 28 28.79 27.00 -3.59
CA ARG Z 28 28.71 25.61 -4.02
C ARG Z 28 27.26 25.21 -4.32
N ASN Z 29 27.07 24.53 -5.46
CA ASN Z 29 25.75 24.07 -5.91
C ASN Z 29 25.92 22.56 -6.10
N ILE Z 30 25.03 21.78 -5.47
CA ILE Z 30 25.12 20.34 -5.53
C ILE Z 30 23.85 19.59 -5.92
N THR Z 31 24.02 18.28 -6.10
CA THR Z 31 22.95 17.34 -6.40
C THR Z 31 23.39 16.02 -5.78
N ASP Z 32 22.76 15.62 -4.70
CA ASP Z 32 23.10 14.37 -4.04
C ASP Z 32 24.53 14.48 -3.53
N TYR Z 33 25.43 13.63 -4.01
CA TYR Z 33 26.83 13.68 -3.57
C TYR Z 33 27.79 14.27 -4.60
N SER Z 34 27.24 14.92 -5.63
CA SER Z 34 28.04 15.54 -6.68
C SER Z 34 28.01 17.04 -6.55
N ILE Z 35 29.07 17.67 -7.02
CA ILE Z 35 29.18 19.12 -7.02
C ILE Z 35 28.83 19.52 -8.45
N ASN Z 36 27.87 20.44 -8.60
CA ASN Z 36 27.48 20.89 -9.93
C ASN Z 36 28.36 22.06 -10.35
N SER Z 37 28.74 22.86 -9.36
CA SER Z 37 29.58 24.01 -9.59
C SER Z 37 30.18 24.49 -8.27
N ARG Z 38 31.42 24.95 -8.32
CA ARG Z 38 32.09 25.46 -7.14
C ARG Z 38 31.83 26.96 -7.02
N TYR Z 39 31.33 27.54 -8.10
CA TYR Z 39 30.99 28.97 -8.12
C TYR Z 39 29.72 29.27 -8.92
N GLU Z 40 28.60 29.36 -8.20
CA GLU Z 40 27.31 29.67 -8.80
C GLU Z 40 26.66 30.67 -7.83
N PRO Z 41 26.82 31.97 -8.11
CA PRO Z 41 26.26 33.04 -7.27
C PRO Z 41 24.83 32.72 -6.85
N LYS Z 42 24.53 33.01 -5.59
CA LYS Z 42 23.23 32.70 -5.03
C LYS Z 42 22.60 33.91 -4.33
N VAL Z 43 23.39 34.98 -4.17
CA VAL Z 43 22.91 36.22 -3.56
C VAL Z 43 22.96 37.28 -4.65
N PHE Z 44 21.82 37.93 -4.89
CA PHE Z 44 21.72 38.92 -5.97
C PHE Z 44 21.33 40.35 -5.57
N ASP Z 45 21.84 41.29 -6.34
CA ASP Z 45 21.56 42.71 -6.17
C ASP Z 45 20.33 42.91 -7.05
N CYS Z 46 19.20 43.24 -6.45
CA CYS Z 46 17.97 43.41 -7.23
C CYS Z 46 17.62 44.85 -7.53
N GLY Z 47 18.54 45.76 -7.26
CA GLY Z 47 18.28 47.17 -7.51
C GLY Z 47 17.65 47.78 -6.28
N ASP Z 48 17.51 49.11 -6.28
CA ASP Z 48 16.92 49.81 -5.15
C ASP Z 48 17.57 49.49 -3.81
N ASN Z 49 18.84 49.10 -3.86
CA ASN Z 49 19.59 48.80 -2.65
C ASN Z 49 19.04 47.61 -1.87
N ILE Z 50 18.62 46.59 -2.62
CA ILE Z 50 18.07 45.38 -2.02
C ILE Z 50 18.80 44.15 -2.55
N VAL Z 51 19.24 43.29 -1.62
CA VAL Z 51 19.92 42.06 -1.99
C VAL Z 51 19.00 40.93 -1.54
N MET Z 52 18.98 39.85 -2.32
CA MET Z 52 18.10 38.74 -2.03
C MET Z 52 18.69 37.40 -2.39
N SER Z 53 18.25 36.37 -1.66
CA SER Z 53 18.69 35.01 -1.90
C SER Z 53 17.55 34.07 -1.52
N ALA Z 54 17.24 33.14 -2.43
CA ALA Z 54 16.20 32.15 -2.20
C ALA Z 54 16.89 30.80 -2.26
N ASN Z 55 17.28 30.29 -1.09
CA ASN Z 55 18.01 29.03 -1.00
C ASN Z 55 17.16 27.77 -0.87
N GLY Z 56 17.62 26.69 -1.48
CA GLY Z 56 16.91 25.42 -1.41
C GLY Z 56 16.92 24.74 -2.77
N PHE Z 57 15.77 24.73 -3.44
CA PHE Z 57 15.66 24.14 -4.76
C PHE Z 57 15.98 25.30 -5.71
N ALA Z 58 17.17 25.28 -6.31
CA ALA Z 58 17.65 26.32 -7.20
C ALA Z 58 16.72 26.80 -8.32
N ALA Z 59 16.03 25.87 -8.98
CA ALA Z 59 15.12 26.28 -10.05
C ALA Z 59 14.06 27.22 -9.46
N ASP Z 60 13.54 26.85 -8.29
CA ASP Z 60 12.55 27.68 -7.65
C ASP Z 60 13.16 28.99 -7.18
N GLY Z 61 14.38 28.92 -6.65
CA GLY Z 61 15.07 30.11 -6.16
C GLY Z 61 15.32 31.10 -7.28
N ASP Z 62 15.72 30.60 -8.45
CA ASP Z 62 15.97 31.49 -9.58
C ASP Z 62 14.69 32.14 -10.07
N ALA Z 63 13.65 31.33 -10.25
CA ALA Z 63 12.36 31.83 -10.70
C ALA Z 63 11.88 32.95 -9.78
N LEU Z 64 11.97 32.74 -8.46
CA LEU Z 64 11.53 33.75 -7.52
C LEU Z 64 12.31 35.06 -7.67
N VAL Z 65 13.64 35.00 -7.53
CA VAL Z 65 14.49 36.18 -7.67
C VAL Z 65 14.19 36.90 -8.98
N LYS Z 66 14.11 36.14 -10.06
CA LYS Z 66 13.83 36.68 -11.38
C LYS Z 66 12.46 37.39 -11.36
N ARG Z 67 11.48 36.77 -10.71
CA ARG Z 67 10.15 37.34 -10.63
C ARG Z 67 10.16 38.62 -9.80
N PHE Z 68 10.93 38.63 -8.71
CA PHE Z 68 11.00 39.82 -7.86
C PHE Z 68 11.71 40.99 -8.56
N LYS Z 69 12.78 40.70 -9.29
CA LYS Z 69 13.50 41.75 -9.99
C LYS Z 69 12.55 42.39 -10.98
N ASN Z 70 11.78 41.56 -11.67
CA ASN Z 70 10.83 42.06 -12.66
C ASN Z 70 9.75 42.87 -11.93
N SER Z 71 9.54 42.54 -10.67
CA SER Z 71 8.56 43.23 -9.86
C SER Z 71 9.04 44.64 -9.53
N VAL Z 72 10.34 44.79 -9.27
CA VAL Z 72 10.93 46.10 -8.97
C VAL Z 72 10.83 46.98 -10.20
N LYS Z 73 11.11 46.38 -11.35
CA LYS Z 73 11.07 47.07 -12.63
C LYS Z 73 9.69 47.68 -12.86
N TRP Z 74 8.64 46.89 -12.69
CA TRP Z 74 7.29 47.40 -12.88
C TRP Z 74 6.86 48.35 -11.79
N TYR Z 75 7.44 48.22 -10.60
CA TYR Z 75 7.09 49.14 -9.53
C TYR Z 75 7.46 50.53 -10.02
N HIS Z 76 8.65 50.64 -10.61
CA HIS Z 76 9.12 51.91 -11.14
C HIS Z 76 8.16 52.40 -12.22
N PHE Z 77 7.90 51.55 -13.20
CA PHE Z 77 6.99 51.89 -14.30
C PHE Z 77 5.65 52.41 -13.79
N ASP Z 78 5.06 51.70 -12.83
CA ASP Z 78 3.75 52.06 -12.32
C ASP Z 78 3.65 53.11 -11.23
N HIS Z 79 4.78 53.53 -10.66
CA HIS Z 79 4.71 54.53 -9.61
C HIS Z 79 5.76 55.62 -9.71
N ASN Z 80 5.89 56.17 -10.90
CA ASN Z 80 6.82 57.25 -11.17
C ASN Z 80 8.19 57.00 -10.54
N ASP Z 81 8.84 55.93 -10.96
CA ASP Z 81 10.17 55.59 -10.44
C ASP Z 81 10.39 55.68 -8.94
N LYS Z 82 9.33 55.54 -8.16
CA LYS Z 82 9.48 55.59 -6.73
C LYS Z 82 10.39 54.43 -6.30
N LYS Z 83 11.19 54.65 -5.27
CA LYS Z 83 12.09 53.62 -4.78
C LYS Z 83 11.30 52.61 -3.94
N LEU Z 84 11.54 51.33 -4.19
CA LEU Z 84 10.87 50.26 -3.44
C LEU Z 84 11.60 50.07 -2.12
N SER Z 85 10.94 50.45 -1.03
CA SER Z 85 11.55 50.31 0.29
C SER Z 85 11.60 48.86 0.71
N ILE Z 86 12.61 48.51 1.50
CA ILE Z 86 12.83 47.14 1.95
C ILE Z 86 11.57 46.49 2.56
N ASN Z 87 10.77 47.26 3.27
CA ASN Z 87 9.55 46.70 3.87
C ASN Z 87 8.51 46.41 2.78
N SER Z 88 8.46 47.25 1.77
CA SER Z 88 7.50 47.05 0.69
C SER Z 88 7.88 45.85 -0.14
N ALA Z 89 9.19 45.64 -0.31
CA ALA Z 89 9.69 44.50 -1.07
C ALA Z 89 9.30 43.23 -0.32
N ALA Z 90 9.47 43.27 1.01
CA ALA Z 90 9.13 42.14 1.86
C ALA Z 90 7.67 41.73 1.70
N ARG Z 91 6.77 42.70 1.76
CA ARG Z 91 5.35 42.41 1.62
C ARG Z 91 5.06 41.85 0.23
N ASN Z 92 5.75 42.40 -0.74
CA ASN Z 92 5.60 41.99 -2.13
C ASN Z 92 6.02 40.54 -2.29
N ILE Z 93 7.17 40.19 -1.72
CA ILE Z 93 7.66 38.83 -1.80
C ILE Z 93 6.70 37.86 -1.13
N GLN Z 94 6.06 38.30 -0.04
CA GLN Z 94 5.09 37.45 0.63
C GLN Z 94 4.01 37.03 -0.35
N HIS Z 95 3.52 37.99 -1.13
CA HIS Z 95 2.47 37.67 -2.09
C HIS Z 95 2.95 36.77 -3.23
N LEU Z 96 4.20 36.94 -3.65
CA LEU Z 96 4.75 36.12 -4.72
C LEU Z 96 4.79 34.67 -4.23
N LEU Z 97 5.24 34.52 -2.99
CA LEU Z 97 5.34 33.20 -2.39
C LEU Z 97 3.99 32.57 -2.11
N TYR Z 98 3.08 33.33 -1.49
CA TYR Z 98 1.78 32.78 -1.17
C TYR Z 98 0.94 32.48 -2.41
N GLY Z 99 1.32 33.07 -3.54
CA GLY Z 99 0.58 32.82 -4.76
C GLY Z 99 0.74 31.38 -5.18
N LYS Z 100 1.80 30.73 -4.70
CA LYS Z 100 2.05 29.33 -5.00
C LYS Z 100 1.93 28.50 -3.73
N ARG Z 101 1.01 28.92 -2.88
CA ARG Z 101 0.75 28.25 -1.61
C ARG Z 101 0.48 26.75 -1.76
N PHE Z 102 -0.09 26.36 -2.89
CA PHE Z 102 -0.40 24.95 -3.10
C PHE Z 102 0.50 24.21 -4.09
N PHE Z 103 1.64 24.81 -4.38
CA PHE Z 103 2.70 24.27 -5.24
C PHE Z 103 3.83 25.26 -5.00
N PRO Z 104 4.31 25.32 -3.77
CA PRO Z 104 5.36 26.20 -3.27
C PRO Z 104 6.70 26.24 -3.97
N TYR Z 105 7.35 27.39 -3.82
CA TYR Z 105 8.70 27.61 -4.31
C TYR Z 105 9.40 26.96 -3.13
N TYR Z 106 10.11 25.87 -3.36
CA TYR Z 106 10.77 25.17 -2.27
C TYR Z 106 12.08 25.88 -1.89
N VAL Z 107 11.95 27.05 -1.29
CA VAL Z 107 13.12 27.83 -0.91
C VAL Z 107 12.91 28.62 0.37
N HIS Z 108 14.03 28.96 1.00
CA HIS Z 108 14.03 29.77 2.21
C HIS Z 108 14.63 31.07 1.68
N THR Z 109 13.85 32.14 1.67
CA THR Z 109 14.38 33.38 1.13
C THR Z 109 14.64 34.46 2.17
N ILE Z 110 15.69 35.24 1.89
CA ILE Z 110 16.11 36.31 2.77
C ILE Z 110 16.51 37.52 1.94
N ILE Z 111 16.13 38.70 2.40
CA ILE Z 111 16.52 39.93 1.71
C ILE Z 111 17.15 40.85 2.75
N ALA Z 112 18.05 41.70 2.30
CA ALA Z 112 18.74 42.62 3.19
C ALA Z 112 18.83 43.98 2.53
N GLY Z 113 18.88 45.02 3.35
CA GLY Z 113 18.97 46.37 2.86
C GLY Z 113 18.91 47.35 4.02
N LEU Z 114 18.37 48.54 3.79
CA LEU Z 114 18.25 49.54 4.84
C LEU Z 114 16.80 49.95 4.86
N ASP Z 115 16.25 50.20 6.05
CA ASP Z 115 14.86 50.62 6.09
C ASP Z 115 14.81 52.08 5.69
N GLU Z 116 13.67 52.73 5.93
CA GLU Z 116 13.54 54.13 5.54
C GLU Z 116 14.21 55.13 6.51
N ASP Z 117 14.72 54.61 7.63
CA ASP Z 117 15.40 55.44 8.60
C ASP Z 117 16.91 55.26 8.45
N GLY Z 118 17.30 54.49 7.45
CA GLY Z 118 18.72 54.26 7.20
C GLY Z 118 19.30 53.11 8.00
N LYS Z 119 18.50 52.50 8.87
CA LYS Z 119 18.94 51.39 9.70
C LYS Z 119 19.02 50.08 8.92
N GLY Z 120 19.98 49.23 9.28
CA GLY Z 120 20.15 47.94 8.63
C GLY Z 120 18.94 47.04 8.80
N ALA Z 121 18.57 46.33 7.74
CA ALA Z 121 17.40 45.47 7.81
C ALA Z 121 17.50 44.11 7.10
N VAL Z 122 16.89 43.12 7.71
CA VAL Z 122 16.86 41.77 7.16
C VAL Z 122 15.47 41.18 7.34
N TYR Z 123 15.00 40.51 6.30
CA TYR Z 123 13.69 39.87 6.32
C TYR Z 123 13.90 38.43 5.84
N SER Z 124 13.33 37.47 6.56
CA SER Z 124 13.48 36.08 6.15
C SER Z 124 12.08 35.52 5.93
N PHE Z 125 11.93 34.72 4.87
CA PHE Z 125 10.64 34.14 4.52
C PHE Z 125 10.52 32.63 4.57
N ASP Z 126 9.27 32.23 4.69
CA ASP Z 126 8.78 30.86 4.73
C ASP Z 126 8.72 30.41 3.30
N PRO Z 127 8.68 29.09 3.06
CA PRO Z 127 8.59 28.71 1.64
C PRO Z 127 7.25 29.20 1.10
N VAL Z 128 6.26 29.40 1.97
CA VAL Z 128 4.97 29.86 1.49
C VAL Z 128 4.58 31.29 1.85
N GLY Z 129 5.56 32.14 2.15
CA GLY Z 129 5.23 33.54 2.40
C GLY Z 129 5.18 34.12 3.79
N SER Z 130 5.43 33.31 4.81
CA SER Z 130 5.41 33.84 6.16
C SER Z 130 6.71 34.64 6.30
N TYR Z 131 6.68 35.83 6.88
CA TYR Z 131 7.92 36.58 7.04
C TYR Z 131 8.01 37.40 8.32
N GLU Z 132 9.23 37.80 8.65
CA GLU Z 132 9.49 38.53 9.88
C GLU Z 132 10.76 39.36 9.67
N ARG Z 133 10.82 40.55 10.26
CA ARG Z 133 12.03 41.34 10.14
C ARG Z 133 12.89 40.81 11.28
N GLU Z 134 14.15 40.54 11.01
CA GLU Z 134 15.04 39.98 12.02
C GLU Z 134 16.42 40.62 12.03
N GLN Z 135 17.17 40.37 13.11
CA GLN Z 135 18.52 40.89 13.27
C GLN Z 135 19.45 40.09 12.37
N CYS Z 136 19.39 38.77 12.49
CA CYS Z 136 20.19 37.91 11.64
C CYS Z 136 19.53 36.56 11.47
N ARG Z 137 19.73 35.98 10.30
CA ARG Z 137 19.13 34.70 9.96
C ARG Z 137 19.98 33.90 9.00
N ALA Z 138 20.22 32.65 9.36
CA ALA Z 138 20.98 31.75 8.49
C ALA Z 138 19.92 30.91 7.81
N GLY Z 139 20.14 30.58 6.53
CA GLY Z 139 19.18 29.78 5.80
C GLY Z 139 19.85 28.64 5.06
N GLY Z 140 19.16 27.53 4.93
CA GLY Z 140 19.73 26.40 4.21
C GLY Z 140 20.27 25.29 5.09
N ALA Z 141 21.07 24.41 4.47
CA ALA Z 141 21.66 23.25 5.12
C ALA Z 141 22.29 23.44 6.50
N ALA Z 142 23.31 24.29 6.61
CA ALA Z 142 23.99 24.50 7.89
C ALA Z 142 23.33 25.51 8.83
N ALA Z 143 22.13 25.97 8.50
CA ALA Z 143 21.44 26.93 9.35
C ALA Z 143 21.43 26.53 10.83
N SER Z 144 21.23 25.24 11.10
CA SER Z 144 21.20 24.74 12.48
C SER Z 144 22.56 24.82 13.16
N LEU Z 145 23.63 24.85 12.36
CA LEU Z 145 24.97 24.97 12.92
C LEU Z 145 25.34 26.43 13.17
N ILE Z 146 24.78 27.35 12.38
CA ILE Z 146 25.09 28.75 12.49
C ILE Z 146 24.28 29.56 13.49
N MET Z 147 22.96 29.40 13.48
CA MET Z 147 22.12 30.18 14.38
C MET Z 147 22.55 30.19 15.83
N PRO Z 148 22.84 29.01 16.42
CA PRO Z 148 23.25 28.96 17.82
C PRO Z 148 24.42 29.92 18.07
N PHE Z 149 25.41 29.83 17.19
CA PHE Z 149 26.61 30.66 17.23
C PHE Z 149 26.24 32.14 17.25
N LEU Z 150 25.39 32.53 16.32
CA LEU Z 150 24.95 33.90 16.21
C LEU Z 150 24.18 34.37 17.45
N ASP Z 151 23.37 33.51 18.04
CA ASP Z 151 22.63 33.92 19.22
C ASP Z 151 23.63 34.30 20.30
N ASN Z 152 24.71 33.54 20.36
CA ASN Z 152 25.73 33.74 21.36
C ASN Z 152 26.66 34.92 21.07
N GLN Z 153 27.20 34.99 19.86
CA GLN Z 153 28.14 36.04 19.49
C GLN Z 153 27.58 37.36 18.98
N VAL Z 154 26.32 37.40 18.60
CA VAL Z 154 25.73 38.64 18.12
C VAL Z 154 24.78 39.21 19.16
N ASN Z 155 23.93 38.37 19.73
CA ASN Z 155 22.97 38.84 20.74
C ASN Z 155 23.42 38.53 22.15
N PHE Z 156 24.68 38.11 22.28
CA PHE Z 156 25.31 37.78 23.56
C PHE Z 156 24.45 36.94 24.51
N LYS Z 157 23.69 36.01 23.94
CA LYS Z 157 22.83 35.13 24.73
C LYS Z 157 23.68 34.24 25.65
N ASN Z 158 23.20 34.05 26.87
CA ASN Z 158 23.88 33.22 27.86
C ASN Z 158 25.20 33.78 28.40
N GLN Z 159 25.55 34.99 27.98
CA GLN Z 159 26.77 35.65 28.45
C GLN Z 159 26.44 36.73 29.48
N TYR Z 160 27.03 36.62 30.66
CA TYR Z 160 26.81 37.59 31.73
C TYR Z 160 28.08 38.34 32.13
N GLU Z 161 27.90 39.38 32.93
CA GLU Z 161 29.02 40.19 33.41
C GLU Z 161 29.85 39.42 34.43
N PRO Z 162 31.14 39.23 34.14
CA PRO Z 162 32.00 38.50 35.06
C PRO Z 162 31.88 39.08 36.48
N GLY Z 163 31.65 38.20 37.46
CA GLY Z 163 31.55 38.66 38.82
C GLY Z 163 30.15 39.05 39.28
N THR Z 164 29.21 39.20 38.36
CA THR Z 164 27.86 39.57 38.75
C THR Z 164 26.98 38.38 39.11
N ASN Z 165 27.56 37.19 39.08
CA ASN Z 165 26.82 35.98 39.43
C ASN Z 165 25.70 35.77 38.41
N GLY Z 166 25.95 36.14 37.16
CA GLY Z 166 24.94 35.99 36.14
C GLY Z 166 23.71 36.82 36.46
N LYS Z 167 23.92 37.91 37.20
CA LYS Z 167 22.83 38.80 37.56
C LYS Z 167 22.77 40.01 36.63
N VAL Z 168 23.86 40.22 35.88
CA VAL Z 168 23.93 41.33 34.93
C VAL Z 168 24.29 40.80 33.55
N LYS Z 169 23.39 41.00 32.58
CA LYS Z 169 23.62 40.53 31.22
C LYS Z 169 24.72 41.33 30.53
N LYS Z 170 25.48 40.65 29.68
CA LYS Z 170 26.52 41.34 28.95
C LYS Z 170 25.82 42.34 28.04
N PRO Z 171 26.15 43.64 28.17
CA PRO Z 171 25.57 44.73 27.38
C PRO Z 171 25.63 44.51 25.86
N LEU Z 172 24.51 44.80 25.20
CA LEU Z 172 24.38 44.64 23.75
C LEU Z 172 25.02 45.70 22.86
N LYS Z 173 26.30 46.00 23.09
CA LYS Z 173 27.00 46.98 22.25
C LYS Z 173 26.92 46.44 20.81
N TYR Z 174 26.60 47.28 19.83
CA TYR Z 174 26.50 46.77 18.47
C TYR Z 174 27.74 46.81 17.59
N LEU Z 175 27.84 45.77 16.77
CA LEU Z 175 28.96 45.52 15.87
C LEU Z 175 29.06 46.36 14.61
N SER Z 176 30.28 46.46 14.11
CA SER Z 176 30.60 47.19 12.91
C SER Z 176 30.63 46.19 11.75
N VAL Z 177 30.64 46.69 10.53
CA VAL Z 177 30.66 45.83 9.37
C VAL Z 177 31.91 44.92 9.38
N GLU Z 178 33.01 45.40 9.94
CA GLU Z 178 34.23 44.61 10.01
C GLU Z 178 34.07 43.44 10.96
N GLU Z 179 33.47 43.72 12.11
CA GLU Z 179 33.26 42.68 13.10
C GLU Z 179 32.24 41.66 12.58
N VAL Z 180 31.21 42.15 11.90
CA VAL Z 180 30.18 41.28 11.33
C VAL Z 180 30.78 40.36 10.27
N ILE Z 181 31.62 40.90 9.39
CA ILE Z 181 32.23 40.09 8.34
C ILE Z 181 33.03 38.93 8.97
N LYS Z 182 33.61 39.17 10.13
CA LYS Z 182 34.39 38.13 10.78
C LYS Z 182 33.50 37.00 11.26
N LEU Z 183 32.37 37.34 11.84
CA LEU Z 183 31.42 36.34 12.32
C LEU Z 183 30.88 35.52 11.14
N VAL Z 184 30.65 36.19 10.03
CA VAL Z 184 30.16 35.52 8.83
C VAL Z 184 31.17 34.50 8.35
N ARG Z 185 32.43 34.93 8.24
CA ARG Z 185 33.49 34.05 7.77
C ARG Z 185 33.73 32.88 8.69
N ASP Z 186 33.70 33.13 10.00
CA ASP Z 186 33.90 32.05 10.95
C ASP Z 186 32.70 31.12 10.92
N SER Z 187 31.51 31.67 10.68
CA SER Z 187 30.31 30.86 10.60
C SER Z 187 30.43 29.87 9.46
N PHE Z 188 30.88 30.35 8.30
CA PHE Z 188 31.01 29.50 7.14
C PHE Z 188 32.16 28.52 7.14
N THR Z 189 33.29 28.88 7.74
CA THR Z 189 34.41 27.95 7.80
C THR Z 189 34.04 26.84 8.78
N SER Z 190 33.28 27.19 9.81
CA SER Z 190 32.86 26.18 10.78
C SER Z 190 31.83 25.25 10.13
N ALA Z 191 30.88 25.84 9.41
CA ALA Z 191 29.87 25.06 8.73
C ALA Z 191 30.54 24.17 7.70
N THR Z 192 31.55 24.69 7.02
CA THR Z 192 32.26 23.93 5.99
C THR Z 192 32.98 22.71 6.55
N GLU Z 193 33.31 22.76 7.83
CA GLU Z 193 34.00 21.65 8.48
C GLU Z 193 33.06 20.49 8.81
N ARG Z 194 31.80 20.80 9.13
CA ARG Z 194 30.86 19.76 9.52
C ARG Z 194 29.72 19.44 8.60
N HIS Z 195 29.53 20.23 7.54
CA HIS Z 195 28.44 19.95 6.63
C HIS Z 195 28.96 19.73 5.22
N ILE Z 196 28.70 18.55 4.66
CA ILE Z 196 29.22 18.24 3.33
C ILE Z 196 28.67 19.07 2.19
N GLN Z 197 27.61 19.84 2.41
CA GLN Z 197 27.05 20.64 1.33
C GLN Z 197 27.55 22.09 1.35
N VAL Z 198 28.35 22.44 2.34
CA VAL Z 198 28.90 23.78 2.45
C VAL Z 198 30.38 23.79 2.07
N GLY Z 199 30.76 24.72 1.19
CA GLY Z 199 32.15 24.81 0.78
C GLY Z 199 32.44 25.58 -0.49
N ASP Z 200 33.68 25.44 -0.97
CA ASP Z 200 34.16 26.08 -2.20
C ASP Z 200 34.40 27.59 -2.15
N GLY Z 201 33.38 28.36 -1.78
CA GLY Z 201 33.54 29.79 -1.70
C GLY Z 201 32.44 30.52 -0.95
N LEU Z 202 32.77 31.70 -0.41
CA LEU Z 202 31.83 32.52 0.33
C LEU Z 202 31.76 33.89 -0.34
N GLU Z 203 30.57 34.26 -0.82
CA GLU Z 203 30.42 35.56 -1.45
C GLU Z 203 29.48 36.38 -0.58
N ILE Z 204 29.92 37.57 -0.21
CA ILE Z 204 29.13 38.46 0.64
C ILE Z 204 28.77 39.76 -0.08
N LEU Z 205 27.52 40.19 0.08
CA LEU Z 205 27.08 41.45 -0.51
C LEU Z 205 26.77 42.40 0.64
N ILE Z 206 27.45 43.55 0.66
CA ILE Z 206 27.26 44.55 1.72
C ILE Z 206 26.42 45.74 1.25
N VAL Z 207 25.42 46.08 2.04
CA VAL Z 207 24.53 47.20 1.72
C VAL Z 207 24.66 48.34 2.71
N THR Z 208 24.94 49.54 2.18
CA THR Z 208 25.07 50.76 2.98
C THR Z 208 24.39 51.85 2.20
N LYS Z 209 24.36 53.06 2.76
CA LYS Z 209 23.73 54.19 2.07
C LYS Z 209 24.46 54.49 0.77
N ASP Z 210 25.68 53.97 0.61
CA ASP Z 210 26.44 54.21 -0.61
C ASP Z 210 26.23 53.15 -1.67
N GLY Z 211 25.38 52.16 -1.38
CA GLY Z 211 25.12 51.12 -2.36
C GLY Z 211 25.49 49.71 -1.92
N VAL Z 212 25.67 48.85 -2.92
CA VAL Z 212 25.98 47.45 -2.69
C VAL Z 212 27.40 47.11 -3.12
N ARG Z 213 28.17 46.52 -2.20
CA ARG Z 213 29.54 46.11 -2.45
C ARG Z 213 29.69 44.58 -2.26
N LYS Z 214 30.65 43.95 -2.94
CA LYS Z 214 30.84 42.50 -2.82
C LYS Z 214 32.24 42.08 -2.36
N GLU Z 215 32.28 41.04 -1.52
CA GLU Z 215 33.54 40.48 -1.03
C GLU Z 215 33.49 38.97 -1.26
N PHE Z 216 34.64 38.37 -1.56
CA PHE Z 216 34.69 36.93 -1.81
C PHE Z 216 35.84 36.26 -1.08
N TYR Z 217 35.57 35.08 -0.53
CA TYR Z 217 36.58 34.31 0.17
C TYR Z 217 36.45 32.84 -0.18
N GLU Z 218 37.57 32.17 -0.33
CA GLU Z 218 37.58 30.75 -0.64
C GLU Z 218 37.22 29.94 0.59
N LEU Z 219 36.62 28.77 0.36
CA LEU Z 219 36.24 27.86 1.42
C LEU Z 219 36.79 26.49 0.99
N LYS Z 220 37.00 25.58 1.94
CA LYS Z 220 37.54 24.26 1.61
C LYS Z 220 36.72 23.58 0.52
N ARG Z 221 37.40 22.91 -0.38
CA ARG Z 221 36.77 22.26 -1.51
C ARG Z 221 36.48 20.76 -1.39
N ASP Z 222 36.71 20.16 -0.23
CA ASP Z 222 36.46 18.73 -0.10
C ASP Z 222 34.99 18.40 0.18
N THR AA 1 3.30 13.99 -16.28
CA THR AA 1 4.34 13.07 -15.74
C THR AA 1 4.48 11.90 -16.70
N GLN AA 2 5.72 11.49 -16.88
CA GLN AA 2 6.02 10.44 -17.81
C GLN AA 2 7.19 9.60 -17.35
N GLN AA 3 7.72 8.81 -18.28
CA GLN AA 3 8.88 7.98 -18.01
C GLN AA 3 9.64 7.88 -19.31
N PRO AA 4 10.96 8.09 -19.25
CA PRO AA 4 11.82 8.02 -20.44
C PRO AA 4 11.83 6.63 -21.04
N ILE AA 5 11.83 6.53 -22.36
CA ILE AA 5 11.87 5.23 -23.01
C ILE AA 5 13.21 5.04 -23.71
N VAL AA 6 13.44 5.74 -24.82
CA VAL AA 6 14.70 5.63 -25.54
C VAL AA 6 15.59 6.72 -24.93
N THR AA 7 16.77 6.34 -24.44
CA THR AA 7 17.62 7.34 -23.79
C THR AA 7 19.08 7.45 -24.25
N GLY AA 8 19.63 8.64 -24.06
CA GLY AA 8 21.01 8.89 -24.42
C GLY AA 8 21.73 9.13 -23.12
N THR AA 9 22.94 8.58 -22.97
CA THR AA 9 23.68 8.76 -21.73
C THR AA 9 24.44 10.08 -21.65
N SER AA 10 25.59 10.09 -20.97
CA SER AA 10 26.40 11.30 -20.75
C SER AA 10 26.65 12.31 -21.88
N VAL AA 11 26.85 13.55 -21.46
CA VAL AA 11 27.21 14.65 -22.34
C VAL AA 11 28.27 15.36 -21.53
N ILE AA 12 29.52 15.35 -21.99
CA ILE AA 12 30.58 16.02 -21.24
C ILE AA 12 31.12 17.22 -22.00
N SER AA 13 31.65 18.19 -21.26
CA SER AA 13 32.13 19.41 -21.90
C SER AA 13 33.04 20.21 -20.96
N MET AA 14 33.73 21.20 -21.53
CA MET AA 14 34.63 22.06 -20.77
C MET AA 14 35.03 23.24 -21.64
N LYS AA 15 35.60 24.25 -21.02
CA LYS AA 15 36.04 25.40 -21.79
C LYS AA 15 37.56 25.54 -21.68
N TYR AA 16 38.20 25.96 -22.78
CA TYR AA 16 39.64 26.18 -22.79
C TYR AA 16 39.87 27.67 -23.06
N ASP AA 17 41.12 28.06 -23.37
CA ASP AA 17 41.43 29.48 -23.59
C ASP AA 17 40.67 30.20 -24.70
N ASN AA 18 40.36 29.52 -25.80
CA ASN AA 18 39.68 30.18 -26.92
C ASN AA 18 38.26 29.74 -27.23
N GLY AA 19 37.77 28.76 -26.49
CA GLY AA 19 36.41 28.28 -26.73
C GLY AA 19 35.93 27.21 -25.76
N VAL AA 20 35.08 26.33 -26.27
CA VAL AA 20 34.52 25.26 -25.47
C VAL AA 20 34.47 23.98 -26.30
N ILE AA 21 34.50 22.84 -25.63
CA ILE AA 21 34.42 21.55 -26.30
C ILE AA 21 33.24 20.81 -25.68
N ILE AA 22 32.55 20.01 -26.49
CA ILE AA 22 31.43 19.24 -26.02
C ILE AA 22 31.34 17.96 -26.82
N ALA AA 23 31.09 16.84 -26.13
CA ALA AA 23 30.99 15.54 -26.80
C ALA AA 23 29.87 14.66 -26.23
N ALA AA 24 29.45 13.68 -27.02
CA ALA AA 24 28.39 12.75 -26.61
C ALA AA 24 28.39 11.53 -27.53
N ASP AA 25 28.24 10.34 -26.97
CA ASP AA 25 28.26 9.15 -27.81
C ASP AA 25 27.03 9.06 -28.70
N ASN AA 26 27.00 8.11 -29.61
CA ASN AA 26 25.91 7.99 -30.55
C ASN AA 26 24.92 6.89 -30.28
N LEU AA 27 24.68 6.63 -29.00
CA LEU AA 27 23.76 5.58 -28.63
C LEU AA 27 22.38 6.05 -28.16
N GLY AA 28 21.39 5.24 -28.48
CA GLY AA 28 20.02 5.46 -28.09
C GLY AA 28 19.60 4.16 -27.44
N SER AA 29 19.64 4.11 -26.11
CA SER AA 29 19.28 2.90 -25.38
C SER AA 29 17.78 2.75 -25.12
N TYR AA 30 17.37 1.50 -24.93
CA TYR AA 30 15.99 1.14 -24.65
C TYR AA 30 16.10 0.22 -23.44
N GLY AA 31 16.24 0.81 -22.27
CA GLY AA 31 16.40 0.02 -21.08
C GLY AA 31 17.80 -0.57 -21.18
N SER AA 32 17.92 -1.87 -20.97
CA SER AA 32 19.21 -2.54 -21.04
C SER AA 32 19.58 -2.93 -22.48
N LEU AA 33 18.69 -2.62 -23.42
CA LEU AA 33 18.94 -2.93 -24.83
C LEU AA 33 19.61 -1.74 -25.53
N LEU AA 34 20.80 -1.95 -26.08
CA LEU AA 34 21.52 -0.89 -26.79
C LEU AA 34 20.95 -0.88 -28.21
N ARG AA 35 19.71 -0.42 -28.32
CA ARG AA 35 18.95 -0.40 -29.58
C ARG AA 35 19.37 0.40 -30.82
N PHE AA 36 19.68 1.69 -30.65
CA PHE AA 36 20.05 2.52 -31.81
C PHE AA 36 21.47 3.05 -31.76
N ASN AA 37 22.18 2.93 -32.87
CA ASN AA 37 23.57 3.40 -32.88
C ASN AA 37 23.94 4.60 -33.75
N GLY AA 38 23.01 5.12 -34.54
CA GLY AA 38 23.38 6.26 -35.34
C GLY AA 38 22.75 7.53 -34.82
N VAL AA 39 22.65 7.65 -33.50
CA VAL AA 39 22.02 8.81 -32.87
C VAL AA 39 22.95 9.98 -32.59
N GLU AA 40 22.64 11.13 -33.17
CA GLU AA 40 23.44 12.33 -32.95
C GLU AA 40 22.75 13.12 -31.86
N ARG AA 41 23.46 13.32 -30.76
CA ARG AA 41 22.93 14.04 -29.60
C ARG AA 41 23.56 15.41 -29.40
N LEU AA 42 24.33 15.85 -30.39
CA LEU AA 42 24.93 17.19 -30.33
C LEU AA 42 24.21 18.00 -31.40
N ILE AA 43 23.53 19.06 -30.98
CA ILE AA 43 22.77 19.88 -31.92
C ILE AA 43 23.39 21.24 -32.16
N PRO AA 44 23.92 21.43 -33.38
CA PRO AA 44 24.52 22.72 -33.69
C PRO AA 44 23.44 23.72 -34.03
N VAL AA 45 23.58 24.93 -33.52
CA VAL AA 45 22.62 26.00 -33.80
C VAL AA 45 23.41 27.19 -34.33
N GLY AA 46 23.34 27.39 -35.64
CA GLY AA 46 24.09 28.47 -36.25
C GLY AA 46 25.53 27.99 -36.31
N ASP AA 47 26.47 28.88 -35.99
CA ASP AA 47 27.87 28.50 -36.04
C ASP AA 47 28.62 28.98 -34.81
N ASN AA 48 27.89 29.20 -33.70
CA ASN AA 48 28.52 29.64 -32.46
C ASN AA 48 27.96 28.87 -31.27
N THR AA 49 27.08 27.90 -31.54
CA THR AA 49 26.45 27.15 -30.48
C THR AA 49 26.23 25.68 -30.78
N VAL AA 50 26.41 24.86 -29.76
CA VAL AA 50 26.14 23.42 -29.86
C VAL AA 50 25.39 23.01 -28.61
N VAL AA 51 24.26 22.34 -28.80
CA VAL AA 51 23.43 21.89 -27.69
C VAL AA 51 23.54 20.38 -27.56
N GLY AA 52 24.07 19.92 -26.44
CA GLY AA 52 24.21 18.48 -26.19
C GLY AA 52 23.09 18.01 -25.28
N ILE AA 53 22.40 16.96 -25.70
CA ILE AA 53 21.27 16.45 -24.94
C ILE AA 53 21.32 14.99 -24.50
N SER AA 54 20.98 14.75 -23.23
CA SER AA 54 20.91 13.38 -22.72
C SER AA 54 19.49 13.20 -22.19
N GLY AA 55 19.09 11.95 -21.98
CA GLY AA 55 17.76 11.71 -21.49
C GLY AA 55 16.89 11.12 -22.60
N ASP AA 56 15.59 11.34 -22.48
CA ASP AA 56 14.61 10.84 -23.43
C ASP AA 56 14.87 11.34 -24.85
N ILE AA 57 15.01 10.40 -25.78
CA ILE AA 57 15.30 10.78 -27.15
C ILE AA 57 14.12 11.37 -27.91
N SER AA 58 12.90 10.95 -27.60
CA SER AA 58 11.75 11.53 -28.31
C SER AA 58 11.67 13.00 -27.93
N ASP AA 59 12.01 13.32 -26.68
CA ASP AA 59 11.98 14.73 -26.24
C ASP AA 59 13.13 15.49 -26.88
N MET AA 60 14.26 14.83 -27.06
CA MET AA 60 15.42 15.45 -27.70
C MET AA 60 15.00 15.88 -29.12
N GLN AA 61 14.33 14.97 -29.84
CA GLN AA 61 13.90 15.24 -31.20
C GLN AA 61 12.95 16.44 -31.18
N HIS AA 62 12.17 16.53 -30.12
CA HIS AA 62 11.24 17.64 -29.99
C HIS AA 62 12.02 18.93 -29.79
N ILE AA 63 13.05 18.88 -28.94
CA ILE AA 63 13.86 20.07 -28.70
C ILE AA 63 14.60 20.48 -29.98
N GLU AA 64 14.95 19.49 -30.79
CA GLU AA 64 15.63 19.76 -32.04
C GLU AA 64 14.74 20.64 -32.90
N ARG AA 65 13.49 20.22 -33.03
CA ARG AA 65 12.50 20.94 -33.81
C ARG AA 65 12.34 22.34 -33.23
N LEU AA 66 12.31 22.46 -31.90
CA LEU AA 66 12.16 23.79 -31.31
C LEU AA 66 13.33 24.67 -31.74
N LEU AA 67 14.53 24.10 -31.73
CA LEU AA 67 15.73 24.84 -32.10
C LEU AA 67 15.72 25.29 -33.56
N LYS AA 68 15.30 24.42 -34.47
CA LYS AA 68 15.24 24.80 -35.87
C LYS AA 68 14.27 25.96 -36.06
N ASP AA 69 13.15 25.93 -35.32
CA ASP AA 69 12.14 26.98 -35.41
C ASP AA 69 12.69 28.30 -34.90
N LEU AA 70 13.52 28.24 -33.86
CA LEU AA 70 14.11 29.46 -33.32
C LEU AA 70 14.90 30.14 -34.44
N VAL AA 71 15.72 29.37 -35.14
CA VAL AA 71 16.53 29.89 -36.22
C VAL AA 71 15.66 30.51 -37.33
N THR AA 72 14.64 29.78 -37.76
CA THR AA 72 13.71 30.25 -38.79
C THR AA 72 13.07 31.57 -38.38
N GLU AA 73 12.51 31.57 -37.19
CA GLU AA 73 11.83 32.72 -36.62
C GLU AA 73 12.74 33.93 -36.51
N ASN AA 74 13.94 33.72 -35.96
CA ASN AA 74 14.88 34.82 -35.76
C ASN AA 74 15.24 35.51 -37.07
N ALA AA 75 15.12 34.78 -38.17
CA ALA AA 75 15.44 35.31 -39.49
C ALA AA 75 14.32 36.20 -40.02
N TYR AA 76 13.10 36.00 -39.52
CA TYR AA 76 11.95 36.79 -39.96
C TYR AA 76 12.09 38.29 -39.71
N ASP AA 77 11.97 39.07 -40.79
CA ASP AA 77 12.06 40.53 -40.70
C ASP AA 77 13.30 40.96 -39.94
N ASN AA 78 14.38 40.19 -40.13
CA ASN AA 78 15.64 40.47 -39.45
C ASN AA 78 16.78 40.57 -40.46
N PRO AA 79 17.04 41.78 -40.98
CA PRO AA 79 18.11 41.97 -41.96
C PRO AA 79 19.51 41.69 -41.40
N LEU AA 80 19.60 41.58 -40.07
CA LEU AA 80 20.87 41.31 -39.41
C LEU AA 80 20.91 39.91 -38.79
N ALA AA 81 20.11 38.99 -39.35
CA ALA AA 81 20.02 37.61 -38.86
C ALA AA 81 21.34 36.84 -38.90
N ASP AA 82 22.23 37.26 -39.77
CA ASP AA 82 23.52 36.60 -39.92
C ASP AA 82 24.64 37.53 -39.45
N ALA AA 83 24.28 38.52 -38.65
CA ALA AA 83 25.25 39.46 -38.14
C ALA AA 83 24.95 39.87 -36.71
N GLU AA 84 24.74 41.17 -36.49
CA GLU AA 84 24.46 41.68 -35.15
C GLU AA 84 23.24 41.07 -34.48
N GLU AA 85 22.29 40.55 -35.26
CA GLU AA 85 21.09 39.98 -34.67
C GLU AA 85 20.95 38.48 -34.91
N ALA AA 86 22.08 37.77 -34.90
CA ALA AA 86 22.06 36.32 -35.07
C ALA AA 86 21.89 35.76 -33.66
N LEU AA 87 21.42 34.52 -33.58
CA LEU AA 87 21.20 33.87 -32.28
C LEU AA 87 22.49 33.68 -31.49
N GLU AA 88 22.49 34.22 -30.27
CA GLU AA 88 23.63 34.08 -29.37
C GLU AA 88 23.46 32.80 -28.55
N PRO AA 89 24.58 32.18 -28.12
CA PRO AA 89 24.43 30.96 -27.34
C PRO AA 89 23.61 31.23 -26.08
N SER AA 90 23.77 32.41 -25.49
CA SER AA 90 23.04 32.74 -24.27
C SER AA 90 21.54 32.90 -24.49
N TYR AA 91 21.14 33.27 -25.71
CA TYR AA 91 19.70 33.41 -25.99
C TYR AA 91 19.10 32.02 -26.06
N ILE AA 92 19.81 31.12 -26.74
CA ILE AA 92 19.36 29.76 -26.92
C ILE AA 92 19.17 29.06 -25.59
N PHE AA 93 20.10 29.30 -24.67
CA PHE AA 93 20.02 28.67 -23.38
C PHE AA 93 18.87 29.21 -22.56
N GLU AA 94 18.75 30.53 -22.50
CA GLU AA 94 17.67 31.14 -21.72
C GLU AA 94 16.31 30.64 -22.22
N TYR AA 95 16.20 30.42 -23.52
CA TYR AA 95 14.96 29.93 -24.10
C TYR AA 95 14.69 28.52 -23.58
N LEU AA 96 15.65 27.63 -23.75
CA LEU AA 96 15.50 26.24 -23.29
C LEU AA 96 15.24 26.15 -21.79
N ALA AA 97 15.97 26.95 -21.01
CA ALA AA 97 15.80 26.94 -19.57
C ALA AA 97 14.37 27.33 -19.24
N THR AA 98 13.83 28.28 -19.99
CA THR AA 98 12.48 28.74 -19.75
C THR AA 98 11.50 27.61 -20.03
N VAL AA 99 11.68 26.93 -21.16
CA VAL AA 99 10.80 25.85 -21.52
C VAL AA 99 10.91 24.71 -20.51
N MET AA 100 12.13 24.37 -20.12
CA MET AA 100 12.31 23.27 -19.18
C MET AA 100 11.59 23.54 -17.87
N TYR AA 101 11.74 24.73 -17.33
CA TYR AA 101 11.09 25.04 -16.07
C TYR AA 101 9.57 25.11 -16.20
N GLN AA 102 9.07 25.61 -17.32
CA GLN AA 102 7.63 25.69 -17.52
C GLN AA 102 7.05 24.29 -17.58
N ARG AA 103 7.72 23.41 -18.31
CA ARG AA 103 7.25 22.04 -18.44
C ARG AA 103 7.27 21.28 -17.11
N ARG AA 104 8.28 21.51 -16.27
CA ARG AA 104 8.30 20.80 -15.00
C ARG AA 104 7.22 21.40 -14.11
N SER AA 105 6.92 22.67 -14.30
CA SER AA 105 5.92 23.33 -13.49
C SER AA 105 4.50 22.92 -13.84
N LYS AA 106 4.33 22.30 -14.99
CA LYS AA 106 3.02 21.82 -15.42
C LYS AA 106 3.02 20.32 -15.18
N MET AA 107 4.03 19.84 -14.47
CA MET AA 107 4.13 18.41 -14.17
C MET AA 107 4.20 17.51 -15.41
N ASN AA 108 4.72 18.05 -16.49
CA ASN AA 108 4.87 17.30 -17.74
C ASN AA 108 6.22 17.70 -18.32
N PRO AA 109 7.32 17.23 -17.72
CA PRO AA 109 8.68 17.56 -18.17
C PRO AA 109 9.23 16.96 -19.46
N LEU AA 110 10.27 17.62 -19.97
CA LEU AA 110 11.00 17.14 -21.12
C LEU AA 110 12.11 16.43 -20.36
N TRP AA 111 12.07 15.10 -20.36
CA TRP AA 111 12.99 14.27 -19.61
C TRP AA 111 14.44 14.31 -20.12
N ASN AA 112 15.09 15.46 -19.95
CA ASN AA 112 16.44 15.65 -20.44
C ASN AA 112 17.35 16.43 -19.51
N ALA AA 113 18.64 16.34 -19.83
CA ALA AA 113 19.70 17.07 -19.16
C ALA AA 113 20.38 17.67 -20.39
N ILE AA 114 20.57 18.98 -20.38
CA ILE AA 114 21.12 19.69 -21.51
C ILE AA 114 22.32 20.59 -21.18
N ILE AA 115 23.30 20.61 -22.08
CA ILE AA 115 24.44 21.50 -21.91
C ILE AA 115 24.51 22.34 -23.17
N VAL AA 116 24.55 23.65 -22.98
CA VAL AA 116 24.64 24.55 -24.12
C VAL AA 116 26.06 25.07 -24.15
N ALA AA 117 26.77 24.77 -25.24
CA ALA AA 117 28.16 25.21 -25.37
C ALA AA 117 28.28 26.13 -26.58
N GLY AA 118 29.04 27.20 -26.41
CA GLY AA 118 29.24 28.12 -27.51
C GLY AA 118 30.08 29.31 -27.14
N VAL AA 119 30.22 30.22 -28.10
CA VAL AA 119 31.01 31.44 -27.93
C VAL AA 119 30.14 32.65 -28.25
N GLN AA 120 30.08 33.58 -27.30
CA GLN AA 120 29.29 34.80 -27.47
C GLN AA 120 29.93 35.68 -28.55
N SER AA 121 29.19 36.67 -29.02
CA SER AA 121 29.69 37.57 -30.06
C SER AA 121 30.94 38.36 -29.62
N ASN AA 122 31.05 38.65 -28.33
CA ASN AA 122 32.20 39.39 -27.82
C ASN AA 122 33.37 38.44 -27.56
N GLY AA 123 33.23 37.20 -28.00
CA GLY AA 123 34.29 36.22 -27.82
C GLY AA 123 34.23 35.35 -26.57
N ASP AA 124 33.46 35.79 -25.57
CA ASP AA 124 33.32 35.05 -24.30
C ASP AA 124 32.85 33.62 -24.49
N GLN AA 125 33.40 32.72 -23.68
CA GLN AA 125 32.99 31.30 -23.75
C GLN AA 125 31.66 31.18 -23.01
N PHE AA 126 30.81 30.27 -23.48
CA PHE AA 126 29.52 30.05 -22.84
C PHE AA 126 29.30 28.56 -22.60
N LEU AA 127 29.09 28.22 -21.34
CA LEU AA 127 28.83 26.84 -20.96
C LEU AA 127 27.86 26.82 -19.79
N ARG AA 128 26.64 26.34 -20.02
CA ARG AA 128 25.64 26.29 -18.97
C ARG AA 128 24.75 25.06 -19.13
N TYR AA 129 24.29 24.54 -18.00
CA TYR AA 129 23.46 23.34 -17.96
C TYR AA 129 22.04 23.60 -17.47
N VAL AA 130 21.09 22.84 -18.02
CA VAL AA 130 19.68 22.91 -17.62
C VAL AA 130 19.10 21.50 -17.75
N ASN AA 131 18.27 21.09 -16.79
CA ASN AA 131 17.67 19.76 -16.83
C ASN AA 131 16.15 19.75 -16.71
N LEU AA 132 15.56 18.55 -16.66
CA LEU AA 132 14.12 18.38 -16.58
C LEU AA 132 13.44 19.13 -15.44
N LEU AA 133 14.19 19.46 -14.40
CA LEU AA 133 13.63 20.19 -13.25
C LEU AA 133 13.72 21.70 -13.41
N GLY AA 134 14.37 22.16 -14.48
CA GLY AA 134 14.52 23.59 -14.68
C GLY AA 134 15.74 24.14 -13.96
N VAL AA 135 16.49 23.24 -13.32
CA VAL AA 135 17.71 23.61 -12.60
C VAL AA 135 18.82 23.99 -13.58
N THR AA 136 19.57 25.04 -13.26
CA THR AA 136 20.65 25.51 -14.12
C THR AA 136 21.90 25.90 -13.34
N TYR AA 137 23.04 25.76 -14.00
CA TYR AA 137 24.31 26.12 -13.39
C TYR AA 137 25.45 26.12 -14.39
N SER AA 138 26.52 26.85 -14.04
CA SER AA 138 27.72 26.92 -14.86
C SER AA 138 28.97 26.55 -14.08
N SER AA 139 29.94 26.00 -14.79
CA SER AA 139 31.22 25.59 -14.23
C SER AA 139 32.20 25.44 -15.39
N PRO AA 140 33.53 25.54 -15.13
CA PRO AA 140 34.51 25.40 -16.20
C PRO AA 140 34.33 24.08 -16.94
N THR AA 141 33.81 23.08 -16.23
CA THR AA 141 33.52 21.77 -16.85
C THR AA 141 32.08 21.42 -16.48
N LEU AA 142 31.42 20.68 -17.37
CA LEU AA 142 30.03 20.27 -17.16
C LEU AA 142 29.81 18.93 -17.81
N ALA AA 143 29.11 18.05 -17.09
CA ALA AA 143 28.81 16.72 -17.61
C ALA AA 143 27.48 16.28 -17.02
N THR AA 144 26.75 15.44 -17.75
CA THR AA 144 25.46 14.95 -17.29
C THR AA 144 25.53 13.46 -17.00
N GLY AA 145 24.59 12.96 -16.21
CA GLY AA 145 24.55 11.54 -15.89
C GLY AA 145 25.87 11.00 -15.39
N PHE AA 146 26.27 9.85 -15.94
CA PHE AA 146 27.51 9.20 -15.55
C PHE AA 146 28.74 10.08 -15.68
N GLY AA 147 28.77 10.92 -16.70
CA GLY AA 147 29.89 11.81 -16.91
C GLY AA 147 30.10 12.77 -15.76
N ALA AA 148 29.05 13.05 -15.00
CA ALA AA 148 29.18 13.98 -13.89
C ALA AA 148 30.06 13.34 -12.83
N HIS AA 149 29.93 12.03 -12.69
CA HIS AA 149 30.70 11.30 -11.69
C HIS AA 149 32.11 10.93 -12.11
N MET AA 150 32.29 10.60 -13.38
CA MET AA 150 33.60 10.19 -13.84
C MET AA 150 34.34 11.19 -14.72
N ALA AA 151 33.62 11.97 -15.52
CA ALA AA 151 34.28 12.94 -16.38
C ALA AA 151 34.71 14.21 -15.63
N ASN AA 152 33.81 14.78 -14.84
CA ASN AA 152 34.16 16.00 -14.14
C ASN AA 152 35.44 15.88 -13.33
N PRO AA 153 35.66 14.76 -12.63
CA PRO AA 153 36.89 14.65 -11.84
C PRO AA 153 38.14 14.75 -12.73
N LEU AA 154 38.08 14.12 -13.90
CA LEU AA 154 39.19 14.15 -14.84
C LEU AA 154 39.38 15.53 -15.49
N LEU AA 155 38.30 16.09 -16.03
CA LEU AA 155 38.38 17.38 -16.68
C LEU AA 155 38.76 18.48 -15.70
N ARG AA 156 38.43 18.30 -14.43
CA ARG AA 156 38.73 19.30 -13.42
C ARG AA 156 40.20 19.29 -13.04
N LYS AA 157 40.89 18.21 -13.39
CA LYS AA 157 42.31 18.10 -13.09
C LYS AA 157 43.07 18.99 -14.10
N VAL AA 158 42.36 19.40 -15.15
CA VAL AA 158 42.92 20.28 -16.17
C VAL AA 158 42.50 21.73 -15.84
N VAL AA 159 41.20 21.94 -15.69
CA VAL AA 159 40.66 23.26 -15.34
C VAL AA 159 39.94 23.13 -14.01
N ASP AA 160 40.67 23.37 -12.92
CA ASP AA 160 40.12 23.24 -11.58
C ASP AA 160 39.42 24.51 -11.10
N ARG AA 161 39.67 25.62 -11.76
CA ARG AA 161 39.04 26.89 -11.41
C ARG AA 161 39.13 27.83 -12.60
N GLU AA 162 38.48 28.99 -12.49
CA GLU AA 162 38.44 29.95 -13.60
C GLU AA 162 39.82 30.28 -14.20
N SER AA 163 40.78 30.65 -13.35
CA SER AA 163 42.11 31.01 -13.79
C SER AA 163 42.83 29.96 -14.64
N ASP AA 164 42.35 28.72 -14.64
CA ASP AA 164 42.99 27.69 -15.44
C ASP AA 164 42.53 27.70 -16.89
N ILE AA 165 41.47 28.46 -17.18
CA ILE AA 165 40.93 28.52 -18.53
C ILE AA 165 41.92 29.09 -19.54
N PRO AA 166 42.42 30.31 -19.29
CA PRO AA 166 43.38 30.91 -20.21
C PRO AA 166 44.67 30.09 -20.39
N LYS AA 167 44.94 29.19 -19.47
CA LYS AA 167 46.13 28.35 -19.53
C LYS AA 167 45.88 27.02 -20.23
N THR AA 168 44.67 26.81 -20.71
CA THR AA 168 44.36 25.53 -21.35
C THR AA 168 44.18 25.64 -22.86
N THR AA 169 44.91 24.82 -23.60
CA THR AA 169 44.84 24.83 -25.06
C THR AA 169 43.82 23.83 -25.59
N VAL AA 170 43.44 24.02 -26.85
CA VAL AA 170 42.47 23.14 -27.50
C VAL AA 170 42.98 21.71 -27.52
N GLN AA 171 44.29 21.57 -27.68
CA GLN AA 171 44.92 20.26 -27.72
C GLN AA 171 44.73 19.56 -26.39
N VAL AA 172 45.17 20.24 -25.32
CA VAL AA 172 45.05 19.69 -23.97
C VAL AA 172 43.59 19.34 -23.68
N ALA AA 173 42.72 20.33 -23.85
CA ALA AA 173 41.29 20.16 -23.62
C ALA AA 173 40.69 19.00 -24.43
N GLU AA 174 40.91 18.97 -25.73
CA GLU AA 174 40.34 17.90 -26.52
C GLU AA 174 40.85 16.53 -26.10
N GLU AA 175 42.07 16.51 -25.58
CA GLU AA 175 42.69 15.27 -25.13
C GLU AA 175 41.97 14.76 -23.90
N ALA AA 176 41.69 15.68 -22.97
CA ALA AA 176 40.99 15.33 -21.75
C ALA AA 176 39.64 14.72 -22.10
N ILE AA 177 38.86 15.44 -22.91
CA ILE AA 177 37.55 14.98 -23.30
C ILE AA 177 37.60 13.60 -23.96
N VAL AA 178 38.54 13.40 -24.85
CA VAL AA 178 38.64 12.12 -25.54
C VAL AA 178 39.01 11.00 -24.56
N ASN AA 179 39.81 11.33 -23.55
CA ASN AA 179 40.19 10.34 -22.56
C ASN AA 179 38.95 9.99 -21.73
N ALA AA 180 38.23 11.02 -21.30
CA ALA AA 180 37.02 10.85 -20.51
C ALA AA 180 36.02 9.96 -21.26
N MET AA 181 35.87 10.17 -22.55
CA MET AA 181 34.95 9.36 -23.33
C MET AA 181 35.33 7.89 -23.24
N ARG AA 182 36.64 7.62 -23.21
CA ARG AA 182 37.09 6.24 -23.12
C ARG AA 182 36.76 5.66 -21.74
N VAL AA 183 37.01 6.45 -20.68
CA VAL AA 183 36.71 5.99 -19.34
C VAL AA 183 35.22 5.61 -19.22
N LEU AA 184 34.35 6.48 -19.75
CA LEU AA 184 32.93 6.25 -19.70
C LEU AA 184 32.57 4.95 -20.42
N TYR AA 185 33.30 4.62 -21.48
CA TYR AA 185 33.02 3.41 -22.22
C TYR AA 185 33.43 2.18 -21.42
N TYR AA 186 34.36 2.37 -20.48
CA TYR AA 186 34.82 1.29 -19.62
C TYR AA 186 33.82 0.96 -18.50
N ARG AA 187 33.36 2.00 -17.80
CA ARG AA 187 32.49 1.82 -16.65
C ARG AA 187 30.98 2.08 -16.79
N ASP AA 188 30.55 2.75 -17.85
CA ASP AA 188 29.12 3.04 -18.05
C ASP AA 188 28.53 1.96 -18.95
N ALA AA 189 27.61 1.16 -18.38
CA ALA AA 189 26.99 0.07 -19.13
C ALA AA 189 25.99 0.52 -20.20
N ARG AA 190 25.74 1.81 -20.31
CA ARG AA 190 24.81 2.32 -21.32
C ARG AA 190 25.53 3.23 -22.31
N SER AA 191 26.84 3.03 -22.47
CA SER AA 191 27.62 3.85 -23.37
C SER AA 191 27.96 3.14 -24.67
N SER AA 192 28.47 3.91 -25.60
CA SER AA 192 28.86 3.41 -26.91
C SER AA 192 30.29 3.84 -27.21
N ARG AA 193 30.95 3.08 -28.09
CA ARG AA 193 32.32 3.38 -28.47
C ARG AA 193 32.37 4.55 -29.46
N ASN AA 194 31.29 4.71 -30.23
CA ASN AA 194 31.20 5.79 -31.21
C ASN AA 194 30.59 7.05 -30.64
N PHE AA 195 31.23 8.17 -30.91
CA PHE AA 195 30.75 9.44 -30.40
C PHE AA 195 31.05 10.61 -31.32
N SER AA 196 30.41 11.73 -31.04
CA SER AA 196 30.61 12.95 -31.79
C SER AA 196 31.22 13.95 -30.85
N LEU AA 197 32.03 14.87 -31.38
CA LEU AA 197 32.67 15.88 -30.56
C LEU AA 197 32.64 17.18 -31.35
N ALA AA 198 32.44 18.29 -30.67
CA ALA AA 198 32.37 19.58 -31.34
C ALA AA 198 33.19 20.61 -30.59
N ILE AA 199 33.86 21.46 -31.36
CA ILE AA 199 34.67 22.53 -30.80
C ILE AA 199 34.13 23.83 -31.32
N ILE AA 200 34.08 24.82 -30.45
CA ILE AA 200 33.59 26.14 -30.83
C ILE AA 200 34.64 27.10 -30.34
N ASP AA 201 35.46 27.54 -31.28
CA ASP AA 201 36.59 28.43 -31.03
C ASP AA 201 36.29 29.83 -31.56
N LYS AA 202 36.61 30.85 -30.75
CA LYS AA 202 36.36 32.22 -31.16
C LYS AA 202 37.17 32.66 -32.38
N ASN AA 203 38.09 31.82 -32.83
CA ASN AA 203 38.91 32.14 -34.01
C ASN AA 203 38.63 31.18 -35.16
N THR AA 204 38.67 29.88 -34.88
CA THR AA 204 38.44 28.87 -35.92
C THR AA 204 36.96 28.53 -36.13
N GLY AA 205 36.09 29.07 -35.27
CA GLY AA 205 34.67 28.81 -35.40
C GLY AA 205 34.18 27.47 -34.87
N LEU AA 206 33.15 26.94 -35.50
CA LEU AA 206 32.59 25.66 -35.08
C LEU AA 206 33.11 24.48 -35.89
N THR AA 207 33.75 23.54 -35.19
CA THR AA 207 34.29 22.34 -35.81
C THR AA 207 33.51 21.16 -35.25
N PHE AA 208 32.78 20.46 -36.12
CA PHE AA 208 31.98 19.33 -35.69
C PHE AA 208 32.56 18.03 -36.22
N LYS AA 209 33.03 17.18 -35.30
CA LYS AA 209 33.63 15.91 -35.69
C LYS AA 209 32.69 14.72 -35.45
N LYS AA 210 32.38 13.98 -36.50
CA LYS AA 210 31.51 12.82 -36.40
C LYS AA 210 32.28 11.50 -36.55
N ASN AA 211 31.66 10.43 -36.09
CA ASN AA 211 32.21 9.07 -36.16
C ASN AA 211 33.53 8.81 -35.45
N LEU AA 212 33.79 9.50 -34.35
CA LEU AA 212 35.00 9.26 -33.58
C LEU AA 212 34.83 7.94 -32.85
N GLN AA 213 35.94 7.35 -32.41
CA GLN AA 213 35.88 6.07 -31.69
C GLN AA 213 36.87 6.03 -30.55
N VAL AA 214 36.50 5.28 -29.52
CA VAL AA 214 37.38 5.11 -28.36
C VAL AA 214 38.48 4.19 -28.86
N GLU AA 215 39.73 4.63 -28.69
CA GLU AA 215 40.89 3.85 -29.12
C GLU AA 215 41.88 3.76 -27.97
N ASN AA 216 42.94 2.98 -28.18
CA ASN AA 216 44.01 2.81 -27.20
C ASN AA 216 43.47 2.32 -25.85
N MET AA 217 42.72 1.23 -25.88
CA MET AA 217 42.16 0.67 -24.66
C MET AA 217 43.05 -0.43 -24.08
N LYS AA 218 43.11 -0.50 -22.75
CA LYS AA 218 43.88 -1.51 -22.05
C LYS AA 218 42.96 -2.65 -21.62
N TRP AA 219 43.19 -3.85 -22.17
CA TRP AA 219 42.40 -5.02 -21.83
C TRP AA 219 43.30 -6.24 -21.57
N ASP AA 220 44.52 -6.22 -22.11
CA ASP AA 220 45.47 -7.32 -21.98
C ASP AA 220 45.59 -7.89 -20.57
N PHE AA 221 45.69 -7.02 -19.56
CA PHE AA 221 45.82 -7.47 -18.18
C PHE AA 221 44.66 -8.39 -17.76
N ALA AA 222 43.61 -8.45 -18.58
CA ALA AA 222 42.47 -9.31 -18.29
C ALA AA 222 42.85 -10.78 -18.32
N LYS AA 223 43.80 -11.14 -19.19
CA LYS AA 223 44.24 -12.54 -19.33
C LYS AA 223 44.84 -13.08 -18.02
N ASP AA 224 45.42 -12.18 -17.24
CA ASP AA 224 46.05 -12.53 -15.97
C ASP AA 224 45.08 -12.74 -14.82
N ILE AA 225 43.83 -12.30 -15.00
CA ILE AA 225 42.83 -12.44 -13.96
C ILE AA 225 41.98 -13.70 -14.15
N LYS AA 226 42.10 -14.64 -13.20
CA LYS AA 226 41.30 -15.85 -13.24
C LYS AA 226 40.64 -16.09 -11.89
N GLY AA 227 39.46 -16.71 -11.92
CA GLY AA 227 38.73 -16.97 -10.69
C GLY AA 227 38.25 -15.70 -10.00
N TYR AA 228 37.82 -15.85 -8.75
CA TYR AA 228 37.36 -14.71 -7.98
C TYR AA 228 37.95 -14.72 -6.57
N GLY AA 229 39.07 -15.43 -6.43
CA GLY AA 229 39.72 -15.52 -5.13
C GLY AA 229 40.83 -16.55 -4.99
N THR AA 230 40.45 -17.81 -4.82
CA THR AA 230 41.41 -18.90 -4.65
C THR AA 230 41.75 -19.70 -5.91
N GLN AA 231 40.93 -19.61 -6.95
CA GLN AA 231 41.19 -20.35 -8.18
C GLN AA 231 42.55 -19.98 -8.77
N LYS AA 232 43.30 -20.98 -9.23
CA LYS AA 232 44.63 -20.73 -9.79
C LYS AA 232 44.72 -20.79 -11.32
N ILE AA 233 43.86 -21.58 -11.95
CA ILE AA 233 43.90 -21.70 -13.41
C ILE AA 233 42.76 -20.95 -14.13
N THR BA 1 4.18 -10.58 -30.41
CA THR BA 1 4.23 -10.00 -31.78
C THR BA 1 5.65 -9.95 -32.33
N SER BA 2 5.76 -10.18 -33.63
CA SER BA 2 7.02 -10.13 -34.36
C SER BA 2 6.72 -9.47 -35.71
N ILE BA 3 7.31 -8.30 -35.91
CA ILE BA 3 7.10 -7.55 -37.14
C ILE BA 3 8.42 -6.94 -37.57
N MET BA 4 8.61 -6.79 -38.87
CA MET BA 4 9.82 -6.18 -39.40
C MET BA 4 9.59 -5.58 -40.78
N ALA BA 5 10.46 -4.65 -41.16
CA ALA BA 5 10.39 -4.02 -42.46
C ALA BA 5 11.81 -3.97 -42.99
N VAL BA 6 11.99 -4.39 -44.24
CA VAL BA 6 13.33 -4.42 -44.85
C VAL BA 6 13.43 -3.76 -46.23
N THR BA 7 14.31 -2.76 -46.36
CA THR BA 7 14.50 -2.11 -47.64
C THR BA 7 15.46 -2.96 -48.46
N PHE BA 8 15.26 -2.98 -49.78
CA PHE BA 8 16.14 -3.74 -50.65
C PHE BA 8 16.25 -3.04 -51.99
N LYS BA 9 16.99 -3.64 -52.91
CA LYS BA 9 17.21 -3.06 -54.24
C LYS BA 9 15.98 -2.42 -54.89
N ASP BA 10 14.89 -3.19 -55.01
CA ASP BA 10 13.67 -2.71 -55.67
C ASP BA 10 12.63 -2.01 -54.82
N GLY BA 11 12.90 -1.82 -53.53
CA GLY BA 11 11.93 -1.15 -52.68
C GLY BA 11 11.93 -1.59 -51.22
N VAL BA 12 10.85 -2.21 -50.77
CA VAL BA 12 10.79 -2.63 -49.38
C VAL BA 12 9.73 -3.69 -49.10
N ILE BA 13 10.00 -4.54 -48.12
CA ILE BA 13 9.04 -5.57 -47.75
C ILE BA 13 8.70 -5.52 -46.26
N LEU BA 14 7.42 -5.65 -45.94
CA LEU BA 14 6.96 -5.65 -44.55
C LEU BA 14 6.56 -7.08 -44.24
N GLY BA 15 6.83 -7.52 -43.01
CA GLY BA 15 6.47 -8.87 -42.60
C GLY BA 15 5.97 -8.92 -41.16
N ALA BA 16 5.20 -9.95 -40.83
CA ALA BA 16 4.66 -10.06 -39.48
C ALA BA 16 4.01 -11.40 -39.19
N ASP BA 17 3.94 -11.77 -37.91
CA ASP BA 17 3.26 -13.01 -37.53
C ASP BA 17 1.78 -12.66 -37.52
N SER BA 18 0.91 -13.62 -37.22
CA SER BA 18 -0.52 -13.35 -37.22
C SER BA 18 -1.20 -13.70 -35.91
N ARG BA 19 -0.49 -13.50 -34.80
CA ARG BA 19 -1.05 -13.83 -33.49
C ARG BA 19 -1.46 -12.66 -32.61
N THR BA 20 -2.66 -12.74 -32.04
CA THR BA 20 -3.10 -11.72 -31.08
C THR BA 20 -3.50 -12.55 -29.86
N THR BA 21 -2.96 -12.18 -28.71
CA THR BA 21 -3.25 -12.90 -27.49
C THR BA 21 -3.94 -12.02 -26.45
N THR BA 22 -4.53 -12.71 -25.49
CA THR BA 22 -5.19 -12.10 -24.34
C THR BA 22 -4.68 -13.10 -23.29
N GLY BA 23 -3.51 -12.79 -22.73
CA GLY BA 23 -2.89 -13.69 -21.78
C GLY BA 23 -2.20 -14.78 -22.55
N ALA BA 24 -2.50 -16.03 -22.21
CA ALA BA 24 -1.88 -17.15 -22.92
C ALA BA 24 -2.84 -17.69 -23.98
N TYR BA 25 -4.03 -17.09 -24.07
CA TYR BA 25 -5.00 -17.53 -25.05
C TYR BA 25 -4.81 -16.81 -26.37
N ILE BA 26 -4.92 -17.56 -27.46
CA ILE BA 26 -4.78 -16.99 -28.78
C ILE BA 26 -6.15 -16.53 -29.22
N ALA BA 27 -6.41 -15.24 -29.09
CA ALA BA 27 -7.71 -14.67 -29.46
C ALA BA 27 -7.91 -14.73 -30.98
N ASN BA 28 -6.83 -14.52 -31.73
CA ASN BA 28 -6.89 -14.56 -33.19
C ASN BA 28 -5.58 -15.14 -33.70
N ARG BA 29 -5.66 -16.18 -34.52
CA ARG BA 29 -4.43 -16.77 -35.05
C ARG BA 29 -4.16 -16.41 -36.52
N VAL BA 30 -5.03 -15.59 -37.10
CA VAL BA 30 -4.87 -15.19 -38.50
C VAL BA 30 -4.97 -13.69 -38.65
N THR BA 31 -4.44 -12.98 -37.67
CA THR BA 31 -4.46 -11.52 -37.64
C THR BA 31 -3.62 -10.92 -38.76
N ASP BA 32 -4.03 -9.74 -39.23
CA ASP BA 32 -3.28 -9.04 -40.27
C ASP BA 32 -2.68 -7.76 -39.63
N LYS BA 33 -1.42 -7.85 -39.24
CA LYS BA 33 -0.73 -6.73 -38.60
C LYS BA 33 -0.11 -5.77 -39.60
N LEU BA 34 -0.29 -6.05 -40.88
CA LEU BA 34 0.24 -5.20 -41.93
C LEU BA 34 -0.92 -4.36 -42.41
N THR BA 35 -0.85 -3.06 -42.13
CA THR BA 35 -1.92 -2.15 -42.47
C THR BA 35 -1.56 -1.04 -43.45
N ARG BA 36 -2.46 -0.82 -44.39
CA ARG BA 36 -2.30 0.18 -45.43
C ARG BA 36 -2.76 1.56 -45.00
N VAL BA 37 -1.89 2.56 -45.10
CA VAL BA 37 -2.28 3.92 -44.76
C VAL BA 37 -2.35 4.75 -46.03
N HIS BA 38 -1.74 4.21 -47.09
CA HIS BA 38 -1.74 4.82 -48.43
C HIS BA 38 -1.32 3.74 -49.42
N ASP BA 39 -1.59 3.98 -50.70
CA ASP BA 39 -1.27 3.02 -51.74
C ASP BA 39 0.08 2.33 -51.58
N LYS BA 40 1.13 3.12 -51.37
CA LYS BA 40 2.45 2.54 -51.18
C LYS BA 40 3.16 2.96 -49.90
N ILE BA 41 2.37 3.06 -48.82
CA ILE BA 41 2.87 3.39 -47.50
C ILE BA 41 2.08 2.51 -46.56
N TRP BA 42 2.74 1.51 -45.97
CA TRP BA 42 2.07 0.60 -45.04
C TRP BA 42 2.78 0.67 -43.70
N CYS BA 43 2.24 -0.05 -42.71
CA CYS BA 43 2.87 -0.08 -41.39
C CYS BA 43 2.73 -1.45 -40.76
N CYS BA 44 3.61 -1.71 -39.81
CA CYS BA 44 3.58 -2.95 -39.04
C CYS BA 44 3.14 -2.50 -37.65
N ARG BA 45 2.13 -3.18 -37.10
CA ARG BA 45 1.61 -2.83 -35.78
C ARG BA 45 1.97 -3.80 -34.67
N SER BA 46 2.39 -3.24 -33.53
CA SER BA 46 2.72 -4.03 -32.34
C SER BA 46 2.29 -3.22 -31.11
N GLY BA 47 2.02 -3.93 -30.02
CA GLY BA 47 1.56 -3.28 -28.80
C GLY BA 47 0.07 -3.52 -28.67
N SER BA 48 -0.68 -2.45 -28.42
CA SER BA 48 -2.12 -2.56 -28.28
C SER BA 48 -2.79 -2.63 -29.65
N ALA BA 49 -3.65 -3.62 -29.84
CA ALA BA 49 -4.37 -3.78 -31.10
C ALA BA 49 -5.33 -2.60 -31.24
N ALA BA 50 -6.01 -2.26 -30.15
CA ALA BA 50 -6.95 -1.14 -30.18
C ALA BA 50 -6.23 0.17 -30.49
N ASP BA 51 -5.12 0.43 -29.82
CA ASP BA 51 -4.39 1.68 -30.06
C ASP BA 51 -3.80 1.79 -31.48
N THR BA 52 -3.14 0.74 -31.94
CA THR BA 52 -2.54 0.78 -33.27
C THR BA 52 -3.58 0.89 -34.36
N GLN BA 53 -4.74 0.26 -34.18
CA GLN BA 53 -5.82 0.35 -35.17
C GLN BA 53 -6.29 1.80 -35.21
N ALA BA 54 -6.56 2.36 -34.04
CA ALA BA 54 -7.02 3.74 -33.96
C ALA BA 54 -6.00 4.68 -34.58
N ILE BA 55 -4.71 4.46 -34.28
CA ILE BA 55 -3.66 5.32 -34.85
C ILE BA 55 -3.69 5.22 -36.39
N ALA BA 56 -3.58 3.99 -36.90
CA ALA BA 56 -3.58 3.76 -38.34
C ALA BA 56 -4.77 4.41 -39.02
N ASP BA 57 -5.97 4.15 -38.50
CA ASP BA 57 -7.18 4.72 -39.07
C ASP BA 57 -7.06 6.24 -39.18
N ILE BA 58 -6.49 6.86 -38.16
CA ILE BA 58 -6.35 8.31 -38.21
C ILE BA 58 -5.29 8.74 -39.23
N VAL BA 59 -4.19 8.01 -39.29
CA VAL BA 59 -3.14 8.33 -40.25
C VAL BA 59 -3.71 8.23 -41.66
N GLN BA 60 -4.39 7.12 -41.97
CA GLN BA 60 -4.98 6.93 -43.28
C GLN BA 60 -5.86 8.12 -43.63
N TYR BA 61 -6.66 8.56 -42.66
CA TYR BA 61 -7.53 9.71 -42.87
C TYR BA 61 -6.70 10.95 -43.22
N HIS BA 62 -5.65 11.19 -42.44
CA HIS BA 62 -4.79 12.36 -42.68
C HIS BA 62 -4.10 12.31 -44.04
N LEU BA 63 -3.65 11.14 -44.44
CA LEU BA 63 -2.97 11.04 -45.72
C LEU BA 63 -3.96 11.12 -46.89
N GLU BA 64 -5.21 10.74 -46.65
CA GLU BA 64 -6.23 10.83 -47.70
C GLU BA 64 -6.53 12.30 -47.95
N LEU BA 65 -6.65 13.07 -46.88
CA LEU BA 65 -6.93 14.49 -47.03
C LEU BA 65 -5.70 15.19 -47.63
N TYR BA 66 -4.51 14.74 -47.22
CA TYR BA 66 -3.26 15.30 -47.73
C TYR BA 66 -3.19 15.11 -49.25
N THR BA 67 -3.50 13.89 -49.68
CA THR BA 67 -3.47 13.55 -51.10
C THR BA 67 -4.43 14.42 -51.90
N SER BA 68 -5.65 14.60 -51.40
CA SER BA 68 -6.66 15.41 -52.08
C SER BA 68 -6.20 16.84 -52.27
N GLN BA 69 -5.35 17.32 -51.38
CA GLN BA 69 -4.87 18.69 -51.47
C GLN BA 69 -3.50 18.89 -52.09
N TYR BA 70 -2.55 18.03 -51.75
CA TYR BA 70 -1.19 18.20 -52.25
C TYR BA 70 -0.58 17.01 -52.98
N GLY BA 71 -1.40 16.04 -53.34
CA GLY BA 71 -0.87 14.88 -54.04
C GLY BA 71 -0.28 13.84 -53.11
N THR BA 72 0.31 12.80 -53.70
CA THR BA 72 0.91 11.71 -52.93
C THR BA 72 1.94 12.14 -51.91
N PRO BA 73 1.78 11.69 -50.65
CA PRO BA 73 2.70 12.03 -49.56
C PRO BA 73 3.95 11.16 -49.57
N SER BA 74 5.04 11.72 -49.07
CA SER BA 74 6.29 10.97 -48.99
C SER BA 74 6.19 10.02 -47.79
N THR BA 75 7.02 8.99 -47.77
CA THR BA 75 6.99 8.05 -46.68
C THR BA 75 7.41 8.80 -45.42
N GLU BA 76 8.31 9.77 -45.57
CA GLU BA 76 8.77 10.53 -44.42
C GLU BA 76 7.60 11.29 -43.80
N THR BA 77 6.72 11.81 -44.65
CA THR BA 77 5.56 12.56 -44.18
C THR BA 77 4.58 11.65 -43.43
N ALA BA 78 4.41 10.42 -43.91
CA ALA BA 78 3.54 9.47 -43.24
C ALA BA 78 4.10 9.16 -41.85
N ALA BA 79 5.41 8.95 -41.76
CA ALA BA 79 6.05 8.64 -40.49
C ALA BA 79 5.95 9.81 -39.52
N SER BA 80 5.81 11.01 -40.07
CA SER BA 80 5.70 12.20 -39.24
C SER BA 80 4.31 12.28 -38.61
N VAL BA 81 3.30 11.83 -39.36
CA VAL BA 81 1.94 11.85 -38.84
C VAL BA 81 1.81 10.81 -37.73
N PHE BA 82 2.38 9.64 -37.94
CA PHE BA 82 2.35 8.57 -36.93
C PHE BA 82 3.05 9.11 -35.70
N LYS BA 83 4.22 9.70 -35.92
CA LYS BA 83 5.04 10.26 -34.85
C LYS BA 83 4.28 11.27 -34.01
N GLU BA 84 3.64 12.22 -34.68
CA GLU BA 84 2.88 13.26 -34.01
C GLU BA 84 1.86 12.63 -33.06
N LEU BA 85 1.10 11.67 -33.58
CA LEU BA 85 0.10 10.99 -32.79
C LEU BA 85 0.69 10.20 -31.62
N CYS BA 86 1.77 9.47 -31.87
CA CYS BA 86 2.41 8.66 -30.83
C CYS BA 86 3.16 9.45 -29.77
N TYR BA 87 3.73 10.59 -30.14
CA TYR BA 87 4.49 11.40 -29.18
C TYR BA 87 3.59 12.28 -28.29
N GLU BA 88 2.65 12.96 -28.93
CA GLU BA 88 1.72 13.85 -28.27
C GLU BA 88 0.76 13.09 -27.35
N ASN BA 89 0.58 11.80 -27.60
CA ASN BA 89 -0.33 10.99 -26.77
C ASN BA 89 0.38 9.83 -26.08
N LYS BA 90 1.70 9.96 -25.89
CA LYS BA 90 2.50 8.91 -25.28
C LYS BA 90 2.02 8.35 -23.94
N ASP BA 91 1.36 9.17 -23.13
CA ASP BA 91 0.85 8.74 -21.83
C ASP BA 91 -0.29 7.73 -21.92
N ASN BA 92 -1.05 7.79 -23.01
CA ASN BA 92 -2.20 6.93 -23.16
C ASN BA 92 -2.14 5.92 -24.27
N LEU BA 93 -0.96 5.75 -24.86
CA LEU BA 93 -0.82 4.80 -25.94
C LEU BA 93 0.26 3.77 -25.68
N THR BA 94 0.06 2.59 -26.25
CA THR BA 94 1.02 1.50 -26.18
C THR BA 94 1.10 1.03 -27.62
N ALA BA 95 1.95 1.69 -28.39
CA ALA BA 95 2.09 1.36 -29.79
C ALA BA 95 3.54 1.37 -30.29
N GLY BA 96 3.95 0.25 -30.87
CA GLY BA 96 5.28 0.12 -31.44
C GLY BA 96 4.98 -0.04 -32.91
N ILE BA 97 5.23 1.01 -33.70
CA ILE BA 97 4.92 0.98 -35.12
C ILE BA 97 6.08 1.15 -36.10
N ILE BA 98 6.11 0.31 -37.12
CA ILE BA 98 7.12 0.45 -38.16
C ILE BA 98 6.42 0.92 -39.43
N VAL BA 99 6.87 2.04 -39.98
CA VAL BA 99 6.30 2.61 -41.20
C VAL BA 99 7.20 2.29 -42.39
N ALA BA 100 6.63 1.75 -43.47
CA ALA BA 100 7.40 1.40 -44.65
C ALA BA 100 6.67 1.80 -45.93
N GLY BA 101 7.38 2.48 -46.83
CA GLY BA 101 6.75 2.89 -48.06
C GLY BA 101 7.70 2.93 -49.25
N TYR BA 102 7.11 2.90 -50.44
CA TYR BA 102 7.90 2.95 -51.66
C TYR BA 102 7.66 4.24 -52.43
N ASP BA 103 8.75 4.92 -52.71
CA ASP BA 103 8.76 6.18 -53.42
C ASP BA 103 9.56 5.94 -54.68
N ASP BA 104 9.26 6.67 -55.75
CA ASP BA 104 9.99 6.47 -57.00
C ASP BA 104 11.36 7.16 -56.94
N LYS BA 105 11.38 8.31 -56.28
CA LYS BA 105 12.60 9.08 -56.12
C LYS BA 105 13.46 8.53 -54.97
N ASN BA 106 12.79 8.11 -53.89
CA ASN BA 106 13.48 7.58 -52.70
C ASN BA 106 13.55 6.07 -52.62
N LYS BA 107 12.80 5.39 -53.48
CA LYS BA 107 12.77 3.93 -53.46
C LYS BA 107 12.11 3.50 -52.14
N GLY BA 108 12.60 2.43 -51.52
CA GLY BA 108 12.01 1.98 -50.27
C GLY BA 108 12.58 2.67 -49.05
N GLU BA 109 11.73 2.91 -48.04
CA GLU BA 109 12.19 3.54 -46.81
C GLU BA 109 11.51 2.93 -45.59
N VAL BA 110 12.25 2.86 -44.49
CA VAL BA 110 11.72 2.30 -43.26
C VAL BA 110 11.97 3.24 -42.07
N TYR BA 111 10.89 3.52 -41.33
CA TYR BA 111 10.96 4.36 -40.15
C TYR BA 111 10.34 3.57 -39.01
N THR BA 112 11.05 3.48 -37.89
CA THR BA 112 10.51 2.78 -36.75
C THR BA 112 10.17 3.82 -35.67
N ILE BA 113 8.99 3.66 -35.08
CA ILE BA 113 8.51 4.55 -34.03
C ILE BA 113 8.18 3.70 -32.80
N PRO BA 114 9.11 3.63 -31.84
CA PRO BA 114 8.92 2.85 -30.62
C PRO BA 114 8.04 3.56 -29.61
N LEU BA 115 7.86 2.93 -28.46
CA LEU BA 115 7.03 3.46 -27.39
C LEU BA 115 7.05 4.95 -27.09
N GLY BA 116 8.21 5.57 -26.96
CA GLY BA 116 8.14 6.99 -26.65
C GLY BA 116 7.59 7.97 -27.69
N GLY BA 117 7.58 7.59 -28.95
CA GLY BA 117 7.12 8.51 -29.97
C GLY BA 117 8.28 9.07 -30.77
N SER BA 118 9.49 8.55 -30.54
CA SER BA 118 10.67 8.99 -31.27
C SER BA 118 10.63 8.32 -32.63
N VAL BA 119 11.32 8.89 -33.62
CA VAL BA 119 11.33 8.30 -34.97
C VAL BA 119 12.75 7.92 -35.36
N HIS BA 120 12.89 6.80 -36.05
CA HIS BA 120 14.20 6.34 -36.45
C HIS BA 120 14.15 5.76 -37.87
N LYS BA 121 14.90 6.38 -38.77
CA LYS BA 121 14.95 5.91 -40.16
C LYS BA 121 16.06 4.87 -40.21
N LEU BA 122 15.76 3.69 -40.75
CA LEU BA 122 16.74 2.62 -40.79
C LEU BA 122 16.64 1.80 -42.06
N PRO BA 123 17.72 1.06 -42.39
CA PRO BA 123 17.77 0.21 -43.59
C PRO BA 123 16.71 -0.88 -43.42
N TYR BA 124 16.52 -1.29 -42.18
CA TYR BA 124 15.51 -2.30 -41.84
C TYR BA 124 15.24 -2.14 -40.35
N ALA BA 125 14.13 -2.70 -39.88
CA ALA BA 125 13.78 -2.61 -38.47
C ALA BA 125 12.95 -3.81 -38.05
N ILE BA 126 13.14 -4.20 -36.79
CA ILE BA 126 12.38 -5.31 -36.20
C ILE BA 126 11.76 -4.78 -34.93
N ALA BA 127 10.60 -5.32 -34.56
CA ALA BA 127 9.92 -4.89 -33.33
C ALA BA 127 8.96 -5.96 -32.86
N GLY BA 128 8.40 -5.76 -31.67
CA GLY BA 128 7.49 -6.74 -31.11
C GLY BA 128 8.28 -7.60 -30.14
N SER BA 129 7.58 -8.29 -29.26
CA SER BA 129 8.23 -9.12 -28.26
C SER BA 129 9.16 -10.16 -28.89
N GLY BA 130 8.75 -10.71 -30.03
CA GLY BA 130 9.55 -11.73 -30.70
C GLY BA 130 10.86 -11.22 -31.28
N SER BA 131 10.94 -9.91 -31.50
CA SER BA 131 12.15 -9.35 -32.09
C SER BA 131 13.40 -9.48 -31.22
N THR BA 132 13.22 -9.55 -29.91
CA THR BA 132 14.37 -9.64 -29.01
C THR BA 132 15.24 -10.85 -29.34
N PHE BA 133 14.60 -11.94 -29.74
CA PHE BA 133 15.29 -13.17 -30.06
C PHE BA 133 16.05 -13.19 -31.39
N ILE BA 134 15.77 -12.22 -32.25
CA ILE BA 134 16.44 -12.22 -33.54
C ILE BA 134 17.34 -11.02 -33.81
N TYR BA 135 17.72 -10.29 -32.76
CA TYR BA 135 18.62 -9.15 -32.94
C TYR BA 135 19.95 -9.65 -33.47
N GLY BA 136 20.48 -10.71 -32.86
CA GLY BA 136 21.75 -11.25 -33.30
C GLY BA 136 21.67 -11.78 -34.71
N TYR BA 137 20.68 -12.64 -34.97
CA TYR BA 137 20.50 -13.22 -36.29
C TYR BA 137 20.38 -12.16 -37.39
N CYS BA 138 19.47 -11.21 -37.20
CA CYS BA 138 19.26 -10.16 -38.17
C CYS BA 138 20.49 -9.29 -38.39
N ASP BA 139 21.21 -8.97 -37.32
CA ASP BA 139 22.39 -8.14 -37.45
C ASP BA 139 23.46 -8.84 -38.26
N LYS BA 140 23.52 -10.17 -38.17
CA LYS BA 140 24.52 -10.94 -38.89
C LYS BA 140 24.13 -11.19 -40.32
N ASN BA 141 22.85 -11.44 -40.56
CA ASN BA 141 22.40 -11.75 -41.93
C ASN BA 141 21.87 -10.63 -42.82
N PHE BA 142 21.72 -9.41 -42.30
CA PHE BA 142 21.22 -8.35 -43.15
C PHE BA 142 22.31 -7.75 -44.02
N ARG BA 143 21.93 -7.43 -45.26
CA ARG BA 143 22.81 -6.80 -46.24
C ARG BA 143 21.94 -5.81 -46.99
N GLU BA 144 22.52 -4.68 -47.36
CA GLU BA 144 21.78 -3.69 -48.12
C GLU BA 144 21.67 -4.07 -49.60
N ASN BA 145 20.65 -3.55 -50.27
CA ASN BA 145 20.46 -3.82 -51.70
C ASN BA 145 20.23 -5.27 -52.10
N MET BA 146 19.67 -6.07 -51.20
CA MET BA 146 19.41 -7.46 -51.53
C MET BA 146 18.33 -7.53 -52.60
N SER BA 147 18.15 -8.70 -53.20
CA SER BA 147 17.15 -8.88 -54.23
C SER BA 147 15.82 -9.22 -53.57
N LYS BA 148 14.73 -9.15 -54.33
CA LYS BA 148 13.43 -9.48 -53.77
C LYS BA 148 13.43 -10.87 -53.14
N GLU BA 149 13.97 -11.84 -53.86
CA GLU BA 149 14.00 -13.22 -53.36
C GLU BA 149 14.82 -13.35 -52.07
N GLU BA 150 15.94 -12.65 -52.02
CA GLU BA 150 16.81 -12.69 -50.85
C GLU BA 150 16.14 -12.06 -49.64
N THR BA 151 15.49 -10.92 -49.85
CA THR BA 151 14.81 -10.21 -48.78
C THR BA 151 13.63 -11.02 -48.24
N VAL BA 152 12.86 -11.64 -49.14
CA VAL BA 152 11.75 -12.48 -48.70
C VAL BA 152 12.30 -13.60 -47.82
N ASP BA 153 13.50 -14.08 -48.17
CA ASP BA 153 14.14 -15.15 -47.42
C ASP BA 153 14.65 -14.70 -46.06
N PHE BA 154 15.24 -13.50 -46.03
CA PHE BA 154 15.75 -12.93 -44.80
C PHE BA 154 14.59 -12.79 -43.81
N ILE BA 155 13.50 -12.17 -44.26
CA ILE BA 155 12.33 -11.97 -43.42
C ILE BA 155 11.67 -13.28 -43.01
N LYS BA 156 11.61 -14.25 -43.93
CA LYS BA 156 10.97 -15.50 -43.60
C LYS BA 156 11.77 -16.27 -42.54
N HIS BA 157 13.10 -16.22 -42.64
CA HIS BA 157 13.95 -16.91 -41.68
C HIS BA 157 13.97 -16.22 -40.33
N SER BA 158 14.01 -14.89 -40.36
CA SER BA 158 14.03 -14.11 -39.11
C SER BA 158 12.77 -14.33 -38.30
N LEU BA 159 11.62 -14.11 -38.94
CA LEU BA 159 10.36 -14.28 -38.26
C LEU BA 159 10.12 -15.71 -37.81
N SER BA 160 10.59 -16.69 -38.58
CA SER BA 160 10.37 -18.07 -38.15
C SER BA 160 11.11 -18.30 -36.83
N GLN BA 161 12.24 -17.61 -36.64
CA GLN BA 161 12.98 -17.77 -35.41
C GLN BA 161 12.24 -17.03 -34.28
N ALA BA 162 11.79 -15.82 -34.56
CA ALA BA 162 11.02 -15.06 -33.57
C ALA BA 162 9.81 -15.90 -33.14
N ILE BA 163 9.08 -16.43 -34.11
CA ILE BA 163 7.91 -17.25 -33.80
C ILE BA 163 8.28 -18.48 -32.99
N LYS BA 164 9.47 -19.01 -33.23
CA LYS BA 164 9.93 -20.22 -32.55
C LYS BA 164 10.16 -20.07 -31.06
N TRP BA 165 10.79 -18.96 -30.69
CA TRP BA 165 11.10 -18.72 -29.30
C TRP BA 165 10.09 -17.92 -28.53
N ASP BA 166 9.35 -17.07 -29.23
CA ASP BA 166 8.34 -16.22 -28.59
C ASP BA 166 6.94 -16.82 -28.59
N GLY BA 167 6.40 -17.05 -27.40
CA GLY BA 167 5.06 -17.59 -27.27
C GLY BA 167 4.00 -16.59 -27.67
N SER BA 168 4.39 -15.32 -27.75
CA SER BA 168 3.45 -14.26 -28.13
C SER BA 168 3.41 -14.09 -29.64
N SER BA 169 4.15 -14.92 -30.37
CA SER BA 169 4.19 -14.85 -31.82
C SER BA 169 3.82 -16.21 -32.40
N GLY BA 170 3.14 -16.20 -33.55
CA GLY BA 170 2.75 -17.46 -34.16
C GLY BA 170 1.79 -17.32 -35.34
N GLY BA 171 1.23 -18.46 -35.77
CA GLY BA 171 0.31 -18.48 -36.89
C GLY BA 171 1.04 -18.55 -38.23
N VAL BA 172 0.65 -17.69 -39.16
CA VAL BA 172 1.29 -17.64 -40.47
C VAL BA 172 2.17 -16.41 -40.53
N ILE BA 173 3.08 -16.37 -41.51
CA ILE BA 173 3.93 -15.20 -41.70
C ILE BA 173 3.34 -14.46 -42.89
N ARG BA 174 3.05 -13.17 -42.72
CA ARG BA 174 2.48 -12.36 -43.79
C ARG BA 174 3.54 -11.37 -44.26
N MET BA 175 3.55 -11.07 -45.55
CA MET BA 175 4.48 -10.10 -46.09
C MET BA 175 3.77 -9.24 -47.10
N VAL BA 176 4.28 -8.02 -47.27
CA VAL BA 176 3.74 -7.11 -48.25
C VAL BA 176 4.96 -6.53 -48.95
N VAL BA 177 4.97 -6.66 -50.28
CA VAL BA 177 6.08 -6.16 -51.08
C VAL BA 177 5.70 -4.85 -51.76
N LEU BA 178 6.52 -3.84 -51.54
CA LEU BA 178 6.29 -2.51 -52.10
C LEU BA 178 7.42 -2.10 -53.05
N THR BA 179 7.10 -2.03 -54.34
CA THR BA 179 8.06 -1.66 -55.36
C THR BA 179 7.35 -0.83 -56.43
N ALA BA 180 8.10 -0.38 -57.44
CA ALA BA 180 7.50 0.40 -58.52
C ALA BA 180 6.45 -0.45 -59.24
N ALA BA 181 6.66 -1.75 -59.26
CA ALA BA 181 5.74 -2.69 -59.92
C ALA BA 181 4.39 -2.76 -59.24
N GLY BA 182 4.30 -2.33 -57.99
CA GLY BA 182 3.02 -2.38 -57.31
C GLY BA 182 3.06 -2.92 -55.89
N VAL BA 183 1.97 -3.56 -55.51
CA VAL BA 183 1.83 -4.11 -54.17
C VAL BA 183 1.55 -5.60 -54.23
N GLU BA 184 2.39 -6.39 -53.57
CA GLU BA 184 2.19 -7.83 -53.56
C GLU BA 184 2.02 -8.40 -52.15
N ARG BA 185 1.03 -9.27 -51.99
CA ARG BA 185 0.72 -9.92 -50.72
C ARG BA 185 1.29 -11.34 -50.70
N LEU BA 186 2.07 -11.65 -49.67
CA LEU BA 186 2.63 -13.00 -49.54
C LEU BA 186 2.23 -13.60 -48.20
N ILE BA 187 2.07 -14.92 -48.17
CA ILE BA 187 1.74 -15.62 -46.93
C ILE BA 187 2.52 -16.93 -46.89
N PHE BA 188 3.04 -17.27 -45.72
CA PHE BA 188 3.80 -18.52 -45.54
C PHE BA 188 3.23 -19.27 -44.33
N TYR BA 189 2.92 -20.53 -44.54
CA TYR BA 189 2.34 -21.38 -43.52
C TYR BA 189 3.35 -22.09 -42.64
N PRO BA 190 2.92 -22.54 -41.44
CA PRO BA 190 3.77 -23.24 -40.48
C PRO BA 190 4.58 -24.34 -41.14
N ASP BA 191 3.90 -25.31 -41.74
CA ASP BA 191 4.56 -26.44 -42.39
C ASP BA 191 5.78 -26.03 -43.20
N GLU BA 192 5.74 -24.85 -43.78
CA GLU BA 192 6.89 -24.40 -44.57
C GLU BA 192 7.99 -23.76 -43.71
N TYR BA 193 7.67 -22.65 -43.04
CA TYR BA 193 8.67 -21.94 -42.25
C TYR BA 193 9.16 -22.60 -40.96
N GLU BA 194 8.39 -23.54 -40.41
CA GLU BA 194 8.83 -24.21 -39.18
C GLU BA 194 10.04 -25.11 -39.40
N GLN BA 195 10.15 -25.68 -40.59
CA GLN BA 195 11.25 -26.57 -40.89
C GLN BA 195 12.35 -25.88 -41.70
N LEU BA 196 12.66 -24.64 -41.35
CA LEU BA 196 13.72 -23.90 -42.04
C LEU BA 196 14.99 -24.02 -41.23
C1 GPT CA . 27.30 7.09 2.38
C2 GPT CA . 27.88 7.98 3.46
C3 GPT CA . 28.99 7.37 4.42
C4 GPT CA . 30.46 7.39 3.89
C6 GPT CA . 31.14 8.77 4.22
F21 GPT CA . 26.62 7.79 1.47
C19 GPT CA . 28.83 5.88 4.73
O20 GPT CA . 27.74 5.33 4.90
N18 GPT CA . 30.02 5.28 4.76
C7 GPT CA . 31.17 6.13 4.51
C16 GPT CA . 32.02 5.48 3.45
O17 GPT CA . 31.80 4.35 3.04
C8 GPT CA . 31.96 6.28 5.89
O15 GPT CA . 31.20 7.22 6.72
C9 GPT CA . 32.16 4.98 6.81
C14 GPT CA . 32.92 3.78 6.03
C13 GPT CA . 33.73 2.84 6.94
C12 GPT CA . 34.80 3.66 7.69
C11 GPT CA . 34.16 4.81 8.44
C10 GPT CA . 32.99 5.36 8.04
O5 GPT CA . 30.50 7.31 2.44
C1 GPT DA . -21.80 -9.39 14.73
C2 GPT DA . -22.58 -10.54 14.00
C3 GPT DA . -22.73 -11.88 14.80
C4 GPT DA . -23.80 -11.94 15.98
C6 GPT DA . -25.20 -12.34 15.40
F21 GPT DA . -21.72 -8.30 13.90
C19 GPT DA . -21.48 -12.35 15.51
O20 GPT DA . -20.35 -12.29 15.04
N18 GPT DA . -21.81 -12.87 16.72
C7 GPT DA . -23.21 -12.90 17.09
C16 GPT DA . -23.35 -12.25 18.42
O17 GPT DA . -22.38 -12.00 19.11
C8 GPT DA . -23.65 -14.43 17.09
O15 GPT DA . -23.73 -14.81 15.68
C9 GPT DA . -22.71 -15.47 17.79
C14 GPT DA . -22.43 -15.22 19.33
C13 GPT DA . -21.95 -16.48 20.11
C12 GPT DA . -23.04 -17.58 20.02
C11 GPT DA . -23.42 -17.83 18.56
C10 GPT DA . -23.26 -16.90 17.59
O5 GPT DA . -24.03 -10.64 16.57
C1 GPT EA . 21.62 -7.85 -14.62
C2 GPT EA . 22.93 -7.19 -14.12
C3 GPT EA . 24.10 -8.19 -13.70
C4 GPT EA . 24.79 -9.00 -14.82
C6 GPT EA . 25.92 -8.11 -15.48
F21 GPT EA . 20.70 -6.86 -14.92
C19 GPT EA . 23.69 -9.30 -12.77
O20 GPT EA . 22.83 -9.19 -11.90
N18 GPT EA . 24.37 -10.40 -13.05
C7 GPT EA . 25.30 -10.35 -14.14
C16 GPT EA . 25.01 -11.49 -15.08
O17 GPT EA . 24.22 -12.36 -14.78
C8 GPT EA . 26.80 -10.42 -13.55
O15 GPT EA . 27.06 -9.15 -12.89
C9 GPT EA . 27.11 -11.54 -12.45
C14 GPT EA . 26.86 -13.05 -12.96
C13 GPT EA . 27.65 -14.11 -12.17
C12 GPT EA . 29.17 -13.83 -12.36
C11 GPT EA . 29.50 -12.41 -11.96
C10 GPT EA . 28.57 -11.42 -11.99
O5 GPT EA . 23.91 -9.31 -15.89
C1 GPT FA . -18.92 -13.22 -16.61
C2 GPT FA . -20.36 -13.38 -16.13
C3 GPT FA . -21.47 -12.77 -17.03
C4 GPT FA . -21.89 -13.57 -18.34
C6 GPT FA . -22.96 -14.64 -17.98
F21 GPT FA . -18.09 -13.91 -15.78
C19 GPT FA . -21.11 -11.41 -17.63
O20 GPT FA . -20.48 -10.56 -17.05
N18 GPT FA . -21.58 -11.32 -18.89
C7 GPT FA . -22.32 -12.46 -19.39
C16 GPT FA . -21.75 -12.86 -20.71
O17 GPT FA . -20.95 -12.15 -21.30
C8 GPT FA . -23.86 -12.04 -19.47
O15 GPT FA . -24.41 -12.08 -18.12
C9 GPT FA . -24.25 -10.65 -20.11
C14 GPT FA . -23.67 -10.45 -21.58
C13 GPT FA . -24.51 -9.48 -22.47
C12 GPT FA . -25.93 -10.05 -22.62
C11 GPT FA . -26.54 -10.27 -21.24
C10 GPT FA . -25.79 -10.53 -20.14
O5 GPT FA . -20.75 -14.33 -18.83
C1 GPT GA . 3.53 22.56 16.10
C2 GPT GA . 4.87 23.31 15.87
C3 GPT GA . 4.77 24.82 15.48
C4 GPT GA . 4.46 25.86 16.62
C6 GPT GA . 5.82 26.32 17.28
F21 GPT GA . 3.79 21.27 16.44
C19 GPT GA . 3.71 25.17 14.47
O20 GPT GA . 3.42 24.47 13.49
N18 GPT GA . 3.14 26.32 14.78
C7 GPT GA . 3.60 27.02 15.98
C16 GPT GA . 2.41 27.31 16.86
O17 GPT GA . 1.28 27.21 16.41
C8 GPT GA . 4.36 28.33 15.47
O15 GPT GA . 5.60 27.90 14.87
C9 GPT GA . 3.63 29.21 14.35
C14 GPT GA . 2.19 29.79 14.76
C13 GPT GA . 1.76 31.02 13.95
C12 GPT GA . 2.80 32.16 14.15
C11 GPT GA . 4.19 31.67 13.83
C10 GPT GA . 4.55 30.36 13.91
O5 GPT GA . 3.72 25.27 17.72
C1 GPT HA . 2.24 -9.30 -25.55
C2 GPT HA . 0.94 -10.00 -26.03
C3 GPT HA . 0.30 -9.38 -27.35
C4 GPT HA . 1.06 -9.62 -28.71
C6 GPT HA . 0.66 -11.02 -29.27
F21 GPT HA . 2.65 -9.86 -24.35
C19 GPT HA . 0.18 -7.87 -27.37
O20 GPT HA . -0.07 -7.20 -26.40
N18 GPT HA . 0.39 -7.41 -28.61
C7 GPT HA . 0.70 -8.37 -29.63
C16 GPT HA . 1.96 -7.93 -30.31
O17 GPT HA . 2.47 -6.83 -30.12
C8 GPT HA . -0.56 -8.47 -30.63
O15 GPT HA . -1.61 -9.17 -29.94
C9 GPT HA . -1.18 -7.10 -31.20
C14 GPT HA . -0.15 -6.15 -31.96
C13 GPT HA . -0.86 -5.17 -32.95
C12 GPT HA . -1.61 -5.98 -34.02
C11 GPT HA . -2.58 -6.96 -33.35
C10 GPT HA . -2.37 -7.42 -32.10
O5 GPT HA . 2.46 -9.68 -28.51
#